data_9L4D
#
_entry.id   9L4D
#
_cell.length_a   1.00
_cell.length_b   1.00
_cell.length_c   1.00
_cell.angle_alpha   90.00
_cell.angle_beta   90.00
_cell.angle_gamma   90.00
#
_symmetry.space_group_name_H-M   'P 1'
#
loop_
_entity.id
_entity.type
_entity.pdbx_description
1 polymer 'Serine/threonine-protein kinase ATR'
2 polymer 'ATR-interacting protein'
3 non-polymer Camonsertib
4 non-polymer 'ZINC ION'
#
loop_
_entity_poly.entity_id
_entity_poly.type
_entity_poly.pdbx_seq_one_letter_code
_entity_poly.pdbx_strand_id
1 'polypeptide(L)'
;LASMIPALRELGSATPEEYNTVVQKPRQILCQFIDRILTDVNVVAVELVKKTDSQPTSVMLLDFIQHIMKSSPLMFVNVS
GSHEAKGSCIEFSNWIITRLLRIAATPSCHLLHKKICEVICSLLFLFKSKSPAIFGVLTKELLQLFEDLVYLHRRNVMGH
AVEWPVVMSRFLSQLDEHMGYLQSAPLQLMSMQNLEFIEVTLLMVLTRIIAIVFFRRQELLLWQIGCVLLEYGSPKIKSL
AISFLTELFQLGGLPAQPASTFFSSFLELLKHLVEMDTDQLKLYEEPLSKLIKTLFPFEAEAYRNIEPVYLNMLLEKLCV
MFEDGVLMRLKSDLLKAALCHLLQYFLKFVPAGYESALQVRKVYVRNICKALLDVLGIEVDAEYLLGPLYAALKMESMEI
IEEIQCQTQQENLSSNSDGISPKRRRLSSSLNPSKRAPKQTEEIKHVDMNQKSILWSALKQKAESLQISLEYSGLKNPVI
EMLEGIAVVLQLTALCTVHCSHQNMNCRTFKDCQHKSKKKPSVVITWMSLDFYTKVLKSCRSLLESVQKLDLEATIDKVV
KIYDALIYMQVNSSFEDHILEDLCGMLSLPWIYSHSDDGCLKLTTFAANLLTLSCRISDSYSPQAQSRCVFLLTLFPRRI
FLEWRTAVYNWALQSSHEVIRASCVSGFFILLQQQNSCNRVPKILIDKVKDDSDIVKKEFASILGQLVCTLHGMFYLTSS
LTEPFSEHGHVDLFCRNLKATSQHECSSSQLKASVCKPFLFLLKKKIPSPVKLAFIDNLHHLCKHLDFREDETDVKAVLG
TLLNLMEDPDKDVRVAFSGNIKHILESLDSEDGFIKELFVLRMKEAYTHAQISRNNELKDTLILTTGDIGRAAKGDLVPF
ALLHLLHCLLSKSASVSGAAYTEIRALVAAKSVKLQSFFSQYKKPICQFLVESLHSSQMTALPNTPCQNADVRKQDVAHQ
REMALNTLSEIANVFDFPDLNRFLTRTLQVLLPDLAAKASPAASALIRTLGKQLNVNRREILINNFKYIFSHLVCSCSKD
ELERALHYLKNETEIELGSLLRQDFQGLHNELLLRIGEHYQQVFNGLSILASFASSDDPYQGPRDIISPELMADYLQPKL
LGILAFFNMQLLSSSVGIEDKKMALNSLMSLMKLMGPKHVSSVRVKMMTTLRTGLRFKDDFPELCCRAWDCFVRCLDHAC
LGSLLSHVIVALLPLIHIQPKETAAIFHYLIIENRDAVQDFLHEIYFLPDHPELKKIKAVLQEYRKETSESTDLQTTLQL
SMKAIQHENVDVRIHALTSLKETLYKNQEKLIKYATDSETVEPIISQLVTVLLKGCQDANSQARLLCGECLGELGAIDPG
RLDFSTTETQGKDFTFVTGVEDSSFAYGLLMELTRAYLAYADNSRAQDSAAYAIQELLSIYDCREMETNGPGHQLWRRFP
EHVREILEPHLNTRYKSSQKSTDWSGVKKPIYLSKLGSNFAEWSASWAGYLITKVRHDLASKIFTCCSIMMKHDFKVTIY
LLPHILVYVLLGCNQEDQQEVYAEIMAVLKHDDQHTINTQDIASDLCQLSTQTVFSMLDHLTQWARHKFQALKAEKCPHS
KSNRNKVDSMVSTVDYEDYQSVTRFLDLIPQDTLAVASFRSKAYTRAVMHFESFITEKKQNIQEHLGFLQKLYAAMHEPD
GVAGVSAIRKAEPSLKEQILEHESLGLLRDATACYDRAIQLEPDQIIHYHGVVKSMLGLGQLSTVITQVNGVHANRSEWT
DELNTYRVEAAWKLSQWDLVENYLAADGKSTTWSVRLGQLLLSAKKRDITAFYDSLKLVRAEQIVPLSAASFERGSYQRG
YEYIVRLHMLCELEHSIKPLFQHSPGDSSQEDSLNWVARLEMTQNSYRAKEPILALRRALLSLNKRPDYNEMVGECWLQS
ARVARKAGHHQTAYNALLNAGESRLAELYVERAKWLWSKGDVHQALIVLQKGVELCFPENETPPEGKNMLIHGRAMLLVG
RFMEETANFESNAIMKKYKDVTACLPEWEDGHFYLAKYYDKLMPMVTDNKMEKQGDLIRYIVLHFGRSLQYGNQFIYQSM
PRMLTLWLDYGTKAYEWEKAGRSDRVQMRNDLGKINKVITEHTNYLAPYQFLTAFSQLISRICHSHDEVFVVLMEIIAKV
FLAYPQQAMWMMTAVSKSSYPMRVNRCKEILNKAIHMKKSLEKFVGDATRLTDKLLELCNKPVDGSSSTLSMSTHFKMLK
KLVEEATFSEILIPLQSVMIPTLPSILGTHANHASHEPFPGHWAYIAGFDDMVEILASLQKPKKISLKGSDGKFYIMMCK
PKDDLRKDCRLMEFNSLINKCLRKDAESRRRELHIRTYAVIPLNDECGIIEWVNNTAGLRPILTKLYKEKGVYMTGKELR
QCMLPKSAALSEKLKVFREFLLPRHPPIFHEWFLRTFPDPTSWYSSRSAYCRSTAVMSMVGYILGLGDRHGENILFDSLT
GECVHVDFNCLFNKGETFEVPEIVPFRLTHNMVNGMGPMGTEGLFRRACEVTMRLMRDQREPLMSVLKTFLHDPLVEWSK
PVKGHSKAPLNETGEVVNEKAKTHVLDIEQRLQGVIKTRNRVTGLPLSIEGHVHYLIQEATDENLLCQMYLGWTPYM
;
A,B
2 'polypeptide(L)'
;WRQRSNTQGSILINLLLKQPLIPGSSLSLCHLLSSSSESPAGTPLQPPGFGSTLAGMSGLRTTGSYDGSFSLSALREAQN
LAFTGLNLVARNECSRDGDPAEGGRRAFPLCQLPGAVHFLPLVQFFIGLHCQALQDLAAAKRSGAPGDSPTHSSCVSSGV
ETNPEDSVCILEGFSVTALSILQHLVCHSGAVVSLLLSGVGADSAAGEGNRSLVHRLSDGDMTSALRGVADDQGQHPLLK
MLLHLLAFSSAATGHLQASVLTQCLKVLVKLAENTSCDFLPRFQCVFQVLPKCLSPETPLPSVLLAVELLSLLADHDQLA
PQLCSHSEGCLLLLLYMYITSRPDRVALETQWLQLEQEVVWLLAKLGVQSPLPPVTGSNCQCNVEVVRALTVMLHRQWLT
VRRAGGPPRTDQQRRTVRCLRDTVLLLHGLSQKDKLFMMHCVEVLHQFDQVMPGVSMLIRGLPDVTDCEEAALDDLCAAE
TDVEDPEVECG
;
D,C
#
# COMPACT_ATOMS: atom_id res chain seq x y z
N LEU A 1 23.72 29.73 87.29
CA LEU A 1 24.79 29.31 88.19
C LEU A 1 24.93 30.26 89.37
N ALA A 2 26.04 30.13 90.10
CA ALA A 2 26.28 31.02 91.23
C ALA A 2 26.49 32.46 90.77
N SER A 3 26.90 32.66 89.51
CA SER A 3 27.19 34.01 88.95
C SER A 3 26.38 34.28 87.68
N MET A 4 25.04 34.20 87.77
CA MET A 4 24.14 34.50 86.63
C MET A 4 24.31 35.99 86.24
N ILE A 5 24.47 36.87 87.23
CA ILE A 5 24.55 38.34 86.98
C ILE A 5 25.77 38.63 86.09
N PRO A 6 26.92 37.95 86.27
CA PRO A 6 28.09 38.27 85.45
C PRO A 6 27.73 38.01 84.00
N ALA A 7 26.98 36.94 83.73
CA ALA A 7 26.51 36.60 82.36
C ALA A 7 25.60 37.72 81.86
N LEU A 8 24.74 38.26 82.73
CA LEU A 8 23.77 39.32 82.37
C LEU A 8 24.50 40.57 81.81
N ARG A 9 25.74 40.84 82.20
CA ARG A 9 26.56 41.95 81.71
C ARG A 9 27.01 41.69 80.28
N GLU A 10 27.33 40.44 79.96
CA GLU A 10 27.71 40.10 78.59
C GLU A 10 26.57 40.38 77.62
N LEU A 11 25.33 40.07 78.04
CA LEU A 11 24.17 40.40 77.21
C LEU A 11 24.00 41.93 77.11
N GLY A 12 24.12 42.62 78.24
CA GLY A 12 24.07 44.07 78.25
C GLY A 12 25.28 44.75 77.65
N SER A 13 26.27 43.99 77.20
CA SER A 13 27.46 44.55 76.59
C SER A 13 27.13 45.01 75.17
N ALA A 14 28.16 45.40 74.42
CA ALA A 14 27.97 45.94 73.09
C ALA A 14 27.46 44.84 72.14
N THR A 15 27.25 45.23 70.89
CA THR A 15 26.65 44.35 69.91
C THR A 15 27.59 43.22 69.52
N PRO A 16 27.14 42.32 68.62
CA PRO A 16 27.90 41.10 68.34
C PRO A 16 29.31 41.33 67.82
N GLU A 17 29.51 42.36 66.98
CA GLU A 17 30.83 42.62 66.43
C GLU A 17 31.85 42.89 67.53
N GLU A 18 31.44 43.61 68.57
CA GLU A 18 32.28 43.73 69.75
C GLU A 18 32.16 42.52 70.66
N TYR A 19 30.97 41.91 70.73
CA TYR A 19 30.76 40.73 71.54
C TYR A 19 31.57 39.54 71.07
N ASN A 20 32.06 39.56 69.82
CA ASN A 20 32.97 38.52 69.36
C ASN A 20 34.20 38.44 70.26
N THR A 21 34.63 39.58 70.80
CA THR A 21 35.69 39.61 71.79
C THR A 21 35.18 39.40 73.21
N VAL A 22 33.86 39.27 73.39
CA VAL A 22 33.26 39.06 74.70
C VAL A 22 32.54 37.72 74.75
N VAL A 23 32.79 36.85 73.77
CA VAL A 23 32.19 35.52 73.76
C VAL A 23 32.71 34.63 74.88
N GLN A 24 33.82 35.01 75.51
CA GLN A 24 34.43 34.16 76.53
C GLN A 24 33.61 34.16 77.81
N LYS A 25 33.42 35.33 78.42
CA LYS A 25 32.75 35.41 79.72
C LYS A 25 31.37 34.77 79.71
N PRO A 26 30.69 34.64 78.55
CA PRO A 26 29.44 33.88 78.56
C PRO A 26 29.73 32.45 79.01
N ARG A 27 30.62 31.73 78.32
CA ARG A 27 30.96 30.31 78.62
C ARG A 27 32.23 30.18 79.49
N GLN A 28 32.83 31.28 79.93
CA GLN A 28 34.12 31.23 80.67
C GLN A 28 33.87 30.45 81.96
N ILE A 29 32.72 30.71 82.61
CA ILE A 29 32.35 30.02 83.87
C ILE A 29 31.08 29.20 83.62
N LEU A 30 30.43 29.33 82.46
CA LEU A 30 29.27 28.50 82.15
C LEU A 30 29.70 27.11 81.71
N CYS A 31 30.56 27.02 80.68
CA CYS A 31 31.09 25.73 80.28
C CYS A 31 31.96 25.12 81.36
N GLN A 32 32.56 25.95 82.21
CA GLN A 32 33.35 25.44 83.32
C GLN A 32 32.46 24.76 84.35
N PHE A 33 31.27 25.32 84.60
CA PHE A 33 30.30 24.64 85.45
C PHE A 33 29.75 23.40 84.74
N ILE A 34 29.65 23.46 83.42
CA ILE A 34 29.15 22.33 82.65
C ILE A 34 30.07 21.13 82.83
N ASP A 35 31.34 21.28 82.49
CA ASP A 35 32.28 20.16 82.61
C ASP A 35 32.62 19.89 84.08
N ARG A 36 32.39 20.88 84.94
CA ARG A 36 32.56 20.65 86.37
C ARG A 36 31.44 19.79 86.93
N ILE A 37 30.23 19.97 86.42
CA ILE A 37 29.08 19.16 86.83
C ILE A 37 29.19 17.79 86.20
N LEU A 38 29.35 17.76 84.87
CA LEU A 38 29.45 16.50 84.15
C LEU A 38 30.69 16.51 83.25
N THR A 39 31.68 15.71 83.62
CA THR A 39 32.89 15.54 82.83
C THR A 39 32.92 14.21 82.10
N ASP A 40 32.60 13.11 82.79
CA ASP A 40 32.55 11.78 82.21
C ASP A 40 31.15 11.21 82.37
N VAL A 41 30.89 10.13 81.63
CA VAL A 41 29.61 9.42 81.78
C VAL A 41 29.48 8.87 83.20
N ASN A 42 30.56 8.30 83.72
CA ASN A 42 30.53 7.79 85.09
C ASN A 42 30.31 8.92 86.10
N VAL A 43 30.75 10.14 85.76
CA VAL A 43 30.47 11.28 86.63
C VAL A 43 28.98 11.53 86.72
N VAL A 44 28.29 11.47 85.58
CA VAL A 44 26.83 11.65 85.59
C VAL A 44 26.15 10.48 86.27
N ALA A 45 26.72 9.28 86.15
CA ALA A 45 26.12 8.11 86.79
C ALA A 45 26.20 8.20 88.30
N VAL A 46 27.40 8.49 88.83
CA VAL A 46 27.55 8.66 90.27
C VAL A 46 26.85 9.91 90.76
N GLU A 47 26.60 10.87 89.87
CA GLU A 47 25.82 12.04 90.26
C GLU A 47 24.40 11.65 90.64
N LEU A 48 23.83 10.67 89.94
CA LEU A 48 22.49 10.19 90.24
C LEU A 48 22.52 9.14 91.34
N GLN A 55 17.12 16.33 94.26
CA GLN A 55 17.32 17.04 93.00
C GLN A 55 18.78 16.98 92.56
N PRO A 56 19.09 16.05 91.66
CA PRO A 56 20.46 15.94 91.15
C PRO A 56 20.89 17.22 90.44
N THR A 57 22.16 17.57 90.58
CA THR A 57 22.66 18.80 89.99
C THR A 57 22.67 18.76 88.47
N SER A 58 22.67 17.57 87.88
CA SER A 58 22.63 17.47 86.42
C SER A 58 21.28 17.91 85.89
N VAL A 59 20.19 17.53 86.57
CA VAL A 59 18.85 17.94 86.15
C VAL A 59 18.74 19.46 86.14
N MET A 60 19.11 20.09 87.25
CA MET A 60 19.03 21.54 87.33
C MET A 60 20.02 22.23 86.40
N LEU A 61 21.18 21.62 86.15
CA LEU A 61 22.12 22.22 85.20
C LEU A 61 21.55 22.22 83.79
N LEU A 62 20.96 21.09 83.37
CA LEU A 62 20.36 21.03 82.05
C LEU A 62 19.16 21.98 81.95
N ASP A 63 18.33 22.04 82.99
CA ASP A 63 17.20 22.95 82.97
C ASP A 63 17.66 24.40 82.94
N PHE A 64 18.78 24.71 83.60
CA PHE A 64 19.31 26.06 83.58
C PHE A 64 19.88 26.40 82.21
N ILE A 65 20.51 25.44 81.55
CA ILE A 65 20.98 25.65 80.19
C ILE A 65 19.80 25.96 79.27
N GLN A 66 18.72 25.18 79.42
CA GLN A 66 17.53 25.40 78.60
C GLN A 66 16.90 26.77 78.89
N HIS A 67 16.83 27.15 80.17
CA HIS A 67 16.26 28.43 80.53
C HIS A 67 17.10 29.60 80.02
N ILE A 68 18.43 29.44 80.06
CA ILE A 68 19.30 30.46 79.51
C ILE A 68 19.18 30.57 78.01
N MET A 69 19.04 29.45 77.31
CA MET A 69 18.81 29.50 75.87
C MET A 69 17.47 30.15 75.55
N LYS A 70 16.45 29.89 76.36
CA LYS A 70 15.15 30.53 76.14
C LYS A 70 15.21 32.03 76.43
N SER A 71 15.99 32.42 77.43
CA SER A 71 16.05 33.82 77.81
C SER A 71 17.02 34.62 76.94
N SER A 72 18.13 34.00 76.55
CA SER A 72 19.12 34.70 75.73
C SER A 72 19.58 33.82 74.58
N PRO A 73 19.22 34.15 73.35
CA PRO A 73 19.70 33.35 72.21
C PRO A 73 21.12 33.74 71.80
N LEU A 74 21.49 34.99 72.02
CA LEU A 74 22.80 35.45 71.56
C LEU A 74 23.93 34.85 72.39
N MET A 75 23.67 34.58 73.68
CA MET A 75 24.73 34.03 74.55
C MET A 75 25.20 32.66 74.08
N PHE A 76 24.40 31.95 73.29
CA PHE A 76 24.78 30.64 72.78
C PHE A 76 25.22 30.72 71.31
N VAL A 77 24.38 31.29 70.45
CA VAL A 77 24.67 31.44 69.04
C VAL A 77 24.77 32.92 68.71
N ASN A 78 25.78 33.29 67.92
CA ASN A 78 26.00 34.67 67.55
C ASN A 78 25.63 34.91 66.09
N VAL A 79 25.25 36.14 65.79
CA VAL A 79 24.93 36.57 64.43
C VAL A 79 25.74 37.84 64.17
N SER A 80 26.79 37.72 63.35
CA SER A 80 27.65 38.84 63.05
C SER A 80 28.13 38.72 61.61
N GLY A 81 29.03 39.61 61.21
CA GLY A 81 29.55 39.63 59.85
C GLY A 81 30.83 38.85 59.68
N SER A 82 31.42 38.41 60.80
CA SER A 82 32.66 37.63 60.72
C SER A 82 32.43 36.28 60.08
N HIS A 83 31.42 35.54 60.55
CA HIS A 83 31.06 34.18 60.16
C HIS A 83 32.06 33.14 60.68
N GLU A 84 33.16 33.56 61.29
CA GLU A 84 34.04 32.65 62.01
C GLU A 84 33.82 32.68 63.50
N ALA A 85 33.38 33.81 64.05
CA ALA A 85 32.90 33.82 65.43
C ALA A 85 31.66 32.96 65.57
N LYS A 86 30.79 32.96 64.55
CA LYS A 86 29.70 32.01 64.51
C LYS A 86 30.20 30.57 64.48
N GLY A 87 31.32 30.33 63.77
CA GLY A 87 31.90 29.00 63.78
C GLY A 87 32.43 28.60 65.14
N SER A 88 33.05 29.54 65.86
CA SER A 88 33.54 29.23 67.21
C SER A 88 32.38 28.98 68.17
N CYS A 89 31.30 29.74 68.03
CA CYS A 89 30.10 29.48 68.82
C CYS A 89 29.52 28.10 68.46
N ILE A 90 29.58 27.73 67.19
CA ILE A 90 29.11 26.42 66.76
C ILE A 90 29.96 25.33 67.39
N GLU A 91 31.27 25.55 67.49
CA GLU A 91 32.14 24.55 68.09
C GLU A 91 31.93 24.47 69.61
N PHE A 92 31.66 25.61 70.25
CA PHE A 92 31.30 25.58 71.67
C PHE A 92 30.02 24.78 71.88
N SER A 93 29.02 24.99 71.02
CA SER A 93 27.80 24.18 71.10
C SER A 93 28.09 22.72 70.76
N ASN A 94 29.10 22.46 69.94
CA ASN A 94 29.50 21.08 69.68
C ASN A 94 30.05 20.43 70.93
N TRP A 95 30.86 21.16 71.69
CA TRP A 95 31.35 20.65 72.97
C TRP A 95 30.18 20.43 73.93
N ILE A 96 29.22 21.34 73.93
CA ILE A 96 28.03 21.17 74.77
C ILE A 96 27.27 19.92 74.37
N ILE A 97 27.12 19.68 73.08
CA ILE A 97 26.41 18.50 72.59
C ILE A 97 27.21 17.24 72.91
N THR A 98 28.53 17.35 72.95
CA THR A 98 29.36 16.21 73.35
C THR A 98 29.13 15.88 74.82
N ARG A 99 29.04 16.90 75.67
CA ARG A 99 28.69 16.67 77.07
C ARG A 99 27.31 16.05 77.20
N LEU A 100 26.35 16.53 76.40
CA LEU A 100 25.02 15.96 76.40
C LEU A 100 25.01 14.50 75.95
N LEU A 101 25.79 14.15 74.93
CA LEU A 101 25.86 12.76 74.49
C LEU A 101 26.56 11.89 75.53
N ARG A 102 27.55 12.45 76.22
CA ARG A 102 28.18 11.72 77.32
C ARG A 102 27.18 11.44 78.43
N ILE A 103 26.31 12.41 78.73
CA ILE A 103 25.25 12.19 79.70
C ILE A 103 24.26 11.14 79.18
N ALA A 104 23.98 11.17 77.88
CA ALA A 104 23.06 10.19 77.30
C ALA A 104 23.65 8.79 77.31
N ALA A 105 24.99 8.69 77.35
CA ALA A 105 25.63 7.39 77.42
C ALA A 105 25.25 6.64 78.69
N THR A 106 24.92 7.38 79.75
CA THR A 106 24.50 6.76 80.99
C THR A 106 23.14 6.09 80.80
N PRO A 107 22.99 4.83 81.20
CA PRO A 107 21.69 4.16 81.05
C PRO A 107 20.72 4.58 82.13
N SER A 108 21.23 4.86 83.33
CA SER A 108 20.37 5.20 84.46
C SER A 108 19.69 6.55 84.26
N CYS A 109 20.29 7.43 83.49
CA CYS A 109 19.79 8.80 83.33
C CYS A 109 18.87 8.91 82.11
N HIS A 110 17.73 8.22 82.19
CA HIS A 110 16.72 8.36 81.14
C HIS A 110 16.12 9.76 81.14
N LEU A 111 15.88 10.31 82.33
CA LEU A 111 15.41 11.70 82.42
C LEU A 111 16.43 12.66 81.85
N LEU A 112 17.73 12.39 82.06
CA LEU A 112 18.76 13.26 81.51
C LEU A 112 18.85 13.11 80.01
N HIS A 113 18.64 11.90 79.49
CA HIS A 113 18.57 11.73 78.03
C HIS A 113 17.41 12.52 77.45
N LYS A 114 16.25 12.49 78.10
CA LYS A 114 15.11 13.27 77.63
C LYS A 114 15.41 14.76 77.67
N LYS A 115 16.02 15.24 78.76
CA LYS A 115 16.35 16.64 78.87
C LYS A 115 17.41 17.05 77.86
N ILE A 116 18.32 16.14 77.53
CA ILE A 116 19.37 16.40 76.55
C ILE A 116 18.73 16.53 75.17
N CYS A 117 17.79 15.63 74.87
CA CYS A 117 17.04 15.73 73.63
C CYS A 117 16.33 17.08 73.54
N GLU A 118 15.68 17.48 74.65
CA GLU A 118 14.98 18.76 74.67
C GLU A 118 15.92 19.92 74.41
N VAL A 119 17.07 19.93 75.11
CA VAL A 119 18.01 21.04 74.99
C VAL A 119 18.60 21.09 73.59
N ILE A 120 18.89 19.92 73.01
CA ILE A 120 19.48 19.89 71.68
C ILE A 120 18.47 20.35 70.64
N CYS A 121 17.21 19.93 70.78
CA CYS A 121 16.18 20.39 69.86
C CYS A 121 15.95 21.89 70.00
N SER A 122 16.00 22.41 71.21
CA SER A 122 15.86 23.85 71.41
C SER A 122 17.04 24.60 70.80
N LEU A 123 18.25 24.06 70.93
CA LEU A 123 19.41 24.71 70.32
C LEU A 123 19.32 24.68 68.80
N LEU A 124 18.80 23.59 68.24
CA LEU A 124 18.61 23.54 66.79
C LEU A 124 17.57 24.55 66.34
N PHE A 125 16.46 24.64 67.07
CA PHE A 125 15.44 25.65 66.76
C PHE A 125 16.02 27.05 66.86
N LEU A 126 16.89 27.28 67.85
CA LEU A 126 17.52 28.58 68.00
C LEU A 126 18.44 28.88 66.82
N PHE A 127 19.25 27.90 66.42
CA PHE A 127 20.11 28.08 65.26
C PHE A 127 19.29 28.40 64.03
N LYS A 128 18.13 27.75 63.88
CA LYS A 128 17.24 28.09 62.77
C LYS A 128 16.76 29.53 62.87
N SER A 129 16.27 29.93 64.05
CA SER A 129 15.81 31.30 64.22
C SER A 129 16.97 32.29 64.18
N LYS A 130 18.19 31.86 64.46
CA LYS A 130 19.34 32.75 64.42
C LYS A 130 19.99 32.77 63.04
N SER A 131 20.43 31.61 62.55
CA SER A 131 21.10 31.54 61.27
C SER A 131 20.72 30.27 60.52
N PRO A 132 19.97 30.39 59.42
CA PRO A 132 19.61 29.17 58.67
C PRO A 132 20.83 28.41 58.15
N ALA A 133 21.89 29.13 57.77
CA ALA A 133 23.11 28.46 57.33
C ALA A 133 23.73 27.64 58.45
N ILE A 134 23.79 28.21 59.66
CA ILE A 134 24.34 27.49 60.80
C ILE A 134 23.45 26.30 61.15
N PHE A 135 22.14 26.48 60.99
CA PHE A 135 21.22 25.37 61.23
C PHE A 135 21.44 24.24 60.23
N GLY A 136 21.70 24.60 58.97
CA GLY A 136 22.02 23.58 57.98
C GLY A 136 23.33 22.87 58.29
N VAL A 137 24.33 23.63 58.73
CA VAL A 137 25.59 23.02 59.15
C VAL A 137 25.36 22.01 60.27
N LEU A 138 24.57 22.41 61.28
CA LEU A 138 24.35 21.54 62.43
C LEU A 138 23.54 20.31 62.03
N THR A 139 22.51 20.48 61.20
CA THR A 139 21.74 19.33 60.75
C THR A 139 22.58 18.41 59.87
N LYS A 140 23.56 18.96 59.15
CA LYS A 140 24.46 18.12 58.38
C LYS A 140 25.36 17.31 59.30
N GLU A 141 25.90 17.94 60.35
CA GLU A 141 26.69 17.21 61.33
C GLU A 141 25.86 16.09 61.96
N LEU A 142 24.61 16.40 62.31
CA LEU A 142 23.73 15.39 62.90
C LEU A 142 23.45 14.27 61.91
N LEU A 143 23.28 14.60 60.63
CA LEU A 143 23.07 13.57 59.61
C LEU A 143 24.26 12.64 59.53
N GLN A 144 25.48 13.21 59.50
CA GLN A 144 26.67 12.37 59.48
C GLN A 144 26.76 11.50 60.72
N LEU A 145 26.48 12.07 61.89
CA LEU A 145 26.53 11.28 63.12
C LEU A 145 25.55 10.12 63.08
N PHE A 146 24.33 10.37 62.60
CA PHE A 146 23.31 9.34 62.55
C PHE A 146 23.68 8.25 61.56
N GLU A 147 24.13 8.63 60.36
CA GLU A 147 24.47 7.61 59.36
C GLU A 147 25.70 6.82 59.78
N ASP A 148 26.62 7.45 60.51
CA ASP A 148 27.78 6.72 61.01
C ASP A 148 27.38 5.73 62.10
N LEU A 149 26.48 6.15 62.99
CA LEU A 149 25.96 5.23 63.99
C LEU A 149 25.24 4.07 63.33
N VAL A 150 24.50 4.34 62.25
CA VAL A 150 23.78 3.27 61.55
C VAL A 150 24.75 2.33 60.85
N TYR A 151 25.81 2.87 60.24
CA TYR A 151 26.82 2.02 59.63
C TYR A 151 27.52 1.15 60.67
N LEU A 152 27.82 1.72 61.83
CA LEU A 152 28.41 0.93 62.91
C LEU A 152 27.45 -0.14 63.41
N HIS A 153 26.15 0.17 63.48
CA HIS A 153 25.17 -0.82 63.89
C HIS A 153 25.08 -1.96 62.88
N ARG A 154 25.14 -1.63 61.59
CA ARG A 154 25.15 -2.67 60.57
C ARG A 154 26.41 -3.52 60.65
N ARG A 155 27.56 -2.88 60.90
CA ARG A 155 28.80 -3.62 61.03
C ARG A 155 28.81 -4.51 62.27
N ASN A 156 28.12 -4.10 63.32
CA ASN A 156 27.99 -4.93 64.51
C ASN A 156 27.02 -6.08 64.28
N VAL A 157 25.93 -5.82 63.54
CA VAL A 157 25.02 -6.90 63.15
C VAL A 157 25.77 -7.93 62.31
N MET A 158 26.70 -7.47 61.47
CA MET A 158 27.60 -8.36 60.75
C MET A 158 28.84 -8.71 61.56
N GLY A 159 29.06 -8.05 62.69
CA GLY A 159 30.25 -8.30 63.48
C GLY A 159 31.55 -8.01 62.78
N HIS A 160 31.53 -7.12 61.78
CA HIS A 160 32.70 -6.89 60.93
C HIS A 160 33.88 -6.33 61.71
N ALA A 161 33.73 -5.11 62.25
CA ALA A 161 34.85 -4.45 62.91
C ALA A 161 34.31 -3.40 63.87
N VAL A 162 34.57 -3.60 65.16
CA VAL A 162 34.18 -2.65 66.20
C VAL A 162 35.15 -2.80 67.37
N GLU A 163 35.69 -1.69 67.84
CA GLU A 163 36.55 -1.66 69.01
C GLU A 163 35.92 -0.96 70.20
N TRP A 164 34.66 -0.53 70.07
CA TRP A 164 33.95 0.35 70.98
C TRP A 164 34.82 1.52 71.41
N PRO A 165 35.64 2.05 70.50
CA PRO A 165 36.12 3.43 70.64
C PRO A 165 35.21 4.35 69.85
N VAL A 166 34.02 4.60 70.36
CA VAL A 166 32.90 5.03 69.51
C VAL A 166 32.91 6.53 69.32
N VAL A 167 34.04 7.18 69.63
CA VAL A 167 34.23 8.57 69.25
C VAL A 167 34.04 8.67 67.74
N MET A 168 33.03 9.44 67.32
CA MET A 168 32.75 9.62 65.91
C MET A 168 33.56 10.80 65.38
N SER A 169 33.24 11.26 64.17
CA SER A 169 33.89 12.41 63.59
C SER A 169 33.15 13.72 63.81
N ARG A 170 31.92 13.70 64.31
CA ARG A 170 31.12 14.89 64.45
C ARG A 170 30.83 15.20 65.91
N PHE A 171 30.46 16.46 66.17
CA PHE A 171 30.08 16.93 67.50
C PHE A 171 31.20 16.71 68.52
N LEU A 172 32.41 17.12 68.16
CA LEU A 172 33.58 17.00 69.03
C LEU A 172 34.33 18.33 69.04
N SER A 173 34.73 18.78 70.22
CA SER A 173 35.42 20.06 70.38
C SER A 173 36.43 19.95 71.53
N GLN A 174 37.64 20.44 71.29
CA GLN A 174 38.69 20.48 72.31
C GLN A 174 38.60 21.82 73.06
N LEU A 175 37.48 21.98 73.77
CA LEU A 175 37.19 23.23 74.46
C LEU A 175 37.78 23.29 75.86
N ASP A 176 38.51 22.26 76.29
CA ASP A 176 39.10 22.24 77.62
C ASP A 176 40.01 23.44 77.85
N GLU A 177 40.82 23.78 76.85
CA GLU A 177 41.67 24.96 76.91
C GLU A 177 41.51 25.87 75.71
N HIS A 178 41.14 25.35 74.55
CA HIS A 178 40.95 26.14 73.33
C HIS A 178 42.20 26.94 72.98
N SER A 184 38.82 16.55 78.37
CA SER A 184 37.50 15.99 78.15
C SER A 184 37.53 14.77 77.25
N ALA A 185 36.64 13.81 77.50
CA ALA A 185 36.53 12.63 76.67
C ALA A 185 35.47 12.86 75.62
N PRO A 186 35.75 12.63 74.33
CA PRO A 186 34.76 12.91 73.29
C PRO A 186 33.58 11.95 73.34
N LEU A 187 32.60 12.15 72.44
CA LEU A 187 31.35 11.39 72.45
C LEU A 187 31.64 9.96 71.98
N GLN A 188 31.87 9.08 72.95
CA GLN A 188 32.17 7.69 72.69
C GLN A 188 31.07 6.80 73.24
N LEU A 189 31.27 5.48 73.14
CA LEU A 189 30.36 4.49 73.69
C LEU A 189 31.08 3.16 73.85
N MET A 190 31.18 2.67 75.08
CA MET A 190 31.87 1.40 75.34
C MET A 190 30.95 0.19 75.23
N SER A 191 29.64 0.40 75.21
CA SER A 191 28.68 -0.70 75.10
C SER A 191 27.70 -0.40 73.98
N MET A 192 27.04 -1.46 73.51
CA MET A 192 26.00 -1.29 72.49
C MET A 192 24.76 -0.62 73.07
N GLN A 193 24.56 -0.73 74.39
CA GLN A 193 23.40 -0.11 75.02
C GLN A 193 23.55 1.41 75.07
N ASN A 194 24.75 1.90 75.38
CA ASN A 194 24.97 3.34 75.37
C ASN A 194 24.88 3.89 73.95
N LEU A 195 25.33 3.11 72.96
CA LEU A 195 25.15 3.52 71.57
C LEU A 195 23.68 3.54 71.20
N GLU A 196 22.90 2.60 71.72
CA GLU A 196 21.47 2.60 71.46
C GLU A 196 20.80 3.81 72.10
N PHE A 197 21.24 4.20 73.29
CA PHE A 197 20.69 5.39 73.93
C PHE A 197 21.05 6.65 73.15
N ILE A 198 22.30 6.72 72.66
CA ILE A 198 22.70 7.86 71.83
C ILE A 198 21.86 7.89 70.55
N GLU A 199 21.59 6.72 69.98
CA GLU A 199 20.74 6.67 68.79
C GLU A 199 19.31 7.09 69.11
N VAL A 200 18.81 6.76 70.31
CA VAL A 200 17.48 7.17 70.70
C VAL A 200 17.41 8.69 70.82
N THR A 201 18.43 9.29 71.44
CA THR A 201 18.49 10.74 71.51
C THR A 201 18.55 11.36 70.12
N LEU A 202 19.37 10.78 69.23
CA LEU A 202 19.47 11.28 67.87
C LEU A 202 18.13 11.19 67.17
N LEU A 203 17.41 10.08 67.37
CA LEU A 203 16.10 9.91 66.74
C LEU A 203 15.10 10.93 67.26
N MET A 204 15.11 11.18 68.57
CA MET A 204 14.23 12.18 69.14
C MET A 204 14.51 13.56 68.54
N VAL A 205 15.78 13.95 68.52
CA VAL A 205 16.15 15.26 68.00
C VAL A 205 15.80 15.38 66.52
N LEU A 206 16.00 14.29 65.77
CA LEU A 206 15.69 14.30 64.34
C LEU A 206 14.20 14.45 64.12
N THR A 207 13.40 13.62 64.78
CA THR A 207 11.95 13.75 64.71
C THR A 207 11.51 15.17 65.04
N ARG A 208 12.14 15.78 66.04
CA ARG A 208 11.82 17.17 66.36
C ARG A 208 12.13 18.08 65.18
N ILE A 209 13.32 17.95 64.61
CA ILE A 209 13.76 18.86 63.56
C ILE A 209 13.55 18.23 62.18
N ILE A 210 12.70 17.21 62.11
CA ILE A 210 12.44 16.54 60.84
C ILE A 210 11.82 17.51 59.84
N ALA A 211 10.91 18.37 60.30
CA ALA A 211 10.27 19.32 59.42
C ALA A 211 11.28 20.26 58.77
N ILE A 212 12.17 20.83 59.59
CA ILE A 212 13.21 21.70 59.07
C ILE A 212 14.20 20.95 58.19
N VAL A 213 14.47 19.68 58.50
CA VAL A 213 15.40 18.88 57.70
C VAL A 213 14.75 18.31 56.45
N PHE A 214 13.47 18.58 56.22
CA PHE A 214 12.77 17.96 55.09
C PHE A 214 13.22 18.52 53.74
N PHE A 215 14.24 19.39 53.73
CA PHE A 215 14.81 19.88 52.49
C PHE A 215 15.22 18.73 51.59
N ARG A 216 15.03 18.88 50.28
CA ARG A 216 15.27 17.79 49.35
C ARG A 216 16.73 17.34 49.39
N ARG A 217 16.93 16.05 49.13
CA ARG A 217 18.20 15.32 49.10
C ARG A 217 18.77 15.06 50.48
N GLN A 218 18.19 15.61 51.55
CA GLN A 218 18.55 15.24 52.91
C GLN A 218 17.53 14.31 53.54
N GLU A 219 16.25 14.49 53.20
CA GLU A 219 15.24 13.51 53.57
C GLU A 219 15.59 12.13 53.04
N LEU A 220 16.31 12.06 51.91
CA LEU A 220 16.80 10.78 51.43
C LEU A 220 17.74 10.15 52.43
N LEU A 221 18.70 10.91 52.95
CA LEU A 221 19.64 10.38 53.93
C LEU A 221 18.91 9.99 55.21
N LEU A 222 17.94 10.80 55.63
CA LEU A 222 17.15 10.45 56.80
C LEU A 222 16.41 9.13 56.59
N TRP A 223 15.86 8.93 55.39
CA TRP A 223 15.16 7.69 55.09
C TRP A 223 16.12 6.52 55.08
N GLN A 224 17.33 6.71 54.55
CA GLN A 224 18.31 5.64 54.56
C GLN A 224 18.68 5.25 55.99
N ILE A 225 18.91 6.24 56.85
CA ILE A 225 19.23 5.96 58.25
C ILE A 225 18.06 5.22 58.92
N GLY A 226 16.84 5.63 58.61
CA GLY A 226 15.68 4.98 59.19
C GLY A 226 15.53 3.54 58.75
N CYS A 227 15.79 3.26 57.47
CA CYS A 227 15.72 1.88 57.00
C CYS A 227 16.87 1.05 57.57
N VAL A 228 18.03 1.67 57.78
CA VAL A 228 19.17 0.95 58.35
C VAL A 228 18.85 0.54 59.78
N LEU A 229 18.35 1.48 60.59
CA LEU A 229 18.00 1.15 61.97
C LEU A 229 16.78 0.24 62.03
N LEU A 230 15.88 0.34 61.05
CA LEU A 230 14.64 -0.42 61.09
C LEU A 230 14.86 -1.89 60.74
N GLU A 231 15.69 -2.18 59.75
CA GLU A 231 15.96 -3.57 59.39
C GLU A 231 16.68 -4.30 60.52
N TYR A 232 17.54 -3.59 61.25
CA TYR A 232 18.29 -4.17 62.36
C TYR A 232 18.38 -3.16 63.48
N GLY A 233 17.79 -3.49 64.63
CA GLY A 233 17.84 -2.60 65.77
C GLY A 233 17.17 -3.23 66.97
N SER A 234 17.50 -2.68 68.14
CA SER A 234 16.91 -3.16 69.38
C SER A 234 15.44 -2.78 69.45
N PRO A 235 14.66 -3.44 70.32
CA PRO A 235 13.21 -3.25 70.32
C PRO A 235 12.77 -1.80 70.52
N LYS A 236 13.25 -1.16 71.58
CA LYS A 236 12.91 0.24 71.81
C LYS A 236 13.42 1.13 70.68
N ILE A 237 14.65 0.88 70.23
CA ILE A 237 15.19 1.63 69.10
C ILE A 237 14.38 1.37 67.85
N LYS A 238 13.96 0.12 67.66
CA LYS A 238 13.13 -0.21 66.50
C LYS A 238 11.81 0.56 66.54
N SER A 239 11.19 0.66 67.72
CA SER A 239 9.92 1.37 67.81
C SER A 239 10.10 2.87 67.60
N LEU A 240 11.14 3.45 68.20
CA LEU A 240 11.41 4.87 67.99
C LEU A 240 11.68 5.15 66.51
N ALA A 241 12.44 4.27 65.85
CA ALA A 241 12.71 4.45 64.43
C ALA A 241 11.44 4.26 63.62
N ILE A 242 10.54 3.39 64.07
CA ILE A 242 9.27 3.22 63.37
C ILE A 242 8.47 4.52 63.43
N SER A 243 8.44 5.15 64.60
CA SER A 243 7.75 6.44 64.71
C SER A 243 8.42 7.49 63.82
N PHE A 244 9.75 7.51 63.82
CA PHE A 244 10.48 8.47 63.00
C PHE A 244 10.17 8.28 61.52
N LEU A 245 10.18 7.03 61.07
CA LEU A 245 9.90 6.74 59.67
C LEU A 245 8.44 7.02 59.34
N THR A 246 7.53 6.86 60.31
CA THR A 246 6.15 7.26 60.11
C THR A 246 6.06 8.76 59.84
N GLU A 247 6.70 9.55 60.70
CA GLU A 247 6.73 11.00 60.49
C GLU A 247 7.35 11.35 59.14
N LEU A 248 8.42 10.64 58.77
CA LEU A 248 9.07 10.92 57.50
C LEU A 248 8.15 10.60 56.32
N PHE A 249 7.58 9.40 56.30
CA PHE A 249 6.71 8.99 55.21
C PHE A 249 5.51 9.91 55.08
N GLN A 250 4.92 10.32 56.21
CA GLN A 250 3.80 11.24 56.14
C GLN A 250 4.25 12.64 55.73
N LEU A 251 5.50 13.00 56.00
CA LEU A 251 5.97 14.33 55.65
C LEU A 251 6.02 14.52 54.13
N GLY A 252 6.81 13.70 53.45
CA GLY A 252 7.02 13.88 52.03
C GLY A 252 6.81 12.62 51.20
N GLY A 253 5.82 11.82 51.59
CA GLY A 253 5.60 10.57 50.89
C GLY A 253 6.71 9.58 51.19
N LEU A 254 6.88 8.65 50.25
CA LEU A 254 7.92 7.63 50.37
C LEU A 254 8.81 7.67 49.13
N PRO A 255 10.11 7.89 49.28
CA PRO A 255 10.99 7.86 48.11
C PRO A 255 11.11 6.44 47.57
N ALA A 256 11.08 6.32 46.25
CA ALA A 256 11.05 5.01 45.61
C ALA A 256 12.29 4.19 45.99
N GLN A 257 13.46 4.82 45.99
CA GLN A 257 14.69 4.07 46.23
C GLN A 257 14.75 3.47 47.63
N PRO A 258 14.51 4.22 48.71
CA PRO A 258 14.54 3.60 50.04
C PRO A 258 13.39 2.66 50.30
N ALA A 259 12.36 2.66 49.44
CA ALA A 259 11.15 1.89 49.71
C ALA A 259 11.39 0.39 49.71
N SER A 260 12.39 -0.09 48.98
CA SER A 260 12.65 -1.53 48.92
C SER A 260 12.98 -2.09 50.29
N THR A 261 14.09 -1.62 50.88
CA THR A 261 14.48 -2.09 52.20
C THR A 261 13.47 -1.70 53.26
N PHE A 262 12.73 -0.61 53.04
CA PHE A 262 11.68 -0.23 53.98
C PHE A 262 10.58 -1.29 54.01
N PHE A 263 10.08 -1.67 52.84
CA PHE A 263 9.06 -2.72 52.78
C PHE A 263 9.60 -4.05 53.30
N SER A 264 10.88 -4.32 53.05
CA SER A 264 11.50 -5.54 53.57
C SER A 264 11.49 -5.56 55.09
N SER A 265 11.94 -4.47 55.71
CA SER A 265 11.93 -4.38 57.17
C SER A 265 10.51 -4.43 57.71
N PHE A 266 9.56 -3.84 56.98
CA PHE A 266 8.17 -3.88 57.41
C PHE A 266 7.65 -5.32 57.44
N LEU A 267 7.91 -6.08 56.37
CA LEU A 267 7.48 -7.47 56.34
C LEU A 267 8.19 -8.29 57.42
N GLU A 268 9.46 -7.98 57.68
CA GLU A 268 10.18 -8.69 58.73
C GLU A 268 9.58 -8.43 60.10
N LEU A 269 9.25 -7.17 60.39
CA LEU A 269 8.59 -6.84 61.65
C LEU A 269 7.21 -7.50 61.72
N LEU A 270 6.49 -7.54 60.60
CA LEU A 270 5.19 -8.20 60.57
C LEU A 270 5.33 -9.67 60.93
N LYS A 271 6.33 -10.34 60.37
CA LYS A 271 6.57 -11.74 60.70
C LYS A 271 6.93 -11.90 62.17
N HIS A 272 7.80 -11.04 62.68
CA HIS A 272 8.28 -11.20 64.05
C HIS A 272 7.20 -10.79 65.06
N LEU A 273 6.14 -10.13 64.58
CA LEU A 273 5.09 -9.65 65.48
C LEU A 273 4.50 -10.79 66.32
N VAL A 274 4.14 -11.90 65.68
CA VAL A 274 3.55 -13.02 66.41
C VAL A 274 4.59 -13.65 67.32
N GLU A 275 5.86 -13.66 66.91
CA GLU A 275 6.91 -14.27 67.71
C GLU A 275 7.33 -13.41 68.89
N MET A 276 7.09 -12.10 68.84
CA MET A 276 7.53 -11.22 69.92
C MET A 276 6.77 -11.52 71.21
N ASP A 277 7.32 -11.05 72.31
CA ASP A 277 6.72 -11.24 73.63
C ASP A 277 5.62 -10.19 73.84
N THR A 278 5.16 -10.06 75.08
CA THR A 278 4.12 -9.08 75.36
C THR A 278 4.68 -7.65 75.44
N ASP A 279 5.90 -7.51 75.96
CA ASP A 279 6.43 -6.15 76.19
C ASP A 279 6.90 -5.50 74.88
N GLN A 280 7.63 -6.25 74.05
CA GLN A 280 8.01 -5.73 72.75
C GLN A 280 6.78 -5.46 71.90
N LEU A 281 5.80 -6.35 71.94
CA LEU A 281 4.53 -6.09 71.27
C LEU A 281 3.91 -4.79 71.75
N LYS A 282 3.88 -4.57 73.08
CA LYS A 282 3.26 -3.37 73.61
C LYS A 282 3.99 -2.12 73.14
N LEU A 283 5.33 -2.14 73.19
CA LEU A 283 6.08 -0.97 72.76
C LEU A 283 6.02 -0.76 71.25
N TYR A 284 5.66 -1.79 70.49
CA TYR A 284 5.58 -1.64 69.04
C TYR A 284 4.17 -1.36 68.54
N GLU A 285 3.14 -1.58 69.36
CA GLU A 285 1.77 -1.41 68.89
C GLU A 285 1.54 -0.02 68.32
N GLU A 286 1.67 1.01 69.16
CA GLU A 286 1.46 2.38 68.69
C GLU A 286 2.32 2.72 67.49
N PRO A 287 3.61 2.38 67.45
CA PRO A 287 4.37 2.61 66.22
C PRO A 287 3.83 1.83 65.04
N LEU A 288 3.51 0.55 65.23
CA LEU A 288 2.95 -0.24 64.14
C LEU A 288 1.59 0.31 63.71
N SER A 289 0.77 0.71 64.69
CA SER A 289 -0.54 1.28 64.35
C SER A 289 -0.38 2.54 63.51
N LYS A 290 0.46 3.47 63.94
CA LYS A 290 0.66 4.70 63.19
C LYS A 290 1.23 4.41 61.81
N LEU A 291 2.19 3.48 61.72
CA LEU A 291 2.80 3.16 60.44
C LEU A 291 1.77 2.59 59.47
N ILE A 292 0.96 1.64 59.95
CA ILE A 292 -0.05 1.04 59.08
C ILE A 292 -1.09 2.08 58.67
N LYS A 293 -1.52 2.91 59.62
CA LYS A 293 -2.56 3.90 59.33
C LYS A 293 -2.08 4.91 58.30
N THR A 294 -0.93 5.54 58.56
CA THR A 294 -0.41 6.55 57.64
C THR A 294 -0.04 5.93 56.30
N LEU A 295 0.71 4.82 56.31
CA LEU A 295 1.14 4.20 55.07
C LEU A 295 -0.02 3.78 54.21
N PHE A 296 -1.10 3.30 54.82
CA PHE A 296 -2.29 2.86 54.10
C PHE A 296 -3.51 3.53 54.71
N PRO A 297 -3.73 4.81 54.44
CA PRO A 297 -4.98 5.46 54.83
C PRO A 297 -6.12 5.03 53.93
N PHE A 298 -7.33 5.10 54.48
CA PHE A 298 -8.53 4.67 53.77
C PHE A 298 -8.91 5.62 52.63
N GLU A 299 -8.13 6.66 52.39
CA GLU A 299 -8.42 7.66 51.38
C GLU A 299 -8.08 7.13 49.99
N ALA A 300 -8.88 7.53 49.01
CA ALA A 300 -8.62 7.13 47.64
C ALA A 300 -7.31 7.73 47.15
N GLU A 301 -6.67 7.02 46.21
CA GLU A 301 -5.40 7.37 45.58
C GLU A 301 -4.22 7.30 46.54
N ALA A 302 -4.45 7.02 47.83
CA ALA A 302 -3.33 6.74 48.72
C ALA A 302 -2.65 5.43 48.35
N TYR A 303 -3.39 4.52 47.73
CA TYR A 303 -2.79 3.30 47.21
C TYR A 303 -1.87 3.59 46.04
N ARG A 304 -2.15 4.65 45.28
CA ARG A 304 -1.31 4.99 44.14
C ARG A 304 0.10 5.36 44.57
N ASN A 305 0.26 5.84 45.82
CA ASN A 305 1.58 6.21 46.30
C ASN A 305 2.46 4.97 46.49
N ILE A 306 1.94 3.95 47.15
CA ILE A 306 2.71 2.73 47.39
C ILE A 306 2.93 2.02 46.07
N GLU A 307 4.13 1.49 45.91
CA GLU A 307 4.49 0.81 44.66
C GLU A 307 3.65 -0.46 44.52
N PRO A 308 3.19 -0.79 43.30
CA PRO A 308 2.40 -2.02 43.12
C PRO A 308 3.13 -3.28 43.59
N VAL A 309 4.44 -3.34 43.36
CA VAL A 309 5.19 -4.54 43.74
C VAL A 309 5.21 -4.69 45.25
N TYR A 310 5.63 -3.65 45.97
CA TYR A 310 5.61 -3.71 47.42
C TYR A 310 4.19 -3.91 47.94
N LEU A 311 3.20 -3.42 47.20
CA LEU A 311 1.81 -3.62 47.61
C LEU A 311 1.42 -5.09 47.54
N ASN A 312 1.74 -5.75 46.43
CA ASN A 312 1.46 -7.18 46.31
C ASN A 312 2.26 -7.97 47.35
N MET A 313 3.48 -7.51 47.66
CA MET A 313 4.27 -8.16 48.67
C MET A 313 3.61 -8.08 50.04
N LEU A 314 3.12 -6.89 50.40
CA LEU A 314 2.40 -6.75 51.66
C LEU A 314 1.13 -7.58 51.66
N LEU A 315 0.44 -7.65 50.52
CA LEU A 315 -0.79 -8.43 50.44
C LEU A 315 -0.51 -9.91 50.69
N GLU A 316 0.52 -10.46 50.05
CA GLU A 316 0.83 -11.87 50.27
C GLU A 316 1.37 -12.11 51.66
N LYS A 317 2.13 -11.16 52.21
CA LYS A 317 2.62 -11.30 53.57
C LYS A 317 1.45 -11.36 54.55
N LEU A 318 0.45 -10.50 54.35
CA LEU A 318 -0.73 -10.52 55.21
C LEU A 318 -1.56 -11.79 54.99
N CYS A 319 -1.63 -12.27 53.76
CA CYS A 319 -2.33 -13.53 53.50
C CYS A 319 -1.66 -14.68 54.25
N VAL A 320 -0.33 -14.72 54.23
CA VAL A 320 0.38 -15.76 54.95
C VAL A 320 0.21 -15.59 56.46
N MET A 321 0.23 -14.34 56.94
CA MET A 321 0.07 -14.11 58.37
C MET A 321 -1.31 -14.52 58.86
N PHE A 322 -2.35 -14.24 58.07
CA PHE A 322 -3.68 -14.71 58.39
C PHE A 322 -3.77 -16.23 58.31
N GLU A 323 -3.07 -16.85 57.35
CA GLU A 323 -2.99 -18.30 57.32
C GLU A 323 -2.34 -18.85 58.58
N ASP A 324 -1.41 -18.09 59.16
CA ASP A 324 -0.82 -18.48 60.43
C ASP A 324 -1.81 -18.40 61.58
N GLY A 325 -2.93 -17.69 61.38
CA GLY A 325 -3.80 -17.39 62.50
C GLY A 325 -3.15 -16.48 63.50
N VAL A 326 -2.32 -15.54 63.02
CA VAL A 326 -1.60 -14.64 63.91
C VAL A 326 -2.56 -13.83 64.77
N LEU A 327 -3.80 -13.64 64.29
CA LEU A 327 -4.81 -13.01 65.13
C LEU A 327 -5.05 -13.79 66.41
N MET A 328 -5.13 -15.13 66.30
CA MET A 328 -5.26 -15.95 67.49
C MET A 328 -4.03 -15.86 68.40
N ARG A 329 -2.87 -15.50 67.84
CA ARG A 329 -1.68 -15.31 68.64
C ARG A 329 -1.49 -13.87 69.09
N LEU A 330 -2.11 -12.91 68.39
CA LEU A 330 -1.97 -11.49 68.72
C LEU A 330 -2.86 -11.18 69.92
N LYS A 331 -2.25 -11.10 71.10
CA LYS A 331 -3.00 -10.73 72.30
C LYS A 331 -3.50 -9.29 72.21
N SER A 332 -2.68 -8.41 71.64
CA SER A 332 -3.07 -7.01 71.49
C SER A 332 -4.18 -6.88 70.46
N ASP A 333 -5.37 -6.49 70.92
CA ASP A 333 -6.47 -6.25 70.00
C ASP A 333 -6.20 -5.07 69.08
N LEU A 334 -5.34 -4.13 69.49
CA LEU A 334 -5.02 -2.99 68.63
C LEU A 334 -4.21 -3.42 67.42
N LEU A 335 -3.26 -4.34 67.60
CA LEU A 335 -2.48 -4.83 66.48
C LEU A 335 -3.35 -5.58 65.49
N LYS A 336 -4.26 -6.42 66.00
CA LYS A 336 -5.19 -7.14 65.13
C LYS A 336 -6.11 -6.15 64.41
N ALA A 337 -6.52 -5.09 65.11
CA ALA A 337 -7.37 -4.07 64.50
C ALA A 337 -6.63 -3.38 63.37
N ALA A 338 -5.34 -3.10 63.57
CA ALA A 338 -4.56 -2.47 62.51
C ALA A 338 -4.38 -3.42 61.33
N LEU A 339 -4.15 -4.70 61.62
CA LEU A 339 -4.04 -5.69 60.55
C LEU A 339 -5.33 -5.76 59.74
N CYS A 340 -6.47 -5.70 60.42
CA CYS A 340 -7.75 -5.71 59.72
C CYS A 340 -7.97 -4.41 58.96
N HIS A 341 -7.49 -3.29 59.51
CA HIS A 341 -7.56 -2.02 58.79
C HIS A 341 -6.79 -2.09 57.49
N LEU A 342 -5.63 -2.75 57.51
CA LEU A 342 -4.88 -2.94 56.28
C LEU A 342 -5.56 -3.92 55.35
N LEU A 343 -6.15 -4.98 55.90
CA LEU A 343 -6.90 -5.93 55.09
C LEU A 343 -8.02 -5.24 54.33
N GLN A 344 -8.76 -4.36 55.01
CA GLN A 344 -9.82 -3.63 54.32
C GLN A 344 -9.27 -2.54 53.42
N TYR A 345 -8.12 -1.94 53.77
CA TYR A 345 -7.47 -0.99 52.87
C TYR A 345 -7.06 -1.67 51.57
N PHE A 346 -6.82 -2.98 51.62
CA PHE A 346 -6.56 -3.74 50.41
C PHE A 346 -7.86 -4.17 49.74
N LEU A 347 -8.91 -4.41 50.53
CA LEU A 347 -10.17 -4.89 49.99
C LEU A 347 -10.92 -3.79 49.25
N LYS A 348 -11.29 -2.73 49.95
CA LYS A 348 -12.07 -1.66 49.33
C LYS A 348 -11.20 -0.83 48.38
N PHE A 349 -10.00 -0.48 48.80
CA PHE A 349 -9.08 0.24 47.94
C PHE A 349 -8.24 -0.78 47.17
N VAL A 350 -7.16 -0.33 46.53
CA VAL A 350 -6.30 -1.19 45.73
C VAL A 350 -7.13 -1.82 44.63
N PRO A 351 -7.60 -1.06 43.64
CA PRO A 351 -8.34 -1.66 42.53
C PRO A 351 -7.51 -2.74 41.86
N ALA A 352 -8.08 -3.95 41.79
CA ALA A 352 -7.37 -5.09 41.24
C ALA A 352 -6.88 -4.81 39.82
N GLY A 353 -5.60 -5.10 39.58
CA GLY A 353 -4.98 -4.80 38.32
C GLY A 353 -3.82 -3.83 38.45
N TYR A 354 -3.97 -2.82 39.30
CA TYR A 354 -2.82 -2.00 39.68
C TYR A 354 -1.83 -2.82 40.49
N GLU A 355 -2.35 -3.57 41.46
CA GLU A 355 -1.59 -4.63 42.12
C GLU A 355 -1.67 -5.87 41.24
N SER A 356 -1.33 -7.04 41.79
CA SER A 356 -1.47 -8.29 41.06
C SER A 356 -2.86 -8.40 40.46
N ALA A 357 -2.97 -9.17 39.37
CA ALA A 357 -4.20 -9.25 38.60
C ALA A 357 -5.36 -9.75 39.45
N LEU A 358 -6.57 -9.60 38.89
CA LEU A 358 -7.79 -9.82 39.66
C LEU A 358 -7.86 -11.22 40.24
N GLN A 359 -7.75 -12.25 39.40
CA GLN A 359 -7.92 -13.63 39.81
C GLN A 359 -7.05 -14.02 40.99
N VAL A 360 -5.75 -13.69 40.93
CA VAL A 360 -4.84 -14.07 41.99
C VAL A 360 -5.19 -13.33 43.28
N ARG A 361 -5.50 -12.04 43.19
CA ARG A 361 -5.90 -11.29 44.37
C ARG A 361 -7.16 -11.88 44.99
N LYS A 362 -8.11 -12.29 44.16
CA LYS A 362 -9.35 -12.86 44.68
C LYS A 362 -9.11 -14.21 45.34
N VAL A 363 -8.21 -15.01 44.78
CA VAL A 363 -7.88 -16.30 45.41
C VAL A 363 -7.21 -16.06 46.76
N TYR A 364 -6.25 -15.13 46.81
CA TYR A 364 -5.60 -14.80 48.07
C TYR A 364 -6.59 -14.27 49.08
N VAL A 365 -7.55 -13.46 48.61
CA VAL A 365 -8.56 -12.92 49.51
C VAL A 365 -9.49 -14.00 50.00
N ARG A 366 -9.80 -14.98 49.15
CA ARG A 366 -10.58 -16.13 49.60
C ARG A 366 -9.86 -16.87 50.71
N ASN A 367 -8.56 -17.11 50.53
CA ASN A 367 -7.77 -17.72 51.60
C ASN A 367 -7.82 -16.87 52.86
N ILE A 368 -7.71 -15.55 52.71
CA ILE A 368 -7.65 -14.67 53.87
C ILE A 368 -8.97 -14.69 54.63
N CYS A 369 -10.09 -14.62 53.91
CA CYS A 369 -11.38 -14.59 54.60
C CYS A 369 -11.72 -15.94 55.18
N LYS A 370 -11.29 -17.02 54.53
CA LYS A 370 -11.44 -18.34 55.13
C LYS A 370 -10.67 -18.44 56.44
N ALA A 371 -9.42 -17.96 56.45
CA ALA A 371 -8.63 -17.95 57.67
C ALA A 371 -9.29 -17.07 58.74
N LEU A 372 -9.90 -15.96 58.32
CA LEU A 372 -10.58 -15.09 59.27
C LEU A 372 -11.83 -15.73 59.86
N LEU A 373 -12.63 -16.42 59.05
CA LEU A 373 -13.79 -17.13 59.57
C LEU A 373 -13.37 -18.27 60.49
N ASP A 374 -12.24 -18.91 60.18
CA ASP A 374 -11.70 -19.92 61.09
C ASP A 374 -11.29 -19.28 62.41
N VAL A 375 -10.66 -18.11 62.36
CA VAL A 375 -10.32 -17.39 63.59
C VAL A 375 -11.59 -16.86 64.25
N LEU A 376 -12.64 -16.62 63.47
CA LEU A 376 -13.90 -16.15 64.05
C LEU A 376 -14.50 -17.19 64.98
N GLY A 377 -14.29 -18.47 64.66
CA GLY A 377 -14.78 -19.54 65.53
C GLY A 377 -14.22 -19.49 66.94
N ILE A 378 -13.05 -18.90 67.12
CA ILE A 378 -12.44 -18.74 68.45
C ILE A 378 -11.99 -17.29 68.55
N GLU A 379 -12.84 -16.44 69.11
CA GLU A 379 -12.52 -15.03 69.27
C GLU A 379 -13.45 -14.44 70.33
N VAL A 380 -12.88 -13.93 71.41
CA VAL A 380 -13.69 -13.30 72.45
C VAL A 380 -14.28 -11.99 71.93
N ASP A 381 -13.53 -11.26 71.11
CA ASP A 381 -13.94 -9.97 70.56
C ASP A 381 -13.69 -10.00 69.05
N ALA A 382 -14.77 -10.05 68.28
CA ALA A 382 -14.68 -10.11 66.82
C ALA A 382 -14.52 -8.73 66.21
N GLU A 383 -14.16 -7.74 67.04
CA GLU A 383 -14.07 -6.34 66.65
C GLU A 383 -13.36 -6.13 65.32
N TYR A 384 -12.12 -6.61 65.22
CA TYR A 384 -11.35 -6.41 63.99
C TYR A 384 -12.00 -7.14 62.82
N LEU A 385 -12.42 -8.38 63.05
CA LEU A 385 -13.00 -9.18 61.97
C LEU A 385 -14.27 -8.55 61.42
N LEU A 386 -15.06 -7.92 62.29
CA LEU A 386 -16.36 -7.37 61.93
C LEU A 386 -16.27 -6.45 60.71
N GLY A 387 -15.44 -5.42 60.79
CA GLY A 387 -15.30 -4.47 59.71
C GLY A 387 -14.73 -5.10 58.45
N PRO A 388 -13.60 -5.81 58.60
CA PRO A 388 -12.98 -6.44 57.42
C PRO A 388 -13.89 -7.46 56.76
N LEU A 389 -14.56 -8.31 57.55
CA LEU A 389 -15.51 -9.25 56.96
C LEU A 389 -16.64 -8.50 56.27
N TYR A 390 -17.12 -7.42 56.88
CA TYR A 390 -18.16 -6.62 56.25
C TYR A 390 -17.72 -6.13 54.88
N ALA A 391 -16.49 -5.61 54.78
CA ALA A 391 -15.98 -5.13 53.50
C ALA A 391 -15.85 -6.26 52.49
N ALA A 392 -15.35 -7.42 52.93
CA ALA A 392 -15.19 -8.54 52.03
C ALA A 392 -16.53 -8.99 51.46
N LEU A 393 -17.53 -9.20 52.34
CA LEU A 393 -18.85 -9.60 51.87
C LEU A 393 -19.49 -8.53 50.99
N LYS A 394 -19.26 -7.25 51.31
CA LYS A 394 -19.81 -6.19 50.47
C LYS A 394 -19.22 -6.25 49.07
N MET A 395 -17.90 -6.42 48.98
CA MET A 395 -17.27 -6.53 47.66
C MET A 395 -17.79 -7.74 46.90
N GLU A 396 -17.92 -8.88 47.59
CA GLU A 396 -18.39 -10.09 46.90
C GLU A 396 -19.83 -9.94 46.44
N SER A 397 -20.66 -9.27 47.23
CA SER A 397 -22.04 -9.02 46.81
C SER A 397 -22.09 -8.06 45.63
N MET A 398 -21.19 -7.08 45.61
CA MET A 398 -21.09 -6.21 44.44
C MET A 398 -20.73 -7.00 43.20
N GLU A 399 -19.80 -7.96 43.34
CA GLU A 399 -19.44 -8.80 42.19
C GLU A 399 -20.61 -9.67 41.77
N ILE A 400 -21.38 -10.19 42.73
CA ILE A 400 -22.53 -11.02 42.39
C ILE A 400 -23.59 -10.19 41.66
N ILE A 401 -23.75 -8.92 42.07
CA ILE A 401 -24.69 -8.04 41.39
C ILE A 401 -24.21 -7.74 39.97
N GLU A 402 -22.91 -7.48 39.82
CA GLU A 402 -22.36 -7.30 38.48
C GLU A 402 -22.59 -8.53 37.62
N GLU A 403 -22.52 -9.72 38.21
CA GLU A 403 -22.85 -10.93 37.50
C GLU A 403 -24.32 -10.96 37.12
N ILE A 404 -25.18 -10.42 37.99
CA ILE A 404 -26.61 -10.37 37.68
C ILE A 404 -26.87 -9.53 36.44
N GLN A 405 -26.07 -8.48 36.24
CA GLN A 405 -26.18 -7.68 35.03
C GLN A 405 -25.64 -8.47 33.84
N CYS A 406 -26.43 -8.53 32.77
CA CYS A 406 -26.05 -9.29 31.59
C CYS A 406 -26.81 -8.82 30.36
N HIS A 446 -34.67 -15.41 42.09
CA HIS A 446 -33.97 -14.91 43.28
C HIS A 446 -32.53 -15.39 43.29
N VAL A 447 -31.69 -14.69 44.05
CA VAL A 447 -30.29 -15.04 44.25
C VAL A 447 -30.01 -15.09 45.74
N ASP A 448 -29.41 -16.18 46.20
CA ASP A 448 -28.98 -16.34 47.58
C ASP A 448 -27.46 -16.21 47.64
N MET A 449 -26.97 -15.50 48.66
CA MET A 449 -25.53 -15.32 48.79
C MET A 449 -24.83 -16.63 49.10
N ASN A 450 -25.49 -17.55 49.80
CA ASN A 450 -24.90 -18.84 50.10
C ASN A 450 -24.79 -19.74 48.88
N GLN A 451 -25.40 -19.36 47.77
CA GLN A 451 -25.30 -20.17 46.55
C GLN A 451 -24.01 -19.88 45.81
N LYS A 452 -23.71 -18.60 45.56
CA LYS A 452 -22.59 -18.21 44.72
C LYS A 452 -21.33 -17.93 45.55
N SER A 453 -21.47 -17.15 46.62
CA SER A 453 -20.32 -16.80 47.45
C SER A 453 -20.05 -17.91 48.45
N ILE A 454 -18.90 -18.58 48.30
CA ILE A 454 -18.54 -19.63 49.25
C ILE A 454 -18.23 -19.04 50.62
N LEU A 455 -17.81 -17.78 50.67
CA LEU A 455 -17.47 -17.16 51.95
C LEU A 455 -18.69 -17.04 52.84
N TRP A 456 -19.79 -16.50 52.30
CA TRP A 456 -21.01 -16.40 53.10
C TRP A 456 -21.60 -17.77 53.40
N SER A 457 -21.42 -18.74 52.49
CA SER A 457 -21.84 -20.10 52.79
C SER A 457 -21.10 -20.64 54.01
N ALA A 458 -19.78 -20.46 54.05
CA ALA A 458 -19.00 -20.92 55.20
C ALA A 458 -19.36 -20.14 56.46
N LEU A 459 -19.66 -18.85 56.31
CA LEU A 459 -20.07 -18.06 57.47
C LEU A 459 -21.39 -18.57 58.04
N LYS A 460 -22.36 -18.85 57.16
CA LYS A 460 -23.63 -19.40 57.61
C LYS A 460 -23.43 -20.76 58.26
N GLN A 461 -22.56 -21.59 57.68
CA GLN A 461 -22.27 -22.89 58.29
C GLN A 461 -21.67 -22.73 59.68
N LYS A 462 -20.75 -21.77 59.84
CA LYS A 462 -20.16 -21.52 61.14
C LYS A 462 -21.21 -21.06 62.13
N ALA A 463 -22.13 -20.19 61.70
CA ALA A 463 -23.19 -19.74 62.58
C ALA A 463 -24.09 -20.89 63.00
N GLU A 464 -24.45 -21.77 62.06
CA GLU A 464 -25.27 -22.93 62.39
C GLU A 464 -24.57 -23.84 63.39
N SER A 465 -23.28 -24.10 63.18
CA SER A 465 -22.52 -24.93 64.09
C SER A 465 -22.44 -24.29 65.47
N LEU A 466 -22.26 -22.97 65.52
CA LEU A 466 -22.20 -22.29 66.81
C LEU A 466 -23.53 -22.38 67.54
N GLN A 467 -24.64 -22.24 66.81
CA GLN A 467 -25.96 -22.38 67.43
C GLN A 467 -26.17 -23.79 67.96
N ILE A 468 -25.82 -24.79 67.17
CA ILE A 468 -26.02 -26.18 67.57
C ILE A 468 -25.17 -26.50 68.79
N SER A 469 -23.93 -26.00 68.82
CA SER A 469 -23.09 -26.19 69.99
C SER A 469 -23.65 -25.46 71.20
N LEU A 470 -24.25 -24.28 70.98
CA LEU A 470 -24.87 -23.55 72.08
C LEU A 470 -26.02 -24.35 72.67
N GLU A 471 -26.79 -25.03 71.82
CA GLU A 471 -27.89 -25.85 72.33
C GLU A 471 -27.37 -27.06 73.09
N TYR A 472 -26.57 -27.90 72.43
CA TYR A 472 -26.16 -29.16 73.02
C TYR A 472 -25.25 -28.96 74.22
N SER A 473 -24.22 -28.12 74.08
CA SER A 473 -23.26 -27.96 75.17
C SER A 473 -23.85 -27.25 76.37
N GLY A 474 -24.90 -26.45 76.17
CA GLY A 474 -25.53 -25.78 77.29
C GLY A 474 -24.58 -24.85 78.00
N LEU A 475 -24.12 -25.26 79.18
CA LEU A 475 -23.12 -24.50 79.93
C LEU A 475 -21.70 -24.76 79.43
N LYS A 476 -21.46 -25.89 78.77
CA LYS A 476 -20.10 -26.30 78.45
C LYS A 476 -19.41 -25.29 77.54
N ASN A 477 -20.12 -24.79 76.53
CA ASN A 477 -19.52 -23.80 75.66
C ASN A 477 -19.34 -22.48 76.42
N PRO A 478 -18.36 -21.67 76.05
CA PRO A 478 -18.20 -20.38 76.73
C PRO A 478 -18.96 -19.28 76.01
N VAL A 479 -19.40 -18.29 76.78
CA VAL A 479 -20.06 -17.13 76.20
C VAL A 479 -19.17 -16.38 75.23
N ILE A 480 -17.85 -16.58 75.31
CA ILE A 480 -16.90 -16.00 74.38
C ILE A 480 -16.55 -17.04 73.34
N GLU A 481 -16.48 -16.60 72.08
CA GLU A 481 -16.03 -17.42 70.95
C GLU A 481 -17.04 -18.48 70.56
N MET A 482 -18.14 -18.62 71.31
CA MET A 482 -19.17 -19.57 70.94
C MET A 482 -20.53 -18.89 70.81
N LEU A 483 -20.79 -17.89 71.64
CA LEU A 483 -21.99 -17.07 71.54
C LEU A 483 -21.68 -15.72 70.91
N GLU A 484 -20.57 -15.10 71.31
CA GLU A 484 -20.12 -13.87 70.70
C GLU A 484 -19.85 -14.07 69.21
N GLY A 485 -19.35 -15.25 68.86
CA GLY A 485 -19.09 -15.54 67.46
C GLY A 485 -20.34 -15.53 66.62
N ILE A 486 -21.36 -16.27 67.05
CA ILE A 486 -22.61 -16.31 66.28
C ILE A 486 -23.31 -14.96 66.33
N ALA A 487 -23.12 -14.22 67.43
CA ALA A 487 -23.66 -12.86 67.50
C ALA A 487 -23.05 -11.98 66.41
N VAL A 488 -21.73 -11.99 66.31
CA VAL A 488 -21.06 -11.20 65.27
C VAL A 488 -21.46 -11.71 63.89
N VAL A 489 -21.68 -13.01 63.76
CA VAL A 489 -22.06 -13.57 62.47
C VAL A 489 -23.42 -13.03 62.03
N LEU A 490 -24.42 -13.10 62.92
CA LEU A 490 -25.72 -12.55 62.58
C LEU A 490 -25.67 -11.04 62.41
N GLN A 491 -24.78 -10.36 63.13
CA GLN A 491 -24.64 -8.92 62.96
C GLN A 491 -24.13 -8.59 61.57
N LEU A 492 -23.09 -9.31 61.13
CA LEU A 492 -22.60 -9.13 59.77
C LEU A 492 -23.68 -9.48 58.76
N THR A 493 -24.47 -10.52 59.05
CA THR A 493 -25.58 -10.89 58.17
C THR A 493 -26.53 -9.71 57.99
N ALA A 494 -26.97 -9.11 59.09
CA ALA A 494 -27.92 -8.01 59.02
C ALA A 494 -27.30 -6.81 58.32
N LEU A 495 -26.06 -6.50 58.68
CA LEU A 495 -25.32 -5.40 58.03
C LEU A 495 -25.38 -5.67 56.53
N CYS A 496 -25.01 -6.87 56.07
CA CYS A 496 -25.02 -7.25 54.64
C CYS A 496 -26.44 -7.29 54.04
N THR A 497 -27.44 -7.75 54.76
CA THR A 497 -28.80 -7.82 54.21
C THR A 497 -29.22 -6.39 53.97
N VAL A 498 -28.68 -5.45 54.74
CA VAL A 498 -29.12 -4.06 54.71
C VAL A 498 -28.45 -3.33 53.55
N HIS A 499 -27.14 -3.53 53.40
CA HIS A 499 -26.35 -2.80 52.41
C HIS A 499 -26.05 -3.63 51.17
N CYS A 500 -25.61 -4.88 51.33
CA CYS A 500 -25.20 -5.67 50.19
C CYS A 500 -26.35 -6.00 49.24
N SER A 501 -27.59 -5.77 49.66
CA SER A 501 -28.73 -6.11 48.81
C SER A 501 -28.65 -5.40 47.46
N HIS A 502 -28.10 -4.18 47.44
CA HIS A 502 -27.95 -3.44 46.20
C HIS A 502 -26.83 -2.41 46.31
N PRO A 521 -36.54 -9.75 41.51
CA PRO A 521 -36.34 -11.01 42.24
C PRO A 521 -34.89 -11.48 42.24
N SER A 522 -34.31 -11.65 41.05
CA SER A 522 -32.93 -12.10 40.93
C SER A 522 -31.92 -11.07 41.43
N VAL A 523 -32.37 -9.86 41.79
CA VAL A 523 -31.45 -8.85 42.28
C VAL A 523 -31.33 -8.86 43.79
N VAL A 524 -32.43 -9.09 44.51
CA VAL A 524 -32.40 -9.11 45.97
C VAL A 524 -31.73 -10.39 46.45
N ILE A 525 -30.98 -10.29 47.54
CA ILE A 525 -30.16 -11.38 48.04
C ILE A 525 -30.59 -11.71 49.46
N THR A 526 -30.85 -12.99 49.71
CA THR A 526 -31.06 -13.50 51.06
C THR A 526 -29.74 -14.03 51.60
N TRP A 527 -29.54 -13.85 52.91
CA TRP A 527 -28.32 -14.28 53.57
C TRP A 527 -28.52 -15.41 54.56
N MET A 528 -29.68 -15.48 55.23
CA MET A 528 -29.97 -16.55 56.18
C MET A 528 -31.48 -16.62 56.36
N SER A 529 -31.97 -17.80 56.70
CA SER A 529 -33.39 -17.98 56.93
C SER A 529 -33.81 -17.31 58.24
N LEU A 530 -34.98 -16.66 58.22
CA LEU A 530 -35.49 -16.06 59.45
C LEU A 530 -35.81 -17.13 60.48
N ASP A 531 -36.15 -18.33 60.04
CA ASP A 531 -36.34 -19.45 60.98
C ASP A 531 -35.07 -19.73 61.75
N PHE A 532 -33.90 -19.58 61.12
CA PHE A 532 -32.65 -19.71 61.86
C PHE A 532 -32.57 -18.67 62.97
N TYR A 533 -32.99 -17.43 62.69
CA TYR A 533 -33.00 -16.41 63.73
C TYR A 533 -33.99 -16.74 64.83
N THR A 534 -35.13 -17.35 64.49
CA THR A 534 -36.07 -17.77 65.52
C THR A 534 -35.47 -18.87 66.39
N LYS A 535 -34.72 -19.79 65.78
CA LYS A 535 -34.00 -20.78 66.56
C LYS A 535 -32.99 -20.13 67.49
N VAL A 536 -32.27 -19.14 66.99
CA VAL A 536 -31.34 -18.40 67.84
C VAL A 536 -32.08 -17.74 69.00
N LEU A 537 -33.26 -17.19 68.73
CA LEU A 537 -34.04 -16.54 69.77
C LEU A 537 -34.42 -17.54 70.86
N LYS A 538 -34.99 -18.69 70.46
CA LYS A 538 -35.34 -19.70 71.45
C LYS A 538 -34.12 -20.17 72.22
N SER A 539 -33.00 -20.37 71.52
CA SER A 539 -31.81 -20.92 72.17
C SER A 539 -31.24 -19.93 73.17
N CYS A 540 -31.25 -18.62 72.85
CA CYS A 540 -30.73 -17.66 73.81
C CYS A 540 -31.71 -17.45 74.95
N ARG A 541 -33.01 -17.55 74.68
CA ARG A 541 -34.00 -17.52 75.76
C ARG A 541 -33.71 -18.65 76.76
N SER A 542 -33.40 -19.84 76.26
CA SER A 542 -33.08 -20.94 77.15
C SER A 542 -31.71 -20.74 77.80
N LEU A 543 -30.75 -20.17 77.06
CA LEU A 543 -29.38 -20.06 77.55
C LEU A 543 -29.24 -19.01 78.64
N LEU A 544 -29.88 -17.85 78.51
CA LEU A 544 -29.84 -16.86 79.57
C LEU A 544 -30.27 -17.45 80.90
N GLU A 545 -31.21 -18.39 80.88
CA GLU A 545 -31.52 -19.16 82.08
C GLU A 545 -30.44 -20.19 82.38
N SER A 546 -29.86 -20.81 81.36
CA SER A 546 -28.88 -21.86 81.58
C SER A 546 -27.51 -21.30 81.97
N VAL A 547 -27.15 -20.13 81.45
CA VAL A 547 -25.83 -19.58 81.74
C VAL A 547 -25.70 -19.30 83.23
N GLN A 548 -24.47 -19.33 83.72
CA GLN A 548 -24.20 -19.05 85.12
C GLN A 548 -24.57 -17.61 85.45
N LYS A 549 -24.94 -17.38 86.70
CA LYS A 549 -25.48 -16.09 87.11
C LYS A 549 -24.42 -15.00 87.18
N LEU A 550 -23.13 -15.35 87.17
CA LEU A 550 -22.09 -14.34 87.28
C LEU A 550 -21.67 -13.79 85.92
N ASP A 551 -21.74 -14.60 84.86
CA ASP A 551 -21.47 -14.12 83.51
C ASP A 551 -22.68 -13.45 82.86
N LEU A 552 -23.69 -13.11 83.66
CA LEU A 552 -24.93 -12.57 83.12
C LEU A 552 -24.70 -11.24 82.42
N GLU A 553 -23.70 -10.46 82.85
CA GLU A 553 -23.44 -9.17 82.24
C GLU A 553 -23.01 -9.33 80.78
N ALA A 554 -21.93 -10.07 80.55
CA ALA A 554 -21.47 -10.30 79.18
C ALA A 554 -22.51 -11.09 78.39
N THR A 555 -23.24 -11.98 79.06
CA THR A 555 -24.29 -12.74 78.39
C THR A 555 -25.38 -11.83 77.85
N ILE A 556 -25.87 -10.90 78.68
CA ILE A 556 -26.90 -9.98 78.22
C ILE A 556 -26.33 -8.99 77.22
N ASP A 557 -25.03 -8.68 77.31
CA ASP A 557 -24.41 -7.84 76.29
C ASP A 557 -24.48 -8.50 74.92
N LYS A 558 -24.02 -9.76 74.84
CA LYS A 558 -24.11 -10.50 73.58
C LYS A 558 -25.56 -10.67 73.14
N VAL A 559 -26.47 -10.87 74.11
CA VAL A 559 -27.87 -11.06 73.78
C VAL A 559 -28.46 -9.79 73.16
N VAL A 560 -28.20 -8.64 73.77
CA VAL A 560 -28.73 -7.39 73.23
C VAL A 560 -28.01 -6.98 71.96
N LYS A 561 -26.80 -7.47 71.70
CA LYS A 561 -26.19 -7.21 70.41
C LYS A 561 -26.80 -8.09 69.32
N ILE A 562 -27.13 -9.34 69.66
CA ILE A 562 -27.92 -10.16 68.75
C ILE A 562 -29.26 -9.49 68.48
N TYR A 563 -29.85 -8.89 69.51
CA TYR A 563 -31.10 -8.14 69.34
C TYR A 563 -30.88 -6.89 68.50
N ASP A 564 -29.69 -6.28 68.58
CA ASP A 564 -29.35 -5.16 67.70
C ASP A 564 -29.35 -5.61 66.25
N ALA A 565 -28.73 -6.75 65.98
CA ALA A 565 -28.77 -7.32 64.63
C ALA A 565 -30.21 -7.57 64.20
N LEU A 566 -31.01 -8.16 65.09
CA LEU A 566 -32.41 -8.42 64.77
C LEU A 566 -33.17 -7.13 64.51
N ILE A 567 -32.82 -6.06 65.24
CA ILE A 567 -33.52 -4.79 65.09
C ILE A 567 -33.15 -4.13 63.78
N TYR A 568 -31.88 -4.20 63.39
CA TYR A 568 -31.49 -3.72 62.07
C TYR A 568 -32.21 -4.50 60.98
N MET A 569 -32.29 -5.83 61.15
CA MET A 569 -33.01 -6.64 60.18
C MET A 569 -34.49 -6.25 60.11
N GLN A 570 -35.10 -5.96 61.25
CA GLN A 570 -36.50 -5.60 61.28
C GLN A 570 -36.75 -4.24 60.64
N VAL A 571 -35.90 -3.26 60.96
CA VAL A 571 -35.99 -1.95 60.33
C VAL A 571 -35.81 -2.06 58.82
N ASN A 572 -34.96 -2.98 58.37
CA ASN A 572 -34.86 -3.27 56.94
C ASN A 572 -36.19 -3.82 56.42
N SER A 573 -36.62 -4.96 56.95
CA SER A 573 -37.91 -5.55 56.61
C SER A 573 -38.46 -6.25 57.84
N SER A 574 -39.77 -6.17 58.02
CA SER A 574 -40.39 -6.56 59.28
C SER A 574 -40.51 -8.08 59.41
N PHE A 575 -40.49 -8.55 60.66
CA PHE A 575 -40.88 -9.90 60.99
C PHE A 575 -42.39 -9.94 61.16
N GLU A 576 -42.98 -11.09 60.82
CA GLU A 576 -44.39 -11.13 60.45
C GLU A 576 -45.32 -10.58 61.53
N ASP A 577 -45.49 -11.29 62.64
CA ASP A 577 -46.29 -10.74 63.74
C ASP A 577 -45.63 -10.96 65.09
N HIS A 578 -45.02 -12.13 65.28
CA HIS A 578 -44.69 -12.61 66.61
C HIS A 578 -43.23 -12.48 66.98
N ILE A 579 -42.32 -12.66 66.02
CA ILE A 579 -40.90 -12.51 66.31
C ILE A 579 -40.61 -11.13 66.87
N LEU A 580 -41.28 -10.11 66.31
CA LEU A 580 -41.11 -8.75 66.82
C LEU A 580 -41.54 -8.63 68.26
N GLU A 581 -42.70 -9.19 68.60
CA GLU A 581 -43.21 -9.08 69.97
C GLU A 581 -42.32 -9.84 70.93
N ASP A 582 -41.83 -11.01 70.52
CA ASP A 582 -40.95 -11.79 71.39
C ASP A 582 -39.63 -11.07 71.63
N LEU A 583 -39.06 -10.47 70.57
CA LEU A 583 -37.84 -9.69 70.74
C LEU A 583 -38.09 -8.48 71.64
N CYS A 584 -39.23 -7.83 71.45
CA CYS A 584 -39.59 -6.69 72.30
C CYS A 584 -39.65 -7.11 73.76
N GLY A 585 -40.27 -8.26 74.04
CA GLY A 585 -40.34 -8.72 75.42
C GLY A 585 -38.98 -9.08 75.98
N MET A 586 -38.19 -9.82 75.20
CA MET A 586 -36.85 -10.19 75.64
C MET A 586 -35.98 -8.96 75.90
N LEU A 587 -36.20 -7.88 75.16
CA LEU A 587 -35.48 -6.64 75.41
C LEU A 587 -36.00 -5.90 76.64
N SER A 588 -37.33 -5.80 76.79
CA SER A 588 -37.94 -5.10 77.91
C SER A 588 -37.82 -5.87 79.22
N LEU A 589 -37.31 -7.10 79.19
CA LEU A 589 -37.03 -7.86 80.40
C LEU A 589 -36.49 -7.00 81.54
N PRO A 590 -35.53 -6.10 81.33
CA PRO A 590 -35.05 -5.24 82.44
C PRO A 590 -36.18 -4.45 83.07
N TRP A 591 -37.07 -3.90 82.25
CA TRP A 591 -38.23 -3.20 82.78
C TRP A 591 -39.28 -4.18 83.29
N ILE A 592 -39.34 -5.37 82.69
CA ILE A 592 -40.34 -6.37 83.04
C ILE A 592 -40.14 -6.82 84.49
N TYR A 593 -38.88 -6.96 84.91
CA TYR A 593 -38.63 -7.45 86.26
C TYR A 593 -38.66 -6.32 87.29
N SER A 594 -38.19 -5.13 86.91
CA SER A 594 -38.21 -4.01 87.85
C SER A 594 -39.63 -3.68 88.26
N HIS A 595 -40.54 -3.54 87.31
CA HIS A 595 -41.97 -3.42 87.56
C HIS A 595 -42.55 -4.82 87.40
N SER A 596 -42.58 -5.57 88.51
CA SER A 596 -43.02 -6.96 88.46
C SER A 596 -44.44 -7.07 87.90
N ASP A 597 -45.28 -6.09 88.19
CA ASP A 597 -46.60 -5.98 87.57
C ASP A 597 -46.71 -4.64 86.86
N ASP A 598 -47.29 -4.65 85.66
CA ASP A 598 -47.52 -3.43 84.91
C ASP A 598 -48.56 -3.73 83.84
N GLY A 599 -49.71 -3.06 83.94
CA GLY A 599 -50.81 -3.35 83.03
C GLY A 599 -50.41 -3.20 81.57
N CYS A 600 -49.41 -2.37 81.29
CA CYS A 600 -48.91 -2.24 79.92
C CYS A 600 -48.31 -3.56 79.44
N LEU A 601 -47.45 -4.18 80.25
CA LEU A 601 -46.86 -5.46 79.86
C LEU A 601 -47.91 -6.57 79.90
N LYS A 602 -48.87 -6.49 80.82
CA LYS A 602 -49.93 -7.48 80.86
C LYS A 602 -50.84 -7.39 79.64
N LEU A 603 -50.93 -6.21 79.01
CA LEU A 603 -51.64 -6.10 77.74
C LEU A 603 -50.97 -6.93 76.66
N THR A 604 -49.64 -7.01 76.70
CA THR A 604 -48.92 -7.88 75.78
C THR A 604 -49.15 -9.35 76.15
N THR A 605 -49.24 -10.20 75.13
CA THR A 605 -49.51 -11.61 75.37
C THR A 605 -48.39 -12.26 76.17
N PHE A 606 -47.15 -12.09 75.74
CA PHE A 606 -45.99 -12.69 76.41
C PHE A 606 -45.62 -11.79 77.60
N ALA A 607 -46.16 -12.12 78.77
CA ALA A 607 -45.76 -11.46 80.00
C ALA A 607 -45.18 -12.41 81.03
N ALA A 608 -45.90 -13.48 81.36
CA ALA A 608 -45.47 -14.37 82.44
C ALA A 608 -44.18 -15.09 82.12
N ASN A 609 -44.05 -15.59 80.88
CA ASN A 609 -42.80 -16.21 80.46
C ASN A 609 -41.62 -15.25 80.55
N LEU A 610 -41.88 -13.95 80.59
CA LEU A 610 -40.84 -12.95 80.68
C LEU A 610 -40.42 -12.67 82.12
N LEU A 611 -41.35 -12.76 83.07
CA LEU A 611 -41.00 -12.52 84.46
C LEU A 611 -40.05 -13.57 85.01
N THR A 612 -40.01 -14.75 84.38
CA THR A 612 -39.19 -15.83 84.90
C THR A 612 -37.70 -15.63 84.58
N LEU A 613 -37.39 -15.08 83.42
CA LEU A 613 -36.00 -14.81 83.06
C LEU A 613 -35.56 -13.42 83.50
N SER A 614 -36.47 -12.45 83.47
CA SER A 614 -36.12 -11.09 83.84
C SER A 614 -35.76 -11.00 85.32
N CYS A 615 -36.43 -11.78 86.17
CA CYS A 615 -36.14 -11.70 87.60
C CYS A 615 -34.73 -12.14 87.92
N ARG A 616 -34.12 -12.96 87.05
CA ARG A 616 -32.76 -13.41 87.25
C ARG A 616 -31.73 -12.65 86.42
N ILE A 617 -32.15 -11.96 85.35
CA ILE A 617 -31.21 -11.18 84.56
C ILE A 617 -31.20 -9.70 84.90
N SER A 618 -32.25 -9.18 85.53
CA SER A 618 -32.34 -7.74 85.77
C SER A 618 -31.49 -7.29 86.94
N ASP A 619 -31.45 -8.09 88.02
CA ASP A 619 -30.68 -7.70 89.20
C ASP A 619 -29.22 -7.48 88.86
N SER A 620 -28.70 -8.19 87.88
CA SER A 620 -27.34 -8.01 87.40
C SER A 620 -27.28 -7.26 86.07
N TYR A 621 -28.40 -6.75 85.58
CA TYR A 621 -28.41 -6.04 84.31
C TYR A 621 -27.64 -4.73 84.43
N SER A 622 -26.98 -4.35 83.34
CA SER A 622 -26.20 -3.11 83.33
C SER A 622 -27.06 -1.96 82.86
N PRO A 623 -26.97 -0.78 83.48
CA PRO A 623 -27.76 0.37 83.00
C PRO A 623 -27.41 0.77 81.58
N GLN A 624 -26.15 0.58 81.17
CA GLN A 624 -25.79 0.80 79.78
C GLN A 624 -26.53 -0.19 78.87
N ALA A 625 -26.63 -1.44 79.30
CA ALA A 625 -27.46 -2.39 78.58
C ALA A 625 -28.92 -1.95 78.57
N GLN A 626 -29.39 -1.32 79.65
CA GLN A 626 -30.75 -0.81 79.66
C GLN A 626 -30.94 0.29 78.63
N SER A 627 -29.96 1.19 78.50
CA SER A 627 -30.03 2.21 77.46
C SER A 627 -30.02 1.57 76.07
N ARG A 628 -29.23 0.51 75.89
CA ARG A 628 -29.23 -0.20 74.62
C ARG A 628 -30.61 -0.78 74.32
N CYS A 629 -31.25 -1.39 75.32
CA CYS A 629 -32.59 -1.92 75.10
C CYS A 629 -33.59 -0.80 74.82
N VAL A 630 -33.41 0.36 75.45
CA VAL A 630 -34.29 1.49 75.19
C VAL A 630 -34.16 1.93 73.74
N PHE A 631 -32.92 2.02 73.25
CA PHE A 631 -32.70 2.36 71.84
C PHE A 631 -33.34 1.33 70.92
N LEU A 632 -33.14 0.05 71.24
CA LEU A 632 -33.71 -1.02 70.42
C LEU A 632 -35.23 -0.94 70.39
N LEU A 633 -35.84 -0.62 71.54
CA LEU A 633 -37.30 -0.52 71.59
C LEU A 633 -37.79 0.67 70.79
N THR A 634 -37.09 1.81 70.89
CA THR A 634 -37.43 2.95 70.06
C THR A 634 -37.32 2.64 68.58
N LEU A 635 -36.39 1.76 68.21
CA LEU A 635 -36.26 1.35 66.82
C LEU A 635 -37.40 0.45 66.35
N PHE A 636 -38.23 -0.04 67.25
CA PHE A 636 -39.24 -1.01 66.88
C PHE A 636 -40.41 -0.34 66.14
N PRO A 637 -41.24 -1.12 65.45
CA PRO A 637 -42.40 -0.55 64.77
C PRO A 637 -43.49 -0.17 65.75
N ARG A 638 -44.53 0.48 65.22
CA ARG A 638 -45.59 1.01 66.06
C ARG A 638 -46.58 -0.08 66.47
N ARG A 639 -46.92 -0.98 65.55
CA ARG A 639 -47.95 -1.98 65.83
C ARG A 639 -47.58 -2.91 66.96
N ILE A 640 -46.29 -3.03 67.28
CA ILE A 640 -45.83 -3.99 68.28
C ILE A 640 -45.87 -3.28 69.64
N PHE A 641 -47.06 -3.27 70.24
CA PHE A 641 -47.25 -2.77 71.61
C PHE A 641 -46.67 -1.37 71.78
N LEU A 642 -47.18 -0.42 70.97
CA LEU A 642 -46.71 0.96 71.06
C LEU A 642 -46.91 1.53 72.45
N GLU A 643 -48.05 1.22 73.08
CA GLU A 643 -48.30 1.73 74.41
C GLU A 643 -47.38 1.10 75.45
N TRP A 644 -47.08 -0.20 75.29
CA TRP A 644 -46.19 -0.87 76.21
C TRP A 644 -44.79 -0.26 76.14
N ARG A 645 -44.23 -0.17 74.94
CA ARG A 645 -42.91 0.43 74.81
C ARG A 645 -42.91 1.91 75.18
N THR A 646 -44.05 2.59 75.03
CA THR A 646 -44.14 3.97 75.49
C THR A 646 -44.00 4.05 77.00
N ALA A 647 -44.72 3.17 77.71
CA ALA A 647 -44.58 3.11 79.17
C ALA A 647 -43.15 2.75 79.57
N VAL A 648 -42.51 1.85 78.81
CA VAL A 648 -41.13 1.49 79.10
C VAL A 648 -40.20 2.68 78.91
N TYR A 649 -40.40 3.44 77.83
CA TYR A 649 -39.58 4.62 77.59
C TYR A 649 -39.79 5.66 78.68
N ASN A 650 -41.03 5.80 79.17
CA ASN A 650 -41.28 6.70 80.28
C ASN A 650 -40.54 6.24 81.53
N TRP A 651 -40.67 4.95 81.87
CA TRP A 651 -39.98 4.43 83.05
C TRP A 651 -38.48 4.62 82.93
N ALA A 652 -37.93 4.47 81.73
CA ALA A 652 -36.52 4.74 81.51
C ALA A 652 -36.20 6.22 81.63
N LEU A 653 -37.14 7.10 81.27
CA LEU A 653 -36.94 8.52 81.46
C LEU A 653 -36.88 8.88 82.94
N GLN A 654 -37.63 8.13 83.77
CA GLN A 654 -37.51 8.34 85.21
C GLN A 654 -36.24 7.71 85.77
N SER A 655 -35.64 6.76 85.06
CA SER A 655 -34.40 6.16 85.51
C SER A 655 -33.29 7.21 85.56
N SER A 656 -32.50 7.17 86.64
CA SER A 656 -31.49 8.19 86.85
C SER A 656 -30.28 8.00 85.94
N HIS A 657 -30.17 6.87 85.27
CA HIS A 657 -29.02 6.59 84.42
C HIS A 657 -28.95 7.58 83.26
N GLU A 658 -27.86 8.35 83.22
CA GLU A 658 -27.68 9.34 82.17
C GLU A 658 -27.71 8.70 80.79
N VAL A 659 -27.09 7.51 80.67
CA VAL A 659 -27.14 6.79 79.41
C VAL A 659 -28.56 6.37 79.07
N ILE A 660 -29.34 5.97 80.08
CA ILE A 660 -30.73 5.59 79.84
C ILE A 660 -31.53 6.80 79.38
N ARG A 661 -31.28 7.97 79.97
CA ARG A 661 -31.98 9.18 79.56
C ARG A 661 -31.59 9.59 78.14
N ALA A 662 -30.31 9.46 77.79
CA ALA A 662 -29.88 9.77 76.43
C ALA A 662 -30.51 8.80 75.43
N SER A 663 -30.62 7.52 75.82
CA SER A 663 -31.27 6.56 74.93
C SER A 663 -32.75 6.88 74.76
N CYS A 664 -33.43 7.26 75.84
CA CYS A 664 -34.81 7.71 75.72
C CYS A 664 -34.93 8.90 74.78
N VAL A 665 -34.00 9.86 74.91
CA VAL A 665 -34.02 11.01 74.01
C VAL A 665 -33.86 10.56 72.56
N SER A 666 -32.95 9.63 72.31
CA SER A 666 -32.79 9.09 70.97
C SER A 666 -34.02 8.24 70.61
N GLY A 667 -34.38 8.22 69.34
CA GLY A 667 -35.54 7.49 68.88
C GLY A 667 -36.86 8.00 69.42
N PHE A 668 -36.84 8.95 70.36
CA PHE A 668 -38.08 9.51 70.89
C PHE A 668 -38.90 10.19 69.80
N PHE A 669 -38.26 10.69 68.75
CA PHE A 669 -39.02 11.27 67.64
C PHE A 669 -39.93 10.23 66.99
N ILE A 670 -39.35 9.09 66.59
CA ILE A 670 -40.15 8.02 65.99
C ILE A 670 -41.14 7.47 66.99
N LEU A 671 -40.76 7.42 68.27
CA LEU A 671 -41.67 6.91 69.30
C LEU A 671 -42.90 7.79 69.41
N LEU A 672 -42.72 9.11 69.51
CA LEU A 672 -43.85 10.02 69.62
C LEU A 672 -44.65 10.06 68.33
N GLN A 673 -43.98 9.92 67.19
CA GLN A 673 -44.71 9.81 65.92
C GLN A 673 -45.59 8.57 65.91
N GLN A 674 -45.13 7.49 66.53
CA GLN A 674 -45.90 6.26 66.59
C GLN A 674 -47.01 6.31 67.63
N GLN A 675 -46.85 7.12 68.69
CA GLN A 675 -47.83 7.09 69.77
C GLN A 675 -49.13 7.80 69.38
N ASN A 676 -49.08 9.13 69.21
CA ASN A 676 -50.24 9.87 68.75
C ASN A 676 -49.95 10.66 67.48
N SER A 677 -48.93 11.50 67.53
CA SER A 677 -48.59 12.43 66.47
C SER A 677 -47.22 13.04 66.74
N CYS A 678 -46.42 13.20 65.69
CA CYS A 678 -45.06 13.69 65.88
C CYS A 678 -45.01 15.21 65.99
N ASN A 679 -45.91 15.91 65.30
CA ASN A 679 -45.81 17.36 65.17
C ASN A 679 -45.85 18.05 66.53
N ARG A 680 -46.81 17.70 67.36
CA ARG A 680 -46.89 18.27 68.70
C ARG A 680 -45.69 17.85 69.53
N VAL A 681 -44.96 18.83 70.06
CA VAL A 681 -43.77 18.52 70.86
C VAL A 681 -44.18 17.76 72.11
N PRO A 682 -43.43 16.72 72.51
CA PRO A 682 -43.81 15.97 73.70
C PRO A 682 -43.52 16.77 74.97
N LYS A 683 -44.54 16.94 75.80
CA LYS A 683 -44.38 17.63 77.07
C LYS A 683 -43.40 16.92 78.01
N ILE A 684 -43.11 15.65 77.75
CA ILE A 684 -42.03 14.97 78.47
C ILE A 684 -40.68 15.16 77.78
N LEU A 685 -40.67 15.45 76.46
CA LEU A 685 -39.42 15.75 75.80
C LEU A 685 -38.82 17.05 76.33
N ILE A 686 -39.66 18.05 76.59
CA ILE A 686 -39.18 19.28 77.20
C ILE A 686 -38.78 19.08 78.65
N ASP A 687 -39.20 17.99 79.27
CA ASP A 687 -38.62 17.62 80.56
C ASP A 687 -37.16 17.25 80.40
N LYS A 688 -36.78 16.71 79.25
CA LYS A 688 -35.40 16.30 79.02
C LYS A 688 -34.46 17.50 78.88
N VAL A 689 -34.91 18.56 78.21
CA VAL A 689 -34.10 19.76 78.09
C VAL A 689 -33.94 20.47 79.43
N LYS A 690 -34.76 20.10 80.42
CA LYS A 690 -34.65 20.64 81.76
C LYS A 690 -33.67 19.86 82.64
N ASP A 691 -32.76 19.12 82.02
CA ASP A 691 -31.75 18.36 82.74
C ASP A 691 -30.66 17.96 81.77
N ASP A 692 -29.50 17.63 82.32
CA ASP A 692 -28.36 17.13 81.55
C ASP A 692 -28.03 18.06 80.38
N SER A 693 -27.95 19.35 80.69
CA SER A 693 -27.73 20.38 79.68
C SER A 693 -26.43 20.15 78.92
N ASP A 694 -25.57 19.25 79.40
CA ASP A 694 -24.34 18.94 78.70
C ASP A 694 -24.56 17.90 77.61
N ILE A 695 -24.97 16.69 78.00
CA ILE A 695 -25.03 15.57 77.04
C ILE A 695 -26.41 15.53 76.39
N VAL A 696 -27.46 15.82 77.15
CA VAL A 696 -28.80 15.84 76.57
C VAL A 696 -28.90 16.94 75.52
N LYS A 697 -28.06 17.98 75.63
CA LYS A 697 -28.01 18.98 74.57
C LYS A 697 -27.61 18.34 73.24
N LYS A 698 -26.49 17.63 73.23
CA LYS A 698 -26.04 16.94 72.02
C LYS A 698 -27.09 15.94 71.55
N GLU A 699 -27.60 15.13 72.48
CA GLU A 699 -28.57 14.10 72.11
C GLU A 699 -29.82 14.72 71.48
N PHE A 700 -30.34 15.77 72.11
CA PHE A 700 -31.59 16.36 71.65
C PHE A 700 -31.39 17.13 70.36
N ALA A 701 -30.21 17.73 70.17
CA ALA A 701 -29.94 18.39 68.89
C ALA A 701 -29.87 17.39 67.76
N SER A 702 -29.07 16.32 67.95
CA SER A 702 -28.99 15.28 66.94
C SER A 702 -30.36 14.64 66.69
N ILE A 703 -31.18 14.56 67.75
CA ILE A 703 -32.50 13.95 67.61
C ILE A 703 -33.43 14.88 66.86
N LEU A 704 -33.38 16.18 67.15
CA LEU A 704 -34.25 17.14 66.50
C LEU A 704 -33.91 17.26 65.03
N GLY A 705 -32.64 17.06 64.68
CA GLY A 705 -32.27 17.00 63.28
C GLY A 705 -33.14 16.06 62.47
N GLN A 706 -33.54 14.94 63.09
CA GLN A 706 -34.45 14.02 62.42
C GLN A 706 -35.91 14.32 62.79
N LEU A 707 -36.12 14.84 64.00
CA LEU A 707 -37.47 15.09 64.48
C LEU A 707 -38.17 16.17 63.68
N VAL A 708 -37.41 17.05 63.03
CA VAL A 708 -38.02 18.01 62.10
C VAL A 708 -38.80 17.26 61.03
N CYS A 709 -38.13 16.36 60.32
CA CYS A 709 -38.81 15.56 59.30
C CYS A 709 -39.84 14.63 59.92
N THR A 710 -39.60 14.17 61.16
CA THR A 710 -40.57 13.30 61.82
C THR A 710 -41.89 14.01 62.03
N LEU A 711 -41.85 15.23 62.58
CA LEU A 711 -43.04 16.06 62.69
C LEU A 711 -43.60 16.35 61.29
N HIS A 712 -42.72 16.49 60.31
CA HIS A 712 -43.16 16.67 58.93
C HIS A 712 -43.90 15.43 58.44
N GLY A 713 -43.27 14.26 58.55
CA GLY A 713 -43.90 13.02 58.12
C GLY A 713 -43.20 11.81 58.68
N MET A 714 -43.92 10.69 58.67
CA MET A 714 -43.36 9.44 59.14
C MET A 714 -42.16 9.06 58.27
N PHE A 715 -41.04 8.75 58.93
CA PHE A 715 -39.77 8.55 58.25
C PHE A 715 -39.23 7.17 58.55
N TYR A 716 -38.55 6.57 57.57
CA TYR A 716 -37.82 5.34 57.81
C TYR A 716 -36.48 5.65 58.49
N LEU A 717 -36.08 4.79 59.40
CA LEU A 717 -34.91 5.01 60.24
C LEU A 717 -33.80 4.03 59.88
N THR A 718 -32.63 4.28 60.45
CA THR A 718 -31.47 3.40 60.32
C THR A 718 -30.74 3.36 61.66
N SER A 719 -30.33 2.15 62.06
CA SER A 719 -29.63 2.00 63.33
C SER A 719 -28.32 2.79 63.33
N SER A 720 -27.39 2.40 62.47
CA SER A 720 -26.16 3.17 62.32
C SER A 720 -26.36 4.34 61.35
N LEU A 721 -26.64 4.04 60.09
CA LEU A 721 -26.84 5.01 59.03
C LEU A 721 -27.17 4.26 57.75
N THR A 722 -27.49 5.02 56.70
CA THR A 722 -27.62 4.48 55.35
C THR A 722 -26.28 4.31 54.65
N GLU A 723 -25.18 4.38 55.40
CA GLU A 723 -23.83 4.37 54.84
C GLU A 723 -23.00 3.25 55.46
N PRO A 724 -22.03 2.70 54.74
CA PRO A 724 -21.22 1.60 55.30
C PRO A 724 -20.41 2.07 56.50
N PHE A 725 -20.67 1.45 57.65
CA PHE A 725 -20.01 1.85 58.88
C PHE A 725 -18.51 1.68 58.78
N SER A 726 -17.78 2.59 59.43
CA SER A 726 -16.33 2.59 59.44
C SER A 726 -15.76 2.08 60.75
N GLU A 727 -16.18 2.65 61.88
CA GLU A 727 -15.68 2.24 63.20
C GLU A 727 -16.88 2.17 64.15
N HIS A 728 -17.47 0.98 64.25
CA HIS A 728 -18.62 0.77 65.13
C HIS A 728 -18.69 -0.67 65.61
N VAL A 771 -22.98 20.19 73.79
CA VAL A 771 -22.04 21.30 73.90
C VAL A 771 -22.51 22.47 73.06
N LYS A 772 -21.68 23.50 72.98
CA LYS A 772 -22.03 24.70 72.21
C LYS A 772 -22.22 24.36 70.75
N LEU A 773 -21.16 23.90 70.09
CA LEU A 773 -21.26 23.52 68.68
C LEU A 773 -22.19 22.32 68.51
N ALA A 774 -22.19 21.40 69.47
CA ALA A 774 -23.09 20.26 69.41
C ALA A 774 -24.55 20.69 69.32
N PHE A 775 -24.91 21.79 69.98
CA PHE A 775 -26.23 22.36 69.79
C PHE A 775 -26.43 22.98 68.42
N ILE A 776 -25.33 23.20 67.68
CA ILE A 776 -25.42 23.82 66.37
C ILE A 776 -25.25 22.84 65.22
N ASP A 777 -25.35 21.53 65.47
CA ASP A 777 -25.12 20.55 64.41
C ASP A 777 -26.28 20.52 63.41
N ASN A 778 -27.50 20.29 63.89
CA ASN A 778 -28.63 20.01 63.02
C ASN A 778 -29.10 21.22 62.23
N LEU A 779 -28.57 22.41 62.52
CA LEU A 779 -29.11 23.67 61.99
C LEU A 779 -29.47 23.65 60.50
N HIS A 780 -28.57 23.15 59.66
CA HIS A 780 -28.84 23.19 58.22
C HIS A 780 -30.07 22.36 57.86
N HIS A 781 -30.11 21.10 58.33
CA HIS A 781 -31.25 20.25 58.04
C HIS A 781 -32.52 20.80 58.67
N LEU A 782 -32.41 21.32 59.89
CA LEU A 782 -33.57 21.88 60.59
C LEU A 782 -34.17 23.05 59.81
N CYS A 783 -33.35 24.04 59.45
CA CYS A 783 -33.86 25.17 58.69
C CYS A 783 -34.31 24.77 57.30
N LYS A 784 -33.73 23.70 56.74
CA LYS A 784 -34.24 23.17 55.48
C LYS A 784 -35.64 22.61 55.64
N HIS A 785 -35.91 21.99 56.79
CA HIS A 785 -37.23 21.39 57.02
C HIS A 785 -38.16 22.31 57.78
N LEU A 786 -37.66 23.44 58.29
CA LEU A 786 -38.47 24.33 59.09
C LEU A 786 -39.46 25.11 58.24
N ASP A 787 -40.67 25.29 58.76
CA ASP A 787 -41.71 26.08 58.11
C ASP A 787 -41.77 27.51 58.65
N PHE A 788 -40.65 28.05 59.12
CA PHE A 788 -40.63 29.39 59.70
C PHE A 788 -40.65 30.50 58.65
N ARG A 789 -40.83 30.15 57.37
CA ARG A 789 -40.94 31.19 56.34
C ARG A 789 -42.13 32.10 56.59
N GLU A 790 -43.22 31.55 57.10
CA GLU A 790 -44.40 32.32 57.48
C GLU A 790 -44.35 32.60 58.98
N ASP A 791 -45.36 33.31 59.51
CA ASP A 791 -45.34 33.74 60.94
C ASP A 791 -44.24 34.82 61.04
N GLU A 792 -44.53 36.05 60.63
CA GLU A 792 -43.51 37.13 60.60
C GLU A 792 -42.96 37.46 61.99
N THR A 793 -43.78 37.50 63.04
CA THR A 793 -43.36 37.95 64.39
C THR A 793 -42.60 36.87 65.14
N ASP A 794 -43.16 35.67 65.31
CA ASP A 794 -42.55 34.60 66.10
C ASP A 794 -41.32 34.03 65.39
N VAL A 795 -41.37 33.91 64.07
CA VAL A 795 -40.19 33.48 63.32
C VAL A 795 -39.08 34.52 63.43
N LYS A 796 -39.46 35.80 63.51
CA LYS A 796 -38.46 36.85 63.73
C LYS A 796 -37.79 36.68 65.08
N ALA A 797 -38.56 36.34 66.11
CA ALA A 797 -37.99 36.11 67.43
C ALA A 797 -37.09 34.87 67.43
N VAL A 798 -37.48 33.84 66.70
CA VAL A 798 -36.65 32.64 66.61
C VAL A 798 -35.33 32.97 65.91
N LEU A 799 -35.40 33.72 64.81
CA LEU A 799 -34.18 34.14 64.13
C LEU A 799 -33.34 35.06 65.00
N GLY A 800 -33.98 35.86 65.86
CA GLY A 800 -33.22 36.68 66.79
C GLY A 800 -32.49 35.85 67.82
N THR A 801 -33.12 34.79 68.31
CA THR A 801 -32.43 33.85 69.18
C THR A 801 -31.26 33.20 68.44
N LEU A 802 -31.45 32.84 67.17
CA LEU A 802 -30.35 32.29 66.38
C LEU A 802 -29.21 33.28 66.25
N LEU A 803 -29.52 34.56 66.06
CA LEU A 803 -28.49 35.58 65.96
C LEU A 803 -27.77 35.80 67.29
N ASN A 804 -28.52 35.72 68.40
CA ASN A 804 -27.87 35.76 69.71
C ASN A 804 -26.90 34.61 69.88
N LEU A 805 -27.30 33.41 69.44
CA LEU A 805 -26.38 32.29 69.42
C LEU A 805 -25.16 32.59 68.56
N MET A 806 -25.37 33.24 67.43
CA MET A 806 -24.26 33.67 66.60
C MET A 806 -23.35 34.64 67.34
N GLU A 807 -23.92 35.40 68.27
CA GLU A 807 -23.14 36.34 69.07
C GLU A 807 -22.39 35.67 70.21
N ASP A 808 -22.54 34.36 70.39
CA ASP A 808 -21.89 33.68 71.50
C ASP A 808 -20.37 33.76 71.33
N PRO A 809 -19.61 33.88 72.42
CA PRO A 809 -18.16 34.05 72.29
C PRO A 809 -17.44 32.75 71.94
N ASP A 810 -18.18 31.66 71.84
CA ASP A 810 -17.59 30.37 71.50
C ASP A 810 -17.13 30.36 70.05
N LYS A 811 -15.85 30.05 69.85
CA LYS A 811 -15.27 30.11 68.50
C LYS A 811 -15.89 29.06 67.59
N ASP A 812 -16.16 27.86 68.12
CA ASP A 812 -16.77 26.82 67.31
C ASP A 812 -18.12 27.24 66.77
N VAL A 813 -18.93 27.91 67.59
CA VAL A 813 -20.19 28.46 67.10
C VAL A 813 -19.93 29.53 66.06
N ARG A 814 -19.05 30.48 66.36
CA ARG A 814 -18.69 31.53 65.43
C ARG A 814 -17.98 31.00 64.18
N VAL A 815 -17.77 29.70 64.08
CA VAL A 815 -17.11 29.11 62.92
C VAL A 815 -18.11 28.28 62.12
N ALA A 816 -18.98 27.55 62.83
CA ALA A 816 -19.90 26.63 62.16
C ALA A 816 -21.28 27.26 62.01
N PHE A 817 -21.86 27.73 63.12
CA PHE A 817 -23.11 28.46 63.03
C PHE A 817 -22.97 29.68 62.13
N SER A 818 -21.80 30.30 62.14
CA SER A 818 -21.42 31.26 61.11
C SER A 818 -21.06 30.49 59.86
N GLY A 819 -21.59 30.93 58.72
CA GLY A 819 -21.43 30.22 57.47
C GLY A 819 -22.55 29.26 57.14
N ASN A 820 -23.15 28.63 58.15
CA ASN A 820 -24.34 27.81 57.91
C ASN A 820 -25.59 28.64 57.72
N ILE A 821 -25.55 29.93 58.07
CA ILE A 821 -26.68 30.83 57.85
C ILE A 821 -27.08 30.88 56.38
N LYS A 822 -26.21 30.45 55.47
CA LYS A 822 -26.57 30.38 54.06
C LYS A 822 -27.81 29.51 53.85
N HIS A 823 -27.85 28.35 54.52
CA HIS A 823 -29.02 27.49 54.40
C HIS A 823 -30.26 28.16 54.97
N ILE A 824 -30.10 28.89 56.07
CA ILE A 824 -31.24 29.58 56.69
C ILE A 824 -31.80 30.63 55.75
N LEU A 825 -30.91 31.36 55.07
CA LEU A 825 -31.38 32.39 54.15
C LEU A 825 -31.99 31.78 52.90
N GLU A 826 -31.40 30.69 52.40
CA GLU A 826 -31.98 30.00 51.25
C GLU A 826 -33.37 29.47 51.57
N SER A 827 -33.58 28.99 52.79
CA SER A 827 -34.90 28.55 53.21
C SER A 827 -35.85 29.70 53.47
N LEU A 828 -35.35 30.91 53.65
CA LEU A 828 -36.19 32.07 53.90
C LEU A 828 -36.62 32.71 52.59
N ASP A 829 -37.81 33.32 52.61
CA ASP A 829 -38.37 33.96 51.44
C ASP A 829 -38.13 35.47 51.42
N SER A 830 -38.35 36.13 52.55
CA SER A 830 -38.19 37.58 52.67
C SER A 830 -36.92 37.87 53.45
N GLU A 831 -35.84 38.17 52.73
CA GLU A 831 -34.60 38.59 53.39
C GLU A 831 -34.63 40.06 53.80
N ASP A 832 -35.51 40.85 53.20
CA ASP A 832 -35.60 42.27 53.48
C ASP A 832 -36.65 42.52 54.56
N GLY A 833 -36.94 43.78 54.82
CA GLY A 833 -37.98 44.11 55.79
C GLY A 833 -37.55 43.76 57.19
N PHE A 834 -38.40 42.97 57.87
CA PHE A 834 -38.10 42.60 59.25
C PHE A 834 -36.82 41.78 59.34
N ILE A 835 -36.60 40.89 58.38
CA ILE A 835 -35.40 40.05 58.42
C ILE A 835 -34.15 40.89 58.23
N LYS A 836 -34.15 41.75 57.21
CA LYS A 836 -33.00 42.63 56.98
C LYS A 836 -32.74 43.50 58.20
N GLU A 837 -33.81 44.07 58.77
CA GLU A 837 -33.65 44.86 59.98
C GLU A 837 -32.98 44.04 61.08
N LEU A 838 -33.65 43.00 61.54
CA LEU A 838 -33.14 42.11 62.58
C LEU A 838 -31.68 41.76 62.37
N PHE A 839 -31.32 41.36 61.15
CA PHE A 839 -29.93 41.00 60.86
C PHE A 839 -29.01 42.19 61.07
N VAL A 840 -29.37 43.34 60.51
CA VAL A 840 -28.52 44.52 60.59
C VAL A 840 -28.36 44.96 62.04
N LEU A 841 -29.46 44.94 62.79
CA LEU A 841 -29.46 45.36 64.18
C LEU A 841 -28.59 44.44 65.02
N ARG A 842 -28.75 43.13 64.85
CA ARG A 842 -27.92 42.17 65.58
C ARG A 842 -26.44 42.36 65.25
N MET A 843 -26.14 42.55 63.96
CA MET A 843 -24.75 42.79 63.57
C MET A 843 -24.20 44.08 64.16
N LYS A 844 -25.00 45.15 64.20
CA LYS A 844 -24.53 46.41 64.73
C LYS A 844 -24.27 46.32 66.23
N GLU A 845 -25.20 45.70 66.98
CA GLU A 845 -24.99 45.58 68.40
C GLU A 845 -23.82 44.64 68.71
N ALA A 846 -23.65 43.58 67.92
CA ALA A 846 -22.49 42.72 68.09
C ALA A 846 -21.20 43.47 67.82
N TYR A 847 -21.19 44.34 66.80
CA TYR A 847 -20.02 45.14 66.51
C TYR A 847 -19.72 46.12 67.65
N THR A 848 -20.77 46.72 68.21
CA THR A 848 -20.56 47.62 69.35
C THR A 848 -19.99 46.86 70.54
N HIS A 849 -20.51 45.66 70.82
CA HIS A 849 -19.96 44.85 71.89
C HIS A 849 -18.52 44.47 71.60
N ALA A 850 -18.18 44.24 70.33
CA ALA A 850 -16.80 43.91 69.97
C ALA A 850 -15.87 45.09 70.21
N GLN A 851 -16.30 46.29 69.82
CA GLN A 851 -15.48 47.48 70.08
C GLN A 851 -15.34 47.71 71.58
N ILE A 852 -16.40 47.45 72.35
CA ILE A 852 -16.33 47.61 73.80
C ILE A 852 -15.32 46.64 74.39
N SER A 853 -15.40 45.37 73.97
CA SER A 853 -14.46 44.35 74.42
C SER A 853 -13.05 44.62 73.94
N ARG A 854 -12.89 45.40 72.87
CA ARG A 854 -11.60 45.68 72.23
C ARG A 854 -10.92 44.40 71.76
N ASN A 855 -11.66 43.29 71.74
CA ASN A 855 -11.15 42.02 71.25
C ASN A 855 -11.32 42.00 69.73
N ASN A 856 -10.22 42.15 69.01
CA ASN A 856 -10.29 42.10 67.55
C ASN A 856 -10.85 40.78 67.07
N GLU A 857 -10.63 39.69 67.83
CA GLU A 857 -11.07 38.37 67.39
C GLU A 857 -12.59 38.27 67.30
N LEU A 858 -13.29 38.86 68.28
CA LEU A 858 -14.75 38.89 68.20
C LEU A 858 -15.20 39.66 66.95
N LYS A 859 -14.53 40.77 66.66
CA LYS A 859 -14.84 41.52 65.46
C LYS A 859 -14.58 40.69 64.20
N ASP A 860 -13.53 39.86 64.22
CA ASP A 860 -13.24 39.04 63.05
C ASP A 860 -14.27 37.93 62.89
N THR A 861 -14.72 37.35 63.99
CA THR A 861 -15.79 36.36 63.92
C THR A 861 -17.05 36.99 63.35
N LEU A 862 -17.40 38.18 63.81
CA LEU A 862 -18.55 38.89 63.25
C LEU A 862 -18.35 39.21 61.78
N ILE A 863 -17.13 39.57 61.40
CA ILE A 863 -16.84 39.92 60.01
C ILE A 863 -16.99 38.69 59.12
N LEU A 864 -16.51 37.53 59.60
CA LEU A 864 -16.68 36.30 58.85
C LEU A 864 -18.15 35.95 58.70
N THR A 865 -18.92 36.09 59.79
CA THR A 865 -20.35 35.83 59.72
C THR A 865 -21.01 36.73 58.70
N THR A 866 -20.64 38.02 58.68
CA THR A 866 -21.22 38.96 57.74
C THR A 866 -20.83 38.61 56.30
N GLY A 867 -19.58 38.19 56.10
CA GLY A 867 -19.18 37.77 54.77
C GLY A 867 -19.95 36.57 54.29
N ASP A 868 -20.18 35.61 55.17
CA ASP A 868 -21.02 34.46 54.81
C ASP A 868 -22.43 34.91 54.47
N ILE A 869 -22.98 35.82 55.26
CA ILE A 869 -24.32 36.37 54.98
C ILE A 869 -24.35 36.97 53.58
N GLY A 870 -23.36 37.81 53.27
CA GLY A 870 -23.33 38.46 51.96
C GLY A 870 -23.20 37.46 50.82
N ARG A 871 -22.33 36.46 50.99
CA ARG A 871 -22.18 35.44 49.96
C ARG A 871 -23.45 34.63 49.80
N ALA A 872 -24.25 34.52 50.86
CA ALA A 872 -25.49 33.76 50.81
C ALA A 872 -26.61 34.57 50.15
N ALA A 873 -26.83 35.79 50.63
CA ALA A 873 -27.98 36.58 50.21
C ALA A 873 -27.91 36.92 48.73
N LYS A 874 -29.06 37.31 48.19
CA LYS A 874 -29.16 37.78 46.82
C LYS A 874 -29.95 39.08 46.68
N GLY A 875 -30.71 39.46 47.69
CA GLY A 875 -31.48 40.68 47.68
C GLY A 875 -30.65 41.89 48.07
N ASP A 876 -31.35 42.94 48.50
CA ASP A 876 -30.69 44.18 48.91
C ASP A 876 -29.80 44.01 50.13
N LEU A 877 -29.99 42.94 50.91
CA LEU A 877 -29.17 42.72 52.10
C LEU A 877 -27.69 42.63 51.76
N VAL A 878 -27.37 42.18 50.55
CA VAL A 878 -25.97 42.13 50.13
C VAL A 878 -25.34 43.52 50.14
N PRO A 879 -26.04 44.59 49.76
CA PRO A 879 -25.41 45.92 49.86
C PRO A 879 -25.19 46.37 51.29
N PHE A 880 -26.13 46.06 52.19
CA PHE A 880 -25.95 46.38 53.59
C PHE A 880 -24.75 45.66 54.16
N ALA A 881 -24.64 44.36 53.87
CA ALA A 881 -23.47 43.61 54.31
C ALA A 881 -22.19 44.17 53.71
N LEU A 882 -22.23 44.57 52.43
CA LEU A 882 -21.04 45.10 51.79
C LEU A 882 -20.60 46.40 52.44
N LEU A 883 -21.55 47.27 52.78
CA LEU A 883 -21.17 48.55 53.37
C LEU A 883 -20.71 48.38 54.82
N HIS A 884 -21.35 47.48 55.57
CA HIS A 884 -20.86 47.18 56.91
C HIS A 884 -19.45 46.61 56.84
N LEU A 885 -19.20 45.74 55.85
CA LEU A 885 -17.88 45.19 55.65
C LEU A 885 -16.86 46.27 55.28
N LEU A 886 -17.27 47.22 54.44
CA LEU A 886 -16.35 48.29 54.06
C LEU A 886 -16.03 49.18 55.25
N HIS A 887 -17.04 49.49 56.08
CA HIS A 887 -16.76 50.19 57.33
C HIS A 887 -15.82 49.41 58.22
N CYS A 888 -15.98 48.08 58.29
CA CYS A 888 -15.04 47.26 59.02
C CYS A 888 -13.64 47.35 58.42
N LEU A 889 -13.56 47.52 57.10
CA LEU A 889 -12.25 47.72 56.46
C LEU A 889 -11.63 49.03 56.92
N LEU A 890 -12.46 50.03 57.23
CA LEU A 890 -11.97 51.29 57.77
C LEU A 890 -11.79 51.21 59.29
N SER A 891 -11.05 50.19 59.72
CA SER A 891 -10.80 49.95 61.14
C SER A 891 -9.35 50.27 61.49
N LYS A 892 -9.14 50.53 62.78
CA LYS A 892 -7.78 50.76 63.26
C LYS A 892 -6.97 49.46 63.24
N SER A 893 -7.61 48.35 63.56
CA SER A 893 -6.93 47.06 63.55
C SER A 893 -6.63 46.64 62.12
N ALA A 894 -5.34 46.58 61.78
CA ALA A 894 -4.95 46.15 60.43
C ALA A 894 -5.38 44.72 60.17
N SER A 895 -5.39 43.88 61.20
CA SER A 895 -5.84 42.50 61.04
C SER A 895 -7.31 42.44 60.66
N VAL A 896 -8.15 43.20 61.38
CA VAL A 896 -9.58 43.20 61.07
C VAL A 896 -9.83 43.80 59.69
N SER A 897 -9.08 44.83 59.33
CA SER A 897 -9.23 45.44 58.01
C SER A 897 -8.82 44.46 56.91
N GLY A 898 -7.77 43.67 57.16
CA GLY A 898 -7.39 42.65 56.20
C GLY A 898 -8.43 41.56 56.08
N ALA A 899 -9.00 41.15 57.21
CA ALA A 899 -10.10 40.18 57.17
C ALA A 899 -11.27 40.73 56.37
N ALA A 900 -11.54 42.03 56.50
CA ALA A 900 -12.58 42.65 55.69
C ALA A 900 -12.21 42.63 54.22
N TYR A 901 -10.95 42.92 53.90
CA TYR A 901 -10.47 42.84 52.52
C TYR A 901 -10.75 41.46 51.94
N THR A 902 -10.36 40.41 52.66
CA THR A 902 -10.54 39.05 52.18
C THR A 902 -12.02 38.68 52.09
N GLU A 903 -12.83 39.12 53.04
CA GLU A 903 -14.26 38.85 52.96
C GLU A 903 -14.88 39.55 51.76
N ILE A 904 -14.39 40.75 51.43
CA ILE A 904 -14.88 41.45 50.25
C ILE A 904 -14.50 40.69 48.99
N ARG A 905 -13.26 40.18 48.94
CA ARG A 905 -12.86 39.36 47.80
C ARG A 905 -13.72 38.12 47.70
N ALA A 906 -14.05 37.51 48.84
CA ALA A 906 -14.87 36.30 48.84
C ALA A 906 -16.28 36.60 48.37
N LEU A 907 -16.84 37.73 48.79
CA LEU A 907 -18.18 38.12 48.33
C LEU A 907 -18.17 38.41 46.84
N VAL A 908 -17.11 39.06 46.34
CA VAL A 908 -16.99 39.29 44.91
C VAL A 908 -16.93 37.97 44.16
N ALA A 909 -16.21 37.00 44.72
CA ALA A 909 -16.16 35.67 44.11
C ALA A 909 -17.54 35.02 44.12
N ALA A 910 -18.30 35.22 45.22
CA ALA A 910 -19.67 34.72 45.27
C ALA A 910 -20.52 35.34 44.18
N LYS A 911 -20.38 36.65 43.98
CA LYS A 911 -21.04 37.29 42.84
C LYS A 911 -20.55 36.74 41.51
N SER A 912 -19.30 36.26 41.47
CA SER A 912 -18.72 35.68 40.26
C SER A 912 -18.79 36.64 39.08
N VAL A 913 -18.58 37.92 39.36
CA VAL A 913 -18.58 38.96 38.35
C VAL A 913 -17.29 39.76 38.48
N LYS A 914 -17.00 40.55 37.45
CA LYS A 914 -15.79 41.35 37.45
C LYS A 914 -15.81 42.36 38.59
N LEU A 915 -14.63 42.62 39.16
CA LEU A 915 -14.54 43.55 40.27
C LEU A 915 -15.06 44.93 39.89
N GLN A 916 -14.74 45.39 38.69
CA GLN A 916 -15.30 46.65 38.21
C GLN A 916 -16.83 46.57 38.15
N SER A 917 -17.36 45.44 37.66
CA SER A 917 -18.81 45.25 37.66
C SER A 917 -19.36 45.13 39.08
N PHE A 918 -18.60 44.47 39.96
CA PHE A 918 -19.04 44.35 41.35
C PHE A 918 -19.14 45.71 42.02
N PHE A 919 -18.29 46.65 41.60
CA PHE A 919 -18.41 48.02 42.10
C PHE A 919 -19.55 48.74 41.41
N SER A 920 -19.69 48.55 40.09
CA SER A 920 -20.74 49.21 39.33
C SER A 920 -22.11 48.91 39.93
N GLN A 921 -22.37 47.64 40.20
CA GLN A 921 -23.54 47.28 41.00
C GLN A 921 -23.26 47.76 42.41
N TYR A 922 -24.25 48.44 43.01
CA TYR A 922 -24.17 48.94 44.37
C TYR A 922 -23.10 50.02 44.54
N LYS A 923 -22.61 50.60 43.44
CA LYS A 923 -21.84 51.83 43.55
C LYS A 923 -22.59 52.89 44.36
N LYS A 924 -23.91 52.94 44.23
CA LYS A 924 -24.74 53.88 44.97
C LYS A 924 -24.47 53.75 46.46
N PRO A 925 -24.80 52.60 47.06
CA PRO A 925 -24.51 52.44 48.49
C PRO A 925 -23.03 52.55 48.82
N ILE A 926 -22.16 52.05 47.94
CA ILE A 926 -20.73 52.18 48.16
C ILE A 926 -20.33 53.65 48.26
N CYS A 927 -20.78 54.45 47.30
CA CYS A 927 -20.43 55.86 47.30
C CYS A 927 -21.03 56.58 48.50
N GLN A 928 -22.25 56.19 48.90
CA GLN A 928 -22.86 56.80 50.08
C GLN A 928 -22.03 56.53 51.33
N PHE A 929 -21.66 55.26 51.54
CA PHE A 929 -20.83 54.92 52.69
C PHE A 929 -19.49 55.65 52.62
N LEU A 930 -18.91 55.76 51.43
CA LEU A 930 -17.63 56.43 51.28
C LEU A 930 -17.72 57.90 51.67
N VAL A 931 -18.70 58.62 51.14
CA VAL A 931 -18.81 60.04 51.42
C VAL A 931 -19.15 60.26 52.89
N GLU A 932 -20.02 59.41 53.46
CA GLU A 932 -20.34 59.53 54.87
C GLU A 932 -19.10 59.34 55.73
N SER A 933 -18.34 58.27 55.48
CA SER A 933 -17.15 57.99 56.27
C SER A 933 -16.12 59.09 56.10
N LEU A 934 -15.98 59.62 54.90
CA LEU A 934 -15.00 60.68 54.67
C LEU A 934 -15.37 61.95 55.42
N HIS A 935 -16.64 62.36 55.35
CA HIS A 935 -17.08 63.53 56.09
C HIS A 935 -16.92 63.33 57.59
N SER A 936 -17.25 62.12 58.09
CA SER A 936 -17.12 61.86 59.51
C SER A 936 -15.66 61.90 59.94
N SER A 937 -14.76 61.32 59.16
CA SER A 937 -13.34 61.36 59.49
C SER A 937 -12.82 62.79 59.49
N GLN A 938 -13.19 63.58 58.49
CA GLN A 938 -12.72 64.96 58.42
C GLN A 938 -13.28 65.80 59.56
N MET A 939 -14.50 65.53 60.00
CA MET A 939 -15.07 66.27 61.12
C MET A 939 -14.42 65.86 62.44
N THR A 940 -14.17 64.55 62.61
CA THR A 940 -13.49 64.10 63.82
C THR A 940 -12.09 64.67 63.90
N ALA A 941 -11.41 64.79 62.76
CA ALA A 941 -10.10 65.41 62.75
C ALA A 941 -10.18 66.90 63.12
N LEU A 942 -11.31 67.53 62.78
CA LEU A 942 -11.52 68.94 63.09
C LEU A 942 -11.80 69.14 64.57
N ASP A 956 -1.21 69.19 59.40
CA ASP A 956 -2.52 69.04 60.03
C ASP A 956 -3.57 68.65 58.99
N VAL A 957 -3.99 69.62 58.17
CA VAL A 957 -4.95 69.33 57.12
C VAL A 957 -4.31 68.45 56.04
N ALA A 958 -2.98 68.55 55.89
CA ALA A 958 -2.29 67.64 54.98
C ALA A 958 -2.38 66.21 55.48
N HIS A 959 -2.29 66.02 56.79
CA HIS A 959 -2.41 64.67 57.37
C HIS A 959 -3.81 64.11 57.15
N GLN A 960 -4.84 64.93 57.38
CA GLN A 960 -6.21 64.48 57.15
C GLN A 960 -6.41 64.16 55.67
N ARG A 961 -5.89 65.00 54.78
CA ARG A 961 -5.97 64.72 53.36
C ARG A 961 -5.29 63.40 53.01
N GLU A 962 -4.11 63.15 53.59
CA GLU A 962 -3.39 61.92 53.31
C GLU A 962 -4.12 60.69 53.82
N MET A 963 -4.74 60.79 55.01
CA MET A 963 -5.43 59.62 55.54
C MET A 963 -6.73 59.36 54.80
N ALA A 964 -7.43 60.43 54.38
CA ALA A 964 -8.62 60.23 53.55
C ALA A 964 -8.25 59.64 52.21
N LEU A 965 -7.12 60.07 51.64
CA LEU A 965 -6.63 59.48 50.41
C LEU A 965 -6.23 58.02 50.62
N ASN A 966 -5.71 57.69 51.79
CA ASN A 966 -5.39 56.29 52.09
C ASN A 966 -6.65 55.45 52.14
N THR A 967 -7.70 55.97 52.78
CA THR A 967 -8.99 55.25 52.79
C THR A 967 -9.53 55.08 51.38
N LEU A 968 -9.47 56.14 50.57
CA LEU A 968 -9.96 56.05 49.20
C LEU A 968 -9.13 55.06 48.38
N SER A 969 -7.83 55.00 48.63
CA SER A 969 -6.99 54.05 47.90
C SER A 969 -7.27 52.63 48.33
N GLU A 970 -7.59 52.41 49.61
CA GLU A 970 -8.04 51.10 50.04
C GLU A 970 -9.33 50.73 49.33
N ILE A 971 -10.28 51.66 49.25
CA ILE A 971 -11.54 51.42 48.57
C ILE A 971 -11.33 51.14 47.09
N ALA A 972 -10.27 51.72 46.50
CA ALA A 972 -9.97 51.44 45.10
C ALA A 972 -9.27 50.09 44.95
N ASN A 973 -8.42 49.73 45.91
CA ASN A 973 -7.72 48.46 45.85
C ASN A 973 -8.67 47.29 45.97
N VAL A 974 -9.65 47.38 46.89
CA VAL A 974 -10.59 46.27 47.02
C VAL A 974 -11.38 46.10 45.72
N PHE A 975 -11.65 47.18 45.02
CA PHE A 975 -12.29 47.13 43.71
C PHE A 975 -11.29 46.92 42.59
N ASP A 976 -9.99 47.08 42.87
CA ASP A 976 -8.93 46.83 41.90
C ASP A 976 -9.10 47.69 40.65
N PHE A 977 -9.32 48.99 40.88
CA PHE A 977 -9.34 49.92 39.77
C PHE A 977 -7.93 50.08 39.20
N PRO A 978 -7.80 50.33 37.90
CA PRO A 978 -6.46 50.45 37.29
C PRO A 978 -5.61 51.51 37.98
N ASP A 979 -6.12 52.74 38.00
CA ASP A 979 -5.46 53.85 38.67
C ASP A 979 -6.34 54.36 39.80
N LEU A 980 -5.72 54.66 40.93
CA LEU A 980 -6.48 55.28 42.02
C LEU A 980 -7.12 56.57 41.57
N ASN A 981 -6.43 57.34 40.73
CA ASN A 981 -7.04 58.54 40.18
C ASN A 981 -8.11 58.18 39.15
N ARG A 982 -7.99 57.02 38.49
CA ARG A 982 -9.07 56.57 37.61
C ARG A 982 -10.26 56.11 38.43
N PHE A 983 -10.01 55.46 39.57
CA PHE A 983 -11.10 55.15 40.50
C PHE A 983 -11.80 56.42 40.95
N LEU A 984 -11.02 57.47 41.25
CA LEU A 984 -11.61 58.74 41.60
C LEU A 984 -12.39 59.34 40.44
N THR A 985 -11.84 59.22 39.23
CA THR A 985 -12.50 59.69 38.03
C THR A 985 -13.90 59.08 37.88
N ARG A 986 -13.97 57.76 38.06
CA ARG A 986 -15.25 57.07 37.96
C ARG A 986 -16.17 57.45 39.10
N THR A 987 -15.66 57.44 40.34
CA THR A 987 -16.48 57.61 41.51
C THR A 987 -17.01 59.04 41.66
N LEU A 988 -16.24 60.03 41.22
CA LEU A 988 -16.56 61.42 41.45
C LEU A 988 -17.92 61.79 40.85
N GLN A 989 -18.22 61.22 39.68
CA GLN A 989 -19.45 61.49 38.94
C GLN A 989 -20.69 61.34 39.83
N VAL A 990 -20.58 60.53 40.88
CA VAL A 990 -21.64 60.42 41.87
C VAL A 990 -21.24 60.94 43.24
N LEU A 991 -19.95 60.94 43.59
CA LEU A 991 -19.54 61.37 44.91
C LEU A 991 -19.69 62.88 45.09
N LEU A 992 -19.30 63.65 44.07
CA LEU A 992 -19.47 65.09 44.13
C LEU A 992 -20.91 65.49 44.41
N PRO A 993 -21.92 64.82 43.85
CA PRO A 993 -23.30 65.14 44.24
C PRO A 993 -23.57 64.92 45.71
N ASP A 994 -23.07 63.81 46.28
CA ASP A 994 -23.28 63.56 47.70
C ASP A 994 -22.43 64.49 48.55
N LEU A 995 -21.22 64.82 48.09
CA LEU A 995 -20.41 65.80 48.80
C LEU A 995 -21.13 67.14 48.89
N ALA A 996 -21.77 67.55 47.79
CA ALA A 996 -22.56 68.78 47.82
C ALA A 996 -23.80 68.61 48.70
N ALA A 997 -24.42 67.43 48.67
CA ALA A 997 -25.58 67.18 49.52
C ALA A 997 -25.22 67.31 50.99
N LYS A 998 -23.98 66.96 51.35
CA LYS A 998 -23.54 67.21 52.72
C LYS A 998 -23.24 68.68 52.94
N ALA A 999 -22.61 69.33 51.96
CA ALA A 999 -22.34 70.78 51.99
C ALA A 999 -21.60 71.21 53.23
N SER A 1000 -20.74 70.33 53.76
CA SER A 1000 -19.97 70.66 54.94
C SER A 1000 -18.66 71.33 54.55
N PRO A 1001 -18.05 72.08 55.47
CA PRO A 1001 -16.69 72.57 55.22
C PRO A 1001 -15.71 71.43 55.00
N ALA A 1002 -15.89 70.33 55.74
CA ALA A 1002 -15.12 69.12 55.47
C ALA A 1002 -15.33 68.64 54.04
N ALA A 1003 -16.54 68.79 53.51
CA ALA A 1003 -16.79 68.42 52.12
C ALA A 1003 -16.00 69.30 51.16
N SER A 1004 -15.92 70.60 51.45
CA SER A 1004 -15.11 71.49 50.62
C SER A 1004 -13.63 71.10 50.68
N ALA A 1005 -13.14 70.79 51.87
CA ALA A 1005 -11.74 70.36 51.99
C ALA A 1005 -11.50 69.05 51.24
N LEU A 1006 -12.47 68.13 51.29
CA LEU A 1006 -12.32 66.87 50.57
C LEU A 1006 -12.35 67.08 49.06
N ILE A 1007 -13.18 68.02 48.60
CA ILE A 1007 -13.21 68.34 47.18
C ILE A 1007 -11.88 68.95 46.75
N ARG A 1008 -11.30 69.82 47.59
CA ARG A 1008 -9.98 70.35 47.29
C ARG A 1008 -8.94 69.25 47.25
N THR A 1009 -9.02 68.31 48.18
CA THR A 1009 -8.09 67.17 48.19
C THR A 1009 -8.20 66.36 46.91
N LEU A 1010 -9.42 66.07 46.49
CA LEU A 1010 -9.63 65.31 45.25
C LEU A 1010 -9.11 66.07 44.05
N GLY A 1011 -9.39 67.38 43.98
CA GLY A 1011 -8.84 68.18 42.89
C GLY A 1011 -7.33 68.19 42.88
N LYS A 1012 -6.71 68.14 44.07
CA LYS A 1012 -5.26 67.99 44.14
C LYS A 1012 -4.81 66.65 43.57
N GLN A 1013 -5.46 65.56 44.02
CA GLN A 1013 -5.12 64.24 43.51
C GLN A 1013 -5.38 64.14 42.01
N LEU A 1014 -6.51 64.68 41.56
CA LEU A 1014 -6.81 64.74 40.14
C LEU A 1014 -6.07 65.87 39.43
N ASN A 1015 -5.35 66.70 40.17
CA ASN A 1015 -4.58 67.82 39.62
C ASN A 1015 -5.49 68.77 38.83
N VAL A 1016 -6.61 69.14 39.45
CA VAL A 1016 -7.55 70.09 38.88
C VAL A 1016 -7.97 71.06 39.99
N ASN A 1017 -8.52 72.20 39.56
CA ASN A 1017 -8.95 73.21 40.51
C ASN A 1017 -10.26 72.81 41.16
N ARG A 1018 -10.40 73.19 42.44
CA ARG A 1018 -11.60 72.86 43.19
C ARG A 1018 -12.82 73.62 42.67
N ARG A 1019 -12.61 74.70 41.92
CA ARG A 1019 -13.73 75.48 41.43
C ARG A 1019 -14.28 74.90 40.12
N GLU A 1020 -13.41 74.36 39.27
CA GLU A 1020 -13.82 73.89 37.96
C GLU A 1020 -14.43 72.49 38.01
N ILE A 1021 -13.96 71.64 38.92
CA ILE A 1021 -14.45 70.28 39.03
C ILE A 1021 -15.93 70.33 39.42
N LEU A 1022 -16.29 71.26 40.29
CA LEU A 1022 -17.68 71.39 40.69
C LEU A 1022 -18.54 71.87 39.53
N ILE A 1023 -18.05 72.86 38.77
CA ILE A 1023 -18.80 73.34 37.61
C ILE A 1023 -18.99 72.22 36.60
N ASN A 1024 -18.00 71.34 36.48
CA ASN A 1024 -18.08 70.26 35.51
C ASN A 1024 -19.08 69.20 35.95
N ASN A 1025 -18.98 68.74 37.20
CA ASN A 1025 -19.88 67.71 37.70
C ASN A 1025 -21.19 68.26 38.22
N PHE A 1026 -21.45 69.57 38.04
CA PHE A 1026 -22.67 70.18 38.54
C PHE A 1026 -23.91 69.54 37.93
N LYS A 1027 -23.78 68.95 36.73
CA LYS A 1027 -24.90 68.24 36.15
C LYS A 1027 -25.41 67.16 37.10
N TYR A 1028 -24.54 66.17 37.38
CA TYR A 1028 -24.91 65.10 38.30
C TYR A 1028 -25.17 65.62 39.70
N ILE A 1029 -24.47 66.70 40.08
CA ILE A 1029 -24.64 67.29 41.41
C ILE A 1029 -26.07 67.74 41.59
N PHE A 1030 -26.53 68.66 40.74
CA PHE A 1030 -27.90 69.16 40.82
C PHE A 1030 -28.91 68.05 40.57
N SER A 1031 -28.55 67.08 39.73
CA SER A 1031 -29.45 65.95 39.49
C SER A 1031 -29.73 65.20 40.79
N HIS A 1032 -28.68 64.76 41.47
CA HIS A 1032 -28.88 64.05 42.73
C HIS A 1032 -29.49 64.95 43.79
N LEU A 1033 -29.18 66.24 43.74
CA LEU A 1033 -29.78 67.19 44.68
C LEU A 1033 -31.30 67.19 44.55
N VAL A 1034 -31.80 67.48 43.36
CA VAL A 1034 -33.23 67.46 43.12
C VAL A 1034 -33.80 66.06 43.35
N CYS A 1035 -32.97 65.03 43.16
CA CYS A 1035 -33.42 63.67 43.38
C CYS A 1035 -33.66 63.38 44.85
N SER A 1036 -32.76 63.85 45.72
CA SER A 1036 -32.88 63.61 47.15
C SER A 1036 -32.22 64.76 47.89
N CYS A 1037 -33.05 65.67 48.41
CA CYS A 1037 -32.62 66.77 49.26
C CYS A 1037 -33.86 67.51 49.72
N SER A 1038 -33.69 68.33 50.76
CA SER A 1038 -34.73 69.23 51.21
C SER A 1038 -34.53 70.61 50.62
N LYS A 1039 -35.64 71.34 50.43
CA LYS A 1039 -35.58 72.63 49.75
C LYS A 1039 -34.64 73.59 50.46
N ASP A 1040 -34.72 73.66 51.79
CA ASP A 1040 -33.79 74.49 52.53
C ASP A 1040 -32.36 73.99 52.38
N GLU A 1041 -32.16 72.68 52.50
CA GLU A 1041 -30.84 72.11 52.29
C GLU A 1041 -30.42 72.27 50.83
N LEU A 1042 -31.38 72.23 49.90
CA LEU A 1042 -31.06 72.49 48.50
C LEU A 1042 -30.49 73.89 48.32
N GLU A 1043 -31.14 74.89 48.92
CA GLU A 1043 -30.64 76.26 48.81
C GLU A 1043 -29.31 76.42 49.52
N ARG A 1044 -29.16 75.77 50.67
CA ARG A 1044 -27.89 75.79 51.39
C ARG A 1044 -26.75 75.28 50.53
N ALA A 1045 -26.95 74.10 49.94
CA ALA A 1045 -25.91 73.50 49.10
C ALA A 1045 -25.69 74.33 47.85
N LEU A 1046 -26.74 74.95 47.32
CA LEU A 1046 -26.60 75.80 46.14
C LEU A 1046 -25.70 76.99 46.45
N HIS A 1047 -25.96 77.67 47.56
CA HIS A 1047 -25.13 78.80 47.95
C HIS A 1047 -23.70 78.37 48.25
N TYR A 1048 -23.55 77.23 48.94
CA TYR A 1048 -22.22 76.72 49.24
C TYR A 1048 -21.44 76.45 47.96
N LEU A 1049 -22.07 75.79 47.00
CA LEU A 1049 -21.41 75.47 45.74
C LEU A 1049 -21.11 76.73 44.94
N LYS A 1050 -22.00 77.72 44.98
CA LYS A 1050 -21.72 78.98 44.29
C LYS A 1050 -20.49 79.65 44.87
N ASN A 1051 -20.40 79.70 46.20
CA ASN A 1051 -19.24 80.32 46.83
C ASN A 1051 -17.97 79.52 46.55
N GLU A 1052 -18.08 78.19 46.54
CA GLU A 1052 -16.90 77.36 46.31
C GLU A 1052 -16.40 77.51 44.87
N THR A 1053 -17.32 77.59 43.91
CA THR A 1053 -16.91 77.73 42.51
C THR A 1053 -16.61 79.18 42.17
N GLU A 1054 -16.87 80.09 43.11
CA GLU A 1054 -16.61 81.53 42.98
C GLU A 1054 -17.45 82.15 41.86
N ILE A 1055 -18.54 81.50 41.46
CA ILE A 1055 -19.42 82.01 40.42
C ILE A 1055 -20.87 81.87 40.88
N GLU A 1056 -21.74 82.68 40.30
CA GLU A 1056 -23.16 82.61 40.64
C GLU A 1056 -23.73 81.28 40.20
N LEU A 1057 -24.50 80.65 41.09
CA LEU A 1057 -25.10 79.35 40.78
C LEU A 1057 -26.05 79.45 39.60
N GLY A 1058 -26.77 80.57 39.49
CA GLY A 1058 -27.64 80.76 38.34
C GLY A 1058 -26.87 80.79 37.04
N SER A 1059 -25.73 81.48 37.03
CA SER A 1059 -24.91 81.53 35.82
C SER A 1059 -24.36 80.16 35.47
N LEU A 1060 -23.93 79.38 36.47
CA LEU A 1060 -23.45 78.03 36.20
C LEU A 1060 -24.56 77.16 35.64
N LEU A 1061 -25.75 77.24 36.22
CA LEU A 1061 -26.88 76.48 35.69
C LEU A 1061 -27.22 76.91 34.27
N ARG A 1062 -27.10 78.19 33.97
CA ARG A 1062 -27.26 78.66 32.59
C ARG A 1062 -26.21 78.03 31.69
N GLN A 1063 -24.97 77.97 32.15
CA GLN A 1063 -23.92 77.28 31.41
C GLN A 1063 -24.20 75.78 31.27
N ASP A 1064 -25.09 75.24 32.10
CA ASP A 1064 -25.50 73.84 32.04
C ASP A 1064 -26.85 73.67 31.38
N PHE A 1065 -27.10 74.44 30.31
CA PHE A 1065 -28.41 74.59 29.69
C PHE A 1065 -29.19 73.27 29.57
N GLN A 1066 -28.64 72.28 28.87
CA GLN A 1066 -29.35 71.05 28.60
C GLN A 1066 -28.84 69.83 29.37
N GLY A 1067 -27.57 69.83 29.79
CA GLY A 1067 -27.04 68.68 30.49
C GLY A 1067 -27.76 68.37 31.78
N LEU A 1068 -28.20 69.40 32.50
CA LEU A 1068 -28.91 69.21 33.75
C LEU A 1068 -30.31 68.66 33.52
N HIS A 1069 -31.03 69.22 32.55
CA HIS A 1069 -32.34 68.73 32.18
C HIS A 1069 -32.25 67.27 31.72
N ASN A 1070 -31.14 66.92 31.10
CA ASN A 1070 -30.92 65.53 30.69
C ASN A 1070 -30.95 64.59 31.89
N GLU A 1071 -30.16 64.90 32.92
CA GLU A 1071 -30.11 64.04 34.09
C GLU A 1071 -31.44 64.09 34.86
N LEU A 1072 -32.13 65.23 34.81
CA LEU A 1072 -33.45 65.30 35.45
C LEU A 1072 -34.43 64.35 34.78
N LEU A 1073 -34.49 64.38 33.45
CA LEU A 1073 -35.32 63.44 32.72
C LEU A 1073 -34.80 62.01 32.80
N LEU A 1074 -33.55 61.81 33.22
CA LEU A 1074 -33.08 60.46 33.46
C LEU A 1074 -33.50 59.96 34.84
N ARG A 1075 -33.68 60.85 35.80
CA ARG A 1075 -34.10 60.50 37.14
C ARG A 1075 -35.61 60.60 37.37
N ILE A 1076 -36.35 61.07 36.36
CA ILE A 1076 -37.81 61.16 36.50
C ILE A 1076 -38.44 59.82 36.83
N GLY A 1077 -37.98 58.74 36.20
CA GLY A 1077 -38.56 57.43 36.48
C GLY A 1077 -38.39 57.00 37.92
N GLU A 1078 -37.44 57.62 38.63
CA GLU A 1078 -37.27 57.32 40.04
C GLU A 1078 -38.07 58.29 40.91
N HIS A 1079 -37.96 59.59 40.63
CA HIS A 1079 -38.71 60.60 41.39
C HIS A 1079 -39.41 61.56 40.43
N TYR A 1080 -40.56 61.13 39.92
CA TYR A 1080 -41.44 62.00 39.12
C TYR A 1080 -41.64 63.37 39.77
N GLN A 1081 -42.13 63.39 41.01
CA GLN A 1081 -42.48 64.68 41.62
C GLN A 1081 -41.25 65.50 41.95
N GLN A 1082 -40.18 64.84 42.42
CA GLN A 1082 -38.95 65.57 42.75
C GLN A 1082 -38.36 66.23 41.51
N VAL A 1083 -38.36 65.51 40.38
CA VAL A 1083 -37.83 66.11 39.15
C VAL A 1083 -38.82 67.11 38.57
N PHE A 1084 -40.11 66.98 38.90
CA PHE A 1084 -41.06 68.02 38.53
C PHE A 1084 -40.68 69.33 39.22
N ASN A 1085 -40.39 69.25 40.52
CA ASN A 1085 -39.90 70.41 41.25
C ASN A 1085 -38.57 70.90 40.68
N GLY A 1086 -37.68 69.98 40.34
CA GLY A 1086 -36.39 70.39 39.78
C GLY A 1086 -36.53 71.11 38.45
N LEU A 1087 -37.42 70.61 37.58
CA LEU A 1087 -37.68 71.27 36.31
C LEU A 1087 -38.36 72.61 36.51
N SER A 1088 -39.23 72.72 37.52
CA SER A 1088 -39.79 74.02 37.87
C SER A 1088 -38.70 75.01 38.23
N ILE A 1089 -37.67 74.54 38.97
CA ILE A 1089 -36.50 75.39 39.31
C ILE A 1089 -35.61 75.49 38.06
N LEU A 1090 -35.67 74.51 37.16
CA LEU A 1090 -34.93 74.57 35.87
C LEU A 1090 -35.52 75.72 35.05
N ALA A 1091 -36.84 75.90 35.07
CA ALA A 1091 -37.55 76.91 34.25
C ALA A 1091 -37.46 78.29 34.90
N SER A 1092 -37.49 78.35 36.23
CA SER A 1092 -37.34 79.61 36.96
C SER A 1092 -35.97 80.22 36.67
N PHE A 1093 -34.93 79.40 36.66
CA PHE A 1093 -33.61 79.91 36.30
C PHE A 1093 -33.47 80.09 34.79
N ALA A 1094 -34.28 79.38 34.01
CA ALA A 1094 -34.20 79.48 32.55
C ALA A 1094 -34.80 80.78 32.03
N SER A 1095 -35.62 81.46 32.81
CA SER A 1095 -36.25 82.69 32.36
C SER A 1095 -35.25 83.84 32.31
N ILE A 1106 -44.09 77.49 38.45
CA ILE A 1106 -44.00 76.80 37.16
C ILE A 1106 -44.15 75.30 37.39
N ILE A 1107 -45.28 74.89 37.95
CA ILE A 1107 -45.55 73.50 38.29
C ILE A 1107 -46.69 72.91 37.48
N SER A 1108 -47.29 73.68 36.59
CA SER A 1108 -48.36 73.16 35.75
C SER A 1108 -47.80 72.09 34.83
N PRO A 1109 -48.43 70.91 34.73
CA PRO A 1109 -47.87 69.86 33.86
C PRO A 1109 -47.78 70.27 32.41
N GLU A 1110 -48.82 70.92 31.88
CA GLU A 1110 -48.76 71.42 30.51
C GLU A 1110 -47.67 72.47 30.35
N LEU A 1111 -47.57 73.39 31.31
CA LEU A 1111 -46.51 74.40 31.26
C LEU A 1111 -45.14 73.75 31.32
N MET A 1112 -44.99 72.71 32.15
CA MET A 1112 -43.72 72.01 32.23
C MET A 1112 -43.37 71.34 30.91
N ALA A 1113 -44.35 70.69 30.28
CA ALA A 1113 -44.11 70.06 28.99
C ALA A 1113 -43.73 71.09 27.93
N ASP A 1114 -44.41 72.23 27.92
CA ASP A 1114 -44.08 73.27 26.96
C ASP A 1114 -42.71 73.87 27.21
N TYR A 1115 -42.30 74.01 28.47
CA TYR A 1115 -40.95 74.47 28.75
C TYR A 1115 -39.92 73.43 28.37
N LEU A 1116 -40.29 72.15 28.40
CA LEU A 1116 -39.38 71.08 28.03
C LEU A 1116 -39.50 70.68 26.57
N GLN A 1117 -40.60 71.05 25.90
CA GLN A 1117 -40.82 70.69 24.50
C GLN A 1117 -39.68 71.08 23.57
N PRO A 1118 -38.94 72.15 23.82
CA PRO A 1118 -37.82 72.50 22.92
C PRO A 1118 -36.67 71.51 23.01
N LYS A 1119 -36.29 71.16 24.23
CA LYS A 1119 -35.11 70.33 24.46
C LYS A 1119 -35.31 68.87 24.04
N LEU A 1120 -36.55 68.50 23.73
CA LEU A 1120 -36.96 67.12 23.50
C LEU A 1120 -35.96 66.33 22.66
N LEU A 1121 -35.71 66.78 21.43
CA LEU A 1121 -34.83 66.05 20.53
C LEU A 1121 -33.46 65.81 21.14
N GLY A 1122 -32.88 66.86 21.75
CA GLY A 1122 -31.61 66.69 22.43
C GLY A 1122 -31.71 65.79 23.63
N ILE A 1123 -32.81 65.89 24.39
CA ILE A 1123 -33.01 65.02 25.53
C ILE A 1123 -33.16 63.57 25.08
N LEU A 1124 -33.90 63.35 23.99
CA LEU A 1124 -34.02 62.01 23.45
C LEU A 1124 -32.68 61.47 22.99
N ALA A 1125 -31.85 62.33 22.40
CA ALA A 1125 -30.52 61.90 21.98
C ALA A 1125 -29.67 61.54 23.19
N PHE A 1126 -29.77 62.31 24.27
CA PHE A 1126 -29.02 61.99 25.48
C PHE A 1126 -29.48 60.65 26.05
N PHE A 1127 -30.79 60.41 26.06
CA PHE A 1127 -31.30 59.13 26.53
C PHE A 1127 -30.79 57.99 25.66
N ASN A 1128 -30.78 58.19 24.35
CA ASN A 1128 -30.29 57.17 23.44
C ASN A 1128 -28.81 56.87 23.69
N MET A 1129 -28.01 57.91 23.84
CA MET A 1129 -26.58 57.71 24.10
C MET A 1129 -26.37 57.00 25.42
N GLN A 1130 -27.18 57.33 26.43
CA GLN A 1130 -27.09 56.64 27.71
C GLN A 1130 -27.41 55.17 27.56
N LEU A 1131 -28.46 54.85 26.80
CA LEU A 1131 -28.77 53.45 26.52
C LEU A 1131 -27.62 52.79 25.76
N LEU A 1132 -26.89 53.56 24.96
CA LEU A 1132 -25.84 52.99 24.13
C LEU A 1132 -24.54 52.83 24.90
N SER A 1133 -24.26 53.71 25.85
CA SER A 1133 -22.98 53.70 26.53
C SER A 1133 -22.77 52.41 27.31
N SER A 1134 -21.55 51.87 27.23
CA SER A 1134 -21.16 50.73 28.03
C SER A 1134 -20.72 51.10 29.44
N SER A 1135 -20.57 52.40 29.71
CA SER A 1135 -20.17 52.83 31.04
C SER A 1135 -21.28 52.63 32.07
N VAL A 1136 -22.52 52.74 31.64
CA VAL A 1136 -23.67 52.59 32.54
C VAL A 1136 -24.12 51.14 32.52
N GLY A 1137 -24.56 50.64 33.67
CA GLY A 1137 -24.99 49.27 33.79
C GLY A 1137 -26.37 49.05 33.20
N ILE A 1138 -26.77 47.78 33.18
CA ILE A 1138 -28.09 47.43 32.66
C ILE A 1138 -29.19 47.89 33.61
N GLU A 1139 -28.87 48.00 34.91
CA GLU A 1139 -29.83 48.57 35.84
C GLU A 1139 -30.03 50.05 35.58
N ASP A 1140 -28.94 50.77 35.33
CA ASP A 1140 -29.07 52.16 34.91
C ASP A 1140 -29.85 52.26 33.61
N LYS A 1141 -29.69 51.28 32.71
CA LYS A 1141 -30.45 51.29 31.47
C LYS A 1141 -31.93 51.09 31.73
N LYS A 1142 -32.28 50.18 32.64
CA LYS A 1142 -33.69 49.98 32.97
C LYS A 1142 -34.28 51.22 33.61
N MET A 1143 -33.51 51.86 34.49
CA MET A 1143 -33.95 53.13 35.07
C MET A 1143 -34.16 54.20 34.00
N ALA A 1144 -33.25 54.30 33.03
CA ALA A 1144 -33.42 55.25 31.96
C ALA A 1144 -34.63 54.94 31.11
N LEU A 1145 -34.91 53.65 30.90
CA LEU A 1145 -36.10 53.26 30.14
C LEU A 1145 -37.37 53.66 30.86
N ASN A 1146 -37.43 53.41 32.17
CA ASN A 1146 -38.59 53.84 32.95
C ASN A 1146 -38.73 55.35 32.93
N SER A 1147 -37.62 56.06 33.06
CA SER A 1147 -37.64 57.51 32.97
C SER A 1147 -38.17 57.97 31.62
N LEU A 1148 -37.77 57.29 30.55
CA LEU A 1148 -38.25 57.63 29.23
C LEU A 1148 -39.74 57.38 29.09
N MET A 1149 -40.23 56.30 29.70
CA MET A 1149 -41.67 56.05 29.69
C MET A 1149 -42.41 57.18 30.39
N SER A 1150 -41.97 57.56 31.58
CA SER A 1150 -42.61 58.65 32.28
C SER A 1150 -42.50 59.96 31.49
N LEU A 1151 -41.39 60.15 30.77
CA LEU A 1151 -41.21 61.37 30.01
C LEU A 1151 -42.16 61.42 28.82
N MET A 1152 -42.31 60.30 28.11
CA MET A 1152 -43.29 60.22 27.05
C MET A 1152 -44.71 60.43 27.58
N LYS A 1153 -44.99 59.97 28.79
CA LYS A 1153 -46.28 60.25 29.40
C LYS A 1153 -46.45 61.75 29.65
N LEU A 1154 -45.41 62.40 30.15
CA LEU A 1154 -45.51 63.81 30.51
C LEU A 1154 -45.54 64.71 29.28
N MET A 1155 -44.96 64.25 28.17
CA MET A 1155 -44.83 65.10 26.99
C MET A 1155 -46.20 65.40 26.38
N GLY A 1156 -47.11 64.45 26.44
CA GLY A 1156 -48.43 64.62 25.87
C GLY A 1156 -48.46 64.28 24.40
N PRO A 1157 -49.66 64.10 23.85
CA PRO A 1157 -49.77 63.64 22.45
C PRO A 1157 -49.16 64.60 21.46
N LYS A 1158 -49.22 65.91 21.70
CA LYS A 1158 -48.65 66.87 20.77
C LYS A 1158 -47.14 66.69 20.67
N HIS A 1159 -46.45 66.72 21.81
CA HIS A 1159 -45.00 66.58 21.82
C HIS A 1159 -44.58 65.21 21.32
N VAL A 1160 -45.32 64.16 21.71
CA VAL A 1160 -44.98 62.81 21.28
C VAL A 1160 -45.09 62.70 19.76
N SER A 1161 -46.18 63.21 19.21
CA SER A 1161 -46.34 63.20 17.75
C SER A 1161 -45.26 64.01 17.07
N SER A 1162 -44.85 65.12 17.69
CA SER A 1162 -43.81 65.95 17.08
C SER A 1162 -42.47 65.23 17.06
N VAL A 1163 -42.16 64.48 18.13
CA VAL A 1163 -40.85 63.86 18.27
C VAL A 1163 -40.84 62.39 17.85
N ARG A 1164 -41.96 61.88 17.32
CA ARG A 1164 -42.12 60.47 16.96
C ARG A 1164 -40.90 59.83 16.32
N VAL A 1165 -40.20 60.54 15.44
CA VAL A 1165 -39.09 59.93 14.71
C VAL A 1165 -37.93 59.61 15.66
N LYS A 1166 -37.47 60.61 16.39
CA LYS A 1166 -36.38 60.39 17.34
C LYS A 1166 -36.82 59.47 18.47
N MET A 1167 -38.08 59.57 18.89
CA MET A 1167 -38.61 58.64 19.88
C MET A 1167 -38.55 57.21 19.37
N MET A 1168 -38.82 57.01 18.08
CA MET A 1168 -38.74 55.67 17.50
C MET A 1168 -37.31 55.18 17.43
N THR A 1169 -36.38 56.08 17.10
CA THR A 1169 -34.97 55.72 17.13
C THR A 1169 -34.56 55.25 18.53
N THR A 1170 -34.99 56.00 19.55
CA THR A 1170 -34.60 55.64 20.92
C THR A 1170 -35.29 54.36 21.36
N LEU A 1171 -36.52 54.13 20.93
CA LEU A 1171 -37.19 52.87 21.20
C LEU A 1171 -36.51 51.70 20.50
N ARG A 1172 -35.97 51.94 19.30
CA ARG A 1172 -35.18 50.91 18.64
C ARG A 1172 -33.91 50.61 19.42
N THR A 1173 -33.29 51.65 19.97
CA THR A 1173 -32.15 51.43 20.86
C THR A 1173 -32.56 50.62 22.09
N GLY A 1174 -33.72 50.94 22.65
CA GLY A 1174 -34.23 50.15 23.76
C GLY A 1174 -34.44 48.70 23.38
N LEU A 1175 -34.92 48.46 22.17
CA LEU A 1175 -35.04 47.09 21.68
C LEU A 1175 -33.66 46.44 21.59
N ARG A 1176 -32.66 47.19 21.12
CA ARG A 1176 -31.31 46.70 21.00
C ARG A 1176 -30.78 46.29 22.38
N PHE A 1177 -31.25 46.96 23.41
CA PHE A 1177 -30.87 46.63 24.79
C PHE A 1177 -31.87 45.69 25.47
N LYS A 1178 -32.97 45.34 24.79
CA LYS A 1178 -34.05 44.59 25.39
C LYS A 1178 -33.74 43.12 25.58
N ASP A 1179 -32.46 42.74 25.45
CA ASP A 1179 -32.07 41.36 25.67
C ASP A 1179 -32.49 40.87 27.05
N ASP A 1180 -32.50 41.76 28.04
CA ASP A 1180 -32.73 41.36 29.42
C ASP A 1180 -33.98 41.98 30.05
N PHE A 1181 -34.41 43.15 29.60
CA PHE A 1181 -35.56 43.85 30.16
C PHE A 1181 -36.66 43.86 29.12
N PRO A 1182 -37.15 42.68 28.73
CA PRO A 1182 -38.10 42.62 27.60
C PRO A 1182 -39.42 43.34 27.87
N GLU A 1183 -40.10 42.98 28.96
CA GLU A 1183 -41.40 43.59 29.23
C GLU A 1183 -41.28 45.08 29.48
N LEU A 1184 -40.12 45.55 29.91
CA LEU A 1184 -39.91 46.99 30.06
C LEU A 1184 -40.00 47.69 28.71
N CYS A 1185 -39.20 47.24 27.74
CA CYS A 1185 -39.29 47.80 26.40
C CYS A 1185 -40.67 47.57 25.80
N CYS A 1186 -41.33 46.48 26.20
CA CYS A 1186 -42.68 46.21 25.73
C CYS A 1186 -43.65 47.28 26.23
N ARG A 1187 -43.54 47.66 27.50
CA ARG A 1187 -44.38 48.73 28.02
C ARG A 1187 -44.03 50.05 27.36
N ALA A 1188 -42.74 50.27 27.10
CA ALA A 1188 -42.34 51.47 26.36
C ALA A 1188 -43.02 51.53 25.00
N TRP A 1189 -43.06 50.41 24.30
CA TRP A 1189 -43.76 50.34 23.02
C TRP A 1189 -45.26 50.48 23.16
N ASP A 1190 -45.84 49.94 24.24
CA ASP A 1190 -47.26 50.14 24.51
C ASP A 1190 -47.57 51.61 24.63
N CYS A 1191 -46.72 52.35 25.31
CA CYS A 1191 -46.87 53.81 25.36
C CYS A 1191 -46.70 54.42 23.97
N PHE A 1192 -45.59 54.11 23.30
CA PHE A 1192 -45.31 54.69 22.00
C PHE A 1192 -46.32 54.30 20.93
N VAL A 1193 -47.24 53.38 21.24
CA VAL A 1193 -48.29 53.02 20.31
C VAL A 1193 -49.63 53.61 20.75
N ARG A 1194 -50.10 53.20 21.92
CA ARG A 1194 -51.41 53.64 22.39
C ARG A 1194 -51.39 55.12 22.76
N CYS A 1195 -50.39 55.54 23.54
CA CYS A 1195 -50.32 56.93 23.95
C CYS A 1195 -49.91 57.83 22.79
N LEU A 1196 -49.32 57.24 21.74
CA LEU A 1196 -48.94 58.03 20.59
C LEU A 1196 -50.17 58.52 19.83
N ASP A 1197 -49.92 59.35 18.82
CA ASP A 1197 -51.00 59.91 18.03
C ASP A 1197 -51.83 58.81 17.38
N HIS A 1198 -53.13 59.06 17.26
CA HIS A 1198 -54.04 58.08 16.66
C HIS A 1198 -54.08 58.18 15.13
N ALA A 1199 -53.95 59.39 14.59
CA ALA A 1199 -54.06 59.57 13.16
C ALA A 1199 -52.82 59.06 12.43
N CYS A 1200 -51.67 59.67 12.71
CA CYS A 1200 -50.43 59.31 12.01
C CYS A 1200 -49.83 58.09 12.70
N LEU A 1201 -50.44 56.95 12.42
CA LEU A 1201 -49.99 55.69 13.06
C LEU A 1201 -49.24 54.92 12.00
N GLY A 1202 -49.80 54.66 10.80
CA GLY A 1202 -49.25 53.76 9.76
C GLY A 1202 -47.90 54.10 9.14
N SER A 1203 -47.59 55.36 8.82
CA SER A 1203 -46.23 55.69 8.29
C SER A 1203 -45.20 55.16 9.28
N LEU A 1204 -45.54 55.14 10.57
CA LEU A 1204 -44.71 54.67 11.66
C LEU A 1204 -45.03 53.24 12.07
N LEU A 1205 -46.27 52.79 11.83
CA LEU A 1205 -46.65 51.42 12.19
C LEU A 1205 -45.82 50.41 11.42
N SER A 1206 -45.34 50.77 10.23
CA SER A 1206 -44.44 49.89 9.50
C SER A 1206 -43.23 49.52 10.34
N HIS A 1207 -42.42 50.51 10.71
CA HIS A 1207 -41.26 50.26 11.54
C HIS A 1207 -41.65 49.75 12.92
N VAL A 1208 -42.85 50.09 13.40
CA VAL A 1208 -43.31 49.58 14.68
C VAL A 1208 -43.41 48.07 14.64
N ILE A 1209 -44.09 47.54 13.62
CA ILE A 1209 -44.19 46.10 13.46
C ILE A 1209 -42.81 45.49 13.20
N VAL A 1210 -42.01 46.16 12.38
CA VAL A 1210 -40.67 45.63 12.05
C VAL A 1210 -39.85 45.45 13.32
N ALA A 1211 -39.91 46.41 14.24
CA ALA A 1211 -39.15 46.31 15.48
C ALA A 1211 -39.80 45.33 16.46
N LEU A 1212 -41.13 45.36 16.58
CA LEU A 1212 -41.81 44.49 17.53
C LEU A 1212 -41.72 43.03 17.13
N LEU A 1213 -41.37 42.75 15.87
CA LEU A 1213 -41.16 41.36 15.47
C LEU A 1213 -40.25 40.60 16.41
N PRO A 1214 -39.13 41.15 16.88
CA PRO A 1214 -38.29 40.39 17.82
C PRO A 1214 -38.93 40.22 19.18
N LEU A 1215 -39.72 41.19 19.63
CA LEU A 1215 -40.31 41.13 20.97
C LEU A 1215 -41.35 40.02 21.08
N ILE A 1216 -42.10 39.76 20.01
CA ILE A 1216 -43.14 38.74 20.06
C ILE A 1216 -42.54 37.37 20.33
N HIS A 1217 -41.39 37.08 19.73
CA HIS A 1217 -40.75 35.78 19.89
C HIS A 1217 -40.27 35.59 21.33
N ILE A 1218 -39.75 36.65 21.94
CA ILE A 1218 -39.31 36.56 23.33
C ILE A 1218 -40.48 36.22 24.24
N GLN A 1219 -41.55 37.01 24.16
CA GLN A 1219 -42.79 36.69 24.84
C GLN A 1219 -43.92 37.37 24.10
N PRO A 1220 -45.09 36.73 23.96
CA PRO A 1220 -46.21 37.37 23.25
C PRO A 1220 -47.23 38.04 24.15
N LYS A 1221 -47.07 37.94 25.47
CA LYS A 1221 -48.12 38.36 26.40
C LYS A 1221 -48.61 39.77 26.11
N GLU A 1222 -47.72 40.75 26.22
CA GLU A 1222 -48.09 42.14 25.99
C GLU A 1222 -47.86 42.58 24.55
N THR A 1223 -46.96 41.90 23.83
CA THR A 1223 -46.79 42.18 22.42
C THR A 1223 -48.08 41.93 21.66
N ALA A 1224 -48.85 40.91 22.07
CA ALA A 1224 -50.12 40.63 21.44
C ALA A 1224 -51.09 41.80 21.63
N ALA A 1225 -51.20 42.32 22.86
CA ALA A 1225 -52.07 43.46 23.10
C ALA A 1225 -51.60 44.69 22.35
N ILE A 1226 -50.29 44.88 22.24
CA ILE A 1226 -49.76 46.00 21.47
C ILE A 1226 -50.19 45.88 20.01
N PHE A 1227 -49.99 44.71 19.42
CA PHE A 1227 -50.39 44.50 18.05
C PHE A 1227 -51.88 44.68 17.85
N HIS A 1228 -52.69 44.24 18.82
CA HIS A 1228 -54.13 44.41 18.71
C HIS A 1228 -54.50 45.89 18.74
N TYR A 1229 -53.93 46.64 19.68
CA TYR A 1229 -54.18 48.08 19.73
C TYR A 1229 -53.74 48.76 18.44
N LEU A 1230 -52.65 48.30 17.85
CA LEU A 1230 -52.18 48.89 16.60
C LEU A 1230 -53.13 48.58 15.45
N ILE A 1231 -53.60 47.32 15.36
CA ILE A 1231 -54.39 46.87 14.24
C ILE A 1231 -55.87 47.11 14.49
N ILE A 1232 -56.41 46.51 15.53
CA ILE A 1232 -57.86 46.53 15.76
C ILE A 1232 -58.33 47.96 16.01
N GLU A 1233 -57.66 48.66 16.93
CA GLU A 1233 -58.16 49.96 17.39
C GLU A 1233 -58.07 51.01 16.30
N ASN A 1234 -56.89 51.17 15.70
CA ASN A 1234 -56.67 52.18 14.67
C ASN A 1234 -56.88 51.62 13.26
N ARG A 1235 -57.76 50.63 13.11
CA ARG A 1235 -57.94 49.98 11.81
C ARG A 1235 -58.30 50.97 10.72
N ASP A 1236 -59.19 51.92 11.02
CA ASP A 1236 -59.62 52.88 10.01
C ASP A 1236 -58.47 53.76 9.56
N ALA A 1237 -57.67 54.25 10.51
CA ALA A 1237 -56.48 55.03 10.17
C ALA A 1237 -55.32 54.15 9.74
N VAL A 1238 -55.52 52.84 9.63
CA VAL A 1238 -54.50 51.92 9.15
C VAL A 1238 -54.98 51.30 7.85
N GLN A 1239 -55.72 52.09 7.06
CA GLN A 1239 -56.36 51.59 5.85
C GLN A 1239 -55.38 50.89 4.90
N ASP A 1240 -54.37 51.62 4.43
CA ASP A 1240 -53.41 51.08 3.47
C ASP A 1240 -52.18 50.49 4.12
N PHE A 1241 -51.71 51.08 5.21
CA PHE A 1241 -50.55 50.56 5.91
C PHE A 1241 -50.77 49.15 6.43
N LEU A 1242 -52.02 48.76 6.65
CA LEU A 1242 -52.31 47.38 7.02
C LEU A 1242 -51.85 46.42 5.92
N HIS A 1243 -52.38 46.60 4.70
CA HIS A 1243 -51.95 45.79 3.57
C HIS A 1243 -50.47 45.96 3.27
N GLU A 1244 -49.89 47.11 3.58
CA GLU A 1244 -48.47 47.32 3.33
C GLU A 1244 -47.58 46.42 4.16
N ILE A 1245 -48.06 45.94 5.31
CA ILE A 1245 -47.25 45.18 6.26
C ILE A 1245 -47.59 43.71 6.07
N TYR A 1246 -46.81 43.01 5.26
CA TYR A 1246 -47.07 41.62 4.97
C TYR A 1246 -46.25 40.67 5.85
N PHE A 1247 -45.27 41.16 6.59
CA PHE A 1247 -44.47 40.33 7.47
C PHE A 1247 -45.14 40.24 8.83
N LEU A 1248 -45.55 39.03 9.21
CA LEU A 1248 -46.23 38.83 10.48
C LEU A 1248 -45.85 37.49 11.06
N PRO A 1249 -45.49 37.44 12.34
CA PRO A 1249 -45.15 36.18 12.99
C PRO A 1249 -46.41 35.36 13.28
N ASP A 1250 -46.21 34.24 13.97
CA ASP A 1250 -47.30 33.32 14.32
C ASP A 1250 -47.26 33.04 15.80
N HIS A 1251 -48.38 33.26 16.48
CA HIS A 1251 -48.54 32.91 17.88
C HIS A 1251 -50.02 32.66 18.14
N PRO A 1252 -50.39 32.25 19.36
CA PRO A 1252 -51.79 31.89 19.63
C PRO A 1252 -52.75 33.05 19.39
N GLU A 1253 -52.56 34.16 20.10
CA GLU A 1253 -53.37 35.34 19.85
C GLU A 1253 -52.96 36.02 18.54
N LEU A 1254 -51.67 36.01 18.24
CA LEU A 1254 -51.21 36.50 16.95
C LEU A 1254 -51.82 35.73 15.80
N LYS A 1255 -52.32 34.51 16.02
CA LYS A 1255 -53.07 33.82 14.98
C LYS A 1255 -54.37 34.56 14.66
N LYS A 1256 -55.12 34.94 15.70
CA LYS A 1256 -56.33 35.72 15.47
C LYS A 1256 -56.00 37.06 14.84
N ILE A 1257 -54.96 37.72 15.32
CA ILE A 1257 -54.56 39.01 14.73
C ILE A 1257 -54.17 38.84 13.27
N LYS A 1258 -53.50 37.73 12.96
CA LYS A 1258 -53.11 37.45 11.58
C LYS A 1258 -54.32 37.19 10.72
N ALA A 1259 -55.36 36.57 11.28
CA ALA A 1259 -56.60 36.38 10.52
C ALA A 1259 -57.25 37.73 10.22
N VAL A 1260 -57.30 38.61 11.22
CA VAL A 1260 -57.84 39.96 11.01
C VAL A 1260 -57.06 40.68 9.91
N LEU A 1261 -55.74 40.57 9.94
CA LEU A 1261 -54.92 41.18 8.91
C LEU A 1261 -55.08 40.50 7.55
N GLN A 1262 -55.28 39.19 7.53
CA GLN A 1262 -55.48 38.47 6.27
C GLN A 1262 -56.77 38.88 5.61
N GLU A 1263 -57.77 39.29 6.41
CA GLU A 1263 -58.98 39.85 5.83
C GLU A 1263 -58.66 40.88 4.75
N TYR A 1264 -57.71 41.77 5.02
CA TYR A 1264 -57.29 42.76 4.04
C TYR A 1264 -56.12 42.30 3.18
N ARG A 1265 -55.35 41.32 3.66
CA ARG A 1265 -54.34 40.70 2.79
C ARG A 1265 -55.00 40.15 1.52
N LYS A 1266 -56.16 39.55 1.66
CA LYS A 1266 -56.91 38.97 0.55
C LYS A 1266 -57.66 40.01 -0.26
N GLU A 1267 -57.37 41.30 -0.07
CA GLU A 1267 -58.03 42.32 -0.87
C GLU A 1267 -57.59 42.25 -2.32
N THR A 1268 -56.31 42.01 -2.56
CA THR A 1268 -55.76 41.97 -3.91
C THR A 1268 -55.58 40.56 -4.45
N SER A 1269 -56.17 39.56 -3.81
CA SER A 1269 -56.02 38.16 -4.20
C SER A 1269 -56.37 37.93 -5.66
N GLU A 1270 -57.34 38.68 -6.18
CA GLU A 1270 -57.72 38.58 -7.59
C GLU A 1270 -56.75 39.29 -8.53
N SER A 1271 -56.28 40.48 -8.15
CA SER A 1271 -55.36 41.22 -9.00
C SER A 1271 -53.96 40.62 -9.02
N THR A 1272 -53.72 39.53 -8.27
CA THR A 1272 -52.41 38.88 -8.22
C THR A 1272 -52.22 38.12 -9.53
N ASP A 1273 -51.75 38.84 -10.54
CA ASP A 1273 -51.59 38.30 -11.89
C ASP A 1273 -50.29 37.53 -12.07
N LEU A 1274 -49.67 37.09 -10.98
CA LEU A 1274 -48.40 36.37 -11.00
C LEU A 1274 -47.27 37.26 -11.52
N GLN A 1275 -47.57 38.53 -11.77
CA GLN A 1275 -46.55 39.51 -12.09
C GLN A 1275 -46.44 40.60 -11.04
N THR A 1276 -47.56 41.27 -10.74
CA THR A 1276 -47.58 42.19 -9.61
C THR A 1276 -47.18 41.49 -8.33
N THR A 1277 -47.62 40.24 -8.18
CA THR A 1277 -47.16 39.40 -7.07
C THR A 1277 -45.65 39.33 -7.05
N LEU A 1278 -45.03 39.07 -8.21
CA LEU A 1278 -43.59 38.91 -8.25
C LEU A 1278 -42.87 40.23 -7.97
N GLN A 1279 -43.44 41.36 -8.38
CA GLN A 1279 -42.80 42.64 -8.11
C GLN A 1279 -42.88 42.98 -6.63
N LEU A 1280 -44.05 42.75 -6.01
CA LEU A 1280 -44.15 42.91 -4.57
C LEU A 1280 -43.17 42.00 -3.85
N SER A 1281 -43.03 40.76 -4.32
CA SER A 1281 -42.11 39.83 -3.69
C SER A 1281 -40.67 40.29 -3.86
N MET A 1282 -40.35 40.89 -4.99
CA MET A 1282 -39.00 41.39 -5.20
C MET A 1282 -38.68 42.55 -4.26
N LYS A 1283 -39.55 43.55 -4.22
CA LYS A 1283 -39.31 44.66 -3.30
C LYS A 1283 -39.34 44.21 -1.84
N ALA A 1284 -40.03 43.11 -1.54
CA ALA A 1284 -40.00 42.58 -0.18
C ALA A 1284 -38.71 41.83 0.12
N ILE A 1285 -38.20 41.05 -0.84
CA ILE A 1285 -36.93 40.38 -0.64
C ILE A 1285 -35.81 41.40 -0.50
N GLN A 1286 -35.97 42.56 -1.15
CA GLN A 1286 -34.99 43.62 -1.01
C GLN A 1286 -35.09 44.37 0.33
N HIS A 1287 -36.03 44.02 1.19
CA HIS A 1287 -36.24 44.75 2.42
C HIS A 1287 -35.05 44.59 3.36
N GLU A 1288 -34.88 45.57 4.25
CA GLU A 1288 -33.70 45.61 5.09
C GLU A 1288 -33.74 44.55 6.19
N ASN A 1289 -34.87 44.41 6.86
CA ASN A 1289 -34.97 43.49 7.98
C ASN A 1289 -34.73 42.05 7.54
N VAL A 1290 -34.10 41.26 8.42
CA VAL A 1290 -33.82 39.87 8.10
C VAL A 1290 -35.08 39.02 8.19
N ASP A 1291 -35.95 39.31 9.16
CA ASP A 1291 -37.16 38.52 9.33
C ASP A 1291 -38.17 38.80 8.23
N VAL A 1292 -38.32 40.08 7.86
CA VAL A 1292 -39.15 40.41 6.70
C VAL A 1292 -38.63 39.70 5.47
N ARG A 1293 -37.30 39.75 5.27
CA ARG A 1293 -36.71 39.09 4.12
C ARG A 1293 -36.98 37.58 4.14
N ILE A 1294 -36.88 36.95 5.30
CA ILE A 1294 -37.08 35.51 5.37
C ILE A 1294 -38.53 35.16 5.09
N HIS A 1295 -39.46 35.91 5.68
CA HIS A 1295 -40.88 35.64 5.41
C HIS A 1295 -41.20 35.82 3.93
N ALA A 1296 -40.64 36.87 3.31
CA ALA A 1296 -40.88 37.11 1.90
C ALA A 1296 -40.30 35.98 1.05
N LEU A 1297 -39.06 35.57 1.33
CA LEU A 1297 -38.44 34.52 0.54
C LEU A 1297 -39.15 33.19 0.73
N THR A 1298 -39.68 32.94 1.93
CA THR A 1298 -40.44 31.72 2.14
C THR A 1298 -41.75 31.75 1.36
N SER A 1299 -42.46 32.88 1.40
CA SER A 1299 -43.65 33.03 0.59
C SER A 1299 -43.32 32.85 -0.90
N LEU A 1300 -42.13 33.26 -1.30
CA LEU A 1300 -41.74 33.15 -2.70
C LEU A 1300 -41.48 31.71 -3.10
N LYS A 1301 -40.68 30.99 -2.30
CA LYS A 1301 -40.37 29.59 -2.61
C LYS A 1301 -41.65 28.78 -2.77
N GLU A 1302 -42.68 29.13 -2.01
CA GLU A 1302 -43.96 28.45 -2.17
C GLU A 1302 -44.76 29.02 -3.34
N THR A 1303 -44.58 30.30 -3.64
CA THR A 1303 -45.32 30.91 -4.75
C THR A 1303 -44.83 30.36 -6.08
N LEU A 1304 -43.51 30.25 -6.24
CA LEU A 1304 -42.95 29.71 -7.48
C LEU A 1304 -43.43 28.28 -7.72
N TYR A 1305 -43.40 27.44 -6.68
CA TYR A 1305 -43.89 26.08 -6.83
C TYR A 1305 -45.39 26.06 -7.09
N LYS A 1306 -46.13 26.95 -6.42
CA LYS A 1306 -47.58 26.99 -6.59
C LYS A 1306 -47.97 27.55 -7.95
N ASN A 1307 -47.03 28.14 -8.69
CA ASN A 1307 -47.34 28.69 -9.99
C ASN A 1307 -46.40 28.20 -11.08
N GLN A 1308 -45.68 27.10 -10.83
CA GLN A 1308 -44.75 26.51 -11.78
C GLN A 1308 -45.25 26.60 -13.22
N GLU A 1309 -46.55 26.35 -13.43
CA GLU A 1309 -47.10 26.45 -14.78
C GLU A 1309 -46.87 27.83 -15.37
N LYS A 1310 -47.41 28.87 -14.73
CA LYS A 1310 -47.29 30.22 -15.28
C LYS A 1310 -45.83 30.68 -15.28
N LEU A 1311 -45.07 30.31 -14.25
CA LEU A 1311 -43.68 30.72 -14.17
C LEU A 1311 -42.88 30.17 -15.34
N ILE A 1312 -43.09 28.91 -15.69
CA ILE A 1312 -42.49 28.36 -16.89
C ILE A 1312 -42.98 29.12 -18.11
N LYS A 1313 -44.30 29.34 -18.19
CA LYS A 1313 -44.86 30.04 -19.35
C LYS A 1313 -44.23 31.41 -19.55
N TYR A 1314 -43.71 32.01 -18.47
CA TYR A 1314 -43.00 33.28 -18.60
C TYR A 1314 -41.56 33.09 -19.05
N ALA A 1315 -41.02 31.87 -18.96
CA ALA A 1315 -39.61 31.67 -19.22
C ALA A 1315 -39.31 31.07 -20.59
N THR A 1316 -40.31 30.54 -21.29
CA THR A 1316 -40.08 29.95 -22.60
C THR A 1316 -41.03 30.46 -23.67
N ASP A 1317 -41.96 31.34 -23.35
CA ASP A 1317 -42.81 31.92 -24.39
C ASP A 1317 -41.98 32.65 -25.43
N SER A 1318 -40.94 33.33 -24.99
CA SER A 1318 -40.08 34.11 -25.88
C SER A 1318 -38.67 33.56 -25.85
N GLU A 1319 -37.86 34.00 -26.82
CA GLU A 1319 -36.45 33.64 -26.79
C GLU A 1319 -35.81 34.12 -25.51
N THR A 1320 -35.95 35.41 -25.20
CA THR A 1320 -35.51 35.93 -23.92
C THR A 1320 -36.60 35.76 -22.87
N VAL A 1321 -36.18 35.52 -21.63
CA VAL A 1321 -37.11 35.35 -20.53
C VAL A 1321 -37.88 36.65 -20.34
N GLU A 1322 -39.04 36.58 -19.69
CA GLU A 1322 -39.80 37.77 -19.42
C GLU A 1322 -38.99 38.73 -18.55
N PRO A 1323 -39.22 40.03 -18.65
CA PRO A 1323 -38.41 40.98 -17.87
C PRO A 1323 -38.52 40.76 -16.37
N ILE A 1324 -39.69 40.36 -15.87
CA ILE A 1324 -39.85 40.18 -14.44
C ILE A 1324 -38.99 39.03 -13.95
N ILE A 1325 -38.80 38.01 -14.78
CA ILE A 1325 -37.95 36.89 -14.36
C ILE A 1325 -36.50 37.33 -14.26
N SER A 1326 -36.05 38.15 -15.21
CA SER A 1326 -34.69 38.68 -15.14
C SER A 1326 -34.52 39.54 -13.89
N GLN A 1327 -35.49 40.41 -13.61
CA GLN A 1327 -35.41 41.23 -12.41
C GLN A 1327 -35.38 40.38 -11.15
N LEU A 1328 -36.18 39.32 -11.12
CA LEU A 1328 -36.19 38.43 -9.96
C LEU A 1328 -34.84 37.77 -9.76
N VAL A 1329 -34.40 37.00 -10.76
CA VAL A 1329 -33.13 36.28 -10.63
C VAL A 1329 -31.94 37.21 -10.50
N THR A 1330 -32.11 38.50 -10.80
CA THR A 1330 -31.08 39.44 -10.39
C THR A 1330 -31.21 39.77 -8.91
N VAL A 1331 -32.44 40.05 -8.46
CA VAL A 1331 -32.67 40.34 -7.06
C VAL A 1331 -32.44 39.10 -6.21
N LEU A 1332 -32.92 37.94 -6.68
CA LEU A 1332 -32.74 36.71 -5.92
C LEU A 1332 -31.27 36.37 -5.75
N LEU A 1333 -30.50 36.49 -6.83
CA LEU A 1333 -29.08 36.16 -6.74
C LEU A 1333 -28.33 37.16 -5.88
N LYS A 1334 -28.62 38.46 -6.05
CA LYS A 1334 -27.95 39.47 -5.24
C LYS A 1334 -28.18 39.23 -3.75
N GLY A 1335 -29.38 38.82 -3.39
CA GLY A 1335 -29.67 38.43 -2.03
C GLY A 1335 -29.26 37.02 -1.67
N CYS A 1336 -28.74 36.26 -2.63
CA CYS A 1336 -28.28 34.91 -2.40
C CYS A 1336 -26.87 34.84 -1.84
N GLN A 1337 -26.38 35.95 -1.28
CA GLN A 1337 -25.03 35.99 -0.71
C GLN A 1337 -24.99 36.76 0.59
N ASP A 1338 -26.15 37.08 1.16
CA ASP A 1338 -26.19 37.91 2.36
C ASP A 1338 -25.79 37.08 3.57
N ALA A 1339 -25.95 37.67 4.76
CA ALA A 1339 -25.44 37.05 5.99
C ALA A 1339 -26.27 35.85 6.41
N ASN A 1340 -27.55 36.07 6.67
CA ASN A 1340 -28.43 35.06 7.25
C ASN A 1340 -28.43 33.77 6.42
N SER A 1341 -27.98 32.68 7.03
CA SER A 1341 -27.90 31.40 6.33
C SER A 1341 -29.26 30.96 5.83
N GLN A 1342 -30.30 31.22 6.62
CA GLN A 1342 -31.65 30.87 6.19
C GLN A 1342 -32.08 31.71 4.98
N ALA A 1343 -31.73 32.99 4.98
CA ALA A 1343 -32.00 33.84 3.83
C ALA A 1343 -31.32 33.28 2.59
N ARG A 1344 -30.08 32.80 2.75
CA ARG A 1344 -29.38 32.19 1.63
C ARG A 1344 -30.10 30.92 1.15
N LEU A 1345 -30.29 29.96 2.05
CA LEU A 1345 -30.93 28.70 1.70
C LEU A 1345 -32.36 28.89 1.24
N LEU A 1346 -32.94 30.07 1.38
CA LEU A 1346 -34.23 30.37 0.76
C LEU A 1346 -34.06 31.01 -0.62
N CYS A 1347 -33.16 31.99 -0.74
CA CYS A 1347 -32.83 32.55 -2.04
C CYS A 1347 -32.42 31.46 -3.01
N GLY A 1348 -31.54 30.57 -2.56
CA GLY A 1348 -31.08 29.46 -3.37
C GLY A 1348 -32.22 28.63 -3.93
N GLU A 1349 -33.00 28.02 -3.03
CA GLU A 1349 -34.09 27.16 -3.47
C GLU A 1349 -35.11 27.91 -4.31
N CYS A 1350 -35.22 29.22 -4.14
CA CYS A 1350 -36.10 30.00 -5.01
C CYS A 1350 -35.66 29.89 -6.46
N LEU A 1351 -34.35 30.02 -6.71
CA LEU A 1351 -33.83 29.82 -8.05
C LEU A 1351 -34.06 28.39 -8.52
N GLY A 1352 -34.02 27.43 -7.59
CA GLY A 1352 -34.27 26.05 -7.93
C GLY A 1352 -35.64 25.81 -8.53
N GLU A 1353 -36.69 26.08 -7.75
CA GLU A 1353 -38.05 25.91 -8.26
C GLU A 1353 -38.28 26.77 -9.49
N LEU A 1354 -37.59 27.91 -9.58
CA LEU A 1354 -37.70 28.75 -10.77
C LEU A 1354 -37.10 28.06 -11.98
N GLY A 1355 -35.97 27.40 -11.81
CA GLY A 1355 -35.32 26.72 -12.89
C GLY A 1355 -34.00 27.36 -13.27
N ALA A 1356 -33.01 26.52 -13.56
CA ALA A 1356 -31.68 27.00 -13.92
C ALA A 1356 -31.75 27.58 -15.34
N ILE A 1357 -32.32 28.78 -15.42
CA ILE A 1357 -32.50 29.43 -16.72
C ILE A 1357 -31.17 29.50 -17.45
N ASP A 1358 -31.23 29.33 -18.75
CA ASP A 1358 -30.06 29.54 -19.58
C ASP A 1358 -29.54 30.95 -19.34
N PRO A 1359 -28.25 31.13 -19.04
CA PRO A 1359 -27.74 32.49 -18.83
C PRO A 1359 -27.86 33.37 -20.05
N GLY A 1360 -28.42 32.88 -21.14
CA GLY A 1360 -28.70 33.70 -22.30
C GLY A 1360 -30.14 34.17 -22.35
N ARG A 1361 -31.08 33.33 -21.90
CA ARG A 1361 -32.46 33.75 -21.90
C ARG A 1361 -32.71 34.84 -20.87
N LEU A 1362 -31.88 34.91 -19.83
CA LEU A 1362 -31.94 36.04 -18.93
C LEU A 1362 -31.29 37.24 -19.60
N ASP A 1363 -31.49 38.42 -19.01
CA ASP A 1363 -31.02 39.66 -19.63
C ASP A 1363 -29.89 40.32 -18.84
N PHE A 1364 -30.08 40.57 -17.55
CA PHE A 1364 -29.17 41.41 -16.79
C PHE A 1364 -28.91 42.70 -17.55
N SER A 1365 -30.01 43.42 -17.81
CA SER A 1365 -30.07 44.46 -18.82
C SER A 1365 -28.86 45.37 -18.82
N THR A 1366 -28.64 46.10 -17.72
CA THR A 1366 -27.41 46.86 -17.64
C THR A 1366 -26.35 46.07 -16.88
N THR A 1367 -26.60 45.82 -15.60
CA THR A 1367 -25.72 45.09 -14.69
C THR A 1367 -26.41 45.13 -13.33
N GLU A 1368 -25.96 44.33 -12.37
CA GLU A 1368 -26.33 44.60 -10.98
C GLU A 1368 -25.87 45.98 -10.54
N THR A 1369 -24.91 46.58 -11.25
CA THR A 1369 -24.42 47.94 -11.02
C THR A 1369 -23.94 48.12 -9.57
N GLN A 1370 -22.84 47.41 -9.29
CA GLN A 1370 -22.20 47.46 -7.97
C GLN A 1370 -22.18 48.87 -7.37
N GLY A 1371 -21.83 49.86 -8.18
CA GLY A 1371 -21.82 51.23 -7.72
C GLY A 1371 -20.68 52.05 -8.30
N LYS A 1372 -19.96 52.76 -7.43
CA LYS A 1372 -18.87 53.63 -7.83
C LYS A 1372 -17.65 53.33 -6.96
N ASP A 1373 -16.49 53.23 -7.59
CA ASP A 1373 -15.23 53.18 -6.86
C ASP A 1373 -15.16 54.40 -5.94
N PHE A 1374 -14.69 54.18 -4.70
CA PHE A 1374 -14.88 55.19 -3.66
C PHE A 1374 -14.23 56.52 -4.03
N THR A 1375 -12.90 56.56 -4.04
CA THR A 1375 -12.17 57.79 -4.37
C THR A 1375 -10.65 57.56 -4.28
N PHE A 1376 -9.88 58.52 -4.78
CA PHE A 1376 -8.47 58.63 -4.39
C PHE A 1376 -8.45 59.34 -3.04
N VAL A 1377 -8.54 58.53 -1.99
CA VAL A 1377 -8.77 59.02 -0.63
C VAL A 1377 -7.47 59.45 0.00
N THR A 1378 -6.42 59.57 -0.81
CA THR A 1378 -5.04 59.70 -0.38
C THR A 1378 -4.84 60.56 0.86
N GLY A 1379 -5.27 61.81 0.81
CA GLY A 1379 -4.99 62.73 1.90
C GLY A 1379 -5.91 62.48 3.08
N VAL A 1380 -5.33 62.42 4.28
CA VAL A 1380 -6.16 62.40 5.49
C VAL A 1380 -6.89 63.72 5.61
N GLU A 1381 -6.29 64.80 5.11
CA GLU A 1381 -6.97 66.08 5.06
C GLU A 1381 -8.15 66.08 4.10
N ASP A 1382 -8.15 65.18 3.12
CA ASP A 1382 -9.28 65.08 2.22
C ASP A 1382 -10.53 64.66 2.97
N SER A 1383 -11.65 65.33 2.66
CA SER A 1383 -12.87 65.14 3.43
C SER A 1383 -13.33 63.69 3.41
N SER A 1384 -13.22 63.02 2.26
CA SER A 1384 -13.74 61.67 2.14
C SER A 1384 -13.05 60.71 3.11
N PHE A 1385 -11.76 60.90 3.34
CA PHE A 1385 -11.07 60.09 4.34
C PHE A 1385 -11.70 60.28 5.71
N ALA A 1386 -12.01 61.52 6.07
CA ALA A 1386 -12.66 61.78 7.35
C ALA A 1386 -14.04 61.14 7.40
N TYR A 1387 -14.80 61.26 6.32
CA TYR A 1387 -16.13 60.65 6.28
C TYR A 1387 -16.03 59.14 6.52
N GLY A 1388 -15.13 58.48 5.81
CA GLY A 1388 -14.98 57.05 5.99
C GLY A 1388 -14.53 56.66 7.37
N LEU A 1389 -13.50 57.35 7.89
CA LEU A 1389 -13.00 57.02 9.22
C LEU A 1389 -14.06 57.24 10.28
N LEU A 1390 -14.79 58.35 10.19
CA LEU A 1390 -15.84 58.62 11.17
C LEU A 1390 -16.95 57.61 11.07
N MET A 1391 -17.35 57.23 9.85
CA MET A 1391 -18.42 56.25 9.71
C MET A 1391 -18.02 54.90 10.30
N GLU A 1392 -16.81 54.46 10.00
CA GLU A 1392 -16.33 53.20 10.58
C GLU A 1392 -16.25 53.30 12.09
N LEU A 1393 -15.83 54.46 12.61
CA LEU A 1393 -15.70 54.62 14.05
C LEU A 1393 -17.07 54.57 14.72
N THR A 1394 -18.08 55.19 14.12
CA THR A 1394 -19.41 55.12 14.71
C THR A 1394 -20.00 53.73 14.60
N ARG A 1395 -19.73 53.03 13.51
CA ARG A 1395 -20.13 51.63 13.42
C ARG A 1395 -19.52 50.81 14.56
N ALA A 1396 -18.23 51.05 14.82
CA ALA A 1396 -17.55 50.34 15.90
C ALA A 1396 -18.10 50.75 17.26
N TYR A 1397 -18.50 52.01 17.41
CA TYR A 1397 -19.05 52.47 18.68
C TYR A 1397 -20.41 51.84 18.95
N LEU A 1398 -21.23 51.74 17.90
CA LEU A 1398 -22.54 51.11 18.05
C LEU A 1398 -22.40 49.61 18.27
N ALA A 1399 -21.36 48.99 17.69
CA ALA A 1399 -21.18 47.55 17.85
C ALA A 1399 -20.44 47.18 19.13
N TYR A 1400 -19.72 48.13 19.75
CA TYR A 1400 -18.96 47.88 20.96
C TYR A 1400 -19.68 48.39 22.19
N ALA A 1401 -21.02 48.41 22.15
CA ALA A 1401 -21.79 48.88 23.29
C ALA A 1401 -21.76 47.91 24.46
N ASP A 1402 -21.27 46.68 24.26
CA ASP A 1402 -21.15 45.74 25.37
C ASP A 1402 -19.85 45.95 26.12
N ASN A 1403 -18.72 45.87 25.41
CA ASN A 1403 -17.43 46.11 26.03
C ASN A 1403 -17.25 47.59 26.33
N SER A 1404 -16.64 47.87 27.48
CA SER A 1404 -16.47 49.26 27.91
C SER A 1404 -15.25 49.92 27.31
N ARG A 1405 -14.08 49.28 27.45
CA ARG A 1405 -12.84 49.90 27.01
C ARG A 1405 -12.86 50.19 25.51
N ALA A 1406 -13.38 49.25 24.73
CA ALA A 1406 -13.42 49.45 23.28
C ALA A 1406 -14.25 50.66 22.91
N GLN A 1407 -15.47 50.76 23.46
CA GLN A 1407 -16.32 51.90 23.14
C GLN A 1407 -15.73 53.19 23.66
N ASP A 1408 -15.05 53.15 24.80
CA ASP A 1408 -14.43 54.37 25.32
C ASP A 1408 -13.32 54.84 24.40
N SER A 1409 -12.50 53.90 23.91
CA SER A 1409 -11.47 54.24 22.94
C SER A 1409 -12.09 54.82 21.69
N ALA A 1410 -13.18 54.23 21.22
CA ALA A 1410 -13.85 54.73 20.02
C ALA A 1410 -14.38 56.13 20.24
N ALA A 1411 -14.89 56.40 21.45
CA ALA A 1411 -15.40 57.73 21.75
C ALA A 1411 -14.28 58.75 21.77
N TYR A 1412 -13.18 58.41 22.43
CA TYR A 1412 -12.01 59.30 22.45
C TYR A 1412 -11.55 59.58 21.02
N ALA A 1413 -11.54 58.54 20.18
CA ALA A 1413 -11.10 58.70 18.80
C ALA A 1413 -12.05 59.62 18.03
N ILE A 1414 -13.36 59.41 18.19
CA ILE A 1414 -14.33 60.23 17.47
C ILE A 1414 -14.21 61.68 17.90
N GLN A 1415 -14.10 61.92 19.20
CA GLN A 1415 -13.95 63.29 19.68
C GLN A 1415 -12.68 63.92 19.13
N GLU A 1416 -11.54 63.25 19.30
CA GLU A 1416 -10.29 63.81 18.83
C GLU A 1416 -10.27 64.03 17.33
N LEU A 1417 -10.96 63.18 16.57
CA LEU A 1417 -11.05 63.41 15.13
C LEU A 1417 -11.89 64.64 14.83
N LEU A 1418 -13.05 64.77 15.49
CA LEU A 1418 -13.88 65.95 15.30
C LEU A 1418 -13.12 67.22 15.67
N SER A 1419 -12.17 67.10 16.59
CA SER A 1419 -11.38 68.26 16.98
C SER A 1419 -10.30 68.56 15.94
N ILE A 1420 -9.54 67.53 15.52
CA ILE A 1420 -8.44 67.74 14.59
C ILE A 1420 -8.91 68.42 13.32
N TYR A 1421 -9.90 67.84 12.66
CA TYR A 1421 -10.63 68.50 11.58
C TYR A 1421 -12.03 68.79 12.10
N ASP A 1422 -12.40 70.07 12.12
CA ASP A 1422 -13.71 70.46 12.63
C ASP A 1422 -14.80 69.64 11.97
N CYS A 1423 -15.65 69.04 12.79
CA CYS A 1423 -16.72 68.18 12.30
C CYS A 1423 -18.07 68.86 12.24
N ARG A 1424 -18.24 69.99 12.92
CA ARG A 1424 -19.51 70.70 12.95
C ARG A 1424 -19.49 71.86 11.97
N GLU A 1425 -20.67 72.15 11.40
CA GLU A 1425 -20.79 73.26 10.46
C GLU A 1425 -20.42 74.59 11.12
N MET A 1426 -20.93 74.83 12.32
CA MET A 1426 -20.76 76.11 13.02
C MET A 1426 -21.19 77.27 12.12
N GLU A 1427 -22.27 77.04 11.38
CA GLU A 1427 -22.89 77.96 10.43
C GLU A 1427 -21.96 78.32 9.28
N THR A 1428 -20.78 77.73 9.20
CA THR A 1428 -19.85 78.00 8.13
C THR A 1428 -20.16 77.11 6.93
N ASN A 1429 -19.38 77.26 5.86
CA ASN A 1429 -19.50 76.42 4.68
C ASN A 1429 -18.16 75.78 4.31
N GLY A 1430 -17.21 75.77 5.23
CA GLY A 1430 -15.91 75.19 4.97
C GLY A 1430 -15.96 73.68 4.99
N PRO A 1431 -14.84 73.05 5.35
CA PRO A 1431 -14.80 71.57 5.36
C PRO A 1431 -15.73 70.97 6.40
N GLY A 1432 -15.76 71.54 7.61
CA GLY A 1432 -16.59 70.98 8.67
C GLY A 1432 -18.06 70.95 8.31
N HIS A 1433 -18.53 71.98 7.60
CA HIS A 1433 -19.92 72.01 7.17
C HIS A 1433 -20.24 70.82 6.27
N GLN A 1434 -19.45 70.66 5.21
CA GLN A 1434 -19.67 69.55 4.28
C GLN A 1434 -19.51 68.21 4.99
N LEU A 1435 -18.61 68.15 5.97
CA LEU A 1435 -18.44 66.91 6.72
C LEU A 1435 -19.71 66.57 7.50
N TRP A 1436 -20.16 67.49 8.35
CA TRP A 1436 -21.37 67.25 9.13
C TRP A 1436 -22.56 66.95 8.22
N ARG A 1437 -22.58 67.55 7.02
CA ARG A 1437 -23.64 67.23 6.06
C ARG A 1437 -23.47 65.82 5.53
N ARG A 1438 -22.23 65.33 5.40
CA ARG A 1438 -22.00 64.03 4.81
C ARG A 1438 -22.50 62.90 5.69
N PHE A 1439 -22.19 62.95 6.99
CA PHE A 1439 -22.55 61.86 7.87
C PHE A 1439 -24.07 61.71 7.93
N PRO A 1440 -24.58 60.51 8.17
CA PRO A 1440 -26.03 60.31 8.19
C PRO A 1440 -26.65 60.92 9.44
N GLU A 1441 -27.99 60.89 9.48
CA GLU A 1441 -28.71 61.47 10.60
C GLU A 1441 -28.39 60.75 11.91
N HIS A 1442 -28.53 59.42 11.93
CA HIS A 1442 -28.19 58.67 13.13
C HIS A 1442 -26.71 58.83 13.47
N VAL A 1443 -25.86 58.81 12.46
CA VAL A 1443 -24.44 59.05 12.68
C VAL A 1443 -24.21 60.45 13.24
N ARG A 1444 -25.02 61.41 12.79
CA ARG A 1444 -24.93 62.75 13.36
C ARG A 1444 -25.30 62.74 14.83
N GLU A 1445 -26.34 61.98 15.20
CA GLU A 1445 -26.70 61.84 16.61
C GLU A 1445 -25.54 61.26 17.39
N ILE A 1446 -24.87 60.24 16.84
CA ILE A 1446 -23.76 59.63 17.54
C ILE A 1446 -22.62 60.63 17.72
N LEU A 1447 -22.34 61.43 16.68
CA LEU A 1447 -21.21 62.35 16.75
C LEU A 1447 -21.50 63.51 17.69
N GLU A 1448 -22.76 63.94 17.79
CA GLU A 1448 -23.12 65.11 18.58
C GLU A 1448 -22.61 65.03 20.02
N PRO A 1449 -23.04 64.06 20.84
CA PRO A 1449 -22.49 63.97 22.19
C PRO A 1449 -20.99 63.78 22.21
N HIS A 1450 -20.43 63.03 21.25
CA HIS A 1450 -19.00 62.87 21.17
C HIS A 1450 -18.28 64.17 20.86
N LEU A 1451 -18.97 65.15 20.28
CA LEU A 1451 -18.33 66.41 19.94
C LEU A 1451 -18.02 67.23 21.19
N ASN A 1452 -19.01 67.45 22.05
CA ASN A 1452 -18.83 68.36 23.17
C ASN A 1452 -18.00 67.74 24.28
N THR A 1453 -18.05 66.43 24.42
CA THR A 1453 -17.39 65.76 25.54
C THR A 1453 -15.88 65.97 25.49
N ARG A 1454 -15.22 65.55 26.56
CA ARG A 1454 -13.77 65.61 26.65
C ARG A 1454 -13.29 64.39 27.43
N TYR A 1455 -12.79 63.40 26.71
CA TYR A 1455 -12.25 62.20 27.31
C TYR A 1455 -10.73 62.23 27.29
N LYS A 1456 -10.12 61.45 28.18
CA LYS A 1456 -8.67 61.36 28.28
C LYS A 1456 -8.21 60.05 27.68
N SER A 1457 -7.21 60.13 26.81
CA SER A 1457 -6.68 58.95 26.15
C SER A 1457 -5.94 58.07 27.16
N SER A 1458 -5.90 56.76 26.86
CA SER A 1458 -5.15 55.83 27.70
C SER A 1458 -3.68 56.21 27.74
N GLN A 1459 -3.14 56.68 26.62
CA GLN A 1459 -1.77 57.18 26.53
C GLN A 1459 -0.74 56.10 26.90
N LYS A 1460 -1.14 54.84 26.86
CA LYS A 1460 -0.25 53.72 27.17
C LYS A 1460 0.42 53.30 25.87
N SER A 1461 1.71 53.58 25.75
CA SER A 1461 2.47 53.34 24.53
C SER A 1461 3.70 52.51 24.85
N THR A 1462 3.87 51.41 24.13
CA THR A 1462 5.06 50.58 24.27
C THR A 1462 6.16 51.08 23.33
N ASP A 1463 7.40 50.70 23.66
CA ASP A 1463 8.55 51.06 22.84
C ASP A 1463 8.81 49.95 21.83
N TRP A 1464 8.48 50.21 20.57
CA TRP A 1464 8.60 49.21 19.51
C TRP A 1464 10.05 49.16 19.03
N SER A 1465 10.93 48.72 19.94
CA SER A 1465 12.33 48.49 19.60
C SER A 1465 12.76 47.12 20.09
N GLY A 1466 12.12 46.64 21.15
CA GLY A 1466 12.42 45.31 21.65
C GLY A 1466 11.82 44.20 20.82
N VAL A 1467 10.65 44.45 20.23
CA VAL A 1467 9.98 43.43 19.41
C VAL A 1467 10.87 43.09 18.22
N LYS A 1468 10.74 41.86 17.74
CA LYS A 1468 11.47 41.43 16.55
C LYS A 1468 11.20 42.38 15.39
N LYS A 1469 12.26 42.73 14.66
CA LYS A 1469 12.17 43.69 13.58
C LYS A 1469 11.06 43.27 12.61
N PRO A 1470 11.19 42.12 11.97
CA PRO A 1470 10.03 41.58 11.24
C PRO A 1470 8.96 41.15 12.24
N ILE A 1471 7.86 41.90 12.27
CA ILE A 1471 6.87 41.73 13.34
C ILE A 1471 6.05 40.47 13.11
N TYR A 1472 5.58 40.29 11.87
CA TYR A 1472 4.74 39.16 11.53
C TYR A 1472 5.40 37.83 11.90
N LEU A 1473 4.59 36.79 12.12
CA LEU A 1473 4.99 35.44 12.49
C LEU A 1473 5.59 35.37 13.89
N SER A 1474 5.66 36.47 14.62
CA SER A 1474 6.10 36.46 16.01
C SER A 1474 4.89 36.28 16.91
N LYS A 1475 5.11 36.30 18.23
CA LYS A 1475 3.98 36.27 19.15
C LYS A 1475 3.14 37.52 19.01
N LEU A 1476 3.74 38.63 18.58
CA LEU A 1476 3.00 39.81 18.18
C LEU A 1476 2.51 39.72 16.75
N GLY A 1477 2.99 38.75 15.98
CA GLY A 1477 2.53 38.54 14.62
C GLY A 1477 1.85 37.19 14.45
N SER A 1478 1.03 36.81 15.44
CA SER A 1478 0.39 35.49 15.45
C SER A 1478 -1.12 35.56 15.32
N ASN A 1479 -1.69 36.74 15.08
CA ASN A 1479 -3.13 36.86 14.91
C ASN A 1479 -3.47 38.14 14.17
N PHE A 1480 -4.40 38.03 13.20
CA PHE A 1480 -4.79 39.14 12.33
C PHE A 1480 -5.01 40.43 13.09
N ALA A 1481 -5.77 40.36 14.18
CA ALA A 1481 -6.05 41.53 15.00
C ALA A 1481 -4.76 42.16 15.50
N GLU A 1482 -3.93 41.38 16.20
CA GLU A 1482 -2.70 41.92 16.75
C GLU A 1482 -1.65 42.13 15.68
N TRP A 1483 -1.55 41.22 14.71
CA TRP A 1483 -0.56 41.35 13.65
C TRP A 1483 -0.82 42.60 12.82
N SER A 1484 -2.03 43.16 12.96
CA SER A 1484 -2.38 44.43 12.35
C SER A 1484 -2.19 45.61 13.29
N ALA A 1485 -2.70 45.51 14.52
CA ALA A 1485 -2.60 46.62 15.45
C ALA A 1485 -1.16 46.96 15.76
N SER A 1486 -0.33 45.94 15.98
CA SER A 1486 1.07 46.17 16.30
C SER A 1486 1.81 46.81 15.13
N TRP A 1487 1.60 46.29 13.92
CA TRP A 1487 2.24 46.89 12.75
C TRP A 1487 1.80 48.33 12.58
N ALA A 1488 0.50 48.59 12.76
CA ALA A 1488 0.01 49.97 12.67
C ALA A 1488 0.67 50.84 13.72
N GLY A 1489 0.83 50.33 14.94
CA GLY A 1489 1.46 51.12 15.98
C GLY A 1489 2.90 51.46 15.65
N TYR A 1490 3.66 50.47 15.15
CA TYR A 1490 5.05 50.72 14.78
C TYR A 1490 5.12 51.76 13.67
N LEU A 1491 4.28 51.63 12.65
CA LEU A 1491 4.33 52.56 11.54
C LEU A 1491 3.91 53.96 11.97
N ILE A 1492 2.90 54.06 12.82
CA ILE A 1492 2.52 55.36 13.37
C ILE A 1492 3.68 55.94 14.17
N THR A 1493 4.42 55.09 14.87
CA THR A 1493 5.65 55.54 15.50
C THR A 1493 6.63 56.08 14.45
N LYS A 1494 6.60 55.54 13.25
CA LYS A 1494 7.47 55.99 12.17
C LYS A 1494 6.88 57.11 11.33
N VAL A 1495 5.69 57.62 11.67
CA VAL A 1495 5.07 58.64 10.84
C VAL A 1495 5.87 59.94 10.94
N ARG A 1496 5.64 60.83 9.99
CA ARG A 1496 6.26 62.15 10.01
C ARG A 1496 5.28 63.30 9.89
N HIS A 1497 4.23 63.17 9.09
CA HIS A 1497 3.26 64.26 8.95
C HIS A 1497 2.54 64.49 10.27
N ASP A 1498 2.67 65.72 10.79
CA ASP A 1498 2.11 66.02 12.10
C ASP A 1498 0.61 65.80 12.14
N LEU A 1499 -0.11 66.27 11.12
CA LEU A 1499 -1.55 66.03 11.06
C LEU A 1499 -1.84 64.54 10.97
N ALA A 1500 -1.10 63.82 10.13
CA ALA A 1500 -1.27 62.37 10.06
C ALA A 1500 -0.89 61.72 11.37
N SER A 1501 0.17 62.21 12.01
CA SER A 1501 0.55 61.71 13.33
C SER A 1501 -0.61 61.81 14.30
N LYS A 1502 -1.24 62.98 14.38
CA LYS A 1502 -2.36 63.18 15.30
C LYS A 1502 -3.53 62.29 14.93
N ILE A 1503 -3.92 62.29 13.66
CA ILE A 1503 -5.09 61.52 13.24
C ILE A 1503 -4.89 60.04 13.52
N PHE A 1504 -3.67 59.54 13.31
CA PHE A 1504 -3.41 58.13 13.55
C PHE A 1504 -3.31 57.80 15.03
N THR A 1505 -2.66 58.66 15.81
CA THR A 1505 -2.52 58.39 17.24
C THR A 1505 -3.87 58.42 17.96
N CYS A 1506 -4.71 59.40 17.63
CA CYS A 1506 -6.00 59.50 18.28
C CYS A 1506 -6.90 58.30 18.00
N CYS A 1507 -6.52 57.45 17.05
CA CYS A 1507 -7.22 56.19 16.82
C CYS A 1507 -6.37 54.99 17.17
N SER A 1508 -5.11 55.18 17.58
CA SER A 1508 -4.24 54.06 17.87
C SER A 1508 -4.81 53.17 18.97
N ILE A 1509 -5.38 53.79 20.01
CA ILE A 1509 -6.05 53.01 21.05
C ILE A 1509 -7.21 52.20 20.52
N MET A 1510 -7.85 52.66 19.45
CA MET A 1510 -8.97 51.92 18.88
C MET A 1510 -8.48 50.76 18.02
N MET A 1511 -7.29 50.87 17.45
CA MET A 1511 -6.75 49.78 16.64
C MET A 1511 -6.66 48.49 17.45
N LYS A 1512 -6.36 48.60 18.73
CA LYS A 1512 -6.28 47.44 19.61
C LYS A 1512 -7.63 46.82 19.91
N HIS A 1513 -8.71 47.38 19.38
CA HIS A 1513 -10.06 46.88 19.65
C HIS A 1513 -10.77 46.36 18.41
N ASP A 1514 -10.82 47.15 17.33
CA ASP A 1514 -11.58 46.80 16.14
C ASP A 1514 -10.62 46.60 14.98
N PHE A 1515 -10.65 45.41 14.38
CA PHE A 1515 -9.78 45.13 13.24
C PHE A 1515 -10.17 45.93 12.01
N LYS A 1516 -11.47 46.22 11.85
CA LYS A 1516 -11.92 46.91 10.65
C LYS A 1516 -11.36 48.32 10.57
N VAL A 1517 -11.28 49.02 11.70
CA VAL A 1517 -10.69 50.36 11.70
C VAL A 1517 -9.21 50.28 11.36
N THR A 1518 -8.51 49.27 11.88
CA THR A 1518 -7.11 49.09 11.55
C THR A 1518 -6.93 48.85 10.06
N ILE A 1519 -7.82 48.06 9.46
CA ILE A 1519 -7.75 47.84 8.02
C ILE A 1519 -8.00 49.14 7.26
N TYR A 1520 -9.00 49.90 7.71
CA TYR A 1520 -9.30 51.17 7.03
C TYR A 1520 -8.14 52.14 7.12
N LEU A 1521 -7.36 52.05 8.20
CA LEU A 1521 -6.29 53.03 8.39
C LEU A 1521 -4.98 52.60 7.72
N LEU A 1522 -4.67 51.30 7.75
CA LEU A 1522 -3.35 50.83 7.33
C LEU A 1522 -2.89 51.37 5.98
N PRO A 1523 -3.71 51.46 4.93
CA PRO A 1523 -3.21 52.01 3.67
C PRO A 1523 -2.78 53.46 3.79
N HIS A 1524 -3.67 54.33 4.29
CA HIS A 1524 -3.28 55.72 4.47
C HIS A 1524 -2.12 55.84 5.45
N ILE A 1525 -2.03 54.92 6.42
CA ILE A 1525 -0.90 54.92 7.34
C ILE A 1525 0.39 54.70 6.58
N LEU A 1526 0.45 53.65 5.76
CA LEU A 1526 1.64 53.37 4.97
C LEU A 1526 1.96 54.54 4.03
N VAL A 1527 0.93 55.14 3.45
CA VAL A 1527 1.14 56.25 2.53
C VAL A 1527 1.79 57.41 3.25
N TYR A 1528 1.25 57.81 4.40
CA TYR A 1528 1.88 58.87 5.16
C TYR A 1528 3.28 58.48 5.63
N VAL A 1529 3.51 57.19 5.87
CA VAL A 1529 4.83 56.75 6.32
C VAL A 1529 5.88 56.97 5.24
N LEU A 1530 5.64 56.40 4.06
CA LEU A 1530 6.67 56.35 3.03
C LEU A 1530 7.11 57.72 2.54
N LEU A 1531 6.40 58.78 2.94
CA LEU A 1531 6.72 60.11 2.41
C LEU A 1531 8.02 60.65 2.99
N GLY A 1532 8.15 60.66 4.31
CA GLY A 1532 9.30 61.27 4.93
C GLY A 1532 10.04 60.36 5.90
N CYS A 1533 9.98 59.05 5.65
CA CYS A 1533 10.67 58.12 6.52
C CYS A 1533 12.11 57.92 6.04
N ASN A 1534 12.93 57.38 6.94
CA ASN A 1534 14.28 57.02 6.56
C ASN A 1534 14.28 55.86 5.57
N GLN A 1535 15.38 55.73 4.84
CA GLN A 1535 15.50 54.61 3.91
C GLN A 1535 15.54 53.28 4.66
N GLU A 1536 16.07 53.28 5.88
CA GLU A 1536 16.00 52.08 6.70
C GLU A 1536 14.58 51.83 7.17
N ASP A 1537 13.76 52.88 7.32
CA ASP A 1537 12.35 52.67 7.58
C ASP A 1537 11.67 51.99 6.40
N GLN A 1538 11.96 52.47 5.19
CA GLN A 1538 11.50 51.77 3.99
C GLN A 1538 11.96 50.33 4.00
N GLN A 1539 13.21 50.08 4.42
CA GLN A 1539 13.71 48.72 4.45
C GLN A 1539 12.95 47.87 5.46
N GLU A 1540 12.64 48.44 6.63
CA GLU A 1540 11.91 47.70 7.65
C GLU A 1540 10.50 47.37 7.17
N VAL A 1541 9.83 48.32 6.53
CA VAL A 1541 8.46 48.03 6.10
C VAL A 1541 8.46 47.08 4.91
N TYR A 1542 9.48 47.16 4.05
CA TYR A 1542 9.60 46.18 2.98
C TYR A 1542 9.87 44.80 3.55
N ALA A 1543 10.64 44.73 4.63
CA ALA A 1543 10.85 43.46 5.31
C ALA A 1543 9.53 42.91 5.85
N GLU A 1544 8.71 43.80 6.44
CA GLU A 1544 7.39 43.36 6.91
C GLU A 1544 6.54 42.80 5.77
N ILE A 1545 6.45 43.56 4.68
CA ILE A 1545 5.64 43.15 3.54
C ILE A 1545 6.12 41.81 3.00
N MET A 1546 7.41 41.69 2.75
CA MET A 1546 7.95 40.41 2.30
C MET A 1546 7.75 39.31 3.34
N ALA A 1547 7.66 39.68 4.62
CA ALA A 1547 7.46 38.67 5.66
C ALA A 1547 6.07 38.08 5.56
N VAL A 1548 5.06 38.91 5.34
CA VAL A 1548 3.71 38.37 5.19
C VAL A 1548 3.55 37.69 3.83
N LEU A 1549 4.23 38.22 2.81
CA LEU A 1549 4.12 37.63 1.47
C LEU A 1549 4.82 36.28 1.40
N LYS A 1550 6.09 36.23 1.82
CA LYS A 1550 6.82 34.97 1.77
C LYS A 1550 6.17 33.90 2.64
N HIS A 1551 5.45 34.31 3.67
CA HIS A 1551 4.79 33.34 4.55
C HIS A 1551 3.71 32.60 3.79
N ASP A 1552 3.80 31.27 3.76
CA ASP A 1552 2.83 30.42 3.11
C ASP A 1552 2.17 29.44 4.06
N ASP A 1553 2.96 28.78 4.91
CA ASP A 1553 2.45 27.74 5.79
C ASP A 1553 3.28 27.75 7.07
N GLN A 1554 3.22 26.66 7.82
CA GLN A 1554 3.86 26.59 9.14
C GLN A 1554 5.34 26.96 9.10
N HIS A 1555 5.98 26.85 7.94
CA HIS A 1555 7.40 27.18 7.80
C HIS A 1555 7.69 28.61 8.25
N SER A 1564 -4.16 29.02 10.59
CA SER A 1564 -5.10 30.05 10.99
C SER A 1564 -5.34 31.04 9.86
N ASP A 1565 -6.46 31.76 9.91
CA ASP A 1565 -6.80 32.74 8.88
C ASP A 1565 -5.86 33.93 8.89
N LEU A 1566 -4.85 33.94 9.74
CA LEU A 1566 -3.89 35.02 9.80
C LEU A 1566 -3.22 35.23 8.45
N CYS A 1567 -2.74 34.15 7.83
CA CYS A 1567 -2.05 34.27 6.56
C CYS A 1567 -2.92 34.95 5.51
N GLN A 1568 -4.15 34.45 5.33
CA GLN A 1568 -5.02 34.97 4.29
C GLN A 1568 -5.44 36.41 4.59
N LEU A 1569 -5.84 36.68 5.83
CA LEU A 1569 -6.27 38.02 6.19
C LEU A 1569 -5.14 39.03 6.02
N SER A 1570 -3.94 38.68 6.48
CA SER A 1570 -2.82 39.62 6.41
C SER A 1570 -2.32 39.78 4.99
N THR A 1571 -2.41 38.72 4.17
CA THR A 1571 -2.04 38.87 2.77
C THR A 1571 -3.02 39.76 2.04
N GLN A 1572 -4.31 39.59 2.30
CA GLN A 1572 -5.30 40.52 1.76
C GLN A 1572 -5.01 41.94 2.21
N THR A 1573 -4.63 42.11 3.48
CA THR A 1573 -4.29 43.42 4.00
C THR A 1573 -3.12 44.03 3.25
N VAL A 1574 -2.06 43.26 3.09
CA VAL A 1574 -0.85 43.78 2.45
C VAL A 1574 -1.12 44.09 0.99
N PHE A 1575 -1.88 43.23 0.31
CA PHE A 1575 -2.22 43.50 -1.08
C PHE A 1575 -3.06 44.76 -1.21
N SER A 1576 -4.02 44.95 -0.30
CA SER A 1576 -4.84 46.15 -0.33
C SER A 1576 -4.00 47.39 -0.07
N MET A 1577 -3.04 47.28 0.85
CA MET A 1577 -2.17 48.41 1.15
C MET A 1577 -1.31 48.76 -0.06
N LEU A 1578 -0.76 47.74 -0.72
CA LEU A 1578 0.01 47.99 -1.92
C LEU A 1578 -0.86 48.59 -3.01
N ASP A 1579 -2.14 48.18 -3.08
CA ASP A 1579 -3.04 48.74 -4.07
C ASP A 1579 -3.31 50.22 -3.79
N HIS A 1580 -3.48 50.56 -2.52
CA HIS A 1580 -3.66 51.97 -2.17
C HIS A 1580 -2.40 52.76 -2.45
N LEU A 1581 -1.23 52.16 -2.23
CA LEU A 1581 0.01 52.83 -2.61
C LEU A 1581 0.06 53.06 -4.11
N THR A 1582 -0.42 52.09 -4.89
CA THR A 1582 -0.45 52.24 -6.33
C THR A 1582 -1.37 53.38 -6.75
N GLN A 1583 -2.56 53.44 -6.15
CA GLN A 1583 -3.49 54.52 -6.45
C GLN A 1583 -2.89 55.87 -6.08
N TRP A 1584 -2.19 55.91 -4.95
CA TRP A 1584 -1.52 57.15 -4.54
C TRP A 1584 -0.45 57.52 -5.54
N ALA A 1585 0.28 56.54 -6.06
CA ALA A 1585 1.29 56.81 -7.07
C ALA A 1585 0.65 57.38 -8.33
N ARG A 1586 -0.46 56.79 -8.77
CA ARG A 1586 -1.14 57.30 -9.95
C ARG A 1586 -1.60 58.73 -9.74
N HIS A 1587 -2.24 59.01 -8.60
CA HIS A 1587 -2.71 60.36 -8.35
C HIS A 1587 -1.56 61.36 -8.22
N LYS A 1588 -0.46 60.94 -7.60
CA LYS A 1588 0.69 61.83 -7.47
C LYS A 1588 1.32 62.11 -8.82
N PHE A 1589 1.34 61.13 -9.73
CA PHE A 1589 1.83 61.41 -11.07
C PHE A 1589 0.88 62.34 -11.81
N GLN A 1590 -0.42 62.17 -11.59
CA GLN A 1590 -1.39 63.11 -12.15
C GLN A 1590 -1.12 64.53 -11.67
N ALA A 1591 -0.74 64.67 -10.40
CA ALA A 1591 -0.37 65.98 -9.89
C ALA A 1591 0.93 66.47 -10.52
N LEU A 1592 1.89 65.56 -10.73
CA LEU A 1592 3.17 65.94 -11.32
C LEU A 1592 2.98 66.49 -12.73
N LYS A 1593 2.23 65.78 -13.57
CA LYS A 1593 1.96 66.28 -14.91
C LYS A 1593 1.17 67.58 -14.88
N ALA A 1594 0.38 67.81 -13.84
CA ALA A 1594 -0.38 69.04 -13.70
C ALA A 1594 0.54 70.21 -13.33
N THR A 1613 8.63 69.86 -7.15
CA THR A 1613 8.32 70.20 -5.77
C THR A 1613 8.35 68.96 -4.88
N VAL A 1614 8.04 69.15 -3.60
CA VAL A 1614 8.11 68.07 -2.63
C VAL A 1614 7.29 66.87 -3.08
N ASP A 1615 6.14 67.12 -3.71
CA ASP A 1615 5.29 66.03 -4.18
C ASP A 1615 5.99 65.16 -5.21
N TYR A 1616 6.84 65.75 -6.05
CA TYR A 1616 7.55 64.97 -7.05
C TYR A 1616 8.48 63.95 -6.40
N GLU A 1617 9.28 64.39 -5.44
CA GLU A 1617 10.15 63.46 -4.75
C GLU A 1617 9.39 62.50 -3.86
N ASP A 1618 8.24 62.90 -3.32
CA ASP A 1618 7.41 61.96 -2.57
C ASP A 1618 6.90 60.85 -3.50
N TYR A 1619 6.48 61.22 -4.70
CA TYR A 1619 6.07 60.23 -5.69
C TYR A 1619 7.23 59.32 -6.05
N GLN A 1620 8.42 59.90 -6.21
CA GLN A 1620 9.60 59.08 -6.46
C GLN A 1620 9.84 58.10 -5.31
N SER A 1621 9.61 58.56 -4.08
CA SER A 1621 9.82 57.71 -2.92
C SER A 1621 8.84 56.54 -2.91
N VAL A 1622 7.55 56.83 -3.09
CA VAL A 1622 6.56 55.77 -3.07
C VAL A 1622 6.76 54.83 -4.26
N THR A 1623 7.25 55.37 -5.37
CA THR A 1623 7.53 54.55 -6.53
C THR A 1623 8.68 53.59 -6.24
N ARG A 1624 9.76 54.11 -5.66
CA ARG A 1624 10.85 53.26 -5.21
C ARG A 1624 10.33 52.17 -4.28
N PHE A 1625 9.50 52.56 -3.32
CA PHE A 1625 8.97 51.58 -2.36
C PHE A 1625 8.21 50.48 -3.07
N LEU A 1626 7.32 50.85 -4.00
CA LEU A 1626 6.56 49.84 -4.72
C LEU A 1626 7.48 48.93 -5.53
N ASP A 1627 8.45 49.52 -6.23
CA ASP A 1627 9.35 48.72 -7.04
C ASP A 1627 10.25 47.83 -6.20
N LEU A 1628 10.42 48.14 -4.91
CA LEU A 1628 11.16 47.23 -4.04
C LEU A 1628 10.45 45.89 -3.93
N ILE A 1629 9.13 45.91 -3.83
CA ILE A 1629 8.33 44.68 -3.79
C ILE A 1629 8.40 44.03 -5.17
N PRO A 1630 9.06 42.90 -5.31
CA PRO A 1630 9.09 42.23 -6.62
C PRO A 1630 7.71 41.70 -6.99
N GLN A 1631 7.19 42.22 -8.10
CA GLN A 1631 5.83 41.89 -8.51
C GLN A 1631 5.58 40.39 -8.61
N ASP A 1632 6.58 39.62 -9.04
CA ASP A 1632 6.41 38.18 -9.16
C ASP A 1632 6.14 37.56 -7.79
N THR A 1633 6.78 38.07 -6.75
CA THR A 1633 6.51 37.55 -5.41
C THR A 1633 5.07 37.85 -5.00
N LEU A 1634 4.60 39.07 -5.28
CA LEU A 1634 3.21 39.39 -4.99
C LEU A 1634 2.26 38.47 -5.75
N ALA A 1635 2.61 38.12 -6.98
CA ALA A 1635 1.78 37.20 -7.77
C ALA A 1635 1.75 35.83 -7.13
N VAL A 1636 2.92 35.32 -6.73
CA VAL A 1636 2.98 34.02 -6.07
C VAL A 1636 2.13 34.04 -4.80
N ALA A 1637 2.19 35.15 -4.07
CA ALA A 1637 1.40 35.26 -2.84
C ALA A 1637 -0.09 35.24 -3.14
N SER A 1638 -0.54 36.06 -4.08
CA SER A 1638 -1.95 36.07 -4.46
C SER A 1638 -2.41 34.68 -4.88
N PHE A 1639 -1.56 33.95 -5.61
CA PHE A 1639 -1.86 32.56 -5.92
C PHE A 1639 -2.04 31.76 -4.64
N ARG A 1640 -1.11 31.91 -3.70
CA ARG A 1640 -1.24 31.22 -2.42
C ARG A 1640 -2.49 31.65 -1.67
N SER A 1641 -2.92 32.90 -1.81
CA SER A 1641 -4.16 33.36 -1.20
C SER A 1641 -5.38 33.05 -2.03
N LYS A 1642 -5.22 32.30 -3.12
CA LYS A 1642 -6.30 31.91 -4.03
C LYS A 1642 -6.96 33.10 -4.71
N ALA A 1643 -6.43 34.31 -4.54
CA ALA A 1643 -6.93 35.48 -5.26
C ALA A 1643 -6.40 35.40 -6.70
N TYR A 1644 -6.99 34.48 -7.46
CA TYR A 1644 -6.44 34.14 -8.77
C TYR A 1644 -6.38 35.35 -9.70
N THR A 1645 -7.38 36.22 -9.64
CA THR A 1645 -7.36 37.41 -10.48
C THR A 1645 -6.22 38.36 -10.11
N ARG A 1646 -5.99 38.56 -8.83
CA ARG A 1646 -4.86 39.38 -8.40
C ARG A 1646 -3.56 38.74 -8.85
N ALA A 1647 -3.48 37.41 -8.77
CA ALA A 1647 -2.29 36.71 -9.25
C ALA A 1647 -2.07 36.94 -10.74
N VAL A 1648 -3.14 36.89 -11.52
CA VAL A 1648 -3.01 37.09 -12.97
C VAL A 1648 -2.53 38.50 -13.25
N MET A 1649 -3.13 39.49 -12.61
CA MET A 1649 -2.70 40.87 -12.84
C MET A 1649 -1.25 41.06 -12.44
N HIS A 1650 -0.85 40.52 -11.29
CA HIS A 1650 0.51 40.71 -10.82
C HIS A 1650 1.53 40.01 -11.72
N PHE A 1651 1.23 38.78 -12.13
CA PHE A 1651 2.14 38.08 -13.03
C PHE A 1651 2.24 38.80 -14.37
N GLU A 1652 1.12 39.34 -14.86
CA GLU A 1652 1.17 40.11 -16.10
C GLU A 1652 2.07 41.33 -15.94
N SER A 1653 1.94 42.04 -14.82
CA SER A 1653 2.82 43.18 -14.58
C SER A 1653 4.27 42.73 -14.57
N PHE A 1654 4.58 41.68 -13.79
CA PHE A 1654 5.97 41.22 -13.69
C PHE A 1654 6.53 40.86 -15.05
N ILE A 1655 5.73 40.22 -15.90
CA ILE A 1655 6.17 39.91 -17.26
C ILE A 1655 6.42 41.19 -18.04
N THR A 1656 5.50 42.15 -17.94
CA THR A 1656 5.61 43.38 -18.72
C THR A 1656 6.57 44.38 -18.10
N GLU A 1657 6.46 44.62 -16.79
CA GLU A 1657 7.34 45.58 -16.14
C GLU A 1657 8.80 45.13 -16.22
N LYS A 1658 9.09 43.91 -15.78
CA LYS A 1658 10.40 43.32 -15.95
C LYS A 1658 10.34 42.42 -17.18
N LYS A 1659 10.98 42.86 -18.26
CA LYS A 1659 10.92 42.11 -19.51
C LYS A 1659 11.51 40.72 -19.34
N GLN A 1660 10.67 39.69 -19.40
CA GLN A 1660 11.10 38.31 -19.27
C GLN A 1660 10.63 37.51 -20.49
N ASN A 1661 11.19 36.32 -20.63
CA ASN A 1661 10.69 35.35 -21.59
C ASN A 1661 9.56 34.59 -20.92
N ILE A 1662 8.32 34.89 -21.32
CA ILE A 1662 7.15 34.28 -20.68
C ILE A 1662 7.25 32.76 -20.69
N GLN A 1663 7.89 32.20 -21.73
CA GLN A 1663 8.03 30.75 -21.82
C GLN A 1663 8.69 30.15 -20.58
N GLU A 1664 9.47 30.93 -19.85
CA GLU A 1664 10.09 30.41 -18.63
C GLU A 1664 9.05 30.17 -17.55
N HIS A 1665 8.21 31.16 -17.28
CA HIS A 1665 7.21 31.06 -16.22
C HIS A 1665 5.86 30.58 -16.72
N LEU A 1666 5.80 30.02 -17.94
CA LEU A 1666 4.53 29.64 -18.53
C LEU A 1666 3.81 28.59 -17.70
N GLY A 1667 4.54 27.70 -17.03
CA GLY A 1667 3.89 26.67 -16.24
C GLY A 1667 3.07 27.24 -15.11
N PHE A 1668 3.61 28.25 -14.41
CA PHE A 1668 2.86 28.88 -13.35
C PHE A 1668 1.62 29.58 -13.90
N LEU A 1669 1.77 30.26 -15.05
CA LEU A 1669 0.62 30.90 -15.66
C LEU A 1669 -0.45 29.88 -16.00
N GLN A 1670 -0.03 28.68 -16.40
CA GLN A 1670 -1.00 27.63 -16.70
C GLN A 1670 -1.70 27.16 -15.45
N LYS A 1671 -0.95 26.92 -14.37
CA LYS A 1671 -1.57 26.56 -13.10
C LYS A 1671 -2.60 27.61 -12.71
N LEU A 1672 -2.25 28.89 -12.89
CA LEU A 1672 -3.16 29.97 -12.52
C LEU A 1672 -4.43 29.91 -13.35
N TYR A 1673 -4.30 30.00 -14.68
CA TYR A 1673 -5.47 29.96 -15.55
C TYR A 1673 -6.33 28.74 -15.27
N ALA A 1674 -5.72 27.61 -14.96
CA ALA A 1674 -6.49 26.43 -14.59
C ALA A 1674 -7.29 26.69 -13.34
N ALA A 1675 -6.64 27.18 -12.28
CA ALA A 1675 -7.34 27.46 -11.04
C ALA A 1675 -8.45 28.48 -11.25
N MET A 1676 -8.17 29.54 -12.01
CA MET A 1676 -9.20 30.52 -12.32
C MET A 1676 -10.30 29.97 -13.22
N HIS A 1677 -10.22 28.68 -13.60
CA HIS A 1677 -11.25 28.02 -14.38
C HIS A 1677 -11.55 28.77 -15.68
N GLU A 1678 -10.50 29.30 -16.31
CA GLU A 1678 -10.62 29.98 -17.59
C GLU A 1678 -9.91 29.15 -18.64
N PRO A 1679 -10.59 28.22 -19.30
CA PRO A 1679 -9.90 27.28 -20.19
C PRO A 1679 -9.17 27.95 -21.34
N ASP A 1680 -9.72 29.03 -21.89
CA ASP A 1680 -9.05 29.72 -22.99
C ASP A 1680 -7.65 30.14 -22.60
N GLY A 1681 -7.46 30.50 -21.34
CA GLY A 1681 -6.13 30.81 -20.88
C GLY A 1681 -5.20 29.61 -20.94
N VAL A 1682 -5.71 28.43 -20.61
CA VAL A 1682 -4.89 27.23 -20.68
C VAL A 1682 -4.55 26.91 -22.13
N ALA A 1683 -5.51 27.08 -23.03
CA ALA A 1683 -5.24 26.86 -24.45
C ALA A 1683 -4.19 27.84 -24.96
N GLY A 1684 -4.25 29.09 -24.49
CA GLY A 1684 -3.24 30.04 -24.87
C GLY A 1684 -1.86 29.67 -24.35
N VAL A 1685 -1.77 29.30 -23.07
CA VAL A 1685 -0.50 28.86 -22.52
C VAL A 1685 0.04 27.68 -23.31
N SER A 1686 -0.86 26.82 -23.78
CA SER A 1686 -0.46 25.73 -24.67
C SER A 1686 0.17 26.28 -25.94
N ALA A 1687 -0.57 27.11 -26.66
CA ALA A 1687 -0.09 27.57 -27.97
C ALA A 1687 1.18 28.39 -27.87
N ILE A 1688 1.43 29.02 -26.72
CA ILE A 1688 2.62 29.84 -26.59
C ILE A 1688 3.86 28.99 -26.39
N ARG A 1689 3.73 27.84 -25.75
CA ARG A 1689 4.88 27.02 -25.38
C ARG A 1689 5.74 26.69 -26.59
N LYS A 1690 6.97 27.19 -26.59
CA LYS A 1690 7.94 26.75 -27.58
C LYS A 1690 8.52 25.40 -27.21
N ALA A 1691 8.58 25.10 -25.92
CA ALA A 1691 9.11 23.82 -25.47
C ALA A 1691 8.02 22.76 -25.47
N GLU A 1692 8.45 21.52 -25.28
CA GLU A 1692 7.52 20.40 -25.22
C GLU A 1692 6.76 20.43 -23.90
N PRO A 1693 5.44 20.26 -23.92
CA PRO A 1693 4.69 20.19 -22.66
C PRO A 1693 5.06 18.94 -21.88
N SER A 1694 5.35 19.12 -20.60
CA SER A 1694 5.56 17.97 -19.75
C SER A 1694 4.27 17.20 -19.58
N LEU A 1695 4.37 16.01 -18.99
CA LEU A 1695 3.19 15.18 -18.82
C LEU A 1695 2.15 15.84 -17.94
N LYS A 1696 2.59 16.43 -16.82
CA LYS A 1696 1.64 17.08 -15.92
C LYS A 1696 0.95 18.25 -16.61
N GLU A 1697 1.71 19.05 -17.35
CA GLU A 1697 1.10 20.12 -18.14
C GLU A 1697 0.15 19.56 -19.18
N GLN A 1698 0.50 18.41 -19.76
CA GLN A 1698 -0.39 17.77 -20.71
C GLN A 1698 -1.71 17.39 -20.05
N ILE A 1699 -1.64 16.83 -18.85
CA ILE A 1699 -2.85 16.43 -18.14
C ILE A 1699 -3.69 17.65 -17.82
N LEU A 1700 -3.04 18.73 -17.37
CA LEU A 1700 -3.76 19.96 -17.10
C LEU A 1700 -4.46 20.47 -18.35
N GLU A 1701 -3.77 20.42 -19.49
CA GLU A 1701 -4.36 20.88 -20.74
C GLU A 1701 -5.55 20.02 -21.13
N HIS A 1702 -5.45 18.71 -20.95
CA HIS A 1702 -6.56 17.85 -21.27
C HIS A 1702 -7.74 18.11 -20.35
N GLU A 1703 -7.48 18.39 -19.07
CA GLU A 1703 -8.56 18.71 -18.16
C GLU A 1703 -9.27 20.00 -18.57
N SER A 1704 -8.49 21.01 -18.95
CA SER A 1704 -9.11 22.27 -19.36
C SER A 1704 -9.86 22.12 -20.67
N LEU A 1705 -9.28 21.41 -21.65
CA LEU A 1705 -9.93 21.24 -22.93
C LEU A 1705 -11.15 20.33 -22.84
N GLY A 1706 -11.23 19.51 -21.79
CA GLY A 1706 -12.40 18.71 -21.54
C GLY A 1706 -12.45 17.38 -22.24
N LEU A 1707 -11.52 17.10 -23.15
CA LEU A 1707 -11.53 15.82 -23.86
C LEU A 1707 -11.33 14.68 -22.86
N LEU A 1708 -11.95 13.54 -23.15
CA LEU A 1708 -12.01 12.44 -22.19
C LEU A 1708 -11.07 11.28 -22.50
N ARG A 1709 -11.09 10.76 -23.72
CA ARG A 1709 -10.32 9.56 -24.03
C ARG A 1709 -8.82 9.83 -23.94
N ASP A 1710 -8.35 10.87 -24.63
CA ASP A 1710 -6.94 11.23 -24.53
C ASP A 1710 -6.56 11.61 -23.10
N ALA A 1711 -7.50 12.19 -22.35
CA ALA A 1711 -7.23 12.46 -20.94
C ALA A 1711 -7.00 11.17 -20.17
N THR A 1712 -7.79 10.12 -20.47
CA THR A 1712 -7.57 8.83 -19.85
C THR A 1712 -6.19 8.28 -20.22
N ALA A 1713 -5.81 8.46 -21.49
CA ALA A 1713 -4.50 8.01 -21.92
C ALA A 1713 -3.39 8.69 -21.11
N CYS A 1714 -3.47 10.01 -20.98
CA CYS A 1714 -2.47 10.72 -20.20
C CYS A 1714 -2.50 10.30 -18.73
N TYR A 1715 -3.70 10.08 -18.19
CA TYR A 1715 -3.80 9.70 -16.79
C TYR A 1715 -3.16 8.34 -16.54
N ASP A 1716 -3.37 7.39 -17.46
CA ASP A 1716 -2.74 6.10 -17.31
C ASP A 1716 -1.23 6.18 -17.48
N ARG A 1717 -0.78 7.00 -18.43
CA ARG A 1717 0.65 7.25 -18.55
C ARG A 1717 1.23 7.77 -17.25
N ALA A 1718 0.51 8.68 -16.59
CA ALA A 1718 0.98 9.21 -15.32
C ALA A 1718 1.00 8.15 -14.24
N ILE A 1719 -0.07 7.37 -14.12
CA ILE A 1719 -0.13 6.32 -13.11
C ILE A 1719 1.05 5.36 -13.29
N GLN A 1720 1.32 4.97 -14.53
CA GLN A 1720 2.53 4.19 -14.80
C GLN A 1720 3.78 4.92 -14.39
N LEU A 1721 3.82 6.25 -14.54
CA LEU A 1721 5.00 7.00 -14.17
C LEU A 1721 5.10 7.20 -12.66
N GLU A 1722 4.00 7.63 -12.04
CA GLU A 1722 3.95 7.82 -10.59
C GLU A 1722 2.85 6.95 -10.01
N PRO A 1723 3.19 5.75 -9.53
CA PRO A 1723 2.15 4.88 -8.98
C PRO A 1723 1.56 5.40 -7.67
N ASP A 1724 2.36 6.07 -6.86
CA ASP A 1724 1.91 6.53 -5.53
C ASP A 1724 1.23 7.90 -5.62
N GLN A 1725 0.22 7.98 -6.49
CA GLN A 1725 -0.48 9.23 -6.69
C GLN A 1725 -1.98 8.99 -6.63
N ILE A 1726 -2.69 9.96 -6.06
CA ILE A 1726 -4.14 9.87 -6.01
C ILE A 1726 -4.79 10.83 -7.01
N ILE A 1727 -4.07 11.89 -7.41
CA ILE A 1727 -4.60 12.79 -8.42
C ILE A 1727 -4.76 12.08 -9.75
N HIS A 1728 -3.77 11.29 -10.15
CA HIS A 1728 -3.85 10.59 -11.42
C HIS A 1728 -4.94 9.53 -11.40
N TYR A 1729 -5.04 8.77 -10.30
CA TYR A 1729 -6.10 7.78 -10.20
C TYR A 1729 -7.47 8.46 -10.20
N HIS A 1730 -7.58 9.61 -9.55
CA HIS A 1730 -8.84 10.35 -9.55
C HIS A 1730 -9.19 10.80 -10.97
N GLY A 1731 -8.20 11.26 -11.73
CA GLY A 1731 -8.46 11.62 -13.11
C GLY A 1731 -8.94 10.44 -13.93
N VAL A 1732 -8.28 9.29 -13.76
CA VAL A 1732 -8.63 8.10 -14.52
C VAL A 1732 -10.07 7.69 -14.21
N VAL A 1733 -10.42 7.61 -12.93
CA VAL A 1733 -11.75 7.14 -12.56
C VAL A 1733 -12.80 8.18 -12.93
N LYS A 1734 -12.46 9.47 -12.86
CA LYS A 1734 -13.41 10.50 -13.24
C LYS A 1734 -13.70 10.43 -14.73
N SER A 1735 -12.67 10.23 -15.55
CA SER A 1735 -12.90 10.02 -16.96
C SER A 1735 -13.77 8.79 -17.20
N MET A 1736 -13.47 7.68 -16.51
CA MET A 1736 -14.26 6.48 -16.68
C MET A 1736 -15.71 6.72 -16.32
N LEU A 1737 -15.96 7.58 -15.33
CA LEU A 1737 -17.33 7.93 -14.98
C LEU A 1737 -17.97 8.80 -16.04
N GLY A 1738 -17.20 9.72 -16.61
CA GLY A 1738 -17.70 10.58 -17.66
C GLY A 1738 -18.11 9.81 -18.89
N LEU A 1739 -17.29 8.84 -19.28
CA LEU A 1739 -17.57 7.99 -20.43
C LEU A 1739 -18.90 7.26 -20.27
N GLY A 1740 -19.34 7.10 -19.03
CA GLY A 1740 -20.50 6.29 -18.75
C GLY A 1740 -20.21 4.84 -18.49
N GLN A 1741 -18.93 4.46 -18.43
CA GLN A 1741 -18.54 3.11 -18.04
C GLN A 1741 -18.68 2.94 -16.53
N LEU A 1742 -19.95 2.95 -16.09
CA LEU A 1742 -20.24 3.04 -14.67
C LEU A 1742 -19.77 1.80 -13.91
N SER A 1743 -20.25 0.62 -14.32
CA SER A 1743 -19.83 -0.59 -13.64
C SER A 1743 -18.31 -0.76 -13.69
N THR A 1744 -17.70 -0.37 -14.81
CA THR A 1744 -16.25 -0.37 -14.88
C THR A 1744 -15.66 0.59 -13.87
N VAL A 1745 -16.29 1.75 -13.67
CA VAL A 1745 -15.80 2.70 -12.67
C VAL A 1745 -15.84 2.07 -11.29
N ILE A 1746 -16.94 1.37 -10.98
CA ILE A 1746 -17.07 0.75 -9.66
C ILE A 1746 -15.99 -0.31 -9.46
N THR A 1747 -15.84 -1.20 -10.45
CA THR A 1747 -14.84 -2.26 -10.31
C THR A 1747 -13.43 -1.67 -10.23
N GLN A 1748 -13.17 -0.59 -10.96
CA GLN A 1748 -11.87 0.05 -10.89
C GLN A 1748 -11.61 0.63 -9.51
N VAL A 1749 -12.62 1.29 -8.94
CA VAL A 1749 -12.48 1.83 -7.59
C VAL A 1749 -12.22 0.71 -6.60
N ASN A 1750 -12.89 -0.44 -6.79
CA ASN A 1750 -12.65 -1.57 -5.90
C ASN A 1750 -11.24 -2.11 -6.05
N GLY A 1751 -10.73 -2.14 -7.28
CA GLY A 1751 -9.36 -2.58 -7.48
C GLY A 1751 -8.37 -1.65 -6.83
N VAL A 1752 -8.60 -0.34 -6.94
CA VAL A 1752 -7.73 0.62 -6.26
C VAL A 1752 -7.82 0.44 -4.75
N HIS A 1753 -9.02 0.14 -4.23
CA HIS A 1753 -9.18 -0.10 -2.81
C HIS A 1753 -8.36 -1.30 -2.37
N ALA A 1754 -8.45 -2.40 -3.11
CA ALA A 1754 -7.63 -3.58 -2.78
C ALA A 1754 -6.16 -3.24 -2.84
N ASN A 1755 -5.75 -2.42 -3.80
CA ASN A 1755 -4.34 -2.02 -3.89
C ASN A 1755 -3.96 -1.12 -2.73
N ARG A 1756 -4.81 -0.17 -2.38
CA ARG A 1756 -4.57 0.74 -1.27
C ARG A 1756 -5.88 1.02 -0.56
N SER A 1757 -5.96 0.64 0.71
CA SER A 1757 -7.18 0.90 1.46
C SER A 1757 -7.28 2.35 1.88
N GLU A 1758 -6.16 3.07 1.87
CA GLU A 1758 -6.15 4.47 2.33
C GLU A 1758 -6.62 5.43 1.25
N TRP A 1759 -6.51 5.06 -0.02
CA TRP A 1759 -6.97 5.93 -1.09
C TRP A 1759 -8.46 5.78 -1.36
N THR A 1760 -9.08 4.69 -0.91
CA THR A 1760 -10.50 4.47 -1.17
C THR A 1760 -11.36 5.61 -0.65
N ASP A 1761 -10.99 6.16 0.51
CA ASP A 1761 -11.74 7.28 1.06
C ASP A 1761 -11.78 8.45 0.08
N GLU A 1762 -10.67 8.68 -0.63
CA GLU A 1762 -10.66 9.76 -1.60
C GLU A 1762 -11.52 9.43 -2.81
N LEU A 1763 -11.42 8.21 -3.32
CA LEU A 1763 -12.13 7.83 -4.54
C LEU A 1763 -13.54 7.32 -4.30
N ASN A 1764 -13.97 7.22 -3.04
CA ASN A 1764 -15.30 6.69 -2.76
C ASN A 1764 -16.40 7.51 -3.41
N THR A 1765 -16.17 8.80 -3.66
CA THR A 1765 -17.21 9.64 -4.24
C THR A 1765 -17.57 9.19 -5.65
N TYR A 1766 -16.57 8.86 -6.47
CA TYR A 1766 -16.87 8.32 -7.79
C TYR A 1766 -17.63 7.01 -7.67
N ARG A 1767 -17.26 6.19 -6.68
CA ARG A 1767 -17.94 4.91 -6.50
C ARG A 1767 -19.43 5.12 -6.21
N VAL A 1768 -19.74 6.00 -5.26
CA VAL A 1768 -21.14 6.20 -4.92
C VAL A 1768 -21.88 6.91 -6.04
N GLU A 1769 -21.18 7.78 -6.80
CA GLU A 1769 -21.82 8.42 -7.94
C GLU A 1769 -22.22 7.39 -8.98
N ALA A 1770 -21.31 6.47 -9.30
CA ALA A 1770 -21.64 5.41 -10.24
C ALA A 1770 -22.76 4.53 -9.70
N ALA A 1771 -22.68 4.16 -8.41
CA ALA A 1771 -23.71 3.32 -7.82
C ALA A 1771 -25.08 3.95 -7.97
N TRP A 1772 -25.24 5.18 -7.48
CA TRP A 1772 -26.49 5.91 -7.67
C TRP A 1772 -26.90 5.96 -9.14
N LYS A 1773 -25.95 6.24 -10.04
CA LYS A 1773 -26.27 6.20 -11.46
C LYS A 1773 -26.71 4.80 -11.88
N LEU A 1774 -25.96 3.78 -11.50
CA LEU A 1774 -26.32 2.41 -11.81
C LEU A 1774 -27.50 1.90 -11.01
N SER A 1775 -27.98 2.68 -10.03
CA SER A 1775 -29.15 2.33 -9.23
C SER A 1775 -28.95 1.03 -8.46
N GLN A 1776 -27.72 0.80 -8.00
CA GLN A 1776 -27.42 -0.33 -7.13
C GLN A 1776 -27.44 0.14 -5.68
N TRP A 1777 -28.66 0.40 -5.20
CA TRP A 1777 -28.86 1.03 -3.90
C TRP A 1777 -28.09 0.31 -2.79
N ASP A 1778 -27.93 -1.00 -2.92
CA ASP A 1778 -27.10 -1.74 -1.98
C ASP A 1778 -25.67 -1.23 -1.99
N LEU A 1779 -25.07 -1.17 -3.18
CA LEU A 1779 -23.72 -0.62 -3.27
C LEU A 1779 -23.68 0.83 -2.83
N VAL A 1780 -24.79 1.56 -3.02
CA VAL A 1780 -24.85 2.94 -2.57
C VAL A 1780 -24.68 3.01 -1.06
N GLU A 1781 -25.55 2.32 -0.32
CA GLU A 1781 -25.46 2.38 1.14
C GLU A 1781 -24.15 1.79 1.63
N ASN A 1782 -23.61 0.80 0.91
CA ASN A 1782 -22.36 0.21 1.33
C ASN A 1782 -21.21 1.20 1.21
N TYR A 1783 -21.05 1.81 0.04
CA TYR A 1783 -20.00 2.79 -0.14
C TYR A 1783 -20.23 4.04 0.70
N LEU A 1784 -21.47 4.29 1.11
CA LEU A 1784 -21.74 5.43 1.98
C LEU A 1784 -21.34 5.12 3.42
N ALA A 1785 -21.55 3.88 3.86
CA ALA A 1785 -21.17 3.52 5.22
C ALA A 1785 -19.66 3.51 5.39
N ALA A 1786 -18.93 3.01 4.40
CA ALA A 1786 -17.48 2.97 4.50
C ALA A 1786 -16.86 4.35 4.35
N ASP A 1787 -17.48 5.21 3.55
CA ASP A 1787 -16.93 6.53 3.33
C ASP A 1787 -17.28 7.45 4.49
N GLY A 1788 -16.32 8.33 4.83
CA GLY A 1788 -16.54 9.33 5.83
C GLY A 1788 -17.32 10.51 5.28
N LYS A 1789 -17.40 11.56 6.10
CA LYS A 1789 -18.10 12.77 5.69
C LYS A 1789 -17.32 13.44 4.55
N SER A 1790 -17.97 13.53 3.38
CA SER A 1790 -17.35 14.11 2.20
C SER A 1790 -18.24 15.22 1.66
N THR A 1791 -17.60 16.27 1.15
CA THR A 1791 -18.32 17.41 0.59
C THR A 1791 -18.52 17.30 -0.91
N THR A 1792 -18.16 16.18 -1.52
CA THR A 1792 -18.36 16.01 -2.96
C THR A 1792 -19.85 15.93 -3.27
N TRP A 1793 -20.27 16.69 -4.29
CA TRP A 1793 -21.67 16.74 -4.66
C TRP A 1793 -22.22 15.34 -4.93
N SER A 1794 -21.37 14.46 -5.49
CA SER A 1794 -21.79 13.09 -5.73
C SER A 1794 -22.16 12.40 -4.41
N VAL A 1795 -21.34 12.60 -3.38
CA VAL A 1795 -21.60 11.92 -2.10
C VAL A 1795 -22.90 12.41 -1.48
N ARG A 1796 -23.11 13.72 -1.45
CA ARG A 1796 -24.33 14.25 -0.86
C ARG A 1796 -25.55 13.84 -1.67
N LEU A 1797 -25.40 13.81 -3.00
CA LEU A 1797 -26.51 13.34 -3.83
C LEU A 1797 -26.83 11.89 -3.55
N GLY A 1798 -25.79 11.07 -3.35
CA GLY A 1798 -26.03 9.68 -3.00
C GLY A 1798 -26.71 9.54 -1.65
N GLN A 1799 -26.30 10.35 -0.68
CA GLN A 1799 -26.95 10.34 0.63
C GLN A 1799 -28.43 10.66 0.48
N LEU A 1800 -28.75 11.74 -0.22
CA LEU A 1800 -30.14 12.14 -0.41
C LEU A 1800 -30.92 11.03 -1.12
N LEU A 1801 -30.34 10.46 -2.17
CA LEU A 1801 -31.06 9.44 -2.94
C LEU A 1801 -31.30 8.18 -2.10
N LEU A 1802 -30.26 7.68 -1.43
CA LEU A 1802 -30.44 6.49 -0.59
C LEU A 1802 -31.48 6.75 0.48
N SER A 1803 -31.36 7.86 1.21
CA SER A 1803 -32.35 8.20 2.22
C SER A 1803 -33.73 8.41 1.62
N ALA A 1804 -33.83 8.65 0.31
CA ALA A 1804 -35.13 8.67 -0.34
C ALA A 1804 -35.64 7.28 -0.67
N LYS A 1805 -34.73 6.33 -0.89
CA LYS A 1805 -35.17 4.96 -1.20
C LYS A 1805 -36.06 4.42 -0.10
N LYS A 1806 -35.61 4.51 1.14
CA LYS A 1806 -36.45 4.22 2.30
C LYS A 1806 -37.13 5.51 2.74
N ARG A 1807 -38.19 5.36 3.53
CA ARG A 1807 -38.90 6.54 4.00
C ARG A 1807 -38.20 7.18 5.19
N ASP A 1808 -37.25 8.07 4.92
CA ASP A 1808 -36.59 8.88 5.96
C ASP A 1808 -37.12 10.29 5.69
N ILE A 1809 -38.33 10.61 6.16
CA ILE A 1809 -38.95 11.94 5.89
C ILE A 1809 -38.09 13.03 6.52
N THR A 1810 -37.56 12.80 7.73
CA THR A 1810 -36.78 13.79 8.48
C THR A 1810 -35.32 13.69 8.12
N ALA A 1811 -34.81 12.49 7.83
CA ALA A 1811 -33.41 12.30 7.47
C ALA A 1811 -33.14 12.68 6.01
N PHE A 1812 -34.18 12.82 5.19
CA PHE A 1812 -34.01 13.27 3.83
C PHE A 1812 -34.12 14.78 3.71
N TYR A 1813 -35.13 15.39 4.33
CA TYR A 1813 -35.27 16.84 4.28
C TYR A 1813 -34.10 17.52 4.99
N ASP A 1814 -33.62 16.93 6.08
CA ASP A 1814 -32.45 17.48 6.76
C ASP A 1814 -31.23 17.46 5.84
N SER A 1815 -30.99 16.33 5.18
CA SER A 1815 -29.84 16.23 4.29
C SER A 1815 -29.97 17.19 3.11
N LEU A 1816 -31.20 17.38 2.61
CA LEU A 1816 -31.41 18.31 1.50
C LEU A 1816 -31.12 19.75 1.93
N LYS A 1817 -31.72 20.17 3.05
CA LYS A 1817 -31.46 21.52 3.56
C LYS A 1817 -30.00 21.73 3.91
N LEU A 1818 -29.28 20.67 4.28
CA LEU A 1818 -27.84 20.81 4.53
C LEU A 1818 -27.08 20.98 3.22
N VAL A 1819 -27.35 20.11 2.24
CA VAL A 1819 -26.60 20.15 0.99
C VAL A 1819 -26.95 21.40 0.19
N ARG A 1820 -28.25 21.69 0.04
CA ARG A 1820 -28.67 22.87 -0.71
C ARG A 1820 -28.02 24.12 -0.17
N ALA A 1821 -27.69 24.14 1.12
CA ALA A 1821 -26.93 25.25 1.66
C ALA A 1821 -25.46 25.14 1.27
N GLU A 1822 -24.92 23.91 1.22
CA GLU A 1822 -23.50 23.75 0.91
C GLU A 1822 -23.17 24.28 -0.48
N GLN A 1823 -24.12 24.24 -1.40
CA GLN A 1823 -23.88 24.77 -2.73
C GLN A 1823 -23.90 26.28 -2.75
N ILE A 1824 -24.89 26.90 -2.10
CA ILE A 1824 -25.05 28.35 -2.15
C ILE A 1824 -23.83 29.11 -1.68
N VAL A 1825 -22.86 28.44 -1.08
CA VAL A 1825 -21.65 29.11 -0.59
C VAL A 1825 -20.84 29.62 -1.77
N PRO A 1826 -20.59 28.80 -2.80
CA PRO A 1826 -19.83 29.32 -3.95
C PRO A 1826 -20.56 30.41 -4.69
N LEU A 1827 -21.83 30.20 -5.00
CA LEU A 1827 -22.62 31.24 -5.66
C LEU A 1827 -22.65 32.51 -4.83
N SER A 1828 -22.63 32.38 -3.51
CA SER A 1828 -22.61 33.55 -2.64
C SER A 1828 -21.29 34.28 -2.74
N ALA A 1829 -20.18 33.54 -2.72
CA ALA A 1829 -18.87 34.16 -2.89
C ALA A 1829 -18.69 34.76 -4.27
N ALA A 1830 -19.50 34.33 -5.25
CA ALA A 1830 -19.31 34.76 -6.63
C ALA A 1830 -20.18 35.94 -7.04
N SER A 1831 -21.35 36.11 -6.42
CA SER A 1831 -22.35 37.05 -6.92
C SER A 1831 -21.92 38.51 -6.78
N PHE A 1832 -20.73 38.79 -6.26
CA PHE A 1832 -20.23 40.16 -6.15
C PHE A 1832 -19.60 40.61 -7.47
N GLU A 1833 -20.36 40.45 -8.56
CA GLU A 1833 -19.77 40.68 -9.88
C GLU A 1833 -20.86 40.85 -10.93
N ARG A 1834 -20.46 41.45 -12.05
CA ARG A 1834 -21.30 41.53 -13.24
C ARG A 1834 -21.33 40.19 -13.94
N GLY A 1835 -22.51 39.79 -14.40
CA GLY A 1835 -22.65 38.54 -15.11
C GLY A 1835 -22.17 37.35 -14.31
N SER A 1836 -22.46 37.34 -13.01
CA SER A 1836 -22.02 36.24 -12.17
C SER A 1836 -22.87 34.99 -12.31
N TYR A 1837 -24.11 35.13 -12.82
CA TYR A 1837 -24.95 33.95 -13.03
C TYR A 1837 -24.25 32.94 -13.92
N GLN A 1838 -23.77 33.38 -15.09
CA GLN A 1838 -23.09 32.46 -15.99
C GLN A 1838 -21.87 31.84 -15.33
N ARG A 1839 -21.13 32.62 -14.55
CA ARG A 1839 -20.04 32.05 -13.76
C ARG A 1839 -20.55 30.96 -12.83
N GLY A 1840 -21.69 31.21 -12.21
CA GLY A 1840 -22.23 30.27 -11.24
C GLY A 1840 -23.30 29.36 -11.80
N TYR A 1841 -23.42 29.30 -13.12
CA TYR A 1841 -24.46 28.47 -13.72
C TYR A 1841 -24.35 27.02 -13.30
N GLU A 1842 -23.14 26.56 -12.99
CA GLU A 1842 -22.98 25.20 -12.49
C GLU A 1842 -23.72 25.02 -11.17
N TYR A 1843 -23.41 25.87 -10.18
CA TYR A 1843 -24.08 25.75 -8.89
C TYR A 1843 -25.57 26.04 -9.01
N ILE A 1844 -25.97 26.97 -9.88
CA ILE A 1844 -27.40 27.24 -10.06
C ILE A 1844 -28.08 26.03 -10.66
N VAL A 1845 -27.39 25.32 -11.56
CA VAL A 1845 -27.94 24.09 -12.12
C VAL A 1845 -28.07 23.04 -11.02
N ARG A 1846 -27.09 22.98 -10.12
CA ARG A 1846 -27.20 22.06 -9.00
C ARG A 1846 -28.40 22.39 -8.14
N LEU A 1847 -28.66 23.68 -7.91
CA LEU A 1847 -29.82 24.07 -7.12
C LEU A 1847 -31.11 23.67 -7.83
N HIS A 1848 -31.17 23.83 -9.15
CA HIS A 1848 -32.35 23.38 -9.89
C HIS A 1848 -32.51 21.88 -9.78
N MET A 1849 -31.41 21.13 -9.89
CA MET A 1849 -31.48 19.68 -9.77
C MET A 1849 -31.98 19.27 -8.39
N LEU A 1850 -31.54 19.99 -7.36
CA LEU A 1850 -31.98 19.65 -6.01
C LEU A 1850 -33.45 19.98 -5.81
N CYS A 1851 -33.90 21.10 -6.37
CA CYS A 1851 -35.33 21.42 -6.33
C CYS A 1851 -36.13 20.33 -7.00
N GLU A 1852 -35.63 19.80 -8.12
CA GLU A 1852 -36.29 18.68 -8.78
C GLU A 1852 -36.31 17.46 -7.87
N LEU A 1853 -35.17 17.13 -7.26
CA LEU A 1853 -35.08 15.95 -6.42
C LEU A 1853 -36.08 16.04 -5.27
N GLU A 1854 -36.16 17.20 -4.64
CA GLU A 1854 -37.10 17.37 -3.52
C GLU A 1854 -38.53 17.28 -4.01
N HIS A 1855 -38.91 18.10 -4.99
CA HIS A 1855 -40.29 18.13 -5.44
C HIS A 1855 -40.74 16.79 -6.02
N SER A 1856 -39.79 15.93 -6.40
CA SER A 1856 -40.17 14.63 -6.92
C SER A 1856 -40.17 13.54 -5.84
N ILE A 1857 -39.19 13.55 -4.94
CA ILE A 1857 -39.16 12.55 -3.88
C ILE A 1857 -40.26 12.76 -2.86
N LYS A 1858 -40.86 13.95 -2.81
CA LYS A 1858 -42.01 14.18 -1.95
C LYS A 1858 -43.15 13.22 -2.24
N PRO A 1859 -43.39 12.82 -3.49
CA PRO A 1859 -44.47 11.84 -3.72
C PRO A 1859 -44.20 10.49 -3.07
N LEU A 1860 -42.97 9.98 -3.17
CA LEU A 1860 -42.63 8.71 -2.54
C LEU A 1860 -42.67 8.80 -1.02
N PHE A 1861 -42.84 9.98 -0.46
CA PHE A 1861 -42.86 10.13 0.99
C PHE A 1861 -44.20 9.64 1.54
N GLN A 1862 -44.49 9.95 2.80
CA GLN A 1862 -45.56 9.35 3.58
C GLN A 1862 -46.81 9.02 2.77
N HIS A 1863 -47.24 9.93 1.92
CA HIS A 1863 -48.39 9.72 1.04
C HIS A 1863 -49.65 9.34 1.83
N SER A 1869 -52.10 14.40 -2.68
CA SER A 1869 -51.93 15.11 -3.93
C SER A 1869 -50.58 15.81 -3.99
N GLN A 1870 -49.54 15.11 -3.54
CA GLN A 1870 -48.21 15.71 -3.47
C GLN A 1870 -47.41 15.37 -4.72
N GLU A 1871 -48.09 15.17 -5.85
CA GLU A 1871 -47.40 14.87 -7.10
C GLU A 1871 -46.56 16.06 -7.52
N ASP A 1872 -45.43 15.78 -8.17
CA ASP A 1872 -44.51 16.83 -8.57
C ASP A 1872 -45.09 17.62 -9.73
N SER A 1873 -45.78 18.73 -9.42
CA SER A 1873 -46.33 19.58 -10.46
C SER A 1873 -45.25 20.16 -11.35
N LEU A 1874 -44.00 20.12 -10.92
CA LEU A 1874 -42.90 20.62 -11.72
C LEU A 1874 -42.83 19.87 -13.05
N ASN A 1875 -42.97 20.60 -14.14
CA ASN A 1875 -42.93 20.01 -15.47
C ASN A 1875 -41.49 19.74 -15.85
N TRP A 1876 -41.09 18.46 -15.81
CA TRP A 1876 -39.68 18.13 -15.96
C TRP A 1876 -39.14 18.46 -17.34
N VAL A 1877 -39.99 18.37 -18.36
CA VAL A 1877 -39.48 18.56 -19.73
C VAL A 1877 -39.19 20.03 -20.00
N ALA A 1878 -40.09 20.93 -19.60
CA ALA A 1878 -39.82 22.35 -19.80
C ALA A 1878 -38.69 22.81 -18.90
N ARG A 1879 -38.70 22.38 -17.64
CA ARG A 1879 -37.62 22.72 -16.74
C ARG A 1879 -36.28 22.24 -17.27
N LEU A 1880 -36.26 21.15 -18.02
CA LEU A 1880 -35.02 20.72 -18.66
C LEU A 1880 -34.68 21.61 -19.85
N GLU A 1881 -35.68 21.92 -20.68
CA GLU A 1881 -35.41 22.63 -21.92
C GLU A 1881 -34.96 24.06 -21.66
N MET A 1882 -35.36 24.66 -20.55
CA MET A 1882 -34.95 26.03 -20.26
C MET A 1882 -33.44 26.15 -20.16
N THR A 1883 -32.79 25.20 -19.52
CA THR A 1883 -31.40 25.34 -19.14
C THR A 1883 -30.51 25.49 -20.37
N GLN A 1884 -29.29 26.00 -20.12
CA GLN A 1884 -28.36 26.28 -21.20
C GLN A 1884 -27.92 25.00 -21.89
N ASN A 1885 -28.13 24.94 -23.20
CA ASN A 1885 -27.97 23.70 -23.96
C ASN A 1885 -26.49 23.37 -24.18
N SER A 1886 -25.79 23.17 -23.08
CA SER A 1886 -24.45 22.62 -23.09
C SER A 1886 -24.45 21.31 -22.30
N TYR A 1887 -23.51 20.43 -22.65
CA TYR A 1887 -23.48 19.14 -21.99
C TYR A 1887 -23.31 19.27 -20.49
N ARG A 1888 -22.31 20.04 -20.05
CA ARG A 1888 -22.03 20.15 -18.62
C ARG A 1888 -23.16 20.81 -17.85
N ALA A 1889 -24.23 21.22 -18.51
CA ALA A 1889 -25.40 21.74 -17.83
C ALA A 1889 -26.67 20.98 -18.13
N LYS A 1890 -26.67 20.13 -19.16
CA LYS A 1890 -27.83 19.30 -19.46
C LYS A 1890 -27.68 17.87 -18.96
N GLU A 1891 -26.46 17.42 -18.71
CA GLU A 1891 -26.26 16.03 -18.32
C GLU A 1891 -26.63 15.78 -16.87
N PRO A 1892 -26.13 16.55 -15.89
CA PRO A 1892 -26.50 16.24 -14.49
C PRO A 1892 -27.99 16.36 -14.22
N ILE A 1893 -28.67 17.31 -14.87
CA ILE A 1893 -30.12 17.40 -14.72
C ILE A 1893 -30.77 16.10 -15.18
N LEU A 1894 -30.38 15.61 -16.36
CA LEU A 1894 -30.94 14.35 -16.83
C LEU A 1894 -30.51 13.18 -15.97
N ALA A 1895 -29.34 13.27 -15.33
CA ALA A 1895 -28.86 12.16 -14.50
C ALA A 1895 -29.68 12.04 -13.23
N LEU A 1896 -29.85 13.15 -12.52
CA LEU A 1896 -30.73 13.14 -11.37
C LEU A 1896 -32.16 12.81 -11.77
N ARG A 1897 -32.57 13.20 -12.98
CA ARG A 1897 -33.91 12.86 -13.44
C ARG A 1897 -34.06 11.35 -13.62
N ARG A 1898 -33.07 10.70 -14.23
CA ARG A 1898 -33.13 9.26 -14.39
C ARG A 1898 -33.06 8.56 -13.05
N ALA A 1899 -32.28 9.10 -12.11
CA ALA A 1899 -32.22 8.50 -10.78
C ALA A 1899 -33.56 8.60 -10.06
N LEU A 1900 -34.22 9.76 -10.16
CA LEU A 1900 -35.53 9.90 -9.56
C LEU A 1900 -36.55 9.01 -10.24
N LEU A 1901 -36.40 8.81 -11.55
CA LEU A 1901 -37.28 7.88 -12.26
C LEU A 1901 -37.05 6.45 -11.80
N SER A 1902 -35.81 6.10 -11.48
CA SER A 1902 -35.52 4.78 -10.93
C SER A 1902 -36.14 4.63 -9.54
N LEU A 1903 -36.03 5.67 -8.71
CA LEU A 1903 -36.58 5.59 -7.37
C LEU A 1903 -38.10 5.49 -7.40
N ASN A 1904 -38.76 6.30 -8.22
CA ASN A 1904 -40.22 6.23 -8.33
C ASN A 1904 -40.67 4.87 -8.83
N LYS A 1905 -40.10 4.43 -9.95
CA LYS A 1905 -40.28 3.07 -10.46
C LYS A 1905 -41.75 2.74 -10.68
N ARG A 1906 -42.37 3.50 -11.56
CA ARG A 1906 -43.74 3.22 -11.98
C ARG A 1906 -43.74 2.30 -13.18
N PRO A 1907 -44.93 1.97 -13.70
CA PRO A 1907 -44.99 1.09 -14.89
C PRO A 1907 -44.27 1.67 -16.09
N ASP A 1908 -44.61 2.90 -16.48
CA ASP A 1908 -43.92 3.55 -17.59
C ASP A 1908 -42.51 4.02 -17.22
N TYR A 1909 -42.15 4.01 -15.95
CA TYR A 1909 -40.86 4.52 -15.52
C TYR A 1909 -39.70 3.66 -16.01
N ASN A 1910 -39.95 2.42 -16.42
CA ASN A 1910 -38.94 1.68 -17.15
C ASN A 1910 -38.80 2.17 -18.58
N GLU A 1911 -39.79 2.91 -19.07
CA GLU A 1911 -39.77 3.49 -20.41
C GLU A 1911 -39.47 4.98 -20.42
N MET A 1912 -39.98 5.73 -19.43
CA MET A 1912 -39.64 7.14 -19.34
C MET A 1912 -38.13 7.35 -19.16
N VAL A 1913 -37.45 6.39 -18.51
CA VAL A 1913 -36.00 6.44 -18.47
C VAL A 1913 -35.43 6.34 -19.88
N GLY A 1914 -36.16 5.72 -20.79
CA GLY A 1914 -35.79 5.74 -22.18
C GLY A 1914 -35.71 7.17 -22.67
N GLU A 1915 -36.79 7.92 -22.50
CA GLU A 1915 -36.80 9.31 -22.95
C GLU A 1915 -35.73 10.13 -22.22
N CYS A 1916 -35.44 9.78 -20.97
CA CYS A 1916 -34.41 10.49 -20.23
C CYS A 1916 -33.04 10.30 -20.87
N TRP A 1917 -32.62 9.04 -21.00
CA TRP A 1917 -31.35 8.77 -21.66
C TRP A 1917 -31.34 9.30 -23.09
N LEU A 1918 -32.51 9.41 -23.70
CA LEU A 1918 -32.58 9.90 -25.08
C LEU A 1918 -32.30 11.39 -25.15
N GLN A 1919 -32.94 12.17 -24.28
CA GLN A 1919 -32.69 13.60 -24.22
C GLN A 1919 -31.23 13.82 -23.86
N SER A 1920 -30.67 12.96 -23.01
CA SER A 1920 -29.25 13.06 -22.70
C SER A 1920 -28.40 12.80 -23.94
N ALA A 1921 -28.77 11.80 -24.74
CA ALA A 1921 -28.04 11.54 -25.97
C ALA A 1921 -28.12 12.71 -26.93
N ARG A 1922 -29.28 13.38 -26.98
CA ARG A 1922 -29.40 14.55 -27.86
C ARG A 1922 -28.50 15.67 -27.39
N VAL A 1923 -28.50 15.95 -26.08
CA VAL A 1923 -27.63 17.01 -25.56
C VAL A 1923 -26.18 16.67 -25.84
N ALA A 1924 -25.79 15.40 -25.67
CA ALA A 1924 -24.42 15.01 -25.91
C ALA A 1924 -24.04 15.18 -27.38
N ARG A 1925 -24.89 14.70 -28.29
CA ARG A 1925 -24.61 14.86 -29.71
C ARG A 1925 -24.47 16.32 -30.08
N LYS A 1926 -25.35 17.18 -29.54
CA LYS A 1926 -25.23 18.60 -29.83
C LYS A 1926 -23.92 19.16 -29.28
N ALA A 1927 -23.46 18.61 -28.15
CA ALA A 1927 -22.17 19.06 -27.63
C ALA A 1927 -21.03 18.64 -28.56
N GLY A 1928 -20.88 17.34 -28.76
CA GLY A 1928 -19.78 16.83 -29.56
C GLY A 1928 -19.22 15.53 -29.03
N HIS A 1929 -19.58 15.19 -27.79
CA HIS A 1929 -19.10 13.96 -27.17
C HIS A 1929 -19.84 12.79 -27.82
N HIS A 1930 -19.33 12.38 -28.99
CA HIS A 1930 -20.03 11.37 -29.78
C HIS A 1930 -20.01 10.01 -29.08
N GLN A 1931 -18.91 9.68 -28.41
CA GLN A 1931 -18.84 8.38 -27.75
C GLN A 1931 -19.81 8.31 -26.57
N THR A 1932 -19.93 9.39 -25.81
CA THR A 1932 -20.91 9.41 -24.74
C THR A 1932 -22.32 9.39 -25.29
N ALA A 1933 -22.54 10.00 -26.46
CA ALA A 1933 -23.84 9.90 -27.11
C ALA A 1933 -24.16 8.46 -27.49
N TYR A 1934 -23.17 7.74 -28.02
CA TYR A 1934 -23.38 6.33 -28.31
C TYR A 1934 -23.70 5.54 -27.04
N ASN A 1935 -22.96 5.81 -25.97
CA ASN A 1935 -23.26 5.16 -24.69
C ASN A 1935 -24.69 5.43 -24.26
N ALA A 1936 -25.12 6.69 -24.34
CA ALA A 1936 -26.49 7.03 -23.96
C ALA A 1936 -27.49 6.29 -24.84
N LEU A 1937 -27.19 6.18 -26.14
CA LEU A 1937 -28.08 5.44 -27.02
C LEU A 1937 -28.19 3.99 -26.57
N LEU A 1938 -27.07 3.36 -26.25
CA LEU A 1938 -27.09 1.98 -25.78
C LEU A 1938 -27.89 1.85 -24.49
N ASN A 1939 -27.67 2.77 -23.55
CA ASN A 1939 -28.39 2.72 -22.28
C ASN A 1939 -29.89 2.88 -22.48
N ALA A 1940 -30.32 3.49 -23.58
CA ALA A 1940 -31.73 3.54 -23.91
C ALA A 1940 -32.12 2.32 -24.72
N GLY A 1941 -33.37 2.28 -25.17
CA GLY A 1941 -33.83 1.15 -25.97
C GLY A 1941 -35.26 0.75 -25.68
N GLU A 1942 -35.78 1.19 -24.53
CA GLU A 1942 -37.17 0.90 -24.21
C GLU A 1942 -38.11 1.59 -25.19
N SER A 1943 -37.91 2.88 -25.44
CA SER A 1943 -38.74 3.61 -26.39
C SER A 1943 -38.21 3.41 -27.80
N ARG A 1944 -38.07 2.17 -28.22
CA ARG A 1944 -37.60 1.82 -29.56
C ARG A 1944 -38.61 2.18 -30.63
N LEU A 1945 -39.69 2.86 -30.23
CA LEU A 1945 -40.73 3.28 -31.16
C LEU A 1945 -40.21 4.43 -32.02
N ALA A 1946 -39.14 4.11 -32.76
CA ALA A 1946 -38.56 4.96 -33.79
C ALA A 1946 -37.84 6.17 -33.22
N GLU A 1947 -37.97 6.42 -31.93
CA GLU A 1947 -37.26 7.55 -31.35
C GLU A 1947 -35.79 7.22 -31.22
N LEU A 1948 -35.50 6.01 -30.74
CA LEU A 1948 -34.12 5.55 -30.70
C LEU A 1948 -33.53 5.50 -32.10
N TYR A 1949 -34.31 5.06 -33.08
CA TYR A 1949 -33.82 5.01 -34.45
C TYR A 1949 -33.49 6.40 -34.96
N VAL A 1950 -34.40 7.36 -34.79
CA VAL A 1950 -34.16 8.71 -35.29
C VAL A 1950 -32.96 9.33 -34.58
N GLU A 1951 -32.84 9.12 -33.28
CA GLU A 1951 -31.72 9.70 -32.57
C GLU A 1951 -30.40 9.09 -33.01
N ARG A 1952 -30.38 7.77 -33.24
CA ARG A 1952 -29.16 7.15 -33.76
C ARG A 1952 -28.84 7.70 -35.15
N ALA A 1953 -29.87 7.93 -35.95
CA ALA A 1953 -29.65 8.50 -37.26
C ALA A 1953 -29.01 9.88 -37.15
N LYS A 1954 -29.50 10.69 -36.22
CA LYS A 1954 -28.90 12.01 -36.03
C LYS A 1954 -27.47 11.89 -35.56
N TRP A 1955 -27.19 10.94 -34.66
CA TRP A 1955 -25.82 10.74 -34.19
C TRP A 1955 -24.90 10.42 -35.35
N LEU A 1956 -25.35 9.54 -36.24
CA LEU A 1956 -24.54 9.19 -37.40
C LEU A 1956 -24.35 10.40 -38.33
N TRP A 1957 -25.45 11.04 -38.73
CA TRP A 1957 -25.35 12.20 -39.62
C TRP A 1957 -24.50 13.29 -39.01
N SER A 1958 -24.33 13.28 -37.68
CA SER A 1958 -23.38 14.20 -37.06
C SER A 1958 -21.96 13.69 -37.20
N LYS A 1959 -21.73 12.40 -36.97
CA LYS A 1959 -20.39 11.85 -37.09
C LYS A 1959 -19.81 12.03 -38.48
N GLY A 1960 -20.66 12.21 -39.49
CA GLY A 1960 -20.22 12.37 -40.86
C GLY A 1960 -20.66 11.25 -41.79
N ASP A 1961 -20.93 10.06 -41.25
CA ASP A 1961 -21.33 8.91 -42.07
C ASP A 1961 -22.81 9.07 -42.43
N VAL A 1962 -23.06 9.89 -43.44
CA VAL A 1962 -24.45 10.16 -43.85
C VAL A 1962 -25.07 8.93 -44.49
N HIS A 1963 -24.27 8.09 -45.14
CA HIS A 1963 -24.82 6.89 -45.76
C HIS A 1963 -25.36 5.92 -44.72
N GLN A 1964 -24.56 5.61 -43.71
CA GLN A 1964 -25.04 4.76 -42.62
C GLN A 1964 -26.23 5.40 -41.92
N ALA A 1965 -26.23 6.72 -41.81
CA ALA A 1965 -27.35 7.40 -41.18
C ALA A 1965 -28.63 7.18 -41.97
N LEU A 1966 -28.58 7.40 -43.28
CA LEU A 1966 -29.78 7.23 -44.10
C LEU A 1966 -30.25 5.79 -44.05
N ILE A 1967 -29.33 4.83 -44.08
CA ILE A 1967 -29.78 3.44 -44.09
C ILE A 1967 -30.39 3.07 -42.74
N VAL A 1968 -29.85 3.60 -41.65
CA VAL A 1968 -30.39 3.26 -40.34
C VAL A 1968 -31.76 3.90 -40.15
N LEU A 1969 -31.91 5.16 -40.54
CA LEU A 1969 -33.23 5.80 -40.42
C LEU A 1969 -34.24 5.12 -41.32
N GLN A 1970 -33.82 4.64 -42.49
CA GLN A 1970 -34.75 3.92 -43.35
C GLN A 1970 -35.17 2.60 -42.71
N LYS A 1971 -34.21 1.84 -42.19
CA LYS A 1971 -34.55 0.60 -41.50
C LYS A 1971 -35.48 0.86 -40.32
N GLY A 1972 -35.28 1.98 -39.62
CA GLY A 1972 -36.16 2.33 -38.52
C GLY A 1972 -37.57 2.63 -38.98
N VAL A 1973 -37.71 3.61 -39.87
CA VAL A 1973 -39.00 4.01 -40.41
C VAL A 1973 -39.69 2.82 -41.06
N GLU A 1974 -38.92 1.78 -41.40
CA GLU A 1974 -39.52 0.53 -41.84
C GLU A 1974 -40.04 -0.25 -40.64
N LEU A 1975 -39.16 -0.57 -39.71
CA LEU A 1975 -39.52 -1.39 -38.55
C LEU A 1975 -40.66 -0.76 -37.77
N CYS A 1976 -40.42 0.41 -37.19
CA CYS A 1976 -41.50 1.15 -36.58
C CYS A 1976 -42.21 1.98 -37.64
N PHE A 1977 -43.48 2.28 -37.38
CA PHE A 1977 -44.32 3.02 -38.33
C PHE A 1977 -44.27 2.34 -39.70
N PRO A 1978 -44.44 1.02 -39.76
CA PRO A 1978 -44.36 0.33 -41.05
C PRO A 1978 -45.44 0.82 -42.00
N GLU A 1979 -45.13 0.75 -43.30
CA GLU A 1979 -45.97 1.38 -44.31
C GLU A 1979 -47.30 0.64 -44.52
N ASN A 1980 -47.53 -0.46 -43.81
CA ASN A 1980 -48.79 -1.17 -43.97
C ASN A 1980 -49.93 -0.43 -43.28
N GLU A 1981 -49.71 0.03 -42.06
CA GLU A 1981 -50.71 0.74 -41.28
C GLU A 1981 -50.09 2.01 -40.72
N THR A 1982 -50.71 3.15 -41.02
CA THR A 1982 -50.15 4.43 -40.63
C THR A 1982 -50.14 4.59 -39.11
N PRO A 1983 -49.24 5.42 -38.58
CA PRO A 1983 -49.21 5.65 -37.14
C PRO A 1983 -50.41 6.47 -36.70
N PRO A 1984 -51.39 5.85 -36.05
CA PRO A 1984 -52.58 6.59 -35.63
C PRO A 1984 -52.29 7.54 -34.48
N GLU A 1985 -51.40 7.13 -33.57
CA GLU A 1985 -51.08 7.99 -32.38
C GLU A 1985 -50.77 9.40 -32.89
N GLY A 1986 -51.03 10.43 -32.09
CA GLY A 1986 -50.66 11.81 -32.45
C GLY A 1986 -49.20 11.97 -32.13
N LYS A 1987 -48.69 11.25 -31.13
CA LYS A 1987 -47.27 11.24 -30.78
C LYS A 1987 -46.47 10.45 -31.80
N ASN A 1988 -46.94 9.24 -32.12
CA ASN A 1988 -46.30 8.45 -33.17
C ASN A 1988 -46.38 9.17 -34.50
N MET A 1989 -47.45 9.94 -34.71
CA MET A 1989 -47.55 10.73 -35.94
C MET A 1989 -46.44 11.77 -36.01
N LEU A 1990 -46.22 12.50 -34.92
CA LEU A 1990 -45.16 13.50 -34.90
C LEU A 1990 -43.79 12.85 -35.06
N ILE A 1991 -43.61 11.67 -34.47
CA ILE A 1991 -42.32 10.99 -34.57
C ILE A 1991 -42.08 10.51 -36.00
N HIS A 1992 -43.09 9.91 -36.61
CA HIS A 1992 -42.94 9.49 -38.00
C HIS A 1992 -42.73 10.69 -38.92
N GLY A 1993 -43.31 11.82 -38.56
CA GLY A 1993 -43.06 13.04 -39.33
C GLY A 1993 -41.62 13.49 -39.21
N ARG A 1994 -41.09 13.50 -37.99
CA ARG A 1994 -39.69 13.86 -37.79
C ARG A 1994 -38.78 12.90 -38.54
N ALA A 1995 -39.15 11.62 -38.56
CA ALA A 1995 -38.35 10.63 -39.29
C ALA A 1995 -38.39 10.89 -40.78
N MET A 1996 -39.57 11.15 -41.33
CA MET A 1996 -39.67 11.45 -42.76
C MET A 1996 -38.88 12.69 -43.12
N LEU A 1997 -38.92 13.71 -42.25
CA LEU A 1997 -38.18 14.93 -42.54
C LEU A 1997 -36.68 14.71 -42.45
N LEU A 1998 -36.23 13.95 -41.47
CA LEU A 1998 -34.80 13.66 -41.36
C LEU A 1998 -34.32 12.84 -42.54
N VAL A 1999 -35.16 11.92 -43.02
CA VAL A 1999 -34.80 11.11 -44.18
C VAL A 1999 -34.76 11.98 -45.42
N GLY A 2000 -35.68 12.93 -45.53
CA GLY A 2000 -35.65 13.86 -46.65
C GLY A 2000 -34.39 14.71 -46.64
N ARG A 2001 -34.00 15.21 -45.47
CA ARG A 2001 -32.77 15.97 -45.37
C ARG A 2001 -31.56 15.12 -45.73
N PHE A 2002 -31.46 13.93 -45.15
CA PHE A 2002 -30.33 13.04 -45.46
C PHE A 2002 -30.28 12.73 -46.94
N MET A 2003 -31.43 12.53 -47.57
CA MET A 2003 -31.46 12.28 -49.00
C MET A 2003 -30.97 13.51 -49.76
N GLU A 2004 -31.37 14.70 -49.31
CA GLU A 2004 -30.86 15.91 -49.95
C GLU A 2004 -29.35 16.00 -49.85
N GLU A 2005 -28.78 15.50 -48.74
CA GLU A 2005 -27.34 15.56 -48.55
C GLU A 2005 -26.61 14.76 -49.62
N THR A 2006 -26.89 13.45 -49.69
CA THR A 2006 -26.28 12.63 -50.73
C THR A 2006 -26.82 13.01 -52.09
N ALA A 2007 -26.13 12.57 -53.13
CA ALA A 2007 -26.52 12.90 -54.49
C ALA A 2007 -27.11 11.72 -55.26
N ASN A 2008 -27.14 10.53 -54.67
CA ASN A 2008 -27.62 9.36 -55.40
C ASN A 2008 -29.12 9.28 -55.46
N PHE A 2009 -29.85 10.16 -54.79
CA PHE A 2009 -31.31 10.12 -54.79
C PHE A 2009 -31.85 11.13 -55.80
N GLU A 2010 -32.83 10.69 -56.56
CA GLU A 2010 -33.40 11.55 -57.60
C GLU A 2010 -34.19 12.70 -56.97
N SER A 2011 -34.24 13.83 -57.68
CA SER A 2011 -34.92 15.00 -57.15
C SER A 2011 -36.40 14.72 -56.92
N ASN A 2012 -37.03 13.95 -57.81
CA ASN A 2012 -38.45 13.67 -57.67
C ASN A 2012 -38.75 12.94 -56.37
N ALA A 2013 -37.91 11.97 -56.01
CA ALA A 2013 -38.15 11.22 -54.77
C ALA A 2013 -37.99 12.11 -53.55
N ILE A 2014 -37.04 13.05 -53.60
CA ILE A 2014 -36.86 13.96 -52.48
C ILE A 2014 -38.06 14.89 -52.35
N MET A 2015 -38.52 15.43 -53.47
CA MET A 2015 -39.75 16.22 -53.45
C MET A 2015 -40.90 15.41 -52.87
N LYS A 2016 -40.98 14.14 -53.22
CA LYS A 2016 -42.07 13.29 -52.75
C LYS A 2016 -41.98 13.07 -51.24
N LYS A 2017 -40.78 12.77 -50.74
CA LYS A 2017 -40.62 12.58 -49.30
C LYS A 2017 -40.95 13.84 -48.53
N TYR A 2018 -40.54 15.00 -49.05
CA TYR A 2018 -40.88 16.25 -48.37
C TYR A 2018 -42.38 16.49 -48.40
N LYS A 2019 -43.03 16.19 -49.52
CA LYS A 2019 -44.48 16.31 -49.58
C LYS A 2019 -45.15 15.40 -48.56
N ASP A 2020 -44.64 14.18 -48.41
CA ASP A 2020 -45.18 13.27 -47.42
C ASP A 2020 -44.98 13.82 -46.01
N VAL A 2021 -43.86 14.49 -45.77
CA VAL A 2021 -43.63 15.12 -44.48
C VAL A 2021 -44.66 16.21 -44.25
N THR A 2022 -44.96 16.98 -45.29
CA THR A 2022 -45.97 18.03 -45.18
C THR A 2022 -47.34 17.43 -44.87
N ALA A 2023 -47.63 16.27 -45.46
CA ALA A 2023 -48.94 15.65 -45.30
C ALA A 2023 -49.09 15.06 -43.91
N CYS A 2024 -48.17 14.18 -43.51
CA CYS A 2024 -48.32 13.43 -42.27
C CYS A 2024 -48.24 14.33 -41.04
N LEU A 2025 -47.75 15.55 -41.19
CA LEU A 2025 -47.71 16.52 -40.11
C LEU A 2025 -47.98 17.89 -40.71
N PRO A 2026 -49.25 18.30 -40.78
CA PRO A 2026 -49.58 19.56 -41.46
C PRO A 2026 -49.51 20.76 -40.53
N GLU A 2027 -48.91 20.60 -39.36
CA GLU A 2027 -48.81 21.66 -38.38
C GLU A 2027 -47.41 21.71 -37.78
N TRP A 2028 -46.39 21.67 -38.62
CA TRP A 2028 -45.01 21.78 -38.15
C TRP A 2028 -44.27 22.77 -39.02
N GLU A 2029 -43.54 23.69 -38.39
CA GLU A 2029 -42.72 24.63 -39.14
C GLU A 2029 -41.72 23.90 -40.02
N ASP A 2030 -40.82 23.14 -39.40
CA ASP A 2030 -40.06 22.16 -40.14
C ASP A 2030 -41.00 21.25 -40.90
N GLY A 2031 -40.52 20.71 -42.02
CA GLY A 2031 -41.47 20.17 -42.96
C GLY A 2031 -41.76 21.18 -44.04
N HIS A 2032 -42.80 21.99 -43.85
CA HIS A 2032 -43.10 23.03 -44.82
C HIS A 2032 -41.86 23.86 -45.14
N PHE A 2033 -41.11 24.26 -44.11
CA PHE A 2033 -39.95 25.11 -44.34
C PHE A 2033 -38.88 24.38 -45.14
N TYR A 2034 -38.53 23.17 -44.71
CA TYR A 2034 -37.47 22.43 -45.39
C TYR A 2034 -37.86 22.11 -46.82
N LEU A 2035 -39.15 21.87 -47.06
CA LEU A 2035 -39.59 21.57 -48.41
C LEU A 2035 -39.53 22.82 -49.28
N ALA A 2036 -39.92 23.96 -48.73
CA ALA A 2036 -39.72 25.21 -49.46
C ALA A 2036 -38.26 25.37 -49.82
N LYS A 2037 -37.37 25.09 -48.88
CA LYS A 2037 -35.95 25.26 -49.14
C LYS A 2037 -35.46 24.31 -50.23
N TYR A 2038 -35.93 23.05 -50.20
CA TYR A 2038 -35.54 22.11 -51.24
C TYR A 2038 -36.05 22.55 -52.60
N TYR A 2039 -37.31 22.94 -52.69
CA TYR A 2039 -37.82 23.47 -53.94
C TYR A 2039 -37.13 24.77 -54.32
N ASP A 2040 -36.68 25.54 -53.33
CA ASP A 2040 -35.92 26.75 -53.62
C ASP A 2040 -34.65 26.44 -54.39
N LYS A 2041 -33.82 25.53 -53.86
CA LYS A 2041 -32.62 25.13 -54.58
C LYS A 2041 -32.95 24.54 -55.93
N LEU A 2042 -33.90 23.60 -55.97
CA LEU A 2042 -34.27 22.94 -57.21
C LEU A 2042 -34.77 23.89 -58.27
N MET A 2043 -35.24 25.08 -57.87
CA MET A 2043 -35.82 26.00 -58.85
C MET A 2043 -34.80 26.47 -59.87
N PRO A 2044 -33.59 26.89 -59.49
CA PRO A 2044 -32.63 27.35 -60.50
C PRO A 2044 -32.30 26.29 -61.53
N MET A 2045 -32.29 25.01 -61.14
CA MET A 2045 -32.00 23.95 -62.10
C MET A 2045 -33.23 23.61 -62.94
N VAL A 2046 -34.41 23.61 -62.32
CA VAL A 2046 -35.62 23.27 -63.05
C VAL A 2046 -35.93 24.33 -64.10
N THR A 2047 -36.04 25.59 -63.68
CA THR A 2047 -36.31 26.67 -64.61
C THR A 2047 -35.11 27.04 -65.46
N ASP A 2048 -33.95 26.43 -65.22
CA ASP A 2048 -32.74 26.71 -65.98
C ASP A 2048 -32.39 28.20 -65.92
N ASN A 2049 -32.59 28.80 -64.75
CA ASN A 2049 -32.30 30.21 -64.52
C ASN A 2049 -33.08 31.10 -65.48
N LYS A 2050 -34.36 30.80 -65.64
CA LYS A 2050 -35.27 31.59 -66.47
C LYS A 2050 -36.42 32.04 -65.60
N MET A 2051 -36.40 33.31 -65.19
CA MET A 2051 -37.43 33.84 -64.31
C MET A 2051 -38.82 33.67 -64.90
N GLU A 2052 -38.94 33.69 -66.23
CA GLU A 2052 -40.23 33.47 -66.86
C GLU A 2052 -40.81 32.11 -66.48
N LYS A 2053 -39.98 31.06 -66.50
CA LYS A 2053 -40.44 29.73 -66.11
C LYS A 2053 -40.50 29.55 -64.61
N GLN A 2054 -39.97 30.48 -63.82
CA GLN A 2054 -39.92 30.31 -62.38
C GLN A 2054 -41.27 30.55 -61.72
N GLY A 2055 -42.23 31.13 -62.44
CA GLY A 2055 -43.48 31.59 -61.84
C GLY A 2055 -44.16 30.67 -60.87
N ASP A 2056 -44.67 29.53 -61.35
CA ASP A 2056 -45.38 28.63 -60.45
C ASP A 2056 -44.45 28.01 -59.43
N LEU A 2057 -43.17 27.81 -59.79
CA LEU A 2057 -42.21 27.34 -58.80
C LEU A 2057 -42.08 28.34 -57.67
N ILE A 2058 -41.97 29.63 -58.00
CA ILE A 2058 -41.91 30.65 -56.96
C ILE A 2058 -43.19 30.65 -56.15
N ARG A 2059 -44.33 30.43 -56.79
CA ARG A 2059 -45.59 30.39 -56.06
C ARG A 2059 -45.58 29.27 -55.03
N TYR A 2060 -45.19 28.07 -55.44
CA TYR A 2060 -45.13 26.95 -54.51
C TYR A 2060 -44.14 27.23 -53.38
N ILE A 2061 -42.99 27.80 -53.72
CA ILE A 2061 -41.99 28.12 -52.71
C ILE A 2061 -42.57 29.06 -51.67
N VAL A 2062 -43.16 30.16 -52.12
CA VAL A 2062 -43.68 31.16 -51.18
C VAL A 2062 -44.82 30.60 -50.37
N LEU A 2063 -45.66 29.78 -50.98
CA LEU A 2063 -46.76 29.16 -50.24
C LEU A 2063 -46.23 28.29 -49.11
N HIS A 2064 -45.27 27.43 -49.42
CA HIS A 2064 -44.72 26.56 -48.40
C HIS A 2064 -44.00 27.36 -47.30
N PHE A 2065 -43.27 28.41 -47.69
CA PHE A 2065 -42.56 29.19 -46.67
C PHE A 2065 -43.54 29.93 -45.77
N GLY A 2066 -44.61 30.48 -46.35
CA GLY A 2066 -45.61 31.14 -45.53
C GLY A 2066 -46.30 30.19 -44.59
N ARG A 2067 -46.70 29.02 -45.09
CA ARG A 2067 -47.27 28.00 -44.23
C ARG A 2067 -46.30 27.65 -43.10
N SER A 2068 -45.00 27.60 -43.41
CA SER A 2068 -44.01 27.27 -42.39
C SER A 2068 -43.96 28.33 -41.32
N LEU A 2069 -43.87 29.60 -41.72
CA LEU A 2069 -43.84 30.68 -40.74
C LEU A 2069 -45.13 30.73 -39.94
N GLN A 2070 -46.23 30.20 -40.49
CA GLN A 2070 -47.50 30.23 -39.78
C GLN A 2070 -47.42 29.41 -38.49
N TYR A 2071 -46.90 28.19 -38.56
CA TYR A 2071 -46.94 27.25 -37.45
C TYR A 2071 -45.71 27.30 -36.56
N GLY A 2072 -44.78 28.20 -36.82
CA GLY A 2072 -43.58 28.26 -35.99
C GLY A 2072 -42.78 29.50 -36.28
N ASN A 2073 -41.67 29.66 -35.55
CA ASN A 2073 -40.82 30.84 -35.72
C ASN A 2073 -39.34 30.48 -35.71
N GLN A 2074 -38.98 29.20 -35.73
CA GLN A 2074 -37.60 28.76 -35.67
C GLN A 2074 -36.82 29.11 -36.93
N PHE A 2075 -37.51 29.53 -37.98
CA PHE A 2075 -36.83 29.92 -39.21
C PHE A 2075 -37.35 31.27 -39.69
N ILE A 2076 -38.00 32.01 -38.80
CA ILE A 2076 -38.53 33.33 -39.12
C ILE A 2076 -37.46 34.30 -39.54
N TYR A 2077 -36.19 33.94 -39.36
CA TYR A 2077 -35.08 34.73 -39.87
C TYR A 2077 -34.53 34.20 -41.18
N GLN A 2078 -34.81 32.94 -41.51
CA GLN A 2078 -34.42 32.35 -42.78
C GLN A 2078 -35.57 32.23 -43.75
N SER A 2079 -36.80 32.11 -43.25
CA SER A 2079 -37.93 31.95 -44.15
C SER A 2079 -38.41 33.29 -44.68
N MET A 2080 -38.88 34.18 -43.81
CA MET A 2080 -39.49 35.44 -44.25
C MET A 2080 -38.58 36.25 -45.13
N PRO A 2081 -37.26 36.32 -44.88
CA PRO A 2081 -36.39 37.02 -45.83
C PRO A 2081 -36.47 36.45 -47.23
N ARG A 2082 -36.36 35.13 -47.37
CA ARG A 2082 -36.40 34.53 -48.69
C ARG A 2082 -37.78 34.68 -49.32
N MET A 2083 -38.84 34.58 -48.52
CA MET A 2083 -40.18 34.73 -49.06
C MET A 2083 -40.37 36.13 -49.65
N LEU A 2084 -40.06 37.15 -48.85
CA LEU A 2084 -40.20 38.52 -49.35
C LEU A 2084 -39.31 38.74 -50.57
N THR A 2085 -38.09 38.20 -50.53
CA THR A 2085 -37.18 38.38 -51.66
C THR A 2085 -37.76 37.77 -52.93
N LEU A 2086 -38.22 36.52 -52.85
CA LEU A 2086 -38.76 35.85 -54.02
C LEU A 2086 -39.98 36.60 -54.55
N TRP A 2087 -40.89 37.00 -53.67
CA TRP A 2087 -42.09 37.69 -54.12
C TRP A 2087 -41.74 38.99 -54.82
N LEU A 2088 -40.97 39.85 -54.15
CA LEU A 2088 -40.62 41.14 -54.74
C LEU A 2088 -39.83 40.99 -56.02
N ASP A 2089 -38.96 39.98 -56.11
CA ASP A 2089 -38.13 39.85 -57.30
C ASP A 2089 -38.92 39.31 -58.48
N TYR A 2090 -39.83 38.36 -58.21
CA TYR A 2090 -40.73 37.92 -59.28
C TYR A 2090 -41.58 39.08 -59.77
N GLY A 2091 -42.03 39.93 -58.85
CA GLY A 2091 -42.79 41.11 -59.26
C GLY A 2091 -41.95 42.05 -60.12
N THR A 2092 -40.69 42.24 -59.75
CA THR A 2092 -39.83 43.14 -60.52
C THR A 2092 -39.58 42.58 -61.91
N LYS A 2093 -39.27 41.29 -62.01
CA LYS A 2093 -39.08 40.68 -63.32
C LYS A 2093 -40.37 40.74 -64.13
N ALA A 2094 -41.52 40.63 -63.47
CA ALA A 2094 -42.79 40.72 -64.18
C ALA A 2094 -43.00 42.11 -64.74
N TYR A 2095 -42.75 43.15 -63.95
CA TYR A 2095 -42.87 44.52 -64.46
C TYR A 2095 -41.88 44.78 -65.57
N GLU A 2096 -40.68 44.21 -65.48
CA GLU A 2096 -39.71 44.35 -66.57
C GLU A 2096 -40.23 43.73 -67.85
N TRP A 2097 -40.73 42.49 -67.77
CA TRP A 2097 -41.30 41.85 -68.96
C TRP A 2097 -42.54 42.58 -69.46
N GLU A 2098 -43.27 43.27 -68.57
CA GLU A 2098 -44.38 44.11 -68.98
C GLU A 2098 -43.89 45.24 -69.85
N LYS A 2099 -42.86 45.95 -69.35
CA LYS A 2099 -42.24 47.02 -70.12
C LYS A 2099 -41.69 46.47 -71.43
N ALA A 2100 -41.35 45.18 -71.46
CA ALA A 2100 -40.93 44.54 -72.69
C ALA A 2100 -42.11 44.28 -73.62
N GLY A 2101 -43.17 43.68 -73.08
CA GLY A 2101 -44.39 43.48 -73.85
C GLY A 2101 -44.49 42.15 -74.57
N ARG A 2102 -44.31 41.06 -73.84
CA ARG A 2102 -44.39 39.72 -74.40
C ARG A 2102 -45.61 39.00 -73.85
N SER A 2103 -45.95 37.88 -74.50
CA SER A 2103 -47.01 37.02 -73.97
C SER A 2103 -46.52 36.25 -72.76
N ASP A 2104 -45.24 35.87 -72.76
CA ASP A 2104 -44.62 35.39 -71.54
C ASP A 2104 -44.83 36.36 -70.40
N ARG A 2105 -44.84 37.66 -70.68
CA ARG A 2105 -45.15 38.63 -69.64
C ARG A 2105 -46.60 38.49 -69.17
N VAL A 2106 -47.51 38.11 -70.07
CA VAL A 2106 -48.91 37.96 -69.67
C VAL A 2106 -49.08 36.75 -68.76
N GLN A 2107 -48.49 35.61 -69.15
CA GLN A 2107 -48.59 34.44 -68.28
C GLN A 2107 -47.85 34.68 -66.97
N MET A 2108 -46.75 35.43 -67.01
CA MET A 2108 -46.05 35.79 -65.79
C MET A 2108 -46.90 36.70 -64.92
N ARG A 2109 -47.74 37.53 -65.55
CA ARG A 2109 -48.66 38.36 -64.79
C ARG A 2109 -49.71 37.51 -64.10
N ASN A 2110 -50.19 36.47 -64.79
CA ASN A 2110 -51.09 35.51 -64.15
C ASN A 2110 -50.43 34.86 -62.94
N ASP A 2111 -49.22 34.38 -63.12
CA ASP A 2111 -48.50 33.74 -62.02
C ASP A 2111 -48.23 34.73 -60.89
N LEU A 2112 -47.96 35.99 -61.24
CA LEU A 2112 -47.72 37.00 -60.23
C LEU A 2112 -48.98 37.30 -59.45
N GLY A 2113 -50.14 37.32 -60.13
CA GLY A 2113 -51.38 37.47 -59.42
C GLY A 2113 -51.63 36.33 -58.45
N LYS A 2114 -51.35 35.10 -58.89
CA LYS A 2114 -51.46 33.96 -57.98
C LYS A 2114 -50.54 34.13 -56.78
N ILE A 2115 -49.29 34.51 -57.02
CA ILE A 2115 -48.33 34.69 -55.94
C ILE A 2115 -48.78 35.80 -55.00
N ASN A 2116 -49.41 36.85 -55.55
CA ASN A 2116 -49.90 37.93 -54.72
C ASN A 2116 -51.06 37.47 -53.85
N LYS A 2117 -51.93 36.62 -54.40
CA LYS A 2117 -52.99 36.05 -53.59
C LYS A 2117 -52.40 35.22 -52.45
N VAL A 2118 -51.32 34.48 -52.72
CA VAL A 2118 -50.69 33.71 -51.67
C VAL A 2118 -50.07 34.63 -50.62
N ILE A 2119 -49.45 35.72 -51.07
CA ILE A 2119 -48.89 36.70 -50.14
C ILE A 2119 -49.99 37.27 -49.25
N THR A 2120 -51.16 37.54 -49.83
CA THR A 2120 -52.26 38.08 -49.06
C THR A 2120 -52.75 37.06 -48.03
N GLU A 2121 -52.81 35.78 -48.42
CA GLU A 2121 -53.16 34.74 -47.46
C GLU A 2121 -52.18 34.71 -46.30
N HIS A 2122 -50.87 34.71 -46.61
CA HIS A 2122 -49.86 34.74 -45.57
C HIS A 2122 -50.03 35.96 -44.68
N THR A 2123 -50.33 37.11 -45.26
CA THR A 2123 -50.57 38.32 -44.48
C THR A 2123 -51.73 38.13 -43.52
N ASN A 2124 -52.84 37.57 -44.00
CA ASN A 2124 -53.98 37.33 -43.14
C ASN A 2124 -53.63 36.34 -42.03
N TYR A 2125 -52.70 35.43 -42.27
CA TYR A 2125 -52.41 34.40 -41.29
C TYR A 2125 -51.21 34.73 -40.41
N LEU A 2126 -50.10 35.16 -40.99
CA LEU A 2126 -48.90 35.40 -40.21
C LEU A 2126 -49.08 36.60 -39.30
N ALA A 2127 -48.74 36.43 -38.03
CA ALA A 2127 -48.85 37.50 -37.06
C ALA A 2127 -47.92 38.66 -37.45
N PRO A 2128 -48.21 39.87 -36.98
CA PRO A 2128 -47.39 41.01 -37.41
C PRO A 2128 -45.96 40.98 -36.92
N TYR A 2129 -45.68 40.29 -35.81
CA TYR A 2129 -44.31 40.20 -35.32
C TYR A 2129 -43.37 39.62 -36.38
N GLN A 2130 -43.81 38.57 -37.07
CA GLN A 2130 -42.98 37.96 -38.09
C GLN A 2130 -42.65 38.95 -39.20
N PHE A 2131 -43.63 39.73 -39.63
CA PHE A 2131 -43.34 40.76 -40.63
C PHE A 2131 -42.46 41.86 -40.07
N LEU A 2132 -42.60 42.20 -38.79
CA LEU A 2132 -41.74 43.22 -38.19
C LEU A 2132 -40.30 42.75 -38.15
N THR A 2133 -40.07 41.45 -38.08
CA THR A 2133 -38.70 40.94 -38.18
C THR A 2133 -38.07 41.29 -39.51
N ALA A 2134 -38.86 41.76 -40.47
CA ALA A 2134 -38.36 42.23 -41.75
C ALA A 2134 -39.02 43.53 -42.19
N PHE A 2135 -39.44 44.35 -41.24
CA PHE A 2135 -40.03 45.64 -41.59
C PHE A 2135 -39.02 46.52 -42.31
N SER A 2136 -37.73 46.35 -41.99
CA SER A 2136 -36.69 47.07 -42.72
C SER A 2136 -36.69 46.66 -44.19
N GLN A 2137 -36.62 45.34 -44.45
CA GLN A 2137 -36.60 44.88 -45.83
C GLN A 2137 -37.91 45.21 -46.55
N LEU A 2138 -39.04 45.02 -45.86
CA LEU A 2138 -40.32 45.38 -46.46
C LEU A 2138 -40.37 46.85 -46.82
N ILE A 2139 -39.75 47.71 -46.00
CA ILE A 2139 -39.65 49.12 -46.35
C ILE A 2139 -38.69 49.31 -47.51
N SER A 2140 -37.72 48.41 -47.65
CA SER A 2140 -36.75 48.51 -48.74
C SER A 2140 -37.34 48.16 -50.10
N ARG A 2141 -38.59 47.71 -50.14
CA ARG A 2141 -39.25 47.39 -51.39
C ARG A 2141 -40.46 48.27 -51.65
N ILE A 2142 -40.66 49.33 -50.85
CA ILE A 2142 -41.68 50.31 -51.17
C ILE A 2142 -41.40 50.98 -52.50
N CYS A 2143 -40.15 50.94 -52.95
CA CYS A 2143 -39.75 51.52 -54.22
C CYS A 2143 -40.05 50.63 -55.41
N HIS A 2144 -40.60 49.43 -55.20
CA HIS A 2144 -40.85 48.50 -56.29
C HIS A 2144 -41.76 49.13 -57.33
N SER A 2145 -41.64 48.65 -58.58
CA SER A 2145 -42.35 49.29 -59.67
C SER A 2145 -43.74 48.67 -59.88
N HIS A 2146 -43.83 47.35 -59.75
CA HIS A 2146 -45.11 46.67 -59.97
C HIS A 2146 -46.17 47.20 -59.01
N ASP A 2147 -47.29 47.66 -59.58
CA ASP A 2147 -48.29 48.34 -58.78
C ASP A 2147 -49.05 47.38 -57.87
N GLU A 2148 -49.41 46.20 -58.39
CA GLU A 2148 -50.10 45.22 -57.56
C GLU A 2148 -49.21 44.73 -56.43
N VAL A 2149 -47.93 44.48 -56.73
CA VAL A 2149 -46.98 44.14 -55.70
C VAL A 2149 -46.89 45.28 -54.69
N PHE A 2150 -46.93 46.52 -55.18
CA PHE A 2150 -46.88 47.66 -54.27
C PHE A 2150 -48.10 47.69 -53.36
N VAL A 2151 -49.26 47.28 -53.88
CA VAL A 2151 -50.48 47.29 -53.07
C VAL A 2151 -50.42 46.20 -52.01
N VAL A 2152 -49.97 45.00 -52.39
CA VAL A 2152 -49.85 43.92 -51.42
C VAL A 2152 -48.85 44.29 -50.34
N LEU A 2153 -47.69 44.82 -50.74
CA LEU A 2153 -46.70 45.23 -49.75
C LEU A 2153 -47.21 46.40 -48.91
N MET A 2154 -48.06 47.25 -49.48
CA MET A 2154 -48.64 48.33 -48.70
C MET A 2154 -49.55 47.78 -47.61
N GLU A 2155 -50.37 46.79 -47.95
CA GLU A 2155 -51.19 46.14 -46.93
C GLU A 2155 -50.32 45.50 -45.85
N ILE A 2156 -49.23 44.85 -46.26
CA ILE A 2156 -48.36 44.19 -45.29
C ILE A 2156 -47.72 45.20 -44.35
N ILE A 2157 -47.00 46.18 -44.91
CA ILE A 2157 -46.39 47.22 -44.10
C ILE A 2157 -47.44 47.96 -43.29
N ALA A 2158 -48.68 47.99 -43.78
CA ALA A 2158 -49.80 48.65 -43.07
C ALA A 2158 -50.23 47.83 -41.87
N LYS A 2159 -50.14 46.49 -41.94
CA LYS A 2159 -50.45 45.60 -40.80
C LYS A 2159 -49.30 45.73 -39.81
N VAL A 2160 -48.09 45.95 -40.30
CA VAL A 2160 -46.90 46.15 -39.47
C VAL A 2160 -47.03 47.43 -38.65
N PHE A 2161 -47.35 48.55 -39.30
CA PHE A 2161 -47.46 49.81 -38.59
C PHE A 2161 -48.61 49.78 -37.59
N LEU A 2162 -49.68 49.05 -37.92
CA LEU A 2162 -50.81 48.95 -37.00
C LEU A 2162 -50.43 48.24 -35.72
N ALA A 2163 -49.71 47.14 -35.83
CA ALA A 2163 -49.42 46.37 -34.61
C ALA A 2163 -48.40 47.09 -33.74
N TYR A 2164 -47.37 47.67 -34.33
CA TYR A 2164 -46.28 48.30 -33.60
C TYR A 2164 -46.01 49.66 -34.21
N PRO A 2165 -46.79 50.68 -33.85
CA PRO A 2165 -46.66 51.97 -34.53
C PRO A 2165 -45.38 52.71 -34.18
N GLN A 2166 -44.98 52.69 -32.91
CA GLN A 2166 -43.79 53.41 -32.50
C GLN A 2166 -42.57 52.95 -33.28
N GLN A 2167 -42.28 51.64 -33.25
CA GLN A 2167 -41.09 51.13 -33.89
C GLN A 2167 -41.15 51.29 -35.40
N ALA A 2168 -42.29 50.95 -36.01
CA ALA A 2168 -42.42 51.07 -37.46
C ALA A 2168 -42.26 52.52 -37.90
N MET A 2169 -42.73 53.47 -37.09
CA MET A 2169 -42.61 54.87 -37.45
C MET A 2169 -41.15 55.26 -37.64
N TRP A 2170 -40.26 54.73 -36.78
CA TRP A 2170 -38.85 55.11 -36.87
C TRP A 2170 -38.26 54.74 -38.22
N MET A 2171 -38.41 53.48 -38.63
CA MET A 2171 -37.81 53.05 -39.90
C MET A 2171 -38.42 53.79 -41.09
N MET A 2172 -39.72 54.08 -41.05
CA MET A 2172 -40.36 54.76 -42.17
C MET A 2172 -39.95 56.23 -42.28
N THR A 2173 -39.44 56.82 -41.21
CA THR A 2173 -39.03 58.22 -41.27
C THR A 2173 -37.96 58.45 -42.33
N ALA A 2174 -37.10 57.46 -42.56
CA ALA A 2174 -36.05 57.61 -43.56
C ALA A 2174 -36.64 57.86 -44.95
N VAL A 2175 -37.56 57.00 -45.38
CA VAL A 2175 -38.12 57.13 -46.72
C VAL A 2175 -38.97 58.40 -46.82
N SER A 2176 -39.66 58.77 -45.75
CA SER A 2176 -40.60 59.87 -45.82
C SER A 2176 -39.90 61.20 -46.06
N LYS A 2177 -38.66 61.34 -45.63
CA LYS A 2177 -37.91 62.58 -45.80
C LYS A 2177 -36.82 62.46 -46.85
N SER A 2178 -36.78 61.37 -47.59
CA SER A 2178 -35.71 61.16 -48.56
C SER A 2178 -35.82 62.13 -49.72
N SER A 2179 -34.72 62.26 -50.47
CA SER A 2179 -34.71 63.14 -51.63
C SER A 2179 -35.46 62.50 -52.81
N TYR A 2180 -35.44 61.19 -52.91
CA TYR A 2180 -36.20 60.50 -53.96
C TYR A 2180 -37.68 60.82 -53.80
N PRO A 2181 -38.28 61.59 -54.71
CA PRO A 2181 -39.66 62.01 -54.47
C PRO A 2181 -40.66 60.87 -54.44
N MET A 2182 -40.51 59.89 -55.35
CA MET A 2182 -41.44 58.77 -55.38
C MET A 2182 -41.37 57.97 -54.09
N ARG A 2183 -40.19 57.92 -53.46
CA ARG A 2183 -40.10 57.27 -52.15
C ARG A 2183 -41.00 57.97 -51.14
N VAL A 2184 -40.96 59.30 -51.11
CA VAL A 2184 -41.83 60.06 -50.22
C VAL A 2184 -43.30 59.82 -50.57
N ASN A 2185 -43.60 59.73 -51.87
CA ASN A 2185 -44.97 59.47 -52.29
C ASN A 2185 -45.46 58.13 -51.76
N ARG A 2186 -44.66 57.08 -51.92
CA ARG A 2186 -45.05 55.77 -51.43
C ARG A 2186 -45.14 55.74 -49.92
N CYS A 2187 -44.23 56.41 -49.22
CA CYS A 2187 -44.32 56.48 -47.77
C CYS A 2187 -45.61 57.18 -47.33
N LYS A 2188 -45.96 58.27 -48.01
CA LYS A 2188 -47.21 58.95 -47.71
C LYS A 2188 -48.40 58.05 -47.97
N GLU A 2189 -48.36 57.29 -49.06
CA GLU A 2189 -49.45 56.35 -49.36
C GLU A 2189 -49.60 55.34 -48.23
N ILE A 2190 -48.48 54.76 -47.79
CA ILE A 2190 -48.54 53.76 -46.73
C ILE A 2190 -49.08 54.38 -45.45
N LEU A 2191 -48.61 55.58 -45.10
CA LEU A 2191 -49.08 56.25 -43.89
C LEU A 2191 -50.58 56.53 -43.97
N ASN A 2192 -51.04 56.99 -45.14
CA ASN A 2192 -52.46 57.28 -45.29
C ASN A 2192 -53.30 56.02 -45.20
N LYS A 2193 -52.80 54.91 -45.75
CA LYS A 2193 -53.52 53.66 -45.63
C LYS A 2193 -53.60 53.22 -44.18
N ALA A 2194 -52.49 53.35 -43.44
CA ALA A 2194 -52.50 53.03 -42.03
C ALA A 2194 -53.51 53.88 -41.27
N ILE A 2195 -53.57 55.18 -41.59
CA ILE A 2195 -54.58 56.05 -41.00
C ILE A 2195 -55.98 55.55 -41.33
N HIS A 2196 -56.18 55.14 -42.59
CA HIS A 2196 -57.48 54.63 -43.01
C HIS A 2196 -57.91 53.44 -42.16
N MET A 2197 -57.00 52.51 -41.91
CA MET A 2197 -57.33 51.35 -41.09
C MET A 2197 -57.08 51.59 -39.60
N LYS A 2198 -56.58 52.77 -39.22
CA LYS A 2198 -56.46 53.12 -37.81
C LYS A 2198 -56.44 54.64 -37.71
N LYS A 2199 -57.56 55.21 -37.26
CA LYS A 2199 -57.66 56.66 -37.16
C LYS A 2199 -56.92 57.23 -35.96
N SER A 2200 -56.73 56.43 -34.91
CA SER A 2200 -56.11 56.94 -33.70
C SER A 2200 -54.69 57.43 -33.94
N LEU A 2201 -53.94 56.74 -34.80
CA LEU A 2201 -52.55 57.11 -35.03
C LEU A 2201 -52.41 58.19 -36.09
N GLU A 2202 -53.21 59.24 -35.96
CA GLU A 2202 -53.09 60.41 -36.83
C GLU A 2202 -52.29 61.53 -36.18
N LYS A 2203 -52.69 61.92 -34.97
CA LYS A 2203 -51.88 62.86 -34.20
C LYS A 2203 -50.51 62.29 -33.93
N PHE A 2204 -50.44 60.98 -33.66
CA PHE A 2204 -49.15 60.33 -33.45
C PHE A 2204 -48.25 60.51 -34.67
N VAL A 2205 -48.77 60.20 -35.86
CA VAL A 2205 -47.98 60.29 -37.07
C VAL A 2205 -47.57 61.74 -37.33
N GLY A 2206 -48.50 62.67 -37.14
CA GLY A 2206 -48.18 64.07 -37.38
C GLY A 2206 -47.10 64.59 -36.46
N ASP A 2207 -47.25 64.30 -35.16
CA ASP A 2207 -46.24 64.75 -34.19
C ASP A 2207 -44.90 64.09 -34.46
N ALA A 2208 -44.89 62.80 -34.80
CA ALA A 2208 -43.64 62.13 -35.12
C ALA A 2208 -42.99 62.74 -36.34
N THR A 2209 -43.79 63.09 -37.35
CA THR A 2209 -43.23 63.71 -38.54
C THR A 2209 -42.62 65.06 -38.23
N ARG A 2210 -43.34 65.89 -37.48
CA ARG A 2210 -42.81 67.20 -37.12
C ARG A 2210 -41.56 67.07 -36.26
N LEU A 2211 -41.53 66.09 -35.37
CA LEU A 2211 -40.36 65.87 -34.53
C LEU A 2211 -39.16 65.45 -35.38
N THR A 2212 -39.37 64.52 -36.31
CA THR A 2212 -38.29 64.11 -37.20
C THR A 2212 -37.80 65.28 -38.04
N ASP A 2213 -38.71 66.15 -38.48
CA ASP A 2213 -38.30 67.31 -39.26
C ASP A 2213 -37.45 68.25 -38.42
N LYS A 2214 -37.89 68.55 -37.20
CA LYS A 2214 -37.09 69.39 -36.31
C LYS A 2214 -35.73 68.75 -36.04
N LEU A 2215 -35.70 67.43 -35.93
CA LEU A 2215 -34.43 66.76 -35.61
C LEU A 2215 -33.48 66.79 -36.79
N LEU A 2216 -34.00 66.58 -38.01
CA LEU A 2216 -33.12 66.68 -39.17
C LEU A 2216 -32.68 68.10 -39.40
N GLU A 2217 -33.50 69.08 -39.00
CA GLU A 2217 -33.04 70.47 -38.98
C GLU A 2217 -31.90 70.63 -37.98
N LEU A 2218 -32.03 70.00 -36.81
CA LEU A 2218 -30.94 69.98 -35.84
C LEU A 2218 -29.67 69.42 -36.46
N CYS A 2219 -29.81 68.36 -37.26
CA CYS A 2219 -28.67 67.83 -37.99
C CYS A 2219 -28.04 68.90 -38.86
N ASN A 2220 -28.86 69.64 -39.60
CA ASN A 2220 -28.37 70.70 -40.48
C ASN A 2220 -28.32 72.04 -39.73
N LYS A 2221 -27.67 72.03 -38.57
CA LYS A 2221 -27.42 73.27 -37.84
C LYS A 2221 -26.06 73.82 -38.26
N PRO A 2222 -26.01 74.96 -38.92
CA PRO A 2222 -24.71 75.50 -39.35
C PRO A 2222 -23.83 75.77 -38.15
N VAL A 2223 -22.52 75.56 -38.34
CA VAL A 2223 -21.56 75.81 -37.27
C VAL A 2223 -21.54 77.29 -36.94
N ASP A 2224 -21.27 77.59 -35.66
CA ASP A 2224 -21.16 78.96 -35.20
C ASP A 2224 -19.78 79.26 -34.62
N GLY A 2225 -18.77 78.52 -35.06
CA GLY A 2225 -17.44 78.68 -34.52
C GLY A 2225 -17.18 77.75 -33.33
N SER A 2226 -16.24 78.13 -32.47
CA SER A 2226 -15.88 77.31 -31.32
C SER A 2226 -16.89 77.54 -30.22
N SER A 2227 -18.08 76.96 -30.41
CA SER A 2227 -19.12 76.94 -29.38
C SER A 2227 -19.46 75.47 -29.17
N SER A 2228 -18.68 74.81 -28.32
CA SER A 2228 -18.86 73.37 -28.12
C SER A 2228 -20.24 73.05 -27.57
N THR A 2229 -20.82 73.97 -26.80
CA THR A 2229 -22.14 73.78 -26.22
C THR A 2229 -23.06 74.90 -26.70
N LEU A 2230 -24.35 74.60 -26.78
CA LEU A 2230 -25.32 75.60 -27.23
C LEU A 2230 -26.70 75.18 -26.75
N SER A 2231 -27.40 76.11 -26.09
CA SER A 2231 -28.67 75.79 -25.45
C SER A 2231 -29.75 75.51 -26.50
N MET A 2232 -30.46 74.40 -26.32
CA MET A 2232 -31.58 74.10 -27.20
C MET A 2232 -32.66 75.17 -27.11
N SER A 2233 -32.93 75.68 -25.91
CA SER A 2233 -33.93 76.73 -25.75
C SER A 2233 -33.48 78.04 -26.38
N THR A 2234 -32.17 78.22 -26.60
CA THR A 2234 -31.70 79.45 -27.24
C THR A 2234 -32.20 79.55 -28.67
N HIS A 2235 -32.02 78.49 -29.45
CA HIS A 2235 -32.35 78.49 -30.88
C HIS A 2235 -33.39 77.45 -31.23
N PHE A 2236 -33.23 76.21 -30.77
CA PHE A 2236 -34.20 75.17 -31.08
C PHE A 2236 -35.40 75.29 -30.14
N LYS A 2237 -35.99 76.48 -30.06
CA LYS A 2237 -37.12 76.70 -29.17
C LYS A 2237 -38.33 75.87 -29.61
N MET A 2238 -38.55 75.78 -30.92
CA MET A 2238 -39.69 75.00 -31.42
C MET A 2238 -39.58 73.55 -31.00
N LEU A 2239 -38.38 72.99 -31.00
CA LEU A 2239 -38.20 71.58 -30.68
C LEU A 2239 -38.54 71.31 -29.22
N LYS A 2240 -37.94 72.08 -28.30
CA LYS A 2240 -38.25 71.91 -26.89
C LYS A 2240 -39.72 72.17 -26.60
N LYS A 2241 -40.28 73.20 -27.23
CA LYS A 2241 -41.70 73.49 -27.05
C LYS A 2241 -42.56 72.30 -27.49
N LEU A 2242 -42.25 71.73 -28.65
CA LEU A 2242 -43.01 70.59 -29.14
C LEU A 2242 -42.88 69.41 -28.19
N VAL A 2243 -41.66 69.14 -27.70
CA VAL A 2243 -41.48 68.03 -26.78
C VAL A 2243 -42.22 68.28 -25.48
N GLU A 2244 -42.43 69.56 -25.14
CA GLU A 2244 -43.15 69.91 -23.93
C GLU A 2244 -44.63 70.18 -24.17
N GLU A 2245 -45.10 70.10 -25.41
CA GLU A 2245 -46.51 70.30 -25.69
C GLU A 2245 -47.35 69.22 -25.02
N ALA A 2246 -48.43 69.64 -24.36
CA ALA A 2246 -49.32 68.67 -23.73
C ALA A 2246 -49.99 67.79 -24.76
N THR A 2247 -50.38 68.37 -25.89
CA THR A 2247 -51.02 67.60 -26.95
C THR A 2247 -50.02 66.71 -27.71
N PHE A 2248 -48.72 66.96 -27.54
CA PHE A 2248 -47.72 66.19 -28.26
C PHE A 2248 -47.79 64.73 -27.86
N SER A 2249 -48.18 63.88 -28.81
CA SER A 2249 -48.24 62.45 -28.56
C SER A 2249 -46.86 61.93 -28.20
N GLU A 2250 -46.83 60.84 -27.44
CA GLU A 2250 -45.58 60.30 -26.93
C GLU A 2250 -44.89 59.48 -28.01
N ILE A 2251 -43.62 59.79 -28.26
CA ILE A 2251 -42.79 59.07 -29.21
C ILE A 2251 -41.79 58.24 -28.43
N LEU A 2252 -41.68 56.97 -28.79
CA LEU A 2252 -40.75 56.09 -28.11
C LEU A 2252 -39.32 56.44 -28.48
N ILE A 2253 -38.50 56.74 -27.47
CA ILE A 2253 -37.08 57.00 -27.74
C ILE A 2253 -36.49 55.80 -28.46
N PRO A 2254 -35.68 56.00 -29.47
CA PRO A 2254 -35.28 54.87 -30.34
C PRO A 2254 -34.09 54.08 -29.80
N LEU A 2255 -34.31 53.39 -28.69
CA LEU A 2255 -33.25 52.57 -28.13
C LEU A 2255 -33.23 51.19 -28.81
N GLN A 2256 -32.06 50.57 -28.80
CA GLN A 2256 -31.93 49.24 -29.40
C GLN A 2256 -32.81 48.23 -28.72
N SER A 2257 -32.94 48.32 -27.39
CA SER A 2257 -33.70 47.33 -26.63
C SER A 2257 -35.17 47.32 -26.99
N VAL A 2258 -35.62 48.18 -27.90
CA VAL A 2258 -37.02 48.18 -28.34
C VAL A 2258 -37.17 48.14 -29.85
N MET A 2259 -36.08 48.18 -30.61
CA MET A 2259 -36.21 48.12 -32.07
C MET A 2259 -36.07 46.72 -32.63
N ILE A 2260 -35.11 45.94 -32.16
CA ILE A 2260 -34.92 44.57 -32.61
C ILE A 2260 -35.94 43.69 -31.89
N PRO A 2261 -36.90 43.10 -32.59
CA PRO A 2261 -37.91 42.29 -31.90
C PRO A 2261 -37.30 41.07 -31.24
N THR A 2262 -38.10 40.41 -30.41
CA THR A 2262 -37.73 39.15 -29.79
C THR A 2262 -38.74 38.10 -30.22
N LEU A 2263 -38.29 37.15 -30.99
CA LEU A 2263 -39.27 36.23 -31.55
C LEU A 2263 -39.69 35.20 -30.51
N PRO A 2264 -40.94 34.74 -30.57
CA PRO A 2264 -41.39 33.73 -29.62
C PRO A 2264 -40.74 32.39 -29.89
N SER A 2265 -40.47 31.65 -28.82
CA SER A 2265 -39.71 30.41 -28.94
C SER A 2265 -40.49 29.35 -29.70
N ILE A 2266 -39.75 28.38 -30.24
CA ILE A 2266 -40.36 27.26 -30.94
C ILE A 2266 -41.19 26.42 -29.98
N LEU A 2267 -40.58 26.01 -28.87
CA LEU A 2267 -41.30 25.30 -27.82
C LEU A 2267 -42.23 26.21 -27.03
N GLY A 2268 -42.38 27.46 -27.44
CA GLY A 2268 -43.16 28.42 -26.70
C GLY A 2268 -44.65 28.27 -26.91
N THR A 2269 -45.33 29.40 -27.15
CA THR A 2269 -46.77 29.42 -27.29
C THR A 2269 -47.26 28.34 -28.24
N HIS A 2270 -46.86 28.43 -29.51
CA HIS A 2270 -47.24 27.48 -30.56
C HIS A 2270 -48.74 27.56 -30.83
N ALA A 2271 -49.44 28.34 -30.02
CA ALA A 2271 -50.85 28.66 -30.22
C ALA A 2271 -51.18 30.12 -29.95
N ASN A 2272 -50.36 30.84 -29.18
CA ASN A 2272 -50.56 32.26 -28.89
C ASN A 2272 -49.67 33.12 -29.77
N HIS A 2273 -49.45 32.68 -31.01
CA HIS A 2273 -48.64 33.47 -31.94
C HIS A 2273 -49.25 34.84 -32.18
N ALA A 2274 -50.54 35.00 -31.90
CA ALA A 2274 -51.15 36.32 -32.01
C ALA A 2274 -50.88 37.16 -30.77
N SER A 2275 -51.11 36.61 -29.59
CA SER A 2275 -50.99 37.38 -28.35
C SER A 2275 -49.55 37.54 -27.90
N HIS A 2276 -48.59 36.90 -28.55
CA HIS A 2276 -47.19 37.10 -28.18
C HIS A 2276 -46.79 38.55 -28.40
N GLU A 2277 -45.91 39.04 -27.55
CA GLU A 2277 -45.52 40.44 -27.58
C GLU A 2277 -44.02 40.58 -27.82
N PRO A 2278 -43.59 41.05 -28.98
CA PRO A 2278 -42.16 41.28 -29.20
C PRO A 2278 -41.67 42.43 -28.35
N PHE A 2279 -40.37 42.39 -28.07
CA PHE A 2279 -39.65 43.30 -27.17
C PHE A 2279 -40.49 43.73 -25.97
N PRO A 2280 -40.87 42.81 -25.09
CA PRO A 2280 -41.43 43.24 -23.81
C PRO A 2280 -40.35 43.89 -22.96
N GLY A 2281 -40.79 44.63 -21.97
CA GLY A 2281 -39.88 45.30 -21.08
C GLY A 2281 -40.34 46.71 -20.82
N HIS A 2282 -39.40 47.58 -20.51
CA HIS A 2282 -39.69 48.97 -20.16
C HIS A 2282 -39.49 49.85 -21.39
N TRP A 2283 -40.57 50.46 -21.85
CA TRP A 2283 -40.48 51.44 -22.93
C TRP A 2283 -40.19 52.81 -22.35
N ALA A 2284 -39.46 53.62 -23.09
CA ALA A 2284 -39.05 54.95 -22.65
C ALA A 2284 -39.52 55.95 -23.69
N TYR A 2285 -40.61 56.64 -23.39
CA TYR A 2285 -41.13 57.65 -24.29
C TYR A 2285 -40.34 58.96 -24.14
N ILE A 2286 -40.02 59.57 -25.27
CA ILE A 2286 -39.31 60.84 -25.24
C ILE A 2286 -40.21 61.88 -24.60
N ALA A 2287 -39.84 62.31 -23.40
CA ALA A 2287 -40.67 63.23 -22.63
C ALA A 2287 -39.99 64.56 -22.34
N GLY A 2288 -38.73 64.72 -22.67
CA GLY A 2288 -38.05 65.97 -22.44
C GLY A 2288 -36.68 65.98 -23.09
N PHE A 2289 -36.20 67.18 -23.34
CA PHE A 2289 -34.86 67.40 -23.88
C PHE A 2289 -34.03 68.08 -22.82
N ASP A 2290 -32.81 67.61 -22.62
CA ASP A 2290 -31.87 68.39 -21.83
C ASP A 2290 -31.40 69.57 -22.68
N ASP A 2291 -31.37 70.76 -22.07
CA ASP A 2291 -31.11 71.97 -22.85
C ASP A 2291 -29.65 72.10 -23.27
N MET A 2292 -28.77 71.23 -22.79
CA MET A 2292 -27.36 71.29 -23.14
C MET A 2292 -27.09 70.41 -24.35
N VAL A 2293 -26.65 71.02 -25.45
CA VAL A 2293 -26.33 70.32 -26.68
C VAL A 2293 -24.86 70.53 -26.98
N GLU A 2294 -24.12 69.43 -27.09
CA GLU A 2294 -22.68 69.47 -27.27
C GLU A 2294 -22.32 69.34 -28.74
N ILE A 2295 -21.06 69.65 -29.03
CA ILE A 2295 -20.50 69.49 -30.38
C ILE A 2295 -19.24 68.65 -30.26
N LEU A 2296 -19.22 67.54 -30.97
CA LEU A 2296 -18.02 66.70 -30.99
C LEU A 2296 -16.97 67.30 -31.90
N ALA A 2297 -15.73 66.91 -31.67
CA ALA A 2297 -14.59 67.45 -32.42
C ALA A 2297 -14.33 66.56 -33.62
N SER A 2298 -14.82 66.96 -34.78
CA SER A 2298 -14.61 66.23 -36.02
C SER A 2298 -14.97 67.12 -37.20
N LEU A 2299 -14.69 66.63 -38.40
CA LEU A 2299 -14.97 67.41 -39.60
C LEU A 2299 -16.47 67.58 -39.81
N GLN A 2300 -17.25 66.55 -39.50
CA GLN A 2300 -18.69 66.63 -39.73
C GLN A 2300 -19.37 67.52 -38.70
N LYS A 2301 -18.75 67.69 -37.53
CA LYS A 2301 -19.31 68.45 -36.42
C LYS A 2301 -20.65 67.88 -35.97
N PRO A 2302 -20.65 66.70 -35.35
CA PRO A 2302 -21.91 66.13 -34.87
C PRO A 2302 -22.45 66.90 -33.68
N LYS A 2303 -23.74 66.74 -33.44
CA LYS A 2303 -24.47 67.47 -32.41
C LYS A 2303 -25.04 66.47 -31.42
N LYS A 2304 -24.26 66.11 -30.40
CA LYS A 2304 -24.77 65.22 -29.38
C LYS A 2304 -25.85 65.93 -28.57
N ILE A 2305 -27.04 65.33 -28.54
CA ILE A 2305 -28.13 65.86 -27.73
C ILE A 2305 -28.47 64.81 -26.66
N SER A 2306 -29.25 65.24 -25.69
CA SER A 2306 -29.65 64.39 -24.57
C SER A 2306 -31.18 64.37 -24.49
N LEU A 2307 -31.76 63.20 -24.64
CA LEU A 2307 -33.21 63.04 -24.65
C LEU A 2307 -33.65 62.46 -23.31
N LYS A 2308 -34.47 63.22 -22.58
CA LYS A 2308 -34.97 62.78 -21.29
C LYS A 2308 -36.19 61.90 -21.50
N GLY A 2309 -36.13 60.68 -20.96
CA GLY A 2309 -37.22 59.74 -21.13
C GLY A 2309 -38.29 59.89 -20.08
N SER A 2310 -39.48 59.37 -20.41
CA SER A 2310 -40.61 59.45 -19.48
C SER A 2310 -40.27 58.86 -18.14
N ASP A 2311 -39.40 57.84 -18.10
CA ASP A 2311 -38.93 57.29 -16.84
C ASP A 2311 -38.11 58.30 -16.04
N GLY A 2312 -37.49 59.26 -16.72
CA GLY A 2312 -36.62 60.22 -16.09
C GLY A 2312 -35.15 59.98 -16.37
N LYS A 2313 -34.75 58.72 -16.50
CA LYS A 2313 -33.38 58.42 -16.88
C LYS A 2313 -33.06 59.05 -18.23
N PHE A 2314 -31.88 59.63 -18.34
CA PHE A 2314 -31.49 60.35 -19.54
C PHE A 2314 -30.90 59.39 -20.56
N TYR A 2315 -31.23 59.62 -21.83
CA TYR A 2315 -30.70 58.83 -22.94
C TYR A 2315 -30.11 59.79 -23.97
N ILE A 2316 -28.90 59.49 -24.42
CA ILE A 2316 -28.11 60.40 -25.22
C ILE A 2316 -28.12 59.92 -26.66
N MET A 2317 -28.51 60.80 -27.58
CA MET A 2317 -28.61 60.49 -29.00
C MET A 2317 -27.61 61.32 -29.77
N MET A 2318 -26.70 60.78 -30.56
CA MET A 2318 -25.78 61.60 -31.40
C MET A 2318 -26.34 61.84 -32.81
N CYS A 2319 -27.03 62.97 -33.12
CA CYS A 2319 -27.47 63.12 -34.53
C CYS A 2319 -26.18 63.23 -35.34
N LYS A 2320 -26.10 62.53 -36.47
CA LYS A 2320 -24.89 62.52 -37.32
C LYS A 2320 -25.16 63.49 -38.47
N PRO A 2321 -24.26 64.43 -38.79
CA PRO A 2321 -24.42 65.28 -39.96
C PRO A 2321 -24.45 64.52 -41.28
N LYS A 2322 -24.16 65.15 -42.43
CA LYS A 2322 -24.35 64.52 -43.73
C LYS A 2322 -23.54 63.24 -43.87
N ASP A 2323 -24.24 62.10 -43.90
CA ASP A 2323 -23.66 60.78 -44.11
C ASP A 2323 -24.80 59.77 -44.18
N ASP A 2324 -24.70 58.71 -44.99
CA ASP A 2324 -25.85 57.77 -45.19
C ASP A 2324 -25.95 56.77 -44.03
N LEU A 2325 -26.97 56.87 -43.18
CA LEU A 2325 -27.16 55.98 -42.00
C LEU A 2325 -28.18 54.85 -42.25
N ARG A 2326 -28.69 54.66 -43.47
CA ARG A 2326 -29.66 53.56 -43.80
C ARG A 2326 -28.89 52.25 -43.79
N LYS A 2327 -27.82 52.13 -44.57
CA LYS A 2327 -26.89 51.01 -44.52
C LYS A 2327 -26.50 50.68 -43.09
N ASP A 2328 -26.11 51.70 -42.31
CA ASP A 2328 -25.75 51.47 -40.93
C ASP A 2328 -26.91 50.90 -40.14
N CYS A 2329 -28.13 51.39 -40.39
CA CYS A 2329 -29.29 50.89 -39.67
C CYS A 2329 -29.47 49.40 -39.89
N ARG A 2330 -29.46 48.99 -41.15
CA ARG A 2330 -29.68 47.57 -41.42
C ARG A 2330 -28.53 46.73 -40.91
N LEU A 2331 -27.29 47.25 -40.98
CA LEU A 2331 -26.18 46.47 -40.45
C LEU A 2331 -26.28 46.31 -38.94
N MET A 2332 -26.77 47.34 -38.25
CA MET A 2332 -26.93 47.18 -36.82
C MET A 2332 -28.04 46.20 -36.49
N GLU A 2333 -29.10 46.18 -37.30
CA GLU A 2333 -30.10 45.12 -37.15
C GLU A 2333 -29.45 43.75 -37.31
N PHE A 2334 -28.61 43.60 -38.33
CA PHE A 2334 -27.92 42.34 -38.55
C PHE A 2334 -27.03 41.98 -37.37
N ASN A 2335 -26.38 42.97 -36.76
CA ASN A 2335 -25.55 42.68 -35.60
C ASN A 2335 -26.39 42.28 -34.41
N SER A 2336 -27.58 42.85 -34.28
CA SER A 2336 -28.48 42.39 -33.23
C SER A 2336 -28.87 40.94 -33.48
N LEU A 2337 -29.04 40.56 -34.74
CA LEU A 2337 -29.26 39.16 -35.06
C LEU A 2337 -28.09 38.30 -34.62
N ILE A 2338 -26.87 38.76 -34.89
CA ILE A 2338 -25.70 38.00 -34.47
C ILE A 2338 -25.67 37.87 -32.95
N ASN A 2339 -26.12 38.92 -32.24
CA ASN A 2339 -26.18 38.83 -30.79
C ASN A 2339 -27.17 37.76 -30.36
N LYS A 2340 -28.38 37.79 -30.91
CA LYS A 2340 -29.37 36.79 -30.57
C LYS A 2340 -28.88 35.39 -30.91
N CYS A 2341 -28.00 35.27 -31.90
CA CYS A 2341 -27.41 33.98 -32.19
C CYS A 2341 -26.38 33.60 -31.13
N LEU A 2342 -25.48 34.51 -30.80
CA LEU A 2342 -24.41 34.22 -29.86
C LEU A 2342 -24.96 33.93 -28.47
N ARG A 2343 -26.02 34.63 -28.08
CA ARG A 2343 -26.63 34.36 -26.79
C ARG A 2343 -27.22 32.96 -26.74
N LYS A 2344 -27.60 32.41 -27.90
CA LYS A 2344 -28.07 31.04 -27.94
C LYS A 2344 -26.92 30.06 -27.71
N ASP A 2345 -25.88 30.15 -28.52
CA ASP A 2345 -24.78 29.19 -28.48
C ASP A 2345 -24.17 29.10 -27.10
N ALA A 2346 -24.23 27.92 -26.51
CA ALA A 2346 -23.82 27.74 -25.11
C ALA A 2346 -22.40 28.22 -24.87
N GLU A 2347 -21.45 27.72 -25.67
CA GLU A 2347 -20.07 28.14 -25.51
C GLU A 2347 -19.94 29.64 -25.70
N SER A 2348 -20.61 30.19 -26.71
CA SER A 2348 -20.57 31.63 -26.94
C SER A 2348 -21.01 32.39 -25.70
N ARG A 2349 -22.19 32.06 -25.17
CA ARG A 2349 -22.70 32.80 -24.03
C ARG A 2349 -21.77 32.65 -22.83
N ARG A 2350 -21.26 31.45 -22.59
CA ARG A 2350 -20.30 31.26 -21.51
C ARG A 2350 -19.11 32.19 -21.68
N ARG A 2351 -18.69 32.44 -22.92
CA ARG A 2351 -17.65 33.42 -23.16
C ARG A 2351 -18.11 34.84 -22.88
N GLU A 2352 -19.40 35.05 -22.69
CA GLU A 2352 -19.98 36.40 -22.58
C GLU A 2352 -19.71 37.21 -23.85
N LEU A 2353 -19.75 36.54 -25.00
CA LEU A 2353 -19.64 37.25 -26.25
C LEU A 2353 -20.88 38.09 -26.47
N HIS A 2354 -20.69 39.30 -26.97
CA HIS A 2354 -21.78 40.25 -27.10
C HIS A 2354 -21.32 41.37 -28.00
N ILE A 2355 -22.05 41.62 -29.06
CA ILE A 2355 -21.75 42.73 -29.95
C ILE A 2355 -22.52 43.95 -29.48
N ARG A 2356 -21.78 44.99 -29.10
CA ARG A 2356 -22.41 46.21 -28.54
C ARG A 2356 -23.24 46.80 -29.67
N THR A 2357 -24.56 46.65 -29.61
CA THR A 2357 -25.46 47.13 -30.67
C THR A 2357 -26.10 48.39 -30.16
N TYR A 2358 -25.99 49.47 -30.92
CA TYR A 2358 -26.55 50.79 -30.59
C TYR A 2358 -27.46 51.14 -31.73
N ALA A 2359 -28.64 51.69 -31.48
CA ALA A 2359 -29.62 51.95 -32.55
C ALA A 2359 -29.09 52.97 -33.54
N VAL A 2360 -29.32 52.78 -34.84
CA VAL A 2360 -29.02 53.83 -35.86
C VAL A 2360 -30.42 54.12 -36.41
N ILE A 2361 -30.88 55.36 -36.39
CA ILE A 2361 -32.28 55.71 -36.77
C ILE A 2361 -32.16 56.79 -37.85
N PRO A 2362 -31.96 56.40 -39.11
CA PRO A 2362 -31.67 57.42 -40.11
C PRO A 2362 -32.88 58.29 -40.39
N LEU A 2363 -32.84 59.53 -39.90
CA LEU A 2363 -33.93 60.46 -40.15
C LEU A 2363 -34.03 60.79 -41.63
N ASN A 2364 -33.01 61.45 -42.17
CA ASN A 2364 -32.94 61.76 -43.59
C ASN A 2364 -31.98 60.79 -44.26
N ASP A 2365 -32.04 60.75 -45.60
CA ASP A 2365 -31.12 59.93 -46.35
C ASP A 2365 -29.67 60.36 -46.18
N GLU A 2366 -29.41 61.44 -45.44
CA GLU A 2366 -28.06 61.88 -45.15
C GLU A 2366 -27.83 62.20 -43.69
N CYS A 2367 -28.87 62.24 -42.84
CA CYS A 2367 -28.74 62.53 -41.38
C CYS A 2367 -29.54 61.50 -40.60
N GLY A 2368 -29.20 61.29 -39.35
CA GLY A 2368 -30.02 60.53 -38.42
C GLY A 2368 -29.44 60.63 -37.03
N ILE A 2369 -30.11 59.96 -36.10
CA ILE A 2369 -29.72 59.94 -34.70
C ILE A 2369 -29.14 58.58 -34.36
N ILE A 2370 -28.26 58.56 -33.37
CA ILE A 2370 -27.55 57.35 -32.97
C ILE A 2370 -27.57 57.26 -31.45
N GLU A 2371 -27.92 56.10 -30.92
CA GLU A 2371 -27.80 55.88 -29.49
C GLU A 2371 -26.34 55.99 -29.07
N TRP A 2372 -26.09 56.74 -28.01
CA TRP A 2372 -24.73 56.96 -27.52
C TRP A 2372 -24.44 55.94 -26.43
N VAL A 2373 -23.40 55.14 -26.63
CA VAL A 2373 -22.95 54.23 -25.59
C VAL A 2373 -22.10 55.02 -24.61
N ASN A 2374 -22.54 55.09 -23.36
CA ASN A 2374 -21.90 55.97 -22.40
C ASN A 2374 -20.55 55.42 -21.98
N ASN A 2375 -19.69 56.27 -21.43
CA ASN A 2375 -18.34 55.79 -21.08
C ASN A 2375 -17.78 55.08 -22.31
N THR A 2376 -17.55 55.79 -23.41
CA THR A 2376 -16.85 55.24 -24.57
C THR A 2376 -15.86 56.29 -24.97
N ALA A 2377 -14.66 55.89 -25.41
CA ALA A 2377 -13.61 56.83 -25.82
C ALA A 2377 -12.84 56.19 -26.97
N GLY A 2378 -12.65 56.89 -28.09
CA GLY A 2378 -12.00 56.23 -29.20
C GLY A 2378 -10.61 55.72 -28.85
N LEU A 2379 -10.07 54.90 -29.75
CA LEU A 2379 -8.76 54.33 -29.50
C LEU A 2379 -7.67 55.38 -29.65
N ARG A 2380 -7.69 56.11 -30.75
CA ARG A 2380 -6.67 57.16 -30.95
C ARG A 2380 -6.70 58.20 -29.84
N PRO A 2381 -7.84 58.70 -29.38
CA PRO A 2381 -7.79 59.65 -28.24
C PRO A 2381 -7.26 59.02 -26.97
N ILE A 2382 -7.66 57.80 -26.64
CA ILE A 2382 -7.16 57.14 -25.45
C ILE A 2382 -5.65 57.02 -25.50
N LEU A 2383 -5.13 56.48 -26.59
CA LEU A 2383 -3.68 56.31 -26.68
C LEU A 2383 -2.96 57.66 -26.76
N THR A 2384 -3.57 58.66 -27.38
CA THR A 2384 -2.95 59.98 -27.42
C THR A 2384 -2.80 60.53 -26.00
N LYS A 2385 -3.86 60.44 -25.21
CA LYS A 2385 -3.78 60.87 -23.82
C LYS A 2385 -2.72 60.09 -23.06
N LEU A 2386 -2.73 58.77 -23.21
CA LEU A 2386 -1.80 57.90 -22.46
C LEU A 2386 -0.39 58.21 -22.91
N TYR A 2387 -0.18 58.47 -24.21
CA TYR A 2387 1.13 58.85 -24.79
C TYR A 2387 1.56 60.22 -24.27
N LYS A 2388 0.65 61.18 -24.10
CA LYS A 2388 0.97 62.56 -23.61
C LYS A 2388 1.35 62.45 -22.13
N GLU A 2389 0.62 61.65 -21.35
CA GLU A 2389 1.00 61.33 -19.98
C GLU A 2389 2.28 60.49 -19.93
N LYS A 2390 2.63 59.83 -21.03
CA LYS A 2390 3.94 59.21 -21.14
C LYS A 2390 4.99 60.23 -21.58
N GLY A 2391 4.58 61.31 -22.23
CA GLY A 2391 5.49 62.35 -22.68
C GLY A 2391 6.00 62.19 -24.09
N VAL A 2392 5.86 61.00 -24.69
CA VAL A 2392 6.31 60.74 -26.04
C VAL A 2392 5.12 60.90 -26.98
N TYR A 2393 5.36 61.52 -28.13
CA TYR A 2393 4.30 61.76 -29.09
C TYR A 2393 4.91 62.21 -30.41
N MET A 2394 4.23 61.89 -31.50
CA MET A 2394 4.67 62.28 -32.83
C MET A 2394 3.87 63.49 -33.30
N THR A 2395 4.58 64.57 -33.61
CA THR A 2395 3.90 65.76 -34.12
C THR A 2395 3.33 65.49 -35.50
N GLY A 2396 2.47 66.40 -35.95
CA GLY A 2396 1.93 66.29 -37.30
C GLY A 2396 3.02 66.30 -38.36
N LYS A 2397 3.90 67.30 -38.28
CA LYS A 2397 5.02 67.37 -39.23
C LYS A 2397 5.94 66.16 -39.09
N GLU A 2398 6.07 65.62 -37.88
CA GLU A 2398 6.85 64.40 -37.70
C GLU A 2398 6.23 63.26 -38.49
N LEU A 2399 4.89 63.17 -38.48
CA LEU A 2399 4.22 62.15 -39.29
C LEU A 2399 4.43 62.41 -40.78
N ARG A 2400 4.33 63.68 -41.19
CA ARG A 2400 4.60 64.01 -42.60
C ARG A 2400 5.98 63.53 -43.01
N GLN A 2401 6.99 63.78 -42.17
CA GLN A 2401 8.34 63.30 -42.47
C GLN A 2401 8.36 61.77 -42.53
N CYS A 2402 7.72 61.11 -41.57
CA CYS A 2402 7.63 59.67 -41.60
C CYS A 2402 6.76 59.17 -42.74
N MET A 2403 5.83 59.99 -43.22
CA MET A 2403 4.96 59.59 -44.33
C MET A 2403 5.77 59.38 -45.60
N LEU A 2404 5.36 58.39 -46.38
CA LEU A 2404 6.00 58.04 -47.65
C LEU A 2404 4.96 58.01 -48.76
N PRO A 2405 5.37 58.26 -50.01
CA PRO A 2405 4.39 58.30 -51.10
C PRO A 2405 3.64 56.99 -51.24
N LYS A 2406 2.40 57.09 -51.74
CA LYS A 2406 1.61 55.89 -52.00
C LYS A 2406 2.34 54.97 -52.97
N SER A 2407 3.05 55.53 -53.94
CA SER A 2407 3.89 54.76 -54.85
C SER A 2407 5.31 54.78 -54.29
N ALA A 2408 5.61 53.81 -53.43
CA ALA A 2408 6.92 53.71 -52.83
C ALA A 2408 7.21 52.24 -52.55
N ALA A 2409 8.49 51.92 -52.38
CA ALA A 2409 8.89 50.55 -52.17
C ALA A 2409 8.37 50.05 -50.83
N LEU A 2410 7.70 48.89 -50.86
CA LEU A 2410 7.13 48.32 -49.65
C LEU A 2410 8.21 48.00 -48.63
N SER A 2411 9.37 47.54 -49.09
CA SER A 2411 10.44 47.19 -48.17
C SER A 2411 10.89 48.39 -47.35
N GLU A 2412 11.20 49.50 -48.01
CA GLU A 2412 11.59 50.69 -47.26
C GLU A 2412 10.41 51.30 -46.52
N LYS A 2413 9.18 51.04 -46.97
CA LYS A 2413 8.01 51.46 -46.19
C LYS A 2413 8.01 50.77 -44.82
N LEU A 2414 8.15 49.45 -44.82
CA LEU A 2414 8.27 48.71 -43.56
C LEU A 2414 9.48 49.18 -42.78
N LYS A 2415 10.58 49.48 -43.48
CA LYS A 2415 11.75 50.01 -42.81
C LYS A 2415 11.39 51.25 -42.01
N VAL A 2416 11.00 52.32 -42.71
CA VAL A 2416 10.58 53.58 -42.08
C VAL A 2416 9.63 53.33 -40.93
N PHE A 2417 8.64 52.46 -41.15
CA PHE A 2417 7.69 52.11 -40.11
C PHE A 2417 8.41 51.64 -38.84
N ARG A 2418 9.14 50.54 -38.95
CA ARG A 2418 9.78 49.96 -37.77
C ARG A 2418 10.90 50.84 -37.21
N GLU A 2419 11.41 51.77 -38.02
CA GLU A 2419 12.48 52.64 -37.55
C GLU A 2419 11.94 53.79 -36.71
N PHE A 2420 10.86 54.42 -37.15
CA PHE A 2420 10.34 55.60 -36.48
C PHE A 2420 9.08 55.31 -35.68
N LEU A 2421 8.04 54.77 -36.31
CA LEU A 2421 6.73 54.70 -35.67
C LEU A 2421 6.78 53.82 -34.42
N LEU A 2422 7.09 52.54 -34.60
CA LEU A 2422 7.05 51.60 -33.48
C LEU A 2422 7.89 52.05 -32.29
N PRO A 2423 9.15 52.46 -32.45
CA PRO A 2423 9.91 52.92 -31.27
C PRO A 2423 9.27 54.13 -30.60
N ARG A 2424 8.49 54.92 -31.35
CA ARG A 2424 7.88 56.10 -30.76
C ARG A 2424 6.56 55.79 -30.06
N HIS A 2425 5.90 54.70 -30.42
CA HIS A 2425 4.65 54.28 -29.77
C HIS A 2425 4.85 52.90 -29.18
N PRO A 2426 5.53 52.79 -28.03
CA PRO A 2426 5.67 51.50 -27.39
C PRO A 2426 4.31 50.98 -26.93
N PRO A 2427 4.16 49.68 -26.76
CA PRO A 2427 2.87 49.13 -26.33
C PRO A 2427 2.51 49.57 -24.92
N ILE A 2428 1.40 50.32 -24.82
CA ILE A 2428 1.02 50.99 -23.58
C ILE A 2428 -0.38 50.60 -23.11
N PHE A 2429 -1.17 49.94 -23.94
CA PHE A 2429 -2.60 49.78 -23.66
C PHE A 2429 -2.85 49.08 -22.33
N HIS A 2430 -2.00 48.12 -21.96
CA HIS A 2430 -2.15 47.47 -20.67
C HIS A 2430 -2.13 48.48 -19.54
N GLU A 2431 -1.41 49.57 -19.71
CA GLU A 2431 -1.45 50.63 -18.70
C GLU A 2431 -2.83 51.27 -18.63
N TRP A 2432 -3.48 51.43 -19.79
CA TRP A 2432 -4.85 51.93 -19.77
C TRP A 2432 -5.76 51.00 -18.99
N PHE A 2433 -5.57 49.68 -19.15
CA PHE A 2433 -6.37 48.76 -18.36
C PHE A 2433 -6.06 48.89 -16.87
N LEU A 2434 -4.78 49.02 -16.54
CA LEU A 2434 -4.40 49.04 -15.13
C LEU A 2434 -4.87 50.29 -14.43
N ARG A 2435 -4.88 51.43 -15.12
CA ARG A 2435 -5.28 52.67 -14.47
C ARG A 2435 -6.79 52.76 -14.30
N THR A 2436 -7.52 52.62 -15.42
CA THR A 2436 -8.96 52.82 -15.38
C THR A 2436 -9.68 51.80 -14.51
N PHE A 2437 -9.06 50.66 -14.25
CA PHE A 2437 -9.69 49.56 -13.51
C PHE A 2437 -8.81 49.21 -12.32
N PRO A 2438 -8.98 49.91 -11.19
CA PRO A 2438 -8.12 49.60 -10.03
C PRO A 2438 -8.36 48.22 -9.47
N ASP A 2439 -9.62 47.82 -9.31
CA ASP A 2439 -9.93 46.57 -8.65
C ASP A 2439 -9.32 45.40 -9.42
N PRO A 2440 -8.71 44.44 -8.74
CA PRO A 2440 -8.13 43.29 -9.44
C PRO A 2440 -9.16 42.45 -10.17
N THR A 2441 -10.20 42.02 -9.44
CA THR A 2441 -11.24 41.22 -10.08
C THR A 2441 -11.89 42.00 -11.22
N SER A 2442 -12.22 43.27 -10.98
CA SER A 2442 -12.81 44.07 -12.04
C SER A 2442 -11.84 44.23 -13.20
N TRP A 2443 -10.54 44.36 -12.91
CA TRP A 2443 -9.58 44.53 -13.99
C TRP A 2443 -9.52 43.29 -14.86
N TYR A 2444 -9.45 42.10 -14.25
CA TYR A 2444 -9.36 40.92 -15.06
C TYR A 2444 -10.66 40.69 -15.82
N SER A 2445 -11.80 40.88 -15.17
CA SER A 2445 -13.07 40.75 -15.88
C SER A 2445 -13.13 41.72 -17.06
N SER A 2446 -12.56 42.92 -16.89
CA SER A 2446 -12.62 43.89 -17.95
C SER A 2446 -11.70 43.55 -19.10
N ARG A 2447 -10.47 43.13 -18.79
CA ARG A 2447 -9.57 42.75 -19.87
C ARG A 2447 -10.08 41.51 -20.59
N SER A 2448 -10.69 40.59 -19.85
CA SER A 2448 -11.33 39.44 -20.47
C SER A 2448 -12.44 39.87 -21.42
N ALA A 2449 -13.42 40.61 -20.93
CA ALA A 2449 -14.52 41.02 -21.79
C ALA A 2449 -14.03 41.90 -22.93
N TYR A 2450 -12.88 42.55 -22.75
CA TYR A 2450 -12.29 43.32 -23.84
C TYR A 2450 -11.80 42.41 -24.94
N CYS A 2451 -10.86 41.51 -24.63
CA CYS A 2451 -10.32 40.64 -25.66
C CYS A 2451 -11.42 39.82 -26.31
N ARG A 2452 -12.43 39.42 -25.56
CA ARG A 2452 -13.57 38.76 -26.20
C ARG A 2452 -14.28 39.70 -27.16
N SER A 2453 -14.80 40.83 -26.65
CA SER A 2453 -15.60 41.72 -27.49
C SER A 2453 -14.83 42.19 -28.71
N THR A 2454 -13.52 42.42 -28.58
CA THR A 2454 -12.75 42.81 -29.74
C THR A 2454 -12.26 41.61 -30.54
N ALA A 2455 -12.66 40.40 -30.15
CA ALA A 2455 -12.55 39.27 -31.05
C ALA A 2455 -13.81 39.14 -31.90
N VAL A 2456 -14.97 39.10 -31.25
CA VAL A 2456 -16.23 38.88 -31.95
C VAL A 2456 -16.43 39.94 -33.02
N MET A 2457 -16.51 41.21 -32.63
CA MET A 2457 -16.75 42.26 -33.59
C MET A 2457 -15.65 42.33 -34.63
N SER A 2458 -14.43 41.97 -34.28
CA SER A 2458 -13.36 41.95 -35.27
C SER A 2458 -13.59 40.87 -36.32
N MET A 2459 -13.90 39.64 -35.88
CA MET A 2459 -14.21 38.57 -36.82
C MET A 2459 -15.41 38.93 -37.69
N VAL A 2460 -16.53 39.31 -37.05
CA VAL A 2460 -17.68 39.79 -37.80
C VAL A 2460 -17.30 40.92 -38.71
N GLY A 2461 -16.38 41.79 -38.28
CA GLY A 2461 -15.88 42.82 -39.16
C GLY A 2461 -15.22 42.24 -40.40
N TYR A 2462 -14.54 41.10 -40.24
CA TYR A 2462 -13.88 40.47 -41.38
C TYR A 2462 -14.91 39.86 -42.33
N ILE A 2463 -15.80 39.04 -41.79
CA ILE A 2463 -16.80 38.38 -42.63
C ILE A 2463 -17.66 39.41 -43.34
N LEU A 2464 -18.21 40.37 -42.60
CA LEU A 2464 -18.91 41.48 -43.23
C LEU A 2464 -18.02 42.31 -44.12
N GLY A 2465 -16.71 42.09 -44.10
CA GLY A 2465 -15.82 42.94 -44.85
C GLY A 2465 -15.81 44.37 -44.36
N LEU A 2466 -15.75 44.55 -43.05
CA LEU A 2466 -15.78 45.88 -42.46
C LEU A 2466 -14.44 46.57 -42.68
N GLY A 2467 -14.46 47.71 -43.35
CA GLY A 2467 -13.25 48.46 -43.59
C GLY A 2467 -13.21 49.76 -42.83
N ASP A 2468 -12.11 50.50 -42.96
CA ASP A 2468 -11.95 51.80 -42.32
C ASP A 2468 -12.06 51.70 -40.80
N ARG A 2469 -11.45 50.66 -40.23
CA ARG A 2469 -11.51 50.45 -38.77
C ARG A 2469 -10.44 51.35 -38.18
N HIS A 2470 -10.47 52.65 -38.45
CA HIS A 2470 -9.40 53.59 -38.01
C HIS A 2470 -9.49 53.84 -36.51
N GLY A 2471 -8.40 54.30 -35.91
CA GLY A 2471 -8.35 54.58 -34.47
C GLY A 2471 -9.64 55.20 -33.95
N GLU A 2472 -10.11 56.31 -34.51
CA GLU A 2472 -11.30 56.94 -33.86
C GLU A 2472 -12.51 56.00 -33.84
N ASN A 2473 -12.73 55.17 -34.86
CA ASN A 2473 -13.94 54.31 -34.98
C ASN A 2473 -14.10 53.26 -33.88
N ILE A 2474 -13.06 52.53 -33.48
CA ILE A 2474 -13.24 51.46 -32.46
C ILE A 2474 -13.23 52.17 -31.09
N LEU A 2475 -14.39 52.36 -30.45
CA LEU A 2475 -14.46 53.14 -29.19
C LEU A 2475 -14.68 52.21 -28.00
N PHE A 2476 -13.77 52.14 -27.04
CA PHE A 2476 -13.86 51.12 -25.95
C PHE A 2476 -14.67 51.59 -24.74
N ASP A 2477 -15.65 50.80 -24.27
CA ASP A 2477 -16.42 51.07 -23.07
C ASP A 2477 -15.49 51.13 -21.87
N SER A 2478 -15.55 52.23 -21.13
CA SER A 2478 -14.70 52.41 -19.97
C SER A 2478 -15.22 51.70 -18.72
N LEU A 2479 -16.37 51.06 -18.80
CA LEU A 2479 -16.95 50.36 -17.66
C LEU A 2479 -16.69 48.86 -17.71
N THR A 2480 -17.11 48.21 -18.79
CA THR A 2480 -16.86 46.78 -18.97
C THR A 2480 -15.57 46.49 -19.71
N GLY A 2481 -15.20 47.33 -20.66
CA GLY A 2481 -14.04 47.09 -21.49
C GLY A 2481 -14.35 46.58 -22.87
N GLU A 2482 -15.63 46.35 -23.18
CA GLU A 2482 -16.00 45.94 -24.51
C GLU A 2482 -15.67 47.03 -25.53
N CYS A 2483 -15.72 46.66 -26.80
CA CYS A 2483 -15.45 47.59 -27.87
C CYS A 2483 -16.75 47.92 -28.59
N VAL A 2484 -16.91 49.18 -28.97
CA VAL A 2484 -18.08 49.55 -29.75
C VAL A 2484 -17.63 50.05 -31.11
N HIS A 2485 -17.63 49.17 -32.11
CA HIS A 2485 -17.28 49.59 -33.48
C HIS A 2485 -18.33 50.61 -33.93
N VAL A 2486 -17.94 51.59 -34.73
CA VAL A 2486 -18.81 52.73 -35.18
C VAL A 2486 -18.37 53.09 -36.60
N ASP A 2487 -19.10 53.96 -37.31
CA ASP A 2487 -18.75 54.32 -38.72
C ASP A 2487 -18.72 53.06 -39.58
N PHE A 2488 -19.77 52.25 -39.51
CA PHE A 2488 -19.88 50.93 -40.20
C PHE A 2488 -20.08 51.11 -41.72
N ASN A 2489 -20.25 52.33 -42.26
CA ASN A 2489 -20.65 52.53 -43.69
C ASN A 2489 -19.66 51.94 -44.70
N CYS A 2490 -18.34 52.01 -44.54
CA CYS A 2490 -17.41 51.30 -45.45
C CYS A 2490 -17.60 49.80 -45.20
N LEU A 2491 -18.06 49.00 -46.19
CA LEU A 2491 -18.38 47.61 -45.92
C LEU A 2491 -18.01 46.75 -47.12
N PHE A 2492 -17.88 45.45 -46.87
CA PHE A 2492 -17.64 44.47 -47.91
C PHE A 2492 -16.37 44.81 -48.69
N ASN A 2493 -15.28 45.01 -47.96
CA ASN A 2493 -13.97 45.22 -48.55
C ASN A 2493 -13.91 46.48 -49.41
N LYS A 2494 -14.91 47.35 -49.31
CA LYS A 2494 -14.86 48.61 -50.02
C LYS A 2494 -13.59 49.40 -49.70
N GLY A 2495 -13.03 49.19 -48.52
CA GLY A 2495 -11.74 49.80 -48.20
C GLY A 2495 -10.67 49.42 -49.18
N GLU A 2496 -10.71 48.19 -49.69
CA GLU A 2496 -9.78 47.80 -50.74
C GLU A 2496 -9.94 48.68 -51.97
N THR A 2497 -11.13 49.21 -52.19
CA THR A 2497 -11.39 50.11 -53.31
C THR A 2497 -11.04 51.55 -52.99
N PHE A 2498 -10.52 51.84 -51.81
CA PHE A 2498 -10.00 53.17 -51.53
C PHE A 2498 -8.82 53.46 -52.44
N GLU A 2499 -8.59 54.74 -52.72
CA GLU A 2499 -7.43 55.14 -53.51
C GLU A 2499 -6.14 54.61 -52.88
N VAL A 2500 -6.09 54.58 -51.56
CA VAL A 2500 -5.03 53.86 -50.85
C VAL A 2500 -5.53 52.44 -50.64
N PRO A 2501 -4.77 51.43 -51.01
CA PRO A 2501 -5.24 50.05 -50.83
C PRO A 2501 -5.40 49.71 -49.35
N GLU A 2502 -6.45 48.97 -49.05
CA GLU A 2502 -6.68 48.41 -47.73
C GLU A 2502 -6.32 46.94 -47.77
N ILE A 2503 -5.51 46.50 -46.82
CA ILE A 2503 -4.95 45.16 -46.82
C ILE A 2503 -5.44 44.34 -45.63
N VAL A 2504 -5.19 44.82 -44.42
CA VAL A 2504 -5.51 44.04 -43.21
C VAL A 2504 -7.02 43.81 -43.15
N PRO A 2505 -7.48 42.60 -42.84
CA PRO A 2505 -8.92 42.35 -42.79
C PRO A 2505 -9.61 43.08 -41.65
N PHE A 2506 -9.00 43.12 -40.47
CA PHE A 2506 -9.62 43.73 -39.30
C PHE A 2506 -8.52 44.30 -38.42
N ARG A 2507 -8.75 45.50 -37.90
CA ARG A 2507 -7.70 46.24 -37.22
C ARG A 2507 -7.26 45.51 -35.95
N LEU A 2508 -6.03 45.04 -35.96
CA LEU A 2508 -5.39 44.47 -34.78
C LEU A 2508 -3.97 45.03 -34.73
N THR A 2509 -3.82 46.22 -34.17
CA THR A 2509 -2.51 46.85 -34.09
C THR A 2509 -1.73 46.28 -32.92
N HIS A 2510 -0.43 46.60 -32.88
CA HIS A 2510 0.41 46.09 -31.79
C HIS A 2510 -0.04 46.60 -30.43
N ASN A 2511 -0.66 47.79 -30.37
CA ASN A 2511 -1.17 48.28 -29.10
C ASN A 2511 -2.23 47.35 -28.53
N MET A 2512 -3.35 47.21 -29.25
CA MET A 2512 -4.41 46.34 -28.76
C MET A 2512 -3.95 44.90 -28.64
N VAL A 2513 -3.00 44.48 -29.48
CA VAL A 2513 -2.38 43.17 -29.30
C VAL A 2513 -1.79 43.07 -27.91
N ASN A 2514 -1.05 44.10 -27.50
CA ASN A 2514 -0.52 44.10 -26.13
C ASN A 2514 -1.63 44.16 -25.10
N GLY A 2515 -2.75 44.81 -25.43
CA GLY A 2515 -3.83 44.93 -24.47
C GLY A 2515 -4.33 43.59 -23.97
N MET A 2516 -4.41 42.60 -24.86
CA MET A 2516 -4.86 41.27 -24.49
C MET A 2516 -4.07 40.67 -23.34
N GLY A 2517 -2.88 41.18 -23.07
CA GLY A 2517 -2.06 40.67 -22.00
C GLY A 2517 -0.66 40.33 -22.47
N PRO A 2518 0.06 39.54 -21.68
CA PRO A 2518 1.41 39.17 -22.10
C PRO A 2518 1.43 38.15 -23.21
N MET A 2519 0.34 37.41 -23.38
CA MET A 2519 0.28 36.37 -24.39
C MET A 2519 -0.06 36.90 -25.77
N GLY A 2520 -0.28 38.20 -25.91
CA GLY A 2520 -0.63 38.74 -27.21
C GLY A 2520 -1.96 38.21 -27.69
N THR A 2521 -2.09 38.10 -29.01
CA THR A 2521 -3.34 37.62 -29.60
C THR A 2521 -3.72 36.25 -29.06
N GLU A 2522 -2.72 35.41 -28.79
CA GLU A 2522 -3.00 34.09 -28.26
C GLU A 2522 -3.75 34.19 -26.93
N GLY A 2523 -4.34 33.07 -26.53
CA GLY A 2523 -5.08 33.02 -25.28
C GLY A 2523 -6.56 33.30 -25.49
N LEU A 2524 -7.11 34.20 -24.68
CA LEU A 2524 -8.55 34.47 -24.72
C LEU A 2524 -9.00 34.93 -26.10
N PHE A 2525 -8.21 35.80 -26.74
CA PHE A 2525 -8.63 36.36 -28.01
C PHE A 2525 -8.76 35.28 -29.07
N ARG A 2526 -7.77 34.40 -29.17
CA ARG A 2526 -7.83 33.38 -30.21
C ARG A 2526 -8.99 32.44 -29.99
N ARG A 2527 -9.25 32.05 -28.75
CA ARG A 2527 -10.36 31.15 -28.49
C ARG A 2527 -11.70 31.83 -28.78
N ALA A 2528 -11.82 33.12 -28.46
CA ALA A 2528 -13.07 33.81 -28.76
C ALA A 2528 -13.26 33.93 -30.27
N CYS A 2529 -12.19 34.19 -31.01
CA CYS A 2529 -12.31 34.26 -32.47
C CYS A 2529 -12.68 32.90 -33.05
N GLU A 2530 -12.02 31.82 -32.60
CA GLU A 2530 -12.41 30.48 -33.02
C GLU A 2530 -13.89 30.24 -32.76
N VAL A 2531 -14.37 30.61 -31.58
CA VAL A 2531 -15.73 30.31 -31.20
C VAL A 2531 -16.71 31.09 -32.08
N THR A 2532 -16.48 32.39 -32.27
CA THR A 2532 -17.42 33.16 -33.07
C THR A 2532 -17.39 32.73 -34.52
N MET A 2533 -16.22 32.31 -35.02
CA MET A 2533 -16.18 31.83 -36.40
C MET A 2533 -16.92 30.51 -36.53
N ARG A 2534 -16.76 29.62 -35.55
CA ARG A 2534 -17.50 28.35 -35.59
C ARG A 2534 -18.99 28.61 -35.56
N LEU A 2535 -19.42 29.57 -34.73
CA LEU A 2535 -20.84 29.92 -34.70
C LEU A 2535 -21.29 30.43 -36.06
N MET A 2536 -20.60 31.42 -36.61
CA MET A 2536 -21.05 31.99 -37.87
C MET A 2536 -21.02 30.98 -39.01
N ARG A 2537 -20.12 30.00 -38.97
CA ARG A 2537 -20.17 28.93 -39.94
C ARG A 2537 -21.29 27.94 -39.62
N ASP A 2538 -21.79 27.97 -38.38
CA ASP A 2538 -22.92 27.11 -38.04
C ASP A 2538 -24.23 27.69 -38.54
N GLN A 2539 -24.41 29.01 -38.39
CA GLN A 2539 -25.62 29.73 -38.87
C GLN A 2539 -25.25 30.40 -40.18
N ARG A 2540 -24.61 29.68 -41.08
CA ARG A 2540 -24.24 30.24 -42.40
C ARG A 2540 -25.54 30.61 -43.12
N GLU A 2541 -26.59 29.81 -42.98
CA GLU A 2541 -27.85 30.03 -43.75
C GLU A 2541 -28.66 31.25 -43.27
N PRO A 2542 -28.96 31.50 -41.97
CA PRO A 2542 -29.72 32.70 -41.59
C PRO A 2542 -28.96 33.99 -41.84
N LEU A 2543 -27.71 34.06 -41.40
CA LEU A 2543 -26.91 35.25 -41.64
C LEU A 2543 -26.82 35.55 -43.14
N MET A 2544 -26.61 34.52 -43.95
CA MET A 2544 -26.46 34.75 -45.38
C MET A 2544 -27.77 35.20 -46.01
N SER A 2545 -28.90 34.68 -45.53
CA SER A 2545 -30.18 35.13 -46.05
C SER A 2545 -30.45 36.58 -45.71
N VAL A 2546 -30.26 36.93 -44.44
CA VAL A 2546 -30.50 38.31 -44.04
C VAL A 2546 -29.51 39.26 -44.69
N LEU A 2547 -28.32 38.80 -45.03
CA LEU A 2547 -27.40 39.63 -45.80
C LEU A 2547 -27.85 39.78 -47.24
N LYS A 2548 -28.34 38.70 -47.86
CA LYS A 2548 -28.95 38.83 -49.18
C LYS A 2548 -30.05 39.87 -49.17
N THR A 2549 -30.81 39.95 -48.08
CA THR A 2549 -31.77 41.03 -47.93
C THR A 2549 -31.04 42.38 -47.84
N PHE A 2550 -29.84 42.39 -47.25
CA PHE A 2550 -29.13 43.65 -47.07
C PHE A 2550 -28.42 44.07 -48.35
N LEU A 2551 -27.73 43.15 -49.01
CA LEU A 2551 -26.94 43.51 -50.18
C LEU A 2551 -27.81 43.90 -51.36
N HIS A 2552 -28.89 43.18 -51.60
CA HIS A 2552 -29.81 43.51 -52.67
C HIS A 2552 -30.76 44.65 -52.30
N ASP A 2553 -30.59 45.26 -51.14
CA ASP A 2553 -31.41 46.38 -50.72
C ASP A 2553 -31.20 47.56 -51.64
N PRO A 2554 -32.23 48.03 -52.34
CA PRO A 2554 -32.06 49.18 -53.22
C PRO A 2554 -32.00 50.51 -52.51
N LEU A 2555 -32.70 50.66 -51.38
CA LEU A 2555 -32.73 51.95 -50.70
C LEU A 2555 -31.34 52.38 -50.24
N VAL A 2556 -30.50 51.42 -49.86
CA VAL A 2556 -29.14 51.73 -49.46
C VAL A 2556 -28.41 52.37 -50.63
N GLU A 2557 -27.78 53.51 -50.38
CA GLU A 2557 -27.00 54.21 -51.40
C GLU A 2557 -25.63 53.56 -51.44
N TRP A 2558 -25.49 52.55 -52.31
CA TRP A 2558 -24.22 51.86 -52.44
C TRP A 2558 -23.11 52.77 -52.93
N SER A 2559 -23.47 53.92 -53.51
CA SER A 2559 -22.50 54.92 -53.91
C SER A 2559 -23.03 56.28 -53.48
N LYS A 2560 -22.51 56.80 -52.37
CA LYS A 2560 -22.78 58.19 -52.02
C LYS A 2560 -22.56 59.14 -53.18
N PRO A 2561 -21.58 58.92 -54.07
CA PRO A 2561 -21.65 59.53 -55.40
C PRO A 2561 -22.68 58.82 -56.26
N VAL A 2562 -23.94 59.28 -56.18
CA VAL A 2562 -25.09 58.63 -56.79
C VAL A 2562 -24.99 58.66 -58.32
N LYS A 2563 -23.84 59.09 -58.84
CA LYS A 2563 -23.56 59.14 -60.27
C LYS A 2563 -24.44 60.16 -60.98
N GLY A 2564 -24.39 61.41 -60.53
CA GLY A 2564 -25.13 62.48 -61.16
C GLY A 2564 -26.18 63.07 -60.25
N HIS A 2565 -26.00 62.90 -58.94
CA HIS A 2565 -26.98 63.33 -57.95
C HIS A 2565 -28.36 62.75 -58.25
N SER A 2566 -28.36 61.54 -58.84
CA SER A 2566 -29.53 60.97 -59.49
C SER A 2566 -30.69 60.72 -58.54
N LYS A 2567 -30.52 60.91 -57.23
CA LYS A 2567 -31.63 60.70 -56.31
C LYS A 2567 -32.74 61.72 -56.51
N ALA A 2568 -32.39 62.95 -56.89
CA ALA A 2568 -33.40 63.96 -57.17
C ALA A 2568 -34.03 63.77 -58.56
N PRO A 2569 -33.25 63.77 -59.69
CA PRO A 2569 -33.85 63.65 -61.02
C PRO A 2569 -33.97 62.19 -61.49
N LEU A 2570 -34.56 61.35 -60.66
CA LEU A 2570 -34.85 59.96 -61.00
C LEU A 2570 -36.32 59.90 -61.38
N ASN A 2571 -36.61 59.39 -62.57
CA ASN A 2571 -37.91 59.62 -63.20
C ASN A 2571 -39.07 59.13 -62.35
N GLU A 2572 -39.18 57.83 -62.16
CA GLU A 2572 -40.35 57.28 -61.49
C GLU A 2572 -40.01 56.33 -60.35
N THR A 2573 -38.90 55.59 -60.45
CA THR A 2573 -38.50 54.62 -59.45
C THR A 2573 -37.16 55.02 -58.87
N GLY A 2574 -37.14 55.33 -57.57
CA GLY A 2574 -35.90 55.67 -56.91
C GLY A 2574 -35.04 54.47 -56.60
N GLU A 2575 -34.89 53.58 -57.59
CA GLU A 2575 -34.16 52.34 -57.40
C GLU A 2575 -32.71 52.49 -57.84
N VAL A 2576 -31.79 52.18 -56.93
CA VAL A 2576 -30.39 52.04 -57.26
C VAL A 2576 -29.96 50.63 -56.83
N VAL A 2577 -29.59 49.82 -57.80
CA VAL A 2577 -29.20 48.43 -57.55
C VAL A 2577 -27.69 48.34 -57.64
N ASN A 2578 -27.07 47.75 -56.64
CA ASN A 2578 -25.63 47.53 -56.69
C ASN A 2578 -25.32 46.45 -57.71
N GLU A 2579 -24.59 46.82 -58.77
CA GLU A 2579 -24.11 45.83 -59.71
C GLU A 2579 -23.15 44.84 -59.05
N LYS A 2580 -22.50 45.24 -57.97
CA LYS A 2580 -21.60 44.35 -57.23
C LYS A 2580 -22.34 43.51 -56.19
N ALA A 2581 -23.67 43.44 -56.29
CA ALA A 2581 -24.43 42.67 -55.30
C ALA A 2581 -24.04 41.20 -55.34
N LYS A 2582 -24.07 40.59 -56.54
CA LYS A 2582 -23.81 39.16 -56.63
C LYS A 2582 -22.40 38.80 -56.19
N THR A 2583 -21.41 39.59 -56.61
CA THR A 2583 -20.04 39.28 -56.22
C THR A 2583 -19.83 39.50 -54.73
N HIS A 2584 -20.51 40.49 -54.14
CA HIS A 2584 -20.43 40.67 -52.70
C HIS A 2584 -21.04 39.47 -51.97
N VAL A 2585 -22.21 39.03 -52.42
CA VAL A 2585 -22.84 37.85 -51.81
C VAL A 2585 -21.92 36.66 -51.91
N LEU A 2586 -21.29 36.47 -53.07
CA LEU A 2586 -20.39 35.34 -53.24
C LEU A 2586 -19.19 35.44 -52.31
N ASP A 2587 -18.62 36.64 -52.18
CA ASP A 2587 -17.48 36.81 -51.29
C ASP A 2587 -17.85 36.50 -49.85
N ILE A 2588 -19.02 36.98 -49.41
CA ILE A 2588 -19.45 36.72 -48.04
C ILE A 2588 -19.70 35.23 -47.85
N GLU A 2589 -20.32 34.59 -48.82
CA GLU A 2589 -20.55 33.15 -48.74
C GLU A 2589 -19.24 32.40 -48.64
N GLN A 2590 -18.24 32.83 -49.42
CA GLN A 2590 -16.94 32.17 -49.37
C GLN A 2590 -16.31 32.33 -47.99
N ARG A 2591 -16.27 33.56 -47.49
CA ARG A 2591 -15.63 33.80 -46.21
C ARG A 2591 -16.36 33.09 -45.07
N LEU A 2592 -17.67 32.90 -45.21
CA LEU A 2592 -18.38 32.10 -44.21
C LEU A 2592 -18.03 30.63 -44.33
N GLN A 2593 -18.03 30.09 -45.55
CA GLN A 2593 -17.63 28.71 -45.76
C GLN A 2593 -16.16 28.48 -45.50
N GLY A 2594 -15.44 29.54 -45.11
CA GLY A 2594 -14.02 29.44 -44.77
C GLY A 2594 -13.30 28.95 -45.98
N VAL A 2595 -13.11 29.82 -46.97
CA VAL A 2595 -12.39 29.45 -48.22
C VAL A 2595 -11.82 30.75 -48.82
N ILE A 2596 -10.63 31.15 -48.38
CA ILE A 2596 -9.98 32.31 -48.95
C ILE A 2596 -9.70 32.04 -50.43
N LYS A 2597 -9.71 33.10 -51.23
CA LYS A 2597 -9.34 33.02 -52.64
C LYS A 2597 -7.95 33.62 -52.79
N THR A 2598 -6.93 32.77 -52.77
CA THR A 2598 -5.55 33.21 -52.89
C THR A 2598 -5.21 33.37 -54.37
N ARG A 2599 -5.10 34.61 -54.82
CA ARG A 2599 -4.82 34.89 -56.22
C ARG A 2599 -3.48 34.35 -56.68
N ASN A 2600 -2.68 33.79 -55.78
CA ASN A 2600 -1.35 33.29 -56.13
C ASN A 2600 -1.42 31.88 -56.73
N ARG A 2601 -2.31 31.72 -57.71
CA ARG A 2601 -2.37 30.52 -58.54
C ARG A 2601 -2.48 29.24 -57.71
N VAL A 2602 -3.35 29.27 -56.70
CA VAL A 2602 -3.57 28.13 -55.83
C VAL A 2602 -5.07 27.84 -55.81
N THR A 2603 -5.42 26.55 -55.74
CA THR A 2603 -6.82 26.15 -55.68
C THR A 2603 -7.36 26.31 -54.27
N GLY A 2604 -8.63 26.70 -54.18
CA GLY A 2604 -9.23 26.98 -52.88
C GLY A 2604 -9.67 25.72 -52.17
N LEU A 2605 -9.19 25.55 -50.94
CA LEU A 2605 -9.60 24.47 -50.06
C LEU A 2605 -10.15 25.03 -48.77
N PRO A 2606 -11.20 24.43 -48.22
CA PRO A 2606 -11.88 25.05 -47.08
C PRO A 2606 -11.02 25.09 -45.83
N LEU A 2607 -10.64 26.29 -45.41
CA LEU A 2607 -9.88 26.44 -44.19
C LEU A 2607 -10.70 25.98 -43.00
N SER A 2608 -10.10 25.20 -42.11
CA SER A 2608 -10.76 24.86 -40.87
C SER A 2608 -10.91 26.10 -40.00
N ILE A 2609 -11.86 26.05 -39.06
CA ILE A 2609 -12.11 27.18 -38.19
C ILE A 2609 -10.81 27.64 -37.54
N GLU A 2610 -10.09 26.70 -36.92
CA GLU A 2610 -8.80 27.03 -36.34
C GLU A 2610 -7.84 27.56 -37.40
N GLY A 2611 -7.84 26.95 -38.58
CA GLY A 2611 -6.95 27.42 -39.63
C GLY A 2611 -7.35 28.77 -40.17
N HIS A 2612 -8.65 28.99 -40.36
CA HIS A 2612 -9.11 30.28 -40.84
C HIS A 2612 -8.77 31.37 -39.84
N VAL A 2613 -8.87 31.06 -38.54
CA VAL A 2613 -8.60 32.11 -37.55
C VAL A 2613 -7.10 32.35 -37.44
N HIS A 2614 -6.29 31.31 -37.62
CA HIS A 2614 -4.85 31.56 -37.66
C HIS A 2614 -4.50 32.43 -38.84
N TYR A 2615 -5.10 32.16 -40.00
CA TYR A 2615 -4.88 33.02 -41.16
C TYR A 2615 -5.26 34.45 -40.85
N LEU A 2616 -6.48 34.67 -40.37
CA LEU A 2616 -6.95 36.03 -40.12
C LEU A 2616 -6.07 36.75 -39.09
N ILE A 2617 -5.83 36.12 -37.94
CA ILE A 2617 -5.03 36.75 -36.91
C ILE A 2617 -3.63 37.08 -37.44
N GLN A 2618 -2.96 36.10 -38.04
CA GLN A 2618 -1.60 36.36 -38.52
C GLN A 2618 -1.59 37.44 -39.59
N GLU A 2619 -2.60 37.50 -40.44
CA GLU A 2619 -2.67 38.57 -41.42
C GLU A 2619 -2.85 39.91 -40.74
N ALA A 2620 -3.57 39.94 -39.62
CA ALA A 2620 -3.86 41.21 -38.97
C ALA A 2620 -2.60 41.86 -38.41
N THR A 2621 -1.75 41.09 -37.75
CA THR A 2621 -0.59 41.65 -37.08
C THR A 2621 0.66 41.65 -37.93
N ASP A 2622 0.58 41.22 -39.19
CA ASP A 2622 1.75 41.26 -40.05
C ASP A 2622 2.19 42.70 -40.27
N GLU A 2623 3.40 43.02 -39.79
CA GLU A 2623 3.91 44.38 -39.90
C GLU A 2623 3.95 44.88 -41.33
N ASN A 2624 4.15 43.98 -42.30
CA ASN A 2624 4.18 44.39 -43.70
C ASN A 2624 2.85 45.00 -44.12
N LEU A 2625 1.77 44.23 -43.98
CA LEU A 2625 0.45 44.75 -44.35
C LEU A 2625 0.13 45.99 -43.55
N LEU A 2626 0.50 46.01 -42.28
CA LEU A 2626 0.24 47.19 -41.44
C LEU A 2626 0.88 48.42 -42.02
N CYS A 2627 2.21 48.42 -42.16
CA CYS A 2627 2.89 49.59 -42.69
C CYS A 2627 2.41 49.95 -44.09
N GLN A 2628 1.88 48.98 -44.84
CA GLN A 2628 1.26 49.32 -46.12
C GLN A 2628 0.05 50.21 -45.92
N MET A 2629 -0.62 50.10 -44.78
CA MET A 2629 -1.86 50.85 -44.57
C MET A 2629 -1.59 52.34 -44.48
N TYR A 2630 -2.60 53.11 -44.84
CA TYR A 2630 -2.50 54.57 -44.78
C TYR A 2630 -2.36 55.03 -43.35
N LEU A 2631 -1.83 56.25 -43.19
CA LEU A 2631 -1.63 56.81 -41.86
C LEU A 2631 -2.93 57.13 -41.16
N GLY A 2632 -4.06 57.17 -41.87
CA GLY A 2632 -5.34 57.33 -41.21
C GLY A 2632 -5.59 56.23 -40.19
N TRP A 2633 -5.20 54.99 -40.53
CA TRP A 2633 -5.31 53.89 -39.60
C TRP A 2633 -4.43 54.07 -38.38
N THR A 2634 -3.33 54.80 -38.52
CA THR A 2634 -2.28 54.90 -37.50
C THR A 2634 -1.87 53.50 -37.04
N PRO A 2635 -1.33 52.66 -37.93
CA PRO A 2635 -0.81 51.38 -37.48
C PRO A 2635 0.31 51.51 -36.48
N TYR A 2636 0.97 52.67 -36.44
CA TYR A 2636 1.82 53.00 -35.31
C TYR A 2636 1.06 52.83 -34.00
N MET A 2637 -0.07 53.52 -33.86
CA MET A 2637 -0.94 53.38 -32.71
C MET A 2637 -1.68 52.07 -32.76
N SER B 3 31.81 -73.91 53.88
CA SER B 3 32.55 -75.08 54.31
C SER B 3 31.81 -76.36 53.95
N MET B 4 30.48 -76.28 53.88
CA MET B 4 29.65 -77.43 53.55
C MET B 4 29.79 -77.73 52.06
N ILE B 5 30.92 -78.35 51.72
CA ILE B 5 31.19 -78.66 50.31
C ILE B 5 30.15 -79.59 49.70
N PRO B 6 29.72 -80.67 50.37
CA PRO B 6 28.70 -81.54 49.74
C PRO B 6 27.43 -80.80 49.34
N ALA B 7 26.93 -79.90 50.19
CA ALA B 7 25.77 -79.11 49.82
C ALA B 7 26.09 -78.20 48.64
N LEU B 8 27.27 -77.57 48.66
CA LEU B 8 27.69 -76.70 47.57
C LEU B 8 27.82 -77.47 46.26
N ARG B 9 27.96 -78.79 46.30
CA ARG B 9 27.99 -79.57 45.08
C ARG B 9 26.62 -80.06 44.66
N GLU B 10 25.79 -80.50 45.61
CA GLU B 10 24.44 -80.96 45.29
C GLU B 10 23.46 -79.82 45.03
N LEU B 11 23.92 -78.57 45.13
CA LEU B 11 23.08 -77.42 44.77
C LEU B 11 22.24 -77.67 43.52
N GLY B 12 22.88 -78.08 42.43
CA GLY B 12 22.16 -78.22 41.18
C GLY B 12 21.21 -79.40 41.14
N SER B 13 21.61 -80.51 41.77
CA SER B 13 20.78 -81.72 41.73
C SER B 13 19.48 -81.55 42.49
N ALA B 14 19.48 -80.71 43.53
CA ALA B 14 18.28 -80.51 44.33
C ALA B 14 17.21 -79.77 43.53
N THR B 15 15.96 -80.18 43.71
CA THR B 15 14.85 -79.45 43.10
C THR B 15 14.66 -78.11 43.81
N PRO B 16 14.30 -77.06 43.08
CA PRO B 16 14.35 -75.71 43.65
C PRO B 16 13.60 -75.54 44.97
N GLU B 17 12.45 -76.21 45.12
CA GLU B 17 11.60 -75.96 46.30
C GLU B 17 12.33 -76.35 47.59
N GLU B 18 13.12 -77.41 47.56
CA GLU B 18 13.98 -77.73 48.70
C GLU B 18 15.43 -77.38 48.45
N TYR B 19 15.81 -77.09 47.20
CA TYR B 19 17.11 -76.50 46.95
C TYR B 19 17.27 -75.20 47.71
N ASN B 20 16.18 -74.44 47.86
CA ASN B 20 16.29 -73.20 48.60
C ASN B 20 16.69 -73.45 50.06
N THR B 21 16.11 -74.47 50.70
CA THR B 21 16.54 -74.82 52.05
C THR B 21 17.98 -75.30 52.07
N VAL B 22 18.33 -76.23 51.17
CA VAL B 22 19.66 -76.82 51.21
C VAL B 22 20.73 -75.87 50.69
N VAL B 23 20.33 -74.70 50.20
CA VAL B 23 21.27 -73.63 49.90
C VAL B 23 21.26 -72.55 50.98
N GLN B 24 20.15 -72.38 51.71
CA GLN B 24 20.15 -71.55 52.90
C GLN B 24 21.11 -72.10 53.94
N LYS B 25 21.21 -73.43 54.03
CA LYS B 25 22.12 -74.02 55.00
C LYS B 25 23.57 -73.57 54.80
N PRO B 26 24.19 -73.71 53.62
CA PRO B 26 25.55 -73.16 53.46
C PRO B 26 25.57 -71.63 53.55
N ARG B 27 24.48 -70.98 53.13
CA ARG B 27 24.36 -69.55 53.38
C ARG B 27 24.46 -69.25 54.87
N GLN B 28 23.77 -70.05 55.69
CA GLN B 28 23.83 -69.83 57.14
C GLN B 28 25.21 -70.15 57.70
N ILE B 29 25.91 -71.10 57.10
CA ILE B 29 27.26 -71.42 57.57
C ILE B 29 28.22 -70.28 57.24
N LEU B 30 28.13 -69.73 56.02
CA LEU B 30 28.92 -68.56 55.69
C LEU B 30 28.53 -67.36 56.55
N CYS B 31 27.25 -67.25 56.92
CA CYS B 31 26.82 -66.19 57.81
C CYS B 31 27.39 -66.37 59.20
N GLN B 32 27.55 -67.62 59.65
CA GLN B 32 28.25 -67.88 60.90
C GLN B 32 29.73 -67.49 60.78
N PHE B 33 30.34 -67.77 59.63
CA PHE B 33 31.71 -67.32 59.38
C PHE B 33 31.81 -65.80 59.48
N ILE B 34 30.79 -65.10 58.99
CA ILE B 34 30.75 -63.64 59.11
C ILE B 34 30.57 -63.24 60.57
N ASP B 35 29.72 -63.96 61.30
CA ASP B 35 29.40 -63.60 62.68
C ASP B 35 30.60 -63.77 63.59
N ARG B 36 31.39 -64.82 63.38
CA ARG B 36 32.61 -64.99 64.17
C ARG B 36 33.57 -63.83 63.96
N ILE B 37 33.42 -63.08 62.87
CA ILE B 37 34.10 -61.80 62.71
C ILE B 37 33.20 -60.65 63.13
N LEU B 38 31.93 -60.69 62.75
CA LEU B 38 31.00 -59.58 63.01
C LEU B 38 30.30 -59.69 64.36
N THR B 39 30.92 -60.36 65.33
CA THR B 39 30.37 -60.34 66.68
C THR B 39 30.64 -59.00 67.35
N ASP B 40 31.85 -58.49 67.22
CA ASP B 40 32.22 -57.16 67.69
C ASP B 40 32.67 -56.32 66.51
N VAL B 41 32.27 -55.04 66.50
CA VAL B 41 32.56 -54.17 65.38
C VAL B 41 34.04 -53.75 65.34
N ASN B 42 34.76 -53.97 66.43
CA ASN B 42 36.16 -53.54 66.55
C ASN B 42 37.07 -54.72 66.79
N VAL B 43 36.96 -55.76 65.95
CA VAL B 43 37.42 -57.11 66.25
C VAL B 43 38.83 -57.13 66.82
N VAL B 44 39.81 -56.70 66.04
CA VAL B 44 41.17 -56.54 66.53
C VAL B 44 41.70 -55.19 66.05
N ALA B 45 41.69 -54.99 64.74
CA ALA B 45 42.19 -53.80 64.05
C ALA B 45 41.88 -53.99 62.58
N VAL B 46 42.17 -52.96 61.79
CA VAL B 46 41.95 -53.04 60.34
C VAL B 46 43.28 -53.04 59.62
N GLU B 47 44.31 -52.44 60.25
CA GLU B 47 45.67 -52.41 59.73
C GLU B 47 45.75 -51.84 58.31
N LEU B 48 44.71 -51.12 57.89
CA LEU B 48 44.59 -50.67 56.51
C LEU B 48 43.40 -49.74 56.35
N THR B 57 42.95 -62.15 59.35
CA THR B 57 42.04 -61.02 59.59
C THR B 57 40.88 -61.04 58.60
N SER B 58 40.09 -59.97 58.60
CA SER B 58 38.82 -59.96 57.87
C SER B 58 39.00 -59.84 56.37
N VAL B 59 40.17 -59.42 55.88
CA VAL B 59 40.35 -59.26 54.45
C VAL B 59 40.32 -60.63 53.76
N MET B 60 40.92 -61.64 54.42
CA MET B 60 40.80 -63.00 53.91
C MET B 60 39.38 -63.50 53.96
N LEU B 61 38.58 -63.08 54.95
CA LEU B 61 37.18 -63.47 55.01
C LEU B 61 36.41 -62.89 53.83
N LEU B 62 36.62 -61.60 53.54
CA LEU B 62 35.96 -60.99 52.39
C LEU B 62 36.41 -61.64 51.09
N ASP B 63 37.70 -61.96 50.97
CA ASP B 63 38.19 -62.63 49.78
C ASP B 63 37.56 -64.01 49.63
N PHE B 64 37.40 -64.73 50.75
CA PHE B 64 36.77 -66.05 50.69
C PHE B 64 35.30 -65.94 50.33
N ILE B 65 34.63 -64.89 50.78
CA ILE B 65 33.25 -64.65 50.37
C ILE B 65 33.19 -64.44 48.86
N GLN B 66 34.05 -63.57 48.34
CA GLN B 66 34.09 -63.33 46.91
C GLN B 66 34.42 -64.60 46.14
N HIS B 67 35.27 -65.46 46.71
CA HIS B 67 35.69 -66.66 46.01
C HIS B 67 34.58 -67.70 45.98
N ILE B 68 33.92 -67.92 47.13
CA ILE B 68 32.75 -68.78 47.16
C ILE B 68 31.69 -68.27 46.18
N MET B 69 31.59 -66.95 46.05
CA MET B 69 30.62 -66.37 45.14
C MET B 69 30.98 -66.66 43.68
N LYS B 70 32.23 -66.43 43.31
CA LYS B 70 32.67 -66.72 41.95
C LYS B 70 32.49 -68.20 41.63
N SER B 71 32.89 -69.07 42.54
CA SER B 71 32.81 -70.51 42.30
C SER B 71 31.36 -70.97 42.22
N SER B 72 30.51 -70.48 43.12
CA SER B 72 29.10 -70.87 43.18
C SER B 72 28.22 -69.64 43.00
N PRO B 73 28.07 -69.16 41.76
CA PRO B 73 27.13 -68.06 41.52
C PRO B 73 25.69 -68.45 41.81
N LEU B 74 25.32 -69.68 41.50
CA LEU B 74 23.96 -70.15 41.74
C LEU B 74 23.66 -70.34 43.22
N MET B 75 24.69 -70.46 44.07
CA MET B 75 24.47 -70.56 45.50
C MET B 75 23.84 -69.29 46.06
N PHE B 76 24.42 -68.14 45.74
CA PHE B 76 23.94 -66.88 46.30
C PHE B 76 22.56 -66.53 45.78
N VAL B 77 22.20 -67.00 44.59
CA VAL B 77 20.85 -66.80 44.06
C VAL B 77 20.52 -67.89 43.05
N ASN B 78 19.33 -68.47 43.16
CA ASN B 78 18.90 -69.48 42.21
C ASN B 78 18.59 -68.84 40.87
N VAL B 79 18.82 -69.60 39.79
CA VAL B 79 18.53 -69.08 38.45
C VAL B 79 17.07 -69.28 38.08
N SER B 80 16.37 -70.23 38.71
CA SER B 80 14.99 -70.54 38.34
C SER B 80 14.00 -69.47 38.81
N GLY B 81 14.47 -68.41 39.47
CA GLY B 81 13.59 -67.38 39.99
C GLY B 81 13.02 -67.75 41.34
N SER B 82 12.00 -68.61 41.36
CA SER B 82 11.37 -69.09 42.59
C SER B 82 11.06 -67.93 43.54
N HIS B 83 10.10 -67.10 43.09
CA HIS B 83 9.80 -65.80 43.69
C HIS B 83 9.86 -65.80 45.22
N GLU B 84 9.31 -66.82 45.86
CA GLU B 84 9.38 -66.88 47.33
C GLU B 84 10.81 -67.13 47.79
N ALA B 85 11.48 -68.12 47.20
CA ALA B 85 12.89 -68.31 47.47
C ALA B 85 13.71 -67.14 46.94
N LYS B 86 13.19 -66.44 45.92
CA LYS B 86 13.80 -65.20 45.48
C LYS B 86 13.77 -64.16 46.59
N GLY B 87 12.63 -64.00 47.24
CA GLY B 87 12.56 -63.11 48.39
C GLY B 87 13.47 -63.53 49.52
N SER B 88 13.60 -64.85 49.73
CA SER B 88 14.47 -65.35 50.78
C SER B 88 15.93 -65.02 50.51
N CYS B 89 16.39 -65.26 49.26
CA CYS B 89 17.79 -64.97 48.95
C CYS B 89 18.02 -63.46 48.91
N ILE B 90 17.00 -62.68 48.54
CA ILE B 90 17.09 -61.23 48.66
C ILE B 90 17.32 -60.83 50.10
N GLU B 91 16.56 -61.43 51.03
CA GLU B 91 16.72 -61.13 52.44
C GLU B 91 18.10 -61.54 52.95
N PHE B 92 18.64 -62.64 52.43
CA PHE B 92 19.95 -63.09 52.88
C PHE B 92 21.06 -62.17 52.36
N SER B 93 21.00 -61.82 51.06
CA SER B 93 21.88 -60.80 50.53
C SER B 93 21.76 -59.50 51.31
N ASN B 94 20.55 -59.19 51.78
CA ASN B 94 20.36 -57.98 52.57
C ASN B 94 21.04 -58.10 53.94
N TRP B 95 21.03 -59.30 54.52
CA TRP B 95 21.76 -59.52 55.77
C TRP B 95 23.25 -59.32 55.56
N ILE B 96 23.80 -59.89 54.48
CA ILE B 96 25.21 -59.69 54.16
C ILE B 96 25.48 -58.20 53.95
N ILE B 97 24.57 -57.52 53.27
CA ILE B 97 24.72 -56.10 53.00
C ILE B 97 24.73 -55.31 54.31
N THR B 98 23.87 -55.69 55.25
CA THR B 98 23.85 -55.00 56.54
C THR B 98 25.15 -55.21 57.30
N ARG B 99 25.68 -56.44 57.28
CA ARG B 99 26.96 -56.70 57.92
C ARG B 99 28.05 -55.82 57.32
N LEU B 100 28.16 -55.81 55.99
CA LEU B 100 29.20 -55.02 55.36
C LEU B 100 28.97 -53.53 55.52
N LEU B 101 27.72 -53.10 55.63
CA LEU B 101 27.43 -51.68 55.80
C LEU B 101 27.76 -51.21 57.22
N ARG B 102 27.46 -52.03 58.22
CA ARG B 102 27.85 -51.69 59.58
C ARG B 102 29.36 -51.78 59.74
N ILE B 103 30.03 -52.57 58.90
CA ILE B 103 31.48 -52.48 58.81
C ILE B 103 31.88 -51.13 58.23
N ALA B 104 31.21 -50.72 57.14
CA ALA B 104 31.55 -49.47 56.46
C ALA B 104 31.21 -48.24 57.28
N ALA B 105 30.38 -48.37 58.31
CA ALA B 105 30.02 -47.21 59.13
C ALA B 105 31.15 -46.84 60.08
N THR B 106 31.79 -47.83 60.68
CA THR B 106 32.92 -47.58 61.56
C THR B 106 34.10 -47.05 60.76
N PRO B 107 34.75 -45.97 61.19
CA PRO B 107 35.81 -45.37 60.35
C PRO B 107 36.96 -46.32 60.03
N SER B 108 37.57 -46.92 61.06
CA SER B 108 38.67 -47.83 60.82
C SER B 108 38.25 -49.00 59.93
N CYS B 109 37.10 -49.61 60.25
CA CYS B 109 36.61 -50.71 59.43
C CYS B 109 36.19 -50.22 58.04
N HIS B 110 35.76 -48.98 57.92
CA HIS B 110 35.48 -48.42 56.60
C HIS B 110 36.76 -48.31 55.77
N LEU B 111 37.90 -48.07 56.42
CA LEU B 111 39.17 -47.95 55.72
C LEU B 111 39.53 -49.23 54.97
N LEU B 112 38.77 -50.29 55.18
CA LEU B 112 38.94 -51.57 54.48
C LEU B 112 38.11 -51.65 53.21
N HIS B 113 37.82 -50.50 52.58
CA HIS B 113 36.80 -50.47 51.53
C HIS B 113 37.16 -51.31 50.31
N LYS B 114 38.44 -51.58 50.08
CA LYS B 114 38.87 -52.24 48.85
C LYS B 114 38.03 -53.47 48.52
N LYS B 115 38.02 -54.45 49.42
CA LYS B 115 37.13 -55.59 49.26
C LYS B 115 35.71 -55.28 49.68
N ILE B 116 35.51 -54.23 50.49
CA ILE B 116 34.17 -53.86 50.91
C ILE B 116 33.30 -53.49 49.72
N CYS B 117 33.88 -52.80 48.73
CA CYS B 117 33.22 -52.77 47.42
C CYS B 117 33.08 -54.18 46.88
N GLU B 118 34.22 -54.81 46.58
CA GLU B 118 34.24 -56.03 45.78
C GLU B 118 33.08 -56.95 46.11
N VAL B 119 32.84 -57.18 47.41
CA VAL B 119 31.78 -58.11 47.81
C VAL B 119 30.42 -57.65 47.28
N ILE B 120 29.93 -56.48 47.73
CA ILE B 120 28.58 -56.08 47.33
C ILE B 120 28.53 -55.65 45.87
N CYS B 121 29.61 -55.04 45.38
CA CYS B 121 29.68 -54.65 43.98
C CYS B 121 29.45 -55.86 43.08
N SER B 122 30.31 -56.88 43.20
CA SER B 122 30.09 -58.13 42.47
C SER B 122 28.74 -58.73 42.79
N LEU B 123 28.27 -58.61 44.04
CA LEU B 123 27.00 -59.21 44.43
C LEU B 123 25.86 -58.65 43.60
N LEU B 124 25.79 -57.33 43.48
CA LEU B 124 24.78 -56.72 42.64
C LEU B 124 24.98 -57.09 41.18
N PHE B 125 26.24 -57.16 40.74
CA PHE B 125 26.53 -57.62 39.39
C PHE B 125 25.89 -58.97 39.12
N LEU B 126 26.08 -59.92 40.04
CA LEU B 126 25.62 -61.28 39.83
C LEU B 126 24.12 -61.40 40.00
N PHE B 127 23.54 -60.67 40.96
CA PHE B 127 22.10 -60.66 41.11
C PHE B 127 21.42 -60.04 39.90
N LYS B 128 22.12 -59.15 39.19
CA LYS B 128 21.62 -58.68 37.91
C LYS B 128 21.73 -59.76 36.84
N SER B 129 22.90 -60.40 36.76
CA SER B 129 23.12 -61.42 35.73
C SER B 129 22.12 -62.56 35.85
N LYS B 130 21.75 -62.92 37.08
CA LYS B 130 20.83 -64.03 37.27
C LYS B 130 19.39 -63.64 36.96
N SER B 131 18.94 -62.48 37.45
CA SER B 131 17.59 -62.01 37.17
C SER B 131 17.54 -60.49 37.32
N PRO B 132 17.08 -59.77 36.28
CA PRO B 132 17.10 -58.31 36.37
C PRO B 132 16.14 -57.74 37.40
N ALA B 133 15.04 -58.43 37.70
CA ALA B 133 14.09 -57.91 38.67
C ALA B 133 14.72 -57.80 40.05
N ILE B 134 15.51 -58.80 40.45
CA ILE B 134 16.23 -58.72 41.72
C ILE B 134 17.18 -57.53 41.70
N PHE B 135 17.85 -57.31 40.56
CA PHE B 135 18.74 -56.16 40.43
C PHE B 135 17.97 -54.86 40.69
N GLY B 136 16.81 -54.71 40.06
CA GLY B 136 16.04 -53.49 40.25
C GLY B 136 15.61 -53.30 41.69
N VAL B 137 15.16 -54.38 42.33
CA VAL B 137 14.72 -54.29 43.72
C VAL B 137 15.88 -53.87 44.62
N LEU B 138 17.04 -54.52 44.45
CA LEU B 138 18.19 -54.22 45.30
C LEU B 138 18.72 -52.81 45.05
N THR B 139 18.69 -52.37 43.79
CA THR B 139 19.11 -51.01 43.49
C THR B 139 18.16 -49.99 44.10
N LYS B 140 16.85 -50.28 44.09
CA LYS B 140 15.92 -49.36 44.73
C LYS B 140 16.13 -49.32 46.23
N GLU B 141 16.46 -50.47 46.83
CA GLU B 141 16.78 -50.49 48.25
C GLU B 141 18.02 -49.64 48.56
N LEU B 142 19.07 -49.82 47.76
CA LEU B 142 20.29 -49.06 47.98
C LEU B 142 20.06 -47.57 47.74
N LEU B 143 19.20 -47.24 46.77
CA LEU B 143 18.89 -45.84 46.50
C LEU B 143 18.08 -45.23 47.62
N GLN B 144 17.18 -46.01 48.22
CA GLN B 144 16.48 -45.54 49.41
C GLN B 144 17.47 -45.26 50.54
N LEU B 145 18.45 -46.16 50.73
CA LEU B 145 19.49 -45.90 51.72
C LEU B 145 20.25 -44.62 51.41
N PHE B 146 20.64 -44.43 50.15
CA PHE B 146 21.34 -43.21 49.77
C PHE B 146 20.50 -41.97 49.98
N GLU B 147 19.20 -42.06 49.71
CA GLU B 147 18.30 -40.95 49.97
C GLU B 147 18.25 -40.62 51.45
N ASP B 148 18.18 -41.64 52.30
CA ASP B 148 18.25 -41.40 53.75
C ASP B 148 19.55 -40.72 54.12
N LEU B 149 20.66 -41.16 53.53
CA LEU B 149 21.96 -40.59 53.86
C LEU B 149 22.05 -39.12 53.47
N VAL B 150 21.64 -38.80 52.25
CA VAL B 150 21.70 -37.41 51.81
C VAL B 150 20.66 -36.56 52.53
N TYR B 151 19.55 -37.15 53.00
CA TYR B 151 18.62 -36.39 53.82
C TYR B 151 19.21 -36.11 55.19
N LEU B 152 19.98 -37.03 55.74
CA LEU B 152 20.72 -36.76 56.96
C LEU B 152 21.71 -35.62 56.75
N HIS B 153 22.44 -35.64 55.64
CA HIS B 153 23.35 -34.54 55.34
C HIS B 153 22.61 -33.23 55.09
N ARG B 154 21.38 -33.31 54.58
CA ARG B 154 20.56 -32.11 54.41
C ARG B 154 20.11 -31.57 55.76
N ARG B 155 19.83 -32.46 56.71
CA ARG B 155 19.57 -32.00 58.08
C ARG B 155 20.81 -31.35 58.67
N ASN B 156 21.99 -31.86 58.32
CA ASN B 156 23.23 -31.24 58.77
C ASN B 156 23.39 -29.83 58.21
N VAL B 157 23.18 -29.68 56.89
CA VAL B 157 23.44 -28.39 56.24
C VAL B 157 22.32 -27.38 56.48
N MET B 158 21.10 -27.84 56.73
CA MET B 158 19.95 -26.96 56.89
C MET B 158 19.77 -26.49 58.33
N GLY B 159 20.57 -26.98 59.27
CA GLY B 159 20.47 -26.56 60.64
C GLY B 159 19.38 -27.23 61.44
N HIS B 160 18.76 -28.29 60.90
CA HIS B 160 17.77 -29.03 61.67
C HIS B 160 18.44 -29.80 62.81
N ALA B 161 17.60 -30.43 63.62
CA ALA B 161 18.09 -31.43 64.55
C ALA B 161 18.79 -32.53 63.78
N VAL B 162 20.07 -32.76 64.11
CA VAL B 162 20.90 -33.64 63.29
C VAL B 162 20.57 -35.11 63.55
N GLU B 163 20.29 -35.46 64.80
CA GLU B 163 20.14 -36.85 65.23
C GLU B 163 21.39 -37.66 64.88
N TRP B 164 22.48 -37.32 65.56
CA TRP B 164 23.73 -38.07 65.38
C TRP B 164 23.54 -39.56 65.61
N PRO B 165 23.01 -40.03 66.76
CA PRO B 165 22.82 -41.48 66.94
C PRO B 165 21.59 -41.93 66.18
N VAL B 166 21.80 -42.77 65.17
CA VAL B 166 20.71 -43.29 64.35
C VAL B 166 21.01 -44.74 64.00
N VAL B 167 19.99 -45.60 64.13
CA VAL B 167 20.15 -47.00 63.74
C VAL B 167 20.19 -47.12 62.23
N MET B 168 19.27 -46.43 61.54
CA MET B 168 19.18 -46.43 60.09
C MET B 168 19.14 -47.86 59.54
N SER B 169 18.12 -48.59 59.96
CA SER B 169 17.97 -49.99 59.58
C SER B 169 17.60 -50.07 58.10
N ARG B 170 18.59 -50.30 57.26
CA ARG B 170 18.40 -50.46 55.82
C ARG B 170 18.86 -51.85 55.41
N PHE B 171 18.16 -52.43 54.43
CA PHE B 171 18.39 -53.82 54.02
C PHE B 171 18.18 -54.78 55.18
N LEU B 172 17.26 -54.44 56.08
CA LEU B 172 17.03 -55.25 57.28
C LEU B 172 16.57 -56.65 56.91
N SER B 173 16.90 -57.61 57.78
CA SER B 173 16.66 -59.02 57.50
C SER B 173 16.31 -59.75 58.78
N GLN B 174 15.73 -60.95 58.62
CA GLN B 174 15.32 -61.79 59.72
C GLN B 174 16.02 -63.14 59.62
N LEU B 175 17.34 -63.12 59.42
CA LEU B 175 18.09 -64.33 59.10
C LEU B 175 17.88 -65.43 60.14
N ASP B 176 17.77 -65.07 61.42
CA ASP B 176 17.61 -66.05 62.48
C ASP B 176 16.38 -66.92 62.29
N ALA B 185 21.57 -55.99 63.03
CA ALA B 185 22.03 -55.32 61.82
C ALA B 185 21.97 -53.80 61.97
N PRO B 186 22.77 -53.26 62.90
CA PRO B 186 22.69 -51.81 63.17
C PRO B 186 23.65 -51.01 62.30
N LEU B 187 23.11 -50.04 61.56
CA LEU B 187 23.93 -49.06 60.85
C LEU B 187 24.20 -47.90 61.83
N GLN B 188 25.09 -48.18 62.78
CA GLN B 188 25.37 -47.22 63.82
C GLN B 188 26.09 -46.00 63.25
N LEU B 189 25.66 -44.82 63.70
CA LEU B 189 26.30 -43.58 63.30
C LEU B 189 26.51 -42.74 64.55
N MET B 190 27.74 -42.32 64.79
CA MET B 190 28.05 -41.44 65.91
C MET B 190 28.84 -40.21 65.53
N SER B 191 29.24 -40.07 64.26
CA SER B 191 30.05 -38.94 63.86
C SER B 191 29.84 -38.64 62.38
N MET B 192 30.10 -37.36 62.04
CA MET B 192 30.17 -36.96 60.65
C MET B 192 31.14 -37.85 59.88
N GLN B 193 32.17 -38.38 60.53
CA GLN B 193 33.09 -39.29 59.86
C GLN B 193 32.40 -40.59 59.47
N ASN B 194 31.61 -41.17 60.38
CA ASN B 194 30.84 -42.35 60.04
C ASN B 194 29.90 -42.06 58.88
N LEU B 195 29.19 -40.94 58.95
CA LEU B 195 28.28 -40.57 57.85
C LEU B 195 29.04 -40.47 56.53
N GLU B 196 30.07 -39.64 56.48
CA GLU B 196 30.82 -39.45 55.24
C GLU B 196 31.46 -40.73 54.75
N PHE B 197 31.77 -41.67 55.65
CA PHE B 197 32.41 -42.90 55.20
C PHE B 197 31.39 -43.85 54.58
N ILE B 198 30.19 -43.92 55.15
CA ILE B 198 29.15 -44.66 54.46
C ILE B 198 28.86 -44.00 53.12
N GLU B 199 28.99 -42.67 53.03
CA GLU B 199 28.84 -42.00 51.74
C GLU B 199 29.96 -42.39 50.78
N VAL B 200 31.19 -42.55 51.29
CA VAL B 200 32.30 -43.03 50.46
C VAL B 200 31.95 -44.37 49.84
N THR B 201 31.55 -45.32 50.68
CA THR B 201 31.20 -46.65 50.18
C THR B 201 30.07 -46.58 49.17
N LEU B 202 29.05 -45.77 49.47
CA LEU B 202 27.92 -45.63 48.56
C LEU B 202 28.35 -45.05 47.22
N LEU B 203 29.17 -44.01 47.24
CA LEU B 203 29.62 -43.40 46.00
C LEU B 203 30.44 -44.37 45.17
N MET B 204 31.29 -45.17 45.83
CA MET B 204 32.09 -46.13 45.08
C MET B 204 31.21 -47.20 44.44
N VAL B 205 30.30 -47.79 45.20
CA VAL B 205 29.46 -48.83 44.62
C VAL B 205 28.58 -48.24 43.52
N LEU B 206 28.16 -46.98 43.68
CA LEU B 206 27.34 -46.33 42.67
C LEU B 206 28.14 -46.08 41.39
N THR B 207 29.39 -45.62 41.51
CA THR B 207 30.23 -45.47 40.33
C THR B 207 30.41 -46.81 39.62
N ARG B 208 30.55 -47.88 40.39
CA ARG B 208 30.74 -49.19 39.77
C ARG B 208 29.47 -49.67 39.07
N ILE B 209 28.30 -49.38 39.64
CA ILE B 209 27.05 -49.92 39.12
C ILE B 209 26.32 -48.96 38.17
N ILE B 210 26.86 -47.75 37.97
CA ILE B 210 26.13 -46.73 37.21
C ILE B 210 25.80 -47.19 35.80
N ALA B 211 26.60 -48.08 35.22
CA ALA B 211 26.41 -48.46 33.82
C ALA B 211 25.04 -49.07 33.59
N ILE B 212 24.58 -49.91 34.51
CA ILE B 212 23.34 -50.64 34.31
C ILE B 212 22.14 -49.99 34.99
N VAL B 213 22.37 -49.22 36.06
CA VAL B 213 21.26 -48.55 36.74
C VAL B 213 20.71 -47.38 35.95
N PHE B 214 21.34 -47.01 34.83
CA PHE B 214 20.82 -45.96 33.96
C PHE B 214 19.47 -46.38 33.40
N PHE B 215 18.40 -45.69 33.80
CA PHE B 215 17.06 -46.07 33.36
C PHE B 215 16.23 -44.88 32.90
N ARG B 216 16.83 -43.70 32.73
CA ARG B 216 16.21 -42.49 32.19
C ARG B 216 15.25 -41.86 33.18
N ARG B 217 14.93 -42.58 34.26
CA ARG B 217 14.23 -42.01 35.41
C ARG B 217 15.00 -42.21 36.70
N GLN B 218 15.48 -43.43 36.96
CA GLN B 218 16.33 -43.68 38.11
C GLN B 218 17.60 -42.82 38.07
N GLU B 219 18.12 -42.59 36.86
CA GLU B 219 19.28 -41.72 36.71
C GLU B 219 19.00 -40.33 37.22
N LEU B 220 17.76 -39.84 37.09
CA LEU B 220 17.44 -38.52 37.62
C LEU B 220 17.53 -38.50 39.14
N LEU B 221 17.07 -39.57 39.79
CA LEU B 221 17.26 -39.71 41.23
C LEU B 221 18.75 -39.71 41.57
N LEU B 222 19.55 -40.41 40.79
CA LEU B 222 20.99 -40.40 41.01
C LEU B 222 21.56 -38.98 40.86
N TRP B 223 21.15 -38.27 39.81
CA TRP B 223 21.53 -36.88 39.66
C TRP B 223 21.24 -36.09 40.92
N GLN B 224 20.00 -36.18 41.41
CA GLN B 224 19.60 -35.39 42.55
C GLN B 224 20.41 -35.73 43.79
N ILE B 225 20.63 -37.02 44.05
CA ILE B 225 21.29 -37.40 45.29
C ILE B 225 22.77 -37.04 45.25
N GLY B 226 23.45 -37.35 44.13
CA GLY B 226 24.82 -36.93 44.00
C GLY B 226 24.95 -35.41 44.04
N CYS B 227 23.95 -34.70 43.52
CA CYS B 227 23.99 -33.25 43.49
C CYS B 227 23.91 -32.67 44.90
N VAL B 228 22.92 -33.11 45.68
CA VAL B 228 22.79 -32.60 47.03
C VAL B 228 23.96 -33.05 47.90
N LEU B 229 24.60 -34.18 47.54
CA LEU B 229 25.82 -34.56 48.24
C LEU B 229 26.97 -33.62 47.90
N LEU B 230 27.04 -33.20 46.63
CA LEU B 230 28.08 -32.27 46.21
C LEU B 230 27.89 -30.90 46.86
N GLU B 231 26.63 -30.46 46.97
CA GLU B 231 26.36 -29.14 47.53
C GLU B 231 26.87 -29.01 48.96
N TYR B 232 26.95 -30.12 49.69
CA TYR B 232 27.46 -30.09 51.06
C TYR B 232 28.07 -31.45 51.36
N GLY B 233 29.37 -31.47 51.61
CA GLY B 233 30.06 -32.71 51.91
C GLY B 233 31.54 -32.45 52.10
N SER B 234 32.21 -33.45 52.65
CA SER B 234 33.64 -33.33 52.90
C SER B 234 34.39 -33.26 51.57
N PRO B 235 35.59 -32.66 51.56
CA PRO B 235 36.34 -32.55 50.31
C PRO B 235 36.57 -33.88 49.61
N LYS B 236 36.84 -34.95 50.37
CA LYS B 236 36.96 -36.26 49.74
C LYS B 236 35.60 -36.77 49.25
N ILE B 237 34.56 -36.56 50.05
CA ILE B 237 33.20 -36.82 49.58
C ILE B 237 32.88 -35.97 48.36
N LYS B 238 33.32 -34.71 48.38
CA LYS B 238 33.16 -33.85 47.22
C LYS B 238 33.81 -34.47 45.98
N SER B 239 35.03 -34.97 46.13
CA SER B 239 35.74 -35.54 44.98
C SER B 239 35.03 -36.80 44.47
N LEU B 240 34.62 -37.68 45.37
CA LEU B 240 33.95 -38.90 44.93
C LEU B 240 32.62 -38.58 44.25
N ALA B 241 31.88 -37.62 44.79
CA ALA B 241 30.65 -37.19 44.14
C ALA B 241 30.93 -36.53 42.80
N ILE B 242 32.05 -35.79 42.71
CA ILE B 242 32.44 -35.07 41.47
C ILE B 242 32.76 -36.13 40.41
N SER B 243 33.34 -37.26 40.83
CA SER B 243 33.67 -38.36 39.86
C SER B 243 32.36 -39.06 39.49
N PHE B 244 31.44 -39.32 40.42
CA PHE B 244 30.13 -39.88 40.11
C PHE B 244 29.38 -39.00 39.12
N LEU B 245 29.44 -37.69 39.31
CA LEU B 245 28.74 -36.77 38.43
C LEU B 245 29.34 -36.81 37.03
N THR B 246 30.66 -36.99 36.94
CA THR B 246 31.28 -37.18 35.63
C THR B 246 30.71 -38.41 34.95
N GLU B 247 30.64 -39.53 35.69
CA GLU B 247 30.07 -40.75 35.12
C GLU B 247 28.63 -40.52 34.67
N LEU B 248 27.87 -39.76 35.45
CA LEU B 248 26.49 -39.45 35.06
C LEU B 248 26.44 -38.65 33.77
N PHE B 249 27.13 -37.51 33.74
CA PHE B 249 27.11 -36.64 32.58
C PHE B 249 27.63 -37.35 31.33
N GLN B 250 28.53 -38.32 31.50
CA GLN B 250 29.09 -39.00 30.34
C GLN B 250 28.06 -39.78 29.56
N LEU B 251 26.91 -40.11 30.15
CA LEU B 251 25.91 -40.94 29.50
C LEU B 251 24.63 -40.19 29.19
N GLY B 252 23.98 -39.62 30.21
CA GLY B 252 22.71 -38.96 30.04
C GLY B 252 22.77 -37.48 29.75
N GLY B 253 23.93 -36.94 29.40
CA GLY B 253 24.05 -35.51 29.25
C GLY B 253 23.81 -34.84 30.59
N LEU B 254 22.88 -33.89 30.60
CA LEU B 254 22.52 -33.23 31.86
C LEU B 254 21.06 -32.82 31.84
N PRO B 255 20.22 -33.40 32.69
CA PRO B 255 18.83 -32.96 32.77
C PRO B 255 18.77 -31.56 33.36
N ALA B 256 17.83 -30.77 32.86
CA ALA B 256 17.70 -29.38 33.30
C ALA B 256 17.37 -29.27 34.78
N GLN B 257 16.72 -30.28 35.35
CA GLN B 257 16.22 -30.18 36.71
C GLN B 257 17.38 -30.15 37.71
N PRO B 258 18.24 -31.17 37.81
CA PRO B 258 19.34 -31.09 38.77
C PRO B 258 20.44 -30.15 38.31
N ALA B 259 20.43 -29.71 37.05
CA ALA B 259 21.48 -28.82 36.56
C ALA B 259 21.51 -27.51 37.33
N SER B 260 20.37 -27.08 37.86
CA SER B 260 20.34 -25.89 38.70
C SER B 260 21.24 -26.06 39.92
N THR B 261 20.93 -27.06 40.75
CA THR B 261 21.73 -27.31 41.94
C THR B 261 23.16 -27.70 41.57
N PHE B 262 23.33 -28.42 40.46
CA PHE B 262 24.67 -28.84 40.05
C PHE B 262 25.55 -27.64 39.73
N PHE B 263 25.02 -26.70 38.94
CA PHE B 263 25.79 -25.52 38.59
C PHE B 263 25.97 -24.59 39.77
N SER B 264 25.01 -24.55 40.70
CA SER B 264 25.22 -23.76 41.92
C SER B 264 26.37 -24.34 42.73
N SER B 265 26.38 -25.66 42.94
CA SER B 265 27.48 -26.31 43.62
C SER B 265 28.79 -26.07 42.88
N PHE B 266 28.74 -26.06 41.55
CA PHE B 266 29.94 -25.83 40.76
C PHE B 266 30.48 -24.42 40.99
N LEU B 267 29.59 -23.43 41.00
CA LEU B 267 30.02 -22.06 41.22
C LEU B 267 30.61 -21.88 42.61
N GLU B 268 29.96 -22.44 43.64
CA GLU B 268 30.50 -22.28 44.99
C GLU B 268 31.81 -23.02 45.15
N LEU B 269 31.98 -24.16 44.48
CA LEU B 269 33.26 -24.86 44.51
C LEU B 269 34.35 -24.03 43.84
N LEU B 270 34.06 -23.45 42.68
CA LEU B 270 35.03 -22.58 42.02
C LEU B 270 35.43 -21.44 42.94
N LYS B 271 34.45 -20.78 43.55
CA LYS B 271 34.74 -19.68 44.46
C LYS B 271 35.62 -20.13 45.61
N HIS B 272 35.32 -21.31 46.17
CA HIS B 272 36.11 -21.82 47.28
C HIS B 272 37.53 -22.16 46.87
N LEU B 273 37.73 -22.56 45.62
CA LEU B 273 39.04 -23.05 45.17
C LEU B 273 40.17 -22.13 45.59
N VAL B 274 39.97 -20.82 45.48
CA VAL B 274 41.00 -19.87 45.89
C VAL B 274 41.32 -20.05 47.37
N GLU B 275 40.29 -20.07 48.20
CA GLU B 275 40.47 -20.21 49.65
C GLU B 275 40.42 -21.69 50.05
N MET B 276 41.28 -22.48 49.42
CA MET B 276 41.39 -23.90 49.71
C MET B 276 42.83 -24.25 50.04
N ASP B 277 43.00 -25.18 50.96
CA ASP B 277 44.34 -25.64 51.32
C ASP B 277 44.93 -26.50 50.22
N THR B 278 46.25 -26.67 50.26
CA THR B 278 46.96 -27.36 49.19
C THR B 278 46.44 -28.79 49.01
N ASP B 279 46.61 -29.63 50.03
CA ASP B 279 46.18 -31.02 49.92
C ASP B 279 44.67 -31.13 49.74
N GLN B 280 43.91 -30.21 50.35
CA GLN B 280 42.47 -30.18 50.12
C GLN B 280 42.17 -30.02 48.64
N LEU B 281 42.91 -29.14 47.96
CA LEU B 281 42.79 -29.06 46.51
C LEU B 281 43.21 -30.38 45.86
N LYS B 282 44.38 -30.89 46.24
CA LYS B 282 44.96 -32.06 45.58
C LYS B 282 43.98 -33.24 45.56
N LEU B 283 43.28 -33.46 46.67
CA LEU B 283 42.46 -34.67 46.77
C LEU B 283 41.27 -34.66 45.82
N TYR B 284 40.91 -33.51 45.26
CA TYR B 284 39.86 -33.45 44.25
C TYR B 284 40.29 -32.75 42.96
N GLU B 285 41.60 -32.49 42.80
CA GLU B 285 42.08 -31.85 41.59
C GLU B 285 41.68 -32.62 40.34
N GLU B 286 42.15 -33.86 40.23
CA GLU B 286 41.90 -34.61 39.00
C GLU B 286 40.41 -34.90 38.76
N PRO B 287 39.57 -35.22 39.75
CA PRO B 287 38.13 -35.34 39.43
C PRO B 287 37.54 -34.03 38.97
N LEU B 288 37.97 -32.91 39.57
CA LEU B 288 37.50 -31.60 39.11
C LEU B 288 37.84 -31.38 37.65
N SER B 289 39.10 -31.62 37.28
CA SER B 289 39.51 -31.40 35.89
C SER B 289 38.77 -32.35 34.95
N LYS B 290 38.57 -33.59 35.38
CA LYS B 290 37.80 -34.52 34.56
C LYS B 290 36.38 -34.01 34.36
N LEU B 291 35.78 -33.44 35.40
CA LEU B 291 34.44 -32.89 35.27
C LEU B 291 34.43 -31.70 34.34
N ILE B 292 35.47 -30.87 34.39
CA ILE B 292 35.59 -29.78 33.43
C ILE B 292 35.60 -30.33 32.01
N LYS B 293 36.55 -31.22 31.73
CA LYS B 293 36.71 -31.73 30.38
C LYS B 293 35.45 -32.45 29.91
N THR B 294 34.75 -33.13 30.80
CA THR B 294 33.55 -33.85 30.41
C THR B 294 32.39 -32.90 30.15
N LEU B 295 32.11 -32.02 31.10
CA LEU B 295 31.04 -31.04 30.91
C LEU B 295 31.40 -30.05 29.83
N PHE B 296 32.69 -29.80 29.62
CA PHE B 296 33.17 -28.89 28.57
C PHE B 296 34.13 -29.66 27.68
N PRO B 297 33.61 -30.52 26.81
CA PRO B 297 34.48 -31.25 25.88
C PRO B 297 35.03 -30.31 24.81
N PHE B 298 36.11 -30.77 24.18
CA PHE B 298 36.67 -30.02 23.06
C PHE B 298 35.70 -29.94 21.90
N GLU B 299 34.94 -31.00 21.67
CA GLU B 299 34.08 -31.09 20.49
C GLU B 299 33.08 -29.94 20.45
N ALA B 300 32.93 -29.33 19.28
CA ALA B 300 31.97 -28.26 19.10
C ALA B 300 30.54 -28.79 19.26
N GLU B 301 29.60 -27.86 19.41
CA GLU B 301 28.18 -28.09 19.70
C GLU B 301 27.97 -28.51 21.15
N ALA B 302 29.04 -28.77 21.91
CA ALA B 302 28.90 -29.14 23.32
C ALA B 302 28.14 -28.10 24.12
N TYR B 303 28.10 -26.85 23.65
CA TYR B 303 27.35 -25.81 24.33
C TYR B 303 25.85 -25.96 24.15
N ARG B 304 25.40 -26.59 23.07
CA ARG B 304 23.96 -26.76 22.85
C ARG B 304 23.32 -27.65 23.91
N ASN B 305 24.12 -28.48 24.58
CA ASN B 305 23.55 -29.39 25.57
C ASN B 305 23.04 -28.66 26.80
N ILE B 306 23.58 -27.49 27.10
CA ILE B 306 23.30 -26.78 28.34
C ILE B 306 22.68 -25.43 27.99
N GLU B 307 21.82 -24.94 28.88
CA GLU B 307 21.10 -23.71 28.63
C GLU B 307 22.04 -22.51 28.71
N PRO B 308 21.92 -21.57 27.77
CA PRO B 308 22.86 -20.42 27.74
C PRO B 308 22.87 -19.57 28.99
N VAL B 309 21.81 -19.52 29.80
CA VAL B 309 21.88 -18.75 31.02
C VAL B 309 22.77 -19.45 32.04
N TYR B 310 22.71 -20.79 32.06
CA TYR B 310 23.64 -21.57 32.86
C TYR B 310 25.07 -21.20 32.53
N LEU B 311 25.46 -21.38 31.27
CA LEU B 311 26.83 -21.12 30.88
C LEU B 311 27.17 -19.63 30.93
N ASN B 312 26.15 -18.76 30.92
CA ASN B 312 26.43 -17.34 31.07
C ASN B 312 26.81 -17.00 32.49
N MET B 313 26.10 -17.57 33.47
CA MET B 313 26.52 -17.39 34.86
C MET B 313 27.85 -18.09 35.10
N LEU B 314 28.11 -19.20 34.40
CA LEU B 314 29.44 -19.80 34.44
C LEU B 314 30.49 -18.84 33.90
N LEU B 315 30.14 -18.10 32.84
CA LEU B 315 31.07 -17.16 32.24
C LEU B 315 31.41 -16.02 33.19
N GLU B 316 30.40 -15.42 33.81
CA GLU B 316 30.67 -14.38 34.79
C GLU B 316 31.41 -14.94 35.99
N LYS B 317 31.16 -16.20 36.34
CA LYS B 317 31.89 -16.84 37.43
C LYS B 317 33.37 -16.91 37.10
N LEU B 318 33.71 -17.48 35.95
CA LEU B 318 35.10 -17.53 35.52
C LEU B 318 35.70 -16.12 35.44
N CYS B 319 34.89 -15.14 35.04
CA CYS B 319 35.37 -13.77 35.01
C CYS B 319 35.82 -13.31 36.38
N VAL B 320 34.95 -13.44 37.38
CA VAL B 320 35.31 -12.97 38.71
C VAL B 320 36.43 -13.83 39.29
N MET B 321 36.53 -15.10 38.88
CA MET B 321 37.67 -15.91 39.30
C MET B 321 38.97 -15.33 38.80
N PHE B 322 39.02 -14.97 37.52
CA PHE B 322 40.24 -14.35 36.99
C PHE B 322 40.47 -12.98 37.60
N GLU B 323 39.41 -12.28 38.02
CA GLU B 323 39.61 -11.07 38.80
C GLU B 323 40.33 -11.37 40.11
N ASP B 324 40.18 -12.58 40.63
CA ASP B 324 40.89 -13.00 41.83
C ASP B 324 42.33 -13.40 41.55
N GLY B 325 42.74 -13.48 40.28
CA GLY B 325 44.07 -13.94 39.95
C GLY B 325 44.30 -15.37 40.39
N VAL B 326 43.34 -16.25 40.05
CA VAL B 326 43.40 -17.64 40.48
C VAL B 326 44.70 -18.29 40.05
N LEU B 327 45.24 -17.89 38.91
CA LEU B 327 46.47 -18.49 38.41
C LEU B 327 47.62 -18.32 39.40
N MET B 328 47.66 -17.18 40.09
CA MET B 328 48.67 -16.99 41.13
C MET B 328 48.20 -17.56 42.46
N ARG B 329 46.93 -17.36 42.78
CA ARG B 329 46.42 -17.70 44.11
C ARG B 329 46.31 -19.20 44.31
N LEU B 330 46.18 -19.98 43.25
CA LEU B 330 46.06 -21.43 43.36
C LEU B 330 47.45 -22.05 43.47
N LYS B 331 47.47 -23.33 43.88
CA LYS B 331 48.71 -24.07 44.05
C LYS B 331 49.05 -24.96 42.86
N SER B 332 48.10 -25.78 42.41
CA SER B 332 48.37 -26.76 41.37
C SER B 332 48.09 -26.16 40.00
N ASP B 333 49.04 -26.33 39.07
CA ASP B 333 48.86 -25.88 37.71
C ASP B 333 47.86 -26.74 36.94
N LEU B 334 47.62 -27.98 37.40
CA LEU B 334 46.66 -28.84 36.72
C LEU B 334 45.27 -28.24 36.75
N LYS B 336 44.69 -25.10 37.27
CA LYS B 336 44.83 -23.93 36.43
C LYS B 336 44.72 -24.30 34.96
N ALA B 337 45.35 -25.41 34.57
CA ALA B 337 45.21 -25.87 33.20
C ALA B 337 43.76 -26.20 32.87
N ALA B 338 43.02 -26.74 33.84
CA ALA B 338 41.62 -27.10 33.61
C ALA B 338 40.77 -25.86 33.43
N LEU B 339 40.98 -24.84 34.26
CA LEU B 339 40.21 -23.60 34.09
C LEU B 339 40.58 -22.90 32.80
N CYS B 340 41.84 -22.96 32.37
CA CYS B 340 42.19 -22.39 31.08
C CYS B 340 41.55 -23.15 29.94
N HIS B 341 41.50 -24.49 30.04
CA HIS B 341 40.80 -25.27 29.04
C HIS B 341 39.31 -24.92 29.00
N LEU B 342 38.73 -24.66 30.16
CA LEU B 342 37.35 -24.17 30.23
C LEU B 342 37.22 -22.82 29.52
N LEU B 343 38.19 -21.94 29.74
CA LEU B 343 38.22 -20.67 29.04
C LEU B 343 38.25 -20.87 27.53
N GLN B 344 39.03 -21.85 27.08
CA GLN B 344 39.06 -22.20 25.65
C GLN B 344 37.69 -22.67 25.18
N TYR B 345 37.08 -23.59 25.94
CA TYR B 345 35.73 -24.05 25.63
C TYR B 345 34.80 -22.88 25.41
N PHE B 346 34.79 -21.93 26.35
CA PHE B 346 33.98 -20.73 26.18
C PHE B 346 34.32 -20.01 24.88
N LEU B 347 35.60 -19.72 24.67
CA LEU B 347 35.99 -18.79 23.62
C LEU B 347 35.74 -19.36 22.24
N LYS B 348 36.35 -20.50 21.92
CA LYS B 348 36.33 -20.92 20.52
C LYS B 348 35.20 -21.88 20.19
N PHE B 349 34.94 -22.86 21.05
CA PHE B 349 33.88 -23.83 20.74
C PHE B 349 32.51 -23.19 20.85
N VAL B 350 32.30 -22.36 21.86
CA VAL B 350 31.01 -21.72 22.10
C VAL B 350 31.00 -20.38 21.35
N PRO B 351 29.99 -20.11 20.53
CA PRO B 351 29.98 -18.84 19.79
C PRO B 351 29.76 -17.66 20.73
N ALA B 352 30.17 -16.48 20.27
CA ALA B 352 29.96 -15.26 21.03
C ALA B 352 28.57 -14.68 20.73
N GLY B 353 27.83 -14.38 21.78
CA GLY B 353 26.49 -13.84 21.66
C GLY B 353 25.37 -14.81 21.97
N TYR B 354 25.70 -16.03 22.38
CA TYR B 354 24.70 -17.04 22.69
C TYR B 354 24.33 -17.04 24.18
N GLU B 355 25.32 -17.10 25.06
CA GLU B 355 25.05 -17.04 26.49
C GLU B 355 24.59 -15.65 26.90
N SER B 356 25.46 -14.67 26.71
CA SER B 356 25.15 -13.27 26.92
C SER B 356 25.32 -12.52 25.60
N ALA B 357 25.23 -11.20 25.64
CA ALA B 357 25.45 -10.40 24.45
C ALA B 357 26.94 -10.39 24.10
N LEU B 358 27.22 -10.04 22.85
CA LEU B 358 28.62 -10.00 22.40
C LEU B 358 29.39 -8.90 23.11
N GLN B 359 28.74 -7.81 23.49
CA GLN B 359 29.42 -6.76 24.25
C GLN B 359 29.68 -7.21 25.69
N VAL B 360 28.71 -7.90 26.30
CA VAL B 360 28.90 -8.40 27.66
C VAL B 360 29.97 -9.47 27.69
N ARG B 361 29.89 -10.45 26.79
CA ARG B 361 30.94 -11.45 26.66
C ARG B 361 32.27 -10.79 26.32
N LYS B 362 32.22 -9.67 25.59
CA LYS B 362 33.44 -8.98 25.21
C LYS B 362 34.12 -8.35 26.42
N VAL B 363 33.36 -7.65 27.25
CA VAL B 363 33.96 -7.07 28.45
C VAL B 363 34.39 -8.18 29.42
N TYR B 364 33.66 -9.29 29.42
CA TYR B 364 34.09 -10.46 30.18
C TYR B 364 35.49 -10.88 29.76
N VAL B 365 35.65 -11.23 28.48
CA VAL B 365 36.95 -11.68 28.00
C VAL B 365 37.99 -10.57 28.08
N ARG B 366 37.57 -9.30 28.14
CA ARG B 366 38.51 -8.22 28.34
C ARG B 366 39.14 -8.31 29.73
N ASN B 367 38.30 -8.33 30.76
CA ASN B 367 38.81 -8.57 32.11
C ASN B 367 39.63 -9.86 32.16
N ILE B 368 39.19 -10.87 31.42
CA ILE B 368 39.90 -12.15 31.36
C ILE B 368 41.33 -11.93 30.89
N CYS B 369 41.49 -11.44 29.67
CA CYS B 369 42.82 -11.31 29.08
C CYS B 369 43.69 -10.33 29.84
N LYS B 370 43.09 -9.34 30.50
CA LYS B 370 43.88 -8.48 31.37
C LYS B 370 44.46 -9.27 32.54
N ALA B 371 43.64 -10.08 33.21
CA ALA B 371 44.16 -10.92 34.28
C ALA B 371 45.19 -11.91 33.74
N LEU B 372 44.97 -12.41 32.53
CA LEU B 372 45.92 -13.31 31.90
C LEU B 372 47.25 -12.62 31.68
N LEU B 373 47.24 -11.33 31.32
CA LEU B 373 48.47 -10.59 31.21
C LEU B 373 49.16 -10.45 32.56
N ASP B 374 48.40 -10.05 33.59
CA ASP B 374 48.98 -9.90 34.91
C ASP B 374 49.66 -11.17 35.37
N VAL B 375 49.03 -12.33 35.11
CA VAL B 375 49.67 -13.58 35.50
C VAL B 375 50.78 -13.98 34.53
N LEU B 376 50.70 -13.54 33.27
CA LEU B 376 51.77 -13.77 32.32
C LEU B 376 53.06 -13.13 32.77
N GLY B 377 52.98 -11.96 33.41
CA GLY B 377 54.18 -11.29 33.88
C GLY B 377 55.06 -12.20 34.73
N ILE B 378 54.45 -13.06 35.54
CA ILE B 378 55.17 -13.92 36.47
C ILE B 378 54.58 -15.32 36.40
N GLU B 379 55.25 -16.22 35.67
CA GLU B 379 54.89 -17.63 35.64
C GLU B 379 56.13 -18.46 35.32
N VAL B 380 56.16 -19.69 35.79
CA VAL B 380 57.27 -20.60 35.54
C VAL B 380 57.04 -21.40 34.26
N ASP B 381 55.79 -21.79 33.99
CA ASP B 381 55.44 -22.49 32.75
C ASP B 381 54.28 -21.76 32.09
N ALA B 382 54.23 -21.84 30.77
CA ALA B 382 53.30 -21.06 29.97
C ALA B 382 52.34 -21.91 29.16
N GLU B 383 52.48 -23.23 29.19
CA GLU B 383 51.70 -24.08 28.30
C GLU B 383 50.21 -23.90 28.51
N TYR B 384 49.76 -23.91 29.76
CA TYR B 384 48.34 -23.76 30.03
C TYR B 384 47.86 -22.32 29.88
N LEU B 385 48.76 -21.37 29.66
CA LEU B 385 48.37 -19.99 29.46
C LEU B 385 48.50 -19.53 28.01
N LEU B 386 49.48 -20.04 27.27
CA LEU B 386 49.70 -19.56 25.91
C LEU B 386 48.51 -19.87 25.01
N GLY B 387 47.87 -21.02 25.22
CA GLY B 387 46.71 -21.41 24.45
C GLY B 387 45.55 -20.45 24.58
N PRO B 388 45.22 -20.08 25.83
CA PRO B 388 44.21 -19.01 26.02
C PRO B 388 44.49 -17.75 25.22
N LEU B 389 45.70 -17.21 25.33
CA LEU B 389 46.04 -16.01 24.58
C LEU B 389 45.94 -16.24 23.09
N TYR B 390 46.36 -17.41 22.62
CA TYR B 390 46.26 -17.71 21.20
C TYR B 390 44.82 -17.70 20.75
N ALA B 391 43.91 -18.30 21.52
CA ALA B 391 42.51 -18.33 21.15
C ALA B 391 41.92 -16.91 21.13
N ALA B 392 42.25 -16.12 22.16
CA ALA B 392 41.72 -14.76 22.23
C ALA B 392 42.19 -13.92 21.04
N LEU B 393 43.50 -13.91 20.81
CA LEU B 393 44.04 -13.15 19.68
C LEU B 393 43.55 -13.72 18.36
N LYS B 394 43.23 -15.02 18.31
CA LYS B 394 42.70 -15.62 17.10
C LYS B 394 41.32 -15.06 16.78
N MET B 395 40.44 -15.02 17.79
CA MET B 395 39.12 -14.42 17.57
C MET B 395 39.24 -12.94 17.23
N GLU B 396 40.21 -12.26 17.84
CA GLU B 396 40.46 -10.86 17.47
C GLU B 396 40.87 -10.75 16.00
N SER B 397 41.76 -11.63 15.55
CA SER B 397 42.17 -11.64 14.15
C SER B 397 40.96 -11.87 13.24
N MET B 398 40.10 -12.82 13.61
CA MET B 398 38.94 -13.13 12.78
C MET B 398 37.99 -11.94 12.69
N GLU B 399 37.71 -11.28 13.81
CA GLU B 399 36.82 -10.12 13.74
C GLU B 399 37.46 -8.97 12.97
N ILE B 400 38.79 -8.81 13.07
CA ILE B 400 39.47 -7.79 12.27
C ILE B 400 39.33 -8.10 10.79
N ILE B 401 39.53 -9.36 10.42
CA ILE B 401 39.37 -9.77 9.02
C ILE B 401 37.95 -9.49 8.55
N GLU B 402 36.97 -9.77 9.41
CA GLU B 402 35.58 -9.54 9.03
C GLU B 402 35.30 -8.06 8.83
N GLU B 403 35.83 -7.20 9.71
CA GLU B 403 35.62 -5.77 9.53
C GLU B 403 36.47 -5.17 8.43
N ILE B 404 37.42 -5.93 7.88
CA ILE B 404 38.16 -5.51 6.69
C ILE B 404 37.83 -6.53 5.60
N GLN B 405 36.58 -7.02 5.61
CA GLN B 405 36.09 -8.12 4.78
C GLN B 405 36.65 -8.15 3.36
N CYS B 406 36.86 -6.99 2.74
CA CYS B 406 37.39 -6.91 1.39
C CYS B 406 38.43 -5.82 1.19
N GLN B 407 38.53 -4.85 2.10
CA GLN B 407 39.50 -3.77 1.97
C GLN B 407 40.91 -4.30 2.16
N ILE B 444 45.10 -2.84 -1.56
CA ILE B 444 45.22 -3.73 -0.42
C ILE B 444 45.42 -2.92 0.85
N LYS B 445 44.80 -3.38 1.95
CA LYS B 445 44.81 -2.66 3.21
C LYS B 445 45.87 -3.22 4.13
N HIS B 446 46.67 -2.35 4.72
CA HIS B 446 47.68 -2.71 5.71
C HIS B 446 47.15 -2.35 7.09
N VAL B 447 46.99 -3.35 7.96
CA VAL B 447 46.36 -3.17 9.26
C VAL B 447 47.34 -3.63 10.34
N ASP B 448 47.18 -3.05 11.53
CA ASP B 448 48.04 -3.31 12.67
C ASP B 448 47.20 -3.61 13.90
N MET B 449 47.44 -4.76 14.52
CA MET B 449 46.70 -5.15 15.71
C MET B 449 47.26 -4.56 16.99
N ASN B 450 48.48 -4.00 16.98
CA ASN B 450 48.92 -3.20 18.12
C ASN B 450 48.04 -1.97 18.28
N GLN B 451 47.41 -1.53 17.19
CA GLN B 451 46.42 -0.47 17.22
C GLN B 451 45.00 -1.00 17.29
N LYS B 452 44.66 -1.98 16.45
CA LYS B 452 43.29 -2.49 16.42
C LYS B 452 42.94 -3.26 17.68
N SER B 453 43.88 -4.05 18.20
CA SER B 453 43.65 -4.88 19.37
C SER B 453 44.30 -4.22 20.58
N ILE B 454 43.47 -3.76 21.53
CA ILE B 454 44.00 -3.29 22.80
C ILE B 454 44.72 -4.43 23.51
N LEU B 455 44.27 -5.66 23.31
CA LEU B 455 44.94 -6.82 23.90
C LEU B 455 46.34 -6.98 23.33
N TRP B 456 46.50 -6.81 22.01
CA TRP B 456 47.83 -6.93 21.43
C TRP B 456 48.74 -5.80 21.89
N SER B 457 48.18 -4.60 22.06
CA SER B 457 48.98 -3.50 22.59
C SER B 457 49.45 -3.80 24.01
N ALA B 458 48.56 -4.35 24.84
CA ALA B 458 48.95 -4.71 26.20
C ALA B 458 49.98 -5.84 26.19
N LEU B 459 49.85 -6.77 25.23
CA LEU B 459 50.88 -7.80 25.05
C LEU B 459 52.23 -7.19 24.72
N LYS B 460 52.24 -6.21 23.81
CA LYS B 460 53.47 -5.50 23.51
C LYS B 460 54.03 -4.82 24.75
N GLN B 461 53.16 -4.21 25.55
CA GLN B 461 53.61 -3.56 26.78
C GLN B 461 54.26 -4.56 27.72
N LYS B 462 53.63 -5.72 27.91
CA LYS B 462 54.21 -6.75 28.76
C LYS B 462 55.56 -7.21 28.23
N ALA B 463 55.64 -7.47 26.93
CA ALA B 463 56.90 -7.91 26.32
C ALA B 463 58.00 -6.88 26.57
N GLU B 464 57.76 -5.63 26.18
CA GLU B 464 58.79 -4.61 26.30
C GLU B 464 59.14 -4.34 27.76
N SER B 465 58.16 -4.46 28.67
CA SER B 465 58.45 -4.21 30.08
C SER B 465 59.35 -5.29 30.64
N LEU B 466 59.02 -6.56 30.39
CA LEU B 466 59.88 -7.63 30.87
C LEU B 466 61.26 -7.55 30.23
N GLN B 467 61.33 -7.20 28.95
CA GLN B 467 62.63 -7.13 28.27
C GLN B 467 63.47 -5.96 28.80
N ILE B 468 62.84 -4.83 29.11
CA ILE B 468 63.60 -3.70 29.63
C ILE B 468 64.01 -3.94 31.07
N SER B 469 63.19 -4.69 31.84
CA SER B 469 63.62 -5.10 33.17
C SER B 469 64.83 -6.03 33.08
N LEU B 470 64.81 -6.95 32.12
CA LEU B 470 65.98 -7.76 31.83
C LEU B 470 67.19 -6.90 31.56
N GLU B 471 67.06 -5.97 30.60
CA GLU B 471 68.21 -5.13 30.21
C GLU B 471 68.74 -4.32 31.39
N TYR B 472 67.84 -3.78 32.21
CA TYR B 472 68.27 -3.02 33.38
C TYR B 472 69.03 -3.91 34.35
N SER B 473 68.42 -5.01 34.76
CA SER B 473 69.08 -5.96 35.66
C SER B 473 68.42 -7.32 35.49
N GLY B 474 69.17 -8.29 34.97
CA GLY B 474 68.68 -9.66 34.94
C GLY B 474 68.67 -10.34 36.28
N LEU B 475 69.47 -9.83 37.23
CA LEU B 475 69.54 -10.44 38.56
C LEU B 475 68.39 -9.99 39.45
N LYS B 476 67.92 -8.75 39.27
CA LYS B 476 66.85 -8.23 40.10
C LYS B 476 65.48 -8.80 39.73
N ASN B 477 65.40 -9.64 38.71
CA ASN B 477 64.15 -10.19 38.21
C ASN B 477 64.17 -11.71 38.29
N PRO B 478 63.00 -12.35 38.27
CA PRO B 478 62.96 -13.82 38.22
C PRO B 478 63.37 -14.32 36.84
N VAL B 479 64.69 -14.47 36.64
CA VAL B 479 65.25 -14.75 35.33
C VAL B 479 64.51 -15.89 34.63
N ILE B 480 64.06 -16.89 35.40
CA ILE B 480 63.30 -17.98 34.80
C ILE B 480 61.92 -17.50 34.35
N GLU B 481 61.25 -16.72 35.20
CA GLU B 481 59.85 -16.37 34.93
C GLU B 481 59.73 -15.12 34.07
N MET B 482 60.64 -14.15 34.24
CA MET B 482 60.67 -13.01 33.32
C MET B 482 60.91 -13.49 31.89
N LEU B 483 61.94 -14.30 31.69
CA LEU B 483 62.18 -14.85 30.37
C LEU B 483 61.05 -15.79 29.95
N GLU B 484 60.40 -16.46 30.91
CA GLU B 484 59.23 -17.24 30.57
C GLU B 484 58.17 -16.38 29.88
N GLY B 485 57.79 -15.27 30.52
CA GLY B 485 56.79 -14.40 29.94
C GLY B 485 57.22 -13.78 28.62
N ILE B 486 58.50 -13.41 28.52
CA ILE B 486 59.03 -12.93 27.25
C ILE B 486 58.82 -13.99 26.17
N ALA B 487 59.14 -15.23 26.48
CA ALA B 487 58.89 -16.32 25.54
C ALA B 487 57.41 -16.43 25.21
N VAL B 488 56.55 -16.31 26.21
CA VAL B 488 55.11 -16.40 25.97
C VAL B 488 54.69 -15.42 24.89
N VAL B 489 54.97 -14.14 25.13
CA VAL B 489 54.51 -13.12 24.18
C VAL B 489 55.16 -13.33 22.82
N LEU B 490 56.43 -13.71 22.80
CA LEU B 490 57.14 -13.85 21.53
C LEU B 490 56.58 -15.00 20.70
N GLN B 491 56.42 -16.18 21.31
CA GLN B 491 55.90 -17.29 20.53
C GLN B 491 54.41 -17.19 20.27
N LEU B 492 53.66 -16.42 21.06
CA LEU B 492 52.30 -16.09 20.66
C LEU B 492 52.31 -15.25 19.38
N THR B 493 53.11 -14.18 19.40
CA THR B 493 53.34 -13.37 18.20
C THR B 493 53.62 -14.26 17.01
N ALA B 494 54.62 -15.14 17.14
CA ALA B 494 55.01 -16.00 16.02
C ALA B 494 53.91 -16.97 15.65
N LEU B 495 53.19 -17.50 16.65
CA LEU B 495 52.03 -18.38 16.37
C LEU B 495 51.01 -17.56 15.58
N CYS B 496 50.72 -16.33 15.97
CA CYS B 496 49.80 -15.37 15.28
C CYS B 496 50.38 -15.02 13.90
N THR B 497 51.69 -14.85 13.82
CA THR B 497 52.34 -14.53 12.56
C THR B 497 51.95 -15.62 11.60
N VAL B 498 51.89 -16.87 12.06
CA VAL B 498 51.65 -17.98 11.14
C VAL B 498 50.18 -18.37 11.12
N HIS B 499 49.35 -17.86 12.05
CA HIS B 499 47.96 -18.24 12.07
C HIS B 499 46.98 -17.08 11.90
N CYS B 500 47.09 -16.02 12.71
CA CYS B 500 46.11 -14.94 12.67
C CYS B 500 46.05 -14.28 11.30
N SER B 501 47.19 -14.18 10.63
CA SER B 501 47.28 -13.36 9.41
C SER B 501 46.35 -13.90 8.33
N HIS B 502 45.89 -12.98 7.47
CA HIS B 502 44.94 -13.37 6.42
C HIS B 502 45.55 -14.35 5.44
N GLN B 503 46.88 -14.30 5.25
CA GLN B 503 47.54 -15.26 4.38
C GLN B 503 47.52 -16.68 4.94
N ASN B 504 47.03 -16.86 6.16
CA ASN B 504 46.99 -18.19 6.77
C ASN B 504 45.64 -18.88 6.62
N MET B 505 44.58 -18.13 6.37
CA MET B 505 43.25 -18.72 6.19
C MET B 505 43.00 -19.01 4.72
N SER B 522 44.44 -9.67 0.75
CA SER B 522 43.46 -8.60 0.91
C SER B 522 43.76 -7.77 2.14
N VAL B 523 44.19 -8.45 3.21
CA VAL B 523 44.48 -7.81 4.49
C VAL B 523 45.95 -8.03 4.80
N VAL B 524 46.68 -6.95 5.03
CA VAL B 524 48.10 -7.00 5.35
C VAL B 524 48.25 -6.65 6.82
N ILE B 525 48.52 -7.66 7.64
CA ILE B 525 48.71 -7.42 9.07
C ILE B 525 50.15 -7.04 9.34
N THR B 526 50.36 -6.24 10.38
CA THR B 526 51.68 -5.88 10.85
C THR B 526 51.78 -6.33 12.30
N TRP B 527 52.63 -7.32 12.57
CA TRP B 527 52.82 -7.84 13.90
C TRP B 527 53.95 -7.09 14.60
N MET B 528 54.43 -7.63 15.71
CA MET B 528 55.53 -6.99 16.43
C MET B 528 56.74 -6.83 15.52
N SER B 529 57.39 -5.68 15.61
CA SER B 529 58.45 -5.33 14.68
C SER B 529 59.71 -6.15 14.96
N LEU B 530 60.57 -6.19 13.94
CA LEU B 530 61.79 -7.00 14.01
C LEU B 530 62.87 -6.36 14.86
N ASP B 531 62.87 -5.03 15.00
CA ASP B 531 63.83 -4.38 15.90
C ASP B 531 63.66 -4.86 17.32
N PHE B 532 62.42 -5.08 17.75
CA PHE B 532 62.20 -5.70 19.05
C PHE B 532 62.79 -7.10 19.10
N TYR B 533 62.74 -7.83 17.98
CA TYR B 533 63.26 -9.19 17.97
C TYR B 533 64.77 -9.20 18.10
N THR B 534 65.47 -8.30 17.40
CA THR B 534 66.92 -8.25 17.58
C THR B 534 67.30 -7.65 18.93
N LYS B 535 66.43 -6.82 19.50
CA LYS B 535 66.63 -6.42 20.89
C LYS B 535 66.59 -7.62 21.82
N VAL B 536 65.62 -8.51 21.62
CA VAL B 536 65.57 -9.75 22.38
C VAL B 536 66.78 -10.61 22.09
N LEU B 537 67.30 -10.56 20.87
CA LEU B 537 68.51 -11.31 20.55
C LEU B 537 69.69 -10.83 21.38
N LYS B 538 69.93 -9.52 21.39
CA LYS B 538 70.98 -8.96 22.24
C LYS B 538 70.72 -9.27 23.71
N SER B 539 69.44 -9.28 24.10
CA SER B 539 69.09 -9.57 25.48
C SER B 539 69.51 -10.99 25.86
N CYS B 540 69.09 -11.98 25.08
CA CYS B 540 69.44 -13.36 25.41
C CYS B 540 70.93 -13.59 25.29
N ARG B 541 71.62 -12.85 24.42
CA ARG B 541 73.08 -12.88 24.41
C ARG B 541 73.63 -12.44 25.77
N SER B 542 73.17 -11.29 26.26
CA SER B 542 73.60 -10.82 27.57
C SER B 542 73.26 -11.82 28.67
N LEU B 543 72.16 -12.55 28.52
CA LEU B 543 71.83 -13.59 29.48
C LEU B 543 72.85 -14.72 29.43
N LEU B 544 73.13 -15.24 28.23
CA LEU B 544 74.20 -16.22 28.09
C LEU B 544 75.48 -15.71 28.73
N GLU B 545 75.68 -14.40 28.76
CA GLU B 545 76.80 -13.83 29.50
C GLU B 545 76.52 -13.82 30.99
N SER B 546 75.45 -13.13 31.40
CA SER B 546 75.22 -12.82 32.82
C SER B 546 74.25 -13.82 33.43
N VAL B 547 74.79 -14.98 33.81
CA VAL B 547 74.02 -15.95 34.57
C VAL B 547 74.73 -16.47 35.82
N GLN B 548 76.07 -16.48 35.87
CA GLN B 548 76.83 -17.25 36.85
C GLN B 548 76.52 -18.74 36.68
N LYS B 549 75.72 -19.05 35.65
CA LYS B 549 75.35 -20.46 35.36
C LYS B 549 74.80 -21.13 36.64
N LEU B 550 73.72 -20.59 37.21
CA LEU B 550 73.06 -21.26 38.35
C LEU B 550 72.59 -22.62 37.82
N ASP B 551 71.31 -22.80 37.49
CA ASP B 551 70.91 -24.07 36.84
C ASP B 551 71.58 -24.21 35.47
N LEU B 552 71.60 -23.16 34.62
CA LEU B 552 72.09 -23.20 33.21
C LEU B 552 71.15 -24.04 32.29
N GLU B 553 70.33 -24.95 32.85
CA GLU B 553 69.43 -25.88 32.17
C GLU B 553 68.09 -25.23 31.82
N ALA B 554 67.34 -24.84 32.84
CA ALA B 554 66.02 -24.24 32.58
C ALA B 554 66.17 -22.92 31.84
N THR B 555 67.22 -22.15 32.16
CA THR B 555 67.40 -20.86 31.51
C THR B 555 67.70 -21.03 30.03
N ILE B 556 68.61 -21.94 29.67
CA ILE B 556 68.86 -22.08 28.23
C ILE B 556 67.72 -22.81 27.54
N ASP B 557 66.94 -23.61 28.27
CA ASP B 557 65.70 -24.14 27.70
C ASP B 557 64.74 -23.02 27.34
N LYS B 558 64.62 -22.03 28.22
CA LYS B 558 63.80 -20.87 27.90
C LYS B 558 64.35 -20.11 26.69
N VAL B 559 65.69 -19.97 26.64
CA VAL B 559 66.29 -19.24 25.52
C VAL B 559 66.03 -19.97 24.20
N VAL B 560 66.09 -21.30 24.20
CA VAL B 560 65.83 -22.02 22.96
C VAL B 560 64.33 -22.03 22.65
N LYS B 561 63.48 -21.88 23.66
CA LYS B 561 62.07 -21.61 23.37
C LYS B 561 61.90 -20.31 22.61
N ILE B 562 62.58 -19.26 23.08
CA ILE B 562 62.59 -17.99 22.33
C ILE B 562 63.11 -18.20 20.93
N TYR B 563 64.15 -19.03 20.80
CA TYR B 563 64.74 -19.30 19.49
C TYR B 563 63.74 -19.97 18.56
N ASP B 564 63.00 -20.96 19.07
CA ASP B 564 61.99 -21.63 18.27
C ASP B 564 60.88 -20.66 17.88
N ALA B 565 60.54 -19.74 18.78
CA ALA B 565 59.59 -18.69 18.45
C ALA B 565 60.10 -17.87 17.26
N LEU B 566 61.36 -17.45 17.33
CA LEU B 566 61.93 -16.66 16.24
C LEU B 566 61.92 -17.45 14.94
N ILE B 567 62.27 -18.73 14.99
CA ILE B 567 62.34 -19.50 13.76
C ILE B 567 60.95 -19.82 13.22
N TYR B 568 59.93 -19.83 14.09
CA TYR B 568 58.57 -19.91 13.59
C TYR B 568 58.19 -18.63 12.86
N MET B 569 58.57 -17.48 13.42
CA MET B 569 58.38 -16.22 12.72
C MET B 569 59.08 -16.25 11.36
N GLN B 570 60.26 -16.87 11.30
CA GLN B 570 60.97 -16.92 10.04
C GLN B 570 60.35 -17.92 9.06
N VAL B 571 59.79 -19.02 9.55
CA VAL B 571 59.18 -19.97 8.63
C VAL B 571 57.91 -19.39 8.06
N ASN B 572 57.26 -18.47 8.77
CA ASN B 572 56.17 -17.75 8.10
C ASN B 572 56.71 -16.67 7.15
N SER B 573 57.75 -15.96 7.57
CA SER B 573 58.37 -14.96 6.69
C SER B 573 59.87 -14.91 6.99
N SER B 574 60.69 -15.27 6.01
CA SER B 574 62.12 -15.35 6.23
C SER B 574 62.70 -14.01 6.64
N PHE B 575 63.83 -14.06 7.34
CA PHE B 575 64.48 -12.87 7.87
C PHE B 575 65.57 -12.37 6.91
N GLU B 576 66.16 -11.25 7.29
CA GLU B 576 67.38 -10.80 6.63
C GLU B 576 68.51 -11.78 6.90
N ASP B 577 69.38 -11.96 5.90
CA ASP B 577 70.35 -13.04 5.95
C ASP B 577 71.38 -12.85 7.05
N HIS B 578 71.68 -11.61 7.43
CA HIS B 578 72.68 -11.38 8.47
C HIS B 578 72.09 -11.61 9.86
N ILE B 579 70.89 -11.11 10.13
CA ILE B 579 70.22 -11.46 11.38
C ILE B 579 69.93 -12.95 11.39
N LEU B 580 69.64 -13.53 10.22
CA LEU B 580 69.49 -14.98 10.13
C LEU B 580 70.76 -15.69 10.56
N GLU B 581 71.91 -15.18 10.13
CA GLU B 581 73.19 -15.76 10.56
C GLU B 581 73.36 -15.62 12.06
N ASP B 582 72.99 -14.47 12.62
CA ASP B 582 73.03 -14.29 14.07
C ASP B 582 72.23 -15.38 14.77
N LEU B 583 71.04 -15.69 14.23
CA LEU B 583 70.23 -16.76 14.81
C LEU B 583 70.91 -18.11 14.65
N CYS B 584 71.50 -18.38 13.48
CA CYS B 584 72.23 -19.62 13.28
C CYS B 584 73.30 -19.79 14.34
N GLY B 585 74.04 -18.72 14.63
CA GLY B 585 75.07 -18.79 15.65
C GLY B 585 74.48 -18.98 17.04
N MET B 586 73.33 -18.35 17.30
CA MET B 586 72.66 -18.54 18.59
C MET B 586 72.30 -19.99 18.80
N LEU B 587 71.84 -20.67 17.74
CA LEU B 587 71.50 -22.07 17.88
C LEU B 587 72.72 -22.98 17.88
N SER B 588 73.79 -22.61 17.21
CA SER B 588 74.96 -23.47 17.19
C SER B 588 75.84 -23.30 18.41
N LEU B 589 75.65 -22.22 19.17
CA LEU B 589 76.44 -21.98 20.38
C LEU B 589 76.56 -23.19 21.29
N PRO B 590 75.49 -23.94 21.59
CA PRO B 590 75.66 -25.14 22.39
C PRO B 590 76.53 -26.18 21.70
N TRP B 591 77.34 -26.88 22.50
CA TRP B 591 78.18 -28.02 22.09
C TRP B 591 78.99 -27.73 20.83
N ILE B 592 79.13 -26.44 20.49
CA ILE B 592 80.17 -26.03 19.55
C ILE B 592 81.54 -26.40 20.12
N TYR B 593 81.67 -26.47 21.44
CA TYR B 593 82.90 -26.92 22.06
C TYR B 593 83.02 -28.43 22.09
N SER B 594 81.95 -29.14 21.71
CA SER B 594 82.08 -30.54 21.35
C SER B 594 82.47 -30.72 19.89
N HIS B 595 82.06 -29.82 19.00
CA HIS B 595 82.50 -29.91 17.61
C HIS B 595 83.25 -28.67 17.13
N SER B 596 84.19 -28.15 17.93
CA SER B 596 84.91 -26.93 17.58
C SER B 596 85.93 -27.11 16.46
N ASP B 597 86.27 -28.34 16.07
CA ASP B 597 87.37 -28.57 15.14
C ASP B 597 86.87 -29.30 13.90
N ASP B 598 86.34 -28.54 12.94
CA ASP B 598 86.02 -29.03 11.61
C ASP B 598 86.46 -27.96 10.61
N GLY B 599 86.14 -28.18 9.34
CA GLY B 599 86.58 -27.27 8.30
C GLY B 599 85.93 -25.90 8.39
N CYS B 600 84.60 -25.86 8.35
CA CYS B 600 83.86 -24.61 8.38
C CYS B 600 83.74 -24.01 9.78
N LEU B 601 84.42 -24.59 10.78
CA LEU B 601 84.33 -24.05 12.13
C LEU B 601 84.96 -22.67 12.22
N LYS B 602 86.08 -22.47 11.54
CA LYS B 602 86.73 -21.17 11.53
C LYS B 602 86.26 -20.29 10.40
N LEU B 603 85.59 -20.87 9.38
CA LEU B 603 85.09 -20.07 8.27
C LEU B 603 83.87 -19.25 8.67
N THR B 604 83.04 -19.80 9.55
CA THR B 604 81.86 -19.07 10.00
C THR B 604 82.24 -17.96 10.97
N THR B 605 81.37 -16.94 11.04
CA THR B 605 81.69 -15.71 11.73
C THR B 605 81.09 -15.63 13.13
N PHE B 606 80.11 -16.46 13.47
CA PHE B 606 79.52 -16.38 14.79
C PHE B 606 80.40 -17.02 15.86
N ALA B 607 81.24 -17.98 15.48
CA ALA B 607 82.00 -18.73 16.47
C ALA B 607 82.99 -17.83 17.20
N ALA B 608 83.67 -16.95 16.46
CA ALA B 608 84.65 -16.05 17.05
C ALA B 608 84.07 -15.12 18.10
N ASN B 609 82.74 -15.08 18.23
CA ASN B 609 82.10 -14.30 19.28
C ASN B 609 81.33 -15.13 20.28
N LEU B 610 80.85 -16.33 19.89
CA LEU B 610 80.18 -17.18 20.86
C LEU B 610 81.15 -17.95 21.75
N LEU B 611 82.41 -18.10 21.32
CA LEU B 611 83.37 -18.99 21.96
C LEU B 611 83.24 -19.08 23.49
N THR B 612 83.16 -17.93 24.18
CA THR B 612 83.19 -17.96 25.65
C THR B 612 81.87 -18.48 26.22
N LEU B 613 80.74 -17.91 25.80
CA LEU B 613 79.44 -18.35 26.32
C LEU B 613 79.17 -19.80 25.96
N SER B 614 79.76 -20.25 24.85
CA SER B 614 79.63 -21.66 24.47
C SER B 614 80.52 -22.54 25.34
N CYS B 615 81.71 -22.05 25.71
CA CYS B 615 82.52 -22.74 26.70
C CYS B 615 81.75 -22.89 28.01
N ARG B 616 80.93 -21.89 28.35
CA ARG B 616 80.10 -21.99 29.54
C ARG B 616 79.04 -23.10 29.41
N ILE B 617 78.63 -23.44 28.20
CA ILE B 617 77.52 -24.35 27.95
C ILE B 617 78.01 -25.67 27.35
N SER B 618 79.28 -26.00 27.56
CA SER B 618 79.88 -27.16 26.91
C SER B 618 79.14 -28.45 27.24
N ASP B 619 79.16 -28.85 28.51
CA ASP B 619 78.54 -30.10 28.93
C ASP B 619 77.22 -29.93 29.66
N SER B 620 76.98 -28.77 30.27
CA SER B 620 75.74 -28.55 31.02
C SER B 620 74.52 -28.55 30.10
N TYR B 621 74.72 -28.26 28.82
CA TYR B 621 73.60 -28.16 27.87
C TYR B 621 72.84 -29.48 27.79
N SER B 622 71.52 -29.40 27.91
CA SER B 622 70.71 -30.61 27.98
C SER B 622 70.57 -31.24 26.59
N PRO B 623 70.49 -32.57 26.52
CA PRO B 623 70.34 -33.22 25.21
C PRO B 623 69.02 -32.87 24.51
N GLN B 624 67.94 -32.67 25.25
CA GLN B 624 66.69 -32.25 24.61
C GLN B 624 66.87 -30.88 23.96
N ALA B 625 67.56 -29.97 24.63
CA ALA B 625 67.85 -28.68 24.03
C ALA B 625 68.77 -28.82 22.82
N GLN B 626 69.67 -29.81 22.85
CA GLN B 626 70.47 -30.11 21.65
C GLN B 626 69.56 -30.50 20.51
N SER B 627 68.63 -31.42 20.76
CA SER B 627 67.61 -31.77 19.79
C SER B 627 66.95 -30.53 19.22
N ARG B 628 66.50 -29.63 20.09
CA ARG B 628 65.80 -28.44 19.65
C ARG B 628 66.67 -27.60 18.71
N CYS B 629 67.90 -27.28 19.15
CA CYS B 629 68.72 -26.36 18.39
C CYS B 629 69.16 -26.97 17.08
N VAL B 630 69.44 -28.28 17.05
CA VAL B 630 69.83 -28.89 15.79
C VAL B 630 68.65 -28.90 14.82
N PHE B 631 67.44 -29.16 15.34
CA PHE B 631 66.26 -29.08 14.48
C PHE B 631 66.14 -27.70 13.87
N LEU B 632 66.20 -26.66 14.71
CA LEU B 632 66.08 -25.31 14.21
C LEU B 632 67.15 -24.99 13.18
N LEU B 633 68.40 -25.39 13.44
CA LEU B 633 69.47 -25.14 12.49
C LEU B 633 69.17 -25.80 11.15
N THR B 634 68.62 -27.01 11.17
CA THR B 634 68.20 -27.64 9.91
C THR B 634 67.12 -26.84 9.22
N LEU B 635 66.16 -26.30 9.99
CA LEU B 635 65.07 -25.55 9.38
C LEU B 635 65.53 -24.28 8.69
N PHE B 636 66.78 -23.87 8.86
CA PHE B 636 67.28 -22.71 8.14
C PHE B 636 67.42 -23.03 6.65
N PRO B 637 67.35 -22.01 5.79
CA PRO B 637 67.55 -22.26 4.35
C PRO B 637 68.97 -22.69 4.04
N ARG B 638 69.10 -23.39 2.91
CA ARG B 638 70.38 -23.94 2.49
C ARG B 638 71.38 -22.86 2.09
N ARG B 639 70.92 -21.64 1.81
CA ARG B 639 71.81 -20.60 1.32
C ARG B 639 72.81 -20.14 2.37
N ILE B 640 72.58 -20.46 3.65
CA ILE B 640 73.41 -19.99 4.74
C ILE B 640 74.02 -21.19 5.45
N PHE B 641 75.34 -21.33 5.33
CA PHE B 641 76.10 -22.32 6.10
C PHE B 641 75.56 -23.73 5.90
N LEU B 642 75.21 -24.04 4.65
CA LEU B 642 74.69 -25.36 4.31
C LEU B 642 75.61 -26.47 4.82
N GLU B 643 76.88 -26.39 4.46
CA GLU B 643 77.85 -27.38 4.94
C GLU B 643 77.95 -27.36 6.46
N TRP B 644 77.66 -26.22 7.08
CA TRP B 644 77.69 -26.17 8.55
C TRP B 644 76.52 -26.96 9.14
N ARG B 645 75.33 -26.84 8.54
CA ARG B 645 74.21 -27.68 8.96
C ARG B 645 74.53 -29.15 8.75
N THR B 646 75.12 -29.48 7.60
CA THR B 646 75.56 -30.85 7.36
C THR B 646 76.51 -31.32 8.46
N ALA B 647 77.45 -30.48 8.86
CA ALA B 647 78.44 -30.87 9.85
C ALA B 647 77.81 -31.06 11.23
N VAL B 648 76.93 -30.15 11.64
CA VAL B 648 76.27 -30.30 12.93
C VAL B 648 75.41 -31.56 12.95
N TYR B 649 74.74 -31.86 11.83
CA TYR B 649 73.98 -33.11 11.78
C TYR B 649 74.90 -34.31 11.90
N ASN B 650 75.96 -34.35 11.10
CA ASN B 650 76.89 -35.48 11.14
C ASN B 650 77.47 -35.67 12.53
N TRP B 651 77.72 -34.58 13.26
CA TRP B 651 78.17 -34.72 14.65
C TRP B 651 77.06 -35.28 15.52
N ALA B 652 75.82 -34.84 15.29
CA ALA B 652 74.67 -35.37 16.02
C ALA B 652 74.04 -36.58 15.34
N LEU B 653 74.65 -37.07 14.27
CA LEU B 653 74.04 -38.15 13.48
C LEU B 653 73.88 -39.42 14.29
N GLN B 654 74.98 -39.93 14.86
CA GLN B 654 74.99 -41.24 15.49
C GLN B 654 75.21 -41.16 16.99
N SER B 655 74.96 -40.01 17.60
CA SER B 655 75.15 -39.88 19.04
C SER B 655 74.14 -40.74 19.79
N SER B 656 74.52 -41.11 21.02
CA SER B 656 73.77 -42.14 21.74
C SER B 656 72.36 -41.67 22.08
N HIS B 657 72.20 -40.40 22.43
CA HIS B 657 70.93 -39.93 22.96
C HIS B 657 69.82 -40.05 21.93
N GLU B 658 68.65 -40.47 22.40
CA GLU B 658 67.53 -40.74 21.51
C GLU B 658 66.94 -39.44 20.96
N VAL B 659 66.85 -38.42 21.80
CA VAL B 659 66.16 -37.19 21.42
C VAL B 659 66.92 -36.44 20.33
N ILE B 660 68.25 -36.36 20.47
CA ILE B 660 69.03 -35.62 19.46
C ILE B 660 69.03 -36.37 18.15
N ARG B 661 69.06 -37.70 18.20
CA ARG B 661 68.99 -38.50 16.99
C ARG B 661 67.67 -38.26 16.26
N ALA B 662 66.57 -38.34 16.99
CA ALA B 662 65.26 -38.10 16.39
C ALA B 662 65.19 -36.71 15.76
N SER B 663 65.62 -35.69 16.51
CA SER B 663 65.51 -34.32 16.01
C SER B 663 66.41 -34.10 14.80
N CYS B 664 67.63 -34.64 14.82
CA CYS B 664 68.54 -34.37 13.73
C CYS B 664 68.09 -35.07 12.46
N VAL B 665 67.52 -36.28 12.59
CA VAL B 665 67.03 -36.94 11.38
C VAL B 665 65.76 -36.26 10.87
N SER B 666 64.91 -35.76 11.78
CA SER B 666 63.74 -35.01 11.35
C SER B 666 64.11 -33.65 10.79
N GLY B 667 65.33 -33.18 11.02
CA GLY B 667 65.78 -31.98 10.33
C GLY B 667 66.46 -32.32 9.01
N PHE B 668 67.14 -33.46 8.99
CA PHE B 668 67.88 -33.83 7.79
C PHE B 668 66.98 -34.31 6.67
N PHE B 669 65.78 -34.84 6.97
CA PHE B 669 64.92 -35.21 5.86
C PHE B 669 64.50 -34.01 5.02
N ILE B 670 64.78 -32.79 5.48
CA ILE B 670 64.74 -31.61 4.63
C ILE B 670 66.14 -31.11 4.28
N LEU B 671 67.09 -31.21 5.22
CA LEU B 671 68.44 -30.71 4.98
C LEU B 671 69.11 -31.37 3.78
N LEU B 672 68.77 -32.63 3.49
CA LEU B 672 69.39 -33.29 2.34
C LEU B 672 69.01 -32.60 1.04
N GLN B 673 67.72 -32.54 0.74
CA GLN B 673 67.27 -31.85 -0.47
C GLN B 673 67.72 -30.39 -0.46
N GLN B 674 67.87 -29.80 0.74
CA GLN B 674 68.50 -28.49 0.82
C GLN B 674 69.90 -28.53 0.21
N GLN B 675 70.72 -29.49 0.64
CA GLN B 675 72.07 -29.63 0.09
C GLN B 675 72.05 -30.00 -1.38
N ASN B 676 71.63 -31.23 -1.69
CA ASN B 676 71.63 -31.78 -3.05
C ASN B 676 71.08 -33.19 -3.04
N SER B 677 70.96 -33.79 -4.23
CA SER B 677 70.57 -35.20 -4.38
C SER B 677 69.18 -35.46 -3.78
N CYS B 678 68.20 -34.74 -4.32
CA CYS B 678 66.82 -34.87 -3.87
C CYS B 678 66.07 -35.92 -4.68
N ASN B 679 66.65 -37.11 -4.79
CA ASN B 679 66.03 -38.19 -5.56
C ASN B 679 66.07 -39.50 -4.79
N ARG B 680 67.02 -39.64 -3.86
CA ARG B 680 67.18 -40.88 -3.12
C ARG B 680 67.53 -40.59 -1.67
N VAL B 681 67.33 -41.60 -0.84
CA VAL B 681 67.64 -41.50 0.60
C VAL B 681 69.15 -41.41 0.79
N PRO B 682 69.65 -40.53 1.66
CA PRO B 682 71.10 -40.50 1.92
C PRO B 682 71.58 -41.82 2.48
N LYS B 683 72.83 -42.16 2.18
CA LYS B 683 73.44 -43.34 2.75
C LYS B 683 73.47 -43.29 4.27
N ILE B 684 73.62 -42.09 4.83
CA ILE B 684 73.59 -41.95 6.28
C ILE B 684 72.19 -42.24 6.82
N LEU B 685 71.16 -41.78 6.11
CA LEU B 685 69.80 -42.12 6.52
C LEU B 685 69.52 -43.61 6.29
N ILE B 686 70.20 -44.24 5.35
CA ILE B 686 70.10 -45.69 5.21
C ILE B 686 70.72 -46.38 6.42
N ASP B 687 71.89 -45.91 6.86
CA ASP B 687 72.48 -46.41 8.10
C ASP B 687 71.52 -46.23 9.26
N LYS B 688 70.81 -45.10 9.30
CA LYS B 688 69.81 -44.89 10.34
C LYS B 688 68.65 -45.87 10.21
N VAL B 689 68.28 -46.24 8.98
CA VAL B 689 67.35 -47.35 8.78
C VAL B 689 67.89 -48.62 9.44
N LYS B 690 69.19 -48.87 9.28
CA LYS B 690 69.77 -50.08 9.83
C LYS B 690 69.85 -50.02 11.35
N ASP B 691 70.46 -48.96 11.88
CA ASP B 691 70.50 -48.76 13.33
C ASP B 691 69.09 -48.68 13.88
N ASP B 692 68.81 -49.47 14.93
CA ASP B 692 67.42 -49.64 15.34
C ASP B 692 66.90 -48.42 16.11
N SER B 693 67.37 -48.23 17.34
CA SER B 693 66.91 -47.14 18.21
C SER B 693 65.41 -46.89 18.01
N ASP B 694 64.62 -47.93 18.29
CA ASP B 694 63.30 -48.11 17.69
C ASP B 694 62.40 -46.87 17.77
N ILE B 695 62.49 -46.10 18.85
CA ILE B 695 61.67 -44.89 18.95
C ILE B 695 62.06 -43.89 17.87
N VAL B 696 63.37 -43.71 17.67
CA VAL B 696 63.83 -42.97 16.51
C VAL B 696 63.31 -43.62 15.23
N LYS B 697 63.08 -44.94 15.24
CA LYS B 697 62.58 -45.56 14.02
C LYS B 697 61.10 -45.27 13.78
N LYS B 698 60.30 -45.07 14.83
CA LYS B 698 58.90 -44.70 14.60
C LYS B 698 58.80 -43.24 14.20
N GLU B 699 59.52 -42.36 14.90
CA GLU B 699 59.54 -40.97 14.44
C GLU B 699 60.18 -40.87 13.06
N PHE B 700 61.04 -41.83 12.73
CA PHE B 700 61.65 -41.87 11.41
C PHE B 700 60.65 -42.33 10.36
N ALA B 701 59.79 -43.28 10.71
CA ALA B 701 58.71 -43.65 9.80
C ALA B 701 57.83 -42.44 9.50
N SER B 702 57.52 -41.65 10.52
CA SER B 702 56.74 -40.43 10.28
C SER B 702 57.51 -39.45 9.39
N ILE B 703 58.76 -39.15 9.76
CA ILE B 703 59.52 -38.18 8.99
C ILE B 703 59.88 -38.69 7.60
N LEU B 704 59.81 -39.99 7.34
CA LEU B 704 60.01 -40.45 5.98
C LEU B 704 58.71 -40.43 5.19
N GLY B 705 57.57 -40.63 5.85
CA GLY B 705 56.31 -40.26 5.24
C GLY B 705 56.31 -38.80 4.82
N GLN B 706 57.07 -37.97 5.53
CA GLN B 706 57.28 -36.59 5.07
C GLN B 706 58.38 -36.51 4.00
N LEU B 707 59.42 -37.32 4.15
CA LEU B 707 60.55 -37.31 3.23
C LEU B 707 60.11 -37.61 1.81
N VAL B 708 59.14 -38.50 1.63
CA VAL B 708 58.68 -38.85 0.30
C VAL B 708 58.11 -37.64 -0.43
N CYS B 709 57.65 -36.62 0.30
CA CYS B 709 57.22 -35.39 -0.36
C CYS B 709 58.35 -34.39 -0.47
N THR B 710 59.07 -34.14 0.63
CA THR B 710 60.15 -33.16 0.53
C THR B 710 61.32 -33.65 -0.32
N LEU B 711 61.39 -34.95 -0.61
CA LEU B 711 62.30 -35.43 -1.66
C LEU B 711 61.73 -35.21 -3.05
N HIS B 712 60.44 -34.93 -3.17
CA HIS B 712 59.82 -34.55 -4.43
C HIS B 712 59.70 -33.05 -4.57
N GLY B 713 59.12 -32.38 -3.58
CA GLY B 713 59.19 -30.94 -3.52
C GLY B 713 60.59 -30.46 -3.25
N MET B 714 60.83 -29.19 -3.54
CA MET B 714 62.15 -28.59 -3.36
C MET B 714 62.28 -28.11 -1.92
N PHE B 715 62.41 -29.08 -1.01
CA PHE B 715 62.60 -28.89 0.43
C PHE B 715 61.72 -27.76 0.98
N TYR B 716 60.50 -27.64 0.47
CA TYR B 716 59.61 -26.54 0.83
C TYR B 716 58.62 -27.00 1.89
N LEU B 717 58.53 -26.24 2.98
CA LEU B 717 57.58 -26.52 4.04
C LEU B 717 56.34 -25.64 3.87
N THR B 718 55.23 -26.12 4.41
CA THR B 718 53.96 -25.40 4.33
C THR B 718 53.59 -24.88 5.71
N SER B 719 53.19 -23.61 5.78
CA SER B 719 52.78 -22.98 7.02
C SER B 719 51.32 -23.30 7.26
N SER B 720 51.08 -24.42 7.95
CA SER B 720 49.73 -24.89 8.20
C SER B 720 49.18 -24.29 9.50
N LEU B 721 47.94 -24.69 9.82
CA LEU B 721 47.25 -24.07 10.95
C LEU B 721 47.72 -24.65 12.27
N THR B 722 47.65 -25.98 12.41
CA THR B 722 48.21 -26.71 13.56
C THR B 722 47.92 -26.01 14.89
N GLU B 723 46.67 -25.62 15.09
CA GLU B 723 46.28 -25.05 16.37
C GLU B 723 46.45 -26.11 17.46
N PRO B 724 46.89 -25.73 18.66
CA PRO B 724 47.18 -26.74 19.69
C PRO B 724 45.92 -27.33 20.30
N PHE B 725 45.17 -28.08 19.47
CA PHE B 725 43.95 -28.71 19.96
C PHE B 725 44.26 -29.82 20.95
N SER B 726 45.52 -30.27 21.04
CA SER B 726 45.94 -31.24 22.04
C SER B 726 47.33 -30.85 22.51
N GLU B 727 47.44 -30.47 23.78
CA GLU B 727 48.70 -30.07 24.37
C GLU B 727 49.26 -31.23 25.18
N HIS B 728 50.45 -31.70 24.80
CA HIS B 728 51.12 -32.79 25.49
C HIS B 728 52.04 -32.23 26.59
N GLY B 729 51.44 -31.45 27.48
CA GLY B 729 52.21 -30.74 28.48
C GLY B 729 53.08 -29.68 27.83
N HIS B 730 54.41 -29.84 27.94
CA HIS B 730 55.34 -28.91 27.32
C HIS B 730 55.40 -29.20 25.83
N VAL B 731 54.88 -28.28 25.01
CA VAL B 731 54.90 -28.40 23.56
C VAL B 731 56.09 -27.60 23.05
N ASP B 732 57.00 -28.27 22.35
CA ASP B 732 58.19 -27.65 21.79
C ASP B 732 58.20 -27.86 20.29
N LEU B 733 59.12 -27.15 19.62
CA LEU B 733 59.38 -27.31 18.19
C LEU B 733 58.10 -27.16 17.38
N PHE B 734 57.55 -25.94 17.42
CA PHE B 734 56.36 -25.64 16.65
C PHE B 734 56.55 -25.95 15.17
N CYS B 735 57.77 -25.76 14.66
CA CYS B 735 58.05 -26.12 13.28
C CYS B 735 57.99 -27.63 13.07
N ARG B 736 58.31 -28.42 14.11
CA ARG B 736 58.09 -29.86 14.02
C ARG B 736 56.61 -30.16 13.88
N ASN B 737 55.77 -29.42 14.59
CA ASN B 737 54.32 -29.52 14.38
C ASN B 737 53.90 -28.91 13.05
N LEU B 738 54.75 -28.10 12.43
CA LEU B 738 54.49 -27.55 11.11
C LEU B 738 54.86 -28.56 10.04
N LYS B 739 54.11 -28.56 8.94
CA LYS B 739 54.25 -29.59 7.92
C LYS B 739 55.13 -29.13 6.78
N ALA B 740 55.74 -30.11 6.10
CA ALA B 740 56.50 -29.88 4.89
C ALA B 740 55.75 -30.47 3.71
N THR B 741 55.72 -29.74 2.60
CA THR B 741 54.94 -30.13 1.44
C THR B 741 55.84 -30.40 0.25
N SER B 742 55.25 -30.95 -0.80
CA SER B 742 55.90 -31.08 -2.09
C SER B 742 55.31 -30.06 -3.06
N GLN B 743 56.02 -29.87 -4.18
CA GLN B 743 55.46 -29.04 -5.24
C GLN B 743 54.32 -29.74 -5.94
N HIS B 744 54.25 -31.07 -5.86
CA HIS B 744 53.16 -31.87 -6.38
C HIS B 744 52.97 -31.68 -7.89
N GLU B 745 54.03 -31.32 -8.58
CA GLU B 745 54.00 -31.31 -10.03
C GLU B 745 53.98 -32.74 -10.56
N CYS B 746 53.59 -32.89 -11.83
CA CYS B 746 53.43 -34.22 -12.39
C CYS B 746 54.75 -34.99 -12.40
N SER B 747 55.85 -34.31 -12.70
CA SER B 747 57.16 -34.97 -12.72
C SER B 747 57.63 -35.28 -11.31
N SER B 748 57.40 -34.37 -10.37
CA SER B 748 57.89 -34.58 -9.00
C SER B 748 57.11 -35.68 -8.29
N SER B 749 55.81 -35.79 -8.55
CA SER B 749 54.99 -36.74 -7.80
C SER B 749 55.39 -38.18 -8.09
N GLN B 750 55.71 -38.49 -9.33
CA GLN B 750 56.12 -39.85 -9.68
C GLN B 750 57.48 -40.18 -9.09
N LEU B 751 57.68 -41.45 -8.78
CA LEU B 751 58.95 -41.91 -8.22
C LEU B 751 59.05 -43.41 -8.44
N LYS B 752 60.05 -43.85 -9.20
CA LYS B 752 60.43 -45.25 -9.19
C LYS B 752 61.17 -45.51 -7.89
N ALA B 753 60.77 -46.57 -7.18
CA ALA B 753 60.91 -46.65 -5.73
C ALA B 753 62.27 -46.16 -5.22
N SER B 754 63.32 -46.92 -5.48
CA SER B 754 64.72 -46.50 -5.31
C SER B 754 65.05 -46.11 -3.88
N VAL B 755 64.05 -46.05 -2.99
CA VAL B 755 64.28 -45.68 -1.61
C VAL B 755 63.50 -46.62 -0.70
N CYS B 756 62.56 -47.36 -1.30
CA CYS B 756 61.62 -48.13 -0.48
C CYS B 756 62.25 -49.40 0.06
N LYS B 757 63.33 -49.88 -0.56
CA LYS B 757 63.96 -51.10 -0.06
C LYS B 757 64.31 -51.01 1.42
N PRO B 758 64.99 -49.97 1.91
CA PRO B 758 65.08 -49.80 3.37
C PRO B 758 63.73 -49.52 4.01
N PHE B 759 62.84 -48.83 3.31
CA PHE B 759 61.50 -48.59 3.84
C PHE B 759 60.73 -49.90 3.98
N LEU B 760 60.79 -50.74 2.94
CA LEU B 760 60.13 -52.04 3.02
C LEU B 760 60.81 -52.95 4.04
N PHE B 761 62.10 -52.73 4.31
CA PHE B 761 62.75 -53.42 5.40
C PHE B 761 62.16 -52.99 6.74
N LEU B 762 61.98 -51.68 6.92
CA LEU B 762 61.29 -51.19 8.11
C LEU B 762 59.88 -51.75 8.21
N LEU B 763 59.24 -52.00 7.06
CA LEU B 763 57.92 -52.60 7.05
C LEU B 763 57.91 -54.00 7.66
N LYS B 764 59.03 -54.71 7.62
CA LYS B 764 59.05 -56.14 7.93
C LYS B 764 58.56 -56.41 9.35
N LYS B 765 58.09 -57.65 9.54
CA LYS B 765 57.45 -58.01 10.81
C LYS B 765 58.44 -58.03 11.97
N LYS B 766 59.70 -58.43 11.71
CA LYS B 766 60.69 -58.44 12.77
C LYS B 766 60.92 -57.05 13.34
N ILE B 767 60.70 -56.02 12.54
CA ILE B 767 60.75 -54.66 13.07
C ILE B 767 59.65 -54.50 14.11
N PRO B 768 59.90 -53.86 15.25
CA PRO B 768 58.85 -53.74 16.27
C PRO B 768 57.59 -53.07 15.74
N SER B 769 56.46 -53.37 16.39
CA SER B 769 55.16 -52.98 15.85
C SER B 769 54.92 -51.47 15.83
N PRO B 770 55.28 -50.67 16.83
CA PRO B 770 54.95 -49.24 16.79
C PRO B 770 55.52 -48.51 15.59
N VAL B 771 56.72 -48.86 15.14
CA VAL B 771 57.28 -48.19 13.97
C VAL B 771 56.52 -48.61 12.71
N LYS B 772 56.09 -49.88 12.66
CA LYS B 772 55.22 -50.31 11.59
C LYS B 772 53.89 -49.55 11.62
N LEU B 773 53.44 -49.17 12.81
CA LEU B 773 52.22 -48.37 12.91
C LEU B 773 52.43 -46.94 12.44
N ALA B 774 53.59 -46.36 12.74
CA ALA B 774 53.91 -45.05 12.18
C ALA B 774 53.98 -45.13 10.65
N PHE B 775 54.57 -46.21 10.13
CA PHE B 775 54.56 -46.43 8.69
C PHE B 775 53.13 -46.55 8.16
N ILE B 776 52.28 -47.27 8.89
CA ILE B 776 50.85 -47.32 8.57
C ILE B 776 50.30 -45.92 8.40
N ASP B 777 50.56 -45.05 9.39
CA ASP B 777 50.06 -43.69 9.35
C ASP B 777 50.56 -42.94 8.11
N ASN B 778 51.83 -43.14 7.76
CA ASN B 778 52.41 -42.45 6.62
C ASN B 778 52.06 -43.08 5.28
N LEU B 779 51.45 -44.26 5.29
CA LEU B 779 51.23 -45.04 4.08
C LEU B 779 50.58 -44.25 2.95
N HIS B 780 49.49 -43.54 3.24
CA HIS B 780 48.78 -42.85 2.18
C HIS B 780 49.66 -41.79 1.53
N HIS B 781 50.38 -41.03 2.35
CA HIS B 781 51.27 -40.01 1.82
C HIS B 781 52.37 -40.64 0.98
N LEU B 782 53.01 -41.69 1.50
CA LEU B 782 54.15 -42.27 0.79
C LEU B 782 53.73 -42.98 -0.49
N CYS B 783 52.48 -43.43 -0.60
CA CYS B 783 52.03 -44.00 -1.86
C CYS B 783 51.54 -42.94 -2.82
N LYS B 784 50.90 -41.88 -2.33
CA LYS B 784 50.51 -40.79 -3.21
C LYS B 784 51.72 -40.07 -3.78
N HIS B 785 52.89 -40.20 -3.13
CA HIS B 785 54.13 -39.68 -3.70
C HIS B 785 54.94 -40.76 -4.40
N LEU B 786 54.37 -41.94 -4.62
CA LEU B 786 55.06 -43.06 -5.26
C LEU B 786 54.36 -43.44 -6.55
N ASP B 787 55.14 -43.75 -7.57
CA ASP B 787 54.63 -44.13 -8.88
C ASP B 787 54.67 -45.64 -9.03
N PHE B 788 53.56 -46.22 -9.49
CA PHE B 788 53.47 -47.66 -9.75
C PHE B 788 53.32 -47.97 -11.23
N ARG B 789 53.81 -47.09 -12.11
CA ARG B 789 53.60 -47.30 -13.54
C ARG B 789 54.55 -48.32 -14.12
N GLU B 790 55.84 -48.23 -13.78
CA GLU B 790 56.87 -49.06 -14.37
C GLU B 790 57.62 -49.80 -13.26
N ASP B 791 58.75 -50.42 -13.62
CA ASP B 791 59.51 -51.29 -12.73
C ASP B 791 58.62 -52.43 -12.23
N GLU B 792 58.18 -53.24 -13.19
CA GLU B 792 57.18 -54.27 -12.96
C GLU B 792 57.50 -55.10 -11.72
N THR B 793 58.62 -55.83 -11.76
CA THR B 793 58.96 -56.70 -10.65
C THR B 793 59.39 -55.94 -9.42
N ASP B 794 59.94 -54.74 -9.58
CA ASP B 794 60.32 -53.93 -8.43
C ASP B 794 59.10 -53.36 -7.73
N VAL B 795 58.17 -52.79 -8.50
CA VAL B 795 56.89 -52.37 -7.94
C VAL B 795 56.10 -53.59 -7.46
N LYS B 796 56.28 -54.73 -8.13
CA LYS B 796 55.66 -55.96 -7.64
C LYS B 796 56.19 -56.34 -6.27
N ALA B 797 57.49 -56.14 -6.03
CA ALA B 797 58.06 -56.43 -4.71
C ALA B 797 57.60 -55.39 -3.69
N VAL B 798 57.46 -54.14 -4.11
CA VAL B 798 56.91 -53.11 -3.23
C VAL B 798 55.51 -53.53 -2.77
N LEU B 799 54.68 -53.98 -3.71
CA LEU B 799 53.33 -54.43 -3.36
C LEU B 799 53.36 -55.70 -2.53
N GLY B 800 54.27 -56.62 -2.85
CA GLY B 800 54.42 -57.81 -2.03
C GLY B 800 54.78 -57.49 -0.60
N THR B 801 55.53 -56.40 -0.40
CA THR B 801 55.78 -55.93 0.96
C THR B 801 54.55 -55.25 1.55
N LEU B 802 53.80 -54.49 0.76
CA LEU B 802 52.54 -53.93 1.24
C LEU B 802 51.63 -55.04 1.78
N LEU B 803 51.71 -56.23 1.18
CA LEU B 803 50.92 -57.36 1.65
C LEU B 803 51.62 -58.19 2.72
N ASN B 804 52.96 -58.18 2.75
CA ASN B 804 53.67 -58.65 3.94
C ASN B 804 53.17 -57.90 5.17
N LEU B 805 52.89 -56.61 5.00
CA LEU B 805 52.26 -55.83 6.06
C LEU B 805 50.93 -56.43 6.48
N MET B 806 50.23 -57.09 5.54
CA MET B 806 49.03 -57.84 5.93
C MET B 806 49.39 -59.09 6.71
N GLU B 807 50.45 -59.79 6.30
CA GLU B 807 50.92 -60.95 7.05
C GLU B 807 51.70 -60.53 8.31
N ASP B 808 51.83 -59.24 8.58
CA ASP B 808 52.50 -58.83 9.80
C ASP B 808 51.65 -59.22 11.02
N PRO B 809 52.26 -59.78 12.06
CA PRO B 809 51.49 -60.51 13.07
C PRO B 809 50.44 -59.69 13.80
N ASP B 810 50.74 -58.44 14.15
CA ASP B 810 49.79 -57.64 14.93
C ASP B 810 48.51 -57.41 14.14
N LYS B 811 47.38 -57.66 14.80
CA LYS B 811 46.10 -57.62 14.10
C LYS B 811 45.65 -56.20 13.83
N ASP B 812 45.93 -55.28 14.76
CA ASP B 812 45.62 -53.88 14.53
C ASP B 812 46.38 -53.35 13.32
N VAL B 813 47.62 -53.79 13.14
CA VAL B 813 48.36 -53.42 11.94
C VAL B 813 47.70 -54.01 10.71
N ARG B 814 47.09 -55.19 10.84
CA ARG B 814 46.43 -55.80 9.68
C ARG B 814 45.21 -55.01 9.27
N VAL B 815 44.35 -54.63 10.23
CA VAL B 815 43.19 -53.84 9.86
C VAL B 815 43.61 -52.44 9.43
N ALA B 816 44.73 -51.94 9.96
CA ALA B 816 45.30 -50.70 9.47
C ALA B 816 45.68 -50.81 8.01
N PHE B 817 46.31 -51.92 7.63
CA PHE B 817 46.64 -52.13 6.22
C PHE B 817 45.39 -52.30 5.37
N SER B 818 44.32 -52.86 5.94
CA SER B 818 43.07 -52.93 5.17
C SER B 818 42.55 -51.53 4.85
N GLY B 819 42.38 -50.71 5.89
CA GLY B 819 42.00 -49.33 5.67
C GLY B 819 42.98 -48.57 4.81
N ASN B 820 44.24 -49.02 4.77
CA ASN B 820 45.24 -48.35 3.96
C ASN B 820 45.16 -48.77 2.50
N ILE B 821 45.06 -50.06 2.21
CA ILE B 821 44.91 -50.53 0.84
C ILE B 821 43.63 -49.96 0.24
N LYS B 822 42.64 -49.65 1.09
CA LYS B 822 41.48 -48.90 0.64
C LYS B 822 41.88 -47.66 -0.17
N HIS B 823 42.91 -46.95 0.29
CA HIS B 823 43.41 -45.80 -0.46
C HIS B 823 44.54 -46.17 -1.41
N ILE B 824 45.25 -47.27 -1.15
CA ILE B 824 46.35 -47.69 -2.02
C ILE B 824 45.81 -48.00 -3.41
N LEU B 825 44.61 -48.57 -3.47
CA LEU B 825 44.03 -48.93 -4.76
C LEU B 825 43.84 -47.72 -5.65
N GLU B 826 43.33 -46.62 -5.09
CA GLU B 826 43.19 -45.40 -5.87
C GLU B 826 44.53 -44.71 -6.09
N SER B 827 45.43 -44.78 -5.11
CA SER B 827 46.78 -44.26 -5.31
C SER B 827 47.47 -44.99 -6.45
N LEU B 828 47.19 -46.28 -6.60
CA LEU B 828 47.58 -47.01 -7.79
C LEU B 828 46.96 -46.34 -9.02
N ASP B 829 47.81 -45.90 -9.95
CA ASP B 829 47.34 -45.09 -11.06
C ASP B 829 46.39 -45.88 -11.96
N SER B 830 46.77 -47.12 -12.30
CA SER B 830 45.93 -47.98 -13.12
C SER B 830 46.15 -49.43 -12.71
N GLU B 831 45.06 -50.13 -12.40
CA GLU B 831 45.14 -51.52 -11.98
C GLU B 831 45.50 -52.37 -13.18
N ASP B 832 46.77 -52.76 -13.27
CA ASP B 832 47.24 -53.62 -14.34
C ASP B 832 46.92 -55.08 -14.03
N GLY B 833 47.36 -55.96 -14.92
CA GLY B 833 47.08 -57.38 -14.74
C GLY B 833 48.06 -58.06 -13.79
N PHE B 834 49.35 -57.75 -13.94
CA PHE B 834 50.36 -58.46 -13.15
C PHE B 834 50.20 -58.18 -11.66
N ILE B 835 49.89 -56.93 -11.30
CA ILE B 835 49.62 -56.64 -9.89
C ILE B 835 48.37 -57.35 -9.42
N LYS B 836 47.37 -57.49 -10.30
CA LYS B 836 46.15 -58.21 -9.94
C LYS B 836 46.48 -59.67 -9.61
N GLU B 837 47.28 -60.31 -10.45
CA GLU B 837 47.67 -61.69 -10.17
C GLU B 837 48.53 -61.79 -8.91
N LEU B 838 49.36 -60.77 -8.67
CA LEU B 838 50.13 -60.73 -7.43
C LEU B 838 49.21 -60.73 -6.23
N PHE B 839 48.18 -59.88 -6.26
CA PHE B 839 47.19 -59.87 -5.18
C PHE B 839 46.52 -61.23 -5.06
N VAL B 840 46.12 -61.82 -6.19
CA VAL B 840 45.49 -63.14 -6.19
C VAL B 840 46.35 -64.12 -5.40
N LEU B 841 47.60 -64.31 -5.83
CA LEU B 841 48.45 -65.33 -5.24
C LEU B 841 48.80 -65.01 -3.79
N ARG B 842 49.03 -63.73 -3.49
CA ARG B 842 49.45 -63.36 -2.14
C ARG B 842 48.32 -63.54 -1.14
N MET B 843 47.12 -63.08 -1.49
CA MET B 843 45.97 -63.33 -0.62
C MET B 843 45.63 -64.81 -0.55
N LYS B 844 45.86 -65.56 -1.63
CA LYS B 844 45.66 -67.01 -1.57
C LYS B 844 46.56 -67.65 -0.53
N GLU B 845 47.87 -67.37 -0.61
CA GLU B 845 48.79 -67.95 0.36
C GLU B 845 48.52 -67.43 1.76
N ALA B 846 48.04 -66.19 1.88
CA ALA B 846 47.62 -65.69 3.18
C ALA B 846 46.48 -66.52 3.74
N TYR B 847 45.51 -66.88 2.90
CA TYR B 847 44.40 -67.71 3.35
C TYR B 847 44.86 -69.11 3.71
N THR B 848 45.80 -69.67 2.94
CA THR B 848 46.36 -70.97 3.29
C THR B 848 47.04 -70.92 4.65
N HIS B 849 47.86 -69.89 4.88
CA HIS B 849 48.54 -69.75 6.17
C HIS B 849 47.53 -69.56 7.30
N ALA B 850 46.45 -68.82 7.03
CA ALA B 850 45.44 -68.58 8.06
C ALA B 850 44.72 -69.86 8.43
N GLN B 851 44.29 -70.64 7.44
CA GLN B 851 43.64 -71.91 7.74
C GLN B 851 44.63 -72.91 8.32
N ILE B 852 45.93 -72.73 8.05
CA ILE B 852 46.95 -73.55 8.69
C ILE B 852 47.00 -73.24 10.18
N SER B 853 47.03 -71.96 10.53
CA SER B 853 47.00 -71.58 11.94
C SER B 853 45.67 -71.88 12.59
N ARG B 854 44.60 -72.02 11.80
CA ARG B 854 43.23 -72.24 12.26
C ARG B 854 42.69 -71.07 13.07
N ASN B 855 43.45 -69.98 13.20
CA ASN B 855 43.02 -68.82 13.96
C ASN B 855 42.07 -67.98 13.12
N ASN B 856 40.90 -67.68 13.67
CA ASN B 856 39.90 -66.95 12.90
C ASN B 856 40.20 -65.47 12.78
N GLU B 857 40.99 -64.90 13.70
CA GLU B 857 41.32 -63.49 13.60
C GLU B 857 42.02 -63.18 12.28
N LEU B 858 42.87 -64.10 11.82
CA LEU B 858 43.50 -63.93 10.52
C LEU B 858 42.46 -63.88 9.42
N LYS B 859 41.51 -64.81 9.44
CA LYS B 859 40.46 -64.81 8.44
C LYS B 859 39.66 -63.52 8.47
N ASP B 860 39.41 -62.98 9.67
CA ASP B 860 38.63 -61.75 9.78
C ASP B 860 39.40 -60.55 9.24
N THR B 861 40.66 -60.41 9.63
CA THR B 861 41.48 -59.33 9.08
C THR B 861 41.54 -59.43 7.57
N LEU B 862 41.73 -60.65 7.04
CA LEU B 862 41.83 -60.82 5.60
C LEU B 862 40.51 -60.48 4.90
N ILE B 863 39.38 -60.91 5.45
CA ILE B 863 38.11 -60.65 4.77
C ILE B 863 37.78 -59.16 4.83
N LEU B 864 38.15 -58.48 5.92
CA LEU B 864 37.97 -57.04 5.94
C LEU B 864 38.85 -56.37 4.89
N THR B 865 40.07 -56.88 4.70
CA THR B 865 40.91 -56.37 3.63
C THR B 865 40.29 -56.62 2.26
N THR B 866 39.65 -57.78 2.09
CA THR B 866 38.98 -58.08 0.83
C THR B 866 37.84 -57.11 0.58
N GLY B 867 37.03 -56.85 1.60
CA GLY B 867 35.96 -55.89 1.45
C GLY B 867 36.47 -54.49 1.15
N ASP B 868 37.57 -54.10 1.79
CA ASP B 868 38.19 -52.82 1.50
C ASP B 868 38.61 -52.74 0.03
N ILE B 869 39.36 -53.73 -0.44
CA ILE B 869 39.87 -53.68 -1.81
C ILE B 869 38.72 -53.79 -2.80
N GLY B 870 37.63 -54.46 -2.42
CA GLY B 870 36.47 -54.51 -3.29
C GLY B 870 35.79 -53.16 -3.39
N ARG B 871 35.60 -52.49 -2.26
CA ARG B 871 35.01 -51.15 -2.27
C ARG B 871 35.88 -50.18 -3.05
N ALA B 872 37.20 -50.41 -3.06
CA ALA B 872 38.11 -49.59 -3.82
C ALA B 872 38.55 -50.25 -5.12
N ALA B 873 37.76 -51.18 -5.65
CA ALA B 873 38.17 -51.97 -6.79
C ALA B 873 37.77 -51.31 -8.11
N LYS B 874 38.53 -51.63 -9.14
CA LYS B 874 38.16 -51.30 -10.51
C LYS B 874 37.25 -52.40 -11.05
N GLY B 875 37.04 -52.42 -12.37
CA GLY B 875 36.12 -53.38 -12.95
C GLY B 875 36.58 -54.82 -12.78
N ASP B 876 37.89 -55.06 -12.87
CA ASP B 876 38.41 -56.42 -12.88
C ASP B 876 38.77 -56.95 -11.50
N LEU B 877 38.97 -56.07 -10.52
CA LEU B 877 39.36 -56.50 -9.18
C LEU B 877 38.17 -56.86 -8.30
N VAL B 878 37.03 -56.20 -8.50
CA VAL B 878 35.86 -56.46 -7.67
C VAL B 878 35.36 -57.90 -7.80
N PRO B 879 35.36 -58.54 -8.98
CA PRO B 879 34.97 -59.97 -8.98
C PRO B 879 35.97 -60.82 -8.23
N PHE B 880 37.25 -60.49 -8.31
CA PHE B 880 38.25 -61.24 -7.56
C PHE B 880 37.97 -61.20 -6.06
N ALA B 881 37.93 -59.98 -5.50
CA ALA B 881 37.69 -59.81 -4.05
C ALA B 881 36.30 -60.33 -3.71
N LEU B 882 35.35 -60.20 -4.65
CA LEU B 882 33.96 -60.67 -4.42
C LEU B 882 33.98 -62.18 -4.23
N LEU B 883 34.75 -62.92 -5.03
CA LEU B 883 34.76 -64.41 -5.01
C LEU B 883 35.70 -64.88 -3.88
N HIS B 884 36.67 -64.06 -3.51
CA HIS B 884 37.62 -64.34 -2.44
C HIS B 884 36.95 -64.29 -1.08
N LEU B 885 35.81 -63.59 -0.97
CA LEU B 885 34.99 -63.73 0.22
C LEU B 885 33.82 -64.68 0.03
N LEU B 886 33.38 -64.87 -1.21
CA LEU B 886 32.24 -65.75 -1.46
C LEU B 886 32.56 -67.20 -1.12
N HIS B 887 33.79 -67.63 -1.32
CA HIS B 887 34.12 -69.02 -0.96
C HIS B 887 34.05 -69.22 0.55
N CYS B 888 34.59 -68.27 1.32
CA CYS B 888 34.44 -68.28 2.77
C CYS B 888 32.97 -68.40 3.14
N LEU B 889 32.15 -67.49 2.63
CA LEU B 889 30.72 -67.56 2.90
C LEU B 889 30.11 -68.87 2.43
N LEU B 890 30.67 -69.46 1.38
CA LEU B 890 30.10 -70.66 0.80
C LEU B 890 30.26 -71.86 1.71
N SER B 891 31.44 -72.02 2.31
CA SER B 891 31.63 -73.24 3.09
C SER B 891 30.67 -73.31 4.27
N LYS B 892 30.93 -72.52 5.33
CA LYS B 892 29.86 -72.15 6.24
C LYS B 892 30.10 -70.79 6.91
N SER B 893 31.14 -70.05 6.53
CA SER B 893 31.60 -68.94 7.35
C SER B 893 30.53 -67.86 7.48
N ALA B 894 30.41 -67.34 8.70
CA ALA B 894 29.35 -66.40 9.07
C ALA B 894 29.82 -64.97 9.21
N SER B 895 31.01 -64.76 9.79
CA SER B 895 31.53 -63.40 9.92
C SER B 895 31.76 -62.77 8.56
N VAL B 896 32.27 -63.56 7.61
CA VAL B 896 32.53 -63.05 6.27
C VAL B 896 31.27 -62.47 5.66
N SER B 897 30.09 -63.05 5.95
CA SER B 897 28.83 -62.45 5.44
C SER B 897 28.64 -61.05 6.05
N GLY B 898 28.20 -60.93 7.29
CA GLY B 898 27.95 -59.62 7.92
C GLY B 898 29.14 -58.66 7.86
N ALA B 899 30.31 -59.01 7.37
CA ALA B 899 31.32 -57.98 7.15
C ALA B 899 31.52 -57.69 5.67
N ALA B 900 31.97 -58.69 4.92
CA ALA B 900 32.35 -58.47 3.53
C ALA B 900 31.13 -58.22 2.65
N TYR B 901 30.02 -58.92 2.90
CA TYR B 901 28.81 -58.68 2.12
C TYR B 901 28.30 -57.25 2.34
N THR B 902 28.34 -56.77 3.57
CA THR B 902 27.97 -55.38 3.82
C THR B 902 28.94 -54.43 3.15
N GLU B 903 30.22 -54.79 3.09
CA GLU B 903 31.17 -53.99 2.33
C GLU B 903 30.81 -53.95 0.85
N ILE B 904 30.37 -55.09 0.29
CA ILE B 904 29.93 -55.12 -1.10
C ILE B 904 28.69 -54.28 -1.29
N ARG B 905 27.81 -54.27 -0.29
CA ARG B 905 26.62 -53.42 -0.39
C ARG B 905 27.01 -51.95 -0.42
N ALA B 906 27.92 -51.54 0.46
CA ALA B 906 28.43 -50.17 0.42
C ALA B 906 29.12 -49.88 -0.90
N LEU B 907 29.75 -50.89 -1.50
CA LEU B 907 30.44 -50.70 -2.78
C LEU B 907 29.46 -50.52 -3.93
N VAL B 908 28.43 -51.36 -4.00
CA VAL B 908 27.41 -51.20 -5.02
C VAL B 908 26.61 -49.93 -4.79
N ALA B 909 26.62 -49.41 -3.56
CA ALA B 909 26.15 -48.05 -3.35
C ALA B 909 27.12 -47.04 -3.92
N ALA B 910 28.43 -47.32 -3.81
CA ALA B 910 29.42 -46.49 -4.48
C ALA B 910 29.37 -46.69 -5.99
N LYS B 911 29.07 -47.91 -6.43
CA LYS B 911 28.78 -48.15 -7.84
C LYS B 911 27.44 -47.55 -8.26
N SER B 912 26.62 -47.11 -7.31
CA SER B 912 25.32 -46.49 -7.58
C SER B 912 24.42 -47.42 -8.38
N VAL B 913 24.41 -48.70 -8.01
CA VAL B 913 23.61 -49.71 -8.68
C VAL B 913 22.91 -50.55 -7.62
N LYS B 914 21.90 -51.29 -8.06
CA LYS B 914 21.27 -52.27 -7.19
C LYS B 914 22.20 -53.46 -7.00
N LEU B 915 22.18 -54.01 -5.79
CA LEU B 915 23.02 -55.16 -5.48
C LEU B 915 22.71 -56.34 -6.39
N GLN B 916 21.44 -56.49 -6.79
CA GLN B 916 21.09 -57.57 -7.71
C GLN B 916 21.55 -57.27 -9.14
N SER B 917 21.36 -56.04 -9.60
CA SER B 917 21.89 -55.67 -10.92
C SER B 917 23.40 -55.78 -10.94
N PHE B 918 24.05 -55.43 -9.82
CA PHE B 918 25.49 -55.67 -9.70
C PHE B 918 25.80 -57.16 -9.80
N PHE B 919 24.98 -57.99 -9.13
CA PHE B 919 25.15 -59.44 -9.26
C PHE B 919 25.09 -59.87 -10.71
N SER B 920 24.23 -59.23 -11.51
CA SER B 920 24.10 -59.60 -12.90
C SER B 920 25.42 -59.46 -13.65
N GLN B 921 26.14 -58.36 -13.45
CA GLN B 921 27.39 -58.14 -14.17
C GLN B 921 28.48 -59.10 -13.73
N TYR B 922 28.31 -59.74 -12.58
CA TYR B 922 29.30 -60.67 -12.05
C TYR B 922 28.67 -62.03 -11.73
N LYS B 923 27.50 -62.29 -12.32
CA LYS B 923 26.83 -63.57 -12.08
C LYS B 923 27.60 -64.73 -12.67
N LYS B 924 28.47 -64.49 -13.65
CA LYS B 924 29.25 -65.60 -14.21
C LYS B 924 30.34 -66.06 -13.26
N PRO B 925 31.21 -65.19 -12.72
CA PRO B 925 32.15 -65.68 -11.71
C PRO B 925 31.45 -66.22 -10.47
N ILE B 926 30.38 -65.57 -10.04
CA ILE B 926 29.64 -66.03 -8.85
C ILE B 926 29.07 -67.42 -9.10
N CYS B 927 28.48 -67.64 -10.27
CA CYS B 927 27.87 -68.94 -10.54
C CYS B 927 28.93 -70.01 -10.71
N GLN B 928 30.07 -69.66 -11.33
CA GLN B 928 31.17 -70.62 -11.41
C GLN B 928 31.68 -70.99 -10.04
N PHE B 929 31.72 -70.04 -9.11
CA PHE B 929 32.23 -70.37 -7.78
C PHE B 929 31.23 -71.16 -6.96
N LEU B 930 29.93 -70.93 -7.16
CA LEU B 930 28.94 -71.81 -6.54
C LEU B 930 28.98 -73.19 -7.16
N VAL B 931 29.26 -73.26 -8.47
CA VAL B 931 29.53 -74.52 -9.15
C VAL B 931 30.66 -75.26 -8.44
N GLU B 932 31.78 -74.56 -8.19
CA GLU B 932 32.92 -75.26 -7.62
C GLU B 932 32.69 -75.62 -6.16
N SER B 933 31.95 -74.78 -5.41
CA SER B 933 31.61 -75.14 -4.05
C SER B 933 30.78 -76.42 -4.02
N LEU B 934 29.76 -76.51 -4.88
CA LEU B 934 28.97 -77.73 -4.92
C LEU B 934 29.78 -78.92 -5.43
N HIS B 935 30.77 -78.68 -6.30
CA HIS B 935 31.62 -79.77 -6.75
C HIS B 935 32.44 -80.34 -5.58
N SER B 936 33.12 -79.46 -4.84
CA SER B 936 33.87 -79.92 -3.68
C SER B 936 32.98 -80.64 -2.67
N SER B 937 31.76 -80.11 -2.45
CA SER B 937 30.84 -80.74 -1.51
C SER B 937 30.42 -82.13 -1.99
N GLN B 938 30.07 -82.25 -3.27
CA GLN B 938 29.62 -83.54 -3.79
C GLN B 938 30.76 -84.53 -3.91
N MET B 939 32.00 -84.05 -3.97
CA MET B 939 33.15 -84.95 -4.10
C MET B 939 33.68 -85.43 -2.75
N THR B 940 33.60 -84.60 -1.71
CA THR B 940 34.00 -85.08 -0.39
C THR B 940 32.98 -86.05 0.19
N ALA B 941 31.77 -86.08 -0.33
CA ALA B 941 30.73 -86.98 0.16
C ALA B 941 30.28 -87.94 -0.92
N VAL B 957 22.12 -87.42 -1.95
CA VAL B 957 21.77 -87.87 -0.62
C VAL B 957 21.23 -86.68 0.18
N ALA B 958 20.54 -86.97 1.28
CA ALA B 958 19.96 -85.91 2.09
C ALA B 958 21.02 -84.97 2.66
N HIS B 959 22.20 -85.51 2.98
CA HIS B 959 23.28 -84.66 3.48
C HIS B 959 23.79 -83.72 2.40
N GLN B 960 24.00 -84.23 1.19
CA GLN B 960 24.34 -83.36 0.07
C GLN B 960 23.27 -82.30 -0.15
N ARG B 961 22.01 -82.69 -0.07
CA ARG B 961 20.93 -81.72 -0.26
C ARG B 961 20.98 -80.62 0.79
N GLU B 962 21.13 -80.99 2.07
CA GLU B 962 21.08 -79.98 3.12
C GLU B 962 22.30 -79.06 3.08
N MET B 963 23.48 -79.61 2.78
CA MET B 963 24.65 -78.73 2.71
C MET B 963 24.60 -77.84 1.46
N ALA B 964 24.08 -78.36 0.34
CA ALA B 964 23.91 -77.53 -0.84
C ALA B 964 22.90 -76.44 -0.58
N LEU B 965 21.83 -76.74 0.16
CA LEU B 965 20.83 -75.73 0.48
C LEU B 965 21.39 -74.71 1.46
N ASN B 966 22.28 -75.13 2.36
CA ASN B 966 22.97 -74.19 3.23
C ASN B 966 23.81 -73.22 2.40
N THR B 967 24.61 -73.76 1.48
CA THR B 967 25.38 -72.90 0.59
C THR B 967 24.48 -71.98 -0.23
N LEU B 968 23.34 -72.50 -0.68
CA LEU B 968 22.45 -71.72 -1.52
C LEU B 968 21.77 -70.60 -0.73
N SER B 969 21.42 -70.87 0.53
CA SER B 969 20.85 -69.83 1.37
C SER B 969 21.88 -68.77 1.74
N GLU B 970 23.14 -69.19 1.94
CA GLU B 970 24.20 -68.21 2.18
C GLU B 970 24.39 -67.30 0.96
N ILE B 971 24.59 -67.91 -0.22
CA ILE B 971 24.74 -67.14 -1.48
C ILE B 971 23.43 -66.38 -1.69
N ALA B 972 22.32 -66.92 -1.19
CA ALA B 972 21.00 -66.26 -1.26
C ALA B 972 21.07 -64.98 -0.45
N ASN B 973 21.77 -64.97 0.69
CA ASN B 973 21.94 -63.78 1.57
C ASN B 973 22.96 -62.80 0.95
N VAL B 974 23.90 -63.27 0.12
CA VAL B 974 24.83 -62.39 -0.59
C VAL B 974 24.06 -61.37 -1.44
N PHE B 975 22.81 -61.66 -1.78
CA PHE B 975 21.99 -60.66 -2.46
C PHE B 975 20.56 -60.65 -1.93
N ASP B 976 20.31 -61.36 -0.82
CA ASP B 976 19.10 -61.34 -0.02
C ASP B 976 17.94 -62.09 -0.69
N PHE B 977 18.04 -62.31 -2.01
CA PHE B 977 17.47 -63.42 -2.78
C PHE B 977 16.27 -64.05 -2.09
N PRO B 978 15.15 -63.33 -1.97
CA PRO B 978 14.10 -63.75 -1.02
C PRO B 978 13.64 -65.19 -1.18
N ASP B 979 13.19 -65.56 -2.37
CA ASP B 979 12.76 -66.92 -2.63
C ASP B 979 13.93 -67.76 -3.12
N LEU B 980 14.02 -69.00 -2.62
CA LEU B 980 15.14 -69.86 -2.99
C LEU B 980 15.12 -70.16 -4.48
N ASN B 981 14.00 -70.71 -4.98
CA ASN B 981 13.93 -71.08 -6.39
C ASN B 981 14.00 -69.88 -7.32
N ARG B 982 13.51 -68.72 -6.87
CA ARG B 982 13.62 -67.52 -7.69
C ARG B 982 15.09 -67.17 -7.94
N PHE B 983 15.93 -67.32 -6.91
CA PHE B 983 17.37 -67.17 -7.12
C PHE B 983 17.90 -68.31 -7.98
N LEU B 984 17.56 -69.55 -7.65
CA LEU B 984 18.06 -70.72 -8.36
C LEU B 984 17.71 -70.71 -9.85
N THR B 985 16.76 -69.88 -10.27
CA THR B 985 16.46 -69.74 -11.70
C THR B 985 17.71 -69.35 -12.47
N ARG B 986 18.46 -68.37 -11.97
CA ARG B 986 19.70 -67.91 -12.63
C ARG B 986 20.77 -69.00 -12.50
N THR B 987 20.86 -69.63 -11.32
CA THR B 987 21.89 -70.66 -11.07
C THR B 987 21.64 -71.80 -12.03
N LEU B 988 20.37 -72.17 -12.25
CA LEU B 988 20.04 -73.28 -13.16
C LEU B 988 20.48 -72.91 -14.58
N GLN B 989 20.24 -71.67 -15.02
CA GLN B 989 20.55 -71.34 -16.43
C GLN B 989 22.06 -71.45 -16.71
N VAL B 990 22.91 -70.95 -15.80
CA VAL B 990 24.39 -70.96 -16.04
C VAL B 990 25.09 -72.07 -15.24
N LEU B 991 24.82 -72.17 -13.94
CA LEU B 991 25.49 -73.17 -13.05
C LEU B 991 25.13 -74.60 -13.47
N LEU B 992 23.87 -74.89 -13.82
CA LEU B 992 23.51 -76.25 -14.32
C LEU B 992 24.26 -76.50 -15.63
N PRO B 993 24.38 -75.49 -16.53
CA PRO B 993 25.12 -75.73 -17.76
C PRO B 993 26.55 -76.03 -17.39
N ASP B 994 27.09 -75.31 -16.41
CA ASP B 994 28.48 -75.53 -15.93
C ASP B 994 28.58 -76.93 -15.33
N LEU B 995 27.58 -77.37 -14.57
CA LEU B 995 27.58 -78.72 -13.94
C LEU B 995 27.54 -79.77 -15.05
N ALA B 996 26.76 -79.55 -16.10
CA ALA B 996 26.64 -80.48 -17.24
C ALA B 996 27.97 -80.56 -17.97
N ALA B 997 28.65 -79.43 -18.14
CA ALA B 997 29.96 -79.37 -18.85
C ALA B 997 30.95 -80.23 -18.11
N LYS B 998 31.02 -80.10 -16.78
CA LYS B 998 31.89 -80.94 -15.96
C LYS B 998 31.61 -82.41 -16.19
N ALA B 999 30.33 -82.79 -16.24
CA ALA B 999 29.88 -84.11 -16.63
C ALA B 999 30.46 -85.22 -15.75
N SER B 1000 30.93 -84.88 -14.57
CA SER B 1000 31.44 -85.91 -13.67
C SER B 1000 30.27 -86.65 -13.03
N PRO B 1001 30.48 -87.93 -12.68
CA PRO B 1001 29.41 -88.64 -11.94
C PRO B 1001 29.07 -87.97 -10.63
N ALA B 1002 30.02 -87.28 -10.01
CA ALA B 1002 29.72 -86.51 -8.80
C ALA B 1002 28.82 -85.32 -9.12
N ALA B 1003 28.99 -84.73 -10.31
CA ALA B 1003 28.10 -83.65 -10.72
C ALA B 1003 26.68 -84.14 -10.86
N SER B 1004 26.49 -85.23 -11.62
CA SER B 1004 25.16 -85.84 -11.73
C SER B 1004 24.63 -86.25 -10.36
N ALA B 1005 25.52 -86.63 -9.45
CA ALA B 1005 25.09 -86.90 -8.08
C ALA B 1005 24.50 -85.66 -7.42
N LEU B 1006 24.94 -84.48 -7.84
CA LEU B 1006 24.37 -83.24 -7.32
C LEU B 1006 23.28 -82.68 -8.21
N ILE B 1007 23.29 -82.99 -9.52
CA ILE B 1007 22.17 -82.58 -10.36
C ILE B 1007 20.89 -83.24 -9.91
N ARG B 1008 20.99 -84.50 -9.43
CA ARG B 1008 19.81 -85.21 -8.95
C ARG B 1008 19.23 -84.52 -7.72
N THR B 1009 20.07 -84.25 -6.72
CA THR B 1009 19.57 -83.61 -5.51
C THR B 1009 19.13 -82.17 -5.76
N LEU B 1010 19.76 -81.51 -6.74
CA LEU B 1010 19.31 -80.18 -7.13
C LEU B 1010 17.89 -80.24 -7.70
N GLY B 1011 17.66 -81.14 -8.66
CA GLY B 1011 16.31 -81.33 -9.17
C GLY B 1011 15.33 -81.74 -8.10
N LYS B 1012 15.79 -82.53 -7.12
CA LYS B 1012 14.95 -82.86 -5.98
C LYS B 1012 14.53 -81.60 -5.23
N GLN B 1013 15.46 -80.66 -5.06
CA GLN B 1013 15.09 -79.35 -4.53
C GLN B 1013 14.13 -78.63 -5.46
N LEU B 1014 14.26 -78.84 -6.77
CA LEU B 1014 13.39 -78.22 -7.75
C LEU B 1014 12.13 -79.04 -8.05
N ASN B 1015 11.93 -80.15 -7.34
CA ASN B 1015 10.74 -81.00 -7.41
C ASN B 1015 10.59 -81.73 -8.74
N VAL B 1016 11.55 -81.57 -9.66
CA VAL B 1016 11.50 -82.28 -10.94
C VAL B 1016 12.84 -82.96 -11.17
N ASN B 1017 12.80 -84.05 -11.93
CA ASN B 1017 13.99 -84.89 -12.10
C ASN B 1017 15.09 -84.15 -12.85
N ARG B 1018 16.31 -84.70 -12.76
CA ARG B 1018 17.46 -84.09 -13.43
C ARG B 1018 17.28 -84.09 -14.94
N ARG B 1019 16.80 -85.20 -15.49
CA ARG B 1019 16.50 -85.21 -16.93
C ARG B 1019 15.44 -84.18 -17.28
N GLU B 1020 14.52 -83.91 -16.35
CA GLU B 1020 13.51 -82.88 -16.60
C GLU B 1020 14.12 -81.49 -16.62
N ILE B 1021 15.01 -81.19 -15.67
CA ILE B 1021 15.65 -79.88 -15.67
C ILE B 1021 16.52 -79.72 -16.91
N LEU B 1022 17.11 -80.81 -17.39
CA LEU B 1022 17.87 -80.70 -18.64
C LEU B 1022 16.94 -80.50 -19.83
N ILE B 1023 15.79 -81.17 -19.85
CA ILE B 1023 14.83 -80.94 -20.93
C ILE B 1023 14.40 -79.48 -20.94
N ASN B 1024 14.24 -78.88 -19.77
CA ASN B 1024 13.83 -77.48 -19.70
C ASN B 1024 14.98 -76.53 -20.05
N ASN B 1025 16.22 -76.91 -19.76
CA ASN B 1025 17.34 -75.98 -19.81
C ASN B 1025 18.28 -76.21 -20.99
N PHE B 1026 18.01 -77.21 -21.84
CA PHE B 1026 18.98 -77.63 -22.85
C PHE B 1026 19.47 -76.46 -23.71
N LYS B 1027 18.64 -75.45 -23.91
CA LYS B 1027 19.04 -74.30 -24.72
C LYS B 1027 20.29 -73.65 -24.16
N TYR B 1028 20.16 -73.05 -22.98
CA TYR B 1028 21.31 -72.44 -22.32
C TYR B 1028 22.39 -73.46 -22.01
N ILE B 1029 22.00 -74.72 -21.75
CA ILE B 1029 22.98 -75.75 -21.45
C ILE B 1029 23.94 -75.91 -22.62
N PHE B 1030 23.41 -76.27 -23.79
CA PHE B 1030 24.25 -76.46 -24.97
C PHE B 1030 24.95 -75.16 -25.34
N SER B 1031 24.30 -74.01 -25.13
CA SER B 1031 24.95 -72.74 -25.41
C SER B 1031 26.25 -72.60 -24.62
N HIS B 1032 26.18 -72.88 -23.32
CA HIS B 1032 27.36 -72.69 -22.48
C HIS B 1032 28.36 -73.82 -22.64
N LEU B 1033 27.91 -75.02 -23.03
CA LEU B 1033 28.86 -76.06 -23.38
C LEU B 1033 29.65 -75.67 -24.62
N VAL B 1034 28.99 -75.04 -25.59
CA VAL B 1034 29.64 -74.78 -26.87
C VAL B 1034 30.43 -73.48 -26.85
N CYS B 1035 30.14 -72.56 -25.93
CA CYS B 1035 30.88 -71.31 -25.88
C CYS B 1035 31.91 -71.27 -24.74
N SER B 1036 31.99 -72.31 -23.92
CA SER B 1036 32.89 -72.27 -22.77
C SER B 1036 33.76 -73.52 -22.66
N CYS B 1037 33.30 -74.66 -23.19
CA CYS B 1037 34.01 -75.96 -23.02
C CYS B 1037 34.92 -76.31 -24.22
N SER B 1038 35.70 -77.38 -24.11
CA SER B 1038 36.59 -77.89 -25.19
C SER B 1038 35.73 -78.58 -26.26
N LYS B 1039 36.26 -78.86 -27.45
CA LYS B 1039 35.53 -79.61 -28.50
C LYS B 1039 35.40 -81.09 -28.11
N ASP B 1040 36.48 -81.76 -27.68
CA ASP B 1040 36.49 -83.14 -27.21
C ASP B 1040 35.80 -83.24 -25.86
N GLU B 1041 36.09 -82.30 -24.96
CA GLU B 1041 35.33 -82.19 -23.72
C GLU B 1041 33.86 -81.93 -24.00
N LEU B 1042 33.57 -81.16 -25.06
CA LEU B 1042 32.17 -80.90 -25.42
C LEU B 1042 31.45 -82.19 -25.76
N GLU B 1043 32.04 -83.01 -26.64
CA GLU B 1043 31.38 -84.26 -27.04
C GLU B 1043 31.32 -85.26 -25.89
N ARG B 1044 32.33 -85.26 -25.02
CA ARG B 1044 32.24 -86.07 -23.80
C ARG B 1044 31.02 -85.66 -22.97
N ALA B 1045 30.86 -84.37 -22.73
CA ALA B 1045 29.68 -83.88 -22.02
C ALA B 1045 28.39 -84.15 -22.79
N LEU B 1046 28.46 -84.18 -24.12
CA LEU B 1046 27.26 -84.44 -24.91
C LEU B 1046 26.76 -85.86 -24.69
N HIS B 1047 27.65 -86.84 -24.83
CA HIS B 1047 27.22 -88.20 -24.53
C HIS B 1047 26.83 -88.35 -23.07
N TYR B 1048 27.50 -87.62 -22.18
CA TYR B 1048 27.11 -87.65 -20.76
C TYR B 1048 25.67 -87.19 -20.57
N LEU B 1049 25.31 -86.04 -21.14
CA LEU B 1049 23.95 -85.53 -20.97
C LEU B 1049 22.95 -86.40 -21.72
N LYS B 1050 23.36 -87.01 -22.83
CA LYS B 1050 22.49 -87.96 -23.52
C LYS B 1050 22.13 -89.11 -22.60
N ASN B 1051 23.12 -89.65 -21.88
CA ASN B 1051 22.84 -90.71 -20.92
C ASN B 1051 22.00 -90.19 -19.76
N GLU B 1052 22.31 -88.99 -19.26
CA GLU B 1052 21.61 -88.43 -18.11
C GLU B 1052 20.13 -88.24 -18.41
N THR B 1053 19.80 -87.82 -19.64
CA THR B 1053 18.42 -87.64 -20.03
C THR B 1053 17.78 -88.90 -20.57
N GLU B 1054 18.58 -89.90 -20.93
CA GLU B 1054 18.12 -91.13 -21.56
C GLU B 1054 17.39 -90.85 -22.87
N ILE B 1055 17.67 -89.71 -23.50
CA ILE B 1055 17.09 -89.33 -24.77
C ILE B 1055 18.21 -89.08 -25.76
N GLU B 1056 17.92 -89.32 -27.03
CA GLU B 1056 18.92 -89.20 -28.08
C GLU B 1056 19.29 -87.73 -28.31
N LEU B 1057 20.57 -87.50 -28.64
CA LEU B 1057 21.08 -86.14 -28.79
C LEU B 1057 20.39 -85.41 -29.93
N GLY B 1058 20.13 -86.11 -31.04
CA GLY B 1058 19.47 -85.48 -32.17
C GLY B 1058 18.15 -84.85 -31.79
N SER B 1059 17.29 -85.62 -31.10
CA SER B 1059 16.03 -85.06 -30.62
C SER B 1059 16.26 -83.96 -29.59
N LEU B 1060 17.30 -84.10 -28.76
CA LEU B 1060 17.58 -83.10 -27.74
C LEU B 1060 17.89 -81.75 -28.37
N LEU B 1061 18.53 -81.75 -29.53
CA LEU B 1061 18.80 -80.49 -30.22
C LEU B 1061 17.72 -80.11 -31.23
N ARG B 1062 16.86 -81.06 -31.62
CA ARG B 1062 15.77 -80.74 -32.55
C ARG B 1062 14.59 -80.12 -31.83
N GLN B 1063 14.38 -80.44 -30.54
CA GLN B 1063 13.25 -79.89 -29.81
C GLN B 1063 13.26 -78.37 -29.81
N ASP B 1064 14.45 -77.76 -29.89
CA ASP B 1064 14.58 -76.32 -29.97
C ASP B 1064 15.28 -75.93 -31.26
N PHE B 1065 14.83 -76.51 -32.38
CA PHE B 1065 15.51 -76.40 -33.66
C PHE B 1065 16.03 -75.00 -33.96
N GLN B 1066 15.16 -73.99 -33.95
CA GLN B 1066 15.58 -72.66 -34.34
C GLN B 1066 16.23 -71.88 -33.19
N GLY B 1067 15.56 -71.81 -32.03
CA GLY B 1067 16.12 -71.04 -30.93
C GLY B 1067 17.48 -71.51 -30.48
N LEU B 1068 17.74 -72.81 -30.56
CA LEU B 1068 19.07 -73.32 -30.28
C LEU B 1068 20.09 -72.77 -31.27
N HIS B 1069 19.73 -72.74 -32.55
CA HIS B 1069 20.63 -72.14 -33.54
C HIS B 1069 20.84 -70.65 -33.26
N ASN B 1070 19.80 -69.96 -32.81
CA ASN B 1070 19.93 -68.55 -32.46
C ASN B 1070 20.96 -68.37 -31.35
N GLU B 1071 20.84 -69.16 -30.29
CA GLU B 1071 21.81 -69.08 -29.20
C GLU B 1071 23.21 -69.47 -29.68
N LEU B 1072 23.29 -70.50 -30.52
CA LEU B 1072 24.58 -70.94 -31.06
C LEU B 1072 25.28 -69.79 -31.79
N LEU B 1073 24.56 -69.12 -32.70
CA LEU B 1073 25.14 -67.98 -33.40
C LEU B 1073 25.47 -66.84 -32.44
N LEU B 1074 24.61 -66.61 -31.45
CA LEU B 1074 24.91 -65.64 -30.40
C LEU B 1074 26.27 -65.91 -29.78
N ARG B 1075 26.61 -67.18 -29.61
CA ARG B 1075 27.93 -67.52 -29.08
C ARG B 1075 29.01 -67.43 -30.16
N ILE B 1076 28.67 -67.74 -31.40
CA ILE B 1076 29.60 -67.57 -32.53
C ILE B 1076 30.00 -66.13 -32.73
N GLY B 1077 29.28 -65.19 -32.12
CA GLY B 1077 29.69 -63.80 -32.23
C GLY B 1077 31.04 -63.51 -31.60
N GLU B 1078 31.41 -64.25 -30.56
CA GLU B 1078 32.55 -63.88 -29.74
C GLU B 1078 33.71 -64.87 -29.86
N HIS B 1079 33.50 -66.14 -29.57
CA HIS B 1079 34.56 -67.12 -29.71
C HIS B 1079 34.64 -67.61 -31.15
N TYR B 1080 33.49 -67.88 -31.79
CA TYR B 1080 33.42 -68.21 -33.25
C TYR B 1080 34.21 -69.45 -33.69
N GLN B 1081 35.02 -70.09 -32.84
CA GLN B 1081 35.91 -71.22 -33.26
C GLN B 1081 35.37 -72.48 -32.59
N GLN B 1082 35.38 -72.57 -31.26
CA GLN B 1082 34.80 -73.67 -30.51
C GLN B 1082 33.32 -73.78 -30.80
N VAL B 1083 32.62 -72.64 -30.87
CA VAL B 1083 31.20 -72.67 -31.11
C VAL B 1083 30.87 -72.83 -32.59
N PHE B 1084 31.75 -72.42 -33.51
CA PHE B 1084 31.58 -72.82 -34.90
C PHE B 1084 31.60 -74.34 -35.02
N ASN B 1085 32.58 -74.99 -34.40
CA ASN B 1085 32.66 -76.45 -34.45
C ASN B 1085 31.47 -77.08 -33.75
N GLY B 1086 31.01 -76.50 -32.65
CA GLY B 1086 29.87 -77.05 -31.95
C GLY B 1086 28.57 -76.96 -32.75
N LEU B 1087 28.38 -75.84 -33.43
CA LEU B 1087 27.24 -75.73 -34.36
C LEU B 1087 27.39 -76.72 -35.50
N SER B 1088 28.62 -76.93 -35.98
CA SER B 1088 28.84 -77.95 -37.00
C SER B 1088 28.39 -79.32 -36.51
N ILE B 1089 28.71 -79.66 -35.26
CA ILE B 1089 28.30 -80.95 -34.71
C ILE B 1089 26.78 -81.02 -34.57
N LEU B 1090 26.19 -80.00 -33.94
CA LEU B 1090 24.74 -79.98 -33.75
C LEU B 1090 24.00 -80.07 -35.09
N ALA B 1091 24.56 -79.49 -36.14
CA ALA B 1091 23.91 -79.51 -37.44
C ALA B 1091 24.16 -80.83 -38.18
N SER B 1092 25.32 -81.45 -37.96
CA SER B 1092 25.53 -82.80 -38.51
C SER B 1092 24.58 -83.79 -37.88
N PHE B 1093 24.21 -83.58 -36.61
CA PHE B 1093 23.12 -84.36 -36.04
C PHE B 1093 21.82 -84.13 -36.79
N ALA B 1094 21.60 -82.89 -37.24
CA ALA B 1094 20.40 -82.50 -37.98
C ALA B 1094 19.12 -82.87 -37.23
N GLY B 1102 19.47 -76.71 -47.40
CA GLY B 1102 20.40 -77.73 -47.87
C GLY B 1102 21.37 -78.17 -46.81
N PRO B 1103 22.66 -78.15 -47.14
CA PRO B 1103 23.68 -78.54 -46.15
C PRO B 1103 23.78 -77.53 -45.03
N ARG B 1104 24.08 -78.04 -43.83
CA ARG B 1104 24.05 -77.24 -42.62
C ARG B 1104 25.42 -76.84 -42.11
N ASP B 1105 26.48 -77.54 -42.51
CA ASP B 1105 27.85 -77.23 -42.12
C ASP B 1105 28.55 -76.65 -43.34
N ILE B 1106 28.53 -75.33 -43.46
CA ILE B 1106 28.96 -74.65 -44.69
C ILE B 1106 29.76 -73.41 -44.32
N ILE B 1107 30.74 -73.09 -45.16
CA ILE B 1107 31.54 -71.88 -45.00
C ILE B 1107 31.34 -70.90 -46.15
N SER B 1108 31.01 -71.38 -47.35
CA SER B 1108 30.84 -70.49 -48.49
C SER B 1108 29.70 -69.51 -48.24
N PRO B 1109 29.88 -68.23 -48.58
CA PRO B 1109 28.86 -67.21 -48.26
C PRO B 1109 27.51 -67.44 -48.90
N GLU B 1110 27.48 -67.57 -50.24
CA GLU B 1110 26.23 -67.67 -50.97
C GLU B 1110 25.41 -68.91 -50.61
N LEU B 1111 25.95 -69.82 -49.81
CA LEU B 1111 25.24 -71.03 -49.43
C LEU B 1111 24.54 -70.90 -48.07
N MET B 1112 25.01 -70.00 -47.21
CA MET B 1112 24.46 -69.90 -45.86
C MET B 1112 23.02 -69.38 -45.87
N ALA B 1113 22.76 -68.26 -46.56
CA ALA B 1113 21.39 -67.78 -46.64
C ALA B 1113 20.52 -68.76 -47.41
N ASP B 1114 21.05 -69.34 -48.49
CA ASP B 1114 20.30 -70.37 -49.20
C ASP B 1114 19.99 -71.57 -48.34
N TYR B 1115 20.82 -71.84 -47.32
CA TYR B 1115 20.51 -72.91 -46.38
C TYR B 1115 19.28 -72.55 -45.56
N LEU B 1116 19.19 -71.30 -45.11
CA LEU B 1116 18.03 -70.85 -44.33
C LEU B 1116 17.81 -69.38 -44.64
N GLN B 1117 16.84 -69.10 -45.52
CA GLN B 1117 16.50 -67.71 -45.82
C GLN B 1117 15.59 -67.12 -44.73
N PRO B 1118 14.43 -67.75 -44.42
CA PRO B 1118 13.56 -67.15 -43.40
C PRO B 1118 13.93 -67.55 -41.99
N LYS B 1119 14.62 -68.69 -41.85
CA LYS B 1119 15.09 -69.09 -40.52
C LYS B 1119 16.25 -68.22 -40.06
N LEU B 1120 17.14 -67.85 -40.98
CA LEU B 1120 18.15 -66.84 -40.67
C LEU B 1120 17.49 -65.51 -40.37
N LEU B 1121 16.38 -65.20 -41.05
CA LEU B 1121 15.61 -64.02 -40.69
C LEU B 1121 15.07 -64.12 -39.28
N GLY B 1122 14.69 -65.34 -38.85
CA GLY B 1122 14.28 -65.54 -37.48
C GLY B 1122 15.42 -65.35 -36.50
N ILE B 1123 16.63 -65.78 -36.88
CA ILE B 1123 17.80 -65.51 -36.06
C ILE B 1123 18.03 -64.01 -35.94
N LEU B 1124 17.85 -63.28 -37.03
CA LEU B 1124 18.01 -61.83 -36.99
C LEU B 1124 16.94 -61.18 -36.12
N ALA B 1125 15.70 -61.66 -36.19
CA ALA B 1125 14.67 -61.17 -35.28
C ALA B 1125 15.01 -61.51 -33.84
N PHE B 1126 15.67 -62.66 -33.63
CA PHE B 1126 16.12 -63.03 -32.29
C PHE B 1126 17.15 -62.04 -31.77
N PHE B 1127 18.11 -61.66 -32.60
CA PHE B 1127 19.05 -60.61 -32.21
C PHE B 1127 18.33 -59.29 -31.97
N ASN B 1128 17.33 -58.98 -32.81
CA ASN B 1128 16.58 -57.75 -32.66
C ASN B 1128 15.87 -57.69 -31.32
N MET B 1129 15.25 -58.79 -30.90
CA MET B 1129 14.56 -58.80 -29.63
C MET B 1129 15.54 -58.93 -28.47
N GLN B 1130 16.73 -59.49 -28.71
CA GLN B 1130 17.78 -59.46 -27.71
C GLN B 1130 18.20 -58.03 -27.41
N LEU B 1131 18.24 -57.18 -28.44
CA LEU B 1131 18.54 -55.77 -28.23
C LEU B 1131 17.32 -54.98 -27.76
N LYS B 1141 24.51 -56.21 -25.38
CA LYS B 1141 24.08 -55.67 -26.67
C LYS B 1141 25.25 -55.62 -27.64
N LYS B 1142 26.43 -55.25 -27.14
CA LYS B 1142 27.62 -55.25 -27.98
C LYS B 1142 27.95 -56.66 -28.45
N MET B 1143 27.72 -57.66 -27.60
CA MET B 1143 28.00 -59.03 -28.02
C MET B 1143 26.97 -59.53 -29.02
N ALA B 1144 25.70 -59.13 -28.89
CA ALA B 1144 24.71 -59.48 -29.90
C ALA B 1144 25.04 -58.83 -31.23
N LEU B 1145 25.47 -57.57 -31.20
CA LEU B 1145 25.91 -56.95 -32.44
C LEU B 1145 27.15 -57.63 -32.99
N ASN B 1146 28.03 -58.10 -32.11
CA ASN B 1146 29.20 -58.86 -32.56
C ASN B 1146 28.78 -60.18 -33.19
N SER B 1147 27.68 -60.76 -32.73
CA SER B 1147 27.14 -61.93 -33.39
C SER B 1147 26.62 -61.58 -34.78
N LEU B 1148 25.99 -60.42 -34.91
CA LEU B 1148 25.62 -59.93 -36.23
C LEU B 1148 26.87 -59.72 -37.10
N MET B 1149 27.98 -59.29 -36.50
CA MET B 1149 29.23 -59.20 -37.24
C MET B 1149 29.70 -60.57 -37.70
N SER B 1150 29.60 -61.57 -36.82
CA SER B 1150 29.94 -62.92 -37.22
C SER B 1150 29.09 -63.39 -38.39
N LEU B 1151 27.81 -63.04 -38.40
CA LEU B 1151 26.97 -63.35 -39.55
C LEU B 1151 27.46 -62.65 -40.80
N MET B 1152 27.68 -61.34 -40.73
CA MET B 1152 27.99 -60.57 -41.92
C MET B 1152 29.37 -60.92 -42.46
N LYS B 1153 30.25 -61.45 -41.61
CA LYS B 1153 31.51 -62.01 -42.09
C LYS B 1153 31.26 -63.19 -43.01
N LEU B 1154 30.08 -63.81 -42.90
CA LEU B 1154 29.68 -64.93 -43.75
C LEU B 1154 28.59 -64.60 -44.75
N MET B 1155 27.73 -63.63 -44.44
CA MET B 1155 26.51 -63.46 -45.21
C MET B 1155 26.15 -62.00 -45.41
N GLY B 1156 26.28 -61.51 -46.64
CA GLY B 1156 25.74 -60.23 -47.03
C GLY B 1156 24.62 -60.21 -48.07
N PRO B 1157 24.71 -61.02 -49.14
CA PRO B 1157 23.70 -60.93 -50.21
C PRO B 1157 22.43 -61.73 -49.94
N LYS B 1158 21.57 -61.82 -50.96
CA LYS B 1158 20.40 -62.69 -51.02
C LYS B 1158 19.43 -62.45 -49.88
N HIS B 1159 19.69 -61.47 -49.02
CA HIS B 1159 18.90 -61.16 -47.84
C HIS B 1159 18.76 -59.65 -47.73
N VAL B 1160 18.79 -58.98 -48.88
CA VAL B 1160 19.19 -57.58 -48.98
C VAL B 1160 18.32 -56.65 -48.16
N SER B 1161 17.07 -57.00 -47.92
CA SER B 1161 16.13 -56.10 -47.25
C SER B 1161 15.80 -56.51 -45.82
N SER B 1162 15.67 -57.81 -45.55
CA SER B 1162 15.30 -58.24 -44.20
C SER B 1162 16.45 -58.05 -43.23
N VAL B 1163 17.65 -58.46 -43.63
CA VAL B 1163 18.81 -58.13 -42.80
C VAL B 1163 18.96 -56.63 -42.72
N ARG B 1164 18.49 -55.89 -43.73
CA ARG B 1164 18.59 -54.44 -43.68
C ARG B 1164 17.67 -53.86 -42.62
N VAL B 1165 16.46 -54.40 -42.48
CA VAL B 1165 15.54 -53.84 -41.48
C VAL B 1165 15.94 -54.29 -40.08
N LYS B 1166 16.39 -55.55 -39.97
CA LYS B 1166 16.87 -56.09 -38.68
C LYS B 1166 18.13 -55.28 -38.37
N MET B 1167 18.95 -54.99 -39.38
CA MET B 1167 20.15 -54.14 -39.24
C MET B 1167 19.69 -52.73 -38.86
N MET B 1168 18.57 -52.29 -39.44
CA MET B 1168 17.99 -50.95 -39.18
C MET B 1168 17.57 -50.83 -37.72
N THR B 1169 17.01 -51.89 -37.12
CA THR B 1169 16.52 -51.85 -35.72
C THR B 1169 17.70 -51.83 -34.79
N THR B 1170 18.69 -52.73 -34.93
CA THR B 1170 19.90 -52.78 -34.11
C THR B 1170 20.68 -51.48 -34.19
N LEU B 1171 20.87 -50.99 -35.43
CA LEU B 1171 21.61 -49.73 -35.67
C LEU B 1171 20.78 -48.59 -35.12
N ARG B 1172 19.47 -48.77 -34.88
CA ARG B 1172 18.66 -47.73 -34.20
C ARG B 1172 19.27 -47.47 -32.82
N THR B 1173 20.07 -48.39 -32.27
CA THR B 1173 20.80 -48.22 -31.00
C THR B 1173 21.75 -47.06 -31.19
N GLY B 1174 22.34 -46.94 -32.38
CA GLY B 1174 23.23 -45.82 -32.73
C GLY B 1174 22.48 -44.51 -32.67
N LEU B 1175 21.20 -44.49 -33.09
CA LEU B 1175 20.36 -43.27 -32.92
C LEU B 1175 20.26 -43.01 -31.42
N ARG B 1176 20.13 -44.05 -30.61
CA ARG B 1176 20.14 -43.94 -29.12
C ARG B 1176 21.52 -43.41 -28.72
N PHE B 1177 22.59 -43.81 -29.43
CA PHE B 1177 24.00 -43.44 -29.16
C PHE B 1177 24.69 -44.53 -28.37
N LYS B 1178 23.96 -45.52 -27.84
CA LYS B 1178 24.63 -46.71 -27.25
C LYS B 1178 25.34 -47.34 -28.45
N ASP B 1179 24.62 -47.65 -29.53
CA ASP B 1179 25.21 -48.25 -30.76
C ASP B 1179 25.67 -49.71 -30.57
N ASP B 1180 26.08 -50.14 -29.37
CA ASP B 1180 26.66 -51.49 -29.11
C ASP B 1180 28.08 -51.50 -29.67
N PHE B 1181 28.64 -50.33 -30.00
CA PHE B 1181 29.96 -50.25 -30.68
C PHE B 1181 31.03 -49.37 -30.14
N PRO B 1182 32.28 -49.86 -29.99
CA PRO B 1182 33.38 -48.94 -29.79
C PRO B 1182 33.27 -48.30 -31.16
N GLU B 1183 33.01 -49.10 -32.20
CA GLU B 1183 32.86 -48.65 -33.62
C GLU B 1183 32.05 -49.67 -34.45
N LEU B 1184 31.42 -50.72 -33.89
CA LEU B 1184 30.46 -51.72 -34.52
C LEU B 1184 29.20 -51.11 -35.10
N CYS B 1185 28.53 -50.08 -34.54
CA CYS B 1185 27.58 -49.59 -35.57
C CYS B 1185 28.37 -49.33 -36.86
N CYS B 1186 29.58 -48.78 -36.75
CA CYS B 1186 30.42 -48.42 -37.92
C CYS B 1186 30.81 -49.66 -38.74
N ARG B 1187 31.13 -50.79 -38.09
CA ARG B 1187 31.58 -52.02 -38.80
C ARG B 1187 30.37 -52.73 -39.42
N ALA B 1188 29.19 -52.62 -38.80
CA ALA B 1188 27.96 -53.23 -39.27
C ALA B 1188 27.53 -52.63 -40.60
N TRP B 1189 27.59 -51.31 -40.70
CA TRP B 1189 27.33 -50.68 -41.99
C TRP B 1189 28.47 -50.88 -42.98
N ASP B 1190 29.71 -50.99 -42.50
CA ASP B 1190 30.83 -51.27 -43.42
C ASP B 1190 30.40 -52.51 -44.19
N CYS B 1191 29.79 -53.49 -43.52
CA CYS B 1191 29.27 -54.74 -44.14
C CYS B 1191 28.15 -54.44 -45.14
N PHE B 1192 27.28 -53.48 -44.86
CA PHE B 1192 26.13 -53.30 -45.77
C PHE B 1192 26.59 -53.08 -47.23
N VAL B 1193 27.89 -52.88 -47.52
CA VAL B 1193 28.36 -52.63 -48.87
C VAL B 1193 29.47 -53.63 -49.17
N ARG B 1194 30.20 -54.05 -48.13
CA ARG B 1194 31.25 -55.06 -48.29
C ARG B 1194 30.65 -56.47 -48.29
N CYS B 1195 29.96 -56.80 -47.19
CA CYS B 1195 29.32 -58.11 -47.08
C CYS B 1195 28.26 -58.29 -48.17
N LEU B 1196 27.48 -57.24 -48.43
CA LEU B 1196 26.51 -57.29 -49.53
C LEU B 1196 27.24 -57.24 -50.87
N ASP B 1197 26.53 -57.65 -51.92
CA ASP B 1197 27.10 -57.57 -53.27
C ASP B 1197 27.40 -56.12 -53.63
N HIS B 1198 28.35 -55.95 -54.56
CA HIS B 1198 28.85 -54.63 -54.91
C HIS B 1198 28.37 -54.14 -56.28
N ALA B 1199 27.78 -55.03 -57.08
CA ALA B 1199 27.32 -54.63 -58.41
C ALA B 1199 26.11 -53.71 -58.30
N CYS B 1200 25.03 -54.19 -57.67
CA CYS B 1200 23.81 -53.41 -57.53
C CYS B 1200 23.34 -53.48 -56.08
N LEU B 1201 22.71 -52.39 -55.63
CA LEU B 1201 22.24 -52.31 -54.25
C LEU B 1201 20.80 -51.82 -54.20
N GLY B 1202 20.37 -51.06 -55.19
CA GLY B 1202 19.02 -50.55 -55.20
C GLY B 1202 18.82 -49.44 -54.16
N SER B 1203 17.57 -49.28 -53.75
CA SER B 1203 17.23 -48.31 -52.71
C SER B 1203 17.86 -48.65 -51.37
N LEU B 1204 18.57 -49.78 -51.27
CA LEU B 1204 19.33 -50.07 -50.07
C LEU B 1204 20.41 -49.03 -49.85
N LEU B 1205 20.92 -48.44 -50.93
CA LEU B 1205 21.80 -47.28 -50.81
C LEU B 1205 21.09 -46.14 -50.10
N SER B 1206 19.88 -45.82 -50.53
CA SER B 1206 19.10 -44.78 -49.87
C SER B 1206 18.93 -45.09 -48.39
N HIS B 1207 18.58 -46.34 -48.09
CA HIS B 1207 18.34 -46.72 -46.70
C HIS B 1207 19.59 -46.56 -45.85
N VAL B 1208 20.74 -47.01 -46.36
CA VAL B 1208 21.96 -46.94 -45.57
C VAL B 1208 22.41 -45.48 -45.42
N ILE B 1209 22.18 -44.66 -46.44
CA ILE B 1209 22.57 -43.25 -46.32
C ILE B 1209 21.68 -42.56 -45.29
N VAL B 1210 20.38 -42.85 -45.29
CA VAL B 1210 19.49 -42.34 -44.25
C VAL B 1210 20.00 -42.75 -42.87
N ALA B 1211 20.11 -44.05 -42.63
CA ALA B 1211 20.56 -44.53 -41.34
C ALA B 1211 21.98 -44.09 -41.00
N LEU B 1212 22.72 -43.58 -41.99
CA LEU B 1212 24.10 -43.16 -41.81
C LEU B 1212 24.24 -41.69 -41.44
N LEU B 1213 23.37 -40.84 -41.97
CA LEU B 1213 23.47 -39.41 -41.71
C LEU B 1213 23.64 -39.07 -40.22
N PRO B 1214 22.82 -39.59 -39.30
CA PRO B 1214 23.10 -39.30 -37.88
C PRO B 1214 24.46 -39.83 -37.45
N LEU B 1215 24.81 -41.04 -37.91
CA LEU B 1215 26.13 -41.57 -37.62
C LEU B 1215 27.23 -40.65 -38.18
N ILE B 1216 27.03 -40.09 -39.37
CA ILE B 1216 27.99 -39.11 -39.88
C ILE B 1216 28.12 -37.95 -38.91
N HIS B 1217 26.98 -37.44 -38.42
CA HIS B 1217 27.03 -36.32 -37.50
C HIS B 1217 27.76 -36.67 -36.20
N ILE B 1218 27.67 -37.92 -35.76
CA ILE B 1218 28.22 -38.29 -34.45
C ILE B 1218 29.54 -39.06 -34.60
N GLN B 1219 29.63 -39.93 -35.61
CA GLN B 1219 30.85 -40.68 -35.89
C GLN B 1219 31.39 -40.23 -37.25
N PRO B 1220 32.08 -39.10 -37.30
CA PRO B 1220 32.43 -38.54 -38.62
C PRO B 1220 33.38 -39.40 -39.44
N LYS B 1221 34.50 -39.85 -38.85
CA LYS B 1221 35.56 -40.45 -39.67
C LYS B 1221 35.20 -41.85 -40.14
N GLU B 1222 34.68 -42.70 -39.24
CA GLU B 1222 34.40 -44.08 -39.62
C GLU B 1222 33.22 -44.16 -40.57
N THR B 1223 32.15 -43.44 -40.27
CA THR B 1223 31.03 -43.35 -41.19
C THR B 1223 31.44 -42.68 -42.48
N ALA B 1224 32.43 -41.79 -42.43
CA ALA B 1224 32.97 -41.21 -43.65
C ALA B 1224 33.64 -42.27 -44.50
N ALA B 1225 34.39 -43.18 -43.87
CA ALA B 1225 35.01 -44.27 -44.61
C ALA B 1225 33.95 -45.18 -45.24
N ILE B 1226 32.91 -45.51 -44.46
CA ILE B 1226 31.81 -46.29 -45.03
C ILE B 1226 31.22 -45.57 -46.23
N PHE B 1227 30.81 -44.32 -46.03
CA PHE B 1227 30.24 -43.48 -47.07
C PHE B 1227 31.13 -43.41 -48.29
N HIS B 1228 32.46 -43.40 -48.09
CA HIS B 1228 33.39 -43.38 -49.20
C HIS B 1228 33.31 -44.68 -49.99
N TYR B 1229 33.40 -45.81 -49.30
CA TYR B 1229 33.27 -47.09 -50.00
C TYR B 1229 31.92 -47.18 -50.70
N LEU B 1230 30.90 -46.56 -50.13
CA LEU B 1230 29.58 -46.55 -50.77
C LEU B 1230 29.60 -45.78 -52.08
N ILE B 1231 30.03 -44.52 -52.03
CA ILE B 1231 29.86 -43.61 -53.15
C ILE B 1231 31.06 -43.67 -54.09
N ILE B 1232 32.24 -43.33 -53.56
CA ILE B 1232 33.44 -43.16 -54.38
C ILE B 1232 33.83 -44.43 -55.11
N GLU B 1233 33.52 -45.60 -54.55
CA GLU B 1233 34.05 -46.86 -55.05
C GLU B 1233 33.06 -47.70 -55.83
N ASN B 1234 31.77 -47.62 -55.52
CA ASN B 1234 30.77 -48.40 -56.26
C ASN B 1234 30.22 -47.59 -57.43
N ARG B 1235 31.14 -47.10 -58.25
CA ARG B 1235 30.77 -46.26 -59.38
C ARG B 1235 29.95 -47.06 -60.40
N ASP B 1236 29.15 -46.32 -61.17
CA ASP B 1236 28.24 -46.86 -62.19
C ASP B 1236 27.07 -47.57 -61.53
N ALA B 1237 27.13 -47.72 -60.20
CA ALA B 1237 26.01 -48.19 -59.40
C ALA B 1237 25.43 -47.10 -58.52
N VAL B 1238 26.26 -46.12 -58.16
CA VAL B 1238 25.78 -44.97 -57.39
C VAL B 1238 25.21 -43.87 -58.27
N GLN B 1239 25.42 -43.94 -59.59
CA GLN B 1239 25.05 -42.84 -60.47
C GLN B 1239 23.55 -42.55 -60.41
N ASP B 1240 22.73 -43.59 -60.59
CA ASP B 1240 21.28 -43.41 -60.55
C ASP B 1240 20.83 -42.83 -59.21
N PHE B 1241 21.46 -43.26 -58.12
CA PHE B 1241 21.08 -42.80 -56.79
C PHE B 1241 21.61 -41.42 -56.46
N LEU B 1242 22.58 -40.92 -57.23
CA LEU B 1242 23.05 -39.55 -57.03
C LEU B 1242 21.94 -38.55 -57.26
N HIS B 1243 20.89 -38.93 -57.98
CA HIS B 1243 19.73 -38.05 -58.14
C HIS B 1243 19.05 -37.79 -56.81
N GLU B 1244 19.22 -38.69 -55.84
CA GLU B 1244 18.67 -38.50 -54.49
C GLU B 1244 19.66 -37.63 -53.71
N ILE B 1245 19.47 -36.32 -53.78
CA ILE B 1245 20.38 -35.37 -53.14
C ILE B 1245 19.78 -34.96 -51.79
N TYR B 1246 18.88 -35.78 -51.26
CA TYR B 1246 18.19 -35.49 -50.01
C TYR B 1246 19.14 -35.40 -48.82
N PHE B 1247 20.30 -36.03 -48.89
CA PHE B 1247 21.07 -36.31 -47.68
C PHE B 1247 21.65 -35.03 -47.06
N LEU B 1248 22.54 -34.36 -47.79
CA LEU B 1248 23.23 -33.17 -47.31
C LEU B 1248 23.83 -33.37 -45.92
N PRO B 1249 24.91 -34.15 -45.80
CA PRO B 1249 25.51 -34.37 -44.48
C PRO B 1249 26.20 -33.14 -43.97
N ASP B 1250 26.66 -33.17 -42.71
CA ASP B 1250 27.35 -32.04 -42.09
C ASP B 1250 28.56 -32.57 -41.35
N HIS B 1251 29.71 -32.51 -41.98
CA HIS B 1251 30.97 -33.02 -41.43
C HIS B 1251 32.11 -32.53 -42.31
N PRO B 1252 33.35 -32.55 -41.79
CA PRO B 1252 34.46 -32.00 -42.58
C PRO B 1252 34.68 -32.70 -43.91
N GLU B 1253 34.68 -34.03 -43.92
CA GLU B 1253 35.11 -34.80 -45.09
C GLU B 1253 33.96 -35.15 -46.02
N LEU B 1254 33.17 -34.15 -46.42
CA LEU B 1254 32.12 -34.34 -47.42
C LEU B 1254 32.51 -33.73 -48.76
N LYS B 1255 33.71 -33.21 -48.89
CA LYS B 1255 34.09 -32.46 -50.09
C LYS B 1255 34.13 -33.36 -51.32
N LYS B 1256 34.68 -34.57 -51.18
CA LYS B 1256 34.72 -35.49 -52.31
C LYS B 1256 33.31 -35.91 -52.71
N ILE B 1257 32.43 -36.08 -51.72
CA ILE B 1257 31.05 -36.47 -52.02
C ILE B 1257 30.29 -35.32 -52.66
N LYS B 1258 30.48 -34.10 -52.15
CA LYS B 1258 29.92 -32.93 -52.83
C LYS B 1258 30.42 -32.87 -54.26
N ALA B 1259 31.70 -33.18 -54.49
CA ALA B 1259 32.26 -33.13 -55.83
C ALA B 1259 31.60 -34.13 -56.75
N VAL B 1260 31.44 -35.38 -56.29
CA VAL B 1260 30.85 -36.39 -57.16
C VAL B 1260 29.37 -36.11 -57.39
N LEU B 1261 28.68 -35.55 -56.38
CA LEU B 1261 27.28 -35.19 -56.59
C LEU B 1261 27.15 -34.06 -57.60
N GLN B 1262 28.01 -33.04 -57.50
CA GLN B 1262 28.05 -32.01 -58.52
C GLN B 1262 28.38 -32.59 -59.89
N GLU B 1263 29.23 -33.62 -59.93
CA GLU B 1263 29.47 -34.34 -61.17
C GLU B 1263 28.18 -34.90 -61.73
N TYR B 1264 27.32 -35.43 -60.86
CA TYR B 1264 26.01 -35.89 -61.33
C TYR B 1264 25.06 -34.73 -61.59
N ARG B 1265 25.18 -33.64 -60.84
CA ARG B 1265 24.30 -32.49 -61.04
C ARG B 1265 24.64 -31.75 -62.33
N LEU B 1274 24.08 -20.41 -51.93
CA LEU B 1274 23.07 -19.95 -50.99
C LEU B 1274 21.69 -20.41 -51.43
N GLN B 1275 21.16 -19.75 -52.46
CA GLN B 1275 19.89 -20.16 -53.04
C GLN B 1275 19.94 -21.60 -53.50
N THR B 1276 21.08 -22.04 -54.02
CA THR B 1276 21.27 -23.45 -54.35
C THR B 1276 21.11 -24.31 -53.11
N THR B 1277 21.84 -23.97 -52.03
CA THR B 1277 21.72 -24.70 -50.78
C THR B 1277 20.27 -24.76 -50.32
N LEU B 1278 19.54 -23.66 -50.49
CA LEU B 1278 18.16 -23.61 -50.01
C LEU B 1278 17.29 -24.62 -50.76
N GLN B 1279 17.45 -24.71 -52.08
CA GLN B 1279 16.63 -25.65 -52.83
C GLN B 1279 16.95 -27.10 -52.46
N LEU B 1280 18.24 -27.39 -52.23
CA LEU B 1280 18.60 -28.72 -51.77
C LEU B 1280 17.97 -29.03 -50.42
N SER B 1281 18.00 -28.05 -49.51
CA SER B 1281 17.35 -28.23 -48.22
C SER B 1281 15.86 -28.49 -48.40
N MET B 1282 15.24 -27.78 -49.36
CA MET B 1282 13.82 -27.98 -49.64
C MET B 1282 13.55 -29.41 -50.08
N LYS B 1283 14.27 -29.87 -51.10
CA LYS B 1283 14.14 -31.25 -51.53
C LYS B 1283 14.38 -32.23 -50.40
N ALA B 1284 15.23 -31.85 -49.44
CA ALA B 1284 15.45 -32.70 -48.28
C ALA B 1284 14.23 -32.72 -47.37
N ILE B 1285 13.56 -31.57 -47.21
CA ILE B 1285 12.33 -31.55 -46.41
C ILE B 1285 11.27 -32.41 -47.06
N GLN B 1286 11.12 -32.31 -48.39
CA GLN B 1286 10.12 -33.10 -49.10
C GLN B 1286 10.39 -34.60 -49.02
N HIS B 1287 11.57 -35.02 -48.58
CA HIS B 1287 11.84 -36.44 -48.43
C HIS B 1287 10.95 -37.04 -47.35
N GLU B 1288 10.57 -38.29 -47.56
CA GLU B 1288 9.58 -38.91 -46.70
C GLU B 1288 10.13 -39.22 -45.31
N ASN B 1289 11.43 -39.47 -45.20
CA ASN B 1289 11.98 -39.93 -43.93
C ASN B 1289 11.95 -38.82 -42.90
N VAL B 1290 11.46 -39.16 -41.70
CA VAL B 1290 11.38 -38.18 -40.63
C VAL B 1290 12.77 -37.73 -40.22
N ASP B 1291 13.65 -38.68 -39.91
CA ASP B 1291 14.97 -38.31 -39.40
C ASP B 1291 15.78 -37.57 -40.44
N VAL B 1292 15.60 -37.90 -41.72
CA VAL B 1292 16.14 -37.05 -42.78
C VAL B 1292 15.63 -35.63 -42.63
N ARG B 1293 14.32 -35.49 -42.40
CA ARG B 1293 13.73 -34.17 -42.29
C ARG B 1293 14.26 -33.43 -41.06
N ILE B 1294 14.50 -34.16 -39.96
CA ILE B 1294 15.00 -33.51 -38.75
C ILE B 1294 16.33 -32.83 -39.03
N HIS B 1295 17.29 -33.58 -39.55
CA HIS B 1295 18.60 -33.02 -39.87
C HIS B 1295 18.48 -31.91 -40.92
N ALA B 1296 17.65 -32.13 -41.94
CA ALA B 1296 17.48 -31.14 -42.98
C ALA B 1296 17.01 -29.81 -42.39
N LEU B 1297 16.01 -29.87 -41.51
CA LEU B 1297 15.44 -28.64 -40.98
C LEU B 1297 16.37 -27.97 -39.98
N THR B 1298 17.11 -28.77 -39.20
CA THR B 1298 18.12 -28.16 -38.33
C THR B 1298 19.16 -27.40 -39.16
N SER B 1299 19.69 -28.05 -40.21
CA SER B 1299 20.64 -27.39 -41.07
C SER B 1299 20.05 -26.16 -41.73
N LEU B 1300 18.77 -26.23 -42.10
CA LEU B 1300 18.12 -25.08 -42.73
C LEU B 1300 17.99 -23.92 -41.76
N LYS B 1301 17.60 -24.20 -40.52
CA LYS B 1301 17.52 -23.14 -39.52
C LYS B 1301 18.87 -22.49 -39.30
N GLU B 1302 19.92 -23.31 -39.20
CA GLU B 1302 21.25 -22.75 -39.05
C GLU B 1302 21.63 -21.91 -40.27
N THR B 1303 21.22 -22.35 -41.46
CA THR B 1303 21.49 -21.59 -42.67
C THR B 1303 20.80 -20.24 -42.62
N LEU B 1304 19.53 -20.22 -42.24
CA LEU B 1304 18.79 -18.97 -42.16
C LEU B 1304 19.44 -18.02 -41.16
N TYR B 1305 19.78 -18.53 -39.97
CA TYR B 1305 20.43 -17.68 -38.99
C TYR B 1305 21.76 -17.15 -39.50
N LYS B 1306 22.52 -17.98 -40.21
CA LYS B 1306 23.79 -17.54 -40.77
C LYS B 1306 23.59 -16.53 -41.89
N ASN B 1307 22.75 -16.86 -42.87
CA ASN B 1307 22.54 -16.03 -44.04
C ASN B 1307 21.39 -15.05 -43.87
N GLN B 1308 21.13 -14.64 -42.62
CA GLN B 1308 20.09 -13.67 -42.32
C GLN B 1308 20.24 -12.42 -43.19
N GLU B 1309 21.38 -11.75 -43.10
CA GLU B 1309 21.58 -10.51 -43.83
C GLU B 1309 21.44 -10.69 -45.34
N LYS B 1310 21.56 -11.91 -45.84
CA LYS B 1310 21.32 -12.14 -47.26
C LYS B 1310 19.86 -12.44 -47.56
N LEU B 1311 19.22 -13.27 -46.72
CA LEU B 1311 17.80 -13.51 -46.88
C LEU B 1311 17.01 -12.23 -46.73
N ILE B 1312 17.39 -11.38 -45.76
CA ILE B 1312 16.72 -10.10 -45.61
C ILE B 1312 16.79 -9.31 -46.91
N LYS B 1313 17.94 -9.34 -47.57
CA LYS B 1313 18.01 -8.79 -48.92
C LYS B 1313 17.03 -9.52 -49.84
N TYR B 1314 17.04 -10.85 -49.80
CA TYR B 1314 16.13 -11.60 -50.64
C TYR B 1314 14.67 -11.36 -50.29
N ALA B 1315 14.39 -10.97 -49.04
CA ALA B 1315 13.02 -10.78 -48.61
C ALA B 1315 12.50 -9.40 -48.97
N THR B 1316 13.29 -8.36 -48.72
CA THR B 1316 12.84 -6.99 -48.94
C THR B 1316 13.54 -6.32 -50.11
N ASP B 1317 14.14 -7.10 -51.01
CA ASP B 1317 14.70 -6.51 -52.22
C ASP B 1317 13.61 -5.84 -53.04
N SER B 1318 12.44 -6.46 -53.11
CA SER B 1318 11.39 -6.05 -54.01
C SER B 1318 10.05 -6.27 -53.32
N GLU B 1319 9.01 -5.68 -53.89
CA GLU B 1319 7.67 -5.88 -53.33
C GLU B 1319 7.32 -7.36 -53.28
N THR B 1320 7.82 -8.14 -54.22
CA THR B 1320 7.67 -9.60 -54.20
C THR B 1320 9.01 -10.22 -53.93
N VAL B 1321 9.06 -11.13 -52.97
CA VAL B 1321 10.31 -11.79 -52.59
C VAL B 1321 10.75 -12.69 -53.75
N GLU B 1322 12.02 -13.08 -53.74
CA GLU B 1322 12.51 -13.99 -54.75
C GLU B 1322 11.75 -15.32 -54.67
N PRO B 1323 11.52 -15.97 -55.81
CA PRO B 1323 10.65 -17.17 -55.81
C PRO B 1323 11.12 -18.26 -54.87
N ILE B 1324 12.44 -18.36 -54.65
CA ILE B 1324 12.96 -19.41 -53.78
C ILE B 1324 12.34 -19.30 -52.39
N ILE B 1325 12.21 -18.07 -51.89
CA ILE B 1325 11.66 -17.88 -50.55
C ILE B 1325 10.18 -18.27 -50.53
N SER B 1326 9.46 -18.01 -51.62
CA SER B 1326 8.06 -18.41 -51.68
C SER B 1326 7.93 -19.94 -51.63
N GLN B 1327 8.69 -20.64 -52.46
CA GLN B 1327 8.66 -22.09 -52.42
C GLN B 1327 9.07 -22.60 -51.05
N LEU B 1328 10.01 -21.92 -50.41
CA LEU B 1328 10.46 -22.33 -49.09
C LEU B 1328 9.34 -22.21 -48.07
N VAL B 1329 8.65 -21.07 -48.04
CA VAL B 1329 7.59 -20.91 -47.05
C VAL B 1329 6.44 -21.86 -47.34
N THR B 1330 6.18 -22.15 -48.61
CA THR B 1330 5.15 -23.12 -48.94
C THR B 1330 5.49 -24.49 -48.38
N VAL B 1331 6.71 -24.98 -48.67
CA VAL B 1331 7.05 -26.32 -48.19
C VAL B 1331 7.17 -26.33 -46.67
N LEU B 1332 7.54 -25.21 -46.06
CA LEU B 1332 7.56 -25.15 -44.60
C LEU B 1332 6.17 -25.29 -44.03
N LEU B 1333 5.19 -24.59 -44.62
CA LEU B 1333 3.82 -24.77 -44.21
C LEU B 1333 3.37 -26.20 -44.41
N LYS B 1334 3.87 -26.86 -45.46
CA LYS B 1334 3.61 -28.29 -45.61
C LYS B 1334 4.21 -29.07 -44.45
N GLY B 1335 5.34 -28.60 -43.91
CA GLY B 1335 5.96 -29.28 -42.79
C GLY B 1335 5.15 -29.17 -41.51
N CYS B 1336 4.27 -28.17 -41.41
CA CYS B 1336 3.40 -28.08 -40.26
C CYS B 1336 2.30 -29.13 -40.29
N GLN B 1337 2.01 -29.70 -41.46
CA GLN B 1337 1.10 -30.83 -41.53
C GLN B 1337 1.79 -32.16 -41.25
N ASP B 1338 3.09 -32.15 -41.01
CA ASP B 1338 3.81 -33.37 -40.73
C ASP B 1338 3.38 -33.96 -39.39
N ALA B 1339 3.27 -35.29 -39.34
CA ALA B 1339 2.73 -35.94 -38.16
C ALA B 1339 3.67 -35.85 -36.97
N ASN B 1340 4.98 -35.80 -37.21
CA ASN B 1340 5.93 -35.71 -36.11
C ASN B 1340 5.85 -34.36 -35.42
N SER B 1341 5.84 -34.37 -34.09
CA SER B 1341 5.86 -33.13 -33.34
C SER B 1341 7.21 -32.44 -33.46
N GLN B 1342 8.29 -33.22 -33.54
CA GLN B 1342 9.62 -32.63 -33.56
C GLN B 1342 9.80 -31.72 -34.77
N ALA B 1343 9.40 -32.19 -35.95
CA ALA B 1343 9.58 -31.38 -37.15
C ALA B 1343 8.67 -30.16 -37.15
N ARG B 1344 7.45 -30.31 -36.64
CA ARG B 1344 6.53 -29.18 -36.64
C ARG B 1344 6.97 -28.10 -35.67
N LEU B 1345 7.62 -28.48 -34.57
CA LEU B 1345 8.26 -27.48 -33.72
C LEU B 1345 9.48 -26.91 -34.42
N LEU B 1346 10.29 -27.81 -34.99
CA LEU B 1346 11.53 -27.39 -35.67
C LEU B 1346 11.13 -26.43 -36.79
N CYS B 1347 9.92 -26.58 -37.36
CA CYS B 1347 9.43 -25.63 -38.38
C CYS B 1347 8.64 -24.50 -37.74
N GLY B 1348 8.25 -24.63 -36.48
CA GLY B 1348 7.75 -23.43 -35.79
C GLY B 1348 8.98 -22.57 -35.80
N GLU B 1349 10.14 -23.17 -35.50
CA GLU B 1349 11.44 -22.47 -35.59
C GLU B 1349 11.73 -22.14 -37.06
N CYS B 1350 11.46 -23.02 -38.02
CA CYS B 1350 11.86 -22.78 -39.43
C CYS B 1350 11.14 -21.52 -39.94
N LEU B 1351 9.88 -21.33 -39.60
CA LEU B 1351 9.08 -20.19 -40.10
C LEU B 1351 9.50 -18.92 -39.36
N GLY B 1352 9.67 -18.97 -38.04
CA GLY B 1352 10.09 -17.82 -37.24
C GLY B 1352 11.44 -17.27 -37.66
N GLU B 1353 12.36 -18.15 -38.05
CA GLU B 1353 13.67 -17.69 -38.53
C GLU B 1353 13.50 -16.78 -39.73
N LEU B 1354 12.76 -17.21 -40.73
CA LEU B 1354 12.59 -16.41 -41.93
C LEU B 1354 11.76 -15.16 -41.65
N GLY B 1355 10.84 -15.23 -40.69
CA GLY B 1355 10.02 -14.08 -40.39
C GLY B 1355 8.68 -14.13 -41.10
N ALA B 1356 7.67 -13.59 -40.43
CA ALA B 1356 6.30 -13.60 -40.95
C ALA B 1356 6.20 -12.56 -42.05
N ILE B 1357 6.68 -12.92 -43.25
CA ILE B 1357 6.67 -11.98 -44.36
C ILE B 1357 5.23 -11.62 -44.72
N ASP B 1358 5.07 -10.42 -45.27
CA ASP B 1358 3.76 -9.96 -45.73
C ASP B 1358 3.21 -10.93 -46.76
N PRO B 1359 2.06 -11.56 -46.49
CA PRO B 1359 1.50 -12.51 -47.46
C PRO B 1359 1.34 -11.92 -48.86
N GLY B 1360 1.35 -10.60 -48.98
CA GLY B 1360 1.42 -10.01 -50.30
C GLY B 1360 2.78 -10.17 -50.93
N ARG B 1361 3.84 -10.02 -50.13
CA ARG B 1361 5.19 -10.15 -50.67
C ARG B 1361 5.48 -11.57 -51.12
N LEU B 1362 4.70 -12.54 -50.64
CA LEU B 1362 4.80 -13.89 -51.14
C LEU B 1362 3.99 -14.04 -52.41
N ASP B 1363 4.04 -15.23 -53.00
CA ASP B 1363 3.22 -15.53 -54.18
C ASP B 1363 3.03 -17.04 -54.22
N PHE B 1364 1.86 -17.49 -53.80
CA PHE B 1364 1.54 -18.90 -53.68
C PHE B 1364 0.93 -19.46 -54.95
N SER B 1365 0.71 -18.64 -55.98
CA SER B 1365 0.00 -19.09 -57.17
C SER B 1365 0.68 -20.30 -57.79
N THR B 1366 2.00 -20.25 -57.93
CA THR B 1366 2.73 -21.38 -58.50
C THR B 1366 2.93 -22.50 -57.49
N THR B 1367 2.76 -22.23 -56.20
CA THR B 1367 2.96 -23.23 -55.17
C THR B 1367 1.66 -23.77 -54.56
N GLU B 1368 0.58 -23.00 -54.59
CA GLU B 1368 -0.73 -23.53 -54.22
C GLU B 1368 -1.41 -24.16 -55.43
N THR B 1369 -0.71 -25.08 -56.09
CA THR B 1369 -1.21 -25.79 -57.26
C THR B 1369 -1.57 -27.23 -56.92
N GLN B 1370 -1.94 -27.48 -55.67
CA GLN B 1370 -2.31 -28.81 -55.21
C GLN B 1370 -3.80 -28.88 -54.95
N GLY B 1371 -4.31 -30.10 -54.79
CA GLY B 1371 -5.72 -30.31 -54.53
C GLY B 1371 -6.41 -31.10 -55.62
N LYS B 1372 -5.67 -31.99 -56.30
CA LYS B 1372 -6.28 -32.87 -57.34
C LYS B 1372 -7.59 -33.43 -56.77
N ASP B 1373 -7.55 -33.96 -55.54
CA ASP B 1373 -8.77 -34.52 -54.88
C ASP B 1373 -9.32 -35.65 -55.76
N PHE B 1374 -10.62 -35.64 -56.07
CA PHE B 1374 -11.24 -36.38 -57.21
C PHE B 1374 -11.05 -37.87 -56.97
N THR B 1375 -11.29 -38.73 -57.96
CA THR B 1375 -11.10 -40.19 -57.86
C THR B 1375 -12.14 -40.71 -56.89
N PHE B 1376 -13.42 -40.55 -57.22
CA PHE B 1376 -14.50 -41.03 -56.37
C PHE B 1376 -14.37 -42.53 -56.09
N VAL B 1377 -14.97 -42.96 -54.98
CA VAL B 1377 -14.84 -44.31 -54.47
C VAL B 1377 -16.21 -44.99 -54.50
N THR B 1378 -17.01 -44.63 -55.52
CA THR B 1378 -18.45 -44.89 -55.56
C THR B 1378 -18.89 -46.22 -54.94
N GLY B 1379 -18.29 -47.33 -55.33
CA GLY B 1379 -18.78 -48.64 -54.95
C GLY B 1379 -17.67 -49.57 -54.52
N VAL B 1380 -18.03 -50.49 -53.63
CA VAL B 1380 -17.09 -51.50 -53.17
C VAL B 1380 -16.69 -52.42 -54.32
N GLU B 1381 -17.66 -52.78 -55.17
CA GLU B 1381 -17.36 -53.63 -56.32
C GLU B 1381 -16.39 -52.96 -57.27
N ASP B 1382 -16.29 -51.64 -57.23
CA ASP B 1382 -15.35 -50.93 -58.07
C ASP B 1382 -13.92 -51.13 -57.58
N SER B 1383 -12.97 -51.02 -58.51
CA SER B 1383 -11.57 -51.27 -58.17
C SER B 1383 -11.02 -50.20 -57.23
N SER B 1384 -11.58 -48.99 -57.27
CA SER B 1384 -11.12 -47.94 -56.37
C SER B 1384 -11.29 -48.35 -54.91
N PHE B 1385 -12.50 -48.76 -54.54
CA PHE B 1385 -12.71 -49.25 -53.18
C PHE B 1385 -11.92 -50.52 -52.92
N ALA B 1386 -11.71 -51.35 -53.94
CA ALA B 1386 -10.88 -52.53 -53.75
C ALA B 1386 -9.49 -52.14 -53.26
N TYR B 1387 -8.86 -51.17 -53.93
CA TYR B 1387 -7.53 -50.74 -53.52
C TYR B 1387 -7.56 -50.05 -52.16
N GLY B 1388 -8.58 -49.23 -51.92
CA GLY B 1388 -8.70 -48.58 -50.63
C GLY B 1388 -8.85 -49.57 -49.50
N LEU B 1389 -9.64 -50.63 -49.73
CA LEU B 1389 -9.81 -51.66 -48.72
C LEU B 1389 -8.56 -52.49 -48.55
N LEU B 1390 -7.76 -52.63 -49.61
CA LEU B 1390 -6.44 -53.24 -49.44
C LEU B 1390 -5.55 -52.39 -48.52
N MET B 1391 -5.56 -51.08 -48.74
CA MET B 1391 -4.81 -50.20 -47.85
C MET B 1391 -5.33 -50.29 -46.41
N GLU B 1392 -6.64 -50.42 -46.25
CA GLU B 1392 -7.20 -50.65 -44.92
C GLU B 1392 -6.74 -51.99 -44.36
N LEU B 1393 -6.63 -52.99 -45.22
CA LEU B 1393 -6.18 -54.32 -44.83
C LEU B 1393 -4.72 -54.35 -44.43
N THR B 1394 -3.92 -53.36 -44.82
CA THR B 1394 -2.50 -53.38 -44.50
C THR B 1394 -2.06 -52.38 -43.44
N ARG B 1395 -2.61 -51.15 -43.46
CA ARG B 1395 -1.97 -50.02 -42.77
C ARG B 1395 -1.72 -50.34 -41.30
N ALA B 1396 -2.65 -51.03 -40.64
CA ALA B 1396 -2.42 -51.48 -39.29
C ALA B 1396 -2.44 -53.00 -39.18
N TYR B 1397 -2.58 -53.72 -40.30
CA TYR B 1397 -2.10 -55.10 -40.32
C TYR B 1397 -0.64 -55.16 -39.93
N LEU B 1398 0.11 -54.10 -40.25
CA LEU B 1398 1.43 -53.95 -39.66
C LEU B 1398 1.36 -53.82 -38.14
N ALA B 1399 0.20 -53.44 -37.61
CA ALA B 1399 0.02 -53.26 -36.17
C ALA B 1399 -0.81 -54.35 -35.51
N TYR B 1400 -1.43 -55.24 -36.29
CA TYR B 1400 -2.16 -56.37 -35.74
C TYR B 1400 -1.29 -57.60 -35.55
N ALA B 1401 -0.01 -57.51 -35.91
CA ALA B 1401 0.90 -58.63 -35.72
C ALA B 1401 1.12 -58.94 -34.24
N ASP B 1402 0.77 -58.02 -33.35
CA ASP B 1402 0.91 -58.28 -31.92
C ASP B 1402 -0.23 -59.13 -31.36
N ASN B 1403 -1.41 -59.06 -31.97
CA ASN B 1403 -2.57 -59.79 -31.51
C ASN B 1403 -2.96 -60.83 -32.56
N SER B 1404 -3.06 -62.09 -32.14
CA SER B 1404 -3.28 -63.19 -33.09
C SER B 1404 -4.60 -63.02 -33.83
N ARG B 1405 -5.71 -62.93 -33.08
CA ARG B 1405 -7.01 -62.80 -33.73
C ARG B 1405 -7.09 -61.55 -34.58
N ALA B 1406 -6.39 -60.49 -34.18
CA ALA B 1406 -6.33 -59.30 -35.03
C ALA B 1406 -5.58 -59.57 -36.32
N GLN B 1407 -4.41 -60.20 -36.24
CA GLN B 1407 -3.66 -60.53 -37.44
C GLN B 1407 -4.42 -61.52 -38.32
N ASP B 1408 -5.02 -62.55 -37.70
CA ASP B 1408 -5.77 -63.53 -38.48
C ASP B 1408 -7.00 -62.89 -39.14
N SER B 1409 -7.63 -61.92 -38.48
CA SER B 1409 -8.84 -61.32 -39.03
C SER B 1409 -8.57 -60.65 -40.37
N ALA B 1410 -7.61 -59.73 -40.40
CA ALA B 1410 -7.26 -59.09 -41.66
C ALA B 1410 -6.71 -60.09 -42.66
N ALA B 1411 -6.05 -61.15 -42.18
CA ALA B 1411 -5.61 -62.20 -43.08
C ALA B 1411 -6.80 -62.91 -43.73
N TYR B 1412 -7.83 -63.21 -42.94
CA TYR B 1412 -9.03 -63.82 -43.50
C TYR B 1412 -9.74 -62.89 -44.47
N ALA B 1413 -9.79 -61.59 -44.13
CA ALA B 1413 -10.41 -60.63 -45.03
C ALA B 1413 -9.61 -60.47 -46.31
N ILE B 1414 -8.30 -60.70 -46.26
CA ILE B 1414 -7.49 -60.74 -47.47
C ILE B 1414 -8.02 -61.80 -48.41
N GLN B 1415 -8.37 -62.98 -47.88
CA GLN B 1415 -8.89 -64.05 -48.71
C GLN B 1415 -10.15 -63.62 -49.45
N GLU B 1416 -11.15 -63.15 -48.71
CA GLU B 1416 -12.41 -62.76 -49.34
C GLU B 1416 -12.22 -61.56 -50.27
N LEU B 1417 -11.27 -60.68 -49.97
CA LEU B 1417 -10.97 -59.59 -50.90
C LEU B 1417 -10.23 -60.12 -52.13
N LEU B 1418 -9.13 -60.82 -51.91
CA LEU B 1418 -8.34 -61.33 -53.03
C LEU B 1418 -9.07 -62.40 -53.82
N SER B 1419 -10.08 -63.05 -53.23
CA SER B 1419 -10.86 -64.03 -53.98
C SER B 1419 -11.53 -63.38 -55.19
N ILE B 1420 -12.27 -62.30 -54.96
CA ILE B 1420 -12.92 -61.60 -56.06
C ILE B 1420 -11.92 -60.75 -56.83
N TYR B 1421 -10.87 -60.29 -56.18
CA TYR B 1421 -9.93 -59.34 -56.77
C TYR B 1421 -8.57 -59.98 -57.07
N ASP B 1422 -8.56 -61.27 -57.37
CA ASP B 1422 -7.35 -61.93 -57.85
C ASP B 1422 -7.10 -61.56 -59.30
N CYS B 1423 -5.84 -61.35 -59.65
CA CYS B 1423 -5.47 -60.95 -61.00
C CYS B 1423 -4.16 -61.64 -61.38
N ARG B 1424 -4.19 -62.42 -62.46
CA ARG B 1424 -3.03 -63.15 -62.92
C ARG B 1424 -2.67 -62.76 -64.34
N HIS B 1433 -4.45 -58.74 -64.99
CA HIS B 1433 -3.35 -58.60 -64.04
C HIS B 1433 -3.02 -57.15 -63.80
N GLN B 1434 -3.75 -56.24 -64.47
CA GLN B 1434 -3.49 -54.82 -64.30
C GLN B 1434 -3.83 -54.38 -62.88
N LEU B 1435 -4.89 -54.95 -62.29
CA LEU B 1435 -5.22 -54.61 -60.91
C LEU B 1435 -4.21 -55.19 -59.93
N TRP B 1436 -3.66 -56.37 -60.23
CA TRP B 1436 -2.60 -56.91 -59.39
C TRP B 1436 -1.39 -55.99 -59.39
N ARG B 1437 -1.08 -55.38 -60.54
CA ARG B 1437 0.02 -54.43 -60.59
C ARG B 1437 -0.31 -53.16 -59.81
N ARG B 1438 -1.59 -52.81 -59.70
CA ARG B 1438 -1.97 -51.66 -58.89
C ARG B 1438 -1.61 -51.87 -57.42
N PHE B 1439 -1.57 -53.12 -56.98
CA PHE B 1439 -1.15 -53.40 -55.62
C PHE B 1439 0.31 -52.99 -55.45
N PRO B 1440 0.65 -52.27 -54.39
CA PRO B 1440 2.06 -51.97 -54.13
C PRO B 1440 2.84 -53.26 -53.92
N GLU B 1441 4.12 -53.23 -54.30
CA GLU B 1441 4.95 -54.43 -54.24
C GLU B 1441 5.07 -54.94 -52.81
N HIS B 1442 5.33 -54.04 -51.86
CA HIS B 1442 5.38 -54.45 -50.46
C HIS B 1442 4.01 -54.85 -49.95
N VAL B 1443 2.97 -54.12 -50.36
CA VAL B 1443 1.62 -54.42 -49.89
C VAL B 1443 1.13 -55.75 -50.48
N ARG B 1444 1.34 -55.95 -51.78
CA ARG B 1444 1.03 -57.25 -52.36
C ARG B 1444 1.94 -58.34 -51.81
N GLU B 1445 3.12 -57.97 -51.30
CA GLU B 1445 3.94 -58.93 -50.56
C GLU B 1445 3.32 -59.25 -49.20
N ILE B 1446 2.61 -58.29 -48.61
CA ILE B 1446 1.94 -58.55 -47.34
C ILE B 1446 0.83 -59.58 -47.53
N LEU B 1447 0.13 -59.51 -48.67
CA LEU B 1447 -0.86 -60.52 -48.99
C LEU B 1447 -0.26 -61.76 -49.65
N GLU B 1448 1.05 -61.77 -49.88
CA GLU B 1448 1.67 -62.98 -50.44
C GLU B 1448 1.52 -64.19 -49.52
N PRO B 1449 1.75 -64.10 -48.20
CA PRO B 1449 1.49 -65.26 -47.34
C PRO B 1449 0.03 -65.70 -47.34
N HIS B 1450 -0.87 -64.86 -47.84
CA HIS B 1450 -2.29 -65.20 -47.95
C HIS B 1450 -2.80 -64.86 -49.35
N LEU B 1451 -1.98 -65.17 -50.36
CA LEU B 1451 -2.35 -64.88 -51.74
C LEU B 1451 -3.66 -65.58 -52.11
N ASN B 1452 -3.66 -66.91 -52.07
CA ASN B 1452 -4.90 -67.66 -52.25
C ASN B 1452 -5.00 -68.83 -51.28
N THR B 1453 -4.10 -68.93 -50.31
CA THR B 1453 -4.18 -69.98 -49.31
C THR B 1453 -5.41 -69.79 -48.44
N ARG B 1454 -6.32 -70.76 -48.48
CA ARG B 1454 -7.58 -70.63 -47.76
C ARG B 1454 -7.35 -70.58 -46.26
N TYR B 1455 -8.04 -69.65 -45.60
CA TYR B 1455 -7.92 -69.46 -44.16
C TYR B 1455 -9.30 -69.51 -43.52
N LYS B 1456 -9.32 -69.93 -42.26
CA LYS B 1456 -10.56 -70.03 -41.52
C LYS B 1456 -11.02 -68.67 -41.01
N SER B 1457 -12.27 -68.60 -40.57
CA SER B 1457 -12.77 -67.40 -39.92
C SER B 1457 -12.03 -67.18 -38.61
N SER B 1458 -11.76 -65.91 -38.30
CA SER B 1458 -10.93 -65.60 -37.14
C SER B 1458 -11.74 -65.51 -35.85
N GLN B 1459 -13.01 -65.12 -35.94
CA GLN B 1459 -13.87 -65.03 -34.78
C GLN B 1459 -15.21 -65.67 -35.09
N LYS B 1460 -16.15 -65.52 -34.17
CA LYS B 1460 -17.51 -66.01 -34.34
C LYS B 1460 -18.43 -64.87 -34.81
N SER B 1461 -19.64 -65.25 -35.21
CA SER B 1461 -20.63 -64.31 -35.71
C SER B 1461 -21.69 -64.08 -34.65
N THR B 1462 -21.89 -62.82 -34.27
CA THR B 1462 -22.89 -62.43 -33.29
C THR B 1462 -23.84 -61.41 -33.92
N ASP B 1463 -25.14 -61.69 -33.85
CA ASP B 1463 -26.11 -60.80 -34.47
C ASP B 1463 -26.20 -59.49 -33.71
N TRP B 1464 -26.08 -58.37 -34.44
CA TRP B 1464 -26.22 -57.05 -33.85
C TRP B 1464 -27.65 -56.52 -33.90
N SER B 1465 -28.55 -57.22 -34.61
CA SER B 1465 -29.94 -56.80 -34.64
C SER B 1465 -30.67 -57.13 -33.35
N GLY B 1466 -30.15 -58.09 -32.56
CA GLY B 1466 -30.84 -58.49 -31.36
C GLY B 1466 -30.89 -57.41 -30.30
N VAL B 1467 -29.87 -56.55 -30.26
CA VAL B 1467 -29.83 -55.49 -29.26
C VAL B 1467 -30.84 -54.41 -29.62
N LYS B 1468 -31.38 -53.77 -28.58
CA LYS B 1468 -32.35 -52.70 -28.79
C LYS B 1468 -31.72 -51.53 -29.54
N LYS B 1469 -32.53 -50.87 -30.38
CA LYS B 1469 -32.17 -49.70 -31.15
C LYS B 1469 -32.83 -48.45 -30.58
N PRO B 1470 -32.18 -47.28 -30.67
CA PRO B 1470 -30.93 -46.98 -31.39
C PRO B 1470 -29.69 -47.45 -30.67
N ILE B 1471 -28.71 -47.91 -31.45
CA ILE B 1471 -27.45 -48.36 -30.89
C ILE B 1471 -26.69 -47.20 -30.24
N TYR B 1472 -26.75 -46.03 -30.87
CA TYR B 1472 -25.89 -44.92 -30.47
C TYR B 1472 -26.18 -44.47 -29.03
N LEU B 1473 -27.41 -44.63 -28.57
CA LEU B 1473 -27.78 -44.12 -27.27
C LEU B 1473 -27.35 -45.06 -26.15
N SER B 1474 -27.86 -46.30 -26.19
CA SER B 1474 -27.85 -47.19 -25.03
C SER B 1474 -26.72 -48.21 -25.16
N LYS B 1475 -25.75 -48.13 -24.24
CA LYS B 1475 -24.90 -49.24 -23.80
C LYS B 1475 -24.03 -49.83 -24.90
N LEU B 1476 -24.19 -49.36 -26.14
CA LEU B 1476 -23.29 -49.78 -27.21
C LEU B 1476 -22.74 -48.56 -27.92
N GLY B 1477 -23.57 -47.54 -28.09
CA GLY B 1477 -23.11 -46.30 -28.66
C GLY B 1477 -22.10 -45.58 -27.80
N SER B 1478 -22.20 -45.74 -26.47
CA SER B 1478 -21.37 -44.98 -25.54
C SER B 1478 -19.87 -45.16 -25.78
N ASN B 1479 -19.47 -46.15 -26.56
CA ASN B 1479 -18.09 -46.30 -26.99
C ASN B 1479 -18.01 -46.14 -28.50
N PHE B 1480 -17.05 -45.33 -28.95
CA PHE B 1480 -16.99 -44.92 -30.34
C PHE B 1480 -16.80 -46.11 -31.27
N ALA B 1481 -15.67 -46.81 -31.14
CA ALA B 1481 -15.41 -47.96 -31.99
C ALA B 1481 -16.48 -49.03 -31.83
N GLU B 1482 -16.95 -49.22 -30.60
CA GLU B 1482 -18.02 -50.19 -30.36
C GLU B 1482 -19.29 -49.79 -31.08
N TRP B 1483 -19.67 -48.51 -30.97
CA TRP B 1483 -20.85 -48.03 -31.70
C TRP B 1483 -20.71 -48.27 -33.19
N SER B 1484 -19.53 -47.93 -33.73
CA SER B 1484 -19.32 -48.08 -35.17
C SER B 1484 -19.46 -49.53 -35.59
N ALA B 1485 -18.76 -50.44 -34.89
CA ALA B 1485 -18.83 -51.86 -35.24
C ALA B 1485 -20.25 -52.39 -35.12
N SER B 1486 -20.95 -52.00 -34.06
CA SER B 1486 -22.31 -52.52 -33.83
C SER B 1486 -23.27 -52.03 -34.91
N TRP B 1487 -23.30 -50.73 -35.17
CA TRP B 1487 -24.18 -50.21 -36.20
C TRP B 1487 -23.82 -50.77 -37.56
N ALA B 1488 -22.52 -50.94 -37.82
CA ALA B 1488 -22.10 -51.48 -39.10
C ALA B 1488 -22.57 -52.92 -39.29
N GLY B 1489 -22.42 -53.75 -38.25
CA GLY B 1489 -22.89 -55.12 -38.34
C GLY B 1489 -24.40 -55.20 -38.49
N TYR B 1490 -25.12 -54.33 -37.78
CA TYR B 1490 -26.57 -54.23 -37.99
C TYR B 1490 -26.88 -53.94 -39.45
N LEU B 1491 -26.23 -52.93 -40.01
CA LEU B 1491 -26.46 -52.58 -41.41
C LEU B 1491 -26.12 -53.74 -42.34
N ILE B 1492 -25.04 -54.47 -42.03
CA ILE B 1492 -24.71 -55.66 -42.80
C ILE B 1492 -25.88 -56.64 -42.77
N THR B 1493 -26.48 -56.83 -41.60
CA THR B 1493 -27.70 -57.62 -41.53
C THR B 1493 -28.86 -56.99 -42.28
N LYS B 1494 -28.78 -55.69 -42.57
CA LYS B 1494 -29.85 -55.00 -43.29
C LYS B 1494 -29.63 -54.91 -44.79
N VAL B 1495 -28.40 -55.09 -45.28
CA VAL B 1495 -28.16 -54.95 -46.71
C VAL B 1495 -28.71 -56.15 -47.46
N ARG B 1496 -28.85 -56.00 -48.78
CA ARG B 1496 -29.39 -57.04 -49.63
C ARG B 1496 -28.45 -57.48 -50.74
N HIS B 1497 -27.45 -56.68 -51.09
CA HIS B 1497 -26.46 -57.08 -52.08
C HIS B 1497 -25.59 -58.17 -51.48
N ASP B 1498 -25.65 -59.37 -52.05
CA ASP B 1498 -25.02 -60.54 -51.44
C ASP B 1498 -23.51 -60.44 -51.46
N LEU B 1499 -22.93 -60.04 -52.59
CA LEU B 1499 -21.49 -59.81 -52.64
C LEU B 1499 -21.07 -58.74 -51.64
N ALA B 1500 -21.85 -57.66 -51.57
CA ALA B 1500 -21.60 -56.63 -50.56
C ALA B 1500 -21.74 -57.20 -49.16
N SER B 1501 -22.73 -58.07 -48.95
CA SER B 1501 -22.88 -58.70 -47.65
C SER B 1501 -21.64 -59.49 -47.28
N LYS B 1502 -21.07 -60.22 -48.24
CA LYS B 1502 -19.84 -60.96 -47.98
C LYS B 1502 -18.69 -60.01 -47.65
N ILE B 1503 -18.53 -58.95 -48.46
CA ILE B 1503 -17.43 -58.02 -48.24
C ILE B 1503 -17.56 -57.34 -46.89
N PHE B 1504 -18.78 -57.16 -46.41
CA PHE B 1504 -18.99 -56.52 -45.12
C PHE B 1504 -18.86 -57.50 -43.97
N THR B 1505 -19.13 -58.79 -44.20
CA THR B 1505 -18.94 -59.77 -43.16
C THR B 1505 -17.46 -60.09 -42.97
N CYS B 1506 -16.69 -60.12 -44.06
CA CYS B 1506 -15.27 -60.39 -43.94
C CYS B 1506 -14.55 -59.25 -43.23
N CYS B 1507 -15.05 -58.03 -43.38
CA CYS B 1507 -14.51 -56.91 -42.61
C CYS B 1507 -15.13 -56.80 -41.23
N SER B 1508 -16.19 -57.58 -40.95
CA SER B 1508 -16.83 -57.50 -39.65
C SER B 1508 -15.87 -57.88 -38.52
N ILE B 1509 -15.23 -59.03 -38.65
CA ILE B 1509 -14.19 -59.41 -37.71
C ILE B 1509 -13.12 -58.32 -37.65
N MET B 1510 -12.77 -57.77 -38.81
CA MET B 1510 -11.81 -56.68 -38.87
C MET B 1510 -12.29 -55.46 -38.09
N MET B 1511 -13.60 -55.29 -37.97
CA MET B 1511 -14.13 -54.06 -37.39
C MET B 1511 -14.00 -54.05 -35.87
N LYS B 1512 -14.10 -55.22 -35.23
CA LYS B 1512 -13.97 -55.29 -33.78
C LYS B 1512 -12.55 -55.04 -33.31
N HIS B 1513 -11.61 -54.82 -34.22
CA HIS B 1513 -10.20 -54.66 -33.87
C HIS B 1513 -9.70 -53.24 -34.04
N ASP B 1514 -10.30 -52.46 -34.92
CA ASP B 1514 -9.88 -51.09 -35.15
C ASP B 1514 -11.04 -50.31 -35.74
N PHE B 1515 -11.13 -49.02 -35.40
CA PHE B 1515 -12.25 -48.20 -35.85
C PHE B 1515 -12.04 -47.63 -37.25
N LYS B 1516 -10.81 -47.59 -37.75
CA LYS B 1516 -10.58 -46.96 -39.04
C LYS B 1516 -11.15 -47.77 -40.20
N VAL B 1517 -11.30 -49.08 -40.03
CA VAL B 1517 -11.98 -49.85 -41.06
C VAL B 1517 -13.45 -49.46 -41.13
N THR B 1518 -14.08 -49.26 -39.96
CA THR B 1518 -15.41 -48.66 -39.95
C THR B 1518 -15.39 -47.30 -40.62
N ILE B 1519 -14.37 -46.50 -40.33
CA ILE B 1519 -14.24 -45.18 -40.93
C ILE B 1519 -14.29 -45.27 -42.46
N TYR B 1520 -13.51 -46.18 -43.02
CA TYR B 1520 -13.39 -46.24 -44.47
C TYR B 1520 -14.60 -46.91 -45.12
N LEU B 1521 -15.22 -47.88 -44.47
CA LEU B 1521 -16.26 -48.66 -45.12
C LEU B 1521 -17.68 -48.19 -44.82
N LEU B 1522 -17.92 -47.60 -43.64
CA LEU B 1522 -19.27 -47.22 -43.27
C LEU B 1522 -19.95 -46.30 -44.28
N PRO B 1523 -19.27 -45.37 -44.95
CA PRO B 1523 -19.94 -44.66 -46.06
C PRO B 1523 -20.49 -45.61 -47.11
N HIS B 1524 -19.64 -46.48 -47.67
CA HIS B 1524 -20.12 -47.44 -48.65
C HIS B 1524 -21.10 -48.42 -48.03
N ILE B 1525 -20.97 -48.69 -46.73
CA ILE B 1525 -21.96 -49.52 -46.05
C ILE B 1525 -23.34 -48.90 -46.15
N LEU B 1526 -23.45 -47.62 -45.81
CA LEU B 1526 -24.73 -46.93 -45.89
C LEU B 1526 -25.20 -46.83 -47.33
N VAL B 1527 -24.27 -46.64 -48.27
CA VAL B 1527 -24.62 -46.65 -49.68
C VAL B 1527 -25.33 -47.94 -50.05
N TYR B 1528 -24.70 -49.08 -49.74
CA TYR B 1528 -25.28 -50.36 -50.10
C TYR B 1528 -26.55 -50.64 -49.31
N VAL B 1529 -26.66 -50.08 -48.11
CA VAL B 1529 -27.94 -50.10 -47.41
C VAL B 1529 -29.01 -49.44 -48.25
N LEU B 1530 -28.80 -48.17 -48.62
CA LEU B 1530 -29.77 -47.44 -49.41
C LEU B 1530 -30.05 -48.14 -50.73
N LEU B 1531 -29.09 -48.89 -51.24
CA LEU B 1531 -29.33 -49.71 -52.43
C LEU B 1531 -30.44 -50.73 -52.15
N GLY B 1532 -30.19 -51.63 -51.20
CA GLY B 1532 -31.20 -52.59 -50.81
C GLY B 1532 -31.54 -52.50 -49.34
N CYS B 1533 -32.76 -52.04 -49.04
CA CYS B 1533 -33.24 -51.95 -47.68
C CYS B 1533 -34.74 -51.76 -47.71
N ASN B 1534 -35.40 -52.19 -46.65
CA ASN B 1534 -36.82 -51.92 -46.51
C ASN B 1534 -37.03 -50.47 -46.06
N GLN B 1535 -38.27 -50.01 -46.15
CA GLN B 1535 -38.57 -48.65 -45.75
C GLN B 1535 -38.33 -48.44 -44.26
N GLU B 1536 -38.80 -49.36 -43.43
CA GLU B 1536 -38.57 -49.21 -42.00
C GLU B 1536 -37.11 -49.41 -41.63
N ASP B 1537 -36.36 -50.18 -42.43
CA ASP B 1537 -34.92 -50.27 -42.21
C ASP B 1537 -34.26 -48.93 -42.45
N GLN B 1538 -34.58 -48.29 -43.57
CA GLN B 1538 -34.12 -46.94 -43.84
C GLN B 1538 -34.51 -45.99 -42.72
N GLN B 1539 -35.71 -46.16 -42.17
CA GLN B 1539 -36.17 -45.29 -41.10
C GLN B 1539 -35.38 -45.51 -39.82
N GLU B 1540 -35.08 -46.77 -39.50
CA GLU B 1540 -34.23 -47.06 -38.35
C GLU B 1540 -32.86 -46.41 -38.51
N VAL B 1541 -32.28 -46.53 -39.70
CA VAL B 1541 -30.97 -45.94 -39.94
C VAL B 1541 -31.04 -44.42 -39.79
N TYR B 1542 -32.08 -43.81 -40.36
CA TYR B 1542 -32.22 -42.35 -40.27
C TYR B 1542 -32.41 -41.91 -38.81
N ALA B 1543 -33.16 -42.69 -38.04
CA ALA B 1543 -33.34 -42.38 -36.63
C ALA B 1543 -32.01 -42.49 -35.89
N GLU B 1544 -31.18 -43.46 -36.25
CA GLU B 1544 -29.84 -43.53 -35.66
C GLU B 1544 -29.03 -42.30 -36.03
N ILE B 1545 -29.16 -41.83 -37.26
CA ILE B 1545 -28.45 -40.62 -37.68
C ILE B 1545 -28.90 -39.43 -36.83
N MET B 1546 -30.21 -39.22 -36.75
CA MET B 1546 -30.74 -38.15 -35.91
C MET B 1546 -30.30 -38.29 -34.47
N ALA B 1547 -30.17 -39.52 -33.98
CA ALA B 1547 -29.67 -39.75 -32.64
C ALA B 1547 -28.24 -39.25 -32.51
N VAL B 1548 -27.40 -39.54 -33.50
CA VAL B 1548 -26.04 -39.01 -33.50
C VAL B 1548 -26.05 -37.49 -33.52
N LEU B 1549 -26.98 -36.91 -34.29
CA LEU B 1549 -26.95 -35.48 -34.54
C LEU B 1549 -27.43 -34.69 -33.33
N LYS B 1550 -28.62 -35.00 -32.82
CA LYS B 1550 -29.20 -34.23 -31.73
C LYS B 1550 -28.52 -34.48 -30.39
N HIS B 1551 -27.69 -35.51 -30.28
CA HIS B 1551 -26.99 -35.80 -29.03
C HIS B 1551 -25.82 -34.84 -28.89
N ASP B 1552 -26.00 -33.82 -28.05
CA ASP B 1552 -24.89 -32.97 -27.64
C ASP B 1552 -24.24 -33.58 -26.42
N ASP B 1553 -22.91 -33.72 -26.45
CA ASP B 1553 -22.21 -34.41 -25.38
C ASP B 1553 -22.31 -33.65 -24.06
N GLN B 1554 -22.55 -32.35 -24.10
CA GLN B 1554 -22.57 -31.57 -22.87
C GLN B 1554 -23.90 -31.68 -22.13
N HIS B 1555 -25.01 -31.81 -22.86
CA HIS B 1555 -26.31 -31.78 -22.22
C HIS B 1555 -26.69 -33.13 -21.62
N THR B 1556 -26.27 -34.23 -22.24
CA THR B 1556 -26.54 -35.54 -21.67
C THR B 1556 -25.63 -35.81 -20.48
N ILE B 1557 -26.19 -36.41 -19.44
CA ILE B 1557 -25.44 -36.76 -18.23
C ILE B 1557 -25.17 -38.27 -18.25
N ASN B 1558 -23.90 -38.61 -18.35
CA ASN B 1558 -23.47 -40.01 -18.42
C ASN B 1558 -21.97 -40.04 -18.20
N THR B 1559 -21.35 -41.19 -18.44
CA THR B 1559 -19.91 -41.29 -18.42
C THR B 1559 -19.31 -40.37 -19.48
N GLN B 1560 -18.17 -39.76 -19.16
CA GLN B 1560 -17.49 -38.85 -20.06
C GLN B 1560 -16.15 -39.44 -20.48
N ASP B 1561 -15.42 -38.68 -21.30
CA ASP B 1561 -14.10 -39.03 -21.83
C ASP B 1561 -14.22 -40.13 -22.87
N ILE B 1562 -15.40 -40.74 -22.99
CA ILE B 1562 -15.66 -41.68 -24.08
C ILE B 1562 -16.91 -41.22 -24.81
N ALA B 1563 -17.80 -40.53 -24.10
CA ALA B 1563 -19.01 -40.02 -24.71
C ALA B 1563 -18.80 -38.67 -25.40
N SER B 1564 -17.94 -37.82 -24.83
CA SER B 1564 -17.60 -36.57 -25.49
C SER B 1564 -16.84 -36.82 -26.77
N ASP B 1565 -15.75 -37.59 -26.68
CA ASP B 1565 -15.01 -37.97 -27.88
C ASP B 1565 -15.87 -38.82 -28.81
N LEU B 1566 -16.79 -39.61 -28.24
CA LEU B 1566 -17.74 -40.34 -29.06
C LEU B 1566 -18.58 -39.40 -29.92
N CYS B 1567 -19.21 -38.40 -29.28
CA CYS B 1567 -20.01 -37.44 -30.03
C CYS B 1567 -19.16 -36.72 -31.07
N GLN B 1568 -17.96 -36.30 -30.69
CA GLN B 1568 -17.07 -35.62 -31.63
C GLN B 1568 -16.79 -36.48 -32.86
N LEU B 1569 -16.16 -37.64 -32.64
CA LEU B 1569 -15.77 -38.50 -33.75
C LEU B 1569 -16.98 -39.03 -34.51
N SER B 1570 -18.13 -39.15 -33.85
CA SER B 1570 -19.31 -39.67 -34.52
C SER B 1570 -19.92 -38.63 -35.43
N THR B 1571 -20.03 -37.39 -34.96
CA THR B 1571 -20.39 -36.31 -35.86
C THR B 1571 -19.42 -36.25 -37.03
N GLN B 1572 -18.13 -36.42 -36.77
CA GLN B 1572 -17.14 -36.36 -37.84
C GLN B 1572 -17.35 -37.46 -38.87
N THR B 1573 -17.55 -38.70 -38.41
CA THR B 1573 -17.66 -39.81 -39.34
C THR B 1573 -18.99 -39.79 -40.07
N VAL B 1574 -20.06 -39.37 -39.40
CA VAL B 1574 -21.33 -39.24 -40.10
C VAL B 1574 -21.25 -38.12 -41.11
N PHE B 1575 -20.45 -37.08 -40.82
CA PHE B 1575 -20.22 -36.04 -41.81
C PHE B 1575 -19.51 -36.59 -43.03
N SER B 1576 -18.42 -37.36 -42.80
CA SER B 1576 -17.68 -37.91 -43.92
C SER B 1576 -18.57 -38.85 -44.76
N MET B 1577 -19.33 -39.71 -44.10
CA MET B 1577 -20.18 -40.64 -44.84
C MET B 1577 -21.31 -39.92 -45.55
N LEU B 1578 -21.85 -38.84 -44.96
CA LEU B 1578 -22.91 -38.12 -45.63
C LEU B 1578 -22.37 -37.30 -46.79
N ASP B 1579 -21.13 -36.83 -46.70
CA ASP B 1579 -20.50 -36.21 -47.87
C ASP B 1579 -20.28 -37.23 -48.97
N HIS B 1580 -19.82 -38.43 -48.60
CA HIS B 1580 -19.71 -39.50 -49.58
C HIS B 1580 -21.06 -39.80 -50.20
N LEU B 1581 -22.13 -39.78 -49.41
CA LEU B 1581 -23.46 -40.02 -49.94
C LEU B 1581 -23.92 -38.90 -50.84
N THR B 1582 -23.68 -37.65 -50.41
CA THR B 1582 -24.08 -36.46 -51.16
C THR B 1582 -23.44 -36.62 -52.49
N GLN B 1583 -22.14 -36.91 -52.50
CA GLN B 1583 -21.38 -37.12 -53.75
C GLN B 1583 -21.94 -38.36 -54.45
N TRP B 1584 -22.32 -39.39 -53.70
CA TRP B 1584 -22.90 -40.64 -54.27
C TRP B 1584 -24.12 -40.28 -55.12
N ALA B 1585 -24.99 -39.37 -54.66
CA ALA B 1585 -26.20 -38.93 -55.35
C ALA B 1585 -25.85 -38.04 -56.54
N ARG B 1586 -24.79 -37.24 -56.43
CA ARG B 1586 -24.41 -36.38 -57.52
C ARG B 1586 -23.96 -37.18 -58.74
N HIS B 1587 -22.97 -38.05 -58.56
CA HIS B 1587 -22.56 -38.92 -59.66
C HIS B 1587 -23.66 -39.89 -60.05
N LYS B 1588 -24.64 -40.12 -59.18
CA LYS B 1588 -25.78 -40.94 -59.56
C LYS B 1588 -26.67 -40.22 -60.54
N PHE B 1589 -26.99 -38.95 -60.26
CA PHE B 1589 -27.66 -38.12 -61.25
C PHE B 1589 -26.84 -38.04 -62.53
N GLN B 1590 -25.51 -38.04 -62.40
CA GLN B 1590 -24.65 -38.08 -63.58
C GLN B 1590 -24.89 -39.36 -64.38
N ALA B 1591 -24.92 -40.51 -63.70
CA ALA B 1591 -25.15 -41.77 -64.38
C ALA B 1591 -26.54 -41.83 -65.00
N LEU B 1592 -27.53 -41.23 -64.33
CA LEU B 1592 -28.86 -41.12 -64.92
C LEU B 1592 -28.83 -40.26 -66.17
N LYS B 1593 -27.95 -39.25 -66.17
CA LYS B 1593 -27.67 -38.52 -67.41
C LYS B 1593 -26.82 -39.35 -68.36
N ALA B 1594 -26.12 -40.36 -67.85
CA ALA B 1594 -25.29 -41.21 -68.69
C ALA B 1594 -26.05 -42.47 -69.11
N SER B 1612 -30.97 -49.13 -65.22
CA SER B 1612 -31.79 -47.97 -65.51
C SER B 1612 -32.76 -47.67 -64.38
N THR B 1613 -33.84 -48.45 -64.31
CA THR B 1613 -34.82 -48.26 -63.24
C THR B 1613 -34.22 -48.54 -61.86
N VAL B 1614 -33.38 -49.57 -61.75
CA VAL B 1614 -32.73 -49.86 -60.48
C VAL B 1614 -31.80 -48.72 -60.07
N ASP B 1615 -31.11 -48.13 -61.05
CA ASP B 1615 -30.29 -46.97 -60.75
C ASP B 1615 -31.16 -45.76 -60.43
N TYR B 1616 -32.26 -45.60 -61.16
CA TYR B 1616 -33.25 -44.58 -60.80
C TYR B 1616 -33.74 -44.79 -59.38
N GLU B 1617 -34.01 -46.05 -59.01
CA GLU B 1617 -34.53 -46.34 -57.68
C GLU B 1617 -33.49 -46.05 -56.61
N ASP B 1618 -32.23 -46.40 -56.85
CA ASP B 1618 -31.18 -46.07 -55.90
C ASP B 1618 -31.01 -44.56 -55.76
N TYR B 1619 -31.11 -43.84 -56.88
CA TYR B 1619 -31.08 -42.38 -56.83
C TYR B 1619 -32.21 -41.84 -55.96
N GLN B 1620 -33.43 -42.34 -56.18
CA GLN B 1620 -34.57 -41.88 -55.39
C GLN B 1620 -34.37 -42.20 -53.92
N SER B 1621 -33.87 -43.40 -53.62
CA SER B 1621 -33.68 -43.80 -52.23
C SER B 1621 -32.66 -42.92 -51.54
N VAL B 1622 -31.51 -42.68 -52.18
CA VAL B 1622 -30.48 -41.87 -51.54
C VAL B 1622 -30.93 -40.43 -51.42
N THR B 1623 -31.69 -39.93 -52.40
CA THR B 1623 -32.19 -38.56 -52.30
C THR B 1623 -33.17 -38.42 -51.15
N ARG B 1624 -34.09 -39.38 -51.00
CA ARG B 1624 -35.02 -39.34 -49.89
C ARG B 1624 -34.31 -39.49 -48.56
N PHE B 1625 -33.28 -40.34 -48.53
CA PHE B 1625 -32.47 -40.48 -47.31
C PHE B 1625 -31.84 -39.16 -46.91
N LEU B 1626 -31.22 -38.48 -47.87
CA LEU B 1626 -30.58 -37.20 -47.57
C LEU B 1626 -31.60 -36.16 -47.13
N ASP B 1627 -32.70 -36.03 -47.88
CA ASP B 1627 -33.72 -35.06 -47.53
C ASP B 1627 -34.41 -35.38 -46.22
N LEU B 1628 -34.34 -36.62 -45.76
CA LEU B 1628 -34.90 -36.96 -44.45
C LEU B 1628 -34.22 -36.17 -43.34
N ILE B 1629 -32.90 -36.06 -43.40
CA ILE B 1629 -32.15 -35.32 -42.40
C ILE B 1629 -32.36 -33.83 -42.63
N PRO B 1630 -32.76 -33.07 -41.61
CA PRO B 1630 -32.91 -31.62 -41.77
C PRO B 1630 -31.56 -30.94 -41.88
N GLN B 1631 -31.38 -30.16 -42.94
CA GLN B 1631 -30.10 -29.50 -43.17
C GLN B 1631 -29.73 -28.58 -42.01
N ASP B 1632 -30.71 -27.86 -41.46
CA ASP B 1632 -30.44 -27.02 -40.31
C ASP B 1632 -29.90 -27.84 -39.15
N THR B 1633 -30.40 -29.06 -38.98
CA THR B 1633 -29.84 -29.94 -37.96
C THR B 1633 -28.40 -30.29 -38.27
N LEU B 1634 -28.09 -30.52 -39.55
CA LEU B 1634 -26.71 -30.75 -39.95
C LEU B 1634 -25.82 -29.58 -39.53
N ALA B 1635 -26.27 -28.36 -39.82
CA ALA B 1635 -25.48 -27.19 -39.47
C ALA B 1635 -25.32 -27.07 -37.96
N VAL B 1636 -26.40 -27.32 -37.22
CA VAL B 1636 -26.33 -27.28 -35.77
C VAL B 1636 -25.28 -28.25 -35.26
N ALA B 1637 -25.34 -29.49 -35.74
CA ALA B 1637 -24.38 -30.51 -35.30
C ALA B 1637 -22.95 -30.13 -35.66
N SER B 1638 -22.75 -29.62 -36.88
CA SER B 1638 -21.40 -29.25 -37.29
C SER B 1638 -20.85 -28.11 -36.43
N PHE B 1639 -21.67 -27.09 -36.19
CA PHE B 1639 -21.25 -26.02 -35.29
C PHE B 1639 -20.91 -26.58 -33.91
N ARG B 1640 -21.71 -27.52 -33.43
CA ARG B 1640 -21.39 -28.18 -32.16
C ARG B 1640 -20.03 -28.85 -32.24
N SER B 1641 -19.71 -29.48 -33.36
CA SER B 1641 -18.46 -30.20 -33.54
C SER B 1641 -17.36 -29.34 -34.14
N LYS B 1642 -17.55 -28.02 -34.19
CA LYS B 1642 -16.54 -27.08 -34.68
C LYS B 1642 -16.12 -27.43 -36.11
N ALA B 1643 -17.11 -27.48 -37.00
CA ALA B 1643 -16.89 -27.71 -38.42
C ALA B 1643 -17.44 -26.52 -39.20
N TYR B 1644 -17.07 -25.32 -38.75
CA TYR B 1644 -17.75 -24.09 -39.17
C TYR B 1644 -18.01 -24.03 -40.67
N THR B 1645 -17.03 -24.40 -41.49
CA THR B 1645 -17.26 -24.37 -42.93
C THR B 1645 -18.38 -25.33 -43.32
N ARG B 1646 -18.40 -26.53 -42.73
CA ARG B 1646 -19.50 -27.45 -42.98
C ARG B 1646 -20.82 -26.85 -42.53
N ALA B 1647 -20.82 -26.18 -41.38
CA ALA B 1647 -22.04 -25.58 -40.87
C ALA B 1647 -22.56 -24.53 -41.83
N VAL B 1648 -21.69 -23.66 -42.33
CA VAL B 1648 -22.12 -22.61 -43.23
C VAL B 1648 -22.64 -23.20 -44.53
N MET B 1649 -21.95 -24.19 -45.08
CA MET B 1649 -22.42 -24.82 -46.31
C MET B 1649 -23.81 -25.41 -46.09
N HIS B 1650 -23.97 -26.20 -45.02
CA HIS B 1650 -25.24 -26.87 -44.81
C HIS B 1650 -26.35 -25.87 -44.54
N PHE B 1651 -26.06 -24.80 -43.80
CA PHE B 1651 -27.10 -23.81 -43.53
C PHE B 1651 -27.49 -23.06 -44.80
N GLU B 1652 -26.50 -22.71 -45.63
CA GLU B 1652 -26.79 -22.02 -46.87
C GLU B 1652 -27.65 -22.87 -47.78
N SER B 1653 -27.35 -24.17 -47.86
CA SER B 1653 -28.25 -25.06 -48.57
C SER B 1653 -29.62 -25.14 -47.91
N PHE B 1654 -29.65 -25.08 -46.58
CA PHE B 1654 -30.89 -25.25 -45.83
C PHE B 1654 -31.87 -24.12 -46.13
N ILE B 1655 -31.42 -22.88 -45.98
CA ILE B 1655 -32.33 -21.75 -46.14
C ILE B 1655 -32.82 -21.64 -47.56
N THR B 1656 -31.92 -21.78 -48.54
CA THR B 1656 -32.31 -21.60 -49.93
C THR B 1656 -33.22 -22.73 -50.42
N GLU B 1657 -33.04 -23.93 -49.88
CA GLU B 1657 -33.85 -25.06 -50.33
C GLU B 1657 -35.20 -25.09 -49.61
N LYS B 1658 -35.18 -25.02 -48.28
CA LYS B 1658 -36.40 -25.10 -47.49
C LYS B 1658 -37.13 -23.76 -47.40
N LYS B 1659 -36.61 -22.73 -48.07
CA LYS B 1659 -37.30 -21.44 -48.23
C LYS B 1659 -37.62 -20.81 -46.87
N GLN B 1660 -36.77 -21.06 -45.88
CA GLN B 1660 -36.95 -20.44 -44.58
C GLN B 1660 -36.59 -18.97 -44.65
N ASN B 1661 -37.42 -18.14 -44.02
CA ASN B 1661 -37.09 -16.73 -43.91
C ASN B 1661 -35.79 -16.56 -43.14
N ILE B 1662 -34.94 -15.66 -43.61
CA ILE B 1662 -33.58 -15.60 -43.07
C ILE B 1662 -33.57 -14.96 -41.69
N GLN B 1663 -34.43 -13.96 -41.46
CA GLN B 1663 -34.34 -13.19 -40.23
C GLN B 1663 -34.57 -14.03 -38.99
N GLU B 1664 -35.18 -15.21 -39.11
CA GLU B 1664 -35.34 -16.05 -37.94
C GLU B 1664 -34.05 -16.76 -37.55
N HIS B 1665 -33.26 -17.18 -38.54
CA HIS B 1665 -32.01 -17.90 -38.29
C HIS B 1665 -30.81 -16.98 -38.19
N LEU B 1666 -31.05 -15.66 -38.11
CA LEU B 1666 -29.96 -14.72 -38.28
C LEU B 1666 -28.88 -14.87 -37.22
N GLY B 1667 -29.27 -14.78 -35.94
CA GLY B 1667 -28.29 -14.84 -34.87
C GLY B 1667 -27.39 -16.06 -34.96
N PHE B 1668 -27.95 -17.19 -35.37
CA PHE B 1668 -27.15 -18.38 -35.61
C PHE B 1668 -26.09 -18.11 -36.66
N LEU B 1669 -26.46 -17.42 -37.74
CA LEU B 1669 -25.49 -17.13 -38.80
C LEU B 1669 -24.41 -16.19 -38.31
N GLN B 1670 -24.77 -15.22 -37.48
CA GLN B 1670 -23.77 -14.34 -36.91
C GLN B 1670 -22.81 -15.11 -36.02
N LYS B 1671 -23.34 -16.03 -35.20
CA LYS B 1671 -22.45 -16.88 -34.41
C LYS B 1671 -21.50 -17.65 -35.30
N LEU B 1672 -22.00 -18.20 -36.40
CA LEU B 1672 -21.15 -18.92 -37.34
C LEU B 1672 -20.01 -18.03 -37.82
N TYR B 1673 -20.36 -16.93 -38.48
CA TYR B 1673 -19.33 -16.07 -39.05
C TYR B 1673 -18.39 -15.52 -37.99
N ALA B 1674 -18.86 -15.37 -36.75
CA ALA B 1674 -17.98 -14.92 -35.68
C ALA B 1674 -16.99 -16.01 -35.32
N ALA B 1675 -17.45 -17.27 -35.31
CA ALA B 1675 -16.54 -18.37 -35.00
C ALA B 1675 -15.47 -18.51 -36.07
N MET B 1676 -15.85 -18.33 -37.33
CA MET B 1676 -14.89 -18.44 -38.43
C MET B 1676 -14.02 -17.21 -38.58
N HIS B 1677 -14.14 -16.24 -37.68
CA HIS B 1677 -13.34 -15.02 -37.71
C HIS B 1677 -13.43 -14.29 -39.04
N GLU B 1678 -14.54 -14.46 -39.75
CA GLU B 1678 -14.74 -13.80 -41.02
C GLU B 1678 -15.60 -12.56 -40.81
N PRO B 1679 -14.99 -11.39 -40.61
CA PRO B 1679 -15.80 -10.20 -40.27
C PRO B 1679 -16.75 -9.81 -41.38
N ASP B 1680 -16.38 -10.07 -42.63
CA ASP B 1680 -17.26 -9.70 -43.73
C ASP B 1680 -18.61 -10.37 -43.62
N GLY B 1681 -18.67 -11.52 -42.94
CA GLY B 1681 -19.96 -12.13 -42.67
C GLY B 1681 -20.75 -11.36 -41.63
N VAL B 1682 -20.12 -11.09 -40.48
CA VAL B 1682 -20.84 -10.43 -39.38
C VAL B 1682 -21.36 -9.07 -39.83
N ALA B 1683 -20.46 -8.17 -40.20
CA ALA B 1683 -20.91 -6.90 -40.76
C ALA B 1683 -21.76 -7.10 -41.99
N GLY B 1684 -21.62 -8.26 -42.64
CA GLY B 1684 -22.54 -8.60 -43.71
C GLY B 1684 -23.93 -8.92 -43.20
N VAL B 1685 -24.01 -9.55 -42.02
CA VAL B 1685 -25.32 -9.94 -41.49
C VAL B 1685 -26.12 -8.70 -41.11
N SER B 1686 -25.49 -7.75 -40.41
CA SER B 1686 -26.20 -6.59 -39.89
C SER B 1686 -27.04 -5.93 -40.96
N ALA B 1687 -26.44 -5.63 -42.10
CA ALA B 1687 -27.18 -4.98 -43.18
C ALA B 1687 -28.38 -5.79 -43.62
N ILE B 1688 -28.40 -7.09 -43.33
CA ILE B 1688 -29.59 -7.89 -43.64
C ILE B 1688 -30.60 -7.78 -42.51
N ARG B 1689 -30.13 -7.64 -41.27
CA ARG B 1689 -31.02 -7.71 -40.13
C ARG B 1689 -32.09 -6.63 -40.18
N LYS B 1690 -33.35 -7.05 -40.20
CA LYS B 1690 -34.43 -6.08 -40.15
C LYS B 1690 -34.66 -5.58 -38.73
N ALA B 1691 -34.85 -6.50 -37.78
CA ALA B 1691 -35.09 -6.12 -36.41
C ALA B 1691 -33.88 -5.41 -35.82
N GLU B 1692 -34.08 -4.81 -34.65
CA GLU B 1692 -32.98 -4.12 -33.99
C GLU B 1692 -32.02 -5.14 -33.41
N PRO B 1693 -30.71 -4.85 -33.43
CA PRO B 1693 -29.74 -5.85 -32.97
C PRO B 1693 -29.79 -6.00 -31.45
N SER B 1694 -29.87 -7.26 -31.02
CA SER B 1694 -29.83 -7.55 -29.60
C SER B 1694 -28.49 -7.14 -29.00
N LEU B 1695 -28.48 -7.01 -27.68
CA LEU B 1695 -27.27 -6.59 -26.99
C LEU B 1695 -26.13 -7.56 -27.24
N LYS B 1696 -26.39 -8.87 -27.09
CA LYS B 1696 -25.35 -9.86 -27.37
C LYS B 1696 -24.83 -9.70 -28.79
N GLU B 1697 -25.72 -9.47 -29.75
CA GLU B 1697 -25.27 -9.30 -31.13
C GLU B 1697 -24.58 -7.96 -31.31
N GLN B 1698 -24.96 -6.95 -30.52
CA GLN B 1698 -24.16 -5.72 -30.51
C GLN B 1698 -22.73 -6.00 -30.07
N ILE B 1699 -22.56 -6.83 -29.03
CA ILE B 1699 -21.23 -7.22 -28.60
C ILE B 1699 -20.51 -7.96 -29.72
N LEU B 1700 -21.22 -8.84 -30.40
CA LEU B 1700 -20.62 -9.58 -31.51
C LEU B 1700 -20.11 -8.64 -32.58
N GLU B 1701 -20.93 -7.67 -32.97
CA GLU B 1701 -20.51 -6.71 -33.97
C GLU B 1701 -19.29 -5.93 -33.52
N HIS B 1702 -19.32 -5.43 -32.28
CA HIS B 1702 -18.19 -4.66 -31.79
C HIS B 1702 -16.94 -5.52 -31.67
N GLU B 1703 -17.11 -6.83 -31.51
CA GLU B 1703 -15.95 -7.72 -31.41
C GLU B 1703 -15.34 -7.97 -32.79
N SER B 1704 -16.16 -8.40 -33.75
CA SER B 1704 -15.66 -8.74 -35.06
C SER B 1704 -14.94 -7.55 -35.71
N LEU B 1705 -15.72 -6.55 -36.12
CA LEU B 1705 -15.13 -5.31 -36.70
C LEU B 1705 -14.57 -4.57 -35.48
N GLY B 1706 -13.33 -4.09 -35.53
CA GLY B 1706 -12.72 -3.51 -34.32
C GLY B 1706 -12.98 -2.03 -34.20
N LEU B 1707 -13.80 -1.64 -33.24
CA LEU B 1707 -14.07 -0.21 -32.90
C LEU B 1707 -13.95 -0.19 -31.38
N LEU B 1708 -12.74 -0.22 -30.81
CA LEU B 1708 -12.54 -0.41 -29.36
C LEU B 1708 -13.18 0.71 -28.52
N ARG B 1709 -13.09 1.97 -28.93
CA ARG B 1709 -13.64 3.09 -28.12
C ARG B 1709 -15.12 2.83 -27.81
N ASP B 1710 -15.91 2.44 -28.83
CA ASP B 1710 -17.36 2.15 -28.68
C ASP B 1710 -17.55 0.75 -28.07
N ALA B 1711 -16.59 -0.17 -28.23
CA ALA B 1711 -16.76 -1.53 -27.75
C ALA B 1711 -16.88 -1.58 -26.23
N THR B 1712 -15.94 -0.97 -25.52
CA THR B 1712 -15.96 -1.01 -24.05
C THR B 1712 -17.25 -0.44 -23.49
N ALA B 1713 -17.83 0.56 -24.16
CA ALA B 1713 -19.13 1.06 -23.74
C ALA B 1713 -20.19 -0.03 -23.87
N CYS B 1714 -20.16 -0.77 -24.98
CA CYS B 1714 -21.11 -1.87 -25.15
C CYS B 1714 -20.90 -2.95 -24.10
N TYR B 1715 -19.64 -3.31 -23.84
CA TYR B 1715 -19.34 -4.28 -22.80
C TYR B 1715 -19.90 -3.84 -21.46
N ASP B 1716 -19.69 -2.58 -21.09
CA ASP B 1716 -20.13 -2.12 -19.79
C ASP B 1716 -21.66 -2.06 -19.71
N ARG B 1717 -22.31 -1.68 -20.80
CA ARG B 1717 -23.77 -1.72 -20.82
C ARG B 1717 -24.27 -3.14 -20.61
N ALA B 1718 -23.60 -4.11 -21.23
CA ALA B 1718 -23.96 -5.50 -21.02
C ALA B 1718 -23.77 -5.91 -19.57
N ILE B 1719 -22.66 -5.49 -18.97
CA ILE B 1719 -22.40 -5.83 -17.57
C ILE B 1719 -23.49 -5.26 -16.68
N GLN B 1720 -23.82 -3.99 -16.87
CA GLN B 1720 -24.92 -3.39 -16.11
C GLN B 1720 -26.20 -4.19 -16.31
N LEU B 1721 -26.45 -4.67 -17.54
CA LEU B 1721 -27.61 -5.52 -17.75
C LEU B 1721 -27.42 -6.89 -17.13
N GLU B 1722 -26.23 -7.47 -17.29
CA GLU B 1722 -25.96 -8.83 -16.81
C GLU B 1722 -24.56 -8.88 -16.23
N PRO B 1723 -24.42 -8.68 -14.91
CA PRO B 1723 -23.10 -8.71 -14.29
C PRO B 1723 -22.64 -10.10 -13.91
N ASP B 1724 -23.55 -11.06 -13.77
CA ASP B 1724 -23.18 -12.41 -13.38
C ASP B 1724 -22.31 -13.10 -14.42
N GLN B 1725 -22.43 -12.69 -15.68
CA GLN B 1725 -21.64 -13.33 -16.73
C GLN B 1725 -20.18 -12.92 -16.63
N ILE B 1726 -19.33 -13.68 -17.32
CA ILE B 1726 -17.89 -13.49 -17.25
C ILE B 1726 -17.31 -13.01 -18.58
N ILE B 1727 -17.86 -13.44 -19.71
CA ILE B 1727 -17.33 -13.02 -21.01
C ILE B 1727 -17.36 -11.51 -21.14
N HIS B 1728 -18.32 -10.85 -20.51
CA HIS B 1728 -18.38 -9.39 -20.57
C HIS B 1728 -17.15 -8.78 -19.91
N TYR B 1729 -16.82 -9.23 -18.71
CA TYR B 1729 -15.62 -8.73 -18.06
C TYR B 1729 -14.37 -9.13 -18.83
N HIS B 1730 -14.41 -10.28 -19.51
CA HIS B 1730 -13.32 -10.63 -20.40
C HIS B 1730 -13.15 -9.59 -21.49
N GLY B 1731 -14.26 -9.06 -21.99
CA GLY B 1731 -14.19 -8.05 -23.03
C GLY B 1731 -13.72 -6.70 -22.50
N VAL B 1732 -14.30 -6.26 -21.38
CA VAL B 1732 -13.96 -4.95 -20.83
C VAL B 1732 -12.46 -4.81 -20.67
N VAL B 1733 -11.83 -5.79 -20.03
CA VAL B 1733 -10.39 -5.75 -19.85
C VAL B 1733 -9.68 -5.83 -21.19
N LYS B 1734 -10.25 -6.55 -22.15
CA LYS B 1734 -9.58 -6.72 -23.44
C LYS B 1734 -9.41 -5.38 -24.15
N SER B 1735 -10.50 -4.65 -24.35
CA SER B 1735 -10.41 -3.34 -24.99
C SER B 1735 -9.48 -2.42 -24.21
N MET B 1736 -9.61 -2.41 -22.88
CA MET B 1736 -8.73 -1.59 -22.07
C MET B 1736 -7.27 -1.94 -22.30
N LEU B 1737 -6.98 -3.20 -22.65
CA LEU B 1737 -5.63 -3.56 -23.04
C LEU B 1737 -5.26 -2.92 -24.38
N GLY B 1738 -6.15 -3.05 -25.36
CA GLY B 1738 -5.84 -2.54 -26.69
C GLY B 1738 -5.54 -1.06 -26.69
N LEU B 1739 -6.35 -0.27 -25.98
CA LEU B 1739 -6.11 1.16 -25.91
C LEU B 1739 -4.84 1.51 -25.17
N GLY B 1740 -4.15 0.54 -24.59
CA GLY B 1740 -2.90 0.82 -23.91
C GLY B 1740 -3.05 1.43 -22.54
N GLN B 1741 -4.21 1.31 -21.92
CA GLN B 1741 -4.38 1.78 -20.55
C GLN B 1741 -3.84 0.74 -19.57
N LEU B 1742 -2.60 0.32 -19.80
CA LEU B 1742 -2.08 -0.86 -19.11
C LEU B 1742 -2.17 -0.72 -17.60
N SER B 1743 -1.81 0.44 -17.07
CA SER B 1743 -1.83 0.63 -15.62
C SER B 1743 -3.24 0.42 -15.06
N THR B 1744 -4.26 0.98 -15.71
CA THR B 1744 -5.61 0.76 -15.25
C THR B 1744 -6.10 -0.65 -15.51
N VAL B 1745 -5.37 -1.46 -16.28
CA VAL B 1745 -5.79 -2.84 -16.51
C VAL B 1745 -5.53 -3.67 -15.25
N ILE B 1746 -4.28 -3.74 -14.81
CA ILE B 1746 -3.93 -4.56 -13.66
C ILE B 1746 -4.76 -4.16 -12.45
N THR B 1747 -5.00 -2.85 -12.29
CA THR B 1747 -5.87 -2.40 -11.22
C THR B 1747 -7.30 -2.84 -11.47
N GLN B 1748 -7.74 -2.82 -12.73
CA GLN B 1748 -9.10 -3.22 -13.04
C GLN B 1748 -9.34 -4.68 -12.68
N VAL B 1749 -8.46 -5.57 -13.15
CA VAL B 1749 -8.65 -7.00 -12.92
C VAL B 1749 -8.72 -7.30 -11.44
N ASN B 1750 -7.94 -6.58 -10.63
CA ASN B 1750 -7.93 -6.84 -9.19
C ASN B 1750 -9.29 -6.51 -8.56
N GLY B 1751 -10.04 -5.61 -9.18
CA GLY B 1751 -11.38 -5.31 -8.69
C GLY B 1751 -12.28 -6.54 -8.72
N VAL B 1752 -12.51 -7.08 -9.92
CA VAL B 1752 -13.31 -8.29 -10.03
C VAL B 1752 -12.64 -9.46 -9.32
N HIS B 1753 -11.33 -9.40 -9.13
CA HIS B 1753 -10.65 -10.44 -8.36
C HIS B 1753 -11.11 -10.41 -6.91
N ALA B 1754 -11.12 -9.23 -6.29
CA ALA B 1754 -11.64 -9.10 -4.94
C ALA B 1754 -13.11 -9.46 -4.90
N ASN B 1755 -13.88 -9.06 -5.91
CA ASN B 1755 -15.31 -9.38 -5.90
C ASN B 1755 -15.56 -10.83 -6.30
N ARG B 1756 -14.76 -11.36 -7.23
CA ARG B 1756 -14.92 -12.74 -7.70
C ARG B 1756 -13.52 -13.35 -7.83
N SER B 1757 -13.08 -14.05 -6.78
CA SER B 1757 -11.75 -14.65 -6.83
C SER B 1757 -11.70 -15.80 -7.82
N GLU B 1758 -12.80 -16.54 -7.99
CA GLU B 1758 -12.82 -17.64 -8.94
C GLU B 1758 -12.56 -17.16 -10.36
N TRP B 1759 -12.95 -15.90 -10.63
CA TRP B 1759 -12.73 -15.29 -11.96
C TRP B 1759 -11.30 -14.74 -12.03
N THR B 1760 -10.54 -14.81 -10.94
CA THR B 1760 -9.15 -14.29 -10.83
C THR B 1760 -8.22 -15.00 -11.74
N ASP B 1761 -8.33 -16.31 -11.96
CA ASP B 1761 -7.33 -17.11 -12.75
C ASP B 1761 -7.52 -16.98 -14.26
N GLU B 1762 -8.73 -17.15 -14.80
CA GLU B 1762 -8.98 -16.94 -16.22
C GLU B 1762 -8.91 -15.48 -16.61
N LEU B 1763 -9.12 -14.56 -15.65
CA LEU B 1763 -8.89 -13.16 -15.89
C LEU B 1763 -7.44 -12.76 -15.71
N ASN B 1764 -6.64 -13.63 -15.07
CA ASN B 1764 -5.22 -13.34 -14.86
C ASN B 1764 -4.48 -13.10 -16.17
N THR B 1765 -4.84 -13.82 -17.23
CA THR B 1765 -4.09 -13.71 -18.48
C THR B 1765 -4.00 -12.27 -18.97
N TYR B 1766 -5.12 -11.53 -18.89
CA TYR B 1766 -5.05 -10.09 -19.17
C TYR B 1766 -4.11 -9.41 -18.19
N ARG B 1767 -4.26 -9.70 -16.90
CA ARG B 1767 -3.42 -9.10 -15.88
C ARG B 1767 -1.94 -9.38 -16.15
N VAL B 1768 -1.63 -10.61 -16.54
CA VAL B 1768 -0.25 -10.94 -16.90
C VAL B 1768 0.22 -10.09 -18.07
N GLU B 1769 -0.62 -9.98 -19.10
CA GLU B 1769 -0.23 -9.23 -20.30
C GLU B 1769 0.21 -7.81 -19.95
N ALA B 1770 -0.67 -7.07 -19.27
CA ALA B 1770 -0.31 -5.70 -18.88
C ALA B 1770 0.97 -5.67 -18.06
N ALA B 1771 1.15 -6.64 -17.17
CA ALA B 1771 2.31 -6.62 -16.28
C ALA B 1771 3.62 -6.59 -17.07
N TRP B 1772 3.84 -7.59 -17.93
CA TRP B 1772 5.08 -7.61 -18.70
C TRP B 1772 5.09 -6.52 -19.76
N LYS B 1773 3.93 -6.16 -20.30
CA LYS B 1773 3.87 -4.99 -21.16
C LYS B 1773 4.27 -3.74 -20.39
N LEU B 1774 3.91 -3.68 -19.10
CA LEU B 1774 4.45 -2.63 -18.24
C LEU B 1774 5.88 -2.91 -17.82
N SER B 1775 6.39 -4.11 -18.09
CA SER B 1775 7.76 -4.49 -17.77
C SER B 1775 8.02 -4.41 -16.26
N GLN B 1776 7.01 -4.76 -15.47
CA GLN B 1776 7.18 -4.88 -14.03
C GLN B 1776 7.28 -6.36 -13.69
N TRP B 1777 8.48 -6.90 -13.89
CA TRP B 1777 8.71 -8.34 -13.76
C TRP B 1777 8.36 -8.85 -12.37
N ASP B 1778 8.62 -8.04 -11.34
CA ASP B 1778 8.21 -8.41 -9.99
C ASP B 1778 6.73 -8.74 -9.94
N LEU B 1779 5.89 -7.83 -10.44
CA LEU B 1779 4.47 -8.12 -10.50
C LEU B 1779 4.17 -9.23 -11.48
N VAL B 1780 4.94 -9.32 -12.57
CA VAL B 1780 4.84 -10.46 -13.46
C VAL B 1780 5.07 -11.75 -12.68
N GLU B 1781 6.07 -11.75 -11.80
CA GLU B 1781 6.35 -12.92 -10.99
C GLU B 1781 5.17 -13.23 -10.07
N ASN B 1782 4.59 -12.21 -9.46
CA ASN B 1782 3.46 -12.43 -8.57
C ASN B 1782 2.28 -13.04 -9.32
N TYR B 1783 2.03 -12.56 -10.54
CA TYR B 1783 0.88 -13.05 -11.27
C TYR B 1783 1.15 -14.42 -11.87
N LEU B 1784 2.41 -14.74 -12.16
CA LEU B 1784 2.74 -16.06 -12.68
C LEU B 1784 2.67 -17.11 -11.58
N ALA B 1785 3.35 -16.86 -10.46
CA ALA B 1785 3.19 -17.73 -9.31
C ALA B 1785 1.76 -17.74 -8.80
N ALA B 1786 0.96 -16.72 -9.13
CA ALA B 1786 -0.44 -16.72 -8.74
C ALA B 1786 -1.23 -17.81 -9.45
N ASP B 1787 -0.84 -18.15 -10.68
CA ASP B 1787 -1.50 -19.22 -11.40
C ASP B 1787 -0.60 -19.68 -12.54
N GLY B 1788 -0.38 -20.99 -12.61
CA GLY B 1788 0.32 -21.58 -13.74
C GLY B 1788 -0.63 -22.37 -14.63
N LYS B 1789 -1.88 -22.50 -14.19
CA LYS B 1789 -2.88 -23.26 -14.92
C LYS B 1789 -3.39 -22.55 -16.15
N SER B 1790 -2.90 -21.35 -16.44
CA SER B 1790 -3.29 -20.62 -17.64
C SER B 1790 -2.27 -20.87 -18.75
N THR B 1791 -2.76 -21.23 -19.93
CA THR B 1791 -1.91 -21.50 -21.08
C THR B 1791 -1.95 -20.35 -22.10
N THR B 1792 -2.81 -19.36 -21.87
CA THR B 1792 -3.06 -18.32 -22.85
C THR B 1792 -1.77 -17.65 -23.30
N TRP B 1793 -1.76 -17.25 -24.57
CA TRP B 1793 -0.56 -16.73 -25.22
C TRP B 1793 0.12 -15.64 -24.40
N SER B 1794 -0.66 -14.72 -23.85
CA SER B 1794 -0.10 -13.68 -22.99
C SER B 1794 0.63 -14.29 -21.80
N VAL B 1795 0.01 -15.30 -21.16
CA VAL B 1795 0.63 -15.93 -20.00
C VAL B 1795 1.95 -16.58 -20.40
N ARG B 1796 1.98 -17.23 -21.57
CA ARG B 1796 3.20 -17.88 -22.01
C ARG B 1796 4.30 -16.86 -22.28
N LEU B 1797 3.94 -15.74 -22.90
CA LEU B 1797 4.91 -14.66 -23.06
C LEU B 1797 5.44 -14.18 -21.73
N GLY B 1798 4.54 -14.03 -20.74
CA GLY B 1798 4.98 -13.58 -19.43
C GLY B 1798 5.93 -14.56 -18.77
N GLN B 1799 5.65 -15.86 -18.93
CA GLN B 1799 6.54 -16.87 -18.36
C GLN B 1799 7.91 -16.81 -19.02
N LEU B 1800 7.94 -16.75 -20.35
CA LEU B 1800 9.21 -16.60 -21.06
C LEU B 1800 9.97 -15.39 -20.55
N LEU B 1801 9.29 -14.26 -20.39
CA LEU B 1801 10.00 -13.03 -20.01
C LEU B 1801 10.50 -13.11 -18.58
N LEU B 1802 9.68 -13.62 -17.66
CA LEU B 1802 10.14 -13.81 -16.29
C LEU B 1802 11.38 -14.69 -16.26
N SER B 1803 11.33 -15.84 -16.94
CA SER B 1803 12.49 -16.73 -16.97
C SER B 1803 13.68 -16.05 -17.65
N ALA B 1804 13.43 -15.09 -18.53
CA ALA B 1804 14.53 -14.37 -19.15
C ALA B 1804 15.19 -13.42 -18.16
N LYS B 1805 14.38 -12.71 -17.36
CA LYS B 1805 14.95 -11.77 -16.40
C LYS B 1805 15.82 -12.49 -15.38
N LYS B 1806 15.21 -13.33 -14.55
CA LYS B 1806 15.97 -14.20 -13.66
C LYS B 1806 16.54 -15.32 -14.52
N ARG B 1807 17.81 -15.18 -14.91
CA ARG B 1807 18.38 -16.03 -15.95
C ARG B 1807 18.26 -17.51 -15.56
N ASP B 1808 17.40 -18.23 -16.27
CA ASP B 1808 17.15 -19.65 -16.06
C ASP B 1808 17.16 -20.27 -17.45
N ILE B 1809 18.37 -20.61 -17.93
CA ILE B 1809 18.54 -20.94 -19.34
C ILE B 1809 17.71 -22.16 -19.71
N THR B 1810 17.75 -23.20 -18.89
CA THR B 1810 17.14 -24.47 -19.26
C THR B 1810 15.61 -24.38 -19.26
N ALA B 1811 15.04 -23.85 -18.19
CA ALA B 1811 13.59 -23.66 -18.17
C ALA B 1811 13.16 -22.64 -19.21
N PHE B 1812 14.01 -21.66 -19.50
CA PHE B 1812 13.73 -20.71 -20.57
C PHE B 1812 13.51 -21.44 -21.88
N TYR B 1813 14.49 -22.24 -22.29
CA TYR B 1813 14.37 -22.94 -23.57
C TYR B 1813 13.27 -23.99 -23.54
N ASP B 1814 13.02 -24.58 -22.36
CA ASP B 1814 11.91 -25.52 -22.24
C ASP B 1814 10.59 -24.83 -22.56
N SER B 1815 10.29 -23.74 -21.84
CA SER B 1815 9.07 -22.99 -22.11
C SER B 1815 9.05 -22.47 -23.54
N LEU B 1816 10.21 -22.12 -24.10
CA LEU B 1816 10.26 -21.63 -25.47
C LEU B 1816 9.79 -22.69 -26.44
N LYS B 1817 10.37 -23.89 -26.36
CA LYS B 1817 9.91 -24.99 -27.20
C LYS B 1817 8.44 -25.29 -26.96
N LEU B 1818 8.01 -25.21 -25.69
CA LEU B 1818 6.62 -25.48 -25.37
C LEU B 1818 5.68 -24.53 -26.10
N VAL B 1819 5.96 -23.22 -26.02
CA VAL B 1819 5.06 -22.25 -26.62
C VAL B 1819 5.15 -22.30 -28.14
N ARG B 1820 6.35 -22.55 -28.68
CA ARG B 1820 6.50 -22.66 -30.13
C ARG B 1820 5.70 -23.82 -30.67
N ALA B 1821 5.69 -24.94 -29.95
CA ALA B 1821 4.81 -26.05 -30.32
C ALA B 1821 3.35 -25.66 -30.17
N GLU B 1822 3.01 -24.97 -29.08
CA GLU B 1822 1.63 -24.56 -28.84
C GLU B 1822 1.07 -23.77 -30.01
N GLN B 1823 1.87 -22.85 -30.56
CA GLN B 1823 1.38 -22.05 -31.68
C GLN B 1823 1.26 -22.88 -32.96
N ILE B 1824 2.01 -23.97 -33.07
CA ILE B 1824 1.95 -24.77 -34.28
C ILE B 1824 0.62 -25.51 -34.37
N VAL B 1825 0.07 -25.93 -33.22
CA VAL B 1825 -1.15 -26.74 -33.23
C VAL B 1825 -2.26 -26.12 -34.05
N PRO B 1826 -2.64 -24.85 -33.86
CA PRO B 1826 -3.67 -24.28 -34.74
C PRO B 1826 -3.13 -23.98 -36.12
N LEU B 1827 -1.83 -23.73 -36.24
CA LEU B 1827 -1.25 -23.46 -37.55
C LEU B 1827 -1.20 -24.72 -38.40
N SER B 1828 -1.27 -25.89 -37.77
CA SER B 1828 -1.28 -27.15 -38.51
C SER B 1828 -2.58 -27.32 -39.29
N ALA B 1829 -3.72 -27.13 -38.62
CA ALA B 1829 -5.00 -27.28 -39.30
C ALA B 1829 -5.22 -26.18 -40.33
N ALA B 1830 -4.71 -24.97 -40.07
CA ALA B 1830 -4.89 -23.87 -41.01
C ALA B 1830 -3.93 -23.94 -42.19
N SER B 1831 -2.97 -24.85 -42.17
CA SER B 1831 -1.98 -24.94 -43.24
C SER B 1831 -2.50 -25.66 -44.48
N PHE B 1832 -3.74 -26.15 -44.46
CA PHE B 1832 -4.26 -26.82 -45.64
C PHE B 1832 -4.42 -25.82 -46.77
N GLU B 1833 -3.83 -26.14 -47.92
CA GLU B 1833 -3.46 -25.12 -48.91
C GLU B 1833 -4.70 -24.57 -49.60
N ARG B 1834 -5.34 -23.61 -48.92
CA ARG B 1834 -6.36 -22.76 -49.51
C ARG B 1834 -6.09 -21.35 -48.97
N GLY B 1835 -5.22 -20.62 -49.65
CA GLY B 1835 -4.73 -19.37 -49.08
C GLY B 1835 -4.26 -19.54 -47.65
N SER B 1836 -3.63 -20.66 -47.35
CA SER B 1836 -3.42 -21.07 -45.96
C SER B 1836 -2.58 -20.06 -45.19
N TYR B 1837 -1.55 -19.51 -45.84
CA TYR B 1837 -0.61 -18.65 -45.14
C TYR B 1837 -1.30 -17.46 -44.51
N GLN B 1838 -2.20 -16.80 -45.25
CA GLN B 1838 -2.83 -15.59 -44.73
C GLN B 1838 -3.74 -15.90 -43.54
N ARG B 1839 -4.46 -17.01 -43.60
CA ARG B 1839 -5.37 -17.35 -42.52
C ARG B 1839 -4.62 -17.60 -41.22
N GLY B 1840 -3.44 -18.24 -41.32
CA GLY B 1840 -2.60 -18.48 -40.17
C GLY B 1840 -1.54 -17.43 -39.92
N TYR B 1841 -1.57 -16.32 -40.63
CA TYR B 1841 -0.55 -15.30 -40.45
C TYR B 1841 -0.46 -14.82 -39.02
N GLU B 1842 -1.60 -14.67 -38.34
CA GLU B 1842 -1.59 -14.27 -36.95
C GLU B 1842 -0.67 -15.17 -36.13
N TYR B 1843 -0.71 -16.47 -36.40
CA TYR B 1843 0.19 -17.38 -35.71
C TYR B 1843 1.61 -17.23 -36.23
N ILE B 1844 1.79 -17.14 -37.55
CA ILE B 1844 3.14 -17.00 -38.09
C ILE B 1844 3.78 -15.72 -37.60
N VAL B 1845 2.97 -14.72 -37.26
CA VAL B 1845 3.50 -13.57 -36.52
C VAL B 1845 4.06 -14.04 -35.19
N ARG B 1846 3.32 -14.88 -34.48
CA ARG B 1846 3.80 -15.37 -33.19
C ARG B 1846 5.07 -16.20 -33.34
N LEU B 1847 5.25 -16.87 -34.47
CA LEU B 1847 6.47 -17.64 -34.67
C LEU B 1847 7.66 -16.72 -34.88
N HIS B 1848 7.50 -15.72 -35.75
CA HIS B 1848 8.51 -14.68 -35.88
C HIS B 1848 8.70 -13.94 -34.55
N MET B 1849 7.61 -13.76 -33.81
CA MET B 1849 7.69 -13.21 -32.47
C MET B 1849 8.67 -14.00 -31.62
N LEU B 1850 8.43 -15.30 -31.48
CA LEU B 1850 9.28 -16.14 -30.65
C LEU B 1850 10.70 -16.18 -31.16
N CYS B 1851 10.89 -16.16 -32.48
CA CYS B 1851 12.24 -16.18 -33.02
C CYS B 1851 13.01 -14.93 -32.62
N GLU B 1852 12.37 -13.76 -32.75
CA GLU B 1852 12.99 -12.53 -32.29
C GLU B 1852 13.27 -12.60 -30.79
N LEU B 1853 12.32 -13.13 -30.03
CA LEU B 1853 12.52 -13.30 -28.59
C LEU B 1853 13.77 -14.11 -28.31
N GLU B 1854 13.85 -15.30 -28.90
CA GLU B 1854 14.97 -16.20 -28.65
C GLU B 1854 16.29 -15.55 -29.03
N HIS B 1855 16.40 -15.06 -30.27
CA HIS B 1855 17.66 -14.48 -30.69
C HIS B 1855 17.99 -13.19 -29.95
N SER B 1856 17.04 -12.61 -29.23
CA SER B 1856 17.31 -11.45 -28.40
C SER B 1856 17.62 -11.82 -26.97
N ILE B 1857 17.60 -13.11 -26.62
CA ILE B 1857 17.91 -13.55 -25.27
C ILE B 1857 19.22 -14.32 -25.19
N LYS B 1858 19.52 -15.18 -26.16
CA LYS B 1858 20.77 -15.92 -26.16
C LYS B 1858 21.99 -15.04 -25.85
N PRO B 1859 22.09 -13.80 -26.34
CA PRO B 1859 23.13 -12.92 -25.79
C PRO B 1859 23.02 -12.72 -24.29
N LEU B 1860 21.82 -12.43 -23.78
CA LEU B 1860 21.65 -12.22 -22.35
C LEU B 1860 22.12 -13.41 -21.54
N PHE B 1861 22.06 -14.61 -22.11
CA PHE B 1861 22.46 -15.80 -21.38
C PHE B 1861 23.96 -16.08 -21.54
N GLN B 1862 24.51 -15.86 -22.74
CA GLN B 1862 25.93 -16.12 -22.93
C GLN B 1862 26.78 -15.12 -22.16
N HIS B 1863 26.30 -13.89 -22.01
CA HIS B 1863 27.02 -12.90 -21.22
C HIS B 1863 26.27 -12.61 -19.91
N SER B 1869 30.07 -10.99 -26.15
CA SER B 1869 30.67 -11.92 -27.10
C SER B 1869 29.72 -12.20 -28.27
N GLN B 1870 28.65 -12.94 -27.99
CA GLN B 1870 27.67 -13.27 -29.01
C GLN B 1870 26.60 -12.19 -29.10
N GLU B 1871 26.35 -11.71 -30.30
CA GLU B 1871 25.34 -10.69 -30.55
C GLU B 1871 24.28 -11.24 -31.49
N ASP B 1872 23.08 -10.68 -31.40
CA ASP B 1872 21.99 -11.10 -32.27
C ASP B 1872 22.30 -10.70 -33.71
N SER B 1873 22.07 -11.63 -34.63
CA SER B 1873 22.23 -11.33 -36.05
C SER B 1873 20.98 -10.72 -36.66
N LEU B 1874 19.93 -10.50 -35.87
CA LEU B 1874 18.68 -9.98 -36.42
C LEU B 1874 18.82 -8.52 -36.81
N ASN B 1875 18.21 -8.17 -37.93
CA ASN B 1875 18.10 -6.78 -38.38
C ASN B 1875 16.67 -6.35 -38.10
N TRP B 1876 16.43 -5.90 -36.85
CA TRP B 1876 15.09 -5.54 -36.44
C TRP B 1876 14.46 -4.50 -37.36
N VAL B 1877 15.26 -3.53 -37.81
CA VAL B 1877 14.74 -2.49 -38.68
C VAL B 1877 14.13 -3.10 -39.93
N ALA B 1878 14.83 -4.03 -40.57
CA ALA B 1878 14.32 -4.65 -41.77
C ALA B 1878 13.35 -5.78 -41.48
N ARG B 1879 13.47 -6.45 -40.33
CA ARG B 1879 12.53 -7.51 -39.99
C ARG B 1879 11.11 -7.00 -39.82
N LEU B 1880 10.91 -5.69 -39.73
CA LEU B 1880 9.57 -5.15 -39.59
C LEU B 1880 8.94 -4.83 -40.94
N GLU B 1881 9.76 -4.28 -41.85
CA GLU B 1881 9.29 -3.95 -43.21
C GLU B 1881 8.54 -5.16 -43.77
N MET B 1882 9.10 -6.36 -43.58
CA MET B 1882 8.47 -7.56 -44.16
C MET B 1882 7.08 -7.72 -43.54
N THR B 1883 6.90 -7.52 -42.24
CA THR B 1883 5.59 -7.74 -41.59
C THR B 1883 4.47 -7.06 -42.36
N GLN B 1884 3.27 -7.64 -42.40
CA GLN B 1884 2.10 -7.04 -43.01
C GLN B 1884 1.85 -5.65 -42.45
N ASN B 1885 1.50 -4.72 -43.33
CA ASN B 1885 1.32 -3.33 -42.93
C ASN B 1885 -0.06 -3.12 -42.30
N SER B 1886 -0.39 -3.90 -41.28
CA SER B 1886 -1.61 -3.69 -40.52
C SER B 1886 -1.32 -3.82 -39.04
N TYR B 1887 -2.13 -3.12 -38.25
CA TYR B 1887 -1.89 -3.06 -36.81
C TYR B 1887 -1.96 -4.43 -36.16
N ARG B 1888 -2.92 -5.25 -36.58
CA ARG B 1888 -3.11 -6.54 -35.96
C ARG B 1888 -1.95 -7.50 -36.19
N ALA B 1889 -0.94 -7.08 -36.94
CA ALA B 1889 0.28 -7.85 -37.13
C ALA B 1889 1.52 -7.16 -36.60
N LYS B 1890 1.69 -5.86 -36.87
CA LYS B 1890 2.89 -5.16 -36.45
C LYS B 1890 2.90 -4.94 -34.94
N GLU B 1891 1.78 -4.53 -34.38
CA GLU B 1891 1.75 -4.13 -32.97
C GLU B 1891 2.24 -5.22 -32.03
N PRO B 1892 1.75 -6.45 -32.07
CA PRO B 1892 2.26 -7.45 -31.13
C PRO B 1892 3.75 -7.68 -31.25
N ILE B 1893 4.30 -7.54 -32.45
CA ILE B 1893 5.75 -7.62 -32.62
C ILE B 1893 6.43 -6.51 -31.85
N LEU B 1894 5.94 -5.28 -32.01
CA LEU B 1894 6.58 -4.15 -31.35
C LEU B 1894 6.39 -4.19 -29.84
N ALA B 1895 5.26 -4.74 -29.37
CA ALA B 1895 5.08 -4.93 -27.94
C ALA B 1895 6.21 -5.78 -27.38
N LEU B 1896 6.49 -6.92 -28.01
CA LEU B 1896 7.55 -7.77 -27.54
C LEU B 1896 8.92 -7.13 -27.72
N ARG B 1897 9.12 -6.37 -28.80
CA ARG B 1897 10.38 -5.68 -28.97
C ARG B 1897 10.63 -4.71 -27.83
N ARG B 1898 9.59 -3.98 -27.42
CA ARG B 1898 9.73 -3.08 -26.29
C ARG B 1898 9.99 -3.85 -25.01
N ALA B 1899 9.30 -4.98 -24.82
CA ALA B 1899 9.56 -5.80 -23.64
C ALA B 1899 11.02 -6.24 -23.59
N LEU B 1900 11.56 -6.69 -24.72
CA LEU B 1900 12.94 -7.16 -24.75
C LEU B 1900 13.92 -6.02 -24.52
N LEU B 1901 13.68 -4.87 -25.17
CA LEU B 1901 14.52 -3.71 -24.93
C LEU B 1901 14.39 -3.19 -23.50
N SER B 1902 13.35 -3.62 -22.78
CA SER B 1902 13.32 -3.40 -21.34
C SER B 1902 14.20 -4.44 -20.63
N LEU B 1903 14.19 -5.68 -21.10
CA LEU B 1903 15.09 -6.68 -20.54
C LEU B 1903 16.54 -6.31 -20.81
N ASN B 1904 16.93 -6.27 -22.07
CA ASN B 1904 18.27 -5.81 -22.43
C ASN B 1904 18.39 -4.32 -22.16
N LYS B 1905 19.31 -3.95 -21.27
CA LYS B 1905 19.46 -2.56 -20.87
C LYS B 1905 20.82 -2.06 -21.38
N ARG B 1906 20.83 -1.57 -22.60
CA ARG B 1906 22.00 -0.91 -23.15
C ARG B 1906 21.89 0.59 -22.96
N PRO B 1907 23.01 1.32 -23.00
CA PRO B 1907 22.93 2.78 -22.84
C PRO B 1907 21.99 3.44 -23.82
N ASP B 1908 21.91 2.94 -25.05
CA ASP B 1908 20.95 3.43 -26.01
C ASP B 1908 19.60 2.77 -25.89
N TYR B 1909 19.47 1.73 -25.07
CA TYR B 1909 18.19 1.03 -24.94
C TYR B 1909 17.28 1.79 -24.00
N ASN B 1910 17.17 3.09 -24.25
CA ASN B 1910 16.13 3.93 -23.68
C ASN B 1910 15.54 4.87 -24.72
N GLU B 1911 16.27 5.19 -25.78
CA GLU B 1911 15.71 5.80 -26.98
C GLU B 1911 15.23 4.76 -27.97
N MET B 1912 15.83 3.57 -27.96
CA MET B 1912 15.37 2.51 -28.84
C MET B 1912 13.96 2.08 -28.50
N VAL B 1913 13.65 1.95 -27.19
CA VAL B 1913 12.26 1.69 -26.81
C VAL B 1913 11.39 2.88 -27.17
N GLY B 1914 11.93 4.09 -27.08
CA GLY B 1914 11.21 5.25 -27.56
C GLY B 1914 10.95 5.19 -29.05
N GLU B 1915 11.95 4.78 -29.83
CA GLU B 1915 11.75 4.64 -31.26
C GLU B 1915 10.72 3.56 -31.57
N CYS B 1916 10.68 2.51 -30.76
CA CYS B 1916 9.71 1.46 -31.00
C CYS B 1916 8.30 1.94 -30.67
N TRP B 1917 8.16 2.71 -29.59
CA TRP B 1917 6.88 3.38 -29.33
C TRP B 1917 6.48 4.23 -30.53
N LEU B 1918 7.42 5.01 -31.06
CA LEU B 1918 7.14 5.84 -32.22
C LEU B 1918 6.70 4.99 -33.41
N GLN B 1919 7.33 3.83 -33.60
CA GLN B 1919 6.99 2.99 -34.74
C GLN B 1919 5.61 2.40 -34.60
N SER B 1920 5.24 1.99 -33.38
CA SER B 1920 3.87 1.54 -33.15
C SER B 1920 2.90 2.67 -33.38
N ALA B 1921 3.28 3.89 -33.00
CA ALA B 1921 2.42 5.04 -33.28
C ALA B 1921 2.24 5.23 -34.78
N ARG B 1922 3.31 5.05 -35.55
CA ARG B 1922 3.20 5.18 -36.99
C ARG B 1922 2.26 4.14 -37.56
N VAL B 1923 2.42 2.88 -37.15
CA VAL B 1923 1.57 1.84 -37.74
C VAL B 1923 0.14 2.02 -37.30
N ALA B 1924 -0.09 2.57 -36.11
CA ALA B 1924 -1.47 2.77 -35.65
C ALA B 1924 -2.12 3.94 -36.40
N ARG B 1925 -1.38 5.03 -36.61
CA ARG B 1925 -1.92 6.12 -37.41
C ARG B 1925 -2.13 5.68 -38.85
N LYS B 1926 -1.38 4.68 -39.32
CA LYS B 1926 -1.64 4.13 -40.64
C LYS B 1926 -2.88 3.27 -40.64
N ALA B 1927 -3.14 2.55 -39.54
CA ALA B 1927 -4.22 1.58 -39.49
C ALA B 1927 -5.49 2.13 -38.86
N GLY B 1928 -5.80 3.39 -39.10
CA GLY B 1928 -7.10 3.89 -38.70
C GLY B 1928 -7.13 4.42 -37.29
N HIS B 1929 -7.54 3.57 -36.35
CA HIS B 1929 -7.74 3.95 -34.95
C HIS B 1929 -6.61 4.81 -34.45
N HIS B 1930 -6.94 6.04 -34.06
CA HIS B 1930 -5.94 7.03 -33.68
C HIS B 1930 -5.65 7.05 -32.20
N GLN B 1931 -6.55 6.51 -31.38
CA GLN B 1931 -6.38 6.58 -29.93
C GLN B 1931 -5.12 5.83 -29.50
N THR B 1932 -4.93 4.62 -29.99
CA THR B 1932 -3.74 3.86 -29.67
C THR B 1932 -2.49 4.56 -30.17
N ALA B 1933 -2.59 5.16 -31.36
CA ALA B 1933 -1.47 5.93 -31.90
C ALA B 1933 -1.08 7.05 -30.95
N TYR B 1934 -2.07 7.78 -30.42
CA TYR B 1934 -1.77 8.89 -29.53
C TYR B 1934 -1.21 8.40 -28.20
N ASN B 1935 -1.74 7.29 -27.69
CA ASN B 1935 -1.20 6.73 -26.47
C ASN B 1935 0.26 6.35 -26.64
N ALA B 1936 0.58 5.72 -27.77
CA ALA B 1936 1.97 5.40 -28.06
C ALA B 1936 2.81 6.66 -28.17
N LEU B 1937 2.28 7.70 -28.83
CA LEU B 1937 2.98 8.97 -28.90
C LEU B 1937 3.34 9.47 -27.51
N LEU B 1938 2.37 9.43 -26.59
CA LEU B 1938 2.65 9.81 -25.21
C LEU B 1938 3.77 8.97 -24.63
N ASN B 1939 3.66 7.65 -24.77
CA ASN B 1939 4.70 6.77 -24.22
C ASN B 1939 6.04 6.91 -24.94
N ALA B 1940 6.10 7.69 -26.01
CA ALA B 1940 7.34 7.89 -26.76
C ALA B 1940 7.99 9.23 -26.52
N GLY B 1941 7.22 10.25 -26.11
CA GLY B 1941 7.75 11.59 -26.04
C GLY B 1941 8.91 11.73 -25.07
N GLU B 1942 8.96 10.86 -24.05
CA GLU B 1942 10.06 10.90 -23.10
C GLU B 1942 11.40 10.78 -23.81
N SER B 1943 11.48 9.94 -24.83
CA SER B 1943 12.67 9.89 -25.67
C SER B 1943 12.81 11.20 -26.42
N ARG B 1944 14.03 11.71 -26.48
CA ARG B 1944 14.31 12.95 -27.20
C ARG B 1944 14.46 12.63 -28.68
N LEU B 1945 13.50 13.08 -29.49
CA LEU B 1945 13.52 12.79 -30.91
C LEU B 1945 12.80 13.91 -31.66
N ALA B 1946 13.39 14.33 -32.77
CA ALA B 1946 12.67 15.19 -33.70
C ALA B 1946 11.61 14.41 -34.46
N GLU B 1947 11.83 13.11 -34.68
CA GLU B 1947 10.82 12.29 -35.30
C GLU B 1947 9.52 12.29 -34.52
N LEU B 1948 9.59 12.49 -33.20
CA LEU B 1948 8.37 12.59 -32.39
C LEU B 1948 7.44 13.64 -32.96
N TYR B 1949 7.98 14.77 -33.36
CA TYR B 1949 7.12 15.85 -33.85
C TYR B 1949 6.59 15.54 -35.24
N VAL B 1950 7.40 14.93 -36.10
CA VAL B 1950 6.90 14.52 -37.41
C VAL B 1950 5.74 13.56 -37.25
N GLU B 1951 5.86 12.64 -36.30
CA GLU B 1951 4.80 11.66 -36.10
C GLU B 1951 3.57 12.31 -35.47
N ARG B 1952 3.76 13.23 -34.54
CA ARG B 1952 2.62 13.93 -33.96
C ARG B 1952 1.88 14.72 -35.01
N ALA B 1953 2.62 15.35 -35.93
CA ALA B 1953 1.99 16.06 -37.02
C ALA B 1953 1.19 15.10 -37.89
N LYS B 1954 1.85 14.04 -38.39
CA LYS B 1954 1.14 13.09 -39.24
C LYS B 1954 -0.12 12.56 -38.57
N TRP B 1955 -0.03 12.23 -37.28
CA TRP B 1955 -1.20 11.76 -36.57
C TRP B 1955 -2.29 12.82 -36.54
N LEU B 1956 -1.94 14.06 -36.18
CA LEU B 1956 -2.90 15.14 -36.27
C LEU B 1956 -3.42 15.30 -37.68
N TRP B 1957 -2.57 15.07 -38.68
CA TRP B 1957 -3.03 15.16 -40.06
C TRP B 1957 -4.00 14.04 -40.39
N SER B 1958 -3.78 12.85 -39.84
CA SER B 1958 -4.73 11.77 -40.08
C SER B 1958 -6.12 12.13 -39.57
N LYS B 1959 -6.19 12.91 -38.50
CA LYS B 1959 -7.50 13.33 -37.99
C LYS B 1959 -8.19 14.27 -38.97
N GLY B 1960 -7.44 15.14 -39.65
CA GLY B 1960 -7.97 16.01 -40.69
C GLY B 1960 -7.62 17.47 -40.52
N ASP B 1961 -7.42 17.92 -39.28
CA ASP B 1961 -7.13 19.33 -39.02
C ASP B 1961 -5.70 19.63 -39.41
N VAL B 1962 -5.52 19.96 -40.69
CA VAL B 1962 -4.19 20.26 -41.22
C VAL B 1962 -3.59 21.47 -40.51
N HIS B 1963 -4.43 22.42 -40.12
CA HIS B 1963 -3.91 23.64 -39.50
C HIS B 1963 -3.24 23.33 -38.18
N GLN B 1964 -3.92 22.63 -37.28
CA GLN B 1964 -3.33 22.28 -36.00
C GLN B 1964 -2.08 21.44 -36.19
N ALA B 1965 -2.10 20.52 -37.16
CA ALA B 1965 -0.95 19.67 -37.39
C ALA B 1965 0.25 20.49 -37.85
N LEU B 1966 0.05 21.38 -38.81
CA LEU B 1966 1.14 22.22 -39.29
C LEU B 1966 1.66 23.12 -38.19
N ILE B 1967 0.77 23.59 -37.31
CA ILE B 1967 1.23 24.42 -36.19
C ILE B 1967 2.14 23.61 -35.29
N VAL B 1968 1.70 22.41 -34.90
CA VAL B 1968 2.54 21.58 -34.02
C VAL B 1968 3.85 21.25 -34.70
N LEU B 1969 3.81 21.03 -36.01
CA LEU B 1969 5.04 20.71 -36.73
C LEU B 1969 6.01 21.89 -36.72
N GLN B 1970 5.54 23.07 -37.15
CA GLN B 1970 6.39 24.25 -37.14
C GLN B 1970 6.97 24.50 -35.75
N LYS B 1971 6.17 24.26 -34.71
CA LYS B 1971 6.70 24.37 -33.35
C LYS B 1971 7.81 23.35 -33.12
N GLY B 1972 7.59 22.12 -33.57
CA GLY B 1972 8.60 21.10 -33.35
C GLY B 1972 9.86 21.32 -34.15
N VAL B 1973 9.72 21.71 -35.42
CA VAL B 1973 10.88 21.96 -36.26
C VAL B 1973 11.79 23.01 -35.62
N GLU B 1974 11.19 24.08 -35.12
CA GLU B 1974 11.99 25.10 -34.45
C GLU B 1974 12.70 24.54 -33.22
N LEU B 1975 11.99 23.73 -32.44
CA LEU B 1975 12.62 23.14 -31.24
C LEU B 1975 13.79 22.25 -31.62
N CYS B 1976 13.60 21.34 -32.55
CA CYS B 1976 14.60 20.32 -32.82
C CYS B 1976 15.58 20.71 -33.91
N PHE B 1977 15.30 21.76 -34.68
CA PHE B 1977 16.20 22.22 -35.73
C PHE B 1977 16.24 23.74 -35.73
N PRO B 1978 16.90 24.34 -34.76
CA PRO B 1978 17.01 25.81 -34.74
C PRO B 1978 17.79 26.30 -35.95
N GLU B 1979 17.20 27.26 -36.66
CA GLU B 1979 17.75 27.75 -37.91
C GLU B 1979 19.16 28.32 -37.76
N ASN B 1980 19.54 28.75 -36.55
CA ASN B 1980 20.88 29.27 -36.35
C ASN B 1980 21.94 28.18 -36.37
N GLU B 1981 21.54 26.91 -36.35
CA GLU B 1981 22.46 25.78 -36.34
C GLU B 1981 22.04 24.80 -37.43
N THR B 1982 22.90 24.64 -38.44
CA THR B 1982 22.61 23.70 -39.52
C THR B 1982 22.60 22.27 -38.96
N PRO B 1983 21.57 21.48 -39.25
CA PRO B 1983 21.62 20.05 -38.96
C PRO B 1983 22.01 19.23 -40.18
N PRO B 1984 23.28 19.26 -40.60
CA PRO B 1984 23.64 18.55 -41.84
C PRO B 1984 24.16 17.14 -41.59
N GLU B 1985 24.00 16.64 -40.36
CA GLU B 1985 24.75 15.49 -39.89
C GLU B 1985 23.85 14.29 -39.65
N GLY B 1986 24.47 13.11 -39.77
CA GLY B 1986 23.91 11.86 -39.26
C GLY B 1986 22.44 11.65 -39.60
N LYS B 1987 21.70 11.09 -38.64
CA LYS B 1987 20.27 10.93 -38.81
C LYS B 1987 19.53 12.25 -38.75
N ASN B 1988 20.15 13.28 -38.17
CA ASN B 1988 19.48 14.56 -38.02
C ASN B 1988 19.13 15.16 -39.37
N MET B 1989 20.04 15.07 -40.34
CA MET B 1989 19.73 15.60 -41.67
C MET B 1989 18.54 14.88 -42.27
N LEU B 1990 18.46 13.56 -42.06
CA LEU B 1990 17.33 12.80 -42.62
C LEU B 1990 16.02 13.20 -41.96
N ILE B 1991 15.99 13.23 -40.63
CA ILE B 1991 14.76 13.61 -39.94
C ILE B 1991 14.35 15.02 -40.32
N HIS B 1992 15.31 15.92 -40.46
CA HIS B 1992 14.98 17.30 -40.80
C HIS B 1992 14.47 17.40 -42.22
N GLY B 1993 15.06 16.65 -43.15
CA GLY B 1993 14.52 16.62 -44.50
C GLY B 1993 13.09 16.11 -44.52
N ARG B 1994 12.82 15.05 -43.75
CA ARG B 1994 11.46 14.53 -43.67
C ARG B 1994 10.50 15.56 -43.12
N ALA B 1995 10.91 16.27 -42.06
CA ALA B 1995 10.04 17.25 -41.44
C ALA B 1995 9.77 18.42 -42.39
N MET B 1996 10.81 18.91 -43.05
CA MET B 1996 10.61 20.00 -44.00
C MET B 1996 9.72 19.57 -45.13
N LEU B 1997 9.86 18.33 -45.61
CA LEU B 1997 8.96 17.84 -46.64
C LEU B 1997 7.53 17.81 -46.12
N LEU B 1998 7.33 17.38 -44.88
CA LEU B 1998 5.98 17.33 -44.35
C LEU B 1998 5.37 18.71 -44.26
N VAL B 1999 6.16 19.70 -43.87
CA VAL B 1999 5.66 21.08 -43.84
C VAL B 1999 5.30 21.52 -45.25
N GLY B 2000 6.15 21.19 -46.22
CA GLY B 2000 5.86 21.55 -47.59
C GLY B 2000 4.61 20.88 -48.13
N ARG B 2001 4.32 19.67 -47.66
CA ARG B 2001 3.09 19.01 -48.06
C ARG B 2001 1.88 19.65 -47.40
N PHE B 2002 1.98 19.93 -46.09
CA PHE B 2002 0.90 20.59 -45.39
C PHE B 2002 0.56 21.93 -46.03
N MET B 2003 1.57 22.67 -46.47
CA MET B 2003 1.35 24.00 -47.00
C MET B 2003 0.48 24.00 -48.25
N GLU B 2004 0.26 22.85 -48.87
CA GLU B 2004 -0.51 22.83 -50.11
C GLU B 2004 -2.01 22.73 -49.86
N GLU B 2005 -2.43 22.20 -48.72
CA GLU B 2005 -3.87 22.10 -48.44
C GLU B 2005 -4.44 23.41 -47.96
N THR B 2006 -3.91 23.94 -46.85
CA THR B 2006 -4.34 25.24 -46.38
C THR B 2006 -4.09 26.28 -47.45
N ALA B 2007 -5.16 26.83 -48.01
CA ALA B 2007 -5.04 27.71 -49.17
C ALA B 2007 -4.38 29.04 -48.84
N ASN B 2008 -4.04 29.29 -47.58
CA ASN B 2008 -3.44 30.58 -47.24
C ASN B 2008 -2.00 30.69 -47.73
N PHE B 2009 -1.21 29.63 -47.61
CA PHE B 2009 0.20 29.70 -47.93
C PHE B 2009 0.40 29.98 -49.41
N GLU B 2010 1.04 31.11 -49.71
CA GLU B 2010 1.27 31.52 -51.08
C GLU B 2010 2.13 30.49 -51.82
N SER B 2011 2.05 30.50 -53.15
CA SER B 2011 2.73 29.50 -53.96
C SER B 2011 4.23 29.50 -53.70
N ASN B 2012 4.89 30.63 -53.91
CA ASN B 2012 6.34 30.69 -53.77
C ASN B 2012 6.81 30.24 -52.39
N ALA B 2013 5.97 30.31 -51.37
CA ALA B 2013 6.36 29.78 -50.07
C ALA B 2013 6.50 28.26 -50.13
N ILE B 2014 5.51 27.57 -50.70
CA ILE B 2014 5.63 26.14 -50.92
C ILE B 2014 6.83 25.84 -51.81
N MET B 2015 7.02 26.67 -52.82
CA MET B 2015 8.19 26.54 -53.70
C MET B 2015 9.49 26.53 -52.88
N LYS B 2016 9.65 27.53 -52.03
CA LYS B 2016 10.86 27.64 -51.22
C LYS B 2016 11.00 26.46 -50.28
N LYS B 2017 9.90 26.01 -49.70
CA LYS B 2017 9.99 24.88 -48.79
C LYS B 2017 10.48 23.63 -49.51
N TYR B 2018 9.89 23.32 -50.67
CA TYR B 2018 10.33 22.14 -51.39
C TYR B 2018 11.75 22.28 -51.92
N LYS B 2019 12.14 23.50 -52.32
CA LYS B 2019 13.51 23.71 -52.76
C LYS B 2019 14.49 23.48 -51.62
N ASP B 2020 14.15 23.94 -50.42
CA ASP B 2020 15.01 23.69 -49.26
C ASP B 2020 15.08 22.20 -48.96
N VAL B 2021 13.96 21.48 -49.10
CA VAL B 2021 13.99 20.04 -48.94
C VAL B 2021 14.98 19.42 -49.92
N THR B 2022 14.88 19.80 -51.20
CA THR B 2022 15.80 19.28 -52.20
C THR B 2022 17.25 19.55 -51.81
N ALA B 2023 17.55 20.79 -51.42
CA ALA B 2023 18.91 21.14 -51.02
C ALA B 2023 19.36 20.31 -49.83
N CYS B 2024 18.42 19.94 -48.95
CA CYS B 2024 18.79 19.18 -47.77
C CYS B 2024 19.12 17.73 -48.12
N LEU B 2025 18.21 17.05 -48.82
CA LEU B 2025 18.37 15.64 -49.17
C LEU B 2025 18.32 15.49 -50.68
N PRO B 2026 19.45 15.65 -51.36
CA PRO B 2026 19.48 15.53 -52.82
C PRO B 2026 19.59 14.10 -53.34
N GLU B 2027 19.50 13.10 -52.48
CA GLU B 2027 19.60 11.69 -52.86
C GLU B 2027 18.37 10.92 -52.43
N TRP B 2028 17.20 11.48 -52.68
CA TRP B 2028 15.99 11.03 -52.03
C TRP B 2028 14.81 11.23 -52.95
N GLU B 2029 14.04 10.16 -53.18
CA GLU B 2029 12.96 10.22 -54.16
C GLU B 2029 11.88 11.20 -53.73
N ASP B 2030 11.51 11.19 -52.44
CA ASP B 2030 10.32 11.92 -52.05
C ASP B 2030 10.46 13.41 -52.31
N GLY B 2031 11.61 13.99 -51.95
CA GLY B 2031 11.84 15.41 -52.17
C GLY B 2031 11.59 15.85 -53.60
N HIS B 2032 12.45 15.39 -54.51
CA HIS B 2032 12.33 15.80 -55.91
C HIS B 2032 10.94 15.48 -56.44
N PHE B 2033 10.39 14.34 -56.04
CA PHE B 2033 9.11 13.93 -56.61
C PHE B 2033 7.99 14.88 -56.20
N TYR B 2034 7.88 15.16 -54.90
CA TYR B 2034 6.83 16.05 -54.44
C TYR B 2034 7.02 17.46 -54.99
N LEU B 2035 8.28 17.90 -55.12
CA LEU B 2035 8.52 19.20 -55.70
C LEU B 2035 8.04 19.24 -57.15
N ALA B 2036 8.30 18.17 -57.90
CA ALA B 2036 7.84 18.12 -59.28
C ALA B 2036 6.32 18.06 -59.33
N LYS B 2037 5.71 17.34 -58.40
CA LYS B 2037 4.25 17.28 -58.36
C LYS B 2037 3.67 18.66 -58.13
N TYR B 2038 4.24 19.41 -57.20
CA TYR B 2038 3.78 20.77 -56.98
C TYR B 2038 4.03 21.65 -58.20
N TYR B 2039 5.17 21.44 -58.87
CA TYR B 2039 5.44 22.14 -60.12
C TYR B 2039 4.30 21.92 -61.12
N ASP B 2040 3.98 20.66 -61.38
CA ASP B 2040 2.93 20.34 -62.34
C ASP B 2040 1.58 20.86 -61.89
N LYS B 2041 1.34 20.89 -60.59
CA LYS B 2041 0.09 21.46 -60.09
C LYS B 2041 0.01 22.94 -60.40
N LEU B 2042 1.12 23.66 -60.20
CA LEU B 2042 1.13 25.10 -60.42
C LEU B 2042 1.07 25.44 -61.91
N MET B 2043 1.72 24.64 -62.74
CA MET B 2043 1.99 24.93 -64.15
C MET B 2043 0.77 25.43 -64.93
N PRO B 2044 -0.32 24.67 -65.04
CA PRO B 2044 -1.39 25.08 -65.95
C PRO B 2044 -2.08 26.36 -65.55
N MET B 2045 -2.06 26.71 -64.27
CA MET B 2045 -2.69 27.94 -63.81
C MET B 2045 -1.76 29.15 -63.94
N VAL B 2046 -0.47 28.96 -63.70
CA VAL B 2046 0.48 30.06 -63.83
C VAL B 2046 0.64 30.46 -65.29
N THR B 2047 0.70 29.48 -66.19
CA THR B 2047 0.89 29.74 -67.60
C THR B 2047 -0.42 29.82 -68.37
N ASP B 2048 -1.56 29.76 -67.67
CA ASP B 2048 -2.87 29.92 -68.31
C ASP B 2048 -3.09 28.88 -69.39
N ASN B 2049 -2.54 27.69 -69.19
CA ASN B 2049 -2.68 26.58 -70.14
C ASN B 2049 -2.13 26.93 -71.51
N LYS B 2050 -1.08 27.76 -71.53
CA LYS B 2050 -0.43 28.17 -72.77
C LYS B 2050 0.91 27.46 -72.86
N MET B 2051 0.96 26.41 -73.69
CA MET B 2051 2.13 25.53 -73.75
C MET B 2051 3.43 26.28 -74.04
N GLU B 2052 3.35 27.41 -74.74
CA GLU B 2052 4.57 28.08 -75.18
C GLU B 2052 5.39 28.57 -73.99
N LYS B 2053 4.74 29.19 -73.01
CA LYS B 2053 5.47 29.64 -71.83
C LYS B 2053 5.81 28.51 -70.87
N GLN B 2054 5.47 27.28 -71.21
CA GLN B 2054 5.61 26.16 -70.29
C GLN B 2054 6.91 25.39 -70.48
N GLY B 2055 7.75 25.78 -71.43
CA GLY B 2055 8.98 25.07 -71.70
C GLY B 2055 9.91 24.93 -70.50
N ASP B 2056 10.33 26.06 -69.94
CA ASP B 2056 11.20 26.03 -68.77
C ASP B 2056 10.55 25.30 -67.61
N LEU B 2057 9.25 25.51 -67.42
CA LEU B 2057 8.54 24.79 -66.36
C LEU B 2057 8.66 23.29 -66.56
N ILE B 2058 8.38 22.82 -67.78
CA ILE B 2058 8.49 21.38 -68.04
C ILE B 2058 9.93 20.93 -67.85
N ARG B 2059 10.89 21.81 -68.13
CA ARG B 2059 12.28 21.45 -67.93
C ARG B 2059 12.56 21.16 -66.45
N TYR B 2060 12.16 22.08 -65.57
CA TYR B 2060 12.29 21.82 -64.14
C TYR B 2060 11.53 20.56 -63.73
N ILE B 2061 10.33 20.39 -64.28
CA ILE B 2061 9.49 19.25 -63.92
C ILE B 2061 10.20 17.94 -64.23
N VAL B 2062 10.60 17.76 -65.48
CA VAL B 2062 11.24 16.51 -65.87
C VAL B 2062 12.63 16.39 -65.26
N LEU B 2063 13.23 17.50 -64.85
CA LEU B 2063 14.51 17.42 -64.17
C LEU B 2063 14.34 16.80 -62.79
N HIS B 2064 13.35 17.25 -62.03
CA HIS B 2064 13.20 16.75 -60.67
C HIS B 2064 12.50 15.40 -60.64
N PHE B 2065 11.53 15.16 -61.53
CA PHE B 2065 10.94 13.82 -61.61
C PHE B 2065 12.02 12.78 -61.84
N GLY B 2066 12.93 13.04 -62.76
CA GLY B 2066 13.97 12.05 -63.05
C GLY B 2066 14.91 11.84 -61.88
N ARG B 2067 15.45 12.95 -61.33
CA ARG B 2067 16.32 12.81 -60.17
C ARG B 2067 15.60 12.11 -59.04
N SER B 2068 14.30 12.36 -58.88
CA SER B 2068 13.51 11.58 -57.94
C SER B 2068 13.60 10.09 -58.25
N LEU B 2069 13.40 9.73 -59.52
CA LEU B 2069 13.47 8.33 -59.90
C LEU B 2069 14.85 7.74 -59.66
N GLN B 2070 15.89 8.59 -59.67
CA GLN B 2070 17.24 8.07 -59.56
C GLN B 2070 17.53 7.44 -58.21
N TYR B 2071 16.79 7.82 -57.17
CA TYR B 2071 17.11 7.38 -55.83
C TYR B 2071 16.07 6.47 -55.20
N GLY B 2072 14.90 6.36 -55.81
CA GLY B 2072 13.90 5.44 -55.31
C GLY B 2072 12.96 5.03 -56.41
N ASN B 2073 11.99 4.19 -56.09
CA ASN B 2073 10.98 3.80 -57.06
C ASN B 2073 9.61 3.75 -56.42
N GLN B 2074 9.42 4.48 -55.32
CA GLN B 2074 8.17 4.41 -54.59
C GLN B 2074 7.01 4.96 -55.42
N PHE B 2075 7.28 5.96 -56.25
CA PHE B 2075 6.22 6.68 -56.95
C PHE B 2075 6.38 6.61 -58.46
N ILE B 2076 7.11 5.61 -58.96
CA ILE B 2076 7.44 5.58 -60.37
C ILE B 2076 6.19 5.61 -61.23
N TYR B 2077 5.11 4.98 -60.76
CA TYR B 2077 3.88 4.99 -61.53
C TYR B 2077 3.24 6.37 -61.58
N GLN B 2078 3.50 7.22 -60.59
CA GLN B 2078 3.06 8.61 -60.70
C GLN B 2078 4.03 9.43 -61.51
N SER B 2079 5.32 9.21 -61.31
CA SER B 2079 6.34 10.09 -61.87
C SER B 2079 6.61 9.79 -63.35
N MET B 2080 7.09 8.58 -63.63
CA MET B 2080 7.56 8.28 -64.98
C MET B 2080 6.49 8.49 -66.04
N PRO B 2081 5.26 7.97 -65.93
CA PRO B 2081 4.28 8.24 -66.98
C PRO B 2081 3.95 9.71 -67.11
N ARG B 2082 3.89 10.44 -65.99
CA ARG B 2082 3.64 11.86 -66.07
C ARG B 2082 4.77 12.59 -66.77
N MET B 2083 6.02 12.26 -66.40
CA MET B 2083 7.17 12.84 -67.08
C MET B 2083 7.10 12.63 -68.58
N LEU B 2084 6.92 11.38 -69.00
CA LEU B 2084 6.90 11.08 -70.42
C LEU B 2084 5.74 11.78 -71.12
N THR B 2085 4.57 11.78 -70.49
CA THR B 2085 3.42 12.48 -71.08
C THR B 2085 3.75 13.95 -71.30
N LEU B 2086 4.30 14.60 -70.28
CA LEU B 2086 4.60 16.02 -70.39
C LEU B 2086 5.59 16.27 -71.51
N TRP B 2087 6.70 15.51 -71.52
CA TRP B 2087 7.74 15.76 -72.51
C TRP B 2087 7.21 15.55 -73.92
N LEU B 2088 6.54 14.42 -74.16
CA LEU B 2088 6.08 14.12 -75.51
C LEU B 2088 4.96 15.07 -75.94
N ASP B 2089 4.11 15.50 -75.00
CA ASP B 2089 3.10 16.49 -75.36
C ASP B 2089 3.73 17.81 -75.75
N TYR B 2090 4.74 18.26 -75.00
CA TYR B 2090 5.42 19.49 -75.37
C TYR B 2090 6.10 19.34 -76.72
N GLY B 2091 6.68 18.17 -76.99
CA GLY B 2091 7.28 17.95 -78.29
C GLY B 2091 6.27 18.03 -79.41
N THR B 2092 5.10 17.40 -79.23
CA THR B 2092 4.06 17.45 -80.24
C THR B 2092 3.58 18.88 -80.46
N LYS B 2093 3.46 19.64 -79.37
CA LYS B 2093 3.04 21.04 -79.49
C LYS B 2093 4.08 21.86 -80.23
N ALA B 2094 5.36 21.60 -79.97
CA ALA B 2094 6.42 22.30 -80.68
C ALA B 2094 6.39 21.97 -82.16
N TYR B 2095 6.24 20.70 -82.50
CA TYR B 2095 6.10 20.31 -83.90
C TYR B 2095 4.93 21.03 -84.54
N GLU B 2096 3.77 21.06 -83.87
CA GLU B 2096 2.59 21.70 -84.44
C GLU B 2096 2.84 23.18 -84.68
N TRP B 2097 3.32 23.90 -83.67
CA TRP B 2097 3.59 25.32 -83.84
C TRP B 2097 4.60 25.56 -84.94
N GLU B 2098 5.58 24.68 -85.10
CA GLU B 2098 6.52 24.80 -86.22
C GLU B 2098 5.78 24.81 -87.54
N LYS B 2099 4.71 24.00 -87.65
CA LYS B 2099 3.91 24.01 -88.86
C LYS B 2099 2.97 25.21 -88.89
N ALA B 2100 2.55 25.69 -87.71
CA ALA B 2100 1.86 26.97 -87.66
C ALA B 2100 2.78 28.12 -88.03
N GLY B 2101 4.09 27.90 -88.08
CA GLY B 2101 5.03 28.95 -88.41
C GLY B 2101 4.97 30.13 -87.48
N ARG B 2102 4.51 29.94 -86.26
CA ARG B 2102 4.28 31.04 -85.34
C ARG B 2102 5.61 31.63 -84.88
N SER B 2103 5.50 32.72 -84.11
CA SER B 2103 6.71 33.40 -83.63
C SER B 2103 7.36 32.66 -82.48
N ASP B 2104 6.56 32.13 -81.55
CA ASP B 2104 7.06 31.48 -80.36
C ASP B 2104 7.80 30.18 -80.65
N ARG B 2105 7.70 29.64 -81.86
CA ARG B 2105 8.19 28.30 -82.13
C ARG B 2105 9.69 28.17 -81.96
N VAL B 2106 10.46 29.23 -82.21
CA VAL B 2106 11.92 29.13 -82.20
C VAL B 2106 12.46 29.01 -80.78
N GLN B 2107 12.06 29.94 -79.90
CA GLN B 2107 12.41 29.79 -78.49
C GLN B 2107 11.85 28.51 -77.93
N MET B 2108 10.61 28.17 -78.30
CA MET B 2108 10.07 26.89 -77.89
C MET B 2108 10.86 25.74 -78.49
N ARG B 2109 11.44 25.93 -79.68
CA ARG B 2109 12.27 24.87 -80.26
C ARG B 2109 13.48 24.61 -79.40
N ASN B 2110 14.22 25.65 -79.02
CA ASN B 2110 15.40 25.39 -78.20
C ASN B 2110 15.01 24.98 -76.77
N ASP B 2111 13.81 25.37 -76.32
CA ASP B 2111 13.31 24.86 -75.04
C ASP B 2111 13.08 23.36 -75.10
N LEU B 2112 12.38 22.90 -76.13
CA LEU B 2112 12.23 21.47 -76.35
C LEU B 2112 13.60 20.80 -76.46
N GLY B 2113 14.57 21.49 -77.04
CA GLY B 2113 15.94 20.99 -77.03
C GLY B 2113 16.44 20.73 -75.62
N LYS B 2114 16.32 21.73 -74.75
CA LYS B 2114 16.70 21.56 -73.36
C LYS B 2114 15.98 20.38 -72.73
N ILE B 2115 14.68 20.26 -72.99
CA ILE B 2115 13.87 19.24 -72.33
C ILE B 2115 14.31 17.85 -72.75
N ASN B 2116 14.45 17.63 -74.06
CA ASN B 2116 14.91 16.33 -74.52
C ASN B 2116 16.36 16.07 -74.09
N LYS B 2117 17.14 17.13 -73.89
CA LYS B 2117 18.47 16.95 -73.32
C LYS B 2117 18.39 16.39 -71.91
N VAL B 2118 17.47 16.92 -71.10
CA VAL B 2118 17.30 16.41 -69.75
C VAL B 2118 16.79 14.97 -69.79
N ILE B 2119 15.88 14.68 -70.72
CA ILE B 2119 15.40 13.32 -70.88
C ILE B 2119 16.55 12.38 -71.23
N THR B 2120 17.45 12.85 -72.10
CA THR B 2120 18.61 12.05 -72.47
C THR B 2120 19.49 11.79 -71.25
N GLU B 2121 19.74 12.82 -70.46
CA GLU B 2121 20.53 12.64 -69.24
C GLU B 2121 19.88 11.59 -68.33
N HIS B 2122 18.58 11.72 -68.11
CA HIS B 2122 17.87 10.74 -67.29
C HIS B 2122 18.03 9.33 -67.86
N THR B 2123 17.91 9.20 -69.18
CA THR B 2123 18.16 7.92 -69.84
C THR B 2123 19.54 7.40 -69.51
N ASN B 2124 20.52 8.31 -69.39
CA ASN B 2124 21.88 7.88 -69.12
C ASN B 2124 22.06 7.50 -67.65
N TYR B 2125 21.28 8.06 -66.75
CA TYR B 2125 21.42 7.71 -65.34
C TYR B 2125 20.49 6.59 -64.92
N LEU B 2126 19.23 6.66 -65.32
CA LEU B 2126 18.23 5.72 -64.83
C LEU B 2126 18.57 4.29 -65.25
N ALA B 2127 18.01 3.35 -64.51
CA ALA B 2127 18.12 1.96 -64.89
C ALA B 2127 17.09 1.65 -65.97
N PRO B 2128 17.34 0.62 -66.79
CA PRO B 2128 16.38 0.31 -67.86
C PRO B 2128 15.04 -0.17 -67.34
N TYR B 2129 15.03 -0.96 -66.27
CA TYR B 2129 13.77 -1.50 -65.77
C TYR B 2129 12.80 -0.41 -65.33
N GLN B 2130 13.31 0.75 -64.89
CA GLN B 2130 12.42 1.86 -64.61
C GLN B 2130 11.63 2.25 -65.85
N PHE B 2131 12.32 2.47 -66.97
CA PHE B 2131 11.64 2.72 -68.22
C PHE B 2131 10.82 1.53 -68.67
N LEU B 2132 11.11 0.33 -68.16
CA LEU B 2132 10.32 -0.83 -68.54
C LEU B 2132 8.89 -0.70 -68.02
N THR B 2133 8.71 -0.10 -66.86
CA THR B 2133 7.38 0.27 -66.44
C THR B 2133 6.85 1.34 -67.38
N ALA B 2134 5.54 1.33 -67.61
CA ALA B 2134 4.91 2.24 -68.58
C ALA B 2134 5.59 2.15 -69.94
N PHE B 2135 6.15 0.98 -70.26
CA PHE B 2135 6.78 0.80 -71.56
C PHE B 2135 5.78 0.89 -72.69
N SER B 2136 4.56 0.39 -72.47
CA SER B 2136 3.54 0.53 -73.49
C SER B 2136 3.28 1.99 -73.81
N GLN B 2137 3.37 2.85 -72.81
CA GLN B 2137 3.19 4.28 -73.05
C GLN B 2137 4.27 4.83 -73.95
N LEU B 2138 5.53 4.49 -73.69
CA LEU B 2138 6.61 4.88 -74.58
C LEU B 2138 6.30 4.46 -76.01
N ILE B 2139 5.86 3.22 -76.19
CA ILE B 2139 5.58 2.73 -77.55
C ILE B 2139 4.42 3.48 -78.15
N SER B 2140 3.46 3.92 -77.32
CA SER B 2140 2.30 4.62 -77.84
C SER B 2140 2.65 5.92 -78.54
N ARG B 2141 3.86 6.43 -78.33
CA ARG B 2141 4.26 7.71 -78.90
C ARG B 2141 5.38 7.59 -79.93
N ILE B 2142 5.68 6.38 -80.41
CA ILE B 2142 6.73 6.24 -81.38
C ILE B 2142 6.37 6.92 -82.70
N CYS B 2143 5.10 7.14 -82.95
CA CYS B 2143 4.67 7.88 -84.11
C CYS B 2143 4.71 9.37 -83.88
N HIS B 2144 5.46 9.81 -82.86
CA HIS B 2144 5.58 11.22 -82.53
C HIS B 2144 6.01 12.02 -83.75
N SER B 2145 5.39 13.17 -83.94
CA SER B 2145 5.63 13.94 -85.15
C SER B 2145 7.04 14.52 -85.17
N HIS B 2146 7.50 15.05 -84.04
CA HIS B 2146 8.81 15.68 -84.01
C HIS B 2146 9.91 14.63 -84.15
N ASP B 2147 10.88 14.91 -85.01
CA ASP B 2147 11.89 13.91 -85.36
C ASP B 2147 12.92 13.74 -84.24
N GLU B 2148 13.41 14.84 -83.68
CA GLU B 2148 14.45 14.73 -82.64
C GLU B 2148 13.86 14.19 -81.34
N VAL B 2149 12.63 14.60 -81.02
CA VAL B 2149 11.91 13.95 -79.92
C VAL B 2149 11.86 12.45 -80.16
N PHE B 2150 11.62 12.05 -81.40
CA PHE B 2150 11.63 10.63 -81.72
C PHE B 2150 13.01 10.03 -81.60
N VAL B 2151 14.06 10.82 -81.84
CA VAL B 2151 15.41 10.30 -81.66
C VAL B 2151 15.68 10.00 -80.20
N VAL B 2152 15.23 10.88 -79.32
CA VAL B 2152 15.40 10.65 -77.89
C VAL B 2152 14.58 9.44 -77.45
N LEU B 2153 13.32 9.38 -77.91
CA LEU B 2153 12.49 8.21 -77.62
C LEU B 2153 13.15 6.94 -78.13
N MET B 2154 13.78 7.01 -79.30
CA MET B 2154 14.57 5.91 -79.83
C MET B 2154 15.64 5.47 -78.85
N GLU B 2155 16.46 6.43 -78.40
CA GLU B 2155 17.52 6.10 -77.46
C GLU B 2155 16.95 5.47 -76.20
N ILE B 2156 15.76 5.89 -75.77
CA ILE B 2156 15.14 5.31 -74.59
C ILE B 2156 14.74 3.87 -74.87
N ILE B 2157 13.86 3.66 -75.85
CA ILE B 2157 13.30 2.35 -76.12
C ILE B 2157 14.42 1.34 -76.39
N ALA B 2158 15.46 1.76 -77.10
CA ALA B 2158 16.58 0.87 -77.36
C ALA B 2158 17.19 0.36 -76.05
N LYS B 2159 17.42 1.26 -75.09
CA LYS B 2159 18.04 0.86 -73.83
C LYS B 2159 17.23 -0.23 -73.14
N VAL B 2160 15.90 -0.08 -73.09
CA VAL B 2160 15.06 -1.11 -72.52
C VAL B 2160 15.22 -2.40 -73.29
N PHE B 2161 15.15 -2.32 -74.62
CA PHE B 2161 15.25 -3.52 -75.44
C PHE B 2161 16.59 -4.22 -75.23
N LEU B 2162 17.69 -3.47 -75.24
CA LEU B 2162 19.00 -4.08 -75.07
C LEU B 2162 19.12 -4.81 -73.75
N ALA B 2163 18.43 -4.36 -72.72
CA ALA B 2163 18.52 -5.01 -71.41
C ALA B 2163 17.51 -6.12 -71.26
N TYR B 2164 16.29 -5.93 -71.76
CA TYR B 2164 15.22 -6.92 -71.65
C TYR B 2164 14.60 -7.12 -73.03
N PRO B 2165 15.31 -7.80 -73.93
CA PRO B 2165 14.82 -7.89 -75.32
C PRO B 2165 13.55 -8.71 -75.45
N GLN B 2166 13.49 -9.86 -74.79
CA GLN B 2166 12.33 -10.73 -74.91
C GLN B 2166 11.06 -10.00 -74.50
N GLN B 2167 11.05 -9.48 -73.27
CA GLN B 2167 9.87 -8.78 -72.77
C GLN B 2167 9.57 -7.55 -73.62
N ALA B 2168 10.60 -6.92 -74.19
CA ALA B 2168 10.36 -5.78 -75.06
C ALA B 2168 9.71 -6.20 -76.36
N MET B 2169 10.29 -7.20 -77.02
CA MET B 2169 9.85 -7.58 -78.37
C MET B 2169 8.37 -7.91 -78.40
N TRP B 2170 7.86 -8.54 -77.35
CA TRP B 2170 6.46 -8.96 -77.35
C TRP B 2170 5.51 -7.79 -77.47
N MET B 2171 5.63 -6.81 -76.56
CA MET B 2171 4.84 -5.60 -76.70
C MET B 2171 5.13 -4.88 -78.00
N MET B 2172 6.32 -5.07 -78.57
CA MET B 2172 6.73 -4.40 -79.79
C MET B 2172 6.12 -4.98 -81.04
N THR B 2173 6.11 -6.31 -81.18
CA THR B 2173 5.85 -6.93 -82.47
C THR B 2173 4.51 -6.51 -83.06
N ALA B 2174 3.53 -6.20 -82.21
CA ALA B 2174 2.25 -5.69 -82.72
C ALA B 2174 2.47 -4.42 -83.52
N VAL B 2175 3.37 -3.56 -83.06
CA VAL B 2175 3.72 -2.37 -83.82
C VAL B 2175 4.45 -2.76 -85.10
N SER B 2176 5.35 -3.75 -85.00
CA SER B 2176 6.11 -4.17 -86.17
C SER B 2176 5.18 -4.61 -87.30
N LYS B 2177 4.10 -5.31 -86.98
CA LYS B 2177 3.19 -5.81 -88.00
C LYS B 2177 1.96 -4.93 -88.19
N SER B 2178 1.99 -3.70 -87.66
CA SER B 2178 0.82 -2.84 -87.80
C SER B 2178 0.54 -2.51 -89.26
N SER B 2179 -0.67 -2.01 -89.49
CA SER B 2179 -1.08 -1.64 -90.84
C SER B 2179 -0.61 -0.25 -91.21
N TYR B 2180 -0.41 0.62 -90.24
CA TYR B 2180 0.00 1.99 -90.53
C TYR B 2180 1.44 2.01 -91.01
N PRO B 2181 1.70 2.49 -92.24
CA PRO B 2181 3.08 2.45 -92.74
C PRO B 2181 4.07 3.24 -91.90
N MET B 2182 3.69 4.43 -91.43
CA MET B 2182 4.61 5.24 -90.63
C MET B 2182 4.97 4.54 -89.33
N ARG B 2183 3.98 3.94 -88.66
CA ARG B 2183 4.25 3.12 -87.49
C ARG B 2183 5.23 2.01 -87.82
N VAL B 2184 5.06 1.37 -88.98
CA VAL B 2184 5.96 0.31 -89.40
C VAL B 2184 7.37 0.84 -89.58
N ASN B 2185 7.51 2.00 -90.22
CA ASN B 2185 8.83 2.58 -90.42
C ASN B 2185 9.50 2.89 -89.10
N ARG B 2186 8.75 3.47 -88.16
CA ARG B 2186 9.35 3.80 -86.87
C ARG B 2186 9.75 2.55 -86.10
N CYS B 2187 8.96 1.49 -86.21
CA CYS B 2187 9.33 0.24 -85.56
C CYS B 2187 10.58 -0.35 -86.20
N LYS B 2188 10.67 -0.30 -87.52
CA LYS B 2188 11.88 -0.73 -88.20
C LYS B 2188 13.07 0.09 -87.73
N GLU B 2189 12.86 1.39 -87.52
CA GLU B 2189 13.94 2.26 -87.08
C GLU B 2189 14.45 1.86 -85.71
N ILE B 2190 13.53 1.65 -84.76
CA ILE B 2190 13.96 1.30 -83.41
C ILE B 2190 14.62 -0.07 -83.41
N LEU B 2191 14.09 -1.02 -84.18
CA LEU B 2191 14.71 -2.34 -84.23
C LEU B 2191 16.09 -2.28 -84.88
N ASN B 2192 16.24 -1.44 -85.90
CA ASN B 2192 17.55 -1.31 -86.54
C ASN B 2192 18.56 -0.67 -85.61
N LYS B 2193 18.13 0.35 -84.86
CA LYS B 2193 19.00 0.92 -83.83
C LYS B 2193 19.41 -0.13 -82.82
N ALA B 2194 18.45 -0.96 -82.39
CA ALA B 2194 18.74 -1.99 -81.41
C ALA B 2194 19.79 -2.97 -81.94
N ILE B 2195 19.55 -3.54 -83.13
CA ILE B 2195 20.49 -4.50 -83.67
C ILE B 2195 21.84 -3.85 -83.94
N HIS B 2196 21.84 -2.55 -84.27
CA HIS B 2196 23.10 -1.83 -84.40
C HIS B 2196 23.81 -1.71 -83.06
N MET B 2197 23.05 -1.73 -81.97
CA MET B 2197 23.64 -1.63 -80.64
C MET B 2197 24.07 -2.97 -80.08
N LYS B 2198 23.48 -4.08 -80.53
CA LYS B 2198 23.89 -5.40 -80.07
C LYS B 2198 23.59 -6.41 -81.16
N LYS B 2199 24.48 -7.39 -81.32
CA LYS B 2199 24.45 -8.30 -82.46
C LYS B 2199 23.51 -9.47 -82.27
N SER B 2200 23.63 -10.21 -81.16
CA SER B 2200 22.74 -11.34 -80.92
C SER B 2200 21.28 -10.92 -80.96
N LEU B 2201 21.00 -9.64 -80.68
CA LEU B 2201 19.66 -9.12 -80.84
C LEU B 2201 19.17 -9.24 -82.27
N GLU B 2202 20.09 -9.20 -83.24
CA GLU B 2202 19.67 -9.40 -84.62
C GLU B 2202 19.09 -10.78 -84.84
N LYS B 2203 19.80 -11.81 -84.38
CA LYS B 2203 19.27 -13.17 -84.47
C LYS B 2203 17.96 -13.29 -83.71
N PHE B 2204 17.90 -12.75 -82.50
CA PHE B 2204 16.69 -12.80 -81.70
C PHE B 2204 15.50 -12.22 -82.45
N VAL B 2205 15.67 -11.01 -82.99
CA VAL B 2205 14.58 -10.32 -83.68
C VAL B 2205 14.20 -11.06 -84.95
N GLY B 2206 15.20 -11.48 -85.73
CA GLY B 2206 14.91 -12.20 -86.96
C GLY B 2206 14.09 -13.45 -86.71
N ASP B 2207 14.42 -14.19 -85.65
CA ASP B 2207 13.63 -15.37 -85.32
C ASP B 2207 12.23 -14.97 -84.85
N ALA B 2208 12.15 -14.06 -83.88
CA ALA B 2208 10.86 -13.73 -83.28
C ALA B 2208 9.88 -13.19 -84.31
N THR B 2209 10.35 -12.30 -85.19
CA THR B 2209 9.50 -11.76 -86.23
C THR B 2209 8.86 -12.87 -87.05
N ARG B 2210 9.67 -13.80 -87.55
CA ARG B 2210 9.13 -14.94 -88.29
C ARG B 2210 8.19 -15.76 -87.42
N LEU B 2211 8.55 -15.95 -86.15
CA LEU B 2211 7.65 -16.65 -85.23
C LEU B 2211 6.31 -15.93 -85.12
N THR B 2212 6.35 -14.64 -84.79
CA THR B 2212 5.13 -13.86 -84.80
C THR B 2212 4.49 -13.83 -86.18
N ASP B 2213 5.29 -13.92 -87.24
CA ASP B 2213 4.72 -13.93 -88.58
C ASP B 2213 3.88 -15.18 -88.82
N LYS B 2214 4.44 -16.34 -88.49
CA LYS B 2214 3.67 -17.57 -88.67
C LYS B 2214 2.49 -17.63 -87.71
N LEU B 2215 2.64 -17.08 -86.50
CA LEU B 2215 1.49 -17.00 -85.59
C LEU B 2215 0.39 -16.13 -86.17
N LEU B 2216 0.76 -14.98 -86.74
CA LEU B 2216 -0.19 -14.15 -87.46
C LEU B 2216 -0.88 -14.93 -88.56
N GLU B 2217 -0.11 -15.62 -89.39
CA GLU B 2217 -0.70 -16.41 -90.46
C GLU B 2217 -1.67 -17.44 -89.90
N LEU B 2218 -1.38 -17.95 -88.70
CA LEU B 2218 -2.31 -18.86 -88.05
C LEU B 2218 -3.60 -18.15 -87.69
N CYS B 2219 -3.50 -17.03 -86.99
CA CYS B 2219 -4.68 -16.30 -86.56
C CYS B 2219 -5.57 -15.94 -87.74
N ASN B 2220 -4.98 -15.68 -88.90
CA ASN B 2220 -5.75 -15.24 -90.05
C ASN B 2220 -6.34 -16.38 -90.86
N LYS B 2221 -5.82 -17.60 -90.72
CA LYS B 2221 -6.29 -18.69 -91.55
C LYS B 2221 -7.77 -18.94 -91.27
N PRO B 2222 -8.61 -19.06 -92.30
CA PRO B 2222 -10.00 -19.40 -92.08
C PRO B 2222 -10.15 -20.83 -91.58
N VAL B 2223 -11.20 -21.06 -90.81
CA VAL B 2223 -11.44 -22.38 -90.25
C VAL B 2223 -11.74 -23.36 -91.38
N ASP B 2224 -11.15 -24.54 -91.30
CA ASP B 2224 -11.36 -25.57 -92.31
C ASP B 2224 -12.77 -26.12 -92.16
N GLY B 2225 -13.71 -25.55 -92.89
CA GLY B 2225 -15.09 -25.96 -92.79
C GLY B 2225 -15.66 -25.67 -91.41
N SER B 2226 -15.87 -26.72 -90.62
CA SER B 2226 -16.40 -26.56 -89.26
C SER B 2226 -15.68 -27.44 -88.25
N SER B 2227 -14.59 -28.11 -88.63
CA SER B 2227 -13.90 -29.01 -87.72
C SER B 2227 -13.36 -28.23 -86.52
N SER B 2228 -13.73 -28.67 -85.32
CA SER B 2228 -13.35 -27.97 -84.11
C SER B 2228 -11.85 -28.10 -83.81
N THR B 2229 -11.18 -29.07 -84.39
CA THR B 2229 -9.76 -29.29 -84.16
C THR B 2229 -9.00 -29.19 -85.47
N LEU B 2230 -7.74 -28.77 -85.39
CA LEU B 2230 -6.85 -28.69 -86.55
C LEU B 2230 -5.49 -29.20 -86.14
N SER B 2231 -4.85 -29.94 -87.04
CA SER B 2231 -3.48 -30.39 -86.84
C SER B 2231 -2.53 -29.35 -87.39
N MET B 2232 -1.75 -28.74 -86.49
CA MET B 2232 -0.77 -27.74 -86.93
C MET B 2232 0.21 -28.33 -87.92
N SER B 2233 0.62 -29.59 -87.71
CA SER B 2233 1.53 -30.23 -88.65
C SER B 2233 0.93 -30.28 -90.05
N THR B 2234 -0.37 -30.55 -90.16
CA THR B 2234 -1.00 -30.66 -91.47
C THR B 2234 -1.20 -29.30 -92.12
N HIS B 2235 -1.54 -28.28 -91.33
CA HIS B 2235 -1.83 -26.96 -91.89
C HIS B 2235 -0.65 -26.01 -91.76
N PHE B 2236 -0.14 -25.81 -90.55
CA PHE B 2236 0.94 -24.86 -90.31
C PHE B 2236 2.27 -25.59 -90.17
N LYS B 2237 2.68 -26.20 -91.29
CA LYS B 2237 3.94 -26.95 -91.31
C LYS B 2237 5.12 -26.06 -90.99
N MET B 2238 5.18 -24.88 -91.60
CA MET B 2238 6.28 -23.96 -91.33
C MET B 2238 6.28 -23.50 -89.88
N LEU B 2239 5.10 -23.43 -89.26
CA LEU B 2239 5.02 -23.02 -87.86
C LEU B 2239 5.72 -24.04 -86.96
N LYS B 2240 5.33 -25.32 -87.08
CA LYS B 2240 6.01 -26.35 -86.31
C LYS B 2240 7.48 -26.44 -86.69
N LYS B 2241 7.79 -26.25 -87.96
CA LYS B 2241 9.17 -26.33 -88.41
C LYS B 2241 10.04 -25.27 -87.74
N LEU B 2242 9.54 -24.03 -87.67
CA LEU B 2242 10.37 -22.92 -87.24
C LEU B 2242 10.90 -23.12 -85.83
N VAL B 2243 10.04 -23.52 -84.90
CA VAL B 2243 10.48 -23.75 -83.54
C VAL B 2243 11.40 -24.95 -83.47
N GLU B 2244 11.28 -25.88 -84.41
CA GLU B 2244 12.06 -27.11 -84.35
C GLU B 2244 13.53 -26.90 -84.68
N GLU B 2245 13.89 -25.78 -85.29
CA GLU B 2245 15.29 -25.51 -85.57
C GLU B 2245 16.04 -25.20 -84.29
N ALA B 2246 17.22 -25.78 -84.12
CA ALA B 2246 18.02 -25.49 -82.94
C ALA B 2246 18.51 -24.05 -82.94
N THR B 2247 18.87 -23.54 -84.12
CA THR B 2247 19.34 -22.16 -84.23
C THR B 2247 18.25 -21.15 -83.89
N PHE B 2248 16.98 -21.56 -83.91
CA PHE B 2248 15.88 -20.68 -83.56
C PHE B 2248 16.02 -20.21 -82.13
N SER B 2249 16.31 -18.92 -81.94
CA SER B 2249 16.53 -18.39 -80.61
C SER B 2249 15.30 -18.64 -79.74
N GLU B 2250 15.56 -19.06 -78.50
CA GLU B 2250 14.47 -19.34 -77.58
C GLU B 2250 13.67 -18.09 -77.29
N ILE B 2251 12.39 -18.12 -77.60
CA ILE B 2251 11.50 -16.99 -77.38
C ILE B 2251 10.70 -17.24 -76.12
N LEU B 2252 10.59 -16.22 -75.27
CA LEU B 2252 9.86 -16.35 -74.02
C LEU B 2252 8.37 -16.37 -74.27
N ILE B 2253 7.68 -17.35 -73.70
CA ILE B 2253 6.23 -17.39 -73.84
C ILE B 2253 5.62 -16.20 -73.12
N PRO B 2254 4.81 -15.41 -73.78
CA PRO B 2254 4.32 -14.18 -73.15
C PRO B 2254 3.27 -14.46 -72.08
N LEU B 2255 3.73 -14.79 -70.88
CA LEU B 2255 2.85 -14.94 -69.73
C LEU B 2255 2.81 -13.65 -68.92
N GLN B 2256 1.69 -13.45 -68.22
CA GLN B 2256 1.55 -12.24 -67.43
C GLN B 2256 2.48 -12.23 -66.23
N SER B 2257 2.99 -13.39 -65.83
CA SER B 2257 3.99 -13.41 -64.77
C SER B 2257 5.37 -13.01 -65.26
N VAL B 2258 5.54 -12.79 -66.57
CA VAL B 2258 6.83 -12.40 -67.13
C VAL B 2258 6.74 -11.20 -68.05
N MET B 2259 5.57 -10.60 -68.20
CA MET B 2259 5.48 -9.32 -68.90
C MET B 2259 5.28 -8.15 -67.95
N ILE B 2260 5.12 -8.40 -66.67
CA ILE B 2260 4.87 -7.37 -65.69
C ILE B 2260 6.13 -7.15 -64.87
N PRO B 2261 6.59 -5.92 -64.72
CA PRO B 2261 7.83 -5.68 -63.97
C PRO B 2261 7.67 -6.03 -62.50
N THR B 2262 8.76 -5.92 -61.76
CA THR B 2262 8.72 -6.14 -60.32
C THR B 2262 9.72 -5.18 -59.70
N LEU B 2263 9.24 -4.02 -59.27
CA LEU B 2263 10.12 -2.98 -58.79
C LEU B 2263 10.85 -3.43 -57.53
N PRO B 2264 11.97 -2.79 -57.20
CA PRO B 2264 12.58 -3.02 -55.89
C PRO B 2264 11.94 -2.13 -54.84
N SER B 2265 11.96 -2.61 -53.61
CA SER B 2265 11.39 -1.85 -52.50
C SER B 2265 12.15 -0.54 -52.33
N ILE B 2266 11.58 0.33 -51.47
CA ILE B 2266 12.18 1.64 -51.25
C ILE B 2266 13.59 1.49 -50.68
N LEU B 2267 13.80 0.50 -49.83
CA LEU B 2267 15.09 0.29 -49.20
C LEU B 2267 15.80 -0.92 -49.81
N GLY B 2268 17.09 -1.02 -49.52
CA GLY B 2268 17.85 -2.19 -49.91
C GLY B 2268 18.38 -2.16 -51.33
N THR B 2269 17.70 -2.87 -52.23
CA THR B 2269 18.24 -3.05 -53.58
C THR B 2269 18.34 -1.74 -54.33
N HIS B 2270 17.48 -0.77 -54.04
CA HIS B 2270 17.62 0.48 -54.77
C HIS B 2270 18.73 1.36 -54.22
N ALA B 2271 19.34 0.99 -53.10
CA ALA B 2271 20.63 1.58 -52.77
C ALA B 2271 21.70 1.14 -53.76
N ASN B 2272 21.50 0.02 -54.44
CA ASN B 2272 22.41 -0.48 -55.45
C ASN B 2272 21.62 -0.99 -56.65
N HIS B 2273 20.62 -0.24 -57.09
CA HIS B 2273 19.79 -0.68 -58.19
C HIS B 2273 20.56 -0.51 -59.50
N ALA B 2274 19.85 -0.67 -60.62
CA ALA B 2274 20.39 -0.85 -61.96
C ALA B 2274 21.02 -2.23 -62.08
N SER B 2275 21.09 -2.94 -60.95
CA SER B 2275 21.39 -4.36 -60.91
C SER B 2275 20.19 -5.16 -60.44
N HIS B 2276 19.10 -4.50 -60.09
CA HIS B 2276 17.90 -5.16 -59.61
C HIS B 2276 17.32 -6.04 -60.70
N GLU B 2277 16.73 -7.16 -60.28
CA GLU B 2277 16.10 -8.07 -61.22
C GLU B 2277 14.63 -7.74 -61.33
N PRO B 2278 14.14 -7.32 -62.51
CA PRO B 2278 12.73 -6.98 -62.67
C PRO B 2278 11.84 -8.10 -63.18
N PHE B 2279 12.35 -9.31 -63.34
CA PHE B 2279 11.53 -10.46 -63.76
C PHE B 2279 11.99 -11.71 -63.02
N PRO B 2280 11.86 -11.73 -61.70
CA PRO B 2280 12.33 -12.88 -60.94
C PRO B 2280 11.42 -14.08 -61.18
N GLY B 2281 12.01 -15.20 -61.57
CA GLY B 2281 11.26 -16.39 -61.88
C GLY B 2281 11.78 -17.09 -63.11
N HIS B 2282 11.42 -18.35 -63.29
CA HIS B 2282 11.98 -19.17 -64.36
C HIS B 2282 11.32 -18.79 -65.68
N TRP B 2283 12.03 -18.06 -66.51
CA TRP B 2283 11.56 -17.76 -67.85
C TRP B 2283 11.38 -19.04 -68.63
N ALA B 2284 10.17 -19.28 -69.11
CA ALA B 2284 9.90 -20.43 -69.95
C ALA B 2284 9.93 -20.00 -71.42
N TYR B 2285 10.44 -20.88 -72.27
CA TYR B 2285 10.64 -20.56 -73.68
C TYR B 2285 9.82 -21.49 -74.56
N ILE B 2286 9.51 -21.01 -75.76
CA ILE B 2286 8.79 -21.82 -76.73
C ILE B 2286 9.70 -22.94 -77.20
N ALA B 2287 9.42 -24.17 -76.77
CA ALA B 2287 10.13 -25.32 -77.28
C ALA B 2287 9.34 -26.07 -78.35
N GLY B 2288 8.04 -25.86 -78.41
CA GLY B 2288 7.23 -26.51 -79.42
C GLY B 2288 5.76 -26.30 -79.12
N PHE B 2289 4.92 -26.77 -80.03
CA PHE B 2289 3.48 -26.69 -79.88
C PHE B 2289 2.89 -28.08 -79.88
N ASP B 2290 1.70 -28.20 -79.29
CA ASP B 2290 0.91 -29.40 -79.46
C ASP B 2290 0.25 -29.37 -80.84
N ASP B 2291 0.34 -30.48 -81.56
CA ASP B 2291 -0.20 -30.52 -82.92
C ASP B 2291 -1.70 -30.27 -82.95
N MET B 2292 -2.40 -30.46 -81.85
CA MET B 2292 -3.82 -30.21 -81.78
C MET B 2292 -4.07 -28.72 -81.63
N VAL B 2293 -5.12 -28.23 -82.29
CA VAL B 2293 -5.49 -26.83 -82.25
C VAL B 2293 -7.01 -26.77 -82.17
N GLU B 2294 -7.54 -26.39 -81.01
CA GLU B 2294 -8.97 -26.23 -80.89
C GLU B 2294 -9.44 -24.96 -81.58
N ILE B 2295 -10.72 -24.92 -81.91
CA ILE B 2295 -11.35 -23.74 -82.49
C ILE B 2295 -12.69 -23.55 -81.79
N LEU B 2296 -12.76 -22.50 -80.98
CA LEU B 2296 -13.98 -22.21 -80.19
C LEU B 2296 -15.06 -21.69 -81.12
N ALA B 2297 -16.27 -21.48 -80.61
CA ALA B 2297 -17.40 -20.99 -81.43
C ALA B 2297 -17.65 -19.52 -81.11
N SER B 2298 -17.57 -18.68 -82.13
CA SER B 2298 -17.77 -17.22 -81.98
C SER B 2298 -18.11 -16.67 -83.37
N LEU B 2299 -18.54 -15.42 -83.46
CA LEU B 2299 -18.84 -14.81 -84.78
C LEU B 2299 -17.53 -14.90 -85.54
N GLN B 2300 -16.40 -14.62 -84.89
CA GLN B 2300 -15.06 -14.84 -85.51
C GLN B 2300 -14.47 -15.97 -84.65
N LYS B 2301 -14.03 -17.07 -85.27
CA LYS B 2301 -13.63 -18.28 -84.50
C LYS B 2301 -12.22 -18.16 -83.89
N PRO B 2302 -12.06 -18.08 -82.56
CA PRO B 2302 -10.72 -18.11 -81.96
C PRO B 2302 -10.12 -19.50 -82.09
N LYS B 2303 -8.79 -19.54 -82.13
CA LYS B 2303 -8.06 -20.78 -82.30
C LYS B 2303 -7.11 -20.97 -81.13
N LYS B 2304 -7.39 -21.97 -80.30
CA LYS B 2304 -6.53 -22.29 -79.18
C LYS B 2304 -5.33 -23.10 -79.65
N ILE B 2305 -4.14 -22.67 -79.25
CA ILE B 2305 -2.93 -23.44 -79.46
C ILE B 2305 -2.24 -23.62 -78.11
N SER B 2306 -1.61 -24.77 -77.92
CA SER B 2306 -0.85 -25.03 -76.71
C SER B 2306 0.62 -24.85 -77.00
N LEU B 2307 1.36 -24.38 -76.00
CA LEU B 2307 2.78 -24.08 -76.16
C LEU B 2307 3.58 -24.96 -75.21
N LYS B 2308 4.39 -25.84 -75.77
CA LYS B 2308 5.25 -26.71 -74.98
C LYS B 2308 6.45 -25.91 -74.52
N GLY B 2309 6.44 -25.48 -73.26
CA GLY B 2309 7.52 -24.68 -72.75
C GLY B 2309 8.83 -25.44 -72.67
N SER B 2310 9.92 -24.68 -72.66
CA SER B 2310 11.24 -25.27 -72.51
C SER B 2310 11.35 -26.06 -71.22
N ASP B 2311 10.61 -25.65 -70.18
CA ASP B 2311 10.59 -26.39 -68.93
C ASP B 2311 9.87 -27.72 -69.05
N GLY B 2312 9.13 -27.94 -70.12
CA GLY B 2312 8.30 -29.12 -70.27
C GLY B 2312 6.83 -28.88 -70.00
N LYS B 2313 6.49 -27.78 -69.34
CA LYS B 2313 5.10 -27.48 -69.07
C LYS B 2313 4.38 -27.08 -70.35
N PHE B 2314 3.06 -27.23 -70.42
CA PHE B 2314 2.26 -26.85 -71.62
C PHE B 2314 1.27 -25.72 -71.28
N TYR B 2315 1.45 -24.53 -71.87
CA TYR B 2315 0.58 -23.36 -71.57
C TYR B 2315 -0.31 -23.06 -72.77
N ILE B 2316 -1.63 -23.09 -72.58
CA ILE B 2316 -2.57 -22.91 -73.73
C ILE B 2316 -2.61 -21.42 -74.06
N MET B 2317 -2.84 -21.03 -75.32
CA MET B 2317 -2.92 -19.64 -75.74
C MET B 2317 -3.95 -19.50 -76.84
N MET B 2318 -4.80 -18.46 -76.90
CA MET B 2318 -5.87 -18.29 -77.96
C MET B 2318 -5.74 -17.07 -78.92
N CYS B 2319 -5.71 -17.19 -80.28
CA CYS B 2319 -5.76 -15.97 -81.19
C CYS B 2319 -7.17 -15.39 -81.12
N LYS B 2320 -7.32 -14.08 -80.96
CA LYS B 2320 -8.63 -13.41 -81.11
C LYS B 2320 -8.57 -12.87 -82.55
N PRO B 2321 -9.34 -13.38 -83.53
CA PRO B 2321 -9.12 -12.95 -84.90
C PRO B 2321 -9.32 -11.50 -85.25
N LYS B 2322 -10.38 -10.85 -84.76
CA LYS B 2322 -10.68 -9.46 -85.18
C LYS B 2322 -11.00 -8.58 -83.97
N ASP B 2323 -10.00 -8.25 -83.16
CA ASP B 2323 -10.15 -7.28 -82.04
C ASP B 2323 -8.84 -6.53 -81.96
N ASP B 2324 -8.86 -5.28 -81.45
CA ASP B 2324 -7.63 -4.46 -81.28
C ASP B 2324 -7.13 -4.62 -79.85
N LEU B 2325 -6.18 -5.51 -79.66
CA LEU B 2325 -5.60 -5.79 -78.32
C LEU B 2325 -4.90 -4.58 -77.73
N ARG B 2326 -4.23 -3.76 -78.52
CA ARG B 2326 -3.60 -2.53 -78.00
C ARG B 2326 -4.41 -2.05 -76.78
N LYS B 2327 -5.73 -1.90 -76.90
CA LYS B 2327 -6.55 -1.46 -75.78
C LYS B 2327 -6.55 -2.50 -74.67
N ASP B 2328 -6.81 -3.76 -74.99
CA ASP B 2328 -6.97 -4.82 -73.95
C ASP B 2328 -5.65 -5.10 -73.23
N CYS B 2329 -4.50 -5.07 -73.91
CA CYS B 2329 -3.13 -5.27 -73.39
C CYS B 2329 -2.78 -4.10 -72.48
N ARG B 2330 -3.20 -2.90 -72.87
CA ARG B 2330 -2.89 -1.69 -72.09
C ARG B 2330 -3.74 -1.76 -70.83
N LEU B 2331 -4.97 -2.25 -70.93
CA LEU B 2331 -5.84 -2.42 -69.76
C LEU B 2331 -5.34 -3.54 -68.87
N MET B 2332 -4.76 -4.58 -69.45
CA MET B 2332 -4.23 -5.66 -68.62
C MET B 2332 -3.00 -5.19 -67.86
N GLU B 2333 -2.18 -4.34 -68.47
CA GLU B 2333 -1.10 -3.72 -67.72
C GLU B 2333 -1.64 -2.94 -66.53
N PHE B 2334 -2.72 -2.20 -66.76
CA PHE B 2334 -3.32 -1.44 -65.66
C PHE B 2334 -3.88 -2.34 -64.58
N ASN B 2335 -4.49 -3.45 -64.97
CA ASN B 2335 -5.01 -4.39 -63.98
C ASN B 2335 -3.89 -5.01 -63.16
N SER B 2336 -2.77 -5.33 -63.81
CA SER B 2336 -1.61 -5.79 -63.07
C SER B 2336 -1.14 -4.73 -62.09
N LEU B 2337 -1.12 -3.47 -62.52
CA LEU B 2337 -0.78 -2.38 -61.60
C LEU B 2337 -1.69 -2.41 -60.39
N ILE B 2338 -3.00 -2.58 -60.62
CA ILE B 2338 -3.93 -2.64 -59.50
C ILE B 2338 -3.56 -3.79 -58.58
N ASN B 2339 -3.36 -4.98 -59.14
CA ASN B 2339 -2.94 -6.12 -58.33
C ASN B 2339 -1.73 -5.79 -57.49
N LYS B 2340 -0.80 -5.00 -58.03
CA LYS B 2340 0.32 -4.53 -57.22
C LYS B 2340 -0.17 -3.77 -56.01
N CYS B 2341 -1.14 -2.88 -56.18
CA CYS B 2341 -1.70 -2.17 -55.04
C CYS B 2341 -2.50 -3.10 -54.15
N LEU B 2342 -3.30 -3.97 -54.74
CA LEU B 2342 -4.19 -4.81 -53.95
C LEU B 2342 -3.42 -5.88 -53.20
N ARG B 2343 -2.59 -6.66 -53.91
CA ARG B 2343 -2.00 -7.86 -53.33
C ARG B 2343 -1.24 -7.55 -52.05
N LYS B 2344 -0.57 -6.40 -52.01
CA LYS B 2344 0.23 -6.02 -50.86
C LYS B 2344 -0.39 -4.80 -50.19
N ASP B 2345 -0.02 -4.62 -48.92
CA ASP B 2345 -0.23 -3.36 -48.22
C ASP B 2345 -1.71 -2.99 -48.14
N ALA B 2346 -2.49 -3.84 -47.49
CA ALA B 2346 -3.88 -3.51 -47.25
C ALA B 2346 -4.50 -4.53 -46.31
N GLU B 2347 -5.68 -4.18 -45.80
CA GLU B 2347 -6.60 -5.19 -45.32
C GLU B 2347 -7.18 -6.00 -46.47
N SER B 2348 -7.10 -5.46 -47.69
CA SER B 2348 -7.62 -6.17 -48.85
C SER B 2348 -6.96 -7.53 -49.01
N ARG B 2349 -5.69 -7.65 -48.64
CA ARG B 2349 -5.00 -8.92 -48.81
C ARG B 2349 -5.66 -10.04 -48.02
N ARG B 2350 -6.17 -9.73 -46.83
CA ARG B 2350 -6.85 -10.75 -46.04
C ARG B 2350 -7.99 -11.37 -46.83
N ARG B 2351 -8.84 -10.55 -47.43
CA ARG B 2351 -9.89 -11.07 -48.28
C ARG B 2351 -9.35 -11.72 -49.54
N GLU B 2352 -8.03 -11.68 -49.75
CA GLU B 2352 -7.39 -12.25 -50.93
C GLU B 2352 -7.93 -11.63 -52.21
N LEU B 2353 -8.21 -10.34 -52.16
CA LEU B 2353 -8.60 -9.62 -53.36
C LEU B 2353 -7.49 -9.72 -54.39
N HIS B 2354 -7.86 -10.07 -55.62
CA HIS B 2354 -6.84 -10.26 -56.66
C HIS B 2354 -7.54 -10.18 -58.01
N ILE B 2355 -7.22 -9.17 -58.79
CA ILE B 2355 -7.73 -9.09 -60.15
C ILE B 2355 -7.06 -10.17 -60.98
N ARG B 2356 -7.88 -10.96 -61.68
CA ARG B 2356 -7.38 -12.07 -62.53
C ARG B 2356 -6.78 -11.48 -63.80
N THR B 2357 -5.45 -11.36 -63.85
CA THR B 2357 -4.74 -10.78 -65.00
C THR B 2357 -4.14 -11.92 -65.76
N TYR B 2358 -4.33 -11.93 -67.07
CA TYR B 2358 -3.73 -12.95 -67.97
C TYR B 2358 -3.10 -12.13 -69.05
N ALA B 2359 -2.03 -12.59 -69.65
CA ALA B 2359 -1.29 -11.79 -70.65
C ALA B 2359 -2.19 -11.55 -71.85
N VAL B 2360 -2.05 -10.42 -72.53
CA VAL B 2360 -2.81 -10.17 -73.78
C VAL B 2360 -1.80 -9.50 -74.72
N ILE B 2361 -1.25 -10.22 -75.70
CA ILE B 2361 -0.20 -9.63 -76.56
C ILE B 2361 -0.80 -9.40 -77.94
N PRO B 2362 -0.83 -8.17 -78.48
CA PRO B 2362 -1.26 -8.02 -79.86
C PRO B 2362 -0.17 -8.57 -80.73
N LEU B 2363 -0.47 -9.30 -81.81
CA LEU B 2363 0.57 -9.69 -82.80
C LEU B 2363 0.43 -8.77 -84.02
N ASN B 2364 -0.74 -8.18 -84.21
CA ASN B 2364 -1.05 -7.27 -85.35
C ASN B 2364 -2.23 -6.45 -84.85
N ASP B 2365 -2.61 -5.36 -85.49
CA ASP B 2365 -3.75 -4.62 -84.92
C ASP B 2365 -4.96 -5.55 -84.93
N GLU B 2366 -5.18 -6.28 -86.03
CA GLU B 2366 -6.28 -7.27 -86.15
C GLU B 2366 -6.14 -8.49 -85.24
N CYS B 2367 -4.95 -9.07 -85.08
CA CYS B 2367 -4.74 -10.38 -84.39
C CYS B 2367 -3.95 -10.26 -83.09
N GLY B 2368 -4.39 -10.91 -82.03
CA GLY B 2368 -3.72 -10.89 -80.71
C GLY B 2368 -3.63 -12.30 -80.18
N ILE B 2369 -2.73 -12.61 -79.25
CA ILE B 2369 -2.65 -13.94 -78.58
C ILE B 2369 -2.93 -13.70 -77.11
N ILE B 2370 -3.85 -14.45 -76.49
CA ILE B 2370 -4.30 -14.20 -75.10
C ILE B 2370 -3.93 -15.39 -74.19
N GLU B 2371 -3.29 -15.17 -73.05
CA GLU B 2371 -2.90 -16.32 -72.21
C GLU B 2371 -4.18 -17.00 -71.75
N TRP B 2372 -4.29 -18.31 -71.91
CA TRP B 2372 -5.51 -19.02 -71.49
C TRP B 2372 -5.50 -19.15 -69.97
N VAL B 2373 -6.65 -18.93 -69.32
CA VAL B 2373 -6.77 -19.16 -67.85
C VAL B 2373 -7.31 -20.58 -67.80
N ASN B 2374 -6.51 -21.54 -67.33
CA ASN B 2374 -6.89 -22.97 -67.39
C ASN B 2374 -8.02 -23.25 -66.40
N ASN B 2375 -8.86 -24.25 -66.69
CA ASN B 2375 -9.97 -24.64 -65.80
C ASN B 2375 -10.93 -23.45 -65.73
N THR B 2376 -11.72 -23.22 -66.78
CA THR B 2376 -12.70 -22.15 -66.77
C THR B 2376 -13.64 -22.28 -67.96
N ALA B 2377 -14.81 -21.67 -67.84
CA ALA B 2377 -15.81 -21.67 -68.89
C ALA B 2377 -16.76 -20.51 -68.65
N GLY B 2378 -17.41 -20.06 -69.71
CA GLY B 2378 -18.25 -18.88 -69.62
C GLY B 2378 -19.41 -19.06 -68.65
N LEU B 2379 -19.85 -17.93 -68.08
CA LEU B 2379 -20.97 -17.98 -67.16
C LEU B 2379 -22.23 -18.51 -67.83
N ARG B 2380 -22.57 -17.98 -69.00
CA ARG B 2380 -23.76 -18.47 -69.70
C ARG B 2380 -23.67 -19.96 -70.02
N PRO B 2381 -22.56 -20.49 -70.54
CA PRO B 2381 -22.48 -21.95 -70.67
C PRO B 2381 -22.70 -22.67 -69.36
N ILE B 2382 -22.13 -22.15 -68.27
CA ILE B 2382 -22.31 -22.78 -66.96
C ILE B 2382 -23.78 -22.87 -66.61
N LEU B 2383 -24.47 -21.73 -66.63
CA LEU B 2383 -25.87 -21.71 -66.22
C LEU B 2383 -26.74 -22.54 -67.17
N THR B 2384 -26.52 -22.40 -68.47
CA THR B 2384 -27.26 -23.21 -69.43
C THR B 2384 -27.08 -24.70 -69.14
N LYS B 2385 -25.86 -25.10 -68.80
CA LYS B 2385 -25.64 -26.49 -68.40
C LYS B 2385 -26.44 -26.82 -67.15
N LEU B 2386 -26.49 -25.88 -66.19
CA LEU B 2386 -27.26 -26.13 -64.97
C LEU B 2386 -28.74 -26.22 -65.26
N TYR B 2387 -29.25 -25.33 -66.12
CA TYR B 2387 -30.67 -25.37 -66.45
C TYR B 2387 -31.03 -26.67 -67.16
N LYS B 2388 -30.15 -27.17 -68.03
CA LYS B 2388 -30.40 -28.44 -68.71
C LYS B 2388 -30.53 -29.57 -67.70
N GLU B 2389 -29.67 -29.59 -66.68
CA GLU B 2389 -29.77 -30.61 -65.65
C GLU B 2389 -31.13 -30.56 -64.96
N LYS B 2390 -31.69 -29.36 -64.80
CA LYS B 2390 -33.06 -29.24 -64.30
C LYS B 2390 -34.09 -29.39 -65.40
N GLY B 2391 -33.66 -29.59 -66.64
CA GLY B 2391 -34.59 -29.76 -67.74
C GLY B 2391 -35.16 -28.46 -68.25
N VAL B 2392 -35.30 -27.48 -67.36
CA VAL B 2392 -35.84 -26.18 -67.75
C VAL B 2392 -34.85 -25.49 -68.68
N TYR B 2393 -35.35 -25.05 -69.82
CA TYR B 2393 -34.57 -24.22 -70.73
C TYR B 2393 -35.56 -23.48 -71.63
N MET B 2394 -35.60 -22.17 -71.51
CA MET B 2394 -36.44 -21.35 -72.36
C MET B 2394 -35.88 -21.31 -73.78
N THR B 2395 -36.76 -21.44 -74.75
CA THR B 2395 -36.34 -21.71 -76.13
C THR B 2395 -35.95 -20.43 -76.87
N GLY B 2396 -35.25 -20.60 -77.98
CA GLY B 2396 -34.82 -19.47 -78.77
C GLY B 2396 -35.97 -18.70 -79.37
N LYS B 2397 -37.00 -19.40 -79.84
CA LYS B 2397 -38.19 -18.70 -80.29
C LYS B 2397 -38.89 -17.99 -79.13
N GLU B 2398 -38.85 -18.58 -77.94
CA GLU B 2398 -39.33 -17.86 -76.77
C GLU B 2398 -38.50 -16.61 -76.53
N LEU B 2399 -37.19 -16.70 -76.70
CA LEU B 2399 -36.34 -15.51 -76.65
C LEU B 2399 -36.84 -14.44 -77.62
N ARG B 2400 -37.09 -14.84 -78.87
CA ARG B 2400 -37.63 -13.90 -79.85
C ARG B 2400 -38.95 -13.31 -79.41
N GLN B 2401 -39.74 -14.08 -78.65
CA GLN B 2401 -40.96 -13.54 -78.08
C GLN B 2401 -40.67 -12.51 -76.99
N CYS B 2402 -39.59 -12.70 -76.24
CA CYS B 2402 -39.27 -11.78 -75.14
C CYS B 2402 -38.82 -10.42 -75.67
N MET B 2403 -37.96 -10.40 -76.68
CA MET B 2403 -37.39 -9.15 -77.15
C MET B 2403 -38.48 -8.25 -77.70
N LEU B 2404 -38.44 -6.98 -77.30
CA LEU B 2404 -39.39 -5.96 -77.69
C LEU B 2404 -38.64 -4.76 -78.24
N PRO B 2405 -39.28 -3.94 -79.06
CA PRO B 2405 -38.62 -2.73 -79.56
C PRO B 2405 -38.37 -1.74 -78.44
N LYS B 2406 -37.36 -0.89 -78.64
CA LYS B 2406 -37.03 0.11 -77.63
C LYS B 2406 -38.16 1.11 -77.45
N SER B 2407 -38.87 1.43 -78.54
CA SER B 2407 -39.97 2.38 -78.46
C SER B 2407 -41.08 1.91 -77.53
N ALA B 2408 -41.13 0.61 -77.24
CA ALA B 2408 -42.12 0.09 -76.31
C ALA B 2408 -41.83 0.58 -74.90
N ALA B 2409 -42.88 0.67 -74.09
CA ALA B 2409 -42.78 1.30 -72.78
C ALA B 2409 -41.84 0.54 -71.87
N LEU B 2410 -41.18 1.29 -70.98
CA LEU B 2410 -40.23 0.66 -70.06
C LEU B 2410 -40.95 -0.20 -69.03
N SER B 2411 -42.11 0.25 -68.55
CA SER B 2411 -42.82 -0.50 -67.52
C SER B 2411 -43.30 -1.85 -68.06
N GLU B 2412 -43.85 -1.86 -69.28
CA GLU B 2412 -44.27 -3.13 -69.84
C GLU B 2412 -43.08 -4.00 -70.20
N LYS B 2413 -41.96 -3.40 -70.60
CA LYS B 2413 -40.74 -4.18 -70.76
C LYS B 2413 -40.40 -4.89 -69.46
N LEU B 2414 -40.48 -4.16 -68.35
CA LEU B 2414 -40.21 -4.75 -67.04
C LEU B 2414 -41.19 -5.85 -66.72
N LYS B 2415 -42.46 -5.65 -67.06
CA LYS B 2415 -43.46 -6.67 -66.73
C LYS B 2415 -43.22 -7.94 -67.55
N VAL B 2416 -42.80 -7.79 -68.80
CA VAL B 2416 -42.46 -8.96 -69.63
C VAL B 2416 -41.26 -9.67 -69.03
N PHE B 2417 -40.19 -8.92 -68.76
CA PHE B 2417 -39.02 -9.45 -68.08
C PHE B 2417 -39.43 -10.27 -66.85
N ARG B 2418 -40.18 -9.64 -65.94
CA ARG B 2418 -40.55 -10.28 -64.70
C ARG B 2418 -41.34 -11.56 -64.94
N GLU B 2419 -42.44 -11.46 -65.69
CA GLU B 2419 -43.37 -12.56 -65.76
C GLU B 2419 -42.93 -13.68 -66.69
N PHE B 2420 -41.93 -13.46 -67.55
CA PHE B 2420 -41.46 -14.54 -68.40
C PHE B 2420 -40.02 -14.93 -68.09
N LEU B 2421 -39.08 -13.97 -68.16
CA LEU B 2421 -37.67 -14.33 -68.06
C LEU B 2421 -37.30 -14.76 -66.65
N LEU B 2422 -37.88 -14.12 -65.62
CA LEU B 2422 -37.52 -14.47 -64.25
C LEU B 2422 -37.95 -15.89 -63.88
N PRO B 2423 -39.22 -16.26 -63.95
CA PRO B 2423 -39.60 -17.61 -63.49
C PRO B 2423 -39.01 -18.71 -64.36
N ARG B 2424 -38.88 -18.47 -65.67
CA ARG B 2424 -38.21 -19.43 -66.54
C ARG B 2424 -36.70 -19.46 -66.30
N HIS B 2425 -36.20 -18.74 -65.30
CA HIS B 2425 -34.78 -18.74 -64.97
C HIS B 2425 -34.62 -18.56 -63.47
N PRO B 2426 -34.96 -19.57 -62.68
CA PRO B 2426 -34.67 -19.51 -61.25
C PRO B 2426 -33.18 -19.48 -61.03
N PRO B 2427 -32.73 -18.93 -59.90
CA PRO B 2427 -31.28 -18.82 -59.65
C PRO B 2427 -30.72 -20.17 -59.21
N ILE B 2428 -29.77 -20.70 -59.99
CA ILE B 2428 -29.24 -22.04 -59.81
C ILE B 2428 -27.79 -22.05 -59.38
N PHE B 2429 -27.10 -20.91 -59.51
CA PHE B 2429 -25.64 -20.86 -59.45
C PHE B 2429 -25.07 -21.52 -58.20
N HIS B 2430 -25.82 -21.54 -57.10
CA HIS B 2430 -25.34 -22.25 -55.92
C HIS B 2430 -25.23 -23.74 -56.17
N GLU B 2431 -26.09 -24.29 -57.02
CA GLU B 2431 -25.93 -25.70 -57.41
C GLU B 2431 -24.60 -25.92 -58.11
N TRP B 2432 -24.22 -25.01 -58.99
CA TRP B 2432 -22.91 -25.11 -59.63
C TRP B 2432 -21.80 -25.06 -58.60
N PHE B 2433 -21.95 -24.20 -57.59
CA PHE B 2433 -20.94 -24.20 -56.53
C PHE B 2433 -20.85 -25.57 -55.87
N LEU B 2434 -21.98 -26.11 -55.41
CA LEU B 2434 -21.95 -27.37 -54.70
C LEU B 2434 -21.44 -28.50 -55.57
N ARG B 2435 -21.64 -28.39 -56.89
CA ARG B 2435 -21.17 -29.44 -57.78
C ARG B 2435 -19.67 -29.36 -57.99
N THR B 2436 -19.18 -28.21 -58.46
CA THR B 2436 -17.76 -28.10 -58.76
C THR B 2436 -16.90 -28.27 -57.53
N PHE B 2437 -17.39 -27.82 -56.38
CA PHE B 2437 -16.63 -27.90 -55.12
C PHE B 2437 -17.49 -28.62 -54.09
N PRO B 2438 -17.49 -29.95 -54.11
CA PRO B 2438 -18.26 -30.69 -53.10
C PRO B 2438 -17.62 -30.65 -51.73
N ASP B 2439 -16.30 -30.59 -51.65
CA ASP B 2439 -15.62 -30.56 -50.37
C ASP B 2439 -16.02 -29.31 -49.61
N PRO B 2440 -16.66 -29.43 -48.45
CA PRO B 2440 -17.22 -28.23 -47.80
C PRO B 2440 -16.19 -27.18 -47.45
N THR B 2441 -15.05 -27.56 -46.89
CA THR B 2441 -14.02 -26.57 -46.63
C THR B 2441 -13.60 -25.87 -47.92
N SER B 2442 -13.29 -26.64 -48.95
CA SER B 2442 -12.93 -26.05 -50.23
C SER B 2442 -14.12 -25.30 -50.81
N TRP B 2443 -15.33 -25.80 -50.63
CA TRP B 2443 -16.50 -25.12 -51.18
C TRP B 2443 -16.63 -23.72 -50.62
N TYR B 2444 -16.54 -23.59 -49.29
CA TYR B 2444 -16.63 -22.26 -48.71
C TYR B 2444 -15.44 -21.40 -49.13
N SER B 2445 -14.22 -21.86 -48.84
CA SER B 2445 -13.06 -21.04 -49.17
C SER B 2445 -12.92 -20.81 -50.67
N SER B 2446 -13.79 -21.39 -51.48
CA SER B 2446 -13.88 -21.04 -52.88
C SER B 2446 -14.97 -19.99 -53.13
N ARG B 2447 -16.21 -20.30 -52.72
CA ARG B 2447 -17.30 -19.36 -52.92
C ARG B 2447 -16.98 -18.02 -52.26
N SER B 2448 -16.36 -18.04 -51.09
CA SER B 2448 -15.88 -16.80 -50.50
C SER B 2448 -14.98 -16.04 -51.46
N ALA B 2449 -14.09 -16.76 -52.14
CA ALA B 2449 -13.23 -16.09 -53.10
C ALA B 2449 -14.00 -15.62 -54.31
N TYR B 2450 -15.12 -16.27 -54.62
CA TYR B 2450 -15.94 -15.82 -55.75
C TYR B 2450 -16.54 -14.45 -55.47
N CYS B 2451 -17.23 -14.31 -54.34
CA CYS B 2451 -17.72 -13.01 -53.92
C CYS B 2451 -16.62 -11.96 -54.00
N ARG B 2452 -15.47 -12.24 -53.38
CA ARG B 2452 -14.39 -11.27 -53.36
C ARG B 2452 -13.93 -10.93 -54.77
N SER B 2453 -13.71 -11.95 -55.60
CA SER B 2453 -13.16 -11.70 -56.93
C SER B 2453 -14.15 -10.92 -57.79
N THR B 2454 -15.42 -11.34 -57.81
CA THR B 2454 -16.38 -10.62 -58.65
C THR B 2454 -16.60 -9.21 -58.12
N ALA B 2455 -16.56 -9.04 -56.80
CA ALA B 2455 -16.68 -7.70 -56.25
C ALA B 2455 -15.53 -6.82 -56.73
N VAL B 2456 -14.30 -7.31 -56.57
CA VAL B 2456 -13.14 -6.51 -56.93
C VAL B 2456 -13.16 -6.16 -58.41
N MET B 2457 -13.38 -7.16 -59.26
CA MET B 2457 -13.31 -6.90 -60.70
C MET B 2457 -14.47 -6.05 -61.16
N SER B 2458 -15.65 -6.23 -60.57
CA SER B 2458 -16.76 -5.36 -60.90
C SER B 2458 -16.45 -3.93 -60.52
N MET B 2459 -15.89 -3.72 -59.33
CA MET B 2459 -15.54 -2.36 -58.93
C MET B 2459 -14.53 -1.75 -59.87
N VAL B 2460 -13.46 -2.47 -60.17
CA VAL B 2460 -12.49 -1.98 -61.15
C VAL B 2460 -13.19 -1.63 -62.45
N GLY B 2461 -14.16 -2.45 -62.85
CA GLY B 2461 -14.86 -2.19 -64.10
C GLY B 2461 -15.74 -0.95 -64.05
N TYR B 2462 -16.26 -0.62 -62.87
CA TYR B 2462 -17.07 0.58 -62.75
C TYR B 2462 -16.23 1.84 -62.94
N ILE B 2463 -15.21 2.01 -62.09
CA ILE B 2463 -14.31 3.15 -62.23
C ILE B 2463 -13.49 3.09 -63.49
N LEU B 2464 -13.59 2.01 -64.26
CA LEU B 2464 -13.02 1.93 -65.59
C LEU B 2464 -14.05 2.11 -66.69
N GLY B 2465 -15.34 2.13 -66.34
CA GLY B 2465 -16.36 2.14 -67.35
C GLY B 2465 -16.34 0.89 -68.19
N LEU B 2466 -16.04 -0.25 -67.59
CA LEU B 2466 -16.07 -1.52 -68.32
C LEU B 2466 -17.49 -1.81 -68.79
N GLY B 2467 -17.64 -2.04 -70.08
CA GLY B 2467 -18.94 -2.30 -70.67
C GLY B 2467 -18.95 -3.62 -71.41
N ASP B 2468 -20.13 -3.94 -71.95
CA ASP B 2468 -20.36 -5.18 -72.69
C ASP B 2468 -19.98 -6.38 -71.84
N ARG B 2469 -20.45 -6.38 -70.60
CA ARG B 2469 -20.21 -7.53 -69.74
C ARG B 2469 -21.32 -8.55 -69.88
N HIS B 2470 -21.60 -8.96 -71.11
CA HIS B 2470 -22.64 -9.95 -71.32
C HIS B 2470 -22.27 -11.26 -70.66
N GLY B 2471 -23.29 -12.02 -70.27
CA GLY B 2471 -23.10 -13.24 -69.49
C GLY B 2471 -22.13 -14.22 -70.09
N GLU B 2472 -21.61 -14.04 -71.31
CA GLU B 2472 -20.55 -14.95 -71.84
C GLU B 2472 -19.16 -14.52 -71.36
N ASN B 2473 -18.82 -13.23 -71.36
CA ASN B 2473 -17.44 -12.76 -71.03
C ASN B 2473 -17.07 -13.10 -69.59
N ILE B 2474 -17.94 -12.90 -68.63
CA ILE B 2474 -17.60 -13.35 -67.25
C ILE B 2474 -17.39 -14.87 -67.38
N LEU B 2475 -16.37 -15.45 -66.77
CA LEU B 2475 -16.03 -16.87 -66.75
C LEU B 2475 -15.19 -17.13 -65.51
N PHE B 2476 -15.40 -18.30 -64.92
CA PHE B 2476 -14.98 -18.58 -63.56
C PHE B 2476 -13.95 -19.70 -63.50
N ASP B 2477 -13.01 -19.53 -62.58
CA ASP B 2477 -12.00 -20.53 -62.30
C ASP B 2477 -12.67 -21.71 -61.63
N SER B 2478 -12.73 -22.84 -62.33
CA SER B 2478 -13.36 -24.03 -61.77
C SER B 2478 -12.54 -24.66 -60.66
N LEU B 2479 -11.45 -24.06 -60.19
CA LEU B 2479 -10.67 -24.61 -59.09
C LEU B 2479 -10.63 -23.74 -57.86
N THR B 2480 -10.79 -22.42 -58.00
CA THR B 2480 -10.82 -21.53 -56.85
C THR B 2480 -12.12 -20.74 -56.73
N GLY B 2481 -12.78 -20.43 -57.83
CA GLY B 2481 -14.03 -19.71 -57.79
C GLY B 2481 -13.93 -18.27 -58.21
N GLU B 2482 -12.72 -17.75 -58.40
CA GLU B 2482 -12.59 -16.40 -58.94
C GLU B 2482 -13.23 -16.33 -60.32
N CYS B 2483 -13.51 -15.11 -60.76
CA CYS B 2483 -14.04 -14.86 -62.09
C CYS B 2483 -13.02 -14.09 -62.90
N VAL B 2484 -12.87 -14.46 -64.16
CA VAL B 2484 -11.95 -13.83 -65.07
C VAL B 2484 -12.77 -13.08 -66.10
N HIS B 2485 -12.51 -11.78 -66.23
CA HIS B 2485 -13.20 -10.95 -67.20
C HIS B 2485 -12.42 -10.90 -68.51
N VAL B 2486 -13.14 -10.88 -69.63
CA VAL B 2486 -12.58 -11.02 -70.95
C VAL B 2486 -13.29 -10.07 -71.91
N ASP B 2487 -12.67 -9.86 -73.07
CA ASP B 2487 -13.21 -9.01 -74.14
C ASP B 2487 -13.51 -7.61 -73.63
N PHE B 2488 -12.45 -6.92 -73.21
CA PHE B 2488 -12.54 -5.59 -72.64
C PHE B 2488 -12.78 -4.52 -73.69
N ASN B 2489 -13.15 -4.90 -74.91
CA ASN B 2489 -13.20 -3.94 -76.02
C ASN B 2489 -14.02 -2.70 -75.66
N CYS B 2490 -15.19 -2.90 -75.07
CA CYS B 2490 -16.06 -1.78 -74.71
C CYS B 2490 -15.54 -1.16 -73.42
N LEU B 2491 -14.88 -0.02 -73.52
CA LEU B 2491 -14.27 0.63 -72.39
C LEU B 2491 -14.80 2.06 -72.23
N PHE B 2492 -14.72 2.56 -71.01
CA PHE B 2492 -15.09 3.93 -70.68
C PHE B 2492 -16.51 4.25 -71.17
N ASN B 2493 -17.46 3.47 -70.66
CA ASN B 2493 -18.87 3.67 -70.95
C ASN B 2493 -19.16 3.62 -72.44
N LYS B 2494 -18.36 2.85 -73.21
CA LYS B 2494 -18.55 2.70 -74.69
C LYS B 2494 -19.79 1.84 -74.95
N GLY B 2495 -20.40 1.29 -73.92
CA GLY B 2495 -21.73 0.69 -74.02
C GLY B 2495 -22.85 1.70 -74.11
N GLU B 2496 -22.63 2.92 -73.63
CA GLU B 2496 -23.63 3.97 -73.83
C GLU B 2496 -23.78 4.31 -75.30
N THR B 2497 -22.71 4.25 -76.07
CA THR B 2497 -22.78 4.45 -77.50
C THR B 2497 -23.40 3.27 -78.23
N PHE B 2498 -23.60 2.14 -77.55
CA PHE B 2498 -24.29 1.03 -78.18
C PHE B 2498 -25.73 1.41 -78.48
N GLU B 2499 -26.32 0.70 -79.45
CA GLU B 2499 -27.71 0.94 -79.79
C GLU B 2499 -28.60 0.74 -78.58
N VAL B 2500 -28.43 -0.36 -77.87
CA VAL B 2500 -29.06 -0.58 -76.58
C VAL B 2500 -28.10 -0.06 -75.51
N PRO B 2501 -28.43 1.00 -74.79
CA PRO B 2501 -27.48 1.57 -73.83
C PRO B 2501 -27.24 0.61 -72.67
N GLU B 2502 -26.02 0.69 -72.13
CA GLU B 2502 -25.59 -0.19 -71.05
C GLU B 2502 -25.75 0.56 -69.73
N ILE B 2503 -26.96 0.51 -69.20
CA ILE B 2503 -27.31 1.29 -68.00
C ILE B 2503 -26.53 0.81 -66.79
N VAL B 2504 -26.48 -0.49 -66.57
CA VAL B 2504 -25.92 -1.02 -65.32
C VAL B 2504 -24.43 -0.75 -65.28
N PRO B 2505 -23.84 -0.51 -64.11
CA PRO B 2505 -22.38 -0.38 -64.04
C PRO B 2505 -21.67 -1.68 -64.37
N PHE B 2506 -22.03 -2.77 -63.68
CA PHE B 2506 -21.35 -4.04 -63.87
C PHE B 2506 -22.37 -5.18 -63.88
N ARG B 2507 -22.01 -6.25 -64.57
CA ARG B 2507 -22.89 -7.40 -64.73
C ARG B 2507 -23.08 -8.06 -63.37
N LEU B 2508 -24.25 -7.85 -62.77
CA LEU B 2508 -24.59 -8.48 -61.50
C LEU B 2508 -26.09 -8.74 -61.53
N THR B 2509 -26.47 -9.95 -61.93
CA THR B 2509 -27.86 -10.33 -62.01
C THR B 2509 -28.26 -11.12 -60.77
N HIS B 2510 -29.55 -11.42 -60.67
CA HIS B 2510 -30.05 -12.16 -59.51
C HIS B 2510 -29.39 -13.53 -59.40
N ASN B 2511 -29.05 -14.14 -60.54
CA ASN B 2511 -28.43 -15.46 -60.50
C ASN B 2511 -27.05 -15.39 -59.87
N MET B 2512 -26.20 -14.47 -60.35
CA MET B 2512 -24.93 -14.25 -59.69
C MET B 2512 -25.11 -13.90 -58.22
N VAL B 2513 -26.20 -13.20 -57.89
CA VAL B 2513 -26.46 -12.87 -56.50
C VAL B 2513 -26.65 -14.14 -55.68
N ASN B 2514 -27.47 -15.06 -56.19
CA ASN B 2514 -27.74 -16.30 -55.44
C ASN B 2514 -26.46 -17.04 -55.12
N GLY B 2515 -25.53 -17.12 -56.07
CA GLY B 2515 -24.28 -17.80 -55.82
C GLY B 2515 -23.51 -17.21 -54.66
N MET B 2516 -23.62 -15.90 -54.45
CA MET B 2516 -22.99 -15.28 -53.31
C MET B 2516 -23.46 -15.90 -52.00
N GLY B 2517 -24.71 -16.36 -51.97
CA GLY B 2517 -25.26 -16.96 -50.78
C GLY B 2517 -26.62 -16.38 -50.45
N PRO B 2518 -27.23 -16.89 -49.38
CA PRO B 2518 -28.52 -16.36 -48.96
C PRO B 2518 -28.45 -14.93 -48.49
N MET B 2519 -27.33 -14.54 -47.86
CA MET B 2519 -27.15 -13.15 -47.48
C MET B 2519 -27.25 -12.24 -48.69
N GLY B 2520 -26.82 -12.73 -49.85
CA GLY B 2520 -26.85 -11.92 -51.05
C GLY B 2520 -25.71 -10.92 -51.06
N THR B 2521 -25.95 -9.80 -51.76
CA THR B 2521 -24.92 -8.79 -51.91
C THR B 2521 -24.41 -8.30 -50.57
N GLU B 2522 -25.29 -8.11 -49.59
CA GLU B 2522 -24.92 -7.45 -48.35
C GLU B 2522 -23.88 -8.22 -47.54
N GLY B 2523 -23.44 -9.39 -48.00
CA GLY B 2523 -22.49 -10.17 -47.24
C GLY B 2523 -21.05 -9.80 -47.51
N LEU B 2524 -20.25 -10.77 -47.97
CA LEU B 2524 -18.86 -10.48 -48.27
C LEU B 2524 -18.72 -9.51 -49.43
N PHE B 2525 -19.63 -9.60 -50.40
CA PHE B 2525 -19.49 -8.82 -51.63
C PHE B 2525 -19.39 -7.33 -51.33
N ARG B 2526 -20.45 -6.75 -50.78
CA ARG B 2526 -20.43 -5.32 -50.46
C ARG B 2526 -19.20 -4.95 -49.65
N ARG B 2527 -18.88 -5.72 -48.61
CA ARG B 2527 -17.70 -5.43 -47.83
C ARG B 2527 -16.44 -5.58 -48.67
N ALA B 2528 -16.46 -6.45 -49.68
CA ALA B 2528 -15.32 -6.52 -50.59
C ALA B 2528 -15.33 -5.38 -51.59
N CYS B 2529 -16.50 -4.92 -52.01
CA CYS B 2529 -16.57 -3.75 -52.87
C CYS B 2529 -16.18 -2.49 -52.12
N GLU B 2530 -16.32 -2.50 -50.79
CA GLU B 2530 -15.95 -1.31 -50.02
C GLU B 2530 -14.45 -1.14 -49.96
N VAL B 2531 -13.72 -2.18 -49.57
CA VAL B 2531 -12.27 -2.05 -49.41
C VAL B 2531 -11.61 -1.78 -50.75
N THR B 2532 -12.12 -2.37 -51.83
CA THR B 2532 -11.58 -2.05 -53.15
C THR B 2532 -11.76 -0.57 -53.45
N MET B 2533 -12.94 -0.02 -53.19
CA MET B 2533 -13.17 1.38 -53.47
C MET B 2533 -12.31 2.27 -52.58
N ARG B 2534 -12.10 1.87 -51.33
CA ARG B 2534 -11.23 2.65 -50.48
C ARG B 2534 -9.81 2.66 -51.02
N LEU B 2535 -9.33 1.50 -51.47
CA LEU B 2535 -8.00 1.45 -52.06
C LEU B 2535 -7.94 2.28 -53.33
N MET B 2536 -9.05 2.34 -54.07
CA MET B 2536 -9.08 3.18 -55.27
C MET B 2536 -8.97 4.65 -54.91
N ARG B 2537 -9.79 5.10 -53.97
CA ARG B 2537 -9.73 6.50 -53.54
C ARG B 2537 -8.37 6.84 -52.96
N ASP B 2538 -7.68 5.85 -52.40
CA ASP B 2538 -6.35 6.12 -51.85
C ASP B 2538 -5.30 6.22 -52.95
N GLN B 2539 -5.20 5.20 -53.79
CA GLN B 2539 -4.22 5.17 -54.86
C GLN B 2539 -4.69 5.88 -56.11
N ARG B 2540 -5.66 6.78 -55.97
CA ARG B 2540 -6.07 7.63 -57.09
C ARG B 2540 -4.89 8.12 -57.93
N GLU B 2541 -3.91 8.74 -57.30
CA GLU B 2541 -2.86 9.42 -58.08
C GLU B 2541 -2.10 8.48 -59.00
N PRO B 2542 -1.54 7.36 -58.55
CA PRO B 2542 -0.89 6.45 -59.52
C PRO B 2542 -1.84 5.92 -60.56
N LEU B 2543 -3.01 5.43 -60.14
CA LEU B 2543 -3.96 4.86 -61.09
C LEU B 2543 -4.44 5.92 -62.07
N MET B 2544 -4.82 7.10 -61.57
CA MET B 2544 -5.28 8.16 -62.46
C MET B 2544 -4.17 8.58 -63.42
N SER B 2545 -2.94 8.65 -62.94
CA SER B 2545 -1.83 9.04 -63.81
C SER B 2545 -1.63 8.03 -64.93
N VAL B 2546 -1.51 6.76 -64.58
CA VAL B 2546 -1.33 5.73 -65.60
C VAL B 2546 -2.49 5.74 -66.58
N LEU B 2547 -3.72 5.79 -66.05
CA LEU B 2547 -4.89 5.77 -66.92
C LEU B 2547 -4.93 6.98 -67.84
N LYS B 2548 -4.40 8.12 -67.39
CA LYS B 2548 -4.34 9.29 -68.26
C LYS B 2548 -3.53 9.00 -69.51
N THR B 2549 -2.43 8.27 -69.37
CA THR B 2549 -1.64 7.89 -70.55
C THR B 2549 -2.39 6.86 -71.38
N PHE B 2550 -3.00 5.87 -70.73
CA PHE B 2550 -3.84 4.91 -71.44
C PHE B 2550 -4.87 5.64 -72.29
N LEU B 2551 -5.65 6.52 -71.67
CA LEU B 2551 -6.67 7.24 -72.43
C LEU B 2551 -6.07 8.09 -73.54
N HIS B 2552 -4.77 8.38 -73.47
CA HIS B 2552 -4.08 9.14 -74.50
C HIS B 2552 -3.24 8.25 -75.40
N ASP B 2553 -3.30 6.95 -75.23
CA ASP B 2553 -2.57 6.02 -76.08
C ASP B 2553 -3.13 6.08 -77.49
N PRO B 2554 -2.43 6.68 -78.45
CA PRO B 2554 -3.01 6.90 -79.77
C PRO B 2554 -3.09 5.65 -80.61
N LEU B 2555 -2.41 4.57 -80.22
CA LEU B 2555 -2.38 3.38 -81.05
C LEU B 2555 -3.74 2.71 -81.13
N VAL B 2556 -4.46 2.65 -80.01
CA VAL B 2556 -5.79 2.03 -80.04
C VAL B 2556 -6.71 2.82 -80.94
N GLU B 2557 -7.50 2.10 -81.74
CA GLU B 2557 -8.51 2.72 -82.60
C GLU B 2557 -9.69 3.08 -81.72
N TRP B 2558 -9.66 4.30 -81.16
CA TRP B 2558 -10.77 4.77 -80.35
C TRP B 2558 -12.09 4.67 -81.10
N SER B 2559 -12.14 5.26 -82.29
CA SER B 2559 -13.19 4.97 -83.25
C SER B 2559 -12.71 3.86 -84.17
N LYS B 2560 -13.65 3.23 -84.90
CA LYS B 2560 -13.31 2.16 -85.87
C LYS B 2560 -12.37 2.74 -86.93
N PRO B 2561 -11.53 1.93 -87.60
CA PRO B 2561 -10.54 2.48 -88.52
C PRO B 2561 -11.17 2.97 -89.80
N VAL B 2562 -10.75 4.14 -90.28
CA VAL B 2562 -11.22 4.60 -91.60
C VAL B 2562 -10.57 3.62 -92.59
N LYS B 2563 -11.29 3.16 -93.63
CA LYS B 2563 -10.76 2.14 -94.52
C LYS B 2563 -9.50 2.63 -95.22
N GLY B 2564 -8.86 1.69 -95.94
CA GLY B 2564 -7.57 1.95 -96.56
C GLY B 2564 -7.58 3.06 -97.59
N HIS B 2565 -8.76 3.49 -98.03
CA HIS B 2565 -8.82 4.61 -98.98
C HIS B 2565 -8.28 5.88 -98.35
N SER B 2566 -8.47 6.04 -97.04
CA SER B 2566 -7.94 7.19 -96.31
C SER B 2566 -7.61 6.71 -94.91
N LYS B 2567 -6.32 6.57 -94.60
CA LYS B 2567 -5.91 6.07 -93.29
C LYS B 2567 -6.40 7.02 -92.20
N ALA B 2568 -6.93 6.43 -91.12
CA ALA B 2568 -7.30 7.22 -89.96
C ALA B 2568 -6.14 8.07 -89.42
N PRO B 2569 -4.89 7.59 -89.38
CA PRO B 2569 -3.78 8.48 -89.06
C PRO B 2569 -3.23 9.23 -90.25
N LEU B 2570 -3.83 9.09 -91.43
CA LEU B 2570 -3.40 9.69 -92.69
C LEU B 2570 -2.02 9.22 -93.11
N ASN B 2571 -1.43 8.25 -92.42
CA ASN B 2571 -0.07 7.74 -92.61
C ASN B 2571 0.98 8.79 -92.32
N GLU B 2572 0.58 10.03 -92.00
CA GLU B 2572 1.50 11.09 -91.60
C GLU B 2572 1.59 11.21 -90.09
N THR B 2573 0.45 11.20 -89.40
CA THR B 2573 0.48 11.20 -87.95
C THR B 2573 0.88 9.83 -87.41
N GLY B 2574 0.46 8.75 -88.07
CA GLY B 2574 0.61 7.43 -87.50
C GLY B 2574 -0.20 7.21 -86.24
N GLU B 2575 -0.98 8.21 -85.83
CA GLU B 2575 -1.72 8.19 -84.58
C GLU B 2575 -3.17 8.57 -84.85
N VAL B 2576 -4.02 8.25 -83.88
CA VAL B 2576 -5.37 8.79 -83.79
C VAL B 2576 -5.57 9.28 -82.38
N VAL B 2577 -6.15 10.46 -82.24
CA VAL B 2577 -6.39 11.05 -80.92
C VAL B 2577 -7.85 10.83 -80.57
N ASN B 2578 -8.11 10.67 -79.28
CA ASN B 2578 -9.46 10.48 -78.80
C ASN B 2578 -10.07 11.84 -78.48
N GLU B 2579 -11.19 12.15 -79.14
CA GLU B 2579 -11.88 13.40 -78.86
C GLU B 2579 -12.45 13.39 -77.44
N LYS B 2580 -12.99 12.26 -77.01
CA LYS B 2580 -13.55 12.09 -75.68
C LYS B 2580 -12.50 11.70 -74.64
N ALA B 2581 -11.22 11.84 -74.98
CA ALA B 2581 -10.17 11.49 -74.02
C ALA B 2581 -10.25 12.35 -72.76
N LYS B 2582 -10.41 13.66 -72.93
CA LYS B 2582 -10.52 14.52 -71.77
C LYS B 2582 -11.82 14.25 -71.01
N THR B 2583 -12.91 14.00 -71.74
CA THR B 2583 -14.16 13.66 -71.08
C THR B 2583 -14.01 12.36 -70.30
N HIS B 2584 -13.37 11.36 -70.90
CA HIS B 2584 -13.14 10.11 -70.18
C HIS B 2584 -12.29 10.33 -68.93
N VAL B 2585 -11.22 11.12 -69.05
CA VAL B 2585 -10.36 11.38 -67.90
C VAL B 2585 -11.16 12.03 -66.78
N LEU B 2586 -11.93 13.06 -67.12
CA LEU B 2586 -12.73 13.75 -66.12
C LEU B 2586 -13.73 12.81 -65.48
N ASP B 2587 -14.42 12.01 -66.29
CA ASP B 2587 -15.44 11.11 -65.73
C ASP B 2587 -14.81 10.08 -64.80
N ILE B 2588 -13.71 9.47 -65.23
CA ILE B 2588 -13.06 8.47 -64.39
C ILE B 2588 -12.59 9.09 -63.09
N GLU B 2589 -11.92 10.25 -63.18
CA GLU B 2589 -11.53 10.94 -61.96
C GLU B 2589 -12.73 11.19 -61.06
N GLN B 2590 -13.87 11.53 -61.66
CA GLN B 2590 -15.07 11.77 -60.86
C GLN B 2590 -15.52 10.49 -60.17
N ARG B 2591 -15.43 9.35 -60.85
CA ARG B 2591 -15.85 8.09 -60.24
C ARG B 2591 -14.92 7.68 -59.11
N LEU B 2592 -13.61 7.87 -59.30
CA LEU B 2592 -12.69 7.66 -58.20
C LEU B 2592 -12.98 8.62 -57.05
N GLN B 2593 -13.06 9.91 -57.35
CA GLN B 2593 -13.44 10.90 -56.33
C GLN B 2593 -14.70 10.51 -55.58
N GLY B 2594 -15.65 9.88 -56.27
CA GLY B 2594 -16.90 9.49 -55.65
C GLY B 2594 -18.05 10.42 -55.91
N VAL B 2595 -17.93 11.32 -56.87
CA VAL B 2595 -19.05 12.18 -57.27
C VAL B 2595 -19.76 11.51 -58.44
N ILE B 2596 -21.06 11.35 -58.31
CA ILE B 2596 -21.81 10.55 -59.27
C ILE B 2596 -22.27 11.38 -60.46
N LYS B 2597 -22.63 12.64 -60.23
CA LYS B 2597 -23.19 13.52 -61.26
C LYS B 2597 -24.41 12.88 -61.93
N THR B 2598 -25.15 12.08 -61.18
CA THR B 2598 -26.27 11.34 -61.76
C THR B 2598 -27.44 12.26 -62.06
N ARG B 2599 -27.89 13.03 -61.08
CA ARG B 2599 -29.07 13.88 -61.20
C ARG B 2599 -28.67 15.21 -61.82
N ASN B 2600 -29.26 15.51 -62.98
CA ASN B 2600 -29.10 16.85 -63.55
C ASN B 2600 -29.74 17.93 -62.68
N ARG B 2601 -30.60 17.54 -61.75
CA ARG B 2601 -31.22 18.48 -60.82
C ARG B 2601 -30.36 18.72 -59.60
N VAL B 2602 -30.05 17.66 -58.85
CA VAL B 2602 -29.18 17.80 -57.68
C VAL B 2602 -27.77 18.13 -58.17
N THR B 2603 -27.25 19.28 -57.74
CA THR B 2603 -25.96 19.77 -58.21
C THR B 2603 -24.89 19.83 -57.13
N GLY B 2604 -25.28 20.08 -55.87
CA GLY B 2604 -24.29 20.13 -54.79
C GLY B 2604 -23.35 18.94 -54.79
N LEU B 2605 -23.89 17.75 -55.02
CA LEU B 2605 -23.11 16.56 -55.31
C LEU B 2605 -22.00 16.31 -54.28
N PRO B 2606 -22.32 16.29 -52.99
CA PRO B 2606 -21.29 15.91 -52.00
C PRO B 2606 -20.81 14.50 -52.28
N LEU B 2607 -19.49 14.37 -52.44
CA LEU B 2607 -18.91 13.10 -52.82
C LEU B 2607 -19.25 12.03 -51.79
N SER B 2608 -19.66 10.86 -52.27
CA SER B 2608 -20.02 9.76 -51.39
C SER B 2608 -18.75 9.01 -50.95
N ILE B 2609 -18.92 8.11 -49.98
CA ILE B 2609 -17.76 7.50 -49.33
C ILE B 2609 -17.76 5.99 -49.48
N GLU B 2610 -18.76 5.34 -48.88
CA GLU B 2610 -19.02 3.93 -49.10
C GLU B 2610 -20.45 3.69 -49.52
N GLY B 2611 -21.36 4.62 -49.21
CA GLY B 2611 -22.64 4.65 -49.88
C GLY B 2611 -22.53 4.69 -51.38
N HIS B 2612 -21.35 4.99 -51.91
CA HIS B 2612 -21.09 4.72 -53.32
C HIS B 2612 -21.25 3.24 -53.64
N VAL B 2613 -20.71 2.38 -52.77
CA VAL B 2613 -20.89 0.95 -52.97
C VAL B 2613 -22.36 0.57 -52.89
N HIS B 2614 -23.08 1.13 -51.91
CA HIS B 2614 -24.51 0.83 -51.80
C HIS B 2614 -25.26 1.30 -53.03
N TYR B 2615 -24.92 2.48 -53.54
CA TYR B 2615 -25.58 2.98 -54.74
C TYR B 2615 -25.29 2.10 -55.93
N LEU B 2616 -24.05 1.65 -56.06
CA LEU B 2616 -23.71 0.77 -57.18
C LEU B 2616 -24.45 -0.55 -57.10
N ILE B 2617 -24.48 -1.18 -55.93
CA ILE B 2617 -25.17 -2.45 -55.81
C ILE B 2617 -26.66 -2.28 -56.06
N GLN B 2618 -27.25 -1.19 -55.55
CA GLN B 2618 -28.63 -0.90 -55.92
C GLN B 2618 -28.76 -0.55 -57.40
N GLU B 2619 -27.65 -0.29 -58.07
CA GLU B 2619 -27.69 -0.01 -59.51
C GLU B 2619 -27.54 -1.28 -60.33
N ALA B 2620 -27.13 -2.38 -59.72
CA ALA B 2620 -26.97 -3.63 -60.45
C ALA B 2620 -28.22 -4.51 -60.32
N THR B 2621 -28.58 -4.86 -59.09
CA THR B 2621 -29.71 -5.75 -58.86
C THR B 2621 -31.05 -5.13 -59.22
N ASP B 2622 -31.07 -3.89 -59.69
CA ASP B 2622 -32.32 -3.21 -59.97
C ASP B 2622 -33.00 -3.81 -61.20
N GLU B 2623 -34.26 -4.21 -61.03
CA GLU B 2623 -34.99 -4.85 -62.12
C GLU B 2623 -35.25 -3.89 -63.26
N ASN B 2624 -35.65 -2.65 -62.95
CA ASN B 2624 -35.93 -1.69 -63.99
C ASN B 2624 -34.73 -1.52 -64.93
N LEU B 2625 -33.54 -1.38 -64.35
CA LEU B 2625 -32.35 -1.16 -65.15
C LEU B 2625 -31.94 -2.43 -65.87
N LEU B 2626 -32.00 -3.58 -65.18
CA LEU B 2626 -31.66 -4.84 -65.81
C LEU B 2626 -32.50 -5.08 -67.05
N CYS B 2627 -33.79 -4.78 -66.98
CA CYS B 2627 -34.69 -5.12 -68.08
C CYS B 2627 -34.33 -4.39 -69.36
N GLN B 2628 -34.01 -3.10 -69.27
CA GLN B 2628 -33.69 -2.34 -70.47
C GLN B 2628 -32.48 -2.89 -71.20
N MET B 2629 -31.73 -3.80 -70.59
CA MET B 2629 -30.64 -4.46 -71.28
C MET B 2629 -31.19 -5.32 -72.40
N TYR B 2630 -30.54 -5.24 -73.57
CA TYR B 2630 -30.87 -6.15 -74.64
C TYR B 2630 -30.52 -7.58 -74.22
N LEU B 2631 -31.37 -8.52 -74.63
CA LEU B 2631 -31.24 -9.90 -74.20
C LEU B 2631 -29.87 -10.49 -74.51
N GLY B 2632 -29.07 -9.83 -75.36
CA GLY B 2632 -27.71 -10.26 -75.57
C GLY B 2632 -26.91 -10.27 -74.28
N TRP B 2633 -27.08 -9.26 -73.44
CA TRP B 2633 -26.45 -9.26 -72.13
C TRP B 2633 -27.00 -10.35 -71.23
N THR B 2634 -28.14 -10.94 -71.60
CA THR B 2634 -28.80 -11.97 -70.81
C THR B 2634 -28.99 -11.51 -69.36
N PRO B 2635 -29.81 -10.49 -69.13
CA PRO B 2635 -30.05 -10.06 -67.74
C PRO B 2635 -30.81 -11.09 -66.95
N TYR B 2636 -31.78 -11.76 -67.57
CA TYR B 2636 -32.46 -12.88 -66.93
C TYR B 2636 -31.48 -13.95 -66.48
N MET B 2637 -30.46 -14.21 -67.28
CA MET B 2637 -29.49 -15.24 -66.96
C MET B 2637 -28.55 -14.74 -65.87
N TRP C 1 25.21 -22.32 51.06
CA TRP C 1 23.91 -22.62 50.47
C TRP C 1 22.82 -21.75 51.08
N ARG C 2 22.88 -20.46 50.80
CA ARG C 2 21.94 -19.49 51.37
C ARG C 2 21.01 -18.90 50.31
N GLN C 3 21.53 -18.56 49.14
CA GLN C 3 20.68 -18.04 48.07
C GLN C 3 19.70 -19.09 47.57
N ARG C 4 19.96 -20.37 47.85
CA ARG C 4 19.07 -21.47 47.45
C ARG C 4 18.94 -21.58 45.94
N SER C 5 19.77 -20.85 45.20
CA SER C 5 19.52 -20.77 43.74
C SER C 5 18.04 -20.40 43.63
N ASN C 6 17.64 -19.27 44.17
CA ASN C 6 16.27 -18.79 43.92
C ASN C 6 16.13 -18.49 42.43
N THR C 7 17.13 -17.88 41.79
CA THR C 7 17.16 -17.47 40.37
C THR C 7 17.18 -18.66 39.44
N GLN C 8 17.91 -19.71 39.80
CA GLN C 8 17.97 -20.94 38.99
C GLN C 8 16.79 -21.81 39.41
N GLY C 9 16.53 -21.90 40.72
CA GLY C 9 15.40 -22.66 41.24
C GLY C 9 14.05 -22.05 40.94
N SER C 10 14.02 -20.83 40.41
CA SER C 10 12.77 -20.23 39.95
C SER C 10 12.43 -20.78 38.59
N ILE C 11 11.49 -20.13 37.91
CA ILE C 11 11.09 -20.45 36.54
C ILE C 11 12.32 -20.40 35.62
N LEU C 12 13.44 -19.93 36.16
CA LEU C 12 14.53 -19.43 35.35
C LEU C 12 14.00 -18.27 34.51
N ILE C 13 13.58 -17.22 35.21
CA ILE C 13 13.07 -16.03 34.55
C ILE C 13 14.08 -15.52 33.53
N ASN C 14 15.38 -15.72 33.81
CA ASN C 14 16.41 -15.46 32.83
C ASN C 14 16.18 -16.30 31.58
N LEU C 15 15.82 -17.56 31.76
CA LEU C 15 15.47 -18.41 30.62
C LEU C 15 14.13 -18.00 30.03
N LEU C 16 13.11 -17.84 30.88
CA LEU C 16 11.80 -17.41 30.41
C LEU C 16 11.90 -16.08 29.67
N LEU C 17 12.77 -15.19 30.15
CA LEU C 17 13.08 -13.95 29.45
C LEU C 17 14.41 -14.09 28.72
N LYS C 18 14.37 -14.82 27.60
CA LYS C 18 15.55 -15.07 26.81
C LYS C 18 15.13 -15.32 25.37
N GLN C 19 16.06 -15.06 24.44
CA GLN C 19 15.89 -15.29 23.01
C GLN C 19 15.31 -16.67 22.75
N PRO C 20 14.60 -16.88 21.63
CA PRO C 20 13.82 -18.12 21.44
C PRO C 20 14.59 -19.38 21.80
N LEU C 21 14.08 -20.10 22.80
CA LEU C 21 14.67 -21.38 23.18
C LEU C 21 14.67 -22.36 22.02
N ILE C 22 13.56 -22.40 21.29
CA ILE C 22 13.45 -23.16 20.04
C ILE C 22 14.38 -22.53 19.01
N PRO C 23 14.80 -23.25 17.98
CA PRO C 23 15.62 -22.61 16.94
C PRO C 23 14.81 -21.66 16.07
N GLY C 24 15.00 -20.36 16.27
CA GLY C 24 14.43 -19.36 15.40
C GLY C 24 13.09 -18.82 15.87
N SER C 25 12.44 -18.11 14.95
CA SER C 25 11.13 -17.48 15.09
C SER C 25 11.19 -16.22 15.95
N SER C 26 12.32 -15.99 16.62
CA SER C 26 12.61 -14.75 17.35
C SER C 26 11.40 -14.25 18.15
N LEU C 27 11.04 -14.92 19.27
CA LEU C 27 9.81 -14.62 20.10
C LEU C 27 10.04 -13.84 21.45
N SER C 28 10.29 -14.47 22.63
CA SER C 28 10.47 -13.87 24.00
C SER C 28 9.24 -13.78 24.97
N LEU C 29 7.96 -13.98 24.59
CA LEU C 29 6.79 -13.82 25.53
C LEU C 29 5.91 -12.54 25.37
N CYS C 30 6.12 -11.38 26.07
CA CYS C 30 5.12 -10.30 25.78
C CYS C 30 5.44 -9.85 24.37
N HIS C 31 6.50 -10.04 23.74
CA HIS C 31 6.55 -9.70 22.31
C HIS C 31 5.15 -10.13 21.89
N LEU C 32 4.66 -11.28 22.39
CA LEU C 32 3.28 -11.81 22.13
C LEU C 32 2.26 -10.83 22.74
N LEU C 33 2.50 -10.25 23.89
CA LEU C 33 1.60 -9.19 24.44
C LEU C 33 1.63 -8.01 23.47
N SER C 34 2.81 -7.68 22.96
CA SER C 34 2.90 -6.61 21.93
C SER C 34 2.07 -7.18 20.80
N SER C 35 2.17 -8.50 20.59
CA SER C 35 1.35 -9.21 19.59
C SER C 35 -0.09 -9.37 20.11
N SER C 36 -0.94 -8.40 19.84
CA SER C 36 -2.37 -8.55 20.11
C SER C 36 -2.95 -9.82 19.54
N SER C 37 -2.20 -10.54 18.69
CA SER C 37 -2.66 -11.80 18.12
C SER C 37 -2.38 -12.96 19.06
N SER C 69 -12.28 -18.26 23.26
CA SER C 69 -10.83 -18.12 23.31
C SER C 69 -10.28 -17.54 22.02
N PHE C 70 -11.11 -16.79 21.30
CA PHE C 70 -10.69 -16.11 20.07
C PHE C 70 -11.13 -14.65 20.15
N SER C 71 -10.33 -13.84 20.86
CA SER C 71 -10.50 -12.39 20.97
C SER C 71 -9.39 -11.87 21.86
N LEU C 72 -9.20 -10.54 21.83
CA LEU C 72 -8.40 -9.90 22.87
C LEU C 72 -9.05 -10.09 24.23
N SER C 73 -10.37 -10.30 24.25
CA SER C 73 -11.07 -10.69 25.46
C SER C 73 -10.49 -11.98 26.01
N ALA C 74 -10.07 -11.93 27.27
CA ALA C 74 -9.43 -13.00 28.01
C ALA C 74 -8.00 -13.22 27.51
N LEU C 75 -7.68 -12.65 26.34
CA LEU C 75 -6.27 -12.61 25.93
C LEU C 75 -5.49 -11.68 26.83
N ARG C 76 -5.97 -10.44 26.98
CA ARG C 76 -5.31 -9.52 27.89
C ARG C 76 -5.44 -9.97 29.34
N GLU C 77 -6.52 -10.69 29.67
CA GLU C 77 -6.64 -11.25 31.01
C GLU C 77 -5.53 -12.26 31.28
N ALA C 78 -5.33 -13.19 30.35
CA ALA C 78 -4.24 -14.16 30.50
C ALA C 78 -2.89 -13.47 30.48
N GLN C 79 -2.75 -12.40 29.68
CA GLN C 79 -1.50 -11.65 29.65
C GLN C 79 -1.18 -11.04 31.01
N ASN C 80 -2.18 -10.41 31.62
CA ASN C 80 -1.98 -9.81 32.94
C ASN C 80 -1.72 -10.89 33.99
N LEU C 81 -2.43 -12.01 33.90
CA LEU C 81 -2.18 -13.11 34.82
C LEU C 81 -0.74 -13.61 34.69
N ALA C 82 -0.24 -13.70 33.46
CA ALA C 82 1.12 -14.18 33.24
C ALA C 82 2.15 -13.18 33.73
N PHE C 83 1.91 -11.89 33.50
CA PHE C 83 2.83 -10.87 34.01
C PHE C 83 2.85 -10.88 35.53
N THR C 84 1.69 -11.04 36.16
CA THR C 84 1.62 -11.13 37.60
C THR C 84 2.34 -12.36 38.12
N GLY C 85 2.17 -13.49 37.45
CA GLY C 85 2.88 -14.70 37.85
C GLY C 85 4.38 -14.55 37.68
N LEU C 86 4.81 -13.84 36.64
CA LEU C 86 6.23 -13.58 36.46
C LEU C 86 6.78 -12.72 37.60
N ASN C 87 6.06 -11.67 37.96
CA ASN C 87 6.48 -10.87 39.09
C ASN C 87 6.50 -11.69 40.37
N LEU C 88 5.53 -12.60 40.51
CA LEU C 88 5.50 -13.47 41.69
C LEU C 88 6.74 -14.36 41.75
N VAL C 89 7.04 -15.07 40.65
CA VAL C 89 8.18 -15.97 40.65
C VAL C 89 9.47 -15.19 40.85
N ALA C 90 9.54 -13.96 40.33
CA ALA C 90 10.69 -13.10 40.62
C ALA C 90 10.79 -12.84 42.11
N ARG C 91 9.65 -12.56 42.76
CA ARG C 91 9.64 -12.40 44.20
C ARG C 91 9.44 -13.71 44.95
N ASN C 92 9.34 -14.83 44.25
CA ASN C 92 9.08 -16.12 44.87
C ASN C 92 10.37 -16.67 45.45
N GLU C 93 10.36 -16.96 46.75
CA GLU C 93 11.37 -17.78 47.40
C GLU C 93 10.60 -18.89 48.10
N CYS C 94 10.25 -19.92 47.34
CA CYS C 94 9.53 -21.05 47.90
C CYS C 94 10.46 -21.95 48.70
N SER C 95 11.61 -22.27 48.12
CA SER C 95 12.65 -23.04 48.79
C SER C 95 13.73 -22.07 49.24
N ARG C 96 14.26 -22.29 50.44
CA ARG C 96 15.27 -21.41 50.99
C ARG C 96 16.28 -22.20 51.80
N ASP C 97 17.56 -21.94 51.55
CA ASP C 97 18.69 -22.45 52.34
C ASP C 97 18.85 -23.96 52.26
N GLY C 98 18.08 -24.66 51.42
CA GLY C 98 18.19 -26.11 51.38
C GLY C 98 16.91 -26.87 51.10
N ASP C 99 15.77 -26.18 51.11
CA ASP C 99 14.51 -26.77 50.67
C ASP C 99 14.13 -28.01 51.49
N PRO C 100 13.76 -27.85 52.76
CA PRO C 100 13.26 -29.00 53.52
C PRO C 100 11.78 -29.24 53.29
N ALA C 101 11.12 -28.24 52.70
CA ALA C 101 9.66 -28.32 52.53
C ALA C 101 9.27 -29.30 51.43
N GLU C 102 10.02 -29.33 50.34
CA GLU C 102 9.70 -30.22 49.22
C GLU C 102 9.84 -31.67 49.67
N GLY C 103 8.71 -32.36 49.77
CA GLY C 103 8.72 -33.75 50.23
C GLY C 103 7.87 -34.62 49.32
N GLY C 104 8.24 -35.90 49.28
CA GLY C 104 7.54 -36.87 48.47
C GLY C 104 8.45 -37.92 47.90
N ARG C 105 7.88 -38.98 47.34
CA ARG C 105 8.69 -40.02 46.71
C ARG C 105 9.40 -39.48 45.47
N ARG C 106 8.84 -38.44 44.85
CA ARG C 106 9.47 -37.83 43.68
C ARG C 106 10.81 -37.23 44.05
N ALA C 107 11.89 -37.83 43.53
CA ALA C 107 13.21 -37.25 43.71
C ALA C 107 13.27 -35.90 42.99
N PHE C 108 14.18 -35.04 43.46
CA PHE C 108 14.37 -33.72 42.88
C PHE C 108 13.07 -32.93 42.85
N PRO C 109 12.30 -32.93 43.94
CA PRO C 109 11.12 -32.04 44.01
C PRO C 109 11.59 -30.60 43.95
N LEU C 110 11.26 -29.93 42.85
CA LEU C 110 11.84 -28.62 42.55
C LEU C 110 11.49 -27.58 43.61
N CYS C 111 10.22 -27.20 43.67
CA CYS C 111 9.64 -26.36 44.71
C CYS C 111 8.17 -26.19 44.37
N GLN C 112 7.40 -25.64 45.30
CA GLN C 112 5.99 -25.41 45.04
C GLN C 112 5.80 -24.40 43.92
N LEU C 113 6.28 -23.17 44.13
CA LEU C 113 6.27 -22.11 43.13
C LEU C 113 4.86 -21.87 42.61
N PRO C 114 3.99 -21.22 43.39
CA PRO C 114 2.65 -20.92 42.89
C PRO C 114 2.62 -19.86 41.80
N GLY C 115 3.79 -19.31 41.43
CA GLY C 115 3.79 -18.22 40.48
C GLY C 115 3.44 -18.64 39.07
N ALA C 116 4.14 -19.68 38.55
CA ALA C 116 3.88 -20.16 37.21
C ALA C 116 2.44 -20.62 37.03
N VAL C 117 1.73 -20.88 38.12
CA VAL C 117 0.30 -21.17 38.03
C VAL C 117 -0.42 -20.03 37.31
N HIS C 118 -0.11 -18.79 37.68
CA HIS C 118 -0.71 -17.64 37.04
C HIS C 118 -0.18 -17.43 35.62
N PHE C 119 0.98 -17.98 35.31
CA PHE C 119 1.48 -17.94 33.93
C PHE C 119 0.80 -18.99 33.05
N LEU C 120 0.29 -20.05 33.65
CA LEU C 120 -0.36 -21.10 32.87
C LEU C 120 -1.55 -20.65 32.04
N PRO C 121 -2.43 -19.74 32.51
CA PRO C 121 -3.56 -19.35 31.65
C PRO C 121 -3.16 -18.80 30.30
N LEU C 122 -2.02 -18.10 30.20
CA LEU C 122 -1.64 -17.53 28.91
C LEU C 122 -1.33 -18.62 27.89
N VAL C 123 -0.48 -19.59 28.28
CA VAL C 123 -0.19 -20.68 27.37
C VAL C 123 -1.43 -21.54 27.15
N GLN C 124 -2.30 -21.63 28.16
CA GLN C 124 -3.56 -22.35 27.97
C GLN C 124 -4.38 -21.70 26.85
N PHE C 125 -4.50 -20.39 26.87
CA PHE C 125 -5.25 -19.69 25.84
C PHE C 125 -4.57 -19.82 24.49
N PHE C 126 -3.25 -19.66 24.44
CA PHE C 126 -2.56 -19.73 23.16
C PHE C 126 -2.66 -21.12 22.55
N ILE C 127 -2.54 -22.16 23.38
CA ILE C 127 -2.65 -23.52 22.87
C ILE C 127 -4.10 -23.89 22.58
N GLY C 128 -5.08 -23.25 23.23
CA GLY C 128 -6.45 -23.42 22.81
C GLY C 128 -6.69 -22.85 21.43
N LEU C 129 -6.19 -21.64 21.20
CA LEU C 129 -6.23 -21.07 19.85
C LEU C 129 -5.52 -21.96 18.86
N HIS C 130 -4.39 -22.54 19.26
CA HIS C 130 -3.63 -23.42 18.38
C HIS C 130 -4.42 -24.69 18.04
N CYS C 131 -5.04 -25.30 19.05
CA CYS C 131 -5.85 -26.49 18.81
C CYS C 131 -7.05 -26.19 17.93
N GLN C 132 -7.63 -24.99 18.08
CA GLN C 132 -8.73 -24.61 17.20
C GLN C 132 -8.23 -24.38 15.78
N ALA C 133 -7.00 -23.89 15.63
CA ALA C 133 -6.40 -23.75 14.31
C ALA C 133 -5.96 -25.08 13.73
N LEU C 134 -5.81 -26.10 14.56
CA LEU C 134 -5.45 -27.43 14.10
C LEU C 134 -6.65 -28.29 13.72
N GLN C 135 -7.75 -28.17 14.48
CA GLN C 135 -8.90 -29.02 14.22
C GLN C 135 -9.55 -28.71 12.88
N ASP C 136 -9.48 -27.46 12.43
CA ASP C 136 -9.97 -27.10 11.12
C ASP C 136 -8.87 -27.26 10.07
N LEU C 137 -9.28 -27.51 8.83
CA LEU C 137 -8.34 -27.67 7.74
C LEU C 137 -7.67 -26.35 7.39
N SER C 167 -7.13 -20.93 8.06
CA SER C 167 -6.51 -20.65 9.35
C SER C 167 -5.25 -19.80 9.17
N VAL C 168 -4.32 -19.92 10.11
CA VAL C 168 -3.08 -19.16 10.10
C VAL C 168 -1.97 -20.06 10.62
N CYS C 169 -0.73 -19.70 10.31
CA CYS C 169 0.44 -20.46 10.70
C CYS C 169 1.23 -19.84 11.84
N ILE C 170 1.17 -18.52 11.99
CA ILE C 170 1.92 -17.85 13.06
C ILE C 170 1.52 -18.36 14.42
N LEU C 171 0.23 -18.65 14.64
CA LEU C 171 -0.21 -19.26 15.89
C LEU C 171 0.54 -20.54 16.20
N GLU C 172 0.97 -21.28 15.17
CA GLU C 172 1.71 -22.51 15.40
C GLU C 172 3.14 -22.23 15.85
N GLY C 173 3.77 -21.19 15.33
CA GLY C 173 5.04 -20.75 15.91
C GLY C 173 4.86 -20.23 17.32
N PHE C 174 3.84 -19.40 17.52
CA PHE C 174 3.45 -19.03 18.88
C PHE C 174 3.16 -20.28 19.70
N SER C 175 2.56 -21.29 19.08
CA SER C 175 2.25 -22.52 19.79
C SER C 175 3.50 -23.22 20.27
N VAL C 176 4.50 -23.38 19.40
CA VAL C 176 5.70 -24.10 19.79
C VAL C 176 6.51 -23.29 20.79
N THR C 177 6.47 -21.97 20.70
CA THR C 177 7.10 -21.16 21.74
C THR C 177 6.36 -21.34 23.07
N ALA C 178 5.04 -21.49 23.01
CA ALA C 178 4.28 -21.79 24.23
C ALA C 178 4.65 -23.16 24.78
N LEU C 179 4.92 -24.13 23.91
CA LEU C 179 5.35 -25.44 24.37
C LEU C 179 6.71 -25.34 25.06
N SER C 180 7.64 -24.58 24.49
CA SER C 180 8.91 -24.34 25.17
C SER C 180 8.69 -23.68 26.51
N ILE C 181 7.76 -22.71 26.56
CA ILE C 181 7.40 -22.08 27.82
C ILE C 181 6.97 -23.13 28.83
N LEU C 182 6.03 -24.00 28.43
CA LEU C 182 5.57 -25.08 29.32
C LEU C 182 6.74 -25.92 29.81
N GLN C 183 7.64 -26.28 28.90
CA GLN C 183 8.82 -27.04 29.30
C GLN C 183 9.58 -26.33 30.40
N HIS C 184 9.74 -25.01 30.25
CA HIS C 184 10.41 -24.24 31.30
C HIS C 184 9.60 -24.28 32.59
N LEU C 185 8.27 -24.18 32.49
CA LEU C 185 7.42 -24.13 33.68
C LEU C 185 7.54 -25.42 34.48
N VAL C 186 7.14 -26.54 33.87
CA VAL C 186 7.21 -27.83 34.53
C VAL C 186 8.63 -28.22 34.91
N CYS C 187 9.63 -27.49 34.42
CA CYS C 187 11.02 -27.75 34.76
C CYS C 187 11.37 -27.34 36.19
N HIS C 188 10.58 -26.45 36.79
CA HIS C 188 11.04 -25.79 38.02
C HIS C 188 9.95 -25.66 39.08
N SER C 189 8.92 -26.50 39.05
CA SER C 189 7.92 -26.46 40.12
C SER C 189 7.18 -27.80 40.17
N GLY C 190 7.23 -28.46 41.33
CA GLY C 190 6.50 -29.71 41.50
C GLY C 190 5.01 -29.49 41.73
N ALA C 191 4.65 -28.42 42.44
CA ALA C 191 3.24 -28.11 42.61
C ALA C 191 2.58 -27.77 41.28
N VAL C 192 3.29 -27.05 40.41
CA VAL C 192 2.76 -26.71 39.10
C VAL C 192 2.44 -27.95 38.30
N VAL C 193 3.39 -28.88 38.22
CA VAL C 193 3.14 -30.08 37.42
C VAL C 193 2.08 -30.96 38.08
N SER C 194 2.03 -30.94 39.43
CA SER C 194 1.00 -31.71 40.10
C SER C 194 -0.39 -31.20 39.75
N LEU C 195 -0.55 -29.88 39.64
CA LEU C 195 -1.85 -29.38 39.23
C LEU C 195 -2.08 -29.57 37.74
N LEU C 196 -1.03 -29.46 36.92
CA LEU C 196 -1.13 -29.79 35.50
C LEU C 196 -1.74 -31.18 35.32
N LEU C 197 -1.25 -32.16 36.09
CA LEU C 197 -1.75 -33.52 35.95
C LEU C 197 -3.12 -33.69 36.63
N SER C 198 -3.30 -33.09 37.80
CA SER C 198 -4.54 -33.26 38.55
C SER C 198 -5.66 -32.39 37.99
N GLY C 199 -5.36 -31.13 37.68
CA GLY C 199 -6.35 -30.20 37.17
C GLY C 199 -6.00 -28.74 37.33
N GLN C 233 -12.85 -36.81 31.92
CA GLN C 233 -13.05 -35.74 32.89
C GLN C 233 -12.69 -34.39 32.28
N GLY C 234 -11.68 -34.40 31.42
CA GLY C 234 -11.22 -33.16 30.85
C GLY C 234 -10.53 -32.24 31.83
N GLN C 235 -10.06 -32.77 32.95
CA GLN C 235 -9.36 -31.97 33.93
C GLN C 235 -8.19 -31.22 33.29
N HIS C 236 -8.05 -29.95 33.67
CA HIS C 236 -7.04 -29.08 33.08
C HIS C 236 -7.12 -29.14 31.56
N PRO C 237 -8.14 -28.51 30.96
CA PRO C 237 -8.37 -28.67 29.51
C PRO C 237 -7.13 -28.51 28.65
N LEU C 238 -6.11 -27.81 29.15
CA LEU C 238 -4.85 -27.71 28.40
C LEU C 238 -4.23 -29.09 28.20
N LEU C 239 -4.36 -29.97 29.19
CA LEU C 239 -3.79 -31.31 29.05
C LEU C 239 -4.50 -32.10 27.95
N LYS C 240 -5.82 -32.10 27.96
CA LYS C 240 -6.56 -32.80 26.93
C LYS C 240 -6.30 -32.20 25.56
N MET C 241 -6.19 -30.88 25.47
CA MET C 241 -5.96 -30.27 24.16
C MET C 241 -4.53 -30.47 23.67
N LEU C 242 -3.55 -30.62 24.57
CA LEU C 242 -2.22 -30.97 24.09
C LEU C 242 -2.17 -32.43 23.66
N LEU C 243 -2.94 -33.30 24.31
CA LEU C 243 -3.11 -34.65 23.77
C LEU C 243 -3.73 -34.60 22.38
N HIS C 244 -4.69 -33.71 22.18
CA HIS C 244 -5.29 -33.54 20.86
C HIS C 244 -4.27 -33.00 19.86
N LEU C 245 -3.36 -32.14 20.33
CA LEU C 245 -2.27 -31.68 19.46
C LEU C 245 -1.37 -32.84 19.05
N LEU C 246 -1.04 -33.71 20.00
CA LEU C 246 -0.26 -34.90 19.68
C LEU C 246 -0.95 -35.75 18.63
N ALA C 247 -2.27 -35.92 18.77
CA ALA C 247 -3.03 -36.68 17.78
C ALA C 247 -3.04 -35.97 16.43
N PHE C 248 -3.20 -34.64 16.44
CA PHE C 248 -3.22 -33.87 15.20
C PHE C 248 -1.89 -33.95 14.48
N SER C 249 -0.79 -33.98 15.22
CA SER C 249 0.54 -34.08 14.65
C SER C 249 0.92 -35.52 14.29
N SER C 250 0.22 -36.51 14.84
CA SER C 250 0.50 -37.90 14.49
C SER C 250 0.22 -38.17 13.02
N ALA C 251 -0.74 -37.48 12.43
CA ALA C 251 -1.04 -37.56 11.01
C ALA C 251 -0.84 -36.19 10.38
N ALA C 252 -0.53 -36.19 9.08
CA ALA C 252 -0.29 -34.96 8.33
C ALA C 252 0.76 -34.09 9.03
N THR C 253 1.97 -34.65 9.08
CA THR C 253 3.03 -34.09 9.91
C THR C 253 3.35 -32.64 9.51
N GLY C 254 3.85 -32.45 8.29
CA GLY C 254 4.32 -31.12 7.96
C GLY C 254 5.57 -30.78 8.77
N HIS C 255 5.84 -29.48 8.86
CA HIS C 255 7.01 -28.98 9.58
C HIS C 255 6.68 -28.35 10.92
N LEU C 256 5.64 -27.51 10.98
CA LEU C 256 5.26 -26.89 12.25
C LEU C 256 4.87 -27.96 13.26
N GLN C 257 3.90 -28.81 12.90
CA GLN C 257 3.52 -29.92 13.76
C GLN C 257 4.68 -30.86 14.04
N ALA C 258 5.64 -30.96 13.11
CA ALA C 258 6.86 -31.73 13.40
C ALA C 258 7.59 -31.16 14.61
N SER C 259 7.70 -29.83 14.68
CA SER C 259 8.25 -29.20 15.88
C SER C 259 7.32 -29.38 17.06
N VAL C 260 6.02 -29.27 16.86
CA VAL C 260 5.05 -29.51 17.93
C VAL C 260 5.27 -30.90 18.53
N LEU C 261 5.50 -31.90 17.68
CA LEU C 261 5.83 -33.23 18.18
C LEU C 261 6.99 -33.16 19.17
N THR C 262 8.10 -32.54 18.76
CA THR C 262 9.29 -32.51 19.59
C THR C 262 9.02 -31.80 20.92
N GLN C 263 8.46 -30.59 20.86
CA GLN C 263 8.30 -29.81 22.09
C GLN C 263 7.24 -30.41 23.01
N CYS C 264 6.18 -30.99 22.43
CA CYS C 264 5.17 -31.61 23.26
C CYS C 264 5.70 -32.88 23.92
N LEU C 265 6.50 -33.66 23.20
CA LEU C 265 7.15 -34.79 23.83
C LEU C 265 8.10 -34.33 24.93
N LYS C 266 8.80 -33.21 24.70
CA LYS C 266 9.66 -32.64 25.73
C LYS C 266 8.86 -32.34 26.99
N VAL C 267 7.74 -31.62 26.85
CA VAL C 267 7.00 -31.20 28.03
C VAL C 267 6.34 -32.40 28.70
N LEU C 268 5.89 -33.39 27.93
CA LEU C 268 5.27 -34.57 28.52
C LEU C 268 6.28 -35.38 29.31
N VAL C 269 7.40 -35.74 28.67
CA VAL C 269 8.47 -36.43 29.37
C VAL C 269 8.94 -35.65 30.57
N LYS C 270 8.93 -34.31 30.49
CA LYS C 270 9.22 -33.51 31.66
C LYS C 270 8.13 -33.65 32.71
N LEU C 271 6.88 -33.47 32.30
CA LEU C 271 5.76 -33.69 33.22
C LEU C 271 5.77 -35.12 33.75
N ALA C 272 6.01 -36.09 32.88
CA ALA C 272 6.09 -37.48 33.31
C ALA C 272 7.20 -37.68 34.33
N GLU C 273 8.42 -37.25 33.99
CA GLU C 273 9.54 -37.43 34.91
C GLU C 273 9.37 -36.63 36.19
N ASN C 274 8.64 -35.52 36.15
CA ASN C 274 8.43 -34.69 37.32
C ASN C 274 7.31 -35.21 38.22
N THR C 275 6.60 -36.24 37.80
CA THR C 275 5.49 -36.79 38.57
C THR C 275 5.95 -38.03 39.33
N SER C 276 5.31 -38.26 40.48
CA SER C 276 5.62 -39.43 41.30
C SER C 276 4.98 -40.67 40.70
N CYS C 277 5.19 -41.81 41.37
CA CYS C 277 4.67 -43.07 40.85
C CYS C 277 3.15 -43.12 40.90
N ASP C 278 2.54 -42.50 41.91
CA ASP C 278 1.08 -42.49 42.00
C ASP C 278 0.42 -41.74 40.87
N PHE C 279 1.09 -40.71 40.32
CA PHE C 279 0.52 -39.93 39.24
C PHE C 279 0.58 -40.64 37.90
N LEU C 280 1.41 -41.68 37.78
CA LEU C 280 1.42 -42.45 36.54
C LEU C 280 0.08 -43.09 36.24
N PRO C 281 -0.69 -43.54 37.23
CA PRO C 281 -2.04 -44.06 36.93
C PRO C 281 -2.94 -43.02 36.29
N ARG C 282 -2.86 -41.77 36.73
CA ARG C 282 -3.57 -40.70 36.05
C ARG C 282 -2.81 -40.20 34.83
N PHE C 283 -1.53 -40.56 34.69
CA PHE C 283 -0.81 -40.23 33.47
C PHE C 283 -1.11 -41.23 32.36
N GLN C 284 -1.80 -42.32 32.70
CA GLN C 284 -2.17 -43.33 31.72
C GLN C 284 -3.05 -42.77 30.60
N CYS C 285 -3.87 -41.78 30.93
CA CYS C 285 -4.72 -41.16 29.91
C CYS C 285 -3.87 -40.48 28.84
N VAL C 286 -2.83 -39.77 29.26
CA VAL C 286 -1.91 -39.16 28.30
C VAL C 286 -1.08 -40.24 27.62
N PHE C 287 -0.79 -41.33 28.34
CA PHE C 287 0.00 -42.41 27.76
C PHE C 287 -0.75 -43.12 26.65
N GLN C 288 -2.08 -43.11 26.69
CA GLN C 288 -2.85 -43.74 25.62
C GLN C 288 -2.55 -43.12 24.26
N VAL C 289 -2.10 -41.87 24.22
CA VAL C 289 -1.82 -41.21 22.95
C VAL C 289 -0.47 -41.62 22.36
N LEU C 290 0.44 -42.15 23.18
CA LEU C 290 1.80 -42.40 22.69
C LEU C 290 1.86 -43.38 21.53
N PRO C 291 0.92 -44.32 21.38
CA PRO C 291 1.04 -45.26 20.25
C PRO C 291 1.02 -44.58 18.90
N LYS C 292 0.30 -43.46 18.77
CA LYS C 292 0.31 -42.72 17.51
C LYS C 292 1.65 -42.04 17.28
N CYS C 293 2.31 -41.59 18.34
CA CYS C 293 3.69 -41.13 18.23
C CYS C 293 4.65 -42.27 17.96
N LEU C 294 4.25 -43.50 18.25
CA LEU C 294 5.01 -44.68 17.89
C LEU C 294 4.72 -45.15 16.46
N SER C 295 4.05 -44.34 15.65
CA SER C 295 3.82 -44.68 14.26
C SER C 295 5.12 -44.53 13.47
N PRO C 296 5.28 -45.28 12.37
CA PRO C 296 6.57 -45.30 11.68
C PRO C 296 6.90 -44.00 10.96
N GLU C 297 6.10 -42.97 11.19
CA GLU C 297 6.23 -41.67 10.54
C GLU C 297 7.00 -40.66 11.38
N THR C 298 6.98 -40.81 12.71
CA THR C 298 7.45 -39.74 13.58
C THR C 298 8.96 -39.55 13.44
N PRO C 299 9.44 -38.30 13.47
CA PRO C 299 10.87 -38.05 13.30
C PRO C 299 11.67 -38.43 14.54
N LEU C 300 13.00 -38.47 14.34
CA LEU C 300 13.90 -38.98 15.36
C LEU C 300 13.84 -38.24 16.70
N PRO C 301 13.81 -36.90 16.77
CA PRO C 301 13.77 -36.26 18.10
C PRO C 301 12.53 -36.64 18.88
N SER C 302 11.35 -36.59 18.24
CA SER C 302 10.14 -37.08 18.88
C SER C 302 10.27 -38.54 19.27
N VAL C 303 10.98 -39.33 18.47
CA VAL C 303 11.14 -40.75 18.77
C VAL C 303 11.94 -40.94 20.06
N LEU C 304 13.07 -40.24 20.19
CA LEU C 304 13.89 -40.42 21.37
C LEU C 304 13.20 -39.87 22.61
N LEU C 305 12.50 -38.73 22.48
CA LEU C 305 11.72 -38.23 23.60
C LEU C 305 10.62 -39.22 23.97
N ALA C 306 10.04 -39.89 22.98
CA ALA C 306 9.03 -40.89 23.24
C ALA C 306 9.62 -42.08 24.00
N VAL C 307 10.82 -42.49 23.64
CA VAL C 307 11.48 -43.58 24.37
C VAL C 307 11.77 -43.16 25.81
N GLU C 308 12.16 -41.91 26.00
CA GLU C 308 12.35 -41.41 27.37
C GLU C 308 11.04 -41.48 28.14
N LEU C 309 9.94 -41.08 27.51
CA LEU C 309 8.63 -41.18 28.16
C LEU C 309 8.26 -42.62 28.46
N LEU C 310 8.61 -43.53 27.54
CA LEU C 310 8.34 -44.95 27.76
C LEU C 310 9.10 -45.46 28.97
N SER C 311 10.35 -45.04 29.13
CA SER C 311 11.12 -45.41 30.31
C SER C 311 10.48 -44.86 31.58
N LEU C 312 10.13 -43.57 31.56
CA LEU C 312 9.52 -42.96 32.73
C LEU C 312 8.22 -43.66 33.11
N LEU C 313 7.44 -44.09 32.12
CA LEU C 313 6.20 -44.82 32.40
C LEU C 313 6.48 -46.23 32.89
N ALA C 314 7.46 -46.92 32.30
CA ALA C 314 7.81 -48.27 32.72
C ALA C 314 8.42 -48.29 34.11
N ASP C 315 8.89 -47.15 34.62
CA ASP C 315 9.26 -47.11 36.02
C ASP C 315 8.07 -47.43 36.92
N HIS C 316 6.85 -47.19 36.43
CA HIS C 316 5.66 -47.56 37.18
C HIS C 316 5.38 -49.04 36.99
N ASP C 317 4.79 -49.65 38.02
CA ASP C 317 4.52 -51.08 38.00
C ASP C 317 3.20 -51.42 37.32
N GLN C 318 2.28 -50.46 37.22
CA GLN C 318 1.01 -50.68 36.52
C GLN C 318 1.00 -50.13 35.11
N LEU C 319 1.85 -49.14 34.82
CA LEU C 319 1.87 -48.55 33.48
C LEU C 319 2.61 -49.45 32.50
N ALA C 320 3.62 -50.18 32.98
CA ALA C 320 4.42 -51.02 32.09
C ALA C 320 3.61 -52.16 31.47
N PRO C 321 2.88 -52.98 32.23
CA PRO C 321 2.08 -54.02 31.58
C PRO C 321 0.96 -53.45 30.70
N GLN C 322 0.39 -52.31 31.11
CA GLN C 322 -0.64 -51.69 30.29
C GLN C 322 -0.09 -51.24 28.94
N LEU C 323 1.10 -50.64 28.95
CA LEU C 323 1.73 -50.24 27.70
C LEU C 323 2.14 -51.45 26.87
N CYS C 324 2.58 -52.52 27.54
CA CYS C 324 2.92 -53.76 26.86
C CYS C 324 1.69 -54.57 26.46
N SER C 325 0.50 -54.11 26.80
CA SER C 325 -0.73 -54.79 26.42
C SER C 325 -1.22 -54.44 25.02
N HIS C 326 -0.37 -53.88 24.17
CA HIS C 326 -0.77 -53.48 22.84
C HIS C 326 -0.87 -54.71 21.94
N SER C 327 -1.08 -54.48 20.64
CA SER C 327 -1.36 -55.56 19.69
C SER C 327 -0.15 -55.95 18.85
N GLU C 328 0.50 -54.98 18.22
CA GLU C 328 1.49 -55.27 17.19
C GLU C 328 2.65 -56.12 17.72
N GLY C 329 3.40 -55.59 18.68
CA GLY C 329 4.50 -56.29 19.30
C GLY C 329 4.56 -56.01 20.79
N CYS C 330 3.41 -55.80 21.41
CA CYS C 330 3.31 -55.27 22.76
C CYS C 330 3.85 -53.83 22.79
N LEU C 331 3.52 -53.09 21.73
CA LEU C 331 3.85 -51.68 21.56
C LEU C 331 5.33 -51.43 21.33
N LEU C 332 6.13 -52.49 21.33
CA LEU C 332 7.58 -52.37 21.14
C LEU C 332 8.05 -52.83 19.78
N LEU C 333 7.17 -53.47 18.99
CA LEU C 333 7.53 -53.87 17.64
C LEU C 333 7.91 -52.66 16.79
N LEU C 334 7.12 -51.59 16.90
CA LEU C 334 7.44 -50.36 16.18
C LEU C 334 8.81 -49.84 16.57
N LEU C 335 9.08 -49.79 17.89
CA LEU C 335 10.38 -49.32 18.35
C LEU C 335 11.52 -50.16 17.77
N TYR C 336 11.40 -51.48 17.87
CA TYR C 336 12.44 -52.36 17.35
C TYR C 336 12.64 -52.17 15.85
N MET C 337 11.56 -52.02 15.09
CA MET C 337 11.73 -51.87 13.66
C MET C 337 12.27 -50.49 13.30
N TYR C 338 12.02 -49.47 14.14
CA TYR C 338 12.73 -48.20 13.98
C TYR C 338 14.22 -48.41 14.13
N ILE C 339 14.67 -49.22 15.10
CA ILE C 339 16.13 -49.50 15.17
C ILE C 339 16.61 -50.02 13.81
N THR C 340 16.09 -51.15 13.35
CA THR C 340 16.51 -51.83 12.10
C THR C 340 16.22 -50.96 10.87
N SER C 341 15.08 -50.27 10.82
CA SER C 341 14.62 -49.53 9.61
C SER C 341 15.54 -48.36 9.31
N ARG C 342 15.88 -47.56 10.33
CA ARG C 342 16.70 -46.37 10.13
C ARG C 342 16.00 -45.45 9.12
N PRO C 343 14.88 -44.82 9.49
CA PRO C 343 14.10 -44.10 8.49
C PRO C 343 14.76 -42.82 8.00
N ASP C 344 15.59 -42.17 8.81
CA ASP C 344 16.13 -40.87 8.48
C ASP C 344 17.62 -40.99 8.19
N ARG C 345 18.06 -40.32 7.12
CA ARG C 345 19.47 -40.27 6.76
C ARG C 345 20.13 -38.96 7.14
N VAL C 346 19.36 -37.87 7.26
CA VAL C 346 19.91 -36.61 7.76
C VAL C 346 20.12 -36.67 9.26
N ALA C 347 19.53 -37.65 9.94
CA ALA C 347 19.72 -37.79 11.38
C ALA C 347 21.10 -38.35 11.68
N LEU C 348 21.90 -37.58 12.42
CA LEU C 348 23.25 -37.99 12.73
C LEU C 348 23.25 -39.23 13.60
N GLU C 349 24.21 -40.13 13.34
CA GLU C 349 24.37 -41.34 14.12
C GLU C 349 24.67 -41.06 15.59
N THR C 350 25.07 -39.84 15.94
CA THR C 350 25.15 -39.47 17.35
C THR C 350 23.76 -39.44 17.97
N GLN C 351 22.81 -38.79 17.29
CA GLN C 351 21.43 -38.82 17.76
C GLN C 351 20.87 -40.23 17.73
N TRP C 352 21.23 -41.01 16.71
CA TRP C 352 20.84 -42.41 16.68
C TRP C 352 21.39 -43.16 17.89
N LEU C 353 22.61 -42.83 18.32
CA LEU C 353 23.20 -43.50 19.48
C LEU C 353 22.50 -43.07 20.76
N GLN C 354 22.11 -41.80 20.86
CA GLN C 354 21.25 -41.38 21.97
C GLN C 354 19.99 -42.22 22.01
N LEU C 355 19.34 -42.37 20.84
CA LEU C 355 18.16 -43.21 20.74
C LEU C 355 18.44 -44.63 21.21
N GLU C 356 19.57 -45.19 20.77
CA GLU C 356 19.90 -46.57 21.09
C GLU C 356 20.13 -46.76 22.58
N GLN C 357 20.91 -45.86 23.19
CA GLN C 357 21.16 -45.98 24.63
C GLN C 357 19.87 -45.84 25.42
N GLU C 358 18.99 -44.92 25.00
CA GLU C 358 17.72 -44.79 25.70
C GLU C 358 16.88 -46.06 25.54
N VAL C 359 16.87 -46.66 24.36
CA VAL C 359 16.10 -47.88 24.14
C VAL C 359 16.63 -49.01 25.00
N VAL C 360 17.94 -49.20 25.03
CA VAL C 360 18.50 -50.34 25.77
C VAL C 360 18.31 -50.11 27.27
N TRP C 361 18.39 -48.87 27.72
CA TRP C 361 18.14 -48.62 29.14
C TRP C 361 16.68 -48.83 29.49
N LEU C 362 15.76 -48.44 28.60
CA LEU C 362 14.35 -48.73 28.79
C LEU C 362 14.11 -50.23 28.90
N LEU C 363 14.72 -51.01 28.02
CA LEU C 363 14.51 -52.45 28.05
C LEU C 363 15.14 -53.08 29.28
N ALA C 364 16.29 -52.56 29.71
CA ALA C 364 16.89 -53.02 30.96
C ALA C 364 15.95 -52.76 32.14
N LYS C 365 15.31 -51.59 32.17
CA LYS C 365 14.32 -51.32 33.20
C LYS C 365 13.13 -52.27 33.07
N LEU C 366 12.73 -52.57 31.83
CA LEU C 366 11.69 -53.56 31.61
C LEU C 366 12.07 -54.90 32.23
N GLY C 367 13.36 -55.22 32.23
CA GLY C 367 13.80 -56.44 32.90
C GLY C 367 13.71 -56.33 34.41
N VAL C 368 14.08 -55.17 34.97
CA VAL C 368 14.11 -55.05 36.42
C VAL C 368 12.73 -54.85 37.03
N GLN C 369 11.74 -54.49 36.23
CA GLN C 369 10.36 -54.39 36.70
C GLN C 369 9.58 -55.68 36.50
N SER C 370 10.24 -56.75 36.07
CA SER C 370 9.57 -58.03 35.84
C SER C 370 9.75 -58.98 37.01
N VAL C 387 15.48 -58.89 19.59
CA VAL C 387 16.78 -59.49 19.30
C VAL C 387 17.31 -59.01 17.95
N ARG C 388 16.43 -58.96 16.95
CA ARG C 388 16.85 -58.47 15.63
C ARG C 388 17.40 -57.05 15.73
N ALA C 389 16.70 -56.17 16.45
CA ALA C 389 17.11 -54.78 16.57
C ALA C 389 18.42 -54.65 17.33
N LEU C 390 18.53 -55.37 18.47
CA LEU C 390 19.79 -55.38 19.21
C LEU C 390 20.94 -55.83 18.31
N THR C 391 20.72 -56.87 17.51
CA THR C 391 21.79 -57.40 16.68
C THR C 391 22.19 -56.41 15.59
N VAL C 392 21.23 -55.73 14.97
CA VAL C 392 21.59 -54.83 13.88
C VAL C 392 22.28 -53.57 14.41
N MET C 393 21.80 -53.04 15.54
CA MET C 393 22.50 -51.89 16.11
C MET C 393 23.89 -52.29 16.59
N LEU C 394 24.03 -53.49 17.16
CA LEU C 394 25.36 -53.97 17.54
C LEU C 394 26.23 -54.15 16.31
N HIS C 395 25.64 -54.57 15.18
CA HIS C 395 26.40 -54.70 13.95
C HIS C 395 26.99 -53.36 13.53
N ARG C 396 26.14 -52.34 13.44
CA ARG C 396 26.63 -51.01 13.04
C ARG C 396 27.67 -50.49 14.02
N GLN C 397 27.35 -50.51 15.32
CA GLN C 397 28.25 -49.96 16.32
C GLN C 397 29.56 -50.73 16.40
N TRP C 398 29.50 -52.06 16.24
CA TRP C 398 30.71 -52.86 16.29
C TRP C 398 31.58 -52.63 15.07
N LEU C 399 30.97 -52.49 13.90
CA LEU C 399 31.73 -52.07 12.73
C LEU C 399 32.46 -50.77 13.02
N THR C 400 31.75 -49.79 13.57
CA THR C 400 32.35 -48.48 13.81
C THR C 400 33.50 -48.57 14.82
N VAL C 401 33.34 -49.36 15.88
CA VAL C 401 34.38 -49.40 16.90
C VAL C 401 35.55 -50.30 16.46
N ARG C 402 35.26 -51.36 15.71
CA ARG C 402 36.31 -52.28 15.28
C ARG C 402 37.17 -51.66 14.18
N ARG C 403 36.60 -50.79 13.35
CA ARG C 403 37.43 -50.04 12.42
C ARG C 403 38.45 -49.18 13.13
N ALA C 404 38.20 -48.82 14.39
CA ALA C 404 39.18 -48.13 15.21
C ALA C 404 40.00 -49.14 16.00
N GLY C 405 41.31 -48.90 16.07
CA GLY C 405 42.22 -49.84 16.67
C GLY C 405 42.49 -49.68 18.15
N GLY C 406 41.78 -48.79 18.83
CA GLY C 406 42.03 -48.55 20.24
C GLY C 406 40.83 -47.98 20.97
N PRO C 407 41.05 -47.56 22.21
CA PRO C 407 39.97 -46.97 23.00
C PRO C 407 39.41 -45.73 22.32
N PRO C 408 38.10 -45.50 22.43
CA PRO C 408 37.49 -44.33 21.76
C PRO C 408 37.98 -43.04 22.39
N ARG C 409 38.72 -42.25 21.60
CA ARG C 409 39.18 -40.97 22.08
C ARG C 409 38.10 -39.90 22.03
N THR C 410 37.13 -40.05 21.12
CA THR C 410 36.00 -39.13 21.05
C THR C 410 34.89 -39.60 21.96
N ASP C 411 34.11 -38.63 22.48
CA ASP C 411 33.07 -38.94 23.44
C ASP C 411 31.94 -39.75 22.81
N GLN C 412 31.58 -39.44 21.56
CA GLN C 412 30.50 -40.16 20.90
C GLN C 412 30.81 -41.65 20.81
N GLN C 413 32.05 -41.99 20.47
CA GLN C 413 32.41 -43.39 20.40
C GLN C 413 32.57 -44.01 21.78
N ARG C 414 32.88 -43.20 22.80
CA ARG C 414 32.86 -43.71 24.17
C ARG C 414 31.45 -44.13 24.57
N ARG C 415 30.47 -43.28 24.27
CA ARG C 415 29.09 -43.64 24.48
C ARG C 415 28.70 -44.85 23.64
N THR C 416 29.25 -44.96 22.43
CA THR C 416 29.02 -46.14 21.60
C THR C 416 29.54 -47.40 22.29
N VAL C 417 30.71 -47.30 22.93
CA VAL C 417 31.29 -48.45 23.62
C VAL C 417 30.42 -48.85 24.81
N ARG C 418 29.99 -47.86 25.60
CA ARG C 418 29.07 -48.16 26.68
C ARG C 418 27.77 -48.76 26.17
N CYS C 419 27.35 -48.34 24.98
CA CYS C 419 26.17 -48.93 24.35
C CYS C 419 26.40 -50.39 24.02
N LEU C 420 27.58 -50.72 23.51
CA LEU C 420 27.95 -52.13 23.34
C LEU C 420 27.85 -52.87 24.66
N ARG C 421 28.37 -52.25 25.72
CA ARG C 421 28.37 -52.87 27.05
C ARG C 421 26.96 -53.25 27.47
N ASP C 422 26.07 -52.25 27.59
CA ASP C 422 24.75 -52.57 28.11
C ASP C 422 23.89 -53.30 27.08
N THR C 423 24.27 -53.28 25.80
CA THR C 423 23.54 -54.06 24.82
C THR C 423 23.84 -55.55 24.94
N VAL C 424 25.12 -55.91 25.11
CA VAL C 424 25.41 -57.31 25.38
C VAL C 424 24.87 -57.72 26.74
N LEU C 425 24.79 -56.76 27.68
CA LEU C 425 24.10 -57.03 28.93
C LEU C 425 22.65 -57.44 28.68
N LEU C 426 21.92 -56.64 27.90
CA LEU C 426 20.54 -56.97 27.59
C LEU C 426 20.43 -58.28 26.82
N LEU C 427 21.39 -58.55 25.93
CA LEU C 427 21.38 -59.78 25.16
C LEU C 427 21.48 -61.00 26.07
N HIS C 428 22.45 -61.00 26.98
CA HIS C 428 22.60 -62.13 27.88
C HIS C 428 21.41 -62.23 28.84
N GLY C 429 20.85 -61.07 29.23
CA GLY C 429 19.64 -61.10 30.03
C GLY C 429 18.51 -61.81 29.33
N LEU C 430 18.28 -61.49 28.06
CA LEU C 430 17.21 -62.13 27.31
C LEU C 430 17.49 -63.62 27.11
N SER C 431 18.75 -63.97 26.83
CA SER C 431 19.07 -65.37 26.60
C SER C 431 18.88 -66.22 27.86
N GLN C 432 19.29 -65.69 29.01
CA GLN C 432 19.10 -66.44 30.26
C GLN C 432 17.63 -66.44 30.67
N LYS C 433 16.92 -65.35 30.42
CA LYS C 433 15.49 -65.33 30.72
C LYS C 433 14.73 -66.29 29.83
N ASP C 434 14.99 -66.25 28.52
CA ASP C 434 14.21 -66.96 27.53
C ASP C 434 15.14 -67.67 26.57
N LYS C 435 14.94 -68.98 26.40
CA LYS C 435 15.80 -69.78 25.53
C LYS C 435 15.36 -69.74 24.07
N LEU C 436 14.22 -69.13 23.76
CA LEU C 436 13.88 -68.88 22.37
C LEU C 436 14.82 -67.87 21.73
N PHE C 437 15.75 -67.29 22.50
CA PHE C 437 16.68 -66.30 21.98
C PHE C 437 17.55 -66.87 20.87
N MET C 438 17.88 -68.16 20.94
CA MET C 438 18.87 -68.72 20.04
C MET C 438 18.33 -68.91 18.62
N MET C 439 17.07 -69.33 18.46
CA MET C 439 16.46 -69.39 17.15
C MET C 439 15.75 -68.09 16.78
N HIS C 440 15.61 -67.16 17.72
CA HIS C 440 15.41 -65.78 17.34
C HIS C 440 16.70 -65.16 16.83
N CYS C 441 17.80 -65.89 16.91
CA CYS C 441 19.11 -65.44 16.44
C CYS C 441 19.54 -66.09 15.14
N VAL C 442 18.99 -67.26 14.81
CA VAL C 442 19.46 -68.01 13.64
C VAL C 442 19.32 -67.20 12.36
N GLU C 443 18.24 -66.42 12.24
CA GLU C 443 18.09 -65.59 11.06
C GLU C 443 19.16 -64.51 10.97
N VAL C 444 19.82 -64.20 12.08
CA VAL C 444 20.84 -63.17 12.15
C VAL C 444 22.07 -63.77 12.81
N LEU C 445 22.18 -65.11 12.75
CA LEU C 445 23.24 -65.81 13.47
C LEU C 445 24.62 -65.38 12.99
N HIS C 446 24.77 -65.03 11.71
CA HIS C 446 26.08 -64.64 11.21
C HIS C 446 26.50 -63.29 11.77
N GLN C 447 25.59 -62.30 11.69
CA GLN C 447 25.86 -61.02 12.35
C GLN C 447 26.17 -61.21 13.82
N PHE C 448 25.43 -62.08 14.51
CA PHE C 448 25.64 -62.25 15.95
C PHE C 448 26.99 -62.90 16.24
N ASP C 449 27.29 -63.99 15.55
CA ASP C 449 28.54 -64.70 15.76
C ASP C 449 29.74 -63.88 15.34
N GLN C 450 29.55 -62.83 14.55
CA GLN C 450 30.70 -61.97 14.27
C GLN C 450 30.78 -60.77 15.20
N VAL C 451 29.65 -60.26 15.68
CA VAL C 451 29.71 -59.09 16.55
C VAL C 451 30.10 -59.49 17.97
N MET C 452 29.50 -60.56 18.49
CA MET C 452 29.75 -60.99 19.86
C MET C 452 31.24 -61.18 20.15
N PRO C 453 32.02 -61.95 19.38
CA PRO C 453 33.44 -62.04 19.69
C PRO C 453 34.15 -60.71 19.55
N GLY C 454 33.80 -59.94 18.53
CA GLY C 454 34.43 -58.65 18.33
C GLY C 454 34.15 -57.68 19.48
N VAL C 455 32.87 -57.50 19.81
CA VAL C 455 32.55 -56.57 20.90
C VAL C 455 33.09 -57.07 22.22
N SER C 456 33.17 -58.39 22.40
CA SER C 456 33.70 -58.91 23.67
C SER C 456 35.19 -58.66 23.78
N MET C 457 35.94 -58.86 22.70
CA MET C 457 37.35 -58.49 22.72
C MET C 457 37.53 -56.99 22.92
N LEU C 458 36.67 -56.18 22.30
CA LEU C 458 36.79 -54.73 22.45
C LEU C 458 36.55 -54.29 23.88
N ILE C 459 35.53 -54.86 24.54
CA ILE C 459 35.31 -54.49 25.94
C ILE C 459 36.41 -55.07 26.81
N ARG C 460 36.99 -56.21 26.44
CA ARG C 460 38.20 -56.66 27.10
C ARG C 460 39.32 -55.64 26.96
N GLY C 461 39.31 -54.89 25.85
CA GLY C 461 40.25 -53.79 25.68
C GLY C 461 40.05 -52.66 26.66
N LEU C 462 38.86 -52.51 27.22
CA LEU C 462 38.62 -51.52 28.26
C LEU C 462 39.20 -52.01 29.58
N PRO C 463 40.04 -51.21 30.26
CA PRO C 463 40.67 -51.71 31.48
C PRO C 463 39.68 -51.99 32.61
N ASP C 464 38.64 -51.17 32.75
CA ASP C 464 37.65 -51.40 33.78
C ASP C 464 36.86 -52.67 33.47
N VAL C 465 36.43 -53.36 34.53
CA VAL C 465 35.70 -54.62 34.38
C VAL C 465 34.37 -54.50 35.10
N THR C 466 33.47 -55.42 34.76
CA THR C 466 32.17 -55.53 35.39
C THR C 466 31.94 -56.88 36.05
N ASP C 467 32.40 -57.95 35.40
CA ASP C 467 32.29 -59.35 35.82
C ASP C 467 30.88 -59.86 35.66
N CYS C 468 29.92 -58.96 35.47
CA CYS C 468 28.55 -59.32 35.11
C CYS C 468 28.35 -59.26 33.60
N GLU C 469 28.60 -58.10 33.00
CA GLU C 469 28.74 -58.03 31.56
C GLU C 469 29.89 -58.92 31.10
N GLU C 470 30.93 -59.07 31.93
CA GLU C 470 32.02 -59.96 31.59
C GLU C 470 31.59 -61.43 31.70
N ALA C 471 30.79 -61.77 32.71
CA ALA C 471 30.18 -63.09 32.75
C ALA C 471 29.32 -63.32 31.51
N ALA C 472 28.65 -62.27 31.03
CA ALA C 472 27.88 -62.37 29.80
C ALA C 472 28.77 -62.69 28.62
N LEU C 473 29.92 -62.00 28.52
CA LEU C 473 30.89 -62.31 27.49
C LEU C 473 31.31 -63.77 27.55
N ASP C 474 31.65 -64.26 28.74
CA ASP C 474 32.05 -65.65 28.89
C ASP C 474 30.90 -66.61 28.61
N ASP C 475 29.66 -66.13 28.74
CA ASP C 475 28.51 -66.99 28.50
C ASP C 475 28.22 -67.14 27.01
N LEU C 476 28.18 -66.03 26.28
CA LEU C 476 27.80 -66.10 24.87
C LEU C 476 28.97 -66.54 23.99
N CYS C 477 30.01 -65.70 23.90
CA CYS C 477 31.29 -66.02 23.26
C CYS C 477 31.13 -66.86 22.00
N ALA C 478 30.35 -66.35 21.05
CA ALA C 478 30.25 -66.99 19.74
C ALA C 478 31.55 -66.74 18.97
N ALA C 479 32.18 -67.81 18.49
CA ALA C 479 33.54 -67.71 17.97
C ALA C 479 33.69 -68.41 16.62
N GLU C 480 34.49 -67.79 15.76
CA GLU C 480 35.08 -68.34 14.54
C GLU C 480 34.08 -68.52 13.40
N THR C 481 32.78 -68.41 13.69
CA THR C 481 31.74 -68.21 12.69
C THR C 481 31.82 -69.19 11.51
N ASP C 482 32.51 -70.31 11.66
CA ASP C 482 32.86 -71.13 10.50
C ASP C 482 33.27 -72.51 10.98
N VAL C 483 33.68 -73.34 10.03
CA VAL C 483 34.50 -74.52 10.30
C VAL C 483 35.82 -74.44 9.53
N GLU C 484 35.75 -74.17 8.23
CA GLU C 484 36.87 -73.82 7.35
C GLU C 484 36.29 -73.61 5.96
N ASP C 485 37.03 -72.86 5.14
CA ASP C 485 36.61 -72.60 3.77
C ASP C 485 37.50 -73.36 2.80
N PRO C 486 36.97 -73.77 1.64
CA PRO C 486 37.79 -74.48 0.65
C PRO C 486 38.83 -73.54 0.04
N GLU C 487 40.11 -73.87 0.23
CA GLU C 487 41.17 -73.05 -0.34
C GLU C 487 41.28 -73.25 -1.85
N VAL C 488 40.78 -74.37 -2.36
CA VAL C 488 40.86 -74.65 -3.78
C VAL C 488 39.84 -73.80 -4.53
N GLU C 489 40.29 -73.17 -5.62
CA GLU C 489 39.46 -72.26 -6.38
C GLU C 489 38.85 -71.19 -5.48
N CYS C 490 39.74 -70.46 -4.81
CA CYS C 490 39.39 -69.35 -3.93
C CYS C 490 39.79 -68.04 -4.61
N GLY C 491 38.84 -67.10 -4.70
CA GLY C 491 39.08 -65.81 -5.31
C GLY C 491 39.11 -65.82 -6.82
N TRP D 1 24.37 -6.26 52.49
CA TRP D 1 24.08 -7.69 52.61
C TRP D 1 23.70 -8.28 51.26
N ARG D 2 23.87 -9.59 51.11
CA ARG D 2 23.56 -10.24 49.84
C ARG D 2 22.10 -10.69 49.77
N GLN D 3 21.53 -11.10 50.90
CA GLN D 3 20.08 -11.34 50.94
C GLN D 3 19.32 -10.08 50.54
N ARG D 4 19.65 -8.95 51.17
CA ARG D 4 19.07 -7.68 50.76
C ARG D 4 19.43 -7.33 49.33
N SER D 5 20.63 -7.71 48.89
CA SER D 5 21.01 -7.49 47.50
C SER D 5 20.10 -8.26 46.55
N ASN D 6 19.85 -9.54 46.86
CA ASN D 6 18.98 -10.33 46.01
C ASN D 6 17.55 -9.80 46.04
N THR D 7 17.09 -9.34 47.20
CA THR D 7 15.75 -8.78 47.28
C THR D 7 15.65 -7.49 46.47
N GLN D 8 16.69 -6.67 46.48
CA GLN D 8 16.66 -5.42 45.72
C GLN D 8 16.74 -5.70 44.23
N GLY D 9 17.51 -6.70 43.83
CA GLY D 9 17.50 -7.11 42.43
C GLY D 9 16.14 -7.61 42.00
N SER D 10 15.49 -8.41 42.85
CA SER D 10 14.13 -8.85 42.57
C SER D 10 13.18 -7.66 42.48
N ILE D 11 13.38 -6.66 43.34
CA ILE D 11 12.51 -5.47 43.32
C ILE D 11 12.69 -4.72 42.01
N LEU D 12 13.93 -4.55 41.56
CA LEU D 12 14.18 -3.89 40.29
C LEU D 12 13.55 -4.66 39.15
N ILE D 13 13.82 -5.95 39.06
CA ILE D 13 13.31 -6.71 37.93
C ILE D 13 11.78 -6.68 37.96
N ASN D 14 11.18 -6.77 39.14
CA ASN D 14 9.73 -6.72 39.25
C ASN D 14 9.20 -5.38 38.74
N LEU D 15 9.77 -4.28 39.23
CA LEU D 15 9.40 -2.96 38.74
C LEU D 15 9.58 -2.86 37.24
N LEU D 16 10.37 -3.76 36.64
CA LEU D 16 10.46 -3.82 35.20
C LEU D 16 9.38 -4.71 34.57
N LEU D 17 9.03 -5.81 35.23
CA LEU D 17 8.17 -6.83 34.62
C LEU D 17 6.70 -6.45 34.57
N LYS D 18 6.26 -5.75 35.62
CA LYS D 18 4.83 -5.49 35.94
C LYS D 18 3.83 -5.19 34.82
N GLN D 19 2.65 -4.71 35.24
CA GLN D 19 1.60 -4.26 34.29
C GLN D 19 2.25 -3.01 33.75
N PRO D 20 1.79 -2.42 32.64
CA PRO D 20 2.60 -1.39 32.06
C PRO D 20 2.93 -0.45 33.18
N LEU D 21 4.22 -0.14 33.31
CA LEU D 21 4.76 0.60 34.48
C LEU D 21 3.92 1.82 34.86
N ILE D 22 3.46 2.59 33.88
CA ILE D 22 2.87 3.90 34.12
C ILE D 22 1.38 3.80 33.81
N PRO D 23 0.52 3.61 34.82
CA PRO D 23 -0.87 3.23 34.55
C PRO D 23 -1.53 4.14 33.52
N GLY D 24 -2.26 3.53 32.60
CA GLY D 24 -2.76 4.20 31.43
C GLY D 24 -1.92 4.02 30.18
N SER D 25 -0.62 3.77 30.35
CA SER D 25 0.27 3.49 29.22
C SER D 25 0.27 1.99 28.99
N SER D 26 -0.48 1.53 27.98
CA SER D 26 -0.68 0.10 27.76
C SER D 26 0.61 -0.63 27.41
N LEU D 27 1.73 0.07 27.26
CA LEU D 27 2.99 -0.55 26.90
C LEU D 27 3.77 -0.94 28.16
N SER D 28 4.53 -2.05 28.13
CA SER D 28 5.35 -2.51 29.30
C SER D 28 6.83 -2.64 28.94
N LEU D 29 7.64 -3.31 29.77
CA LEU D 29 9.09 -3.54 29.51
C LEU D 29 9.23 -4.38 28.23
N CYS D 30 8.37 -5.38 28.05
CA CYS D 30 8.34 -6.19 26.80
C CYS D 30 7.96 -5.29 25.65
N HIS D 31 7.17 -4.26 25.94
CA HIS D 31 6.65 -3.44 24.84
C HIS D 31 7.94 -3.03 24.16
N LEU D 32 9.05 -2.79 24.88
CA LEU D 32 10.38 -2.54 24.26
C LEU D 32 11.21 -3.81 23.92
N LEU D 33 11.17 -4.95 24.64
CA LEU D 33 12.11 -6.03 24.40
C LEU D 33 11.89 -6.70 23.05
N SER D 34 10.66 -6.70 22.56
CA SER D 34 10.35 -7.29 21.26
C SER D 34 9.37 -6.34 20.57
N SER D 35 9.91 -5.44 19.76
CA SER D 35 9.12 -4.40 19.12
C SER D 35 9.12 -4.62 17.62
N SER D 36 7.93 -4.64 17.02
CA SER D 36 7.83 -4.66 15.57
C SER D 36 8.47 -3.41 14.96
N SER D 37 8.07 -2.23 15.44
CA SER D 37 8.71 -0.97 15.09
C SER D 37 8.74 -0.74 13.58
N GLU D 38 7.57 -0.80 12.97
CA GLU D 38 7.46 -0.53 11.55
C GLU D 38 7.65 0.95 11.26
N SER D 39 8.46 1.26 10.25
CA SER D 39 8.73 2.64 9.87
C SER D 39 7.64 3.16 8.93
N TYR D 66 15.74 6.49 14.66
CA TYR D 66 16.30 6.56 13.31
C TYR D 66 16.75 5.19 12.86
N ASP D 67 16.05 4.64 11.86
CA ASP D 67 16.39 3.31 11.36
C ASP D 67 17.79 3.24 10.78
N GLY D 68 18.42 4.37 10.50
CA GLY D 68 19.80 4.37 10.05
C GLY D 68 20.77 4.12 11.20
N SER D 69 20.71 4.97 12.22
CA SER D 69 21.60 4.81 13.37
C SER D 69 21.19 3.60 14.21
N PHE D 70 19.89 3.34 14.30
CA PHE D 70 19.36 2.21 15.06
C PHE D 70 18.52 1.36 14.10
N SER D 71 19.17 0.44 13.39
CA SER D 71 18.48 -0.42 12.46
C SER D 71 17.66 -1.47 13.20
N LEU D 72 16.84 -2.20 12.45
CA LEU D 72 16.09 -3.31 13.03
C LEU D 72 17.04 -4.37 13.58
N SER D 73 18.14 -4.62 12.87
CA SER D 73 19.17 -5.50 13.42
C SER D 73 19.80 -4.88 14.66
N ALA D 74 20.13 -3.58 14.60
CA ALA D 74 20.59 -2.88 15.80
C ALA D 74 19.52 -2.85 16.88
N LEU D 75 18.24 -2.82 16.47
CA LEU D 75 17.16 -2.88 17.44
C LEU D 75 17.18 -4.20 18.20
N ARG D 76 17.23 -5.33 17.47
CA ARG D 76 17.32 -6.63 18.13
C ARG D 76 18.62 -6.77 18.91
N GLU D 77 19.68 -6.11 18.47
CA GLU D 77 20.94 -6.12 19.22
C GLU D 77 20.76 -5.45 20.58
N ALA D 78 20.22 -4.23 20.59
CA ALA D 78 19.92 -3.59 21.86
C ALA D 78 18.94 -4.41 22.69
N GLN D 79 18.01 -5.09 22.03
CA GLN D 79 16.98 -5.84 22.74
C GLN D 79 17.57 -7.06 23.43
N ASN D 80 18.45 -7.80 22.76
CA ASN D 80 19.04 -8.96 23.42
C ASN D 80 20.14 -8.56 24.39
N LEU D 81 20.83 -7.45 24.15
CA LEU D 81 21.62 -6.84 25.21
C LEU D 81 20.78 -6.65 26.47
N ALA D 82 19.61 -6.04 26.30
CA ALA D 82 18.73 -5.80 27.44
C ALA D 82 18.28 -7.11 28.07
N PHE D 83 17.92 -8.10 27.26
CA PHE D 83 17.46 -9.38 27.79
C PHE D 83 18.55 -10.05 28.62
N THR D 84 19.79 -10.01 28.13
CA THR D 84 20.90 -10.52 28.92
C THR D 84 21.05 -9.77 30.23
N GLY D 85 20.98 -8.44 30.18
CA GLY D 85 21.06 -7.67 31.42
C GLY D 85 19.93 -8.02 32.39
N LEU D 86 18.73 -8.26 31.85
CA LEU D 86 17.61 -8.64 32.69
C LEU D 86 17.85 -10.00 33.34
N ASN D 87 18.45 -10.92 32.60
CA ASN D 87 18.88 -12.18 33.19
C ASN D 87 19.86 -11.92 34.33
N LEU D 88 20.82 -11.01 34.11
CA LEU D 88 21.82 -10.73 35.12
C LEU D 88 21.18 -10.17 36.39
N VAL D 89 20.27 -9.22 36.24
CA VAL D 89 19.63 -8.64 37.42
C VAL D 89 18.61 -9.58 38.04
N ALA D 90 18.08 -10.53 37.28
CA ALA D 90 17.37 -11.63 37.90
C ALA D 90 18.32 -12.39 38.81
N ARG D 91 19.56 -12.61 38.37
CA ARG D 91 20.58 -13.24 39.18
C ARG D 91 21.41 -12.24 39.96
N ASN D 92 20.87 -11.05 40.23
CA ASN D 92 21.68 -9.96 40.77
C ASN D 92 22.04 -10.19 42.22
N GLU D 93 23.24 -9.75 42.59
CA GLU D 93 23.69 -9.69 43.98
C GLU D 93 24.44 -8.39 44.24
N CYS D 94 24.08 -7.33 43.53
CA CYS D 94 24.78 -6.05 43.66
C CYS D 94 24.67 -5.53 45.08
N SER D 95 25.82 -5.22 45.68
CA SER D 95 25.87 -5.12 47.14
C SER D 95 25.37 -3.76 47.66
N ARG D 96 26.18 -2.72 47.47
CA ARG D 96 25.87 -1.36 47.89
C ARG D 96 27.07 -0.49 47.53
N GLY D 104 28.98 8.51 51.11
CA GLY D 104 28.85 9.96 51.09
C GLY D 104 28.76 10.51 49.69
N ARG D 105 29.45 9.88 48.74
CA ARG D 105 29.33 10.28 47.34
C ARG D 105 27.91 10.11 46.85
N ARG D 106 27.44 8.87 46.76
CA ARG D 106 26.07 8.59 46.40
C ARG D 106 25.21 8.63 47.66
N ALA D 107 24.11 9.39 47.60
CA ALA D 107 23.29 9.60 48.79
C ALA D 107 22.82 8.29 49.40
N PHE D 108 22.27 7.40 48.57
CA PHE D 108 21.78 6.12 49.05
C PHE D 108 22.48 5.00 48.30
N PRO D 109 23.04 4.01 49.00
CA PRO D 109 23.71 2.91 48.31
C PRO D 109 22.72 1.97 47.66
N LEU D 110 22.20 2.34 46.49
CA LEU D 110 21.04 1.62 45.95
C LEU D 110 21.38 0.17 45.62
N CYS D 111 22.14 -0.08 44.55
CA CYS D 111 22.64 -1.43 44.32
C CYS D 111 24.05 -1.50 43.78
N GLN D 112 24.44 -0.50 42.98
CA GLN D 112 25.58 -0.65 42.07
C GLN D 112 25.44 -1.93 41.24
N LEU D 113 24.37 -1.97 40.43
CA LEU D 113 23.95 -3.18 39.72
C LEU D 113 24.49 -3.21 38.30
N PRO D 114 25.12 -4.32 37.91
CA PRO D 114 25.74 -4.40 36.58
C PRO D 114 24.74 -4.48 35.43
N GLY D 115 23.67 -5.27 35.59
CA GLY D 115 22.72 -5.44 34.50
C GLY D 115 22.05 -4.15 34.08
N ALA D 116 22.21 -3.09 34.85
CA ALA D 116 21.61 -1.81 34.49
C ALA D 116 22.25 -1.24 33.22
N VAL D 117 23.58 -1.19 33.18
CA VAL D 117 24.25 -0.70 31.99
C VAL D 117 24.06 -1.63 30.79
N HIS D 118 23.57 -2.84 31.03
CA HIS D 118 23.22 -3.74 29.94
C HIS D 118 21.78 -3.57 29.47
N PHE D 119 20.90 -3.06 30.32
CA PHE D 119 19.67 -2.47 29.80
C PHE D 119 19.96 -1.20 29.03
N LEU D 120 21.01 -0.48 29.42
CA LEU D 120 21.33 0.78 28.77
C LEU D 120 21.36 0.73 27.25
N PRO D 121 21.79 -0.36 26.60
CA PRO D 121 21.64 -0.43 25.14
C PRO D 121 20.21 -0.22 24.65
N LEU D 122 19.25 -0.98 25.17
CA LEU D 122 17.89 -0.91 24.62
C LEU D 122 17.27 0.45 24.89
N VAL D 123 17.45 0.98 26.11
CA VAL D 123 16.85 2.27 26.42
C VAL D 123 17.56 3.37 25.65
N GLN D 124 18.88 3.25 25.46
CA GLN D 124 19.58 4.20 24.60
C GLN D 124 19.00 4.18 23.20
N PHE D 125 18.76 2.99 22.66
CA PHE D 125 18.15 2.87 21.33
C PHE D 125 16.78 3.55 21.31
N PHE D 126 15.90 3.18 22.22
CA PHE D 126 14.53 3.70 22.23
C PHE D 126 14.45 5.17 22.61
N ILE D 127 15.50 5.73 23.22
CA ILE D 127 15.47 7.13 23.61
C ILE D 127 16.12 8.03 22.56
N GLY D 128 17.21 7.60 21.94
CA GLY D 128 17.59 8.20 20.68
C GLY D 128 16.46 8.14 19.67
N LEU D 129 15.66 7.07 19.75
CA LEU D 129 14.39 7.01 19.04
C LEU D 129 13.47 8.11 19.54
N HIS D 130 12.85 8.79 18.58
CA HIS D 130 11.94 9.91 18.79
C HIS D 130 12.70 11.16 19.24
N CYS D 131 13.96 11.00 19.66
CA CYS D 131 14.80 12.18 19.82
C CYS D 131 15.33 12.64 18.47
N GLN D 132 15.87 11.70 17.69
CA GLN D 132 16.15 11.96 16.29
C GLN D 132 14.93 12.54 15.59
N ALA D 133 13.75 12.04 15.93
CA ALA D 133 12.56 12.40 15.17
C ALA D 133 12.04 13.78 15.57
N LEU D 134 12.11 14.12 16.86
CA LEU D 134 11.82 15.48 17.28
C LEU D 134 12.82 16.45 16.65
N GLN D 135 14.09 16.06 16.59
CA GLN D 135 15.09 16.90 15.91
C GLN D 135 14.73 17.09 14.44
N ASP D 136 14.30 16.02 13.78
CA ASP D 136 13.95 16.11 12.36
C ASP D 136 12.72 16.98 12.15
N LEU D 137 11.71 16.82 12.99
CA LEU D 137 10.51 17.65 12.88
C LEU D 137 10.84 19.12 13.15
N ALA D 138 11.82 19.37 14.04
CA ALA D 138 12.32 20.73 14.20
C ALA D 138 13.04 21.21 12.95
N ALA D 139 13.74 20.29 12.26
CA ALA D 139 14.39 20.66 11.02
C ALA D 139 13.36 20.94 9.92
N ALA D 140 12.28 20.18 9.89
CA ALA D 140 11.21 20.43 8.92
C ALA D 140 10.58 21.79 9.15
N LYS D 141 10.50 22.22 10.40
CA LYS D 141 9.97 23.54 10.73
C LYS D 141 11.06 24.59 10.62
N PRO D 164 7.07 10.67 11.03
CA PRO D 164 6.64 12.00 11.47
C PRO D 164 5.78 11.97 12.73
N GLU D 165 4.85 12.92 12.86
CA GLU D 165 4.09 13.07 14.10
C GLU D 165 3.29 11.81 14.42
N ASP D 166 2.65 11.22 13.42
CA ASP D 166 1.82 10.04 13.65
C ASP D 166 2.61 8.88 14.22
N SER D 167 3.87 8.74 13.81
CA SER D 167 4.73 7.72 14.37
C SER D 167 5.41 8.15 15.65
N VAL D 168 5.71 9.44 15.79
CA VAL D 168 6.41 9.86 17.01
C VAL D 168 5.49 9.87 18.21
N CYS D 169 4.17 9.91 18.03
CA CYS D 169 3.29 9.71 19.18
C CYS D 169 3.52 8.33 19.80
N ILE D 170 3.53 7.30 18.95
CA ILE D 170 3.81 5.94 19.41
C ILE D 170 5.22 5.86 19.97
N LEU D 171 6.18 6.48 19.28
CA LEU D 171 7.56 6.52 19.77
C LEU D 171 7.64 7.14 21.16
N GLU D 172 6.85 8.19 21.40
CA GLU D 172 6.88 8.87 22.67
C GLU D 172 6.24 8.04 23.77
N GLY D 173 5.19 7.29 23.46
CA GLY D 173 4.68 6.33 24.43
C GLY D 173 5.73 5.29 24.79
N PHE D 174 6.39 4.74 23.77
CA PHE D 174 7.51 3.82 24.00
C PHE D 174 8.55 4.46 24.91
N SER D 175 8.88 5.73 24.67
CA SER D 175 9.90 6.37 25.48
C SER D 175 9.41 6.72 26.88
N VAL D 176 8.12 6.95 27.07
CA VAL D 176 7.58 7.07 28.42
C VAL D 176 7.83 5.79 29.20
N THR D 177 7.52 4.66 28.59
CA THR D 177 7.82 3.38 29.24
C THR D 177 9.32 3.25 29.48
N ALA D 178 10.14 3.67 28.51
CA ALA D 178 11.59 3.57 28.67
C ALA D 178 12.09 4.43 29.81
N LEU D 179 11.51 5.62 29.98
CA LEU D 179 11.93 6.51 31.06
C LEU D 179 11.46 6.00 32.41
N SER D 180 10.30 5.33 32.46
CA SER D 180 9.92 4.64 33.67
C SER D 180 10.93 3.56 34.02
N ILE D 181 11.36 2.80 33.01
CA ILE D 181 12.44 1.83 33.21
C ILE D 181 13.69 2.52 33.71
N LEU D 182 13.97 3.72 33.18
CA LEU D 182 15.14 4.48 33.64
C LEU D 182 15.02 4.84 35.10
N GLN D 183 13.84 5.29 35.53
CA GLN D 183 13.61 5.60 36.93
C GLN D 183 13.81 4.37 37.79
N HIS D 184 13.33 3.22 37.32
CA HIS D 184 13.53 1.98 38.09
C HIS D 184 15.00 1.61 38.17
N LEU D 185 15.75 1.78 37.08
CA LEU D 185 17.16 1.42 37.07
C LEU D 185 18.04 2.49 37.68
N VAL D 186 17.48 3.63 38.08
CA VAL D 186 18.14 4.52 39.01
C VAL D 186 17.52 4.45 40.39
N CYS D 187 16.52 3.60 40.56
CA CYS D 187 15.97 3.34 41.90
C CYS D 187 16.91 2.46 42.72
N HIS D 188 17.29 1.30 42.18
CA HIS D 188 18.19 0.37 42.87
C HIS D 188 19.34 0.01 41.92
N SER D 189 20.36 0.87 41.91
CA SER D 189 21.51 0.70 41.03
C SER D 189 22.67 1.57 41.51
N GLY D 190 23.55 1.93 40.59
CA GLY D 190 24.69 2.78 40.90
C GLY D 190 25.86 2.51 40.00
N ALA D 191 25.84 1.37 39.30
CA ALA D 191 26.74 1.20 38.18
C ALA D 191 26.29 2.06 37.01
N VAL D 192 25.01 1.95 36.65
CA VAL D 192 24.45 2.77 35.55
C VAL D 192 24.37 4.21 36.05
N VAL D 193 24.08 4.43 37.33
CA VAL D 193 23.94 5.80 37.90
C VAL D 193 25.30 6.52 37.82
N SER D 194 26.40 5.84 38.12
CA SER D 194 27.76 6.44 38.10
C SER D 194 28.26 6.58 36.66
N LEU D 195 28.02 5.56 35.83
CA LEU D 195 28.42 5.57 34.43
C LEU D 195 27.82 6.76 33.69
N LEU D 196 26.56 7.08 33.96
CA LEU D 196 25.95 8.27 33.36
C LEU D 196 26.68 9.52 33.81
N LEU D 197 26.87 9.68 35.13
CA LEU D 197 27.56 10.84 35.67
C LEU D 197 28.94 11.05 35.07
N SER D 198 29.50 10.03 34.43
CA SER D 198 30.77 10.14 33.73
C SER D 198 30.47 10.61 32.30
N GLY D 199 30.53 11.92 32.09
CA GLY D 199 30.37 12.49 30.77
C GLY D 199 31.70 12.64 30.05
N VAL D 200 31.62 13.16 28.82
CA VAL D 200 32.83 13.41 28.04
C VAL D 200 33.67 14.50 28.68
N GLY D 201 33.03 15.59 29.11
CA GLY D 201 33.74 16.70 29.73
C GLY D 201 33.97 16.48 31.21
N GLY D 234 30.66 18.32 27.05
CA GLY D 234 30.70 16.87 27.11
C GLY D 234 29.63 16.28 27.98
N GLN D 235 29.17 15.08 27.63
CA GLN D 235 28.09 14.42 28.36
C GLN D 235 28.02 12.96 27.93
N HIS D 236 27.42 12.14 28.78
CA HIS D 236 27.20 10.75 28.43
C HIS D 236 26.20 10.66 27.27
N PRO D 237 26.38 9.70 26.36
CA PRO D 237 25.50 9.61 25.18
C PRO D 237 24.02 9.57 25.52
N LEU D 238 23.60 8.65 26.38
CA LEU D 238 22.21 8.62 26.81
C LEU D 238 21.84 9.93 27.51
N LEU D 239 22.74 10.45 28.35
CA LEU D 239 22.48 11.75 28.97
C LEU D 239 22.33 12.83 27.92
N LYS D 240 23.16 12.80 26.88
CA LYS D 240 23.05 13.80 25.82
C LYS D 240 21.71 13.72 25.11
N MET D 241 21.27 12.52 24.75
CA MET D 241 20.02 12.41 24.02
C MET D 241 18.82 12.76 24.90
N LEU D 242 18.88 12.39 26.19
CA LEU D 242 17.76 12.72 27.06
C LEU D 242 17.70 14.22 27.32
N LEU D 243 18.85 14.87 27.45
CA LEU D 243 18.85 16.32 27.58
C LEU D 243 18.37 16.98 26.29
N HIS D 244 18.69 16.40 25.15
CA HIS D 244 18.22 16.91 23.87
C HIS D 244 16.69 16.89 23.80
N LEU D 245 16.10 15.72 24.00
CA LEU D 245 14.65 15.64 24.00
C LEU D 245 14.02 16.40 25.16
N LEU D 246 14.77 16.61 26.25
CA LEU D 246 14.29 17.44 27.34
C LEU D 246 14.14 18.89 26.91
N ALA D 247 15.17 19.44 26.27
CA ALA D 247 15.05 20.78 25.73
C ALA D 247 13.93 20.85 24.69
N PHE D 248 13.78 19.78 23.90
CA PHE D 248 12.69 19.71 22.94
C PHE D 248 11.34 19.86 23.63
N SER D 249 11.09 19.04 24.65
CA SER D 249 9.80 19.06 25.34
C SER D 249 9.65 20.30 26.20
N SER D 250 10.75 20.94 26.58
CA SER D 250 10.67 22.11 27.45
C SER D 250 10.40 23.37 26.64
N ALA D 251 10.85 23.39 25.38
CA ALA D 251 10.54 24.53 24.51
C ALA D 251 9.04 24.65 24.27
N ALA D 252 8.37 23.52 24.00
CA ALA D 252 6.94 23.51 23.74
C ALA D 252 6.29 22.44 24.61
N THR D 253 5.20 22.81 25.28
CA THR D 253 4.49 21.90 26.19
C THR D 253 3.24 21.33 25.55
N GLY D 254 3.36 20.88 24.30
CA GLY D 254 2.21 20.40 23.56
C GLY D 254 1.71 19.03 23.99
N HIS D 255 1.18 18.26 23.05
CA HIS D 255 0.49 17.00 23.33
C HIS D 255 1.36 16.00 24.08
N LEU D 256 2.41 15.51 23.45
CA LEU D 256 3.26 14.47 24.03
C LEU D 256 4.37 15.02 24.90
N GLN D 257 4.81 16.25 24.61
CA GLN D 257 6.01 16.80 25.24
C GLN D 257 5.82 16.95 26.73
N ALA D 258 4.63 17.31 27.18
CA ALA D 258 4.38 17.47 28.61
C ALA D 258 4.57 16.15 29.35
N SER D 259 3.99 15.08 28.83
CA SER D 259 4.09 13.78 29.49
C SER D 259 5.53 13.27 29.49
N VAL D 260 6.16 13.26 28.32
CA VAL D 260 7.53 12.75 28.27
C VAL D 260 8.45 13.64 29.09
N LEU D 261 8.11 14.92 29.21
CA LEU D 261 8.88 15.83 30.04
C LEU D 261 8.75 15.45 31.50
N THR D 262 7.53 15.21 31.97
CA THR D 262 7.34 14.74 33.34
C THR D 262 8.19 13.51 33.60
N GLN D 263 8.18 12.56 32.67
CA GLN D 263 8.94 11.33 32.87
C GLN D 263 10.44 11.61 32.95
N CYS D 264 10.97 12.41 32.01
CA CYS D 264 12.41 12.64 32.03
C CYS D 264 12.83 13.48 33.22
N LEU D 265 11.96 14.37 33.70
CA LEU D 265 12.29 15.06 34.94
C LEU D 265 12.30 14.12 36.14
N LYS D 266 11.40 13.12 36.17
CA LYS D 266 11.49 12.13 37.22
C LYS D 266 12.84 11.43 37.17
N VAL D 267 13.25 11.00 35.98
CA VAL D 267 14.58 10.41 35.81
C VAL D 267 15.65 11.34 36.34
N LEU D 268 15.56 12.62 35.99
CA LEU D 268 16.62 13.59 36.31
C LEU D 268 16.70 13.85 37.81
N VAL D 269 15.55 13.98 38.46
CA VAL D 269 15.58 14.20 39.91
C VAL D 269 16.10 12.96 40.61
N LYS D 270 15.85 11.77 40.05
CA LYS D 270 16.47 10.58 40.60
C LYS D 270 17.98 10.63 40.47
N LEU D 271 18.47 11.04 39.30
CA LEU D 271 19.91 11.21 39.11
C LEU D 271 20.48 12.16 40.14
N ALA D 272 19.87 13.34 40.28
CA ALA D 272 20.37 14.36 41.19
C ALA D 272 20.32 13.88 42.63
N GLU D 273 19.35 13.04 42.97
CA GLU D 273 19.30 12.46 44.30
C GLU D 273 20.40 11.44 44.50
N ASN D 274 20.79 10.74 43.43
CA ASN D 274 21.74 9.63 43.52
C ASN D 274 23.16 10.01 43.14
N THR D 275 23.41 11.26 42.77
CA THR D 275 24.74 11.67 42.36
C THR D 275 25.52 12.19 43.56
N SER D 276 26.66 12.82 43.29
CA SER D 276 27.47 13.50 44.30
C SER D 276 27.71 14.93 43.85
N CYS D 277 28.41 15.69 44.70
CA CYS D 277 28.63 17.10 44.42
C CYS D 277 29.57 17.33 43.24
N ASP D 278 30.35 16.32 42.84
CA ASP D 278 31.27 16.51 41.72
C ASP D 278 30.53 16.57 40.40
N PHE D 279 29.52 15.71 40.21
CA PHE D 279 28.73 15.70 38.99
C PHE D 279 27.64 16.75 38.99
N LEU D 280 27.40 17.41 40.11
CA LEU D 280 26.37 18.44 40.15
C LEU D 280 26.60 19.57 39.15
N PRO D 281 27.81 20.12 38.98
CA PRO D 281 27.99 21.15 37.94
C PRO D 281 27.73 20.64 36.53
N ARG D 282 27.68 19.32 36.32
CA ARG D 282 27.39 18.80 34.98
C ARG D 282 25.96 19.09 34.56
N PHE D 283 25.06 19.30 35.51
CA PHE D 283 23.66 19.59 35.20
C PHE D 283 23.44 21.07 34.89
N GLN D 284 24.50 21.82 34.62
CA GLN D 284 24.36 23.25 34.31
C GLN D 284 23.61 23.44 33.00
N CYS D 285 23.85 22.56 32.04
CA CYS D 285 23.01 22.50 30.85
C CYS D 285 21.54 22.37 31.22
N VAL D 286 21.23 21.53 32.20
CA VAL D 286 19.85 21.45 32.67
C VAL D 286 19.42 22.78 33.27
N PHE D 287 20.35 23.55 33.82
CA PHE D 287 19.99 24.87 34.35
C PHE D 287 19.60 25.80 33.21
N GLN D 288 20.22 25.66 32.05
CA GLN D 288 19.77 26.42 30.89
C GLN D 288 18.44 25.91 30.36
N VAL D 289 18.24 24.59 30.32
CA VAL D 289 16.98 24.03 29.84
C VAL D 289 15.82 24.32 30.79
N LEU D 290 16.12 24.65 32.05
CA LEU D 290 15.09 24.66 33.09
C LEU D 290 14.12 25.84 33.03
N PRO D 291 14.50 27.06 32.62
CA PRO D 291 13.50 28.13 32.53
C PRO D 291 12.31 27.77 31.67
N LYS D 292 12.53 27.08 30.55
CA LYS D 292 11.43 26.67 29.70
C LYS D 292 10.55 25.64 30.43
N CYS D 293 11.12 24.93 31.40
CA CYS D 293 10.33 24.00 32.19
C CYS D 293 9.50 24.72 33.24
N LEU D 294 10.08 25.71 33.92
CA LEU D 294 9.33 26.45 34.93
C LEU D 294 8.41 27.50 34.35
N SER D 295 8.18 27.49 33.04
CA SER D 295 7.23 28.40 32.45
C SER D 295 5.82 28.08 32.94
N PRO D 296 4.94 29.10 33.00
CA PRO D 296 3.57 28.84 33.50
C PRO D 296 2.81 27.81 32.68
N GLU D 297 3.00 27.78 31.36
CA GLU D 297 2.24 26.88 30.52
C GLU D 297 2.48 25.41 30.86
N THR D 298 3.59 25.09 31.51
CA THR D 298 3.88 23.71 31.86
C THR D 298 2.99 23.25 33.02
N PRO D 299 2.46 22.04 32.96
CA PRO D 299 1.53 21.59 33.99
C PRO D 299 2.22 21.37 35.33
N LEU D 300 1.39 21.22 36.37
CA LEU D 300 1.91 21.18 37.73
C LEU D 300 2.77 19.95 38.02
N PRO D 301 2.47 18.74 37.54
CA PRO D 301 3.40 17.62 37.81
C PRO D 301 4.81 17.90 37.30
N SER D 302 4.91 18.38 36.06
CA SER D 302 6.22 18.71 35.50
C SER D 302 6.95 19.74 36.33
N VAL D 303 6.31 20.89 36.57
CA VAL D 303 6.98 21.96 37.30
C VAL D 303 7.29 21.53 38.72
N LEU D 304 6.48 20.65 39.29
CA LEU D 304 6.76 20.12 40.61
C LEU D 304 8.05 19.31 40.60
N LEU D 305 8.20 18.42 39.62
CA LEU D 305 9.43 17.66 39.50
C LEU D 305 10.61 18.59 39.22
N ALA D 306 10.38 19.68 38.51
CA ALA D 306 11.45 20.64 38.24
C ALA D 306 11.89 21.36 39.51
N VAL D 307 10.93 21.72 40.38
CA VAL D 307 11.28 22.31 41.66
C VAL D 307 12.02 21.32 42.53
N GLU D 308 11.60 20.06 42.53
CA GLU D 308 12.34 19.04 43.27
C GLU D 308 13.77 18.93 42.76
N LEU D 309 13.94 18.99 41.44
CA LEU D 309 15.27 18.96 40.86
C LEU D 309 16.10 20.17 41.30
N LEU D 310 15.49 21.35 41.28
CA LEU D 310 16.20 22.56 41.72
C LEU D 310 16.65 22.43 43.17
N SER D 311 15.77 21.92 44.02
CA SER D 311 16.11 21.74 45.43
C SER D 311 17.22 20.72 45.61
N LEU D 312 17.23 19.68 44.78
CA LEU D 312 18.35 18.73 44.82
C LEU D 312 19.64 19.41 44.38
N LEU D 313 19.57 20.26 43.35
CA LEU D 313 20.74 20.96 42.84
C LEU D 313 21.29 21.98 43.83
N ALA D 314 20.44 22.52 44.69
CA ALA D 314 20.85 23.62 45.56
C ALA D 314 22.03 23.25 46.47
N ASP D 315 22.28 21.97 46.69
CA ASP D 315 23.37 21.52 47.56
C ASP D 315 24.70 21.53 46.83
N HIS D 316 25.07 22.72 46.33
CA HIS D 316 26.35 22.89 45.65
C HIS D 316 26.66 24.38 45.58
N ASP D 317 27.84 24.76 46.09
CA ASP D 317 28.29 26.14 46.03
C ASP D 317 28.38 26.65 44.60
N GLN D 318 28.54 25.77 43.61
CA GLN D 318 28.52 26.16 42.22
C GLN D 318 27.11 26.24 41.65
N LEU D 319 26.16 25.49 42.20
CA LEU D 319 24.80 25.51 41.70
C LEU D 319 23.90 26.49 42.46
N ALA D 320 24.14 26.65 43.76
CA ALA D 320 23.38 27.62 44.53
C ALA D 320 23.48 29.03 43.96
N PRO D 321 24.65 29.50 43.51
CA PRO D 321 24.68 30.82 42.86
C PRO D 321 23.97 30.85 41.52
N GLN D 322 23.74 29.69 40.90
CA GLN D 322 23.06 29.59 39.62
C GLN D 322 21.55 29.80 39.75
N LEU D 323 21.10 30.53 40.78
CA LEU D 323 19.69 30.94 40.92
C LEU D 323 19.47 32.29 40.19
N CYS D 324 19.89 33.44 40.75
CA CYS D 324 19.53 34.78 40.18
C CYS D 324 20.64 35.75 39.77
N SER D 325 20.29 37.05 39.63
CA SER D 325 21.14 38.12 39.03
C SER D 325 20.78 38.14 37.54
N HIS D 326 19.77 37.37 37.14
CA HIS D 326 19.26 37.37 35.74
C HIS D 326 17.92 38.10 35.82
N SER D 327 17.76 39.19 35.07
CA SER D 327 16.56 40.05 35.20
C SER D 327 15.24 39.37 34.80
N GLU D 328 15.21 38.58 33.72
CA GLU D 328 13.92 38.07 33.22
C GLU D 328 13.19 37.17 34.22
N GLY D 329 13.89 36.25 34.88
CA GLY D 329 13.23 35.46 35.93
C GLY D 329 14.24 34.66 36.73
N CYS D 330 15.25 34.14 36.05
CA CYS D 330 16.34 33.36 36.71
C CYS D 330 15.73 32.11 37.39
N LEU D 331 14.66 31.56 36.83
CA LEU D 331 14.05 30.33 37.38
C LEU D 331 13.64 30.58 38.84
N LEU D 332 13.14 31.77 39.16
CA LEU D 332 12.66 32.11 40.53
C LEU D 332 11.39 32.92 40.37
N LEU D 333 11.43 34.08 39.71
CA LEU D 333 10.26 34.89 39.39
C LEU D 333 9.22 34.05 38.66
N LEU D 334 9.67 33.16 37.77
CA LEU D 334 8.76 32.25 37.09
C LEU D 334 8.11 31.30 38.08
N LEU D 335 8.92 30.67 38.93
CA LEU D 335 8.37 29.77 39.95
C LEU D 335 7.32 30.47 40.82
N TYR D 336 7.59 31.70 41.23
CA TYR D 336 6.71 32.37 42.18
C TYR D 336 5.47 32.94 41.49
N MET D 337 5.58 33.33 40.21
CA MET D 337 4.38 33.69 39.47
C MET D 337 3.53 32.46 39.18
N TYR D 338 4.18 31.28 39.10
CA TYR D 338 3.41 30.04 38.95
C TYR D 338 2.64 29.73 40.23
N ILE D 339 3.32 29.78 41.38
CA ILE D 339 2.65 29.42 42.64
C ILE D 339 1.60 30.46 42.99
N THR D 340 1.88 31.74 42.74
CA THR D 340 0.90 32.79 43.00
C THR D 340 -0.32 32.61 42.10
N SER D 341 -0.11 32.67 40.79
CA SER D 341 -1.17 32.49 39.80
C SER D 341 -1.02 31.08 39.22
N ARG D 342 -1.75 30.13 39.80
CA ARG D 342 -1.72 28.77 39.27
C ARG D 342 -2.34 28.75 37.88
N PRO D 343 -1.61 28.30 36.85
CA PRO D 343 -2.13 28.33 35.49
C PRO D 343 -3.04 27.14 35.20
N ASP D 344 -4.27 27.44 34.79
CA ASP D 344 -5.23 26.50 34.21
C ASP D 344 -5.82 25.59 35.28
N ARG D 345 -5.17 25.48 36.44
CA ARG D 345 -5.68 24.85 37.65
C ARG D 345 -6.53 23.61 37.41
N VAL D 346 -6.18 22.78 36.44
CA VAL D 346 -7.00 21.60 36.10
C VAL D 346 -6.50 20.45 36.96
N ALA D 347 -6.97 20.44 38.21
CA ALA D 347 -6.58 19.43 39.18
C ALA D 347 -7.37 19.59 40.48
N LEU D 348 -7.31 18.58 41.34
CA LEU D 348 -7.97 18.68 42.63
C LEU D 348 -7.19 19.61 43.55
N GLU D 349 -7.72 19.79 44.76
CA GLU D 349 -7.12 20.72 45.71
C GLU D 349 -5.81 20.17 46.28
N THR D 350 -5.78 18.88 46.61
CA THR D 350 -4.57 18.31 47.19
C THR D 350 -3.46 18.21 46.15
N GLN D 351 -3.82 18.09 44.86
CA GLN D 351 -2.81 18.23 43.80
C GLN D 351 -2.15 19.59 43.87
N TRP D 352 -2.95 20.65 43.94
CA TRP D 352 -2.45 21.95 44.35
C TRP D 352 -1.83 21.82 45.75
N LEU D 353 -0.91 22.73 46.04
CA LEU D 353 -0.15 22.76 47.29
C LEU D 353 0.92 21.66 47.35
N GLN D 354 0.90 20.71 46.41
CA GLN D 354 2.08 19.86 46.26
C GLN D 354 3.26 20.68 45.79
N LEU D 355 3.04 21.49 44.74
CA LEU D 355 4.01 22.48 44.32
C LEU D 355 4.41 23.37 45.49
N GLU D 356 3.45 23.80 46.30
CA GLU D 356 3.76 24.72 47.39
C GLU D 356 4.64 24.06 48.44
N GLN D 357 4.38 22.79 48.74
CA GLN D 357 5.22 22.06 49.68
C GLN D 357 6.64 21.92 49.14
N GLU D 358 6.76 21.54 47.87
CA GLU D 358 8.09 21.45 47.28
C GLU D 358 8.78 22.81 47.29
N VAL D 359 8.03 23.88 47.05
CA VAL D 359 8.61 25.21 47.00
C VAL D 359 9.12 25.64 48.36
N VAL D 360 8.34 25.38 49.41
CA VAL D 360 8.77 25.80 50.74
C VAL D 360 9.94 24.95 51.20
N TRP D 361 9.95 23.65 50.87
CA TRP D 361 11.12 22.83 51.15
C TRP D 361 12.34 23.35 50.40
N LEU D 362 12.15 23.78 49.15
CA LEU D 362 13.27 24.30 48.36
C LEU D 362 13.80 25.59 48.95
N LEU D 363 12.92 26.49 49.36
CA LEU D 363 13.37 27.74 49.93
C LEU D 363 14.05 27.51 51.27
N ALA D 364 13.58 26.53 52.04
CA ALA D 364 14.29 26.13 53.25
C ALA D 364 15.69 25.63 52.91
N LYS D 365 15.80 24.81 51.86
CA LYS D 365 17.11 24.34 51.42
C LYS D 365 18.02 25.51 51.03
N LEU D 366 17.47 26.49 50.32
CA LEU D 366 18.25 27.66 49.94
C LEU D 366 18.67 28.47 51.16
N GLY D 367 17.80 28.55 52.17
CA GLY D 367 18.15 29.28 53.37
C GLY D 367 19.25 28.61 54.18
N VAL D 368 19.14 27.29 54.35
CA VAL D 368 20.10 26.55 55.16
C VAL D 368 21.44 26.47 54.45
N GLN D 369 21.47 26.88 53.18
CA GLN D 369 22.71 26.88 52.42
C GLN D 369 23.73 27.80 53.07
N ASN D 379 18.43 40.32 45.94
CA ASN D 379 17.62 41.56 45.71
C ASN D 379 17.07 41.53 44.30
N CYS D 380 16.95 40.35 43.58
CA CYS D 380 16.55 40.19 42.14
C CYS D 380 15.11 40.68 41.89
N GLN D 381 14.17 40.66 42.88
CA GLN D 381 12.75 40.74 42.59
C GLN D 381 12.73 39.21 42.55
N CYS D 382 13.89 38.54 42.28
CA CYS D 382 13.98 37.13 42.67
C CYS D 382 13.92 37.17 44.22
N ASN D 383 14.63 38.06 44.91
CA ASN D 383 14.42 38.22 46.38
C ASN D 383 13.05 38.80 46.74
N VAL D 384 12.60 39.85 46.05
CA VAL D 384 11.34 40.57 46.39
C VAL D 384 10.06 39.75 46.17
N GLU D 385 9.98 38.99 45.08
CA GLU D 385 8.69 38.32 44.71
C GLU D 385 8.41 37.15 45.65
N VAL D 386 9.43 36.41 46.10
CA VAL D 386 9.18 35.21 46.95
C VAL D 386 8.42 35.61 48.22
N VAL D 387 8.38 36.90 48.54
CA VAL D 387 7.75 37.40 49.76
C VAL D 387 6.24 37.41 49.61
N ARG D 388 5.75 38.07 48.55
CA ARG D 388 4.31 38.16 48.35
C ARG D 388 3.71 36.80 47.99
N ALA D 389 4.43 35.97 47.26
CA ALA D 389 3.92 34.65 46.91
C ALA D 389 3.78 33.78 48.14
N LEU D 390 4.78 33.77 49.01
CA LEU D 390 4.71 33.03 50.26
C LEU D 390 3.56 33.54 51.11
N THR D 391 3.39 34.86 51.19
CA THR D 391 2.29 35.40 51.98
C THR D 391 0.94 34.97 51.42
N VAL D 392 0.79 34.98 50.09
CA VAL D 392 -0.51 34.66 49.52
C VAL D 392 -0.80 33.16 49.65
N MET D 393 0.23 32.32 49.55
CA MET D 393 0.02 30.90 49.78
C MET D 393 -0.37 30.64 51.23
N LEU D 394 0.39 31.21 52.17
CA LEU D 394 0.03 31.11 53.58
C LEU D 394 -1.38 31.61 53.81
N HIS D 395 -1.78 32.66 53.10
CA HIS D 395 -3.10 33.25 53.30
C HIS D 395 -4.19 32.29 52.83
N ARG D 396 -4.07 31.76 51.61
CA ARG D 396 -5.10 30.85 51.12
C ARG D 396 -5.17 29.59 51.97
N GLN D 397 -4.03 29.11 52.46
CA GLN D 397 -4.07 27.94 53.33
C GLN D 397 -4.67 28.27 54.68
N TRP D 398 -4.39 29.46 55.22
CA TRP D 398 -5.01 29.88 56.47
C TRP D 398 -6.52 29.99 56.32
N LEU D 399 -6.99 30.43 55.14
CA LEU D 399 -8.42 30.44 54.89
C LEU D 399 -8.98 29.03 54.86
N THR D 400 -8.33 28.14 54.10
CA THR D 400 -8.84 26.78 53.96
C THR D 400 -8.83 26.03 55.29
N VAL D 401 -7.96 26.43 56.22
CA VAL D 401 -7.92 25.76 57.51
C VAL D 401 -8.78 26.47 58.56
N ARG D 402 -8.97 27.78 58.43
CA ARG D 402 -9.78 28.54 59.38
C ARG D 402 -11.25 28.35 59.11
N ARG D 403 -11.64 28.10 57.86
CA ARG D 403 -13.04 27.82 57.55
C ARG D 403 -13.54 26.61 58.33
N ALA D 404 -12.66 25.63 58.56
CA ALA D 404 -12.98 24.45 59.36
C ALA D 404 -11.71 24.05 60.12
N GLY D 405 -11.60 24.50 61.37
CA GLY D 405 -10.44 24.17 62.16
C GLY D 405 -10.33 22.68 62.42
N GLY D 406 -11.23 22.15 63.25
CA GLY D 406 -11.34 20.74 63.49
C GLY D 406 -10.04 20.07 63.88
N PRO D 407 -10.02 18.74 63.84
CA PRO D 407 -8.76 18.00 64.03
C PRO D 407 -8.10 17.71 62.71
N PRO D 408 -6.78 17.57 62.68
CA PRO D 408 -6.10 17.17 61.44
C PRO D 408 -6.30 15.69 61.16
N ARG D 409 -7.48 15.33 60.62
CA ARG D 409 -7.82 13.92 60.42
C ARG D 409 -7.51 13.41 59.03
N THR D 410 -7.66 14.24 57.99
CA THR D 410 -7.30 13.81 56.65
C THR D 410 -5.86 14.22 56.34
N ASP D 411 -5.20 13.41 55.50
CA ASP D 411 -3.78 13.61 55.22
C ASP D 411 -3.53 14.96 54.58
N GLN D 412 -4.44 15.43 53.73
CA GLN D 412 -4.28 16.75 53.15
C GLN D 412 -4.37 17.83 54.21
N GLN D 413 -5.13 17.59 55.29
CA GLN D 413 -5.23 18.59 56.34
C GLN D 413 -3.93 18.76 57.09
N ARG D 414 -3.34 17.65 57.56
CA ARG D 414 -2.05 17.75 58.22
C ARG D 414 -0.97 18.25 57.27
N ARG D 415 -1.06 17.87 55.99
CA ARG D 415 -0.11 18.41 55.01
C ARG D 415 -0.23 19.91 54.90
N THR D 416 -1.46 20.43 54.83
CA THR D 416 -1.67 21.87 54.74
C THR D 416 -1.18 22.58 55.98
N VAL D 417 -1.41 22.02 57.16
CA VAL D 417 -1.00 22.74 58.37
C VAL D 417 0.51 22.67 58.55
N ARG D 418 1.15 21.57 58.15
CA ARG D 418 2.61 21.54 58.18
C ARG D 418 3.19 22.50 57.15
N CYS D 419 2.53 22.62 56.00
CA CYS D 419 2.91 23.64 55.03
C CYS D 419 2.78 25.04 55.65
N LEU D 420 1.74 25.25 56.44
CA LEU D 420 1.60 26.52 57.14
C LEU D 420 2.76 26.75 58.09
N ARG D 421 3.16 25.71 58.83
CA ARG D 421 4.24 25.86 59.79
C ARG D 421 5.56 26.21 59.10
N ASP D 422 5.96 25.40 58.11
CA ASP D 422 7.19 25.71 57.40
C ASP D 422 7.08 27.01 56.63
N THR D 423 5.87 27.39 56.20
CA THR D 423 5.68 28.64 55.49
C THR D 423 5.92 29.83 56.41
N VAL D 424 5.43 29.77 57.65
CA VAL D 424 5.62 30.91 58.54
C VAL D 424 7.07 30.98 59.02
N LEU D 425 7.71 29.83 59.21
CA LEU D 425 9.14 29.87 59.52
C LEU D 425 9.93 30.46 58.35
N LEU D 426 9.52 30.15 57.13
CA LEU D 426 10.16 30.71 55.95
C LEU D 426 9.92 32.21 55.87
N LEU D 427 8.71 32.66 56.23
CA LEU D 427 8.42 34.09 56.23
C LEU D 427 9.27 34.82 57.25
N HIS D 428 9.46 34.20 58.42
CA HIS D 428 10.35 34.79 59.41
C HIS D 428 11.78 34.85 58.89
N GLY D 429 12.23 33.81 58.19
CA GLY D 429 13.53 33.87 57.56
C GLY D 429 13.62 34.99 56.53
N LEU D 430 12.53 35.22 55.80
CA LEU D 430 12.50 36.31 54.82
C LEU D 430 12.60 37.66 55.51
N SER D 431 11.95 37.81 56.67
CA SER D 431 12.06 39.04 57.43
C SER D 431 13.46 39.23 58.00
N GLN D 432 14.11 38.12 58.38
CA GLN D 432 15.47 38.19 58.89
C GLN D 432 16.45 38.60 57.79
N LYS D 433 16.29 38.03 56.59
CA LYS D 433 17.27 38.24 55.53
C LYS D 433 17.15 39.61 54.87
N ASP D 434 15.95 40.17 54.81
CA ASP D 434 15.72 41.43 54.12
C ASP D 434 14.92 42.38 55.02
N LYS D 435 15.21 43.66 54.89
CA LYS D 435 14.46 44.67 55.65
C LYS D 435 13.32 45.25 54.84
N LEU D 436 13.46 45.30 53.52
CA LEU D 436 12.41 45.78 52.62
C LEU D 436 11.20 44.85 52.63
N PHE D 437 11.27 43.74 53.37
CA PHE D 437 10.20 42.76 53.45
C PHE D 437 8.84 43.42 53.68
N MET D 438 8.69 44.09 54.83
CA MET D 438 7.43 44.75 55.14
C MET D 438 7.10 45.83 54.11
N MET D 439 8.12 46.50 53.60
CA MET D 439 7.88 47.62 52.69
C MET D 439 7.37 47.14 51.34
N HIS D 440 8.01 46.12 50.78
CA HIS D 440 7.63 45.67 49.45
C HIS D 440 6.58 44.56 49.47
N CYS D 441 6.13 44.12 50.65
CA CYS D 441 5.00 43.20 50.72
C CYS D 441 3.67 43.91 50.90
N VAL D 442 3.66 45.24 50.75
CA VAL D 442 2.48 46.04 51.11
C VAL D 442 1.27 45.66 50.26
N GLU D 443 1.49 45.24 49.02
CA GLU D 443 0.36 44.91 48.14
C GLU D 443 -0.44 43.72 48.65
N VAL D 444 0.14 42.93 49.55
CA VAL D 444 -0.54 41.74 50.08
C VAL D 444 -0.40 41.73 51.60
N LEU D 445 0.33 42.71 52.13
CA LEU D 445 0.63 42.73 53.56
C LEU D 445 -0.62 42.60 54.42
N HIS D 446 -1.72 43.21 54.01
CA HIS D 446 -2.97 43.12 54.78
C HIS D 446 -3.44 41.68 54.90
N GLN D 447 -3.37 40.92 53.80
CA GLN D 447 -3.74 39.51 53.84
C GLN D 447 -2.85 38.73 54.79
N PHE D 448 -1.61 39.18 54.96
CA PHE D 448 -0.72 38.55 55.94
C PHE D 448 -1.09 38.97 57.36
N ASP D 449 -1.48 40.23 57.54
CA ASP D 449 -1.82 40.72 58.87
C ASP D 449 -3.08 40.08 59.41
N GLN D 450 -4.08 39.87 58.55
CA GLN D 450 -5.30 39.21 59.00
C GLN D 450 -5.03 37.74 59.34
N VAL D 451 -4.12 37.10 58.61
CA VAL D 451 -3.78 35.72 58.89
C VAL D 451 -2.97 35.61 60.17
N MET D 452 -2.19 36.64 60.49
CA MET D 452 -1.25 36.58 61.61
C MET D 452 -1.89 36.12 62.91
N PRO D 453 -2.96 36.73 63.42
CA PRO D 453 -3.56 36.20 64.65
C PRO D 453 -4.16 34.82 64.44
N GLY D 454 -4.83 34.61 63.31
CA GLY D 454 -5.38 33.29 63.03
C GLY D 454 -4.31 32.22 62.91
N VAL D 455 -3.23 32.54 62.19
CA VAL D 455 -2.16 31.55 62.02
C VAL D 455 -1.47 31.28 63.35
N SER D 456 -1.32 32.30 64.19
CA SER D 456 -0.73 32.09 65.50
C SER D 456 -1.62 31.22 66.36
N MET D 457 -2.93 31.46 66.32
CA MET D 457 -3.86 30.62 67.07
C MET D 457 -3.82 29.18 66.60
N LEU D 458 -3.74 28.98 65.28
CA LEU D 458 -3.61 27.64 64.74
C LEU D 458 -2.34 26.97 65.25
N ILE D 459 -1.22 27.68 65.19
CA ILE D 459 0.05 27.12 65.64
C ILE D 459 -0.03 26.73 67.11
N ARG D 460 -0.54 27.63 67.95
CA ARG D 460 -0.70 27.30 69.37
C ARG D 460 -1.64 26.12 69.56
N GLY D 461 -2.59 25.94 68.65
CA GLY D 461 -3.46 24.77 68.72
C GLY D 461 -2.76 23.47 68.45
N LEU D 462 -1.69 23.48 67.65
CA LEU D 462 -0.94 22.26 67.39
C LEU D 462 -0.33 21.76 68.69
N PRO D 463 -0.58 20.49 69.07
CA PRO D 463 0.07 19.96 70.28
C PRO D 463 1.58 19.98 70.20
N ASP D 464 2.14 19.83 69.01
CA ASP D 464 3.58 19.97 68.80
C ASP D 464 3.85 21.38 68.27
N VAL D 465 4.71 22.11 68.96
CA VAL D 465 5.09 23.46 68.57
C VAL D 465 6.59 23.59 68.68
N THR D 466 7.26 23.80 67.55
CA THR D 466 8.69 24.10 67.57
C THR D 466 8.87 25.54 68.05
N ASP D 467 9.69 25.71 69.09
CA ASP D 467 9.85 27.03 69.69
C ASP D 467 10.36 28.05 68.68
N CYS D 468 11.14 27.60 67.69
CA CYS D 468 11.58 28.51 66.65
C CYS D 468 10.41 29.14 65.93
N GLU D 469 9.41 28.34 65.54
CA GLU D 469 8.26 28.87 64.83
C GLU D 469 7.41 29.76 65.73
N GLU D 470 7.30 29.41 67.01
CA GLU D 470 6.54 30.24 67.95
C GLU D 470 7.18 31.62 68.08
N ALA D 471 8.48 31.66 68.41
CA ALA D 471 9.17 32.94 68.52
C ALA D 471 9.19 33.68 67.19
N ALA D 472 9.20 32.95 66.08
CA ALA D 472 9.13 33.58 64.77
C ALA D 472 7.82 34.31 64.58
N LEU D 473 6.70 33.64 64.88
CA LEU D 473 5.40 34.31 64.87
C LEU D 473 5.40 35.53 65.78
N ASP D 474 5.95 35.41 66.99
CA ASP D 474 5.97 36.54 67.90
C ASP D 474 6.75 37.71 67.30
N ASP D 475 7.86 37.43 66.63
CA ASP D 475 8.61 38.48 65.95
C ASP D 475 7.78 39.08 64.82
N LEU D 476 6.98 38.26 64.14
CA LEU D 476 6.13 38.77 63.07
C LEU D 476 5.04 39.67 63.62
N CYS D 477 4.65 39.49 64.87
CA CYS D 477 3.71 40.40 65.51
C CYS D 477 4.35 41.76 65.69
N ALA D 478 3.56 42.81 65.43
CA ALA D 478 4.06 44.18 65.56
C ALA D 478 3.09 45.03 66.37
#